data_9M0E
#
_entry.id   9M0E
#
_cell.length_a   1.00
_cell.length_b   1.00
_cell.length_c   1.00
_cell.angle_alpha   90.00
_cell.angle_beta   90.00
_cell.angle_gamma   90.00
#
_symmetry.space_group_name_H-M   'P 1'
#
_entity_poly.entity_id   1
_entity_poly.type   'polypeptide(L)'
_entity_poly.pdbx_seq_one_letter_code
;MELNREWENLSCLHIGRLPARASYIPYESAMTARTGKRGRSPHVQTLNGNWKFRYYRSVREVDSHFYETETDVSGWDDLI
VPSCWQTNGYDQLHYTNVNYPIPYDPPFVPDDNPAGTYVRDFNLPEAWTKKQTRIVFEGVNACFYLWVNGRFVGYSQGSR
IPAEFDLTPFVAAGRNRLAVLVLKWCDGTYLEDQDVWRFSGIYRDVYLLSRDNTHIRDVFNQPLLSDDLSEGKLRSEIET
TGSLTIQAELRDPAGKLIGQKEAQIDGKGAMELDVPQPQLWNAEQPRLYELILTAGQEVLRFRVGFKKVEITDGIFRING
RAVKLKGVNRHDSHPELGQTIPVNHMIADLKLMKRHNINTIRTSHYPNDPKFLDLCDEFGFYIIDEADLECHGVTRTGEL
EAGAFHKLSNNPDWKEAFVERAVRMVERDKNHASVIIWSMGNESGYGDNHIAMAEWTKARDASRLVHYEGADPRYYSNSD
TSCLDLDSRMYPSVKEIERYALDENSTKPLFLCEYSHAMGNGPGDLQDYWNVIYRYPKLMGGCVWEWCDHGIAAETPDGQ
RYYAYGGDFGDQPNDRNFCIDGLVFPDRRPHTGLLELKQVIAPVLIEAEDVAQGRFRVLNRYDFSNLSHLAVSWKLEQEG
DVLQQGRSGLLTAAPGETEIISLPYDLTVAQEEGTGPLTLTCSVRQQLDTPWAEEGYEIAFYQFELPGATSALAHEKLQS
EEYAGFMTIDEQDGMLTVRGFDFEHVFDLKKGMPQQVSKHGVPLLASLARFNIWRAPMDNDMNIRKEWEAAGLDHAAMKV
YRSHWEQKPDASVEIHVDFSLASYIFEPFVRGNAVWTVGVSGEIQLKVHAEVRENLPFLPRFGLELTMPKGTEEIEYYGY
GPHESYIDKRASVRKGKYLLSVDDMFENYVMPQETGSRYGTEWAIASTVQGMGLKFTAAQPFSFQALHYTAEDLTAAQHT
YELKRRPETIVTLDYQMSGTGSGSCGPQLAEPYRFTEKSFDFELTIQPIFKEEE
;
_entity_poly.pdbx_strand_id   A,B,C,D,E,F
#
# COMPACT_ATOMS: atom_id res chain seq x y z
N MET A 1 -27.61 -0.92 56.38
CA MET A 1 -26.18 -0.69 56.43
C MET A 1 -25.58 -0.67 55.04
N GLU A 2 -26.17 0.13 54.17
CA GLU A 2 -25.81 0.16 52.75
C GLU A 2 -24.73 1.21 52.52
N LEU A 3 -23.50 0.75 52.33
CA LEU A 3 -22.36 1.54 51.84
C LEU A 3 -22.01 2.69 52.79
N ASN A 4 -21.67 2.33 54.04
CA ASN A 4 -21.19 3.28 55.03
C ASN A 4 -19.67 3.25 55.14
N ARG A 5 -19.00 2.80 54.08
CA ARG A 5 -17.55 2.63 53.99
C ARG A 5 -17.02 1.73 55.11
N GLU A 6 -17.51 0.49 55.11
CA GLU A 6 -16.98 -0.50 56.04
C GLU A 6 -15.61 -0.99 55.62
N TRP A 7 -15.25 -0.78 54.36
CA TRP A 7 -13.97 -1.16 53.76
C TRP A 7 -12.87 -0.14 54.02
N GLU A 8 -13.09 0.82 54.92
CA GLU A 8 -12.06 1.73 55.41
C GLU A 8 -12.21 1.98 56.90
N ASN A 9 -12.72 1.00 57.65
CA ASN A 9 -13.24 1.26 58.99
C ASN A 9 -12.38 0.69 60.10
N LEU A 10 -11.96 -0.59 59.97
CA LEU A 10 -11.06 -1.36 60.84
C LEU A 10 -11.75 -1.76 62.16
N SER A 11 -12.93 -1.21 62.43
CA SER A 11 -13.77 -1.67 63.53
C SER A 11 -14.97 -2.44 63.01
N CYS A 12 -15.04 -2.68 61.70
CA CYS A 12 -16.09 -3.47 61.08
C CYS A 12 -15.39 -4.42 60.12
N LEU A 13 -15.01 -5.60 60.63
CA LEU A 13 -14.35 -6.61 59.81
C LEU A 13 -15.34 -7.53 59.11
N HIS A 14 -16.55 -7.66 59.63
CA HIS A 14 -17.61 -8.43 58.99
C HIS A 14 -18.93 -7.93 59.50
N ILE A 15 -20.01 -8.32 58.82
CA ILE A 15 -21.37 -8.08 59.27
C ILE A 15 -22.14 -9.39 59.05
N GLY A 16 -22.58 -10.01 60.14
CA GLY A 16 -23.45 -11.16 60.04
C GLY A 16 -22.81 -12.44 59.58
N ARG A 17 -21.48 -12.54 59.62
CA ARG A 17 -20.80 -13.74 59.20
C ARG A 17 -20.74 -14.73 60.35
N LEU A 18 -21.03 -16.00 60.04
CA LEU A 18 -21.01 -17.04 61.05
C LEU A 18 -19.58 -17.31 61.54
N PRO A 19 -19.42 -17.77 62.78
CA PRO A 19 -18.06 -18.06 63.27
C PRO A 19 -17.47 -19.28 62.59
N ALA A 20 -16.14 -19.38 62.69
CA ALA A 20 -15.39 -20.34 61.90
C ALA A 20 -15.52 -21.75 62.46
N ARG A 21 -15.60 -22.71 61.54
CA ARG A 21 -15.68 -24.13 61.88
C ARG A 21 -14.68 -24.91 61.06
N ALA A 22 -14.74 -26.24 61.13
CA ALA A 22 -13.88 -27.08 60.32
C ALA A 22 -14.47 -27.22 58.91
N SER A 23 -13.90 -28.11 58.12
CA SER A 23 -14.31 -28.29 56.73
C SER A 23 -14.97 -29.65 56.59
N TYR A 24 -16.27 -29.65 56.27
CA TYR A 24 -17.01 -30.89 56.04
C TYR A 24 -18.20 -30.59 55.15
N ILE A 25 -18.75 -31.66 54.56
CA ILE A 25 -19.96 -31.62 53.75
C ILE A 25 -20.96 -32.60 54.33
N PRO A 26 -22.20 -32.19 54.61
CA PRO A 26 -23.23 -33.12 55.07
C PRO A 26 -23.74 -33.98 53.91
N TYR A 27 -23.55 -35.29 54.02
CA TYR A 27 -24.04 -36.21 53.01
C TYR A 27 -25.31 -36.90 53.50
N GLU A 28 -25.81 -37.86 52.72
CA GLU A 28 -27.01 -38.60 53.06
C GLU A 28 -26.75 -40.04 53.46
N SER A 29 -25.61 -40.60 53.07
CA SER A 29 -25.27 -41.97 53.39
C SER A 29 -23.76 -42.11 53.33
N ALA A 30 -23.26 -43.23 53.85
CA ALA A 30 -21.83 -43.49 53.83
C ALA A 30 -21.34 -43.91 52.45
N MET A 31 -22.24 -44.38 51.58
CA MET A 31 -21.82 -44.76 50.24
C MET A 31 -21.58 -43.52 49.38
N THR A 32 -22.43 -42.50 49.52
CA THR A 32 -22.23 -41.26 48.77
C THR A 32 -21.06 -40.47 49.33
N ALA A 33 -20.84 -40.54 50.65
CA ALA A 33 -19.79 -39.76 51.29
C ALA A 33 -18.39 -40.23 50.89
N ARG A 34 -18.24 -41.50 50.54
CA ARG A 34 -16.94 -42.01 50.13
C ARG A 34 -16.57 -41.62 48.71
N THR A 35 -17.48 -41.02 47.97
CA THR A 35 -17.18 -40.60 46.61
C THR A 35 -16.46 -39.25 46.56
N GLY A 36 -16.74 -38.37 47.52
CA GLY A 36 -16.12 -37.07 47.57
C GLY A 36 -16.79 -36.00 46.73
N LYS A 37 -17.65 -36.39 45.80
CA LYS A 37 -18.35 -35.44 44.95
C LYS A 37 -19.52 -34.86 45.73
N ARG A 38 -19.43 -33.60 46.12
CA ARG A 38 -20.44 -33.00 46.97
C ARG A 38 -21.71 -32.62 46.22
N GLY A 39 -21.70 -32.63 44.89
CA GLY A 39 -22.91 -32.33 44.15
C GLY A 39 -23.93 -33.45 44.16
N ARG A 40 -23.50 -34.66 44.52
CA ARG A 40 -24.41 -35.79 44.63
C ARG A 40 -25.22 -35.78 45.91
N SER A 41 -24.88 -34.94 46.85
CA SER A 41 -25.61 -34.89 48.12
C SER A 41 -26.88 -34.07 47.96
N PRO A 42 -28.01 -34.53 48.51
CA PRO A 42 -29.25 -33.77 48.41
C PRO A 42 -29.30 -32.56 49.31
N HIS A 43 -28.34 -32.40 50.23
CA HIS A 43 -28.30 -31.29 51.15
C HIS A 43 -27.42 -30.16 50.64
N VAL A 44 -26.87 -30.30 49.45
CA VAL A 44 -25.90 -29.35 48.87
C VAL A 44 -26.41 -28.94 47.51
N GLN A 45 -26.38 -27.63 47.23
CA GLN A 45 -26.69 -27.14 45.90
C GLN A 45 -25.61 -26.18 45.44
N THR A 46 -25.04 -26.44 44.27
CA THR A 46 -23.96 -25.59 43.82
C THR A 46 -24.49 -24.27 43.26
N LEU A 47 -23.64 -23.26 43.31
CA LEU A 47 -23.94 -21.98 42.67
C LEU A 47 -22.83 -21.55 41.73
N ASN A 48 -21.98 -22.49 41.32
CA ASN A 48 -21.05 -22.18 40.24
C ASN A 48 -21.79 -22.11 38.91
N GLY A 49 -21.12 -21.57 37.91
CA GLY A 49 -21.75 -21.50 36.62
C GLY A 49 -21.63 -20.14 35.98
N ASN A 50 -22.76 -19.58 35.54
CA ASN A 50 -22.77 -18.38 34.71
C ASN A 50 -23.59 -17.32 35.44
N TRP A 51 -22.92 -16.25 35.88
CA TRP A 51 -23.62 -15.18 36.55
C TRP A 51 -23.61 -13.95 35.66
N LYS A 52 -24.43 -12.97 35.99
CA LYS A 52 -24.48 -11.71 35.27
C LYS A 52 -23.57 -10.72 35.97
N PHE A 53 -22.68 -10.11 35.21
CA PHE A 53 -21.57 -9.35 35.75
C PHE A 53 -21.49 -7.97 35.11
N ARG A 54 -21.16 -6.96 35.92
CA ARG A 54 -20.92 -5.61 35.45
C ARG A 54 -19.73 -5.01 36.18
N TYR A 55 -18.80 -4.44 35.41
CA TYR A 55 -17.55 -3.90 35.93
C TYR A 55 -17.59 -2.39 35.97
N TYR A 56 -17.06 -1.82 37.06
CA TYR A 56 -17.01 -0.38 37.25
C TYR A 56 -15.59 0.03 37.60
N ARG A 57 -15.13 1.13 37.02
CA ARG A 57 -13.80 1.65 37.34
C ARG A 57 -13.75 2.31 38.70
N SER A 58 -14.88 2.54 39.34
CA SER A 58 -14.92 3.14 40.66
C SER A 58 -16.17 2.67 41.38
N VAL A 59 -16.11 2.69 42.71
CA VAL A 59 -17.28 2.40 43.53
C VAL A 59 -18.25 3.57 43.55
N ARG A 60 -17.79 4.74 43.12
CA ARG A 60 -18.66 5.92 43.00
C ARG A 60 -19.77 5.72 41.98
N GLU A 61 -19.47 5.12 40.84
CA GLU A 61 -20.41 5.08 39.73
C GLU A 61 -21.23 3.78 39.69
N VAL A 62 -21.27 3.04 40.78
CA VAL A 62 -22.16 1.88 40.89
C VAL A 62 -23.57 2.38 41.15
N ASP A 63 -24.55 1.79 40.46
CA ASP A 63 -25.95 2.10 40.69
C ASP A 63 -26.35 1.71 42.10
N SER A 64 -27.30 2.46 42.66
CA SER A 64 -27.69 2.29 44.06
C SER A 64 -28.80 1.26 44.26
N HIS A 65 -29.38 0.73 43.20
CA HIS A 65 -30.46 -0.23 43.34
C HIS A 65 -30.26 -1.40 42.38
N PHE A 66 -29.03 -1.89 42.27
CA PHE A 66 -28.77 -3.07 41.45
C PHE A 66 -29.20 -4.34 42.15
N TYR A 67 -29.28 -4.32 43.47
CA TYR A 67 -29.56 -5.50 44.27
C TYR A 67 -31.05 -5.80 44.39
N GLU A 68 -31.91 -4.98 43.83
CA GLU A 68 -33.34 -5.17 43.97
C GLU A 68 -33.81 -6.33 43.08
N THR A 69 -34.95 -6.90 43.45
CA THR A 69 -35.37 -8.18 42.87
C THR A 69 -35.90 -8.00 41.45
N GLU A 70 -36.53 -6.87 41.16
CA GLU A 70 -37.18 -6.65 39.88
C GLU A 70 -36.37 -5.72 38.97
N THR A 71 -35.05 -5.84 39.00
CA THR A 71 -34.21 -5.07 38.09
C THR A 71 -33.90 -5.88 36.85
N ASP A 72 -33.64 -5.17 35.75
CA ASP A 72 -33.37 -5.81 34.47
C ASP A 72 -31.86 -6.03 34.38
N VAL A 73 -31.44 -7.29 34.54
CA VAL A 73 -30.07 -7.66 34.21
C VAL A 73 -30.09 -8.53 32.96
N SER A 74 -30.06 -7.88 31.81
CA SER A 74 -30.05 -8.60 30.54
C SER A 74 -29.01 -7.99 29.62
N GLY A 75 -28.74 -6.70 29.82
CA GLY A 75 -27.68 -6.03 29.11
C GLY A 75 -26.32 -6.14 29.77
N TRP A 76 -26.24 -6.83 30.90
CA TRP A 76 -24.96 -7.02 31.56
C TRP A 76 -24.17 -8.11 30.86
N ASP A 77 -22.90 -8.22 31.23
CA ASP A 77 -22.08 -9.30 30.69
C ASP A 77 -22.38 -10.59 31.43
N ASP A 78 -21.84 -11.70 30.93
CA ASP A 78 -21.99 -12.99 31.58
C ASP A 78 -20.63 -13.58 31.87
N LEU A 79 -20.37 -13.87 33.13
CA LEU A 79 -19.07 -14.33 33.58
C LEU A 79 -19.21 -15.68 34.28
N ILE A 80 -18.28 -16.58 34.02
CA ILE A 80 -18.27 -17.89 34.67
C ILE A 80 -17.64 -17.74 36.04
N VAL A 81 -18.39 -18.09 37.07
CA VAL A 81 -17.89 -18.16 38.44
C VAL A 81 -17.60 -19.62 38.74
N PRO A 82 -16.40 -19.96 39.26
CA PRO A 82 -15.27 -19.14 39.72
C PRO A 82 -14.25 -18.72 38.66
N SER A 83 -13.79 -17.47 38.74
CA SER A 83 -12.77 -16.91 37.84
C SER A 83 -12.31 -15.57 38.39
N CYS A 84 -11.03 -15.27 38.13
CA CYS A 84 -10.46 -13.95 38.38
C CYS A 84 -10.72 -13.06 37.15
N TRP A 85 -11.13 -11.82 37.39
CA TRP A 85 -11.52 -11.02 36.24
C TRP A 85 -10.35 -10.33 35.54
N GLN A 86 -9.14 -10.39 36.07
CA GLN A 86 -8.00 -9.85 35.33
C GLN A 86 -7.59 -10.73 34.16
N THR A 87 -8.02 -11.99 34.13
CA THR A 87 -7.79 -12.89 33.02
C THR A 87 -9.03 -13.04 32.14
N ASN A 88 -9.96 -12.10 32.20
CA ASN A 88 -11.19 -12.17 31.42
C ASN A 88 -11.48 -10.86 30.68
N GLY A 89 -10.46 -10.07 30.41
CA GLY A 89 -10.63 -8.86 29.64
C GLY A 89 -10.86 -7.59 30.44
N TYR A 90 -10.93 -7.68 31.76
CA TYR A 90 -11.12 -6.53 32.61
C TYR A 90 -9.74 -6.00 33.00
N ASP A 91 -9.65 -5.18 34.06
CA ASP A 91 -8.53 -4.26 34.32
C ASP A 91 -7.16 -4.95 34.30
N GLN A 92 -6.16 -4.17 33.92
CA GLN A 92 -4.90 -4.70 33.44
C GLN A 92 -4.09 -5.39 34.53
N LEU A 93 -3.32 -6.40 34.11
CA LEU A 93 -2.56 -7.26 35.02
C LEU A 93 -1.46 -6.48 35.71
N HIS A 94 -1.11 -6.93 36.91
CA HIS A 94 -0.24 -6.15 37.79
C HIS A 94 0.53 -7.07 38.73
N TYR A 95 1.86 -7.08 38.60
CA TYR A 95 2.73 -7.76 39.52
C TYR A 95 3.49 -6.74 40.36
N THR A 96 3.55 -6.98 41.66
CA THR A 96 4.29 -6.10 42.56
C THR A 96 5.02 -6.95 43.58
N ASN A 97 6.25 -6.57 43.91
CA ASN A 97 7.05 -7.17 44.98
C ASN A 97 6.60 -6.57 46.31
N VAL A 98 7.44 -6.66 47.35
CA VAL A 98 7.12 -6.34 48.74
C VAL A 98 6.66 -4.90 49.01
N ASN A 99 6.73 -4.04 48.00
CA ASN A 99 6.14 -2.70 48.11
C ASN A 99 4.62 -2.76 47.94
N TYR A 100 3.93 -1.90 48.68
CA TYR A 100 2.49 -1.77 48.48
C TYR A 100 2.21 -1.07 47.17
N PRO A 101 1.30 -1.57 46.33
CA PRO A 101 0.88 -0.77 45.18
C PRO A 101 -0.30 0.15 45.47
N ILE A 102 -0.31 0.76 46.65
CA ILE A 102 -1.28 1.78 47.06
C ILE A 102 -0.49 2.74 47.94
N PRO A 103 -0.91 3.99 48.10
CA PRO A 103 -0.25 4.87 49.07
C PRO A 103 -0.39 4.33 50.49
N TYR A 104 0.73 4.29 51.21
CA TYR A 104 0.72 3.78 52.57
C TYR A 104 0.06 4.79 53.49
N ASP A 105 -1.26 4.69 53.63
CA ASP A 105 -2.04 5.59 54.46
C ASP A 105 -3.12 4.75 55.14
N PRO A 106 -2.77 4.06 56.23
CA PRO A 106 -3.75 3.18 56.88
C PRO A 106 -4.78 3.98 57.63
N PRO A 107 -6.06 3.59 57.57
CA PRO A 107 -6.57 2.44 56.83
C PRO A 107 -7.19 2.79 55.47
N PHE A 108 -6.70 3.82 54.80
CA PHE A 108 -7.41 4.37 53.65
C PHE A 108 -6.89 3.79 52.35
N VAL A 109 -7.80 3.57 51.42
CA VAL A 109 -7.50 3.01 50.10
C VAL A 109 -7.95 4.05 49.08
N PRO A 110 -7.41 4.03 47.85
CA PRO A 110 -7.69 5.11 46.89
C PRO A 110 -9.16 5.25 46.51
N ASP A 111 -9.51 6.45 46.05
CA ASP A 111 -10.90 6.74 45.71
C ASP A 111 -11.32 6.03 44.44
N ASP A 112 -10.41 5.92 43.47
CA ASP A 112 -10.64 5.09 42.29
C ASP A 112 -10.43 3.64 42.70
N ASN A 113 -11.47 3.06 43.27
CA ASN A 113 -11.47 1.70 43.77
C ASN A 113 -12.37 0.87 42.87
N PRO A 114 -11.83 0.00 42.02
CA PRO A 114 -12.66 -0.72 41.05
C PRO A 114 -13.62 -1.71 41.71
N ALA A 115 -14.74 -1.93 41.05
CA ALA A 115 -15.81 -2.71 41.64
C ALA A 115 -16.46 -3.61 40.62
N GLY A 116 -17.12 -4.65 41.11
CA GLY A 116 -17.87 -5.55 40.27
C GLY A 116 -19.17 -5.97 40.90
N THR A 117 -20.22 -6.07 40.09
CA THR A 117 -21.53 -6.49 40.56
C THR A 117 -21.90 -7.82 39.91
N TYR A 118 -22.29 -8.77 40.74
CA TYR A 118 -22.71 -10.10 40.34
C TYR A 118 -24.17 -10.30 40.69
N VAL A 119 -24.94 -10.87 39.76
CA VAL A 119 -26.35 -11.17 39.97
C VAL A 119 -26.63 -12.59 39.46
N ARG A 120 -27.27 -13.40 40.30
CA ARG A 120 -27.69 -14.73 39.88
C ARG A 120 -28.99 -15.14 40.57
N ASP A 121 -29.94 -15.65 39.79
CA ASP A 121 -31.15 -16.28 40.28
C ASP A 121 -30.93 -17.77 40.56
N PHE A 122 -31.75 -18.33 41.42
CA PHE A 122 -31.76 -19.77 41.67
C PHE A 122 -33.12 -20.19 42.19
N ASN A 123 -33.38 -21.49 42.16
CA ASN A 123 -34.59 -22.09 42.69
C ASN A 123 -34.31 -22.75 44.03
N LEU A 124 -35.38 -23.11 44.73
CA LEU A 124 -35.22 -23.72 46.03
C LEU A 124 -36.45 -24.59 46.28
N PRO A 125 -36.29 -25.83 46.71
CA PRO A 125 -37.43 -26.74 46.84
C PRO A 125 -38.28 -26.44 48.07
N GLU A 126 -39.35 -27.23 48.23
CA GLU A 126 -40.30 -27.00 49.31
C GLU A 126 -39.78 -27.50 50.65
N ALA A 127 -39.02 -28.59 50.67
CA ALA A 127 -38.51 -29.17 51.91
C ALA A 127 -37.21 -28.52 52.39
N TRP A 128 -36.94 -27.30 51.94
CA TRP A 128 -35.74 -26.56 52.30
C TRP A 128 -36.03 -25.36 53.20
N THR A 129 -37.27 -24.87 53.18
CA THR A 129 -37.71 -23.82 54.09
C THR A 129 -38.13 -24.35 55.45
N LYS A 130 -38.16 -25.68 55.62
CA LYS A 130 -38.40 -26.28 56.91
C LYS A 130 -37.12 -26.44 57.73
N LYS A 131 -35.96 -26.11 57.16
CA LYS A 131 -34.68 -26.30 57.83
C LYS A 131 -33.83 -25.05 57.76
N GLN A 132 -32.58 -25.14 58.20
CA GLN A 132 -31.65 -24.02 58.15
C GLN A 132 -30.92 -24.04 56.80
N THR A 133 -30.73 -22.85 56.23
CA THR A 133 -30.07 -22.69 54.95
C THR A 133 -28.88 -21.75 55.10
N ARG A 134 -27.71 -22.21 54.67
CA ARG A 134 -26.49 -21.42 54.72
C ARG A 134 -25.88 -21.26 53.34
N ILE A 135 -25.13 -20.17 53.15
CA ILE A 135 -24.35 -19.98 51.93
C ILE A 135 -22.88 -19.94 52.32
N VAL A 136 -22.03 -20.53 51.47
CA VAL A 136 -20.60 -20.64 51.73
C VAL A 136 -19.87 -20.13 50.50
N PHE A 137 -19.00 -19.14 50.70
CA PHE A 137 -18.07 -18.67 49.69
C PHE A 137 -16.68 -19.15 50.08
N GLU A 138 -16.04 -19.94 49.23
CA GLU A 138 -14.73 -20.48 49.58
C GLU A 138 -13.61 -19.46 49.43
N GLY A 139 -13.76 -18.41 48.63
CA GLY A 139 -12.80 -17.32 48.46
C GLY A 139 -13.23 -16.17 47.56
N VAL A 140 -13.16 -14.88 47.96
CA VAL A 140 -13.50 -13.65 47.16
C VAL A 140 -12.41 -12.62 47.41
N ASN A 141 -11.79 -11.98 46.38
CA ASN A 141 -10.63 -11.07 46.57
C ASN A 141 -11.19 -9.93 47.22
N ALA A 142 -10.39 -9.37 48.12
CA ALA A 142 -10.71 -8.33 49.02
C ALA A 142 -11.98 -8.57 49.75
N CYS A 143 -12.82 -7.64 49.72
CA CYS A 143 -14.10 -7.59 50.42
C CYS A 143 -15.33 -7.68 49.53
N PHE A 144 -16.47 -8.05 50.12
CA PHE A 144 -17.71 -8.19 49.37
C PHE A 144 -18.91 -7.97 50.28
N TYR A 145 -19.97 -7.46 49.67
CA TYR A 145 -21.30 -7.33 50.26
C TYR A 145 -22.20 -8.42 49.72
N LEU A 146 -23.38 -8.57 50.33
CA LEU A 146 -24.27 -9.65 49.93
C LEU A 146 -25.71 -9.22 50.13
N TRP A 147 -26.55 -9.51 49.13
CA TRP A 147 -27.98 -9.24 49.20
C TRP A 147 -28.75 -10.44 48.69
N VAL A 148 -29.76 -10.86 49.43
CA VAL A 148 -30.65 -11.94 49.03
C VAL A 148 -32.07 -11.39 48.98
N ASN A 149 -32.69 -11.48 47.80
CA ASN A 149 -34.05 -10.99 47.52
C ASN A 149 -34.20 -9.50 47.84
N GLY A 150 -33.17 -8.73 47.53
CA GLY A 150 -33.21 -7.30 47.75
C GLY A 150 -33.04 -6.87 49.18
N ARG A 151 -32.52 -7.74 50.04
CA ARG A 151 -32.38 -7.48 51.46
C ARG A 151 -30.94 -7.72 51.89
N PHE A 152 -30.40 -6.81 52.68
CA PHE A 152 -29.01 -6.89 53.09
C PHE A 152 -28.81 -8.01 54.10
N VAL A 153 -27.87 -8.90 53.82
CA VAL A 153 -27.68 -10.10 54.63
C VAL A 153 -26.27 -10.16 55.22
N GLY A 154 -25.28 -9.59 54.54
CA GLY A 154 -23.94 -9.68 55.07
C GLY A 154 -22.91 -8.83 54.35
N TYR A 155 -21.79 -8.63 55.06
CA TYR A 155 -20.55 -8.07 54.56
C TYR A 155 -19.40 -8.93 55.07
N SER A 156 -18.40 -9.16 54.24
CA SER A 156 -17.23 -9.88 54.72
C SER A 156 -15.96 -9.39 54.03
N GLN A 157 -14.85 -9.81 54.59
CA GLN A 157 -13.52 -9.27 54.34
C GLN A 157 -12.50 -10.35 54.72
N GLY A 158 -11.48 -10.50 53.90
CA GLY A 158 -10.55 -11.61 54.06
C GLY A 158 -10.54 -12.45 52.80
N SER A 159 -9.41 -12.48 52.10
CA SER A 159 -9.40 -12.88 50.71
C SER A 159 -9.16 -14.38 50.48
N ARG A 160 -8.53 -15.07 51.42
CA ARG A 160 -8.11 -16.45 51.20
C ARG A 160 -8.76 -17.41 52.17
N ILE A 161 -9.82 -16.98 52.85
CA ILE A 161 -10.48 -17.77 53.89
C ILE A 161 -11.96 -17.81 53.52
N PRO A 162 -12.67 -18.91 53.74
CA PRO A 162 -14.10 -18.95 53.43
C PRO A 162 -14.93 -18.03 54.32
N ALA A 163 -16.17 -17.82 53.90
CA ALA A 163 -17.14 -17.02 54.64
C ALA A 163 -18.50 -17.67 54.50
N GLU A 164 -19.19 -17.86 55.62
CA GLU A 164 -20.47 -18.53 55.63
C GLU A 164 -21.53 -17.62 56.26
N PHE A 165 -22.71 -17.58 55.64
CA PHE A 165 -23.79 -16.72 56.07
C PHE A 165 -25.06 -17.53 56.23
N ASP A 166 -26.00 -16.97 56.98
CA ASP A 166 -27.26 -17.62 57.31
C ASP A 166 -28.38 -16.98 56.49
N LEU A 167 -29.09 -17.80 55.71
CA LEU A 167 -30.09 -17.33 54.76
C LEU A 167 -31.50 -17.76 55.11
N THR A 168 -31.74 -18.19 56.33
CA THR A 168 -33.06 -18.65 56.73
C THR A 168 -34.13 -17.54 56.80
N PRO A 169 -33.87 -16.32 57.29
CA PRO A 169 -34.91 -15.28 57.18
C PRO A 169 -35.09 -14.69 55.79
N PHE A 170 -34.30 -15.07 54.78
CA PHE A 170 -34.26 -14.32 53.55
C PHE A 170 -34.78 -15.06 52.33
N VAL A 171 -34.79 -16.39 52.33
CA VAL A 171 -35.14 -17.14 51.14
C VAL A 171 -36.56 -17.67 51.26
N ALA A 172 -37.14 -17.99 50.10
CA ALA A 172 -38.47 -18.56 50.03
C ALA A 172 -38.48 -19.62 48.94
N ALA A 173 -39.53 -20.45 48.94
CA ALA A 173 -39.64 -21.50 47.94
C ALA A 173 -39.92 -20.91 46.58
N GLY A 174 -39.27 -21.46 45.55
CA GLY A 174 -39.38 -20.94 44.21
C GLY A 174 -38.18 -20.12 43.82
N ARG A 175 -38.37 -19.12 42.97
CA ARG A 175 -37.28 -18.33 42.46
C ARG A 175 -36.76 -17.36 43.52
N ASN A 176 -35.44 -17.19 43.58
CA ASN A 176 -34.79 -16.26 44.47
C ASN A 176 -33.82 -15.39 43.68
N ARG A 177 -33.13 -14.50 44.38
CA ARG A 177 -32.22 -13.55 43.76
C ARG A 177 -31.03 -13.31 44.68
N LEU A 178 -29.83 -13.39 44.11
CA LEU A 178 -28.58 -13.19 44.83
C LEU A 178 -27.78 -12.10 44.15
N ALA A 179 -27.27 -11.14 44.92
CA ALA A 179 -26.48 -10.04 44.40
C ALA A 179 -25.26 -9.82 45.27
N VAL A 180 -24.09 -9.68 44.64
CA VAL A 180 -22.81 -9.52 45.31
C VAL A 180 -22.12 -8.29 44.77
N LEU A 181 -21.56 -7.46 45.65
CA LEU A 181 -20.68 -6.37 45.28
C LEU A 181 -19.28 -6.68 45.77
N VAL A 182 -18.31 -6.71 44.86
CA VAL A 182 -16.94 -7.07 45.16
C VAL A 182 -16.04 -5.87 44.89
N LEU A 183 -15.20 -5.51 45.88
CA LEU A 183 -14.28 -4.40 45.76
C LEU A 183 -12.85 -4.92 45.66
N LYS A 184 -11.98 -4.12 45.01
CA LYS A 184 -10.60 -4.54 44.80
C LYS A 184 -9.71 -4.27 46.01
N TRP A 185 -9.98 -3.19 46.73
CA TRP A 185 -9.12 -2.71 47.81
C TRP A 185 -9.96 -2.50 49.06
N CYS A 186 -9.50 -3.04 50.18
CA CYS A 186 -10.10 -2.74 51.48
C CYS A 186 -8.99 -2.47 52.45
N ASP A 187 -9.32 -2.33 53.74
CA ASP A 187 -8.29 -2.10 54.74
C ASP A 187 -7.50 -3.36 55.07
N GLY A 188 -7.95 -4.53 54.62
CA GLY A 188 -7.18 -5.74 54.69
C GLY A 188 -6.15 -5.90 53.60
N THR A 189 -6.02 -4.91 52.71
CA THR A 189 -4.99 -4.96 51.69
C THR A 189 -3.62 -4.70 52.29
N TYR A 190 -3.57 -3.95 53.39
CA TYR A 190 -2.33 -3.71 54.11
C TYR A 190 -1.77 -4.98 54.73
N LEU A 191 -2.61 -5.98 54.98
CA LEU A 191 -2.18 -7.25 55.53
C LEU A 191 -2.01 -8.33 54.49
N GLU A 192 -2.05 -7.99 53.20
CA GLU A 192 -1.97 -8.97 52.12
C GLU A 192 -0.98 -8.50 51.06
N ASP A 193 0.20 -8.08 51.49
CA ASP A 193 1.21 -7.56 50.57
C ASP A 193 2.13 -8.68 50.10
N GLN A 194 1.52 -9.66 49.44
CA GLN A 194 2.29 -10.80 48.94
C GLN A 194 2.94 -10.48 47.61
N ASP A 195 4.15 -11.04 47.42
CA ASP A 195 4.89 -10.91 46.17
C ASP A 195 4.32 -11.89 45.15
N VAL A 196 3.19 -11.49 44.56
CA VAL A 196 2.44 -12.33 43.64
C VAL A 196 1.63 -11.39 42.75
N TRP A 197 1.13 -11.91 41.63
CA TRP A 197 0.18 -11.17 40.81
C TRP A 197 -1.09 -10.90 41.61
N ARG A 198 -1.68 -9.73 41.40
CA ARG A 198 -2.82 -9.27 42.19
C ARG A 198 -4.09 -9.49 41.39
N PHE A 199 -4.87 -10.49 41.78
CA PHE A 199 -6.13 -10.81 41.11
C PHE A 199 -7.31 -10.38 41.97
N SER A 200 -8.48 -10.41 41.36
CA SER A 200 -9.71 -9.94 41.99
C SER A 200 -10.89 -10.78 41.56
N GLY A 201 -11.89 -10.85 42.40
CA GLY A 201 -13.17 -11.45 42.06
C GLY A 201 -13.54 -12.60 42.97
N ILE A 202 -14.60 -13.30 42.58
CA ILE A 202 -14.98 -14.57 43.18
C ILE A 202 -14.19 -15.65 42.44
N TYR A 203 -13.14 -16.16 43.05
CA TYR A 203 -12.25 -17.08 42.37
C TYR A 203 -12.31 -18.50 42.89
N ARG A 204 -13.06 -18.76 43.94
CA ARG A 204 -13.23 -20.11 44.46
C ARG A 204 -14.71 -20.49 44.44
N ASP A 205 -15.01 -21.66 44.98
CA ASP A 205 -16.35 -22.23 44.88
C ASP A 205 -17.35 -21.49 45.76
N VAL A 206 -18.62 -21.63 45.38
CA VAL A 206 -19.76 -21.00 46.06
C VAL A 206 -20.88 -22.03 46.10
N TYR A 207 -21.43 -22.29 47.28
CA TYR A 207 -22.53 -23.25 47.34
C TYR A 207 -23.48 -22.96 48.49
N LEU A 208 -24.58 -23.71 48.52
CA LEU A 208 -25.64 -23.60 49.52
C LEU A 208 -25.77 -24.93 50.26
N LEU A 209 -25.90 -24.85 51.59
CA LEU A 209 -26.08 -26.02 52.45
C LEU A 209 -27.44 -25.96 53.12
N SER A 210 -28.02 -27.13 53.34
CA SER A 210 -29.31 -27.30 54.02
C SER A 210 -29.12 -28.16 55.25
N ARG A 211 -28.89 -27.52 56.39
CA ARG A 211 -28.66 -28.25 57.63
C ARG A 211 -29.88 -28.09 58.53
N ASP A 212 -30.29 -29.20 59.16
CA ASP A 212 -31.50 -29.24 59.95
C ASP A 212 -31.36 -28.43 61.25
N ASN A 213 -32.45 -28.36 62.01
CA ASN A 213 -32.56 -27.37 63.06
C ASN A 213 -31.68 -27.71 64.26
N THR A 214 -31.41 -28.98 64.50
CA THR A 214 -30.47 -29.43 65.51
C THR A 214 -29.40 -30.24 64.79
N HIS A 215 -28.22 -29.66 64.60
CA HIS A 215 -27.18 -30.26 63.79
C HIS A 215 -25.83 -30.15 64.48
N ILE A 216 -24.92 -31.05 64.10
CA ILE A 216 -23.54 -31.00 64.55
C ILE A 216 -22.87 -29.79 63.93
N ARG A 217 -22.47 -28.84 64.75
CA ARG A 217 -21.92 -27.60 64.23
C ARG A 217 -20.41 -27.68 63.99
N ASP A 218 -19.66 -28.29 64.90
CA ASP A 218 -18.21 -28.30 64.79
C ASP A 218 -17.66 -29.62 65.28
N VAL A 219 -16.59 -30.10 64.64
CA VAL A 219 -15.94 -31.36 64.98
C VAL A 219 -14.45 -31.12 65.04
N PHE A 220 -13.81 -31.52 66.13
CA PHE A 220 -12.35 -31.53 66.22
C PHE A 220 -11.88 -32.91 66.67
N ASN A 221 -11.19 -33.60 65.76
CA ASN A 221 -10.68 -34.93 66.03
C ASN A 221 -9.25 -34.82 66.56
N GLN A 222 -8.94 -35.64 67.56
CA GLN A 222 -7.63 -35.62 68.19
C GLN A 222 -7.08 -37.05 68.27
N PRO A 223 -6.01 -37.37 67.56
CA PRO A 223 -5.24 -38.56 67.90
C PRO A 223 -4.49 -38.35 69.19
N LEU A 224 -4.44 -39.39 70.02
CA LEU A 224 -3.91 -39.31 71.38
C LEU A 224 -2.97 -40.47 71.65
N LEU A 225 -1.95 -40.63 70.80
CA LEU A 225 -0.95 -41.68 70.93
C LEU A 225 -0.24 -41.63 72.27
N SER A 226 0.19 -42.80 72.74
CA SER A 226 0.83 -42.92 74.06
C SER A 226 2.29 -42.48 73.97
N ASP A 227 3.04 -42.74 75.04
CA ASP A 227 4.41 -42.24 75.11
C ASP A 227 5.37 -43.09 74.29
N ASP A 228 5.05 -44.36 74.07
CA ASP A 228 5.88 -45.26 73.27
C ASP A 228 5.24 -45.62 71.93
N LEU A 229 4.24 -44.82 71.51
CA LEU A 229 3.55 -44.94 70.22
C LEU A 229 2.87 -46.29 70.04
N SER A 230 2.34 -46.86 71.13
CA SER A 230 1.81 -48.21 71.11
C SER A 230 0.32 -48.31 71.42
N GLU A 231 -0.30 -47.25 71.93
CA GLU A 231 -1.73 -47.23 72.19
C GLU A 231 -2.32 -45.95 71.60
N GLY A 232 -3.45 -46.09 70.91
CA GLY A 232 -4.09 -44.96 70.28
C GLY A 232 -5.47 -44.69 70.85
N LYS A 233 -5.84 -43.42 70.89
CA LYS A 233 -7.17 -43.01 71.30
C LYS A 233 -7.63 -41.89 70.39
N LEU A 234 -8.77 -42.08 69.74
CA LEU A 234 -9.40 -41.02 68.96
C LEU A 234 -10.40 -40.29 69.84
N ARG A 235 -10.14 -39.01 70.08
CA ARG A 235 -11.03 -38.15 70.85
C ARG A 235 -11.70 -37.18 69.90
N SER A 236 -13.00 -37.34 69.68
CA SER A 236 -13.74 -36.51 68.74
C SER A 236 -14.60 -35.54 69.53
N GLU A 237 -14.12 -34.30 69.67
CA GLU A 237 -14.85 -33.25 70.36
C GLU A 237 -15.91 -32.70 69.41
N ILE A 238 -17.17 -32.92 69.75
CA ILE A 238 -18.30 -32.53 68.91
C ILE A 238 -19.05 -31.41 69.60
N GLU A 239 -19.33 -30.33 68.86
CA GLU A 239 -20.01 -29.15 69.37
C GLU A 239 -21.29 -28.99 68.55
N THR A 240 -22.44 -29.19 69.18
CA THR A 240 -23.72 -29.18 68.50
C THR A 240 -24.46 -27.90 68.80
N THR A 241 -25.70 -27.80 68.28
CA THR A 241 -26.58 -26.67 68.55
C THR A 241 -27.76 -27.06 69.42
N GLY A 242 -27.78 -28.26 69.94
CA GLY A 242 -28.87 -28.73 70.77
C GLY A 242 -28.64 -30.16 71.22
N SER A 243 -29.70 -30.92 71.42
CA SER A 243 -29.62 -32.28 71.92
C SER A 243 -29.61 -33.25 70.74
N LEU A 244 -28.48 -33.93 70.52
CA LEU A 244 -28.35 -34.86 69.41
C LEU A 244 -27.92 -36.24 69.89
N THR A 245 -28.61 -37.26 69.39
CA THR A 245 -28.16 -38.64 69.46
C THR A 245 -27.25 -38.91 68.28
N ILE A 246 -25.98 -39.19 68.55
CA ILE A 246 -24.95 -39.26 67.52
C ILE A 246 -24.36 -40.66 67.49
N GLN A 247 -24.38 -41.28 66.31
CA GLN A 247 -23.65 -42.52 66.06
C GLN A 247 -22.26 -42.21 65.54
N ALA A 248 -21.29 -43.06 65.89
CA ALA A 248 -19.92 -42.90 65.44
C ALA A 248 -19.29 -44.25 65.19
N GLU A 249 -18.54 -44.37 64.10
CA GLU A 249 -17.82 -45.60 63.81
C GLU A 249 -16.48 -45.31 63.17
N LEU A 250 -15.51 -46.18 63.44
CA LEU A 250 -14.12 -46.00 63.03
C LEU A 250 -13.62 -47.24 62.31
N ARG A 251 -12.86 -47.05 61.23
CA ARG A 251 -12.37 -48.13 60.39
C ARG A 251 -10.89 -47.93 60.09
N ASP A 252 -10.19 -49.04 59.90
CA ASP A 252 -8.76 -49.08 59.57
C ASP A 252 -8.57 -48.80 58.07
N PRO A 253 -7.33 -48.66 57.57
CA PRO A 253 -7.16 -48.51 56.11
C PRO A 253 -7.57 -49.72 55.29
N ALA A 254 -7.64 -50.91 55.89
CA ALA A 254 -8.07 -52.08 55.14
C ALA A 254 -9.59 -52.16 55.01
N GLY A 255 -10.34 -51.41 55.80
CA GLY A 255 -11.78 -51.45 55.71
C GLY A 255 -12.43 -52.44 56.68
N LYS A 256 -12.13 -52.30 57.96
CA LYS A 256 -12.63 -53.20 58.99
C LYS A 256 -13.02 -52.38 60.22
N LEU A 257 -14.19 -52.69 60.78
CA LEU A 257 -14.66 -52.00 61.97
C LEU A 257 -13.78 -52.28 63.17
N ILE A 258 -13.31 -51.21 63.82
CA ILE A 258 -12.54 -51.32 65.05
C ILE A 258 -13.19 -50.59 66.21
N GLY A 259 -14.26 -49.84 65.98
CA GLY A 259 -14.90 -49.09 67.04
C GLY A 259 -16.27 -48.62 66.61
N GLN A 260 -17.15 -48.43 67.59
CA GLN A 260 -18.52 -48.01 67.35
C GLN A 260 -19.09 -47.49 68.67
N LYS A 261 -19.85 -46.39 68.61
CA LYS A 261 -20.27 -45.72 69.82
C LYS A 261 -21.51 -44.90 69.53
N GLU A 262 -22.34 -44.72 70.56
CA GLU A 262 -23.49 -43.83 70.53
C GLU A 262 -23.39 -42.85 71.69
N ALA A 263 -23.74 -41.59 71.44
CA ALA A 263 -23.73 -40.59 72.50
C ALA A 263 -24.93 -39.67 72.35
N GLN A 264 -25.12 -38.84 73.38
CA GLN A 264 -26.21 -37.86 73.45
C GLN A 264 -25.56 -36.55 73.87
N ILE A 265 -25.21 -35.71 72.90
CA ILE A 265 -24.44 -34.50 73.13
C ILE A 265 -25.38 -33.30 73.10
N ASP A 266 -25.28 -32.45 74.13
CA ASP A 266 -26.21 -31.35 74.36
C ASP A 266 -25.55 -30.00 74.16
N GLY A 267 -24.54 -29.92 73.29
CA GLY A 267 -23.93 -28.65 72.95
C GLY A 267 -22.43 -28.66 72.84
N LYS A 268 -21.74 -29.44 73.68
CA LYS A 268 -20.28 -29.52 73.64
C LYS A 268 -19.86 -30.76 74.41
N GLY A 269 -19.21 -31.71 73.74
CA GLY A 269 -18.78 -32.93 74.40
C GLY A 269 -18.01 -33.81 73.45
N ALA A 270 -17.21 -34.70 74.04
CA ALA A 270 -16.32 -35.56 73.29
C ALA A 270 -16.87 -36.98 73.19
N MET A 271 -16.28 -37.75 72.27
CA MET A 271 -16.60 -39.17 72.08
C MET A 271 -15.28 -39.91 71.88
N GLU A 272 -14.71 -40.40 72.98
CA GLU A 272 -13.43 -41.10 72.90
C GLU A 272 -13.63 -42.53 72.40
N LEU A 273 -12.58 -43.06 71.80
CA LEU A 273 -12.61 -44.40 71.21
C LEU A 273 -11.19 -44.92 71.18
N ASP A 274 -11.04 -46.24 71.35
CA ASP A 274 -9.73 -46.85 71.53
C ASP A 274 -9.27 -47.59 70.28
N VAL A 275 -7.99 -47.48 69.97
CA VAL A 275 -7.32 -48.20 68.90
C VAL A 275 -6.13 -48.93 69.50
N PRO A 276 -6.15 -50.27 69.55
CA PRO A 276 -5.12 -51.01 70.30
C PRO A 276 -3.71 -50.96 69.70
N GLN A 277 -3.57 -51.27 68.41
CA GLN A 277 -2.28 -51.23 67.74
C GLN A 277 -2.40 -50.32 66.52
N PRO A 278 -1.97 -49.07 66.62
CA PRO A 278 -2.24 -48.10 65.55
C PRO A 278 -1.22 -48.15 64.41
N GLN A 279 -1.72 -47.84 63.22
CA GLN A 279 -0.89 -47.67 62.03
C GLN A 279 -0.66 -46.17 61.82
N LEU A 280 0.59 -45.76 61.82
CA LEU A 280 0.92 -44.34 61.92
C LEU A 280 1.01 -43.70 60.54
N TRP A 281 0.81 -42.38 60.51
CA TRP A 281 0.90 -41.61 59.29
C TRP A 281 2.30 -41.03 59.14
N ASN A 282 2.81 -41.05 57.91
CA ASN A 282 4.04 -40.37 57.53
C ASN A 282 3.98 -40.13 56.02
N ALA A 283 4.97 -39.41 55.50
CA ALA A 283 4.91 -38.97 54.12
C ALA A 283 5.10 -40.09 53.12
N GLU A 284 5.71 -41.20 53.52
CA GLU A 284 5.99 -42.29 52.62
C GLU A 284 5.13 -43.52 52.85
N GLN A 285 4.35 -43.56 53.93
CA GLN A 285 3.36 -44.61 54.16
C GLN A 285 2.08 -43.96 54.66
N PRO A 286 1.32 -43.30 53.77
CA PRO A 286 0.17 -42.49 54.27
C PRO A 286 -1.08 -43.32 54.60
N ARG A 287 -1.11 -43.86 55.81
CA ARG A 287 -2.20 -44.71 56.25
C ARG A 287 -3.24 -43.89 57.00
N LEU A 288 -4.51 -44.03 56.62
CA LEU A 288 -5.57 -43.16 57.15
C LEU A 288 -6.75 -43.99 57.62
N TYR A 289 -7.17 -43.76 58.87
CA TYR A 289 -8.42 -44.29 59.40
C TYR A 289 -9.60 -43.49 58.87
N GLU A 290 -10.78 -44.08 58.97
CA GLU A 290 -12.01 -43.46 58.51
C GLU A 290 -13.00 -43.33 59.66
N LEU A 291 -13.51 -42.12 59.87
CA LEU A 291 -14.49 -41.84 60.91
C LEU A 291 -15.81 -41.43 60.27
N ILE A 292 -16.90 -42.08 60.67
CA ILE A 292 -18.22 -41.75 60.18
C ILE A 292 -19.08 -41.33 61.36
N LEU A 293 -19.63 -40.12 61.29
CA LEU A 293 -20.56 -39.59 62.27
C LEU A 293 -21.94 -39.53 61.64
N THR A 294 -22.96 -39.95 62.39
CA THR A 294 -24.34 -39.98 61.90
C THR A 294 -25.23 -39.27 62.90
N ALA A 295 -26.01 -38.30 62.41
CA ALA A 295 -26.90 -37.54 63.28
C ALA A 295 -28.09 -37.07 62.46
N GLY A 296 -29.27 -37.56 62.81
CA GLY A 296 -30.49 -37.19 62.11
C GLY A 296 -30.52 -37.64 60.67
N GLN A 297 -30.48 -36.67 59.75
CA GLN A 297 -30.40 -36.95 58.33
C GLN A 297 -29.00 -36.76 57.78
N GLU A 298 -28.03 -36.41 58.61
CA GLU A 298 -26.71 -36.01 58.14
C GLU A 298 -25.66 -37.06 58.46
N VAL A 299 -24.76 -37.28 57.51
CA VAL A 299 -23.64 -38.20 57.64
C VAL A 299 -22.36 -37.44 57.31
N LEU A 300 -21.44 -37.40 58.27
CA LEU A 300 -20.17 -36.70 58.11
C LEU A 300 -19.03 -37.71 58.07
N ARG A 301 -18.10 -37.51 57.13
CA ARG A 301 -16.98 -38.41 56.92
C ARG A 301 -15.67 -37.67 57.16
N PHE A 302 -14.80 -38.25 57.98
CA PHE A 302 -13.49 -37.68 58.29
C PHE A 302 -12.42 -38.73 58.06
N ARG A 303 -11.21 -38.28 57.77
CA ARG A 303 -10.07 -39.16 57.53
C ARG A 303 -8.99 -38.78 58.53
N VAL A 304 -8.61 -39.75 59.36
CA VAL A 304 -7.82 -39.50 60.57
C VAL A 304 -6.44 -40.11 60.36
N GLY A 305 -5.40 -39.36 60.72
CA GLY A 305 -4.05 -39.90 60.71
C GLY A 305 -3.37 -39.77 62.04
N PHE A 306 -2.71 -40.82 62.51
CA PHE A 306 -2.09 -40.86 63.83
C PHE A 306 -0.62 -40.50 63.70
N LYS A 307 -0.21 -39.38 64.30
CA LYS A 307 1.18 -38.96 64.26
C LYS A 307 1.48 -38.10 65.48
N LYS A 308 2.77 -37.91 65.74
CA LYS A 308 3.21 -37.07 66.84
C LYS A 308 4.45 -36.30 66.43
N VAL A 309 4.39 -34.97 66.58
CA VAL A 309 5.46 -34.07 66.19
C VAL A 309 6.03 -33.45 67.46
N GLU A 310 7.35 -33.46 67.61
CA GLU A 310 7.95 -32.97 68.86
C GLU A 310 9.35 -32.47 68.63
N ILE A 311 9.89 -31.82 69.67
CA ILE A 311 11.29 -31.45 69.78
C ILE A 311 11.78 -31.92 71.14
N THR A 312 12.89 -32.67 71.17
CA THR A 312 13.34 -33.31 72.39
C THR A 312 14.60 -32.67 72.97
N ASP A 313 15.69 -32.63 72.23
CA ASP A 313 16.95 -32.08 72.71
C ASP A 313 17.49 -31.06 71.72
N GLY A 314 16.60 -30.27 71.14
CA GLY A 314 16.95 -29.50 69.97
C GLY A 314 16.91 -30.30 68.70
N ILE A 315 16.24 -31.46 68.72
CA ILE A 315 16.16 -32.34 67.56
C ILE A 315 14.69 -32.52 67.20
N PHE A 316 14.34 -32.08 66.00
CA PHE A 316 12.98 -32.24 65.48
C PHE A 316 12.68 -33.70 65.21
N ARG A 317 11.54 -34.19 65.69
CA ARG A 317 11.20 -35.60 65.54
C ARG A 317 9.75 -35.77 65.14
N ILE A 318 9.52 -36.71 64.22
CA ILE A 318 8.19 -37.16 63.84
C ILE A 318 8.13 -38.66 64.08
N ASN A 319 7.17 -39.07 64.93
CA ASN A 319 6.92 -40.48 65.30
C ASN A 319 8.17 -41.14 65.89
N GLY A 320 8.89 -40.41 66.72
CA GLY A 320 10.08 -40.94 67.37
C GLY A 320 11.37 -40.80 66.59
N ARG A 321 11.31 -40.93 65.28
CA ARG A 321 12.50 -40.83 64.45
C ARG A 321 12.85 -39.38 64.16
N ALA A 322 14.13 -39.12 63.93
CA ALA A 322 14.59 -37.79 63.55
C ALA A 322 14.43 -37.62 62.03
N VAL A 323 13.71 -36.59 61.62
CA VAL A 323 13.31 -36.39 60.23
C VAL A 323 13.91 -35.08 59.74
N LYS A 324 14.51 -35.11 58.56
CA LYS A 324 14.97 -33.91 57.88
C LYS A 324 14.00 -33.58 56.75
N LEU A 325 13.44 -32.37 56.80
CA LEU A 325 12.38 -31.94 55.89
C LEU A 325 13.01 -31.41 54.62
N LYS A 326 12.59 -31.95 53.48
CA LYS A 326 13.19 -31.67 52.18
C LYS A 326 12.07 -31.14 51.29
N GLY A 327 11.91 -29.81 51.19
CA GLY A 327 10.71 -29.27 50.57
C GLY A 327 10.93 -28.05 49.71
N VAL A 328 9.83 -27.60 49.10
CA VAL A 328 9.77 -26.41 48.26
C VAL A 328 8.63 -25.54 48.76
N ASN A 329 8.63 -24.28 48.32
CA ASN A 329 7.51 -23.39 48.55
C ASN A 329 6.62 -23.37 47.31
N ARG A 330 5.35 -23.03 47.49
CA ARG A 330 4.39 -23.13 46.40
C ARG A 330 3.33 -22.06 46.48
N HIS A 331 3.22 -21.27 45.42
CA HIS A 331 2.06 -20.41 45.21
C HIS A 331 1.04 -21.13 44.34
N ASP A 332 -0.23 -20.85 44.59
CA ASP A 332 -1.28 -21.25 43.65
C ASP A 332 -1.24 -20.30 42.47
N SER A 333 -0.75 -20.78 41.33
CA SER A 333 -0.59 -19.94 40.14
C SER A 333 -0.73 -20.80 38.91
N HIS A 334 -1.72 -20.49 38.09
CA HIS A 334 -1.97 -21.09 36.79
C HIS A 334 -1.70 -20.06 35.71
N PRO A 335 -1.02 -20.43 34.61
CA PRO A 335 -0.66 -19.42 33.60
C PRO A 335 -1.81 -18.92 32.76
N GLU A 336 -3.02 -19.48 32.90
CA GLU A 336 -4.18 -19.01 32.16
C GLU A 336 -5.37 -18.66 33.02
N LEU A 337 -5.41 -19.08 34.28
CA LEU A 337 -6.56 -18.85 35.15
C LEU A 337 -6.22 -18.07 36.40
N GLY A 338 -4.96 -17.72 36.62
CA GLY A 338 -4.60 -16.97 37.80
C GLY A 338 -4.57 -17.80 39.05
N GLN A 339 -5.43 -17.48 40.01
CA GLN A 339 -5.52 -18.23 41.26
C GLN A 339 -6.68 -19.20 41.28
N THR A 340 -7.26 -19.51 40.13
CA THR A 340 -8.26 -20.56 40.01
C THR A 340 -7.53 -21.83 39.58
N ILE A 341 -7.50 -22.82 40.45
CA ILE A 341 -6.73 -24.04 40.23
C ILE A 341 -7.70 -25.22 40.17
N PRO A 342 -7.80 -25.92 39.05
CA PRO A 342 -8.57 -27.17 39.01
C PRO A 342 -7.83 -28.31 39.70
N VAL A 343 -8.50 -29.46 39.80
CA VAL A 343 -8.00 -30.56 40.61
C VAL A 343 -6.85 -31.28 39.92
N ASN A 344 -6.98 -31.53 38.61
CA ASN A 344 -5.96 -32.26 37.87
C ASN A 344 -4.66 -31.48 37.78
N HIS A 345 -4.74 -30.15 37.79
CA HIS A 345 -3.55 -29.31 37.81
C HIS A 345 -2.85 -29.37 39.16
N MET A 346 -3.55 -29.74 40.23
CA MET A 346 -2.91 -30.01 41.51
C MET A 346 -2.27 -31.39 41.53
N ILE A 347 -2.99 -32.38 40.98
CA ILE A 347 -2.50 -33.76 40.98
C ILE A 347 -1.25 -33.89 40.13
N ALA A 348 -1.16 -33.13 39.03
CA ALA A 348 0.05 -33.14 38.21
C ALA A 348 1.25 -32.57 38.95
N ASP A 349 1.05 -31.48 39.70
CA ASP A 349 2.13 -30.90 40.50
C ASP A 349 2.57 -31.87 41.59
N LEU A 350 1.62 -32.55 42.24
CA LEU A 350 1.99 -33.47 43.31
C LEU A 350 2.73 -34.69 42.79
N LYS A 351 2.32 -35.21 41.62
CA LYS A 351 3.06 -36.32 41.02
C LYS A 351 4.45 -35.90 40.60
N LEU A 352 4.59 -34.71 40.02
CA LEU A 352 5.91 -34.25 39.59
C LEU A 352 6.83 -33.94 40.76
N MET A 353 6.28 -33.46 41.89
CA MET A 353 7.09 -33.30 43.08
C MET A 353 7.49 -34.64 43.68
N LYS A 354 6.57 -35.60 43.72
CA LYS A 354 6.84 -36.86 44.39
C LYS A 354 7.82 -37.72 43.59
N ARG A 355 7.89 -37.55 42.26
CA ARG A 355 8.93 -38.23 41.50
C ARG A 355 10.23 -37.45 41.42
N HIS A 356 10.44 -36.46 42.30
CA HIS A 356 11.72 -35.76 42.44
C HIS A 356 12.15 -35.67 43.89
N ASN A 357 11.76 -36.68 44.70
CA ASN A 357 12.27 -36.93 46.05
C ASN A 357 11.86 -35.86 47.06
N ILE A 358 10.75 -35.16 46.84
CA ILE A 358 10.29 -34.09 47.72
C ILE A 358 9.22 -34.64 48.65
N ASN A 359 9.34 -34.34 49.96
CA ASN A 359 8.35 -34.80 50.92
C ASN A 359 7.69 -33.68 51.73
N THR A 360 8.06 -32.42 51.52
CA THR A 360 7.51 -31.32 52.29
C THR A 360 7.03 -30.25 51.32
N ILE A 361 5.94 -29.58 51.65
CA ILE A 361 5.43 -28.43 50.90
C ILE A 361 5.09 -27.34 51.90
N ARG A 362 5.56 -26.12 51.64
CA ARG A 362 5.19 -24.96 52.43
C ARG A 362 4.25 -24.09 51.63
N THR A 363 3.03 -23.93 52.13
CA THR A 363 2.01 -23.11 51.47
C THR A 363 2.41 -21.65 51.63
N SER A 364 2.99 -21.07 50.59
CA SER A 364 3.66 -19.79 50.70
C SER A 364 2.65 -18.65 50.81
N HIS A 365 2.55 -18.09 52.02
CA HIS A 365 2.04 -16.78 52.43
C HIS A 365 0.51 -16.70 52.52
N TYR A 366 -0.21 -17.76 52.23
CA TYR A 366 -1.66 -17.84 52.41
C TYR A 366 -2.06 -19.31 52.42
N PRO A 367 -3.18 -19.65 53.06
CA PRO A 367 -3.67 -21.03 52.95
C PRO A 367 -4.31 -21.30 51.60
N ASN A 368 -4.20 -22.55 51.16
CA ASN A 368 -4.67 -22.93 49.83
C ASN A 368 -6.11 -23.42 49.89
N ASP A 369 -6.56 -24.00 48.79
CA ASP A 369 -7.91 -24.54 48.69
C ASP A 369 -8.04 -25.78 49.58
N PRO A 370 -9.22 -26.03 50.16
CA PRO A 370 -9.34 -27.15 51.12
C PRO A 370 -9.17 -28.54 50.54
N LYS A 371 -9.19 -28.72 49.22
CA LYS A 371 -8.97 -30.04 48.66
C LYS A 371 -7.53 -30.31 48.28
N PHE A 372 -6.69 -29.27 48.24
CA PHE A 372 -5.26 -29.47 48.12
C PHE A 372 -4.71 -30.22 49.33
N LEU A 373 -5.22 -29.91 50.53
CA LEU A 373 -4.82 -30.63 51.72
C LEU A 373 -5.41 -32.03 51.76
N ASP A 374 -6.60 -32.21 51.18
CA ASP A 374 -7.17 -33.55 51.03
C ASP A 374 -6.32 -34.42 50.13
N LEU A 375 -5.75 -33.83 49.08
CA LEU A 375 -4.83 -34.57 48.23
C LEU A 375 -3.50 -34.84 48.93
N CYS A 376 -3.03 -33.87 49.72
CA CYS A 376 -1.76 -34.05 50.42
C CYS A 376 -1.85 -35.05 51.57
N ASP A 377 -3.06 -35.31 52.08
CA ASP A 377 -3.22 -36.39 53.05
C ASP A 377 -3.05 -37.75 52.38
N GLU A 378 -3.34 -37.86 51.09
CA GLU A 378 -3.39 -39.13 50.37
C GLU A 378 -2.06 -39.47 49.70
N PHE A 379 -1.44 -38.50 49.03
CA PHE A 379 -0.13 -38.73 48.41
C PHE A 379 0.97 -38.86 49.45
N GLY A 380 0.93 -38.03 50.50
CA GLY A 380 1.94 -38.05 51.53
C GLY A 380 2.94 -36.91 51.39
N PHE A 381 2.70 -35.84 52.13
CA PHE A 381 3.54 -34.65 52.12
C PHE A 381 3.40 -33.99 53.49
N TYR A 382 4.49 -33.41 53.98
CA TYR A 382 4.41 -32.63 55.21
C TYR A 382 4.06 -31.19 54.85
N ILE A 383 3.07 -30.63 55.53
CA ILE A 383 2.52 -29.32 55.18
C ILE A 383 2.86 -28.33 56.27
N ILE A 384 3.49 -27.22 55.89
CA ILE A 384 3.70 -26.06 56.73
C ILE A 384 2.71 -24.99 56.26
N ASP A 385 1.67 -24.75 57.05
CA ASP A 385 0.50 -24.02 56.61
C ASP A 385 0.59 -22.59 57.12
N GLU A 386 0.83 -21.64 56.22
CA GLU A 386 1.01 -20.25 56.60
C GLU A 386 -0.29 -19.48 56.57
N ALA A 387 -0.35 -18.42 57.36
CA ALA A 387 -1.51 -17.56 57.43
C ALA A 387 -1.41 -16.43 56.41
N ASP A 388 -2.55 -15.81 56.14
CA ASP A 388 -2.67 -14.78 55.10
C ASP A 388 -2.32 -13.44 55.71
N LEU A 389 -1.03 -13.22 55.94
CA LEU A 389 -0.63 -11.98 56.58
C LEU A 389 0.76 -11.55 56.12
N GLU A 390 0.92 -10.40 55.52
CA GLU A 390 2.21 -10.02 54.99
C GLU A 390 2.25 -8.56 55.05
N CYS A 391 2.42 -8.02 56.22
CA CYS A 391 2.38 -6.62 56.39
C CYS A 391 3.74 -6.17 56.22
N HIS A 392 4.23 -6.15 55.00
CA HIS A 392 5.64 -5.79 54.76
C HIS A 392 5.82 -4.36 55.17
N GLY A 393 4.75 -3.63 55.43
CA GLY A 393 4.79 -2.29 55.98
C GLY A 393 5.82 -1.33 55.54
N VAL A 394 6.67 -0.92 56.46
CA VAL A 394 7.75 -0.05 56.12
C VAL A 394 7.27 1.15 55.28
N HIS A 406 4.93 3.53 60.34
CA HIS A 406 4.95 2.14 59.92
C HIS A 406 4.77 1.21 61.12
N LYS A 407 5.08 -0.08 60.90
CA LYS A 407 5.00 -1.14 61.91
C LYS A 407 3.58 -1.27 62.48
N LEU A 408 2.70 -1.77 61.61
CA LEU A 408 1.36 -2.17 62.02
C LEU A 408 1.36 -3.30 63.04
N SER A 409 2.45 -4.07 63.14
CA SER A 409 2.54 -5.15 64.11
C SER A 409 2.54 -4.64 65.54
N ASN A 410 3.00 -3.42 65.78
CA ASN A 410 3.06 -2.85 67.11
C ASN A 410 1.93 -1.87 67.38
N ASN A 411 0.94 -1.80 66.51
CA ASN A 411 -0.17 -0.86 66.66
C ASN A 411 -1.32 -1.61 67.30
N PRO A 412 -1.74 -1.26 68.52
CA PRO A 412 -2.68 -2.11 69.27
C PRO A 412 -4.11 -2.09 68.76
N ASP A 413 -4.50 -1.16 67.89
CA ASP A 413 -5.83 -1.16 67.34
C ASP A 413 -5.92 -1.93 66.02
N TRP A 414 -4.87 -2.67 65.67
CA TRP A 414 -4.88 -3.63 64.58
C TRP A 414 -4.91 -5.06 65.08
N LYS A 415 -5.09 -5.27 66.39
CA LYS A 415 -4.84 -6.58 66.97
C LYS A 415 -5.93 -7.58 66.62
N GLU A 416 -7.19 -7.14 66.55
CA GLU A 416 -8.26 -8.05 66.19
C GLU A 416 -8.21 -8.47 64.73
N ALA A 417 -7.55 -7.69 63.88
CA ALA A 417 -7.34 -8.08 62.48
C ALA A 417 -6.23 -9.12 62.36
N PHE A 418 -5.15 -8.96 63.12
CA PHE A 418 -4.07 -9.92 63.16
C PHE A 418 -4.50 -11.26 63.73
N VAL A 419 -5.33 -11.26 64.77
CA VAL A 419 -5.66 -12.50 65.46
C VAL A 419 -6.64 -13.34 64.65
N GLU A 420 -7.64 -12.71 64.02
CA GLU A 420 -8.67 -13.49 63.34
C GLU A 420 -8.15 -14.16 62.08
N ARG A 421 -7.07 -13.67 61.48
CA ARG A 421 -6.51 -14.33 60.30
C ARG A 421 -5.79 -15.62 60.67
N ALA A 422 -5.40 -15.77 61.93
CA ALA A 422 -4.93 -17.06 62.42
C ALA A 422 -6.06 -17.91 62.95
N VAL A 423 -7.07 -17.30 63.58
CA VAL A 423 -8.19 -18.06 64.12
C VAL A 423 -8.99 -18.72 62.99
N ARG A 424 -9.22 -17.99 61.91
CA ARG A 424 -9.96 -18.53 60.78
C ARG A 424 -9.17 -19.57 60.00
N MET A 425 -7.84 -19.52 60.04
CA MET A 425 -7.03 -20.54 59.38
C MET A 425 -6.98 -21.81 60.21
N VAL A 426 -6.62 -21.69 61.49
CA VAL A 426 -6.41 -22.86 62.34
C VAL A 426 -7.71 -23.63 62.55
N GLU A 427 -8.83 -22.93 62.62
CA GLU A 427 -10.10 -23.61 62.80
C GLU A 427 -10.54 -24.34 61.54
N ARG A 428 -10.04 -23.93 60.37
CA ARG A 428 -10.47 -24.52 59.11
C ARG A 428 -9.71 -25.82 58.81
N ASP A 429 -8.43 -25.89 59.19
CA ASP A 429 -7.52 -26.94 58.77
C ASP A 429 -7.00 -27.77 59.94
N LYS A 430 -7.81 -27.97 60.97
CA LYS A 430 -7.30 -28.61 62.18
C LYS A 430 -7.47 -30.13 62.17
N ASN A 431 -8.20 -30.68 61.21
CA ASN A 431 -8.38 -32.13 61.12
C ASN A 431 -7.64 -32.73 59.93
N HIS A 432 -6.54 -32.11 59.51
CA HIS A 432 -5.74 -32.61 58.40
C HIS A 432 -4.48 -33.27 58.92
N ALA A 433 -4.27 -34.52 58.50
CA ALA A 433 -3.18 -35.34 59.00
C ALA A 433 -1.83 -35.00 58.42
N SER A 434 -1.75 -34.04 57.50
CA SER A 434 -0.49 -33.68 56.87
C SER A 434 0.10 -32.40 57.42
N VAL A 435 -0.71 -31.55 58.02
CA VAL A 435 -0.22 -30.29 58.57
C VAL A 435 0.57 -30.59 59.83
N ILE A 436 1.83 -30.16 59.85
CA ILE A 436 2.70 -30.42 61.00
C ILE A 436 3.12 -29.17 61.74
N ILE A 437 3.08 -27.99 61.10
CA ILE A 437 3.60 -26.75 61.65
C ILE A 437 2.65 -25.62 61.28
N TRP A 438 2.18 -24.86 62.26
CA TRP A 438 1.42 -23.65 62.02
C TRP A 438 2.38 -22.48 61.91
N SER A 439 2.37 -21.80 60.78
CA SER A 439 3.25 -20.65 60.56
C SER A 439 2.43 -19.37 60.52
N MET A 440 2.91 -18.34 61.20
CA MET A 440 2.15 -17.11 61.40
C MET A 440 2.40 -16.07 60.31
N GLY A 441 2.84 -16.51 59.13
CA GLY A 441 2.98 -15.63 57.98
C GLY A 441 4.39 -15.10 57.83
N ASN A 442 4.60 -14.44 56.69
CA ASN A 442 5.90 -13.82 56.38
C ASN A 442 6.15 -12.67 57.33
N GLU A 443 7.24 -12.77 58.09
CA GLU A 443 7.60 -11.79 59.10
C GLU A 443 8.95 -11.20 58.77
N SER A 444 9.02 -9.88 58.68
CA SER A 444 10.27 -9.14 58.70
C SER A 444 10.34 -8.21 59.90
N GLY A 445 9.31 -8.20 60.74
CA GLY A 445 9.30 -7.37 61.93
C GLY A 445 8.71 -8.07 63.13
N TYR A 446 9.48 -8.14 64.21
CA TYR A 446 8.97 -8.62 65.48
C TYR A 446 7.98 -7.61 66.05
N GLY A 447 6.77 -8.08 66.37
CA GLY A 447 5.73 -7.18 66.83
C GLY A 447 4.89 -7.80 67.93
N ASP A 448 4.07 -6.96 68.54
CA ASP A 448 3.19 -7.37 69.62
C ASP A 448 1.93 -8.07 69.11
N ASN A 449 1.65 -8.00 67.82
CA ASN A 449 0.47 -8.66 67.26
C ASN A 449 0.75 -10.05 66.76
N HIS A 450 2.00 -10.37 66.42
CA HIS A 450 2.32 -11.74 66.02
C HIS A 450 2.36 -12.67 67.23
N ILE A 451 2.80 -12.17 68.39
CA ILE A 451 2.88 -13.02 69.56
C ILE A 451 1.49 -13.34 70.10
N ALA A 452 0.50 -12.48 69.84
CA ALA A 452 -0.87 -12.79 70.22
C ALA A 452 -1.43 -13.92 69.38
N MET A 453 -1.09 -13.91 68.08
CA MET A 453 -1.43 -15.00 67.18
C MET A 453 -0.80 -16.31 67.64
N ALA A 454 0.48 -16.25 68.01
CA ALA A 454 1.20 -17.46 68.44
C ALA A 454 0.65 -17.98 69.77
N GLU A 455 0.27 -17.09 70.69
CA GLU A 455 -0.27 -17.52 71.97
C GLU A 455 -1.66 -18.13 71.83
N TRP A 456 -2.51 -17.55 70.97
CA TRP A 456 -3.81 -18.16 70.71
C TRP A 456 -3.66 -19.52 70.05
N THR A 457 -2.74 -19.63 69.09
CA THR A 457 -2.56 -20.89 68.38
C THR A 457 -1.99 -21.97 69.29
N LYS A 458 -1.08 -21.60 70.19
CA LYS A 458 -0.49 -22.58 71.08
C LYS A 458 -1.45 -22.97 72.18
N ALA A 459 -2.34 -22.07 72.59
CA ALA A 459 -3.39 -22.45 73.54
C ALA A 459 -4.44 -23.34 72.87
N ARG A 460 -4.73 -23.10 71.59
CA ARG A 460 -5.78 -23.86 70.92
C ARG A 460 -5.33 -25.27 70.54
N ASP A 461 -4.25 -25.36 69.76
CA ASP A 461 -3.75 -26.63 69.24
C ASP A 461 -2.35 -26.85 69.77
N ALA A 462 -2.18 -27.88 70.60
CA ALA A 462 -0.88 -28.24 71.16
C ALA A 462 -0.23 -29.42 70.48
N SER A 463 -0.88 -30.02 69.49
CA SER A 463 -0.34 -31.17 68.79
C SER A 463 0.60 -30.80 67.66
N ARG A 464 0.76 -29.52 67.35
CA ARG A 464 1.58 -29.07 66.24
C ARG A 464 2.47 -27.93 66.69
N LEU A 465 3.57 -27.74 65.98
CA LEU A 465 4.54 -26.70 66.31
C LEU A 465 4.13 -25.38 65.68
N VAL A 466 4.61 -24.29 66.26
CA VAL A 466 4.22 -22.94 65.85
C VAL A 466 5.46 -22.22 65.34
N HIS A 467 5.35 -21.65 64.14
CA HIS A 467 6.46 -21.00 63.46
C HIS A 467 6.15 -19.51 63.31
N TYR A 468 7.12 -18.67 63.64
CA TYR A 468 7.07 -17.26 63.27
C TYR A 468 8.49 -16.72 63.13
N GLU A 469 8.71 -15.95 62.06
CA GLU A 469 10.04 -15.67 61.55
C GLU A 469 10.78 -14.61 62.36
N GLY A 470 10.06 -13.58 62.83
CA GLY A 470 10.69 -12.48 63.53
C GLY A 470 11.31 -12.84 64.87
N ALA A 471 10.83 -13.91 65.49
CA ALA A 471 11.36 -14.49 66.74
C ALA A 471 11.40 -13.51 67.90
N CYS A 483 8.50 -18.24 74.53
CA CYS A 483 8.09 -19.62 74.33
C CYS A 483 8.11 -19.98 72.86
N LEU A 484 9.30 -20.01 72.27
CA LEU A 484 9.47 -20.32 70.86
C LEU A 484 9.70 -21.81 70.68
N ASP A 485 9.26 -22.33 69.53
CA ASP A 485 9.44 -23.73 69.20
C ASP A 485 10.74 -23.97 68.43
N LEU A 486 10.90 -23.31 67.28
CA LEU A 486 12.03 -23.54 66.42
C LEU A 486 12.59 -22.20 65.95
N ASP A 487 13.85 -22.22 65.53
CA ASP A 487 14.54 -21.04 65.03
C ASP A 487 14.64 -21.10 63.51
N SER A 488 14.41 -19.95 62.86
CA SER A 488 14.30 -19.90 61.42
C SER A 488 15.20 -18.80 60.86
N ARG A 489 15.77 -19.06 59.70
CA ARG A 489 16.65 -18.11 59.02
C ARG A 489 16.32 -18.09 57.54
N MET A 490 16.13 -16.90 56.98
CA MET A 490 15.98 -16.74 55.54
C MET A 490 17.33 -16.39 54.94
N TYR A 491 17.79 -17.23 54.00
CA TYR A 491 19.04 -17.14 53.27
C TYR A 491 20.28 -16.99 54.15
N PRO A 492 20.73 -18.02 54.85
CA PRO A 492 22.05 -17.94 55.49
C PRO A 492 23.13 -18.24 54.47
N SER A 493 24.37 -18.06 54.90
CA SER A 493 25.49 -18.63 54.18
C SER A 493 25.70 -20.07 54.64
N VAL A 494 26.53 -20.80 53.88
CA VAL A 494 26.85 -22.16 54.28
C VAL A 494 27.80 -22.16 55.48
N LYS A 495 28.54 -21.06 55.68
CA LYS A 495 29.36 -20.90 56.87
C LYS A 495 28.52 -20.58 58.10
N GLU A 496 27.39 -19.89 57.89
CA GLU A 496 26.59 -19.42 59.03
C GLU A 496 25.86 -20.56 59.73
N ILE A 497 25.35 -21.53 58.96
CA ILE A 497 24.62 -22.62 59.60
C ILE A 497 25.58 -23.60 60.27
N GLU A 498 26.81 -23.76 59.76
CA GLU A 498 27.76 -24.59 60.46
C GLU A 498 28.42 -23.84 61.62
N ARG A 499 28.32 -22.52 61.66
CA ARG A 499 28.58 -21.83 62.91
C ARG A 499 27.48 -22.11 63.93
N TYR A 500 26.22 -22.05 63.49
CA TYR A 500 25.10 -22.27 64.41
C TYR A 500 25.08 -23.68 64.96
N ALA A 501 25.50 -24.67 64.16
CA ALA A 501 25.38 -26.06 64.57
C ALA A 501 26.39 -26.43 65.64
N LEU A 502 27.59 -25.87 65.58
CA LEU A 502 28.65 -26.25 66.52
C LEU A 502 28.55 -25.51 67.85
N ASP A 503 27.69 -24.52 67.98
CA ASP A 503 27.59 -23.76 69.20
C ASP A 503 26.84 -24.54 70.28
N GLU A 504 27.10 -24.18 71.53
CA GLU A 504 26.46 -24.80 72.68
C GLU A 504 25.30 -23.99 73.23
N ASN A 505 25.17 -22.72 72.84
CA ASN A 505 24.02 -21.90 73.19
C ASN A 505 22.86 -22.08 72.22
N SER A 506 22.93 -23.08 71.35
CA SER A 506 21.87 -23.38 70.39
C SER A 506 21.04 -24.51 70.97
N THR A 507 19.89 -24.17 71.55
CA THR A 507 19.00 -25.15 72.15
C THR A 507 17.82 -25.50 71.26
N LYS A 508 17.65 -24.82 70.13
CA LYS A 508 16.54 -25.05 69.22
C LYS A 508 17.07 -25.51 67.87
N PRO A 509 16.33 -26.37 67.16
CA PRO A 509 16.76 -26.78 65.82
C PRO A 509 16.61 -25.64 64.82
N LEU A 510 17.42 -25.72 63.77
CA LEU A 510 17.49 -24.68 62.75
C LEU A 510 16.80 -25.15 61.48
N PHE A 511 15.87 -24.35 60.98
CA PHE A 511 15.11 -24.64 59.78
C PHE A 511 15.39 -23.57 58.74
N LEU A 512 15.93 -23.98 57.60
CA LEU A 512 16.19 -23.05 56.49
C LEU A 512 14.86 -22.63 55.89
N CYS A 513 14.50 -21.37 56.06
CA CYS A 513 13.14 -20.92 55.79
C CYS A 513 12.87 -20.83 54.29
N GLU A 514 13.68 -20.06 53.57
CA GLU A 514 13.48 -19.81 52.13
C GLU A 514 14.80 -19.81 51.39
N TYR A 515 15.65 -20.82 51.64
CA TYR A 515 17.02 -20.81 51.15
C TYR A 515 17.09 -21.11 49.65
N SER A 516 18.23 -20.74 49.06
CA SER A 516 18.64 -21.07 47.68
C SER A 516 17.63 -20.57 46.64
N HIS A 517 17.61 -19.25 46.49
CA HIS A 517 16.77 -18.58 45.49
C HIS A 517 17.11 -19.09 44.09
N ALA A 518 16.09 -19.58 43.38
CA ALA A 518 16.27 -20.25 42.10
C ALA A 518 16.01 -19.32 40.93
N MET A 519 16.38 -18.05 41.05
CA MET A 519 16.08 -17.05 40.03
C MET A 519 17.06 -17.18 38.89
N GLY A 520 16.60 -17.73 37.77
CA GLY A 520 17.41 -17.75 36.56
C GLY A 520 17.90 -19.11 36.12
N ASN A 521 19.22 -19.27 36.06
CA ASN A 521 19.85 -20.48 35.52
C ASN A 521 20.18 -21.46 36.64
N GLY A 522 19.16 -21.86 37.38
CA GLY A 522 19.30 -22.88 38.39
C GLY A 522 19.90 -22.37 39.68
N PRO A 523 19.66 -23.08 40.77
CA PRO A 523 20.29 -22.72 42.05
C PRO A 523 21.75 -23.15 42.08
N GLY A 524 22.63 -22.23 42.46
CA GLY A 524 23.99 -22.60 42.75
C GLY A 524 24.12 -23.20 44.14
N ASP A 525 25.34 -23.70 44.42
CA ASP A 525 25.87 -24.24 45.68
C ASP A 525 24.85 -24.98 46.55
N LEU A 526 24.10 -25.87 45.94
CA LEU A 526 23.03 -26.59 46.62
C LEU A 526 23.53 -27.84 47.31
N GLN A 527 24.60 -28.44 46.80
CA GLN A 527 25.25 -29.56 47.46
C GLN A 527 25.93 -29.12 48.76
N ASP A 528 26.35 -27.86 48.81
CA ASP A 528 27.07 -27.33 49.97
C ASP A 528 26.20 -27.26 51.21
N TYR A 529 24.91 -26.91 51.05
CA TYR A 529 24.02 -26.88 52.19
C TYR A 529 23.76 -28.29 52.72
N TRP A 530 23.55 -29.25 51.83
CA TRP A 530 23.15 -30.57 52.29
C TRP A 530 24.33 -31.41 52.79
N ASN A 531 25.55 -31.08 52.37
CA ASN A 531 26.73 -31.74 52.95
C ASN A 531 26.88 -31.45 54.44
N VAL A 532 26.40 -30.30 54.91
CA VAL A 532 26.45 -30.00 56.33
C VAL A 532 25.11 -30.21 57.03
N ILE A 533 24.00 -30.28 56.29
CA ILE A 533 22.74 -30.69 56.90
C ILE A 533 22.78 -32.17 57.26
N TYR A 534 23.37 -32.99 56.39
CA TYR A 534 23.42 -34.43 56.63
C TYR A 534 24.32 -34.80 57.81
N ARG A 535 25.52 -34.21 57.88
CA ARG A 535 26.47 -34.65 58.90
C ARG A 535 26.19 -34.06 60.28
N TYR A 536 25.29 -33.10 60.39
CA TYR A 536 25.01 -32.47 61.67
C TYR A 536 23.59 -32.74 62.13
N PRO A 537 23.37 -32.96 63.43
CA PRO A 537 22.05 -32.74 64.01
C PRO A 537 21.83 -31.25 64.25
N LYS A 538 20.73 -30.89 64.92
CA LYS A 538 20.25 -29.51 65.13
C LYS A 538 19.92 -28.80 63.82
N LEU A 539 19.74 -29.55 62.73
CA LEU A 539 19.47 -28.99 61.41
C LEU A 539 18.38 -29.85 60.79
N MET A 540 17.17 -29.30 60.69
CA MET A 540 15.98 -30.07 60.32
C MET A 540 15.60 -29.89 58.85
N GLY A 541 16.48 -29.36 58.02
CA GLY A 541 16.20 -29.26 56.60
C GLY A 541 15.64 -27.90 56.22
N GLY A 542 14.98 -27.87 55.07
CA GLY A 542 14.44 -26.60 54.61
C GLY A 542 13.61 -26.71 53.35
N CYS A 543 13.22 -25.48 52.91
CA CYS A 543 12.38 -25.26 51.71
C CYS A 543 12.98 -24.35 50.61
N VAL A 544 13.36 -24.86 49.43
CA VAL A 544 13.89 -24.07 48.25
C VAL A 544 12.90 -23.06 47.78
N TRP A 545 13.33 -21.90 47.31
CA TRP A 545 12.37 -20.80 47.06
C TRP A 545 11.22 -21.13 46.21
N GLU A 546 11.31 -21.16 44.91
CA GLU A 546 10.04 -21.45 44.32
C GLU A 546 9.79 -22.66 43.49
N TRP A 547 8.59 -23.19 43.50
CA TRP A 547 8.22 -24.28 42.62
C TRP A 547 8.08 -23.82 41.22
N CYS A 548 7.17 -22.93 40.89
CA CYS A 548 6.99 -22.40 39.55
C CYS A 548 7.33 -21.02 39.12
N ASP A 549 7.41 -20.77 37.82
CA ASP A 549 7.60 -19.47 37.28
C ASP A 549 6.22 -18.87 37.13
N HIS A 550 6.05 -17.60 37.41
CA HIS A 550 4.71 -17.07 37.42
C HIS A 550 4.33 -16.36 36.17
N GLY A 551 5.11 -16.48 35.14
CA GLY A 551 4.85 -15.86 33.86
C GLY A 551 3.47 -16.22 33.36
N ILE A 552 2.76 -15.22 32.84
CA ILE A 552 1.38 -15.43 32.41
C ILE A 552 1.37 -15.53 30.89
N ALA A 553 0.48 -16.37 30.36
CA ALA A 553 0.49 -16.70 28.95
C ALA A 553 -0.05 -15.53 28.14
N ALA A 554 0.72 -15.06 27.16
CA ALA A 554 0.35 -13.88 26.41
C ALA A 554 0.63 -14.10 24.93
N GLU A 555 -0.23 -13.50 24.11
CA GLU A 555 -0.07 -13.48 22.67
C GLU A 555 0.70 -12.24 22.23
N THR A 556 1.37 -12.37 21.11
CA THR A 556 1.96 -11.30 20.35
C THR A 556 1.11 -11.04 19.11
N PRO A 557 1.25 -9.87 18.44
CA PRO A 557 0.52 -9.68 17.18
C PRO A 557 1.01 -10.48 15.98
N ASP A 558 1.95 -11.41 16.17
CA ASP A 558 2.43 -12.25 15.08
C ASP A 558 2.03 -13.72 15.23
N GLY A 559 1.63 -14.16 16.41
CA GLY A 559 1.17 -15.52 16.60
C GLY A 559 2.24 -16.50 17.05
N GLN A 560 3.08 -16.09 17.99
CA GLN A 560 4.16 -16.92 18.54
C GLN A 560 4.15 -16.81 20.07
N ARG A 561 2.97 -17.14 20.63
CA ARG A 561 2.58 -17.05 22.05
C ARG A 561 3.69 -17.40 23.03
N TYR A 562 3.89 -16.53 24.02
CA TYR A 562 4.99 -16.62 24.96
C TYR A 562 4.50 -16.44 26.38
N TYR A 563 5.42 -16.36 27.34
CA TYR A 563 5.09 -16.08 28.72
C TYR A 563 5.64 -14.71 29.10
N ALA A 564 4.77 -13.83 29.56
CA ALA A 564 5.15 -12.48 29.94
C ALA A 564 5.33 -12.38 31.44
N TYR A 565 6.19 -11.47 31.84
CA TYR A 565 6.46 -11.13 33.23
C TYR A 565 6.05 -9.68 33.47
N GLY A 566 6.41 -9.16 34.64
CA GLY A 566 5.91 -7.86 35.06
C GLY A 566 6.48 -6.71 34.23
N GLY A 567 5.65 -5.69 34.03
CA GLY A 567 6.03 -4.56 33.22
C GLY A 567 5.67 -4.66 31.76
N ASP A 568 4.88 -5.65 31.37
CA ASP A 568 4.48 -5.83 29.99
C ASP A 568 3.05 -5.39 29.73
N PHE A 569 2.41 -4.72 30.70
CA PHE A 569 1.03 -4.29 30.56
C PHE A 569 0.84 -2.83 30.97
N GLY A 570 1.92 -2.07 31.08
CA GLY A 570 1.82 -0.69 31.51
C GLY A 570 1.54 -0.50 32.99
N ASP A 571 1.77 -1.55 33.79
CA ASP A 571 1.47 -1.50 35.21
C ASP A 571 2.60 -0.86 36.00
N GLN A 572 2.23 -0.09 37.02
CA GLN A 572 3.18 0.60 37.87
C GLN A 572 2.89 0.22 39.32
N PRO A 573 3.90 -0.24 40.08
CA PRO A 573 5.31 -0.34 39.69
C PRO A 573 5.68 -1.69 39.07
N ASN A 574 6.77 -1.72 38.31
CA ASN A 574 7.25 -2.94 37.69
C ASN A 574 8.39 -3.56 38.48
N ASP A 575 8.25 -4.84 38.84
CA ASP A 575 9.30 -5.58 39.54
C ASP A 575 9.45 -6.68 38.56
N ARG A 576 9.95 -6.38 37.37
CA ARG A 576 10.01 -7.32 36.26
C ARG A 576 10.30 -8.79 36.14
N ASN A 577 11.44 -9.27 36.61
CA ASN A 577 11.87 -10.64 36.42
C ASN A 577 11.96 -11.24 37.82
N PHE A 578 11.51 -10.50 38.84
CA PHE A 578 11.46 -11.02 40.21
C PHE A 578 10.37 -12.08 40.38
N CYS A 579 9.46 -12.22 39.43
CA CYS A 579 8.37 -13.18 39.53
C CYS A 579 8.71 -14.54 38.97
N ILE A 580 9.82 -14.69 38.25
CA ILE A 580 10.03 -15.93 37.52
C ILE A 580 10.52 -17.00 38.48
N ASP A 581 11.78 -16.90 38.92
CA ASP A 581 12.44 -17.54 40.07
C ASP A 581 11.93 -18.91 40.52
N GLY A 582 11.73 -19.84 39.59
CA GLY A 582 11.09 -21.10 39.89
C GLY A 582 11.90 -22.30 39.40
N LEU A 583 11.43 -23.48 39.81
CA LEU A 583 12.08 -24.73 39.44
C LEU A 583 11.45 -25.39 38.23
N VAL A 584 10.24 -25.00 37.83
CA VAL A 584 9.59 -25.52 36.65
C VAL A 584 9.14 -24.36 35.77
N PHE A 585 8.98 -24.65 34.49
CA PHE A 585 8.38 -23.73 33.54
C PHE A 585 6.89 -23.56 33.84
N PRO A 586 6.24 -22.49 33.36
CA PRO A 586 4.80 -22.33 33.61
C PRO A 586 3.92 -23.40 32.98
N ASP A 587 4.37 -24.11 31.95
CA ASP A 587 3.69 -25.30 31.47
C ASP A 587 4.22 -26.58 32.10
N ARG A 588 4.86 -26.46 33.27
CA ARG A 588 5.29 -27.56 34.14
C ARG A 588 6.31 -28.47 33.48
N ARG A 589 7.21 -27.87 32.69
CA ARG A 589 8.40 -28.57 32.26
C ARG A 589 9.53 -28.34 33.26
N PRO A 590 10.29 -29.37 33.61
CA PRO A 590 11.35 -29.19 34.61
C PRO A 590 12.54 -28.43 34.05
N HIS A 591 13.05 -27.50 34.85
CA HIS A 591 14.36 -26.92 34.60
C HIS A 591 15.44 -27.91 34.98
N THR A 592 16.70 -27.51 34.75
CA THR A 592 17.81 -28.31 35.25
C THR A 592 18.00 -28.16 36.74
N GLY A 593 17.30 -27.24 37.40
CA GLY A 593 17.37 -27.08 38.84
C GLY A 593 16.58 -28.11 39.63
N LEU A 594 15.59 -28.75 39.01
CA LEU A 594 14.95 -29.89 39.66
C LEU A 594 15.86 -31.11 39.71
N LEU A 595 16.65 -31.30 38.67
CA LEU A 595 17.48 -32.50 38.61
C LEU A 595 18.63 -32.41 39.59
N GLU A 596 19.14 -31.19 39.81
CA GLU A 596 20.12 -30.94 40.86
C GLU A 596 19.57 -31.29 42.22
N LEU A 597 18.36 -30.80 42.52
CA LEU A 597 17.72 -31.08 43.80
C LEU A 597 17.43 -32.56 43.95
N LYS A 598 16.97 -33.20 42.88
CA LYS A 598 16.65 -34.64 42.89
C LYS A 598 17.87 -35.48 43.22
N GLN A 599 19.03 -35.11 42.68
CA GLN A 599 20.22 -35.86 43.04
C GLN A 599 20.71 -35.52 44.45
N VAL A 600 20.56 -34.27 44.88
CA VAL A 600 21.09 -33.87 46.18
C VAL A 600 20.31 -34.50 47.32
N ILE A 601 18.99 -34.53 47.25
CA ILE A 601 18.18 -35.01 48.36
C ILE A 601 17.71 -36.45 48.16
N ALA A 602 18.44 -37.24 47.36
CA ALA A 602 18.07 -38.62 47.10
C ALA A 602 18.25 -39.46 48.37
N PRO A 603 17.34 -40.40 48.64
CA PRO A 603 17.36 -41.10 49.93
C PRO A 603 18.25 -42.33 49.97
N VAL A 604 19.15 -42.49 49.01
CA VAL A 604 20.08 -43.61 48.96
C VAL A 604 21.45 -43.07 48.62
N LEU A 605 22.45 -43.42 49.44
CA LEU A 605 23.83 -43.04 49.16
C LEU A 605 24.66 -44.29 48.85
N ILE A 606 25.56 -44.19 47.88
CA ILE A 606 26.48 -45.27 47.55
C ILE A 606 27.91 -44.71 47.57
N GLU A 607 28.80 -45.38 48.30
CA GLU A 607 30.18 -44.94 48.37
C GLU A 607 31.11 -46.15 48.35
N ALA A 608 32.41 -45.88 48.22
CA ALA A 608 33.39 -46.90 47.86
C ALA A 608 33.88 -47.67 49.07
N GLU A 609 34.09 -48.97 48.88
CA GLU A 609 34.50 -49.92 49.91
C GLU A 609 35.59 -50.83 49.32
N ASP A 610 36.68 -50.21 48.87
CA ASP A 610 37.75 -50.83 48.06
C ASP A 610 37.19 -51.32 46.71
N VAL A 611 36.93 -50.33 45.87
CA VAL A 611 36.33 -50.46 44.54
C VAL A 611 37.08 -51.40 43.60
N ALA A 612 38.34 -51.72 43.89
CA ALA A 612 39.11 -52.64 43.05
C ALA A 612 38.54 -54.05 43.13
N GLN A 613 38.09 -54.48 44.31
CA GLN A 613 37.40 -55.75 44.42
C GLN A 613 35.99 -55.66 43.88
N GLY A 614 35.29 -54.56 44.18
CA GLY A 614 33.93 -54.37 43.70
C GLY A 614 32.92 -54.30 44.82
N ARG A 615 33.35 -53.83 45.99
CA ARG A 615 32.50 -53.79 47.18
C ARG A 615 32.11 -52.34 47.47
N PHE A 616 30.86 -52.15 47.90
CA PHE A 616 30.28 -50.82 48.00
C PHE A 616 29.40 -50.69 49.23
N ARG A 617 29.49 -49.54 49.89
CA ARG A 617 28.61 -49.20 51.00
C ARG A 617 27.34 -48.52 50.46
N VAL A 618 26.19 -48.99 50.92
CA VAL A 618 24.90 -48.44 50.56
C VAL A 618 24.24 -47.96 51.84
N LEU A 619 24.04 -46.65 51.95
CA LEU A 619 23.42 -46.01 53.10
C LEU A 619 21.96 -45.69 52.81
N ASN A 620 21.09 -46.08 53.73
CA ASN A 620 19.66 -45.77 53.68
C ASN A 620 19.45 -44.42 54.33
N ARG A 621 18.86 -43.49 53.58
CA ARG A 621 18.48 -42.18 54.10
C ARG A 621 16.98 -41.98 54.15
N TYR A 622 16.19 -43.05 54.02
CA TYR A 622 14.79 -42.96 54.38
C TYR A 622 14.66 -42.84 55.90
N ASP A 623 13.48 -42.41 56.34
CA ASP A 623 13.21 -42.30 57.76
C ASP A 623 12.42 -43.48 58.29
N PHE A 624 11.61 -44.11 57.46
CA PHE A 624 10.74 -45.19 57.90
C PHE A 624 10.70 -46.37 56.94
N SER A 625 11.40 -46.31 55.81
CA SER A 625 11.29 -47.31 54.78
C SER A 625 12.61 -48.05 54.59
N ASN A 626 12.53 -49.37 54.47
CA ASN A 626 13.69 -50.15 54.06
C ASN A 626 13.84 -50.11 52.55
N LEU A 627 14.96 -50.65 52.06
CA LEU A 627 15.32 -50.53 50.65
C LEU A 627 14.92 -51.76 49.85
N SER A 628 13.87 -52.46 50.25
CA SER A 628 13.51 -53.73 49.62
C SER A 628 12.87 -53.55 48.25
N HIS A 629 12.54 -52.33 47.86
CA HIS A 629 11.91 -52.04 46.58
C HIS A 629 12.88 -51.47 45.56
N LEU A 630 14.19 -51.58 45.81
CA LEU A 630 15.19 -50.94 44.98
C LEU A 630 16.25 -51.96 44.58
N ALA A 631 16.94 -51.65 43.48
CA ALA A 631 18.14 -52.41 43.12
C ALA A 631 19.10 -51.47 42.42
N VAL A 632 20.30 -51.99 42.15
CA VAL A 632 21.39 -51.21 41.57
C VAL A 632 21.74 -51.82 40.23
N SER A 633 21.62 -51.02 39.17
CA SER A 633 22.06 -51.41 37.84
C SER A 633 23.42 -50.77 37.60
N TRP A 634 24.43 -51.59 37.36
CA TRP A 634 25.79 -51.10 37.20
C TRP A 634 26.25 -51.28 35.76
N LYS A 635 27.32 -50.56 35.41
CA LYS A 635 27.77 -50.50 34.02
C LYS A 635 29.22 -50.03 33.98
N LEU A 636 30.10 -50.84 33.39
CA LEU A 636 31.47 -50.43 33.09
C LEU A 636 31.57 -49.93 31.67
N GLU A 637 32.28 -48.82 31.49
CA GLU A 637 32.46 -48.31 30.15
C GLU A 637 33.81 -47.63 30.02
N GLN A 638 34.23 -47.49 28.77
CA GLN A 638 35.45 -46.77 28.42
C GLN A 638 35.13 -45.81 27.28
N GLU A 639 35.29 -44.51 27.57
CA GLU A 639 35.04 -43.40 26.64
C GLU A 639 33.62 -43.46 26.08
N GLY A 640 32.67 -43.79 26.95
CA GLY A 640 31.28 -43.90 26.57
C GLY A 640 30.88 -45.20 25.90
N ASP A 641 31.79 -46.16 25.78
CA ASP A 641 31.47 -47.43 25.14
C ASP A 641 31.43 -48.54 26.20
N VAL A 642 30.32 -49.26 26.25
CA VAL A 642 30.05 -50.19 27.35
C VAL A 642 30.82 -51.48 27.15
N LEU A 643 31.40 -52.00 28.24
CA LEU A 643 32.11 -53.27 28.25
C LEU A 643 31.31 -54.36 28.93
N GLN A 644 30.89 -54.12 30.17
CA GLN A 644 30.16 -55.10 30.98
C GLN A 644 28.99 -54.40 31.64
N GLN A 645 27.95 -55.17 31.97
CA GLN A 645 26.82 -54.62 32.70
C GLN A 645 26.10 -55.73 33.45
N GLY A 646 25.30 -55.32 34.43
CA GLY A 646 24.53 -56.26 35.22
C GLY A 646 23.61 -55.54 36.17
N ARG A 647 22.97 -56.31 37.04
CA ARG A 647 22.07 -55.76 38.05
C ARG A 647 22.21 -56.58 39.33
N SER A 648 22.20 -55.91 40.47
CA SER A 648 22.23 -56.62 41.74
C SER A 648 20.87 -57.26 42.03
N GLY A 649 20.82 -58.08 43.08
CA GLY A 649 19.58 -58.73 43.41
C GLY A 649 18.54 -57.79 43.99
N LEU A 650 18.73 -57.39 45.25
CA LEU A 650 17.88 -56.41 45.93
C LEU A 650 18.66 -55.85 47.10
N LEU A 651 18.13 -54.76 47.65
CA LEU A 651 18.72 -54.09 48.80
C LEU A 651 17.85 -54.34 50.02
N THR A 652 18.44 -54.27 51.22
CA THR A 652 17.77 -54.71 52.43
C THR A 652 17.89 -53.78 53.63
N ALA A 653 18.50 -52.60 53.48
CA ALA A 653 18.94 -51.83 54.64
C ALA A 653 17.77 -51.16 55.35
N ALA A 654 17.75 -51.28 56.67
CA ALA A 654 16.80 -50.58 57.53
C ALA A 654 17.14 -49.09 57.57
N PRO A 655 16.18 -48.23 57.93
CA PRO A 655 16.44 -46.77 57.93
C PRO A 655 17.57 -46.34 58.85
N GLY A 656 18.59 -45.73 58.25
CA GLY A 656 19.76 -45.26 58.97
C GLY A 656 20.94 -46.21 58.95
N GLU A 657 20.83 -47.34 58.26
CA GLU A 657 21.83 -48.39 58.35
C GLU A 657 22.53 -48.57 57.00
N THR A 658 23.67 -49.25 57.05
CA THR A 658 24.56 -49.39 55.90
C THR A 658 24.67 -50.86 55.53
N GLU A 659 24.56 -51.13 54.22
CA GLU A 659 24.65 -52.46 53.64
C GLU A 659 25.91 -52.52 52.79
N ILE A 660 26.46 -53.72 52.61
CA ILE A 660 27.60 -53.94 51.72
C ILE A 660 27.12 -54.76 50.53
N ILE A 661 27.33 -54.24 49.32
CA ILE A 661 27.01 -54.99 48.11
C ILE A 661 28.30 -55.26 47.36
N SER A 662 28.25 -56.27 46.49
CA SER A 662 29.41 -56.70 45.72
C SER A 662 29.00 -56.91 44.27
N LEU A 663 29.70 -56.24 43.35
CA LEU A 663 29.33 -56.27 41.94
C LEU A 663 30.29 -57.17 41.18
N PRO A 664 29.79 -58.06 40.34
CA PRO A 664 30.63 -59.16 39.81
C PRO A 664 31.50 -58.81 38.60
N TYR A 665 31.78 -57.53 38.35
CA TYR A 665 32.56 -57.16 37.18
C TYR A 665 34.02 -57.62 37.31
N ASP A 666 34.68 -57.74 36.16
CA ASP A 666 36.00 -58.33 36.05
C ASP A 666 36.97 -57.31 35.48
N LEU A 667 38.04 -57.03 36.21
CA LEU A 667 39.05 -56.08 35.78
C LEU A 667 40.13 -56.71 34.91
N THR A 668 40.20 -58.04 34.84
CA THR A 668 41.22 -58.68 34.02
C THR A 668 40.90 -58.53 32.54
N VAL A 669 39.65 -58.80 32.16
CA VAL A 669 39.24 -58.74 30.77
C VAL A 669 39.14 -57.29 30.31
N ALA A 670 38.61 -56.42 31.17
CA ALA A 670 38.27 -55.06 30.76
C ALA A 670 39.49 -54.17 30.59
N GLN A 671 40.50 -54.31 31.46
CA GLN A 671 41.65 -53.43 31.42
C GLN A 671 42.56 -53.71 30.23
N GLU A 672 42.56 -54.94 29.74
CA GLU A 672 43.39 -55.31 28.58
C GLU A 672 42.63 -55.14 27.27
N GLU A 673 42.01 -53.98 27.07
CA GLU A 673 41.33 -53.67 25.83
C GLU A 673 41.96 -52.48 25.11
N GLY A 674 42.09 -51.33 25.79
CA GLY A 674 42.70 -50.16 25.18
C GLY A 674 43.60 -49.38 26.13
N THR A 675 43.72 -49.81 27.40
CA THR A 675 44.54 -49.18 28.43
C THR A 675 44.17 -47.71 28.65
N GLY A 676 42.93 -47.50 29.06
CA GLY A 676 42.46 -46.18 29.43
C GLY A 676 41.78 -46.20 30.79
N PRO A 677 41.35 -45.03 31.27
CA PRO A 677 40.57 -44.99 32.50
C PRO A 677 39.15 -45.49 32.27
N LEU A 678 38.68 -46.33 33.18
CA LEU A 678 37.34 -46.91 33.07
C LEU A 678 36.39 -46.20 34.02
N THR A 679 35.11 -46.19 33.67
CA THR A 679 34.09 -45.53 34.48
C THR A 679 33.00 -46.53 34.81
N LEU A 680 32.73 -46.68 36.10
CA LEU A 680 31.60 -47.48 36.58
C LEU A 680 30.46 -46.55 36.94
N THR A 681 29.26 -46.90 36.51
CA THR A 681 28.05 -46.16 36.84
C THR A 681 27.11 -47.10 37.57
N CYS A 682 26.62 -46.67 38.74
CA CYS A 682 25.66 -47.42 39.54
C CYS A 682 24.41 -46.58 39.68
N SER A 683 23.30 -47.06 39.14
CA SER A 683 22.04 -46.34 39.17
C SER A 683 21.03 -47.09 40.02
N VAL A 684 20.42 -46.39 40.97
CA VAL A 684 19.46 -46.96 41.90
C VAL A 684 18.09 -46.86 41.24
N ARG A 685 17.55 -48.01 40.82
CA ARG A 685 16.29 -48.04 40.11
C ARG A 685 15.28 -48.86 40.91
N GLN A 686 14.03 -48.41 40.88
CA GLN A 686 13.00 -49.07 41.66
C GLN A 686 12.50 -50.31 40.95
N GLN A 687 11.56 -51.02 41.57
CA GLN A 687 11.18 -52.35 41.10
C GLN A 687 9.69 -52.54 40.88
N LEU A 688 8.85 -51.67 41.42
CA LEU A 688 7.40 -51.81 41.31
C LEU A 688 6.82 -50.49 40.82
N ASP A 689 5.62 -50.56 40.27
CA ASP A 689 4.95 -49.36 39.79
C ASP A 689 4.37 -48.59 40.96
N THR A 690 4.87 -47.39 41.19
CA THR A 690 4.25 -46.42 42.05
C THR A 690 3.13 -45.73 41.28
N PRO A 691 2.22 -45.01 41.96
CA PRO A 691 1.24 -44.21 41.22
C PRO A 691 1.82 -43.04 40.43
N TRP A 692 3.08 -42.67 40.66
CA TRP A 692 3.72 -41.58 39.96
C TRP A 692 4.85 -42.00 39.02
N ALA A 693 5.30 -43.24 39.09
CA ALA A 693 6.42 -43.68 38.28
C ALA A 693 6.30 -45.16 37.96
N GLU A 694 6.96 -45.58 36.89
CA GLU A 694 6.86 -46.92 36.36
C GLU A 694 7.92 -47.82 37.02
N GLU A 695 8.17 -48.99 36.42
CA GLU A 695 9.01 -50.00 37.07
C GLU A 695 10.47 -49.59 37.11
N GLY A 696 11.09 -49.35 35.96
CA GLY A 696 12.52 -49.14 35.95
C GLY A 696 12.98 -47.72 36.18
N TYR A 697 12.23 -46.95 36.96
CA TYR A 697 12.51 -45.53 37.12
C TYR A 697 13.66 -45.31 38.10
N GLU A 698 14.51 -44.34 37.78
CA GLU A 698 15.76 -44.13 38.48
C GLU A 698 15.63 -43.05 39.54
N ILE A 699 16.18 -43.32 40.72
CA ILE A 699 16.17 -42.39 41.83
C ILE A 699 17.49 -41.65 41.97
N ALA A 700 18.61 -42.36 41.88
CA ALA A 700 19.91 -41.74 42.06
C ALA A 700 20.93 -42.44 41.16
N PHE A 701 22.08 -41.79 40.98
CA PHE A 701 23.19 -42.37 40.25
C PHE A 701 24.49 -41.98 40.93
N TYR A 702 25.49 -42.86 40.84
CA TYR A 702 26.80 -42.61 41.41
C TYR A 702 27.85 -43.18 40.47
N GLN A 703 28.86 -42.39 40.15
CA GLN A 703 29.92 -42.82 39.25
C GLN A 703 31.26 -42.92 39.97
N PHE A 704 32.10 -43.83 39.47
CA PHE A 704 33.38 -44.16 40.09
C PHE A 704 34.43 -44.36 39.01
N GLU A 705 35.61 -43.78 39.24
CA GLU A 705 36.73 -43.95 38.32
C GLU A 705 37.55 -45.18 38.68
N LEU A 706 37.98 -45.92 37.67
CA LEU A 706 38.78 -47.12 37.86
C LEU A 706 40.06 -46.97 37.03
N PRO A 707 41.23 -46.98 37.65
CA PRO A 707 42.48 -46.85 36.89
C PRO A 707 42.84 -48.13 36.17
N GLY A 708 43.27 -47.97 34.93
CA GLY A 708 43.70 -49.09 34.10
C GLY A 708 44.67 -48.62 33.02
N GLN A 719 54.46 -37.66 8.10
CA GLN A 719 54.43 -39.11 8.19
C GLN A 719 55.66 -39.72 7.52
N SER A 720 56.71 -39.90 8.32
CA SER A 720 58.00 -40.49 7.92
C SER A 720 58.64 -39.72 6.77
N GLU A 721 58.50 -38.39 6.81
CA GLU A 721 58.95 -37.45 5.78
C GLU A 721 58.34 -37.80 4.42
N GLU A 722 57.02 -37.61 4.36
CA GLU A 722 56.28 -37.72 3.11
C GLU A 722 55.40 -36.53 2.83
N TYR A 723 54.99 -35.77 3.84
CA TYR A 723 54.03 -34.68 3.65
C TYR A 723 54.60 -33.34 4.07
N ALA A 724 55.89 -33.27 4.37
CA ALA A 724 56.54 -32.00 4.67
C ALA A 724 56.99 -31.26 3.43
N GLY A 725 56.90 -31.86 2.25
CA GLY A 725 57.27 -31.22 1.02
C GLY A 725 56.16 -30.47 0.33
N PHE A 726 54.93 -30.62 0.79
CA PHE A 726 53.77 -29.93 0.23
C PHE A 726 53.45 -28.66 1.00
N MET A 727 54.29 -28.27 1.95
CA MET A 727 54.03 -27.13 2.82
C MET A 727 54.53 -25.86 2.13
N THR A 728 53.60 -24.98 1.75
CA THR A 728 53.94 -23.70 1.14
C THR A 728 53.34 -22.56 1.94
N ILE A 729 54.07 -21.45 2.00
CA ILE A 729 53.73 -20.29 2.82
C ILE A 729 53.90 -19.05 1.97
N ASP A 730 52.91 -18.15 2.01
CA ASP A 730 53.12 -16.82 1.45
C ASP A 730 52.37 -15.77 2.27
N GLU A 731 52.69 -14.50 1.99
CA GLU A 731 52.14 -13.38 2.73
C GLU A 731 51.89 -12.22 1.78
N GLN A 732 50.64 -11.75 1.73
CA GLN A 732 50.29 -10.55 0.98
C GLN A 732 49.32 -9.74 1.81
N ASP A 733 49.66 -8.46 2.02
CA ASP A 733 48.83 -7.48 2.76
C ASP A 733 48.57 -7.90 4.19
N GLY A 734 49.52 -8.60 4.81
CA GLY A 734 49.35 -9.09 6.15
C GLY A 734 48.60 -10.39 6.28
N MET A 735 48.16 -10.99 5.17
CA MET A 735 47.44 -12.25 5.19
C MET A 735 48.42 -13.39 4.98
N LEU A 736 48.68 -14.17 6.01
CA LEU A 736 49.59 -15.30 5.91
C LEU A 736 48.80 -16.52 5.48
N THR A 737 49.04 -16.99 4.27
CA THR A 737 48.38 -18.18 3.75
C THR A 737 49.34 -19.36 3.80
N VAL A 738 48.88 -20.45 4.41
CA VAL A 738 49.66 -21.67 4.61
C VAL A 738 48.90 -22.80 3.92
N ARG A 739 49.45 -23.32 2.84
CA ARG A 739 48.91 -24.50 2.17
C ARG A 739 49.73 -25.73 2.52
N GLY A 740 49.06 -26.87 2.56
CA GLY A 740 49.69 -28.13 2.88
C GLY A 740 49.28 -29.21 1.89
N PHE A 741 49.25 -30.44 2.39
CA PHE A 741 48.91 -31.57 1.55
C PHE A 741 47.42 -31.58 1.20
N ASP A 742 46.57 -31.39 2.20
CA ASP A 742 45.13 -31.38 1.96
C ASP A 742 44.43 -30.31 2.81
N PHE A 743 45.07 -29.17 3.01
CA PHE A 743 44.45 -28.10 3.78
C PHE A 743 44.93 -26.74 3.27
N GLU A 744 44.26 -25.69 3.73
CA GLU A 744 44.67 -24.32 3.45
C GLU A 744 44.13 -23.41 4.54
N HIS A 745 45.03 -22.69 5.20
CA HIS A 745 44.70 -21.89 6.37
C HIS A 745 45.18 -20.47 6.14
N VAL A 746 44.33 -19.49 6.41
CA VAL A 746 44.64 -18.08 6.21
C VAL A 746 44.55 -17.38 7.56
N PHE A 747 45.68 -16.87 8.02
CA PHE A 747 45.81 -16.08 9.24
C PHE A 747 45.91 -14.61 8.90
N ASP A 748 45.36 -13.77 9.77
CA ASP A 748 45.52 -12.34 9.66
C ASP A 748 46.61 -11.93 10.64
N LEU A 749 47.77 -11.52 10.12
CA LEU A 749 48.90 -11.22 11.00
C LEU A 749 48.71 -9.93 11.76
N LYS A 750 47.91 -9.01 11.24
CA LYS A 750 47.75 -7.72 11.92
C LYS A 750 46.66 -7.74 12.98
N LYS A 751 45.94 -8.85 13.14
CA LYS A 751 45.04 -9.02 14.26
C LYS A 751 45.32 -10.29 15.07
N GLY A 752 46.26 -11.12 14.64
CA GLY A 752 46.68 -12.27 15.43
C GLY A 752 45.68 -13.38 15.53
N MET A 753 44.86 -13.57 14.49
CA MET A 753 43.75 -14.52 14.52
C MET A 753 43.66 -15.26 13.21
N PRO A 754 43.24 -16.52 13.23
CA PRO A 754 42.92 -17.21 11.97
C PRO A 754 41.65 -16.68 11.35
N GLN A 755 41.67 -16.56 10.04
CA GLN A 755 40.53 -16.10 9.27
C GLN A 755 39.85 -17.20 8.48
N GLN A 756 40.62 -18.07 7.83
CA GLN A 756 40.06 -19.17 7.06
C GLN A 756 40.73 -20.48 7.45
N VAL A 757 39.93 -21.52 7.61
CA VAL A 757 40.42 -22.87 7.85
C VAL A 757 39.73 -23.79 6.85
N SER A 758 40.51 -24.50 6.05
CA SER A 758 39.94 -25.39 5.05
C SER A 758 40.49 -26.80 5.21
N LYS A 759 39.72 -27.76 4.70
CA LYS A 759 40.11 -29.17 4.70
C LYS A 759 39.41 -29.81 3.52
N HIS A 760 40.20 -30.29 2.55
CA HIS A 760 39.73 -30.80 1.26
C HIS A 760 38.86 -29.78 0.53
N GLY A 761 39.22 -28.50 0.66
CA GLY A 761 38.49 -27.44 0.02
C GLY A 761 37.26 -26.95 0.76
N VAL A 762 36.85 -27.63 1.82
CA VAL A 762 35.64 -27.28 2.55
C VAL A 762 35.95 -26.15 3.52
N PRO A 763 35.24 -25.01 3.46
CA PRO A 763 35.47 -23.96 4.45
C PRO A 763 34.87 -24.32 5.80
N LEU A 764 35.60 -24.01 6.86
CA LEU A 764 35.21 -24.39 8.21
C LEU A 764 35.06 -23.23 9.18
N LEU A 765 35.56 -22.04 8.85
CA LEU A 765 35.27 -20.82 9.59
C LEU A 765 34.51 -19.85 8.69
N ALA A 766 33.56 -19.14 9.28
CA ALA A 766 32.79 -18.16 8.52
C ALA A 766 33.38 -16.76 8.61
N SER A 767 34.02 -16.41 9.72
CA SER A 767 34.61 -15.10 9.86
C SER A 767 35.81 -15.20 10.80
N LEU A 768 36.28 -14.06 11.27
CA LEU A 768 37.50 -14.00 12.07
C LEU A 768 37.22 -14.45 13.50
N ALA A 769 38.17 -15.18 14.08
CA ALA A 769 38.08 -15.59 15.47
C ALA A 769 38.34 -14.40 16.40
N ARG A 770 37.98 -14.56 17.67
CA ARG A 770 38.39 -13.55 18.65
C ARG A 770 38.51 -14.17 20.03
N PHE A 771 39.06 -13.39 20.96
CA PHE A 771 38.97 -13.72 22.37
C PHE A 771 37.75 -13.02 22.96
N ASN A 772 37.11 -13.68 23.92
CA ASN A 772 35.87 -13.19 24.49
C ASN A 772 35.96 -13.27 26.01
N ILE A 773 35.55 -12.19 26.68
CA ILE A 773 35.56 -12.12 28.14
C ILE A 773 34.19 -11.68 28.66
N TRP A 774 33.15 -11.86 27.86
CA TRP A 774 31.81 -11.41 28.23
C TRP A 774 30.80 -12.53 28.01
N ARG A 775 29.91 -12.71 28.98
CA ARG A 775 28.78 -13.61 28.85
C ARG A 775 27.51 -12.82 29.08
N ALA A 776 26.40 -13.37 28.62
CA ALA A 776 25.11 -12.75 28.92
C ALA A 776 24.82 -12.95 30.40
N PRO A 777 24.55 -11.89 31.15
CA PRO A 777 24.46 -12.03 32.61
C PRO A 777 23.21 -12.76 33.03
N MET A 778 23.38 -13.64 34.01
CA MET A 778 22.30 -14.45 34.55
C MET A 778 21.44 -13.61 35.51
N ASP A 779 20.38 -14.21 36.02
CA ASP A 779 19.56 -13.51 37.00
C ASP A 779 20.17 -13.52 38.39
N ASN A 780 21.15 -14.40 38.64
CA ASN A 780 21.95 -14.35 39.86
C ASN A 780 23.12 -13.39 39.74
N ASP A 781 23.19 -12.61 38.68
CA ASP A 781 24.24 -11.63 38.47
C ASP A 781 23.65 -10.21 38.43
N MET A 782 22.69 -9.92 39.30
CA MET A 782 22.11 -8.58 39.31
C MET A 782 22.97 -7.55 40.01
N ASN A 783 23.85 -7.99 40.92
CA ASN A 783 24.68 -7.06 41.66
C ASN A 783 26.05 -6.87 41.02
N ILE A 784 26.62 -7.94 40.46
CA ILE A 784 27.93 -7.87 39.85
C ILE A 784 27.89 -7.26 38.45
N ARG A 785 26.70 -7.16 37.85
CA ARG A 785 26.59 -6.62 36.50
C ARG A 785 26.86 -5.13 36.46
N LYS A 786 26.56 -4.42 37.55
CA LYS A 786 26.85 -3.00 37.61
C LYS A 786 28.34 -2.73 37.65
N GLU A 787 29.11 -3.59 38.31
CA GLU A 787 30.56 -3.43 38.33
C GLU A 787 31.18 -3.84 36.99
N TRP A 788 30.63 -4.86 36.34
CA TRP A 788 31.10 -5.27 35.02
C TRP A 788 30.84 -4.21 33.97
N GLU A 789 29.64 -3.63 33.97
CA GLU A 789 29.32 -2.59 33.00
C GLU A 789 29.99 -1.27 33.36
N ALA A 790 30.22 -1.00 34.64
CA ALA A 790 30.92 0.22 35.02
C ALA A 790 32.41 0.12 34.71
N ALA A 791 32.98 -1.08 34.76
CA ALA A 791 34.39 -1.26 34.43
C ALA A 791 34.63 -1.35 32.94
N GLY A 792 33.58 -1.41 32.13
CA GLY A 792 33.74 -1.42 30.69
C GLY A 792 34.01 -2.78 30.07
N LEU A 793 33.63 -3.86 30.74
CA LEU A 793 33.82 -5.20 30.17
C LEU A 793 32.68 -5.59 29.23
N ASP A 794 31.78 -4.65 28.93
CA ASP A 794 30.63 -4.95 28.09
C ASP A 794 31.05 -5.23 26.66
N HIS A 795 32.04 -4.48 26.16
CA HIS A 795 32.57 -4.72 24.82
C HIS A 795 34.00 -4.20 24.73
N ALA A 796 34.94 -5.11 24.59
CA ALA A 796 36.36 -4.84 24.51
C ALA A 796 36.89 -5.24 23.14
N ALA A 797 38.01 -4.64 22.76
CA ALA A 797 38.65 -4.92 21.49
C ALA A 797 40.07 -5.43 21.74
N MET A 798 40.78 -5.70 20.66
CA MET A 798 42.09 -6.34 20.73
C MET A 798 43.13 -5.46 20.06
N LYS A 799 44.27 -5.29 20.71
CA LYS A 799 45.37 -4.47 20.22
C LYS A 799 46.61 -5.34 20.07
N VAL A 800 47.09 -5.49 18.84
CA VAL A 800 48.25 -6.31 18.56
C VAL A 800 49.50 -5.42 18.55
N TYR A 801 50.41 -5.70 19.48
CA TYR A 801 51.65 -4.92 19.58
C TYR A 801 52.67 -5.39 18.55
N ARG A 802 52.89 -6.70 18.45
CA ARG A 802 53.91 -7.24 17.58
C ARG A 802 53.49 -8.63 17.12
N SER A 803 53.67 -8.88 15.82
CA SER A 803 53.41 -10.18 15.22
C SER A 803 54.63 -10.64 14.45
N HIS A 804 54.92 -11.94 14.52
CA HIS A 804 56.10 -12.48 13.84
C HIS A 804 55.90 -13.95 13.52
N TRP A 805 56.19 -14.34 12.28
CA TRP A 805 56.04 -15.75 11.91
C TRP A 805 57.36 -16.32 11.42
N GLU A 806 57.48 -17.64 11.55
CA GLU A 806 58.69 -18.37 11.20
C GLU A 806 58.29 -19.62 10.43
N GLN A 807 59.26 -20.51 10.26
CA GLN A 807 59.01 -21.88 9.80
C GLN A 807 60.06 -22.75 10.46
N LYS A 808 59.61 -23.65 11.32
CA LYS A 808 60.51 -24.50 12.07
C LYS A 808 61.17 -25.52 11.14
N PRO A 809 62.32 -26.10 11.53
CA PRO A 809 62.96 -27.10 10.65
C PRO A 809 62.33 -28.48 10.66
N ASP A 810 61.00 -28.53 10.57
CA ASP A 810 60.23 -29.72 10.29
C ASP A 810 58.99 -29.36 9.48
N ALA A 811 59.07 -28.24 8.75
CA ALA A 811 57.96 -27.64 7.99
C ALA A 811 56.75 -27.37 8.88
N SER A 812 57.00 -26.79 10.04
CA SER A 812 55.95 -26.39 10.97
C SER A 812 56.01 -24.88 11.15
N VAL A 813 54.84 -24.25 11.22
CA VAL A 813 54.73 -22.80 11.20
C VAL A 813 54.36 -22.32 12.60
N GLU A 814 55.11 -21.35 13.10
CA GLU A 814 54.82 -20.71 14.38
C GLU A 814 54.56 -19.23 14.17
N ILE A 815 53.56 -18.70 14.87
CA ILE A 815 53.18 -17.30 14.81
C ILE A 815 53.15 -16.79 16.25
N HIS A 816 53.92 -15.73 16.52
CA HIS A 816 54.02 -15.15 17.85
C HIS A 816 53.31 -13.80 17.83
N VAL A 817 52.38 -13.60 18.76
CA VAL A 817 51.56 -12.40 18.83
C VAL A 817 51.64 -11.85 20.25
N ASP A 818 51.93 -10.56 20.38
CA ASP A 818 51.80 -9.85 21.65
C ASP A 818 50.54 -8.99 21.58
N PHE A 819 49.60 -9.22 22.49
CA PHE A 819 48.30 -8.59 22.37
C PHE A 819 47.90 -7.94 23.69
N SER A 820 46.72 -7.31 23.67
CA SER A 820 46.11 -6.70 24.85
C SER A 820 44.62 -6.52 24.60
N LEU A 821 43.80 -6.81 25.61
CA LEU A 821 42.36 -6.60 25.57
C LEU A 821 42.01 -5.33 26.31
N ALA A 822 41.27 -4.44 25.67
CA ALA A 822 40.97 -3.15 26.28
C ALA A 822 39.68 -2.58 25.71
N SER A 823 38.98 -1.84 26.56
CA SER A 823 37.85 -1.02 26.14
C SER A 823 38.28 0.43 26.11
N TYR A 824 37.35 1.31 25.76
CA TYR A 824 37.71 2.60 25.18
C TYR A 824 37.88 3.74 26.18
N ILE A 825 37.86 3.50 27.50
CA ILE A 825 38.15 4.63 28.40
C ILE A 825 39.29 4.29 29.36
N PHE A 826 39.40 3.03 29.74
CA PHE A 826 40.17 2.66 30.92
C PHE A 826 41.48 2.01 30.54
N GLU A 827 42.22 1.62 31.57
CA GLU A 827 43.43 0.82 31.43
C GLU A 827 43.06 -0.55 30.84
N PRO A 828 43.95 -1.16 30.05
CA PRO A 828 43.64 -2.46 29.46
C PRO A 828 43.45 -3.57 30.48
N PHE A 829 42.55 -4.50 30.14
CA PHE A 829 42.16 -5.55 31.08
C PHE A 829 43.18 -6.69 31.10
N VAL A 830 43.37 -7.33 29.97
CA VAL A 830 44.22 -8.52 29.85
C VAL A 830 45.41 -8.15 28.99
N ARG A 831 46.62 -8.49 29.44
CA ARG A 831 47.83 -8.40 28.64
C ARG A 831 48.45 -9.78 28.57
N GLY A 832 48.77 -10.22 27.36
CA GLY A 832 49.32 -11.54 27.22
C GLY A 832 50.02 -11.73 25.89
N ASN A 833 50.44 -12.96 25.64
CA ASN A 833 51.04 -13.33 24.38
C ASN A 833 50.61 -14.74 23.97
N ALA A 834 50.46 -14.93 22.66
CA ALA A 834 49.93 -16.16 22.11
C ALA A 834 50.86 -16.71 21.05
N VAL A 835 50.91 -18.03 20.95
CA VAL A 835 51.71 -18.73 19.95
C VAL A 835 50.78 -19.66 19.19
N TRP A 836 50.52 -19.35 17.93
CA TRP A 836 49.77 -20.24 17.04
C TRP A 836 50.74 -21.16 16.33
N THR A 837 50.34 -22.41 16.12
CA THR A 837 51.23 -23.38 15.49
C THR A 837 50.44 -24.22 14.51
N VAL A 838 50.91 -24.28 13.27
CA VAL A 838 50.30 -25.10 12.23
C VAL A 838 51.29 -26.20 11.87
N GLY A 839 50.84 -27.46 11.96
CA GLY A 839 51.67 -28.60 11.66
C GLY A 839 51.43 -29.14 10.25
N VAL A 840 52.15 -30.22 9.96
CA VAL A 840 52.11 -30.79 8.60
C VAL A 840 50.81 -31.54 8.32
N SER A 841 50.06 -31.91 9.35
CA SER A 841 48.77 -32.55 9.14
C SER A 841 47.61 -31.57 9.12
N GLY A 842 47.82 -30.35 9.59
CA GLY A 842 46.79 -29.33 9.58
C GLY A 842 46.23 -28.95 10.92
N GLU A 843 46.83 -29.41 12.02
CA GLU A 843 46.37 -29.03 13.34
C GLU A 843 46.74 -27.59 13.64
N ILE A 844 45.92 -26.92 14.43
CA ILE A 844 46.16 -25.56 14.88
C ILE A 844 46.25 -25.59 16.39
N GLN A 845 47.42 -25.33 16.92
CA GLN A 845 47.64 -25.33 18.36
C GLN A 845 47.79 -23.90 18.85
N LEU A 846 47.15 -23.60 19.98
CA LEU A 846 47.20 -22.29 20.60
C LEU A 846 47.75 -22.41 22.01
N LYS A 847 48.71 -21.55 22.35
CA LYS A 847 49.31 -21.49 23.68
C LYS A 847 49.38 -20.01 24.07
N VAL A 848 48.37 -19.52 24.78
CA VAL A 848 48.32 -18.12 25.19
C VAL A 848 48.55 -18.03 26.70
N HIS A 849 49.53 -17.22 27.10
CA HIS A 849 49.76 -16.86 28.48
C HIS A 849 49.29 -15.43 28.71
N ALA A 850 48.44 -15.24 29.71
CA ALA A 850 47.81 -13.95 29.91
C ALA A 850 47.81 -13.57 31.38
N GLU A 851 48.04 -12.29 31.65
CA GLU A 851 47.81 -11.69 32.95
C GLU A 851 46.70 -10.67 32.85
N VAL A 852 45.99 -10.46 33.95
CA VAL A 852 44.87 -9.54 33.97
C VAL A 852 45.13 -8.49 35.06
N ARG A 853 44.46 -7.35 34.93
CA ARG A 853 44.70 -6.18 35.75
C ARG A 853 44.31 -6.47 37.21
N GLU A 854 44.99 -5.79 38.13
CA GLU A 854 44.92 -6.14 39.53
C GLU A 854 43.70 -5.58 40.25
N ASN A 855 43.09 -4.52 39.73
CA ASN A 855 41.96 -3.86 40.39
C ASN A 855 40.65 -4.10 39.64
N LEU A 856 40.47 -5.33 39.15
CA LEU A 856 39.34 -5.74 38.36
C LEU A 856 38.61 -6.86 39.09
N PRO A 857 37.24 -6.82 39.17
CA PRO A 857 36.51 -7.65 40.16
C PRO A 857 36.69 -9.15 40.03
N PHE A 858 36.18 -9.72 38.94
CA PHE A 858 36.47 -11.04 38.39
C PHE A 858 35.76 -11.14 37.06
N LEU A 859 36.40 -11.78 36.12
CA LEU A 859 35.90 -11.79 34.76
C LEU A 859 34.77 -12.80 34.62
N PRO A 860 33.82 -12.54 33.72
CA PRO A 860 32.79 -13.56 33.43
C PRO A 860 33.36 -14.84 32.86
N ARG A 861 34.22 -14.73 31.85
CA ARG A 861 34.87 -15.89 31.26
C ARG A 861 36.18 -15.42 30.63
N PHE A 862 36.91 -16.38 30.07
CA PHE A 862 37.96 -16.07 29.10
C PHE A 862 37.98 -17.21 28.10
N GLY A 863 37.79 -16.90 26.82
CA GLY A 863 37.78 -17.99 25.88
C GLY A 863 38.04 -17.55 24.46
N LEU A 864 38.07 -18.53 23.57
CA LEU A 864 38.22 -18.33 22.13
C LEU A 864 36.87 -18.54 21.47
N GLU A 865 36.41 -17.55 20.71
CA GLU A 865 35.16 -17.64 19.99
C GLU A 865 35.43 -17.78 18.50
N LEU A 866 34.88 -18.84 17.91
CA LEU A 866 34.94 -19.17 16.50
C LEU A 866 33.53 -19.08 15.93
N THR A 867 33.42 -18.95 14.62
CA THR A 867 32.12 -18.91 13.96
C THR A 867 32.15 -19.85 12.76
N MET A 868 31.44 -20.92 12.83
CA MET A 868 31.43 -21.95 11.81
C MET A 868 30.25 -21.75 10.86
N PRO A 869 30.35 -22.17 9.58
CA PRO A 869 29.34 -21.77 8.59
C PRO A 869 27.97 -22.40 8.75
N LYS A 870 27.10 -22.09 7.80
CA LYS A 870 25.74 -22.62 7.80
C LYS A 870 25.75 -24.11 7.50
N GLY A 871 24.98 -24.86 8.29
CA GLY A 871 24.89 -26.29 8.13
C GLY A 871 25.55 -27.09 9.22
N THR A 872 26.35 -26.46 10.07
CA THR A 872 26.95 -27.14 11.21
C THR A 872 25.87 -27.38 12.25
N GLU A 873 25.41 -28.63 12.38
CA GLU A 873 24.25 -28.93 13.21
C GLU A 873 24.45 -30.02 14.24
N GLU A 874 25.44 -30.91 14.08
CA GLU A 874 25.67 -31.95 15.07
C GLU A 874 26.75 -31.52 16.04
N ILE A 875 26.53 -31.85 17.32
CA ILE A 875 27.54 -31.76 18.37
C ILE A 875 27.74 -33.16 18.91
N GLU A 876 28.99 -33.56 19.08
CA GLU A 876 29.30 -34.83 19.73
C GLU A 876 30.46 -34.63 20.68
N TYR A 877 30.25 -34.87 21.96
CA TYR A 877 31.31 -34.60 22.91
C TYR A 877 31.41 -35.69 23.95
N TYR A 878 32.60 -35.82 24.51
CA TYR A 878 32.85 -36.74 25.62
C TYR A 878 33.06 -35.92 26.88
N GLY A 879 32.12 -36.03 27.82
CA GLY A 879 32.20 -35.24 29.02
C GLY A 879 30.94 -35.42 29.85
N TYR A 880 30.64 -34.42 30.66
CA TYR A 880 29.48 -34.47 31.54
C TYR A 880 28.24 -33.97 30.80
N GLY A 881 27.16 -34.71 30.92
CA GLY A 881 25.91 -34.36 30.30
C GLY A 881 24.73 -35.09 30.88
N PRO A 882 23.62 -35.19 30.13
CA PRO A 882 23.40 -34.68 28.78
C PRO A 882 22.96 -33.23 28.69
N HIS A 883 22.88 -32.54 29.82
CA HIS A 883 22.42 -31.16 29.88
C HIS A 883 23.51 -30.25 30.47
N GLU A 884 23.12 -29.02 30.80
CA GLU A 884 24.03 -27.97 31.21
C GLU A 884 24.69 -28.28 32.56
N SER A 885 25.90 -27.75 32.73
CA SER A 885 26.62 -27.93 33.98
C SER A 885 27.64 -26.80 34.14
N TYR A 886 27.89 -26.43 35.39
CA TYR A 886 28.83 -25.36 35.70
C TYR A 886 29.78 -25.79 36.81
N ILE A 887 30.58 -24.85 37.33
CA ILE A 887 31.52 -25.19 38.40
C ILE A 887 30.78 -25.48 39.70
N ASP A 888 29.63 -24.85 39.92
CA ASP A 888 28.85 -25.06 41.13
C ASP A 888 27.54 -25.79 40.92
N LYS A 889 27.00 -25.80 39.70
CA LYS A 889 25.79 -26.52 39.38
C LYS A 889 26.17 -27.67 38.46
N ARG A 890 26.59 -28.79 39.06
CA ARG A 890 27.00 -29.94 38.27
C ARG A 890 26.64 -31.27 38.93
N ALA A 891 25.70 -31.28 39.86
CA ALA A 891 25.42 -32.51 40.59
C ALA A 891 24.51 -33.47 39.84
N SER A 892 23.86 -33.03 38.77
CA SER A 892 22.87 -33.86 38.08
C SER A 892 23.38 -34.42 36.77
N VAL A 893 24.61 -34.16 36.39
CA VAL A 893 25.14 -34.61 35.12
C VAL A 893 26.08 -35.78 35.36
N ARG A 894 26.25 -36.61 34.33
CA ARG A 894 27.10 -37.78 34.44
C ARG A 894 28.00 -37.86 33.21
N LYS A 895 29.12 -38.56 33.37
CA LYS A 895 30.14 -38.63 32.33
C LYS A 895 29.77 -39.66 31.28
N GLY A 896 29.91 -39.27 30.02
CA GLY A 896 29.61 -40.17 28.93
C GLY A 896 29.92 -39.53 27.60
N LYS A 897 29.46 -40.20 26.54
CA LYS A 897 29.69 -39.78 25.17
C LYS A 897 28.34 -39.41 24.56
N TYR A 898 28.12 -38.13 24.32
CA TYR A 898 26.80 -37.62 23.96
C TYR A 898 26.80 -37.07 22.55
N LEU A 899 25.64 -37.14 21.91
CA LEU A 899 25.43 -36.73 20.53
C LEU A 899 24.10 -36.04 20.44
N LEU A 900 24.09 -34.79 20.01
CA LEU A 900 22.85 -34.03 19.95
C LEU A 900 22.96 -32.95 18.89
N SER A 901 21.94 -32.11 18.80
CA SER A 901 21.90 -31.02 17.84
C SER A 901 22.11 -29.69 18.53
N VAL A 902 22.38 -28.66 17.73
CA VAL A 902 22.68 -27.35 18.28
C VAL A 902 21.42 -26.69 18.83
N ASP A 903 20.26 -27.03 18.26
CA ASP A 903 18.99 -26.54 18.80
C ASP A 903 18.64 -27.17 20.14
N ASP A 904 19.22 -28.32 20.47
CA ASP A 904 18.99 -28.96 21.76
C ASP A 904 20.01 -28.55 22.82
N MET A 905 21.06 -27.83 22.42
CA MET A 905 22.00 -27.27 23.39
C MET A 905 21.36 -26.12 24.15
N PHE A 906 20.37 -25.46 23.54
CA PHE A 906 19.78 -24.24 24.04
C PHE A 906 18.64 -24.56 25.00
N GLU A 907 18.58 -23.81 26.10
CA GLU A 907 17.51 -23.93 27.10
C GLU A 907 16.79 -22.60 27.16
N ASN A 908 15.57 -22.56 26.62
CA ASN A 908 14.89 -21.29 26.33
C ASN A 908 14.24 -20.77 27.60
N TYR A 909 14.97 -19.94 28.34
CA TYR A 909 14.43 -19.33 29.55
C TYR A 909 13.44 -18.22 29.20
N VAL A 910 12.71 -17.76 30.21
CA VAL A 910 11.77 -16.65 30.02
C VAL A 910 12.53 -15.35 29.85
N MET A 911 13.50 -15.10 30.72
CA MET A 911 14.43 -14.01 30.55
C MET A 911 15.69 -14.55 29.86
N PRO A 912 16.00 -14.13 28.63
CA PRO A 912 17.11 -14.74 27.90
C PRO A 912 18.46 -14.38 28.52
N GLN A 913 19.29 -15.40 28.70
CA GLN A 913 20.53 -15.27 29.45
C GLN A 913 21.48 -16.38 29.01
N GLU A 914 22.57 -16.56 29.73
CA GLU A 914 23.60 -17.50 29.34
C GLU A 914 23.11 -18.93 29.59
N THR A 915 23.37 -19.80 28.63
CA THR A 915 22.83 -21.15 28.67
C THR A 915 23.69 -22.06 27.80
N GLY A 916 23.55 -23.36 28.05
CA GLY A 916 24.06 -24.37 27.15
C GLY A 916 25.52 -24.75 27.32
N SER A 917 26.19 -24.31 28.36
CA SER A 917 27.61 -24.58 28.52
C SER A 917 27.83 -25.89 29.28
N ARG A 918 28.78 -26.68 28.79
CA ARG A 918 29.11 -27.98 29.38
C ARG A 918 30.48 -27.91 30.05
N TYR A 919 30.49 -28.02 31.37
CA TYR A 919 31.74 -27.99 32.13
C TYR A 919 32.46 -29.31 32.02
N GLY A 920 33.80 -29.25 32.08
CA GLY A 920 34.71 -30.39 32.15
C GLY A 920 34.59 -31.31 30.93
N THR A 921 34.71 -30.72 29.75
CA THR A 921 34.65 -31.46 28.51
C THR A 921 36.04 -31.96 28.15
N GLU A 922 36.12 -33.21 27.72
CA GLU A 922 37.40 -33.81 27.35
C GLU A 922 37.74 -33.57 25.88
N TRP A 923 36.80 -33.87 24.99
CA TRP A 923 36.88 -33.45 23.59
C TRP A 923 35.47 -33.23 23.06
N ALA A 924 35.39 -32.46 21.97
CA ALA A 924 34.11 -32.10 21.38
C ALA A 924 34.29 -31.90 19.88
N ILE A 925 33.28 -32.29 19.12
CA ILE A 925 33.27 -32.16 17.67
C ILE A 925 32.00 -31.43 17.28
N ALA A 926 32.14 -30.34 16.54
CA ALA A 926 31.01 -29.61 15.98
C ALA A 926 31.08 -29.75 14.46
N SER A 927 30.04 -30.32 13.85
CA SER A 927 30.13 -30.66 12.44
C SER A 927 28.77 -30.57 11.79
N THR A 928 28.76 -30.81 10.48
CA THR A 928 27.53 -30.92 9.72
C THR A 928 26.95 -32.33 9.89
N VAL A 929 25.79 -32.56 9.29
CA VAL A 929 25.10 -33.84 9.45
C VAL A 929 25.83 -34.95 8.72
N GLN A 930 26.68 -34.62 7.74
CA GLN A 930 27.54 -35.61 7.12
C GLN A 930 28.87 -35.79 7.84
N GLY A 931 29.15 -34.96 8.84
CA GLY A 931 30.32 -35.15 9.67
C GLY A 931 31.58 -34.47 9.18
N MET A 932 31.47 -33.24 8.70
CA MET A 932 32.61 -32.45 8.24
C MET A 932 32.74 -31.25 9.16
N GLY A 933 33.73 -31.24 10.03
CA GLY A 933 33.84 -30.18 11.01
C GLY A 933 35.18 -30.08 11.69
N LEU A 934 35.14 -29.64 12.95
CA LEU A 934 36.32 -29.39 13.75
C LEU A 934 36.25 -30.16 15.06
N LYS A 935 37.40 -30.55 15.57
CA LYS A 935 37.53 -31.27 16.83
C LYS A 935 38.43 -30.46 17.76
N PHE A 936 38.03 -30.36 19.03
CA PHE A 936 38.69 -29.48 19.99
C PHE A 936 39.19 -30.31 21.16
N THR A 937 40.49 -30.25 21.43
CA THR A 937 41.04 -30.88 22.63
C THR A 937 41.84 -29.83 23.40
N ALA A 938 42.25 -30.19 24.62
CA ALA A 938 43.04 -29.30 25.44
C ALA A 938 43.93 -30.13 26.36
N ALA A 939 44.79 -29.43 27.11
CA ALA A 939 45.66 -30.09 28.07
C ALA A 939 44.87 -30.58 29.27
N GLN A 940 44.12 -29.69 29.91
CA GLN A 940 43.17 -30.00 30.97
C GLN A 940 41.76 -29.73 30.47
N PRO A 941 40.73 -30.36 31.04
CA PRO A 941 39.38 -30.23 30.48
C PRO A 941 38.79 -28.82 30.61
N PHE A 942 38.17 -28.38 29.52
CA PHE A 942 37.71 -27.02 29.29
C PHE A 942 36.19 -26.96 29.39
N SER A 943 35.66 -25.75 29.19
CA SER A 943 34.24 -25.55 29.07
C SER A 943 33.88 -25.32 27.61
N PHE A 944 32.73 -25.83 27.18
CA PHE A 944 32.37 -25.88 25.77
C PHE A 944 30.96 -25.34 25.58
N GLN A 945 30.76 -24.53 24.56
CA GLN A 945 29.44 -23.99 24.28
C GLN A 945 29.21 -23.94 22.78
N ALA A 946 27.99 -24.23 22.34
CA ALA A 946 27.64 -24.13 20.94
C ALA A 946 26.20 -23.65 20.83
N LEU A 947 25.97 -22.53 20.15
CA LEU A 947 24.63 -21.95 20.06
C LEU A 947 24.40 -21.43 18.66
N HIS A 948 23.17 -20.96 18.41
CA HIS A 948 22.86 -20.13 17.25
C HIS A 948 22.68 -18.68 17.61
N TYR A 949 23.22 -18.26 18.76
CA TYR A 949 23.03 -16.90 19.26
C TYR A 949 24.36 -16.44 19.82
N THR A 950 24.78 -15.22 19.48
CA THR A 950 25.98 -14.69 20.11
C THR A 950 25.60 -14.13 21.48
N ALA A 951 26.62 -13.77 22.26
CA ALA A 951 26.40 -13.31 23.63
C ALA A 951 25.71 -11.95 23.67
N GLU A 952 25.98 -11.10 22.68
CA GLU A 952 25.32 -9.80 22.64
C GLU A 952 23.86 -9.92 22.23
N ASP A 953 23.51 -10.96 21.46
CA ASP A 953 22.10 -11.19 21.14
C ASP A 953 21.32 -11.64 22.38
N LEU A 954 21.93 -12.45 23.23
CA LEU A 954 21.27 -12.85 24.46
C LEU A 954 21.27 -11.73 25.49
N THR A 955 22.25 -10.83 25.44
CA THR A 955 22.25 -9.70 26.36
C THR A 955 21.18 -8.68 25.97
N ALA A 956 21.10 -8.33 24.69
CA ALA A 956 20.20 -7.28 24.25
C ALA A 956 18.74 -7.70 24.28
N ALA A 957 18.45 -8.98 24.19
CA ALA A 957 17.06 -9.43 24.17
C ALA A 957 16.46 -9.43 25.57
N GLN A 958 15.15 -9.19 25.62
CA GLN A 958 14.42 -9.14 26.87
C GLN A 958 13.29 -10.15 26.97
N HIS A 959 12.84 -10.71 25.85
CA HIS A 959 11.79 -11.71 25.83
C HIS A 959 12.22 -12.82 24.88
N THR A 960 11.41 -13.89 24.81
CA THR A 960 11.80 -15.03 23.98
C THR A 960 11.59 -14.76 22.51
N TYR A 961 10.57 -13.98 22.14
CA TYR A 961 10.32 -13.71 20.73
C TYR A 961 11.30 -12.73 20.12
N GLU A 962 12.10 -12.03 20.92
CA GLU A 962 13.06 -11.07 20.40
C GLU A 962 14.34 -11.71 19.90
N LEU A 963 14.56 -12.99 20.19
CA LEU A 963 15.76 -13.68 19.73
C LEU A 963 15.60 -14.08 18.27
N LYS A 964 16.44 -13.54 17.40
CA LYS A 964 16.49 -13.95 16.01
C LYS A 964 17.58 -15.00 15.83
N ARG A 965 17.20 -16.13 15.28
CA ARG A 965 18.12 -17.25 15.13
C ARG A 965 19.08 -17.00 13.97
N ARG A 966 20.37 -17.10 14.23
CA ARG A 966 21.37 -16.91 13.21
C ARG A 966 21.54 -18.17 12.36
N PRO A 967 21.93 -18.02 11.09
CA PRO A 967 22.24 -19.22 10.30
C PRO A 967 23.50 -19.92 10.73
N GLU A 968 24.48 -19.20 11.27
CA GLU A 968 25.76 -19.79 11.62
C GLU A 968 25.66 -20.51 12.97
N THR A 969 26.81 -20.99 13.45
CA THR A 969 26.89 -21.71 14.71
C THR A 969 28.05 -21.15 15.51
N ILE A 970 27.75 -20.53 16.64
CA ILE A 970 28.76 -19.87 17.45
C ILE A 970 29.31 -20.90 18.43
N VAL A 971 30.60 -21.20 18.32
CA VAL A 971 31.28 -22.18 19.16
C VAL A 971 32.25 -21.42 20.06
N THR A 972 32.23 -21.74 21.35
CA THR A 972 33.09 -21.06 22.31
C THR A 972 33.80 -22.08 23.18
N LEU A 973 35.11 -21.87 23.37
CA LEU A 973 35.99 -22.78 24.08
C LEU A 973 36.57 -22.03 25.27
N ASP A 974 35.98 -22.19 26.45
CA ASP A 974 36.34 -21.39 27.62
C ASP A 974 37.37 -22.11 28.48
N TYR A 975 38.32 -21.34 29.00
CA TYR A 975 39.29 -21.85 29.96
C TYR A 975 38.64 -22.14 31.29
N GLN A 976 38.16 -21.09 31.96
CA GLN A 976 37.30 -21.22 33.11
C GLN A 976 36.09 -20.35 32.88
N MET A 977 35.11 -20.48 33.78
CA MET A 977 33.88 -19.71 33.65
C MET A 977 33.23 -19.62 35.02
N SER A 978 32.86 -18.39 35.41
CA SER A 978 32.32 -18.18 36.74
C SER A 978 30.92 -18.77 36.84
N GLY A 979 30.63 -19.36 37.99
CA GLY A 979 29.43 -20.15 38.17
C GLY A 979 28.18 -19.32 38.35
N THR A 980 27.10 -20.03 38.66
CA THR A 980 25.78 -19.39 38.78
C THR A 980 25.60 -18.77 40.16
N GLY A 981 25.66 -19.59 41.21
CA GLY A 981 25.41 -19.10 42.55
C GLY A 981 23.93 -18.89 42.81
N SER A 982 23.63 -18.12 43.85
CA SER A 982 22.26 -17.76 44.20
C SER A 982 22.19 -16.29 44.60
N GLY A 983 22.96 -15.44 43.93
CA GLY A 983 23.11 -14.05 44.32
C GLY A 983 21.98 -13.12 43.93
N SER A 984 20.83 -13.68 43.55
CA SER A 984 19.64 -12.84 43.33
C SER A 984 19.11 -12.31 44.65
N CYS A 985 19.17 -13.12 45.70
CA CYS A 985 18.77 -12.72 47.04
C CYS A 985 19.53 -13.63 48.00
N GLY A 986 20.36 -13.04 48.85
CA GLY A 986 21.13 -13.81 49.79
C GLY A 986 22.63 -13.65 49.60
N PRO A 987 23.39 -14.71 49.85
CA PRO A 987 24.85 -14.63 49.72
C PRO A 987 25.28 -14.52 48.26
N GLN A 988 26.50 -14.05 48.07
CA GLN A 988 27.07 -13.85 46.75
C GLN A 988 27.73 -15.15 46.29
N LEU A 989 28.45 -15.08 45.17
CA LEU A 989 29.11 -16.26 44.62
C LEU A 989 30.34 -16.58 45.45
N ALA A 990 30.57 -17.87 45.70
CA ALA A 990 31.65 -18.30 46.56
C ALA A 990 33.02 -18.08 45.89
N GLU A 991 34.04 -18.00 46.73
CA GLU A 991 35.40 -17.75 46.23
C GLU A 991 35.99 -18.86 45.34
N PRO A 992 35.84 -20.16 45.61
CA PRO A 992 36.32 -21.13 44.61
C PRO A 992 35.45 -21.25 43.37
N TYR A 993 34.34 -20.53 43.31
CA TYR A 993 33.43 -20.58 42.18
C TYR A 993 33.54 -19.36 41.29
N ARG A 994 34.28 -18.34 41.71
CA ARG A 994 34.56 -17.16 40.92
C ARG A 994 35.77 -17.40 40.02
N PHE A 995 35.91 -16.53 39.03
CA PHE A 995 37.09 -16.54 38.17
C PHE A 995 38.07 -15.46 38.65
N THR A 996 38.60 -15.70 39.85
CA THR A 996 39.60 -14.84 40.46
C THR A 996 40.96 -15.51 40.31
N GLU A 997 41.56 -15.34 39.13
CA GLU A 997 42.90 -15.83 38.85
C GLU A 997 43.52 -14.91 37.82
N LYS A 998 44.76 -14.49 38.08
CA LYS A 998 45.34 -13.39 37.32
C LYS A 998 46.56 -13.79 36.51
N SER A 999 46.81 -15.09 36.36
CA SER A 999 47.90 -15.58 35.51
C SER A 999 47.60 -17.02 35.16
N PHE A 1000 47.49 -17.33 33.87
CA PHE A 1000 47.07 -18.66 33.46
C PHE A 1000 47.62 -18.98 32.08
N ASP A 1001 47.56 -20.27 31.73
CA ASP A 1001 47.91 -20.78 30.42
C ASP A 1001 46.72 -21.58 29.90
N PHE A 1002 46.60 -21.69 28.58
CA PHE A 1002 45.34 -22.14 28.02
C PHE A 1002 45.41 -23.46 27.25
N GLU A 1003 46.32 -23.59 26.27
CA GLU A 1003 46.69 -24.86 25.63
C GLU A 1003 45.51 -25.54 24.92
N LEU A 1004 45.05 -24.91 23.84
CA LEU A 1004 43.96 -25.48 23.05
C LEU A 1004 44.51 -26.11 21.77
N THR A 1005 43.78 -27.08 21.22
CA THR A 1005 44.16 -27.74 19.97
C THR A 1005 42.91 -27.91 19.10
N ILE A 1006 42.99 -27.45 17.85
CA ILE A 1006 41.89 -27.49 16.90
C ILE A 1006 42.32 -28.37 15.72
N GLN A 1007 41.45 -29.30 15.31
CA GLN A 1007 41.75 -30.23 14.24
C GLN A 1007 40.60 -30.30 13.24
N PRO A 1008 40.84 -30.04 11.96
CA PRO A 1008 39.81 -30.32 10.95
C PRO A 1008 39.61 -31.82 10.80
N ILE A 1009 38.36 -32.23 10.63
CA ILE A 1009 38.02 -33.65 10.68
C ILE A 1009 36.86 -33.91 9.71
N PHE A 1010 36.92 -35.05 9.04
CA PHE A 1010 35.77 -35.65 8.36
C PHE A 1010 35.42 -36.89 9.17
N LYS A 1011 34.32 -36.81 9.93
CA LYS A 1011 34.12 -37.68 11.08
C LYS A 1011 33.82 -39.13 10.71
N GLU A 1012 33.29 -39.38 9.52
CA GLU A 1012 32.89 -40.75 9.18
C GLU A 1012 34.06 -41.63 8.77
N GLU A 1013 35.21 -41.07 8.42
CA GLU A 1013 36.40 -41.87 8.20
C GLU A 1013 37.63 -41.35 8.93
N GLU A 1014 37.53 -40.22 9.63
CA GLU A 1014 38.60 -39.59 10.41
C GLU A 1014 39.90 -39.37 9.67
N MET B 1 37.95 -41.85 -27.39
CA MET B 1 36.56 -42.29 -27.31
C MET B 1 35.70 -41.21 -26.64
N GLU B 2 35.80 -39.99 -27.14
CA GLU B 2 35.15 -38.84 -26.52
C GLU B 2 33.77 -38.64 -27.15
N LEU B 3 32.74 -39.01 -26.39
CA LEU B 3 31.33 -38.69 -26.67
C LEU B 3 30.85 -39.29 -27.99
N ASN B 4 30.92 -40.61 -28.08
CA ASN B 4 30.40 -41.34 -29.22
C ASN B 4 29.02 -41.94 -28.92
N ARG B 5 28.30 -41.34 -27.95
CA ARG B 5 27.00 -41.79 -27.44
C ARG B 5 27.05 -43.24 -26.97
N GLU B 6 27.89 -43.49 -25.97
CA GLU B 6 27.92 -44.80 -25.34
C GLU B 6 26.72 -45.02 -24.44
N TRP B 7 26.04 -43.94 -24.05
CA TRP B 7 24.86 -43.93 -23.21
C TRP B 7 23.57 -44.19 -23.97
N GLU B 8 23.67 -44.61 -25.24
CA GLU B 8 22.54 -45.09 -26.02
C GLU B 8 22.92 -46.29 -26.86
N ASN B 9 23.86 -47.11 -26.40
CA ASN B 9 24.55 -48.06 -27.26
C ASN B 9 24.16 -49.51 -27.01
N LEU B 10 24.16 -49.93 -25.73
CA LEU B 10 23.77 -51.25 -25.19
C LEU B 10 24.81 -52.33 -25.49
N SER B 11 25.78 -52.03 -26.35
CA SER B 11 26.93 -52.87 -26.55
C SER B 11 28.18 -52.29 -25.92
N CYS B 12 28.04 -51.16 -25.21
CA CYS B 12 29.13 -50.53 -24.48
C CYS B 12 28.58 -50.19 -23.10
N LEU B 13 28.71 -51.14 -22.18
CA LEU B 13 28.25 -50.95 -20.80
C LEU B 13 29.29 -50.29 -19.91
N HIS B 14 30.58 -50.41 -20.26
CA HIS B 14 31.65 -49.75 -19.55
C HIS B 14 32.83 -49.63 -20.50
N ILE B 15 33.80 -48.79 -20.10
CA ILE B 15 35.08 -48.69 -20.78
C ILE B 15 36.16 -48.67 -19.69
N GLY B 16 36.99 -49.71 -19.67
CA GLY B 16 38.15 -49.70 -18.79
C GLY B 16 37.86 -49.90 -17.31
N ARG B 17 36.68 -50.38 -16.97
CA ARG B 17 36.33 -50.61 -15.58
C ARG B 17 36.85 -51.98 -15.13
N LEU B 18 37.44 -52.01 -13.94
CA LEU B 18 37.98 -53.25 -13.40
C LEU B 18 36.86 -54.22 -13.05
N PRO B 19 37.11 -55.52 -13.10
CA PRO B 19 36.06 -56.49 -12.75
C PRO B 19 35.75 -56.46 -11.25
N ALA B 20 34.59 -57.00 -10.92
CA ALA B 20 34.02 -56.84 -9.59
C ALA B 20 34.71 -57.75 -8.58
N ARG B 21 34.89 -57.22 -7.37
CA ARG B 21 35.50 -57.94 -6.26
C ARG B 21 34.64 -57.77 -5.02
N ALA B 22 35.13 -58.24 -3.87
CA ALA B 22 34.43 -58.05 -2.61
C ALA B 22 34.71 -56.66 -2.07
N SER B 23 34.30 -56.40 -0.83
CA SER B 23 34.44 -55.09 -0.21
C SER B 23 35.45 -55.19 0.92
N TYR B 24 36.58 -54.50 0.77
CA TYR B 24 37.60 -54.45 1.79
C TYR B 24 38.42 -53.18 1.63
N ILE B 25 39.14 -52.82 2.70
CA ILE B 25 40.06 -51.70 2.71
C ILE B 25 41.43 -52.20 3.15
N PRO B 26 42.50 -51.93 2.40
CA PRO B 26 43.85 -52.31 2.85
C PRO B 26 44.35 -51.38 3.95
N TYR B 27 44.60 -51.96 5.12
CA TYR B 27 45.14 -51.19 6.24
C TYR B 27 46.64 -51.45 6.38
N GLU B 28 47.23 -50.89 7.44
CA GLU B 28 48.65 -51.06 7.70
C GLU B 28 48.95 -51.96 8.89
N SER B 29 47.99 -52.15 9.79
CA SER B 29 48.19 -52.98 10.97
C SER B 29 46.81 -53.45 11.44
N ALA B 30 46.84 -54.43 12.35
CA ALA B 30 45.59 -54.95 12.89
C ALA B 30 44.97 -54.00 13.91
N MET B 31 45.76 -53.09 14.49
CA MET B 31 45.21 -52.14 15.44
C MET B 31 44.40 -51.07 14.73
N THR B 32 44.88 -50.59 13.58
CA THR B 32 44.16 -49.59 12.81
C THR B 32 42.94 -50.21 12.13
N ALA B 33 43.05 -51.48 11.74
CA ALA B 33 41.96 -52.13 11.00
C ALA B 33 40.75 -52.37 11.88
N ARG B 34 40.93 -52.52 13.18
CA ARG B 34 39.80 -52.73 14.08
C ARG B 34 39.03 -51.46 14.37
N THR B 35 39.52 -50.30 13.93
CA THR B 35 38.81 -49.04 14.16
C THR B 35 37.71 -48.82 13.13
N GLY B 36 37.90 -49.30 11.90
CA GLY B 36 36.93 -49.13 10.86
C GLY B 36 37.02 -47.83 10.09
N LYS B 37 37.74 -46.85 10.61
CA LYS B 37 37.89 -45.57 9.96
C LYS B 37 38.96 -45.70 8.88
N ARG B 38 38.55 -45.67 7.62
CA ARG B 38 39.48 -45.93 6.52
C ARG B 38 40.38 -44.73 6.21
N GLY B 39 40.09 -43.55 6.74
CA GLY B 39 40.95 -42.41 6.50
C GLY B 39 42.24 -42.45 7.29
N ARG B 40 42.31 -43.30 8.32
CA ARG B 40 43.53 -43.46 9.09
C ARG B 40 44.56 -44.35 8.40
N SER B 41 44.18 -45.03 7.35
CA SER B 41 45.10 -45.91 6.65
C SER B 41 45.99 -45.10 5.71
N PRO B 42 47.29 -45.38 5.66
CA PRO B 42 48.18 -44.65 4.75
C PRO B 42 48.03 -45.05 3.30
N HIS B 43 47.29 -46.12 3.01
CA HIS B 43 47.10 -46.61 1.66
C HIS B 43 45.82 -46.08 1.03
N VAL B 44 45.09 -45.22 1.75
CA VAL B 44 43.78 -44.73 1.35
C VAL B 44 43.82 -43.22 1.40
N GLN B 45 43.33 -42.56 0.35
CA GLN B 45 43.17 -41.11 0.37
C GLN B 45 41.76 -40.75 -0.08
N THR B 46 41.07 -39.97 0.74
CA THR B 46 39.69 -39.63 0.39
C THR B 46 39.65 -38.55 -0.68
N LEU B 47 38.55 -38.54 -1.42
CA LEU B 47 38.29 -37.47 -2.38
C LEU B 47 36.93 -36.84 -2.14
N ASN B 48 36.34 -37.04 -0.96
CA ASN B 48 35.16 -36.28 -0.60
C ASN B 48 35.53 -34.84 -0.32
N GLY B 49 34.52 -33.99 -0.25
CA GLY B 49 34.80 -32.61 0.06
C GLY B 49 34.13 -31.64 -0.89
N ASN B 50 34.89 -30.72 -1.44
CA ASN B 50 34.34 -29.60 -2.20
C ASN B 50 34.91 -29.65 -3.60
N TRP B 51 34.05 -29.91 -4.58
CA TRP B 51 34.51 -29.95 -5.97
C TRP B 51 33.91 -28.76 -6.70
N LYS B 52 34.43 -28.49 -7.90
CA LYS B 52 33.92 -27.42 -8.74
C LYS B 52 32.92 -28.02 -9.72
N PHE B 53 31.73 -27.43 -9.76
CA PHE B 53 30.59 -28.03 -10.42
C PHE B 53 29.94 -27.04 -11.37
N ARG B 54 29.49 -27.55 -12.52
CA ARG B 54 28.73 -26.77 -13.49
C ARG B 54 27.60 -27.61 -14.05
N TYR B 55 26.40 -27.04 -14.07
CA TYR B 55 25.19 -27.74 -14.47
C TYR B 55 24.74 -27.28 -15.86
N TYR B 56 24.31 -28.24 -16.68
CA TYR B 56 23.85 -27.97 -18.04
C TYR B 56 22.49 -28.60 -18.23
N ARG B 57 21.58 -27.88 -18.88
CA ARG B 57 20.27 -28.42 -19.19
C ARG B 57 20.30 -29.45 -20.30
N SER B 58 21.42 -29.58 -21.02
CA SER B 58 21.54 -30.56 -22.07
C SER B 58 22.99 -30.95 -22.21
N VAL B 59 23.22 -32.15 -22.74
CA VAL B 59 24.57 -32.61 -23.05
C VAL B 59 25.10 -31.94 -24.32
N ARG B 60 24.22 -31.34 -25.11
CA ARG B 60 24.61 -30.58 -26.28
C ARG B 60 25.48 -29.38 -25.94
N GLU B 61 25.15 -28.64 -24.90
CA GLU B 61 25.79 -27.36 -24.61
C GLU B 61 26.94 -27.47 -23.63
N VAL B 62 27.46 -28.68 -23.40
CA VAL B 62 28.67 -28.85 -22.61
C VAL B 62 29.87 -28.47 -23.45
N ASP B 63 30.81 -27.75 -22.86
CA ASP B 63 32.06 -27.41 -23.53
C ASP B 63 32.86 -28.67 -23.83
N SER B 64 33.62 -28.62 -24.92
CA SER B 64 34.33 -29.80 -25.40
C SER B 64 35.72 -29.95 -24.81
N HIS B 65 36.20 -28.99 -24.04
CA HIS B 65 37.53 -29.08 -23.45
C HIS B 65 37.51 -28.65 -22.00
N PHE B 66 36.50 -29.10 -21.25
CA PHE B 66 36.47 -28.82 -19.82
C PHE B 66 37.42 -29.72 -19.05
N TYR B 67 37.78 -30.87 -19.61
CA TYR B 67 38.58 -31.88 -18.94
C TYR B 67 40.08 -31.61 -19.03
N GLU B 68 40.49 -30.56 -19.73
CA GLU B 68 41.90 -30.29 -19.92
C GLU B 68 42.51 -29.72 -18.64
N THR B 69 43.83 -29.87 -18.52
CA THR B 69 44.49 -29.62 -17.25
C THR B 69 44.63 -28.13 -16.96
N GLU B 70 44.79 -27.30 -17.98
CA GLU B 70 45.03 -25.88 -17.81
C GLU B 70 43.80 -25.05 -18.10
N THR B 71 42.61 -25.52 -17.74
CA THR B 71 41.40 -24.73 -17.89
C THR B 71 41.10 -23.98 -16.61
N ASP B 72 40.40 -22.86 -16.74
CA ASP B 72 40.07 -22.01 -15.61
C ASP B 72 38.74 -22.46 -15.04
N VAL B 73 38.78 -23.15 -13.90
CA VAL B 73 37.57 -23.41 -13.15
C VAL B 73 37.59 -22.56 -11.87
N SER B 74 37.11 -21.34 -11.99
CA SER B 74 37.06 -20.44 -10.85
C SER B 74 35.70 -19.76 -10.82
N GLY B 75 35.08 -19.61 -11.98
CA GLY B 75 33.74 -19.10 -12.08
C GLY B 75 32.67 -20.15 -11.94
N TRP B 76 33.05 -21.41 -11.76
CA TRP B 76 32.06 -22.46 -11.58
C TRP B 76 31.54 -22.44 -10.15
N ASP B 77 30.48 -23.21 -9.92
CA ASP B 77 29.95 -23.33 -8.58
C ASP B 77 30.80 -24.31 -7.77
N ASP B 78 30.53 -24.39 -6.48
CA ASP B 78 31.24 -25.33 -5.61
C ASP B 78 30.22 -26.21 -4.90
N LEU B 79 30.35 -27.51 -5.09
CA LEU B 79 29.39 -28.47 -4.56
C LEU B 79 30.10 -29.47 -3.67
N ILE B 80 29.47 -29.82 -2.56
CA ILE B 80 30.02 -30.83 -1.65
C ILE B 80 29.69 -32.20 -2.19
N VAL B 81 30.72 -33.00 -2.45
CA VAL B 81 30.58 -34.40 -2.81
C VAL B 81 30.83 -35.23 -1.55
N PRO B 82 29.94 -36.18 -1.21
CA PRO B 82 28.74 -36.69 -1.88
C PRO B 82 27.44 -35.94 -1.61
N SER B 83 26.63 -35.75 -2.67
CA SER B 83 25.33 -35.10 -2.59
C SER B 83 24.58 -35.31 -3.90
N CYS B 84 23.25 -35.38 -3.80
CA CYS B 84 22.36 -35.37 -4.95
C CYS B 84 22.06 -33.92 -5.31
N TRP B 85 22.08 -33.60 -6.60
CA TRP B 85 21.94 -32.19 -6.95
C TRP B 85 20.50 -31.72 -7.04
N GLN B 86 19.51 -32.61 -6.94
CA GLN B 86 18.13 -32.14 -6.88
C GLN B 86 17.78 -31.49 -5.55
N THR B 87 18.57 -31.73 -4.50
CA THR B 87 18.40 -31.10 -3.20
C THR B 87 19.40 -29.96 -2.99
N ASN B 88 19.98 -29.43 -4.06
CA ASN B 88 20.97 -28.36 -3.95
C ASN B 88 20.66 -27.19 -4.88
N GLY B 89 19.40 -27.03 -5.28
CA GLY B 89 19.02 -25.89 -6.09
C GLY B 89 18.99 -26.13 -7.58
N TYR B 90 19.38 -27.32 -8.04
CA TYR B 90 19.37 -27.65 -9.45
C TYR B 90 18.01 -28.27 -9.77
N ASP B 91 17.89 -28.98 -10.91
CA ASP B 91 16.62 -29.29 -11.59
C ASP B 91 15.58 -29.92 -10.67
N GLN B 92 14.31 -29.66 -11.01
CA GLN B 92 13.22 -29.80 -10.06
C GLN B 92 12.93 -31.25 -9.71
N LEU B 93 12.45 -31.44 -8.48
CA LEU B 93 12.22 -32.76 -7.90
C LEU B 93 11.10 -33.49 -8.64
N HIS B 94 11.18 -34.81 -8.63
CA HIS B 94 10.32 -35.62 -9.48
C HIS B 94 10.10 -36.99 -8.86
N TYR B 95 8.85 -37.31 -8.52
CA TYR B 95 8.46 -38.64 -8.09
C TYR B 95 7.61 -39.29 -9.17
N THR B 96 7.91 -40.55 -9.45
CA THR B 96 7.15 -41.31 -10.44
C THR B 96 6.97 -42.74 -9.91
N ASN B 97 5.78 -43.28 -10.13
CA ASN B 97 5.47 -44.68 -9.84
C ASN B 97 5.98 -45.55 -11.00
N VAL B 98 5.45 -46.77 -11.15
CA VAL B 98 5.95 -47.81 -12.05
C VAL B 98 5.98 -47.44 -13.54
N ASN B 99 5.42 -46.29 -13.91
CA ASN B 99 5.55 -45.78 -15.26
C ASN B 99 6.94 -45.16 -15.47
N TYR B 100 7.47 -45.32 -16.68
CA TYR B 100 8.72 -44.65 -17.03
C TYR B 100 8.46 -43.17 -17.19
N PRO B 101 9.28 -42.28 -16.61
CA PRO B 101 9.17 -40.86 -16.96
C PRO B 101 10.02 -40.46 -18.16
N ILE B 102 10.10 -41.31 -19.17
CA ILE B 102 10.76 -41.05 -20.45
C ILE B 102 9.92 -41.78 -21.48
N PRO B 103 9.94 -41.40 -22.76
CA PRO B 103 9.25 -42.19 -23.78
C PRO B 103 9.86 -43.59 -23.89
N TYR B 104 9.00 -44.60 -23.91
CA TYR B 104 9.47 -45.98 -23.99
C TYR B 104 9.96 -46.26 -25.39
N ASP B 105 11.24 -46.00 -25.63
CA ASP B 105 11.85 -46.21 -26.94
C ASP B 105 13.26 -46.74 -26.69
N PRO B 106 13.39 -48.04 -26.43
CA PRO B 106 14.70 -48.58 -26.11
C PRO B 106 15.57 -48.68 -27.34
N PRO B 107 16.87 -48.34 -27.24
CA PRO B 107 17.55 -47.88 -26.03
C PRO B 107 17.72 -46.36 -25.94
N PHE B 108 16.78 -45.59 -26.49
CA PHE B 108 17.02 -44.17 -26.69
C PHE B 108 16.43 -43.35 -25.53
N VAL B 109 17.14 -42.29 -25.18
CA VAL B 109 16.78 -41.40 -24.09
C VAL B 109 16.64 -40.01 -24.71
N PRO B 110 15.87 -39.10 -24.09
CA PRO B 110 15.59 -37.80 -24.74
C PRO B 110 16.81 -36.94 -25.02
N ASP B 111 16.66 -36.04 -26.00
CA ASP B 111 17.78 -35.21 -26.42
C ASP B 111 18.11 -34.16 -25.37
N ASP B 112 17.10 -33.63 -24.70
CA ASP B 112 17.31 -32.75 -23.54
C ASP B 112 17.67 -33.65 -22.36
N ASN B 113 18.95 -34.01 -22.29
CA ASN B 113 19.48 -34.89 -21.27
C ASN B 113 20.38 -34.07 -20.38
N PRO B 114 19.98 -33.76 -19.14
CA PRO B 114 20.76 -32.86 -18.29
C PRO B 114 22.09 -33.45 -17.88
N ALA B 115 23.07 -32.57 -17.66
CA ALA B 115 24.43 -33.01 -17.44
C ALA B 115 25.10 -32.18 -16.36
N GLY B 116 26.14 -32.74 -15.77
CA GLY B 116 26.93 -32.03 -14.80
C GLY B 116 28.41 -32.31 -14.94
N THR B 117 29.24 -31.29 -14.77
CA THR B 117 30.68 -31.43 -14.86
C THR B 117 31.30 -31.15 -13.49
N TYR B 118 32.15 -32.08 -13.05
CA TYR B 118 32.87 -32.01 -11.79
C TYR B 118 34.36 -31.92 -12.07
N VAL B 119 35.05 -31.02 -11.36
CA VAL B 119 36.49 -30.85 -11.48
C VAL B 119 37.09 -30.76 -10.08
N ARG B 120 38.13 -31.56 -9.82
CA ARG B 120 38.84 -31.49 -8.55
C ARG B 120 40.32 -31.81 -8.75
N ASP B 121 41.19 -30.98 -8.17
CA ASP B 121 42.62 -31.23 -8.08
C ASP B 121 42.94 -32.01 -6.80
N PHE B 122 44.07 -32.71 -6.83
CA PHE B 122 44.58 -33.38 -5.63
C PHE B 122 46.09 -33.54 -5.76
N ASN B 123 46.73 -33.85 -4.63
CA ASN B 123 48.15 -34.13 -4.58
C ASN B 123 48.39 -35.63 -4.44
N LEU B 124 49.64 -36.03 -4.64
CA LEU B 124 49.98 -37.44 -4.57
C LEU B 124 51.44 -37.54 -4.16
N PRO B 125 51.78 -38.37 -3.18
CA PRO B 125 53.15 -38.41 -2.67
C PRO B 125 54.11 -39.14 -3.61
N GLU B 126 55.38 -39.20 -3.20
CA GLU B 126 56.42 -39.79 -4.02
C GLU B 126 56.39 -41.30 -4.01
N ALA B 127 56.03 -41.92 -2.87
CA ALA B 127 56.01 -43.37 -2.74
C ALA B 127 54.72 -44.00 -3.23
N TRP B 128 53.98 -43.30 -4.08
CA TRP B 128 52.71 -43.77 -4.63
C TRP B 128 52.79 -44.09 -6.11
N THR B 129 53.78 -43.53 -6.81
CA THR B 129 54.05 -43.86 -8.20
C THR B 129 54.90 -45.12 -8.34
N LYS B 130 55.38 -45.68 -7.25
CA LYS B 130 56.07 -46.95 -7.26
C LYS B 130 55.12 -48.14 -7.17
N LYS B 131 53.83 -47.89 -6.99
CA LYS B 131 52.85 -48.96 -6.80
C LYS B 131 51.66 -48.77 -7.72
N GLN B 132 50.62 -49.59 -7.53
CA GLN B 132 49.40 -49.49 -8.31
C GLN B 132 48.43 -48.53 -7.61
N THR B 133 47.76 -47.70 -8.41
CA THR B 133 46.82 -46.70 -7.90
C THR B 133 45.46 -46.92 -8.54
N ARG B 134 44.43 -47.05 -7.71
CA ARG B 134 43.06 -47.24 -8.18
C ARG B 134 42.15 -46.15 -7.65
N ILE B 135 41.08 -45.87 -8.38
CA ILE B 135 40.03 -44.97 -7.91
C ILE B 135 38.74 -45.77 -7.78
N VAL B 136 37.97 -45.48 -6.72
CA VAL B 136 36.74 -46.20 -6.42
C VAL B 136 35.63 -45.17 -6.24
N PHE B 137 34.55 -45.32 -7.02
CA PHE B 137 33.33 -44.56 -6.83
C PHE B 137 32.29 -45.51 -6.27
N GLU B 138 31.76 -45.19 -5.08
CA GLU B 138 30.79 -46.09 -4.46
C GLU B 138 29.40 -46.00 -5.07
N GLY B 139 29.04 -44.90 -5.73
CA GLY B 139 27.77 -44.71 -6.42
C GLY B 139 27.62 -43.40 -7.19
N VAL B 140 27.22 -43.37 -8.48
CA VAL B 140 26.97 -42.15 -9.34
C VAL B 140 25.69 -42.39 -10.12
N ASN B 141 24.69 -41.48 -10.15
CA ASN B 141 23.37 -41.73 -10.79
C ASN B 141 23.66 -41.76 -12.18
N ALA B 142 22.94 -42.64 -12.87
CA ALA B 142 23.10 -43.02 -14.22
C ALA B 142 24.51 -43.34 -14.57
N CYS B 143 24.98 -42.75 -15.57
CA CYS B 143 26.31 -42.95 -16.17
C CYS B 143 27.27 -41.78 -16.00
N PHE B 144 28.57 -42.07 -16.14
CA PHE B 144 29.60 -41.06 -15.99
C PHE B 144 30.83 -41.42 -16.81
N TYR B 145 31.52 -40.38 -17.25
CA TYR B 145 32.82 -40.43 -17.89
C TYR B 145 33.89 -40.00 -16.90
N LEU B 146 35.15 -40.22 -17.26
CA LEU B 146 36.23 -39.93 -16.32
C LEU B 146 37.47 -39.51 -17.09
N TRP B 147 38.13 -38.44 -16.62
CA TRP B 147 39.37 -37.95 -17.21
C TRP B 147 40.35 -37.64 -16.09
N VAL B 148 41.58 -38.11 -16.23
CA VAL B 148 42.66 -37.83 -15.29
C VAL B 148 43.79 -37.16 -16.07
N ASN B 149 44.14 -35.93 -15.66
CA ASN B 149 45.18 -35.09 -16.28
C ASN B 149 44.90 -34.86 -17.76
N GLY B 150 43.63 -34.66 -18.11
CA GLY B 150 43.27 -34.39 -19.49
C GLY B 150 43.29 -35.59 -20.40
N ARG B 151 43.27 -36.80 -19.84
CA ARG B 151 43.36 -38.03 -20.61
C ARG B 151 42.20 -38.94 -20.26
N PHE B 152 41.59 -39.53 -21.27
CA PHE B 152 40.41 -40.37 -21.06
C PHE B 152 40.81 -41.69 -20.42
N VAL B 153 40.16 -42.02 -19.30
CA VAL B 153 40.55 -43.18 -18.51
C VAL B 153 39.39 -44.17 -18.38
N GLY B 154 38.15 -43.70 -18.42
CA GLY B 154 37.05 -44.64 -18.25
C GLY B 154 35.69 -44.05 -18.51
N TYR B 155 34.74 -44.97 -18.72
CA TYR B 155 33.30 -44.75 -18.75
C TYR B 155 32.63 -45.84 -17.95
N SER B 156 31.59 -45.49 -17.20
CA SER B 156 30.84 -46.53 -16.49
C SER B 156 29.38 -46.15 -16.39
N GLN B 157 28.59 -47.14 -15.99
CA GLN B 157 27.15 -47.17 -16.08
C GLN B 157 26.63 -48.17 -15.06
N GLY B 158 25.55 -47.81 -14.37
CA GLY B 158 25.08 -48.60 -13.25
C GLY B 158 25.07 -47.75 -12.00
N SER B 159 23.88 -47.50 -11.45
CA SER B 159 23.70 -46.38 -10.53
C SER B 159 23.92 -46.73 -9.07
N ARG B 160 23.76 -48.00 -8.68
CA ARG B 160 23.75 -48.37 -7.28
C ARG B 160 24.87 -49.34 -6.94
N ILE B 161 25.86 -49.46 -7.81
CA ILE B 161 26.94 -50.44 -7.67
C ILE B 161 28.24 -49.65 -7.80
N PRO B 162 29.30 -49.98 -7.06
CA PRO B 162 30.57 -49.25 -7.21
C PRO B 162 31.22 -49.50 -8.56
N ALA B 163 32.21 -48.65 -8.85
CA ALA B 163 33.01 -48.74 -10.06
C ALA B 163 34.45 -48.39 -9.72
N GLU B 164 35.38 -49.23 -10.15
CA GLU B 164 36.79 -49.05 -9.83
C GLU B 164 37.60 -48.98 -11.11
N PHE B 165 38.55 -48.05 -11.15
CA PHE B 165 39.37 -47.82 -12.33
C PHE B 165 40.83 -47.80 -11.94
N ASP B 166 41.69 -48.00 -12.93
CA ASP B 166 43.13 -48.10 -12.76
C ASP B 166 43.78 -46.81 -13.24
N LEU B 167 44.53 -46.15 -12.36
CA LEU B 167 45.09 -44.83 -12.62
C LEU B 167 46.62 -44.82 -12.67
N THR B 168 47.23 -45.98 -12.83
CA THR B 168 48.69 -46.06 -12.85
C THR B 168 49.33 -45.44 -14.10
N PRO B 169 48.80 -45.56 -15.34
CA PRO B 169 49.41 -44.80 -16.44
C PRO B 169 49.09 -43.31 -16.47
N PHE B 170 48.27 -42.79 -15.56
CA PHE B 170 47.72 -41.46 -15.73
C PHE B 170 48.18 -40.44 -14.71
N VAL B 171 48.60 -40.86 -13.52
CA VAL B 171 48.91 -39.93 -12.44
C VAL B 171 50.41 -39.75 -12.33
N ALA B 172 50.81 -38.64 -11.71
CA ALA B 172 52.19 -38.32 -11.46
C ALA B 172 52.31 -37.69 -10.08
N ALA B 173 53.53 -37.62 -9.57
CA ALA B 173 53.77 -37.02 -8.26
C ALA B 173 53.54 -35.53 -8.31
N GLY B 174 52.90 -35.00 -7.27
CA GLY B 174 52.55 -33.60 -7.24
C GLY B 174 51.08 -33.37 -7.54
N ARG B 175 50.77 -32.23 -8.15
CA ARG B 175 49.38 -31.86 -8.43
C ARG B 175 48.84 -32.67 -9.60
N ASN B 176 47.58 -33.09 -9.48
CA ASN B 176 46.87 -33.80 -10.53
C ASN B 176 45.53 -33.13 -10.78
N ARG B 177 44.76 -33.68 -11.70
CA ARG B 177 43.48 -33.13 -12.12
C ARG B 177 42.50 -34.24 -12.43
N LEU B 178 41.30 -34.15 -11.88
CA LEU B 178 40.24 -35.13 -12.07
C LEU B 178 39.00 -34.42 -12.61
N ALA B 179 38.40 -34.98 -13.66
CA ALA B 179 37.21 -34.41 -14.28
C ALA B 179 36.20 -35.51 -14.54
N VAL B 180 34.95 -35.27 -14.17
CA VAL B 180 33.85 -36.23 -14.30
C VAL B 180 32.71 -35.57 -15.04
N LEU B 181 32.12 -36.28 -16.00
CA LEU B 181 30.88 -35.87 -16.64
C LEU B 181 29.79 -36.86 -16.27
N VAL B 182 28.70 -36.36 -15.66
CA VAL B 182 27.62 -37.19 -15.17
C VAL B 182 26.34 -36.86 -15.94
N LEU B 183 25.67 -37.88 -16.47
CA LEU B 183 24.44 -37.72 -17.21
C LEU B 183 23.26 -38.25 -16.41
N LYS B 184 22.07 -37.70 -16.67
CA LYS B 184 20.88 -38.07 -15.91
C LYS B 184 20.23 -39.35 -16.45
N TRP B 185 20.31 -39.57 -17.75
CA TRP B 185 19.60 -40.65 -18.42
C TRP B 185 20.56 -41.43 -19.28
N CYS B 186 20.54 -42.75 -19.15
CA CYS B 186 21.30 -43.63 -20.05
C CYS B 186 20.39 -44.77 -20.43
N ASP B 187 20.94 -45.76 -21.15
CA ASP B 187 20.12 -46.90 -21.52
C ASP B 187 19.87 -47.86 -20.36
N GLY B 188 20.56 -47.69 -19.24
CA GLY B 188 20.25 -48.38 -18.01
C GLY B 188 19.11 -47.78 -17.22
N THR B 189 18.49 -46.71 -17.73
CA THR B 189 17.32 -46.15 -17.05
C THR B 189 16.11 -47.03 -17.23
N TYR B 190 16.07 -47.80 -18.32
CA TYR B 190 15.00 -48.76 -18.55
C TYR B 190 15.02 -49.89 -17.55
N LEU B 191 16.16 -50.16 -16.92
CA LEU B 191 16.29 -51.21 -15.93
C LEU B 191 16.25 -50.66 -14.50
N GLU B 192 15.91 -49.40 -14.31
CA GLU B 192 15.91 -48.76 -13.00
C GLU B 192 14.62 -47.99 -12.78
N ASP B 193 13.49 -48.61 -13.08
CA ASP B 193 12.19 -47.95 -12.96
C ASP B 193 11.60 -48.17 -11.57
N GLN B 194 12.32 -47.70 -10.55
CA GLN B 194 11.88 -47.86 -9.19
C GLN B 194 10.87 -46.78 -8.80
N ASP B 195 9.91 -47.18 -7.98
CA ASP B 195 8.90 -46.26 -7.44
C ASP B 195 9.52 -45.48 -6.27
N VAL B 196 10.31 -44.46 -6.65
CA VAL B 196 11.07 -43.66 -5.69
C VAL B 196 11.33 -42.32 -6.35
N TRP B 197 11.72 -41.33 -5.56
CA TRP B 197 12.19 -40.05 -6.11
C TRP B 197 13.44 -40.28 -6.93
N ARG B 198 13.57 -39.53 -8.03
CA ARG B 198 14.64 -39.72 -9.00
C ARG B 198 15.72 -38.68 -8.76
N PHE B 199 16.84 -39.09 -8.18
CA PHE B 199 17.95 -38.19 -7.90
C PHE B 199 19.09 -38.46 -8.88
N SER B 200 20.05 -37.54 -8.87
CA SER B 200 21.17 -37.57 -9.80
C SER B 200 22.43 -37.07 -9.13
N GLY B 201 23.57 -37.53 -9.61
CA GLY B 201 24.86 -37.00 -9.21
C GLY B 201 25.77 -38.06 -8.63
N ILE B 202 26.88 -37.60 -8.07
CA ILE B 202 27.77 -38.41 -7.27
C ILE B 202 27.23 -38.36 -5.84
N TYR B 203 26.54 -39.40 -5.40
CA TYR B 203 25.87 -39.36 -4.11
C TYR B 203 26.49 -40.26 -3.06
N ARG B 204 27.50 -41.04 -3.41
CA ARG B 204 28.19 -41.87 -2.44
C ARG B 204 29.68 -41.51 -2.42
N ASP B 205 30.44 -42.28 -1.65
CA ASP B 205 31.83 -41.95 -1.38
C ASP B 205 32.72 -42.17 -2.61
N VAL B 206 33.85 -41.47 -2.62
CA VAL B 206 34.84 -41.51 -3.68
C VAL B 206 36.21 -41.52 -3.03
N TYR B 207 37.07 -42.48 -3.37
CA TYR B 207 38.40 -42.49 -2.77
C TYR B 207 39.43 -43.14 -3.70
N LEU B 208 40.69 -43.04 -3.28
CA LEU B 208 41.85 -43.57 -3.99
C LEU B 208 42.55 -44.60 -3.13
N LEU B 209 42.93 -45.72 -3.75
CA LEU B 209 43.66 -46.80 -3.09
C LEU B 209 45.04 -46.96 -3.70
N SER B 210 46.00 -47.34 -2.85
CA SER B 210 47.39 -47.58 -3.26
C SER B 210 47.75 -49.02 -2.93
N ARG B 211 47.58 -49.91 -3.89
CA ARG B 211 47.87 -51.32 -3.69
C ARG B 211 49.14 -51.69 -4.46
N ASP B 212 50.00 -52.46 -3.81
CA ASP B 212 51.31 -52.81 -4.34
C ASP B 212 51.19 -53.75 -5.54
N ASN B 213 52.34 -54.05 -6.14
CA ASN B 213 52.36 -54.65 -7.46
C ASN B 213 51.92 -56.11 -7.45
N THR B 214 52.12 -56.81 -6.34
CA THR B 214 51.62 -58.16 -6.15
C THR B 214 50.73 -58.12 -4.90
N HIS B 215 49.42 -58.13 -5.10
CA HIS B 215 48.47 -57.94 -4.01
C HIS B 215 47.33 -58.94 -4.08
N ILE B 216 46.70 -59.18 -2.94
CA ILE B 216 45.50 -60.01 -2.86
C ILE B 216 44.37 -59.27 -3.56
N ARG B 217 43.87 -59.84 -4.65
CA ARG B 217 42.86 -59.15 -5.43
C ARG B 217 41.45 -59.45 -4.93
N ASP B 218 41.14 -60.69 -4.60
CA ASP B 218 39.78 -61.05 -4.22
C ASP B 218 39.80 -62.09 -3.11
N VAL B 219 38.83 -62.02 -2.20
CA VAL B 219 38.70 -62.93 -1.08
C VAL B 219 37.25 -63.37 -0.99
N PHE B 220 37.04 -64.68 -0.93
CA PHE B 220 35.71 -65.23 -0.65
C PHE B 220 35.80 -66.20 0.51
N ASN B 221 35.19 -65.85 1.63
CA ASN B 221 35.20 -66.68 2.83
C ASN B 221 33.97 -67.57 2.83
N GLN B 222 34.15 -68.81 3.24
CA GLN B 222 33.07 -69.80 3.26
C GLN B 222 33.04 -70.49 4.60
N PRO B 223 32.00 -70.29 5.41
CA PRO B 223 31.74 -71.22 6.51
C PRO B 223 31.25 -72.56 5.97
N LEU B 224 31.72 -73.63 6.58
CA LEU B 224 31.49 -75.00 6.09
C LEU B 224 31.06 -75.91 7.23
N LEU B 225 29.99 -75.51 7.92
CA LEU B 225 29.43 -76.29 9.02
C LEU B 225 29.05 -77.71 8.59
N SER B 226 29.11 -78.63 9.54
CA SER B 226 28.86 -80.03 9.28
C SER B 226 27.35 -80.29 9.24
N ASP B 227 26.97 -81.57 9.20
CA ASP B 227 25.56 -81.90 9.02
C ASP B 227 24.77 -81.75 10.31
N ASP B 228 25.42 -81.86 11.47
CA ASP B 228 24.77 -81.70 12.76
C ASP B 228 25.18 -80.41 13.47
N LEU B 229 25.76 -79.46 12.71
CA LEU B 229 26.16 -78.13 13.18
C LEU B 229 27.18 -78.18 14.31
N SER B 230 28.08 -79.17 14.28
CA SER B 230 29.00 -79.41 15.37
C SER B 230 30.47 -79.24 15.02
N GLU B 231 30.81 -79.16 13.74
CA GLU B 231 32.18 -78.93 13.30
C GLU B 231 32.20 -77.81 12.28
N GLY B 232 33.14 -76.89 12.42
CA GLY B 232 33.23 -75.75 11.53
C GLY B 232 34.54 -75.73 10.77
N LYS B 233 34.49 -75.25 9.53
CA LYS B 233 35.67 -75.07 8.72
C LYS B 233 35.55 -73.75 7.98
N LEU B 234 36.52 -72.86 8.16
CA LEU B 234 36.59 -71.63 7.39
C LEU B 234 37.48 -71.86 6.17
N ARG B 235 36.88 -71.76 4.99
CA ARG B 235 37.59 -71.90 3.73
C ARG B 235 37.70 -70.51 3.10
N SER B 236 38.90 -69.97 3.04
CA SER B 236 39.12 -68.62 2.51
C SER B 236 39.78 -68.74 1.14
N GLU B 237 38.97 -68.63 0.09
CA GLU B 237 39.45 -68.67 -1.28
C GLU B 237 40.05 -67.32 -1.63
N ILE B 238 41.36 -67.28 -1.84
CA ILE B 238 42.09 -66.05 -2.09
C ILE B 238 42.58 -66.07 -3.53
N GLU B 239 42.34 -64.98 -4.25
CA GLU B 239 42.70 -64.84 -5.66
C GLU B 239 43.65 -63.66 -5.76
N THR B 240 44.91 -63.93 -6.06
CA THR B 240 45.94 -62.90 -6.08
C THR B 240 46.30 -62.52 -7.51
N THR B 241 47.28 -61.63 -7.66
CA THR B 241 47.80 -61.23 -8.96
C THR B 241 49.20 -61.75 -9.22
N GLY B 242 49.72 -62.60 -8.35
CA GLY B 242 51.05 -63.15 -8.49
C GLY B 242 51.39 -64.07 -7.34
N SER B 243 52.66 -64.14 -6.98
CA SER B 243 53.12 -65.05 -5.93
C SER B 243 53.16 -64.30 -4.60
N LEU B 244 52.29 -64.70 -3.67
CA LEU B 244 52.24 -64.04 -2.37
C LEU B 244 52.37 -65.04 -1.23
N THR B 245 53.23 -64.70 -0.28
CA THR B 245 53.26 -65.35 1.02
C THR B 245 52.25 -64.66 1.93
N ILE B 246 51.23 -65.40 2.35
CA ILE B 246 50.08 -64.83 3.03
C ILE B 246 49.97 -65.44 4.43
N GLN B 247 49.92 -64.59 5.44
CA GLN B 247 49.60 -64.97 6.81
C GLN B 247 48.10 -64.86 7.03
N ALA B 248 47.57 -65.75 7.87
CA ALA B 248 46.15 -65.73 8.19
C ALA B 248 45.94 -66.14 9.63
N GLU B 249 45.04 -65.44 10.32
CA GLU B 249 44.71 -65.81 11.70
C GLU B 249 43.23 -65.57 11.98
N LEU B 250 42.68 -66.40 12.86
CA LEU B 250 41.26 -66.41 13.16
C LEU B 250 41.04 -66.32 14.67
N ARG B 251 40.04 -65.54 15.07
CA ARG B 251 39.74 -65.30 16.48
C ARG B 251 38.25 -65.43 16.74
N ASP B 252 37.91 -65.83 17.97
CA ASP B 252 36.54 -66.01 18.43
C ASP B 252 35.95 -64.64 18.81
N PRO B 253 34.65 -64.55 19.15
CA PRO B 253 34.14 -63.24 19.63
C PRO B 253 34.72 -62.78 20.95
N ALA B 254 35.29 -63.67 21.76
CA ALA B 254 35.90 -63.23 23.00
C ALA B 254 37.29 -62.66 22.81
N GLY B 255 37.91 -62.88 21.66
CA GLY B 255 39.25 -62.37 21.43
C GLY B 255 40.37 -63.33 21.78
N LYS B 256 40.32 -64.53 21.22
CA LYS B 256 41.29 -65.57 21.50
C LYS B 256 41.66 -66.28 20.21
N LEU B 257 42.96 -66.50 20.01
CA LEU B 257 43.43 -67.20 18.82
C LEU B 257 42.96 -68.65 18.78
N ILE B 258 42.33 -69.04 17.68
CA ILE B 258 41.92 -70.41 17.46
C ILE B 258 42.54 -71.01 16.20
N GLY B 259 43.24 -70.23 15.40
CA GLY B 259 43.82 -70.72 14.17
C GLY B 259 44.84 -69.76 13.63
N GLN B 260 45.81 -70.29 12.87
CA GLN B 260 46.89 -69.51 12.30
C GLN B 260 47.53 -70.34 11.20
N LYS B 261 47.87 -69.69 10.09
CA LYS B 261 48.30 -70.43 8.90
C LYS B 261 49.13 -69.51 8.02
N GLU B 262 50.06 -70.11 7.27
CA GLU B 262 50.83 -69.44 6.24
C GLU B 262 50.67 -70.19 4.94
N ALA B 263 50.55 -69.46 3.83
CA ALA B 263 50.44 -70.09 2.52
C ALA B 263 51.23 -69.28 1.49
N GLN B 264 51.36 -69.87 0.31
CA GLN B 264 52.07 -69.28 -0.82
C GLN B 264 51.14 -69.45 -2.03
N ILE B 265 50.35 -68.42 -2.31
CA ILE B 265 49.31 -68.50 -3.32
C ILE B 265 49.79 -67.80 -4.58
N ASP B 266 49.64 -68.46 -5.72
CA ASP B 266 50.21 -68.03 -6.99
C ASP B 266 49.12 -67.63 -7.99
N GLY B 267 47.98 -67.15 -7.49
CA GLY B 267 46.94 -66.64 -8.37
C GLY B 267 45.52 -67.01 -7.98
N LYS B 268 45.32 -68.23 -7.47
CA LYS B 268 43.99 -68.70 -7.07
C LYS B 268 44.15 -69.91 -6.17
N GLY B 269 43.72 -69.81 -4.93
CA GLY B 269 43.85 -70.93 -4.01
C GLY B 269 43.21 -70.60 -2.67
N ALA B 270 42.90 -71.66 -1.95
CA ALA B 270 42.18 -71.57 -0.68
C ALA B 270 43.12 -71.75 0.50
N MET B 271 42.62 -71.36 1.68
CA MET B 271 43.33 -71.54 2.96
C MET B 271 42.30 -72.02 3.98
N GLU B 272 42.16 -73.33 4.11
CA GLU B 272 41.20 -73.88 5.04
C GLU B 272 41.72 -73.83 6.46
N LEU B 273 40.78 -73.81 7.41
CA LEU B 273 41.12 -73.69 8.82
C LEU B 273 39.97 -74.29 9.61
N ASP B 274 40.28 -74.89 10.76
CA ASP B 274 39.30 -75.67 11.51
C ASP B 274 38.86 -74.94 12.76
N VAL B 275 37.56 -75.04 13.07
CA VAL B 275 36.94 -74.51 14.27
C VAL B 275 36.21 -75.67 14.93
N PRO B 276 36.66 -76.13 16.12
CA PRO B 276 36.10 -77.36 16.70
C PRO B 276 34.66 -77.26 17.20
N GLN B 277 34.35 -76.25 18.02
CA GLN B 277 33.00 -76.05 18.53
C GLN B 277 32.56 -74.64 18.16
N PRO B 278 31.79 -74.46 17.10
CA PRO B 278 31.49 -73.12 16.61
C PRO B 278 30.33 -72.44 17.31
N GLN B 279 30.42 -71.11 17.39
CA GLN B 279 29.35 -70.27 17.90
C GLN B 279 28.63 -69.68 16.69
N LEU B 280 27.34 -69.94 16.59
CA LEU B 280 26.60 -69.67 15.36
C LEU B 280 26.01 -68.27 15.34
N TRP B 281 25.77 -67.77 14.14
CA TRP B 281 25.17 -66.45 13.95
C TRP B 281 23.66 -66.59 13.80
N ASN B 282 22.95 -65.67 14.41
CA ASN B 282 21.51 -65.49 14.21
C ASN B 282 21.17 -64.06 14.58
N ALA B 283 19.91 -63.68 14.36
CA ALA B 283 19.52 -62.27 14.49
C ALA B 283 19.48 -61.80 15.93
N GLU B 284 19.37 -62.71 16.89
CA GLU B 284 19.26 -62.33 18.29
C GLU B 284 20.49 -62.66 19.11
N GLN B 285 21.46 -63.38 18.55
CA GLN B 285 22.76 -63.62 19.19
C GLN B 285 23.84 -63.45 18.13
N PRO B 286 24.13 -62.20 17.72
CA PRO B 286 25.05 -62.02 16.57
C PRO B 286 26.53 -62.18 16.90
N ARG B 287 27.00 -63.43 16.89
CA ARG B 287 28.37 -63.74 17.26
C ARG B 287 29.23 -63.83 16.00
N LEU B 288 30.37 -63.12 15.99
CA LEU B 288 31.18 -62.98 14.79
C LEU B 288 32.64 -63.30 15.10
N TYR B 289 33.22 -64.20 14.30
CA TYR B 289 34.65 -64.45 14.29
C TYR B 289 35.38 -63.35 13.53
N GLU B 290 36.68 -63.24 13.77
CA GLU B 290 37.52 -62.24 13.12
C GLU B 290 38.64 -62.91 12.34
N LEU B 291 38.77 -62.56 11.07
CA LEU B 291 39.82 -63.09 10.20
C LEU B 291 40.76 -61.96 9.81
N ILE B 292 42.06 -62.17 9.99
CA ILE B 292 43.08 -61.21 9.60
C ILE B 292 43.99 -61.86 8.58
N LEU B 293 44.09 -61.24 7.40
CA LEU B 293 45.00 -61.64 6.35
C LEU B 293 46.13 -60.63 6.25
N THR B 294 47.35 -61.11 6.10
CA THR B 294 48.52 -60.25 6.03
C THR B 294 49.33 -60.62 4.81
N ALA B 295 49.64 -59.63 3.96
CA ALA B 295 50.42 -59.88 2.76
C ALA B 295 51.19 -58.62 2.40
N GLY B 296 52.52 -58.70 2.46
CA GLY B 296 53.36 -57.58 2.13
C GLY B 296 53.22 -56.43 3.09
N GLN B 297 52.68 -55.31 2.60
CA GLN B 297 52.39 -54.15 3.43
C GLN B 297 50.91 -54.04 3.78
N GLU B 298 50.09 -54.99 3.35
CA GLU B 298 48.64 -54.87 3.45
C GLU B 298 48.08 -55.82 4.49
N VAL B 299 47.10 -55.32 5.25
CA VAL B 299 46.40 -56.09 6.27
C VAL B 299 44.91 -55.97 6.00
N LEU B 300 44.25 -57.10 5.79
CA LEU B 300 42.82 -57.15 5.50
C LEU B 300 42.08 -57.78 6.66
N ARG B 301 40.95 -57.18 7.04
CA ARG B 301 40.16 -57.63 8.17
C ARG B 301 38.76 -58.03 7.70
N PHE B 302 38.32 -59.22 8.08
CA PHE B 302 37.01 -59.73 7.74
C PHE B 302 36.30 -60.20 9.00
N ARG B 303 34.98 -60.18 8.96
CA ARG B 303 34.16 -60.62 10.09
C ARG B 303 33.24 -61.74 9.60
N VAL B 304 33.38 -62.90 10.21
CA VAL B 304 32.83 -64.15 9.69
C VAL B 304 31.71 -64.60 10.61
N GLY B 305 30.59 -65.02 10.02
CA GLY B 305 29.51 -65.60 10.79
C GLY B 305 29.13 -66.98 10.30
N PHE B 306 28.96 -67.93 11.21
CA PHE B 306 28.68 -69.32 10.84
C PHE B 306 27.19 -69.56 10.89
N LYS B 307 26.59 -69.87 9.74
CA LYS B 307 25.15 -70.15 9.68
C LYS B 307 24.87 -71.06 8.49
N LYS B 308 23.68 -71.64 8.50
CA LYS B 308 23.24 -72.50 7.41
C LYS B 308 21.76 -72.27 7.15
N VAL B 309 21.43 -71.98 5.90
CA VAL B 309 20.06 -71.68 5.47
C VAL B 309 19.61 -72.80 4.54
N GLU B 310 18.44 -73.36 4.78
CA GLU B 310 18.00 -74.50 3.98
C GLU B 310 16.49 -74.59 3.92
N ILE B 311 16.01 -75.48 3.05
CA ILE B 311 14.62 -75.90 2.97
C ILE B 311 14.62 -77.43 2.96
N THR B 312 13.83 -78.04 3.85
CA THR B 312 13.88 -79.48 4.04
C THR B 312 12.65 -80.20 3.51
N ASP B 313 11.46 -79.87 4.00
CA ASP B 313 10.24 -80.53 3.59
C ASP B 313 9.20 -79.49 3.19
N GLY B 314 9.64 -78.44 2.51
CA GLY B 314 8.82 -77.26 2.37
C GLY B 314 8.84 -76.36 3.58
N ILE B 315 9.83 -76.53 4.46
CA ILE B 315 9.93 -75.76 5.69
C ILE B 315 11.27 -75.02 5.67
N PHE B 316 11.20 -73.70 5.68
CA PHE B 316 12.38 -72.86 5.73
C PHE B 316 13.07 -72.99 7.08
N ARG B 317 14.38 -73.20 7.09
CA ARG B 317 15.11 -73.42 8.32
C ARG B 317 16.42 -72.65 8.33
N ILE B 318 16.73 -72.06 9.48
CA ILE B 318 18.03 -71.43 9.75
C ILE B 318 18.61 -72.10 10.97
N ASN B 319 19.80 -72.69 10.81
CA ASN B 319 20.55 -73.39 11.86
C ASN B 319 19.75 -74.51 12.49
N GLY B 320 19.03 -75.26 11.66
CA GLY B 320 18.24 -76.38 12.13
C GLY B 320 16.84 -76.06 12.59
N ARG B 321 16.65 -74.91 13.22
CA ARG B 321 15.33 -74.51 13.71
C ARG B 321 14.49 -73.90 12.60
N ALA B 322 13.18 -74.03 12.74
CA ALA B 322 12.25 -73.40 11.80
C ALA B 322 12.02 -71.95 12.23
N VAL B 323 12.26 -71.03 11.30
CA VAL B 323 12.27 -69.61 11.59
C VAL B 323 11.20 -68.93 10.74
N LYS B 324 10.39 -68.08 11.36
CA LYS B 324 9.44 -67.23 10.65
C LYS B 324 9.99 -65.81 10.59
N LEU B 325 10.13 -65.30 9.38
CA LEU B 325 10.77 -64.01 9.13
C LEU B 325 9.75 -62.89 9.28
N LYS B 326 10.06 -61.92 10.14
CA LYS B 326 9.14 -60.86 10.52
C LYS B 326 9.81 -59.54 10.16
N GLY B 327 9.52 -58.98 8.98
CA GLY B 327 10.32 -57.88 8.48
C GLY B 327 9.53 -56.78 7.78
N VAL B 328 10.28 -55.75 7.39
CA VAL B 328 9.78 -54.60 6.64
C VAL B 328 10.66 -54.40 5.42
N ASN B 329 10.17 -53.62 4.47
CA ASN B 329 10.97 -53.18 3.34
C ASN B 329 11.52 -51.78 3.62
N ARG B 330 12.62 -51.44 2.96
CA ARG B 330 13.30 -50.19 3.29
C ARG B 330 13.95 -49.58 2.06
N HIS B 331 13.59 -48.35 1.75
CA HIS B 331 14.33 -47.51 0.81
C HIS B 331 15.32 -46.65 1.58
N ASP B 332 16.45 -46.37 0.96
CA ASP B 332 17.34 -45.33 1.47
C ASP B 332 16.75 -43.98 1.09
N SER B 333 16.21 -43.28 2.08
CA SER B 333 15.55 -42.00 1.83
C SER B 333 15.67 -41.12 3.05
N HIS B 334 16.31 -39.97 2.89
CA HIS B 334 16.46 -38.93 3.89
C HIS B 334 15.64 -37.73 3.45
N PRO B 335 14.90 -37.08 4.36
CA PRO B 335 14.02 -35.97 3.94
C PRO B 335 14.74 -34.69 3.57
N GLU B 336 16.06 -34.61 3.75
CA GLU B 336 16.82 -33.42 3.38
C GLU B 336 18.00 -33.71 2.46
N LEU B 337 18.45 -34.96 2.34
CA LEU B 337 19.63 -35.29 1.54
C LEU B 337 19.33 -36.27 0.42
N GLY B 338 18.10 -36.75 0.30
CA GLY B 338 17.77 -37.68 -0.76
C GLY B 338 18.29 -39.08 -0.51
N GLN B 339 19.19 -39.55 -1.36
CA GLN B 339 19.78 -40.88 -1.20
C GLN B 339 21.16 -40.84 -0.59
N THR B 340 21.55 -39.72 0.01
CA THR B 340 22.78 -39.63 0.78
C THR B 340 22.42 -39.88 2.25
N ILE B 341 22.90 -40.99 2.79
CA ILE B 341 22.52 -41.42 4.14
C ILE B 341 23.78 -41.44 5.00
N PRO B 342 23.85 -40.64 6.06
CA PRO B 342 24.96 -40.74 7.01
C PRO B 342 24.77 -41.95 7.92
N VAL B 343 25.78 -42.20 8.76
CA VAL B 343 25.85 -43.43 9.53
C VAL B 343 24.86 -43.40 10.70
N ASN B 344 24.79 -42.28 11.41
CA ASN B 344 23.91 -42.18 12.58
C ASN B 344 22.44 -42.26 12.19
N HIS B 345 22.10 -41.82 10.98
CA HIS B 345 20.75 -41.95 10.49
C HIS B 345 20.40 -43.39 10.16
N MET B 346 21.40 -44.25 9.90
CA MET B 346 21.17 -45.68 9.78
C MET B 346 21.02 -46.34 11.14
N ILE B 347 21.88 -45.94 12.09
CA ILE B 347 21.87 -46.52 13.44
C ILE B 347 20.57 -46.21 14.16
N ALA B 348 20.01 -45.02 13.92
CA ALA B 348 18.72 -44.66 14.52
C ALA B 348 17.60 -45.54 13.98
N ASP B 349 17.59 -45.79 12.67
CA ASP B 349 16.59 -46.67 12.07
C ASP B 349 16.72 -48.09 12.59
N LEU B 350 17.95 -48.59 12.75
CA LEU B 350 18.14 -49.95 13.22
C LEU B 350 17.73 -50.11 14.68
N LYS B 351 18.02 -49.10 15.51
CA LYS B 351 17.57 -49.16 16.90
C LYS B 351 16.05 -49.09 16.99
N LEU B 352 15.41 -48.23 16.18
CA LEU B 352 13.96 -48.12 16.23
C LEU B 352 13.27 -49.36 15.69
N MET B 353 13.87 -50.04 14.70
CA MET B 353 13.32 -51.32 14.25
C MET B 353 13.51 -52.40 15.31
N LYS B 354 14.68 -52.45 15.95
CA LYS B 354 14.98 -53.52 16.88
C LYS B 354 14.16 -53.41 18.16
N ARG B 355 13.76 -52.19 18.54
CA ARG B 355 12.86 -52.06 19.69
C ARG B 355 11.38 -52.15 19.29
N HIS B 356 11.07 -52.69 18.11
CA HIS B 356 9.69 -53.00 17.71
C HIS B 356 9.60 -54.41 17.15
N ASN B 357 10.44 -55.31 17.64
CA ASN B 357 10.34 -56.77 17.44
C ASN B 357 10.59 -57.20 15.99
N ILE B 358 11.35 -56.43 15.23
CA ILE B 358 11.62 -56.73 13.82
C ILE B 358 12.98 -57.40 13.72
N ASN B 359 13.06 -58.50 12.96
CA ASN B 359 14.33 -59.19 12.77
C ASN B 359 14.76 -59.35 11.31
N THR B 360 13.97 -58.88 10.35
CA THR B 360 14.29 -59.04 8.94
C THR B 360 14.18 -57.67 8.27
N ILE B 361 15.06 -57.41 7.30
CA ILE B 361 14.99 -56.22 6.47
C ILE B 361 15.18 -56.66 5.02
N ARG B 362 14.31 -56.20 4.14
CA ARG B 362 14.44 -56.41 2.71
C ARG B 362 14.87 -55.12 2.03
N THR B 363 16.06 -55.12 1.44
CA THR B 363 16.59 -53.95 0.75
C THR B 363 15.79 -53.76 -0.54
N SER B 364 14.85 -52.82 -0.51
CA SER B 364 13.84 -52.72 -1.56
C SER B 364 14.44 -52.14 -2.83
N HIS B 365 14.61 -53.02 -3.83
CA HIS B 365 14.76 -52.81 -5.27
C HIS B 365 16.15 -52.37 -5.71
N TYR B 366 17.11 -52.23 -4.80
CA TYR B 366 18.50 -51.95 -5.12
C TYR B 366 19.34 -52.30 -3.90
N PRO B 367 20.62 -52.62 -4.08
CA PRO B 367 21.50 -52.80 -2.92
C PRO B 367 21.87 -51.47 -2.28
N ASN B 368 22.08 -51.52 -0.96
CA ASN B 368 22.34 -50.30 -0.20
C ASN B 368 23.84 -50.05 -0.09
N ASP B 369 24.21 -49.11 0.76
CA ASP B 369 25.60 -48.76 0.99
C ASP B 369 26.30 -49.91 1.72
N PRO B 370 27.60 -50.13 1.46
CA PRO B 370 28.27 -51.30 2.05
C PRO B 370 28.44 -51.28 3.57
N LYS B 371 28.22 -50.16 4.24
CA LYS B 371 28.32 -50.15 5.69
C LYS B 371 26.99 -50.35 6.38
N PHE B 372 25.88 -50.26 5.65
CA PHE B 372 24.60 -50.67 6.20
C PHE B 372 24.59 -52.16 6.51
N LEU B 373 25.22 -52.96 5.64
CA LEU B 373 25.34 -54.39 5.90
C LEU B 373 26.35 -54.69 7.00
N ASP B 374 27.37 -53.84 7.14
CA ASP B 374 28.29 -53.95 8.27
C ASP B 374 27.58 -53.69 9.59
N LEU B 375 26.64 -52.75 9.60
CA LEU B 375 25.84 -52.52 10.80
C LEU B 375 24.86 -53.65 11.04
N CYS B 376 24.28 -54.20 9.96
CA CYS B 376 23.32 -55.29 10.12
C CYS B 376 23.96 -56.60 10.54
N ASP B 377 25.27 -56.76 10.31
CA ASP B 377 25.98 -57.91 10.87
C ASP B 377 26.11 -57.81 12.39
N GLU B 378 26.13 -56.59 12.92
CA GLU B 378 26.43 -56.34 14.33
C GLU B 378 25.16 -56.27 15.19
N PHE B 379 24.14 -55.56 14.72
CA PHE B 379 22.87 -55.50 15.45
C PHE B 379 22.13 -56.82 15.40
N GLY B 380 22.12 -57.47 14.24
CA GLY B 380 21.41 -58.73 14.06
C GLY B 380 20.11 -58.57 13.31
N PHE B 381 20.15 -58.80 12.01
CA PHE B 381 18.99 -58.69 11.13
C PHE B 381 19.20 -59.66 9.97
N TYR B 382 18.13 -60.26 9.49
CA TYR B 382 18.20 -61.08 8.29
C TYR B 382 17.99 -60.19 7.07
N ILE B 383 18.88 -60.31 6.09
CA ILE B 383 18.88 -59.41 4.94
C ILE B 383 18.50 -60.17 3.69
N ILE B 384 17.49 -59.66 2.99
CA ILE B 384 17.10 -60.12 1.67
C ILE B 384 17.58 -59.05 0.70
N ASP B 385 18.63 -59.35 -0.05
CA ASP B 385 19.38 -58.34 -0.79
C ASP B 385 18.95 -58.38 -2.25
N GLU B 386 18.24 -57.35 -2.69
CA GLU B 386 17.70 -57.31 -4.05
C GLU B 386 18.66 -56.61 -5.00
N ALA B 387 18.55 -56.97 -6.27
CA ALA B 387 19.37 -56.39 -7.32
C ALA B 387 18.69 -55.15 -7.91
N ASP B 388 19.49 -54.35 -8.59
CA ASP B 388 19.05 -53.06 -9.13
C ASP B 388 18.42 -53.29 -10.49
N LEU B 389 17.21 -53.82 -10.50
CA LEU B 389 16.59 -54.14 -11.78
C LEU B 389 15.07 -54.03 -11.69
N GLU B 390 14.43 -53.18 -12.44
CA GLU B 390 13.00 -53.00 -12.29
C GLU B 390 12.51 -52.60 -13.61
N CYS B 391 12.44 -53.53 -14.51
CA CYS B 391 12.08 -53.23 -15.83
C CYS B 391 10.63 -53.35 -15.89
N HIS B 392 9.90 -52.41 -15.31
CA HIS B 392 8.44 -52.54 -15.25
C HIS B 392 7.91 -52.51 -16.64
N GLY B 393 8.72 -52.17 -17.63
CA GLY B 393 8.37 -52.25 -19.04
C GLY B 393 7.02 -51.87 -19.49
N VAL B 394 6.32 -52.84 -20.03
CA VAL B 394 4.96 -52.60 -20.44
C VAL B 394 4.84 -51.32 -21.29
N HIS B 406 7.34 -54.33 -25.92
CA HIS B 406 7.67 -54.40 -24.50
C HIS B 406 8.39 -55.71 -24.19
N LYS B 407 8.46 -56.03 -22.89
CA LYS B 407 9.09 -57.24 -22.36
C LYS B 407 10.57 -57.34 -22.76
N LEU B 408 11.35 -56.44 -22.16
CA LEU B 408 12.81 -56.50 -22.25
C LEU B 408 13.39 -57.77 -21.65
N SER B 409 12.64 -58.45 -20.77
CA SER B 409 13.11 -59.69 -20.17
C SER B 409 13.26 -60.81 -21.18
N ASN B 410 12.50 -60.78 -22.28
CA ASN B 410 12.56 -61.81 -23.30
C ASN B 410 13.34 -61.39 -24.53
N ASN B 411 14.05 -60.27 -24.45
CA ASN B 411 14.80 -59.75 -25.58
C ASN B 411 16.25 -60.20 -25.42
N PRO B 412 16.78 -61.04 -26.31
CA PRO B 412 18.09 -61.68 -26.04
C PRO B 412 19.29 -60.76 -26.16
N ASP B 413 19.16 -59.57 -26.74
CA ASP B 413 20.28 -58.65 -26.80
C ASP B 413 20.32 -57.69 -25.62
N TRP B 414 19.51 -57.94 -24.59
CA TRP B 414 19.59 -57.28 -23.30
C TRP B 414 20.18 -58.17 -22.24
N LYS B 415 20.69 -59.34 -22.60
CA LYS B 415 21.01 -60.36 -21.61
C LYS B 415 22.25 -60.02 -20.82
N GLU B 416 23.26 -59.41 -21.45
CA GLU B 416 24.46 -59.04 -20.72
C GLU B 416 24.23 -57.88 -19.76
N ALA B 417 23.19 -57.08 -19.98
CA ALA B 417 22.82 -56.04 -19.03
C ALA B 417 22.11 -56.60 -17.82
N PHE B 418 21.22 -57.58 -18.04
CA PHE B 418 20.53 -58.26 -16.96
C PHE B 418 21.48 -59.05 -16.07
N VAL B 419 22.47 -59.73 -16.67
CA VAL B 419 23.32 -60.63 -15.91
C VAL B 419 24.32 -59.86 -15.04
N GLU B 420 24.90 -58.77 -15.56
CA GLU B 420 25.94 -58.09 -14.82
C GLU B 420 25.41 -57.34 -13.62
N ARG B 421 24.12 -56.99 -13.59
CA ARG B 421 23.57 -56.34 -12.42
C ARG B 421 23.39 -57.30 -11.26
N ALA B 422 23.36 -58.60 -11.52
CA ALA B 422 23.44 -59.60 -10.47
C ALA B 422 24.87 -59.98 -10.16
N VAL B 423 25.74 -60.03 -11.17
CA VAL B 423 27.13 -60.40 -10.94
C VAL B 423 27.84 -59.35 -10.09
N ARG B 424 27.57 -58.07 -10.35
CA ARG B 424 28.19 -57.00 -9.59
C ARG B 424 27.62 -56.88 -8.19
N MET B 425 26.38 -57.33 -7.96
CA MET B 425 25.83 -57.32 -6.62
C MET B 425 26.35 -58.48 -5.79
N VAL B 426 26.27 -59.70 -6.32
CA VAL B 426 26.62 -60.89 -5.57
C VAL B 426 28.11 -60.92 -5.25
N GLU B 427 28.95 -60.40 -6.14
CA GLU B 427 30.38 -60.37 -5.89
C GLU B 427 30.74 -59.34 -4.83
N ARG B 428 29.90 -58.32 -4.62
CA ARG B 428 30.21 -57.25 -3.68
C ARG B 428 29.85 -57.64 -2.25
N ASP B 429 28.78 -58.41 -2.07
CA ASP B 429 28.17 -58.65 -0.77
C ASP B 429 28.22 -60.12 -0.37
N LYS B 430 29.24 -60.86 -0.78
CA LYS B 430 29.24 -62.30 -0.56
C LYS B 430 29.88 -62.72 0.75
N ASN B 431 30.52 -61.80 1.48
CA ASN B 431 31.13 -62.12 2.76
C ASN B 431 30.38 -61.49 3.93
N HIS B 432 29.08 -61.27 3.77
CA HIS B 432 28.27 -60.70 4.83
C HIS B 432 27.42 -61.77 5.49
N ALA B 433 27.52 -61.86 6.81
CA ALA B 433 26.90 -62.92 7.58
C ALA B 433 25.42 -62.72 7.80
N SER B 434 24.84 -61.61 7.33
CA SER B 434 23.43 -61.34 7.53
C SER B 434 22.58 -61.60 6.29
N VAL B 435 23.20 -61.62 5.11
CA VAL B 435 22.46 -61.86 3.88
C VAL B 435 22.09 -63.34 3.82
N ILE B 436 20.80 -63.62 3.71
CA ILE B 436 20.33 -65.00 3.68
C ILE B 436 19.71 -65.39 2.35
N ILE B 437 19.24 -64.44 1.55
CA ILE B 437 18.48 -64.71 0.32
C ILE B 437 18.91 -63.71 -0.74
N TRP B 438 19.32 -64.20 -1.91
CA TRP B 438 19.58 -63.35 -3.06
C TRP B 438 18.30 -63.19 -3.86
N SER B 439 17.84 -61.95 -4.02
CA SER B 439 16.63 -61.68 -4.77
C SER B 439 16.97 -60.97 -6.07
N MET B 440 16.34 -61.41 -7.17
CA MET B 440 16.69 -60.95 -8.49
C MET B 440 15.90 -59.73 -8.93
N GLY B 441 15.38 -58.95 -7.99
CA GLY B 441 14.72 -57.70 -8.30
C GLY B 441 13.21 -57.84 -8.40
N ASN B 442 12.56 -56.68 -8.50
CA ASN B 442 11.10 -56.62 -8.65
C ASN B 442 10.71 -57.19 -9.99
N GLU B 443 9.89 -58.23 -9.97
CA GLU B 443 9.47 -58.93 -11.17
C GLU B 443 7.96 -58.89 -11.28
N SER B 444 7.47 -58.41 -12.41
CA SER B 444 6.08 -58.60 -12.80
C SER B 444 5.97 -59.39 -14.09
N GLY B 445 7.10 -59.81 -14.66
CA GLY B 445 7.11 -60.60 -15.87
C GLY B 445 8.14 -61.71 -15.84
N TYR B 446 7.68 -62.94 -16.04
CA TYR B 446 8.58 -64.07 -16.22
C TYR B 446 9.30 -63.93 -17.56
N GLY B 447 10.63 -64.00 -17.54
CA GLY B 447 11.40 -63.78 -18.74
C GLY B 447 12.61 -64.69 -18.81
N ASP B 448 13.23 -64.71 -19.98
CA ASP B 448 14.42 -65.53 -20.22
C ASP B 448 15.69 -64.90 -19.67
N ASN B 449 15.65 -63.63 -19.27
CA ASN B 449 16.83 -62.97 -18.72
C ASN B 449 16.91 -63.05 -17.21
N HIS B 450 15.78 -63.25 -16.53
CA HIS B 450 15.83 -63.43 -15.09
C HIS B 450 16.34 -64.81 -14.72
N ILE B 451 16.03 -65.83 -15.54
CA ILE B 451 16.49 -67.18 -15.22
C ILE B 451 17.99 -67.31 -15.45
N ALA B 452 18.56 -66.49 -16.33
CA ALA B 452 20.02 -66.50 -16.50
C ALA B 452 20.70 -65.93 -15.27
N MET B 453 20.11 -64.88 -14.69
CA MET B 453 20.59 -64.30 -13.43
C MET B 453 20.51 -65.33 -12.31
N ALA B 454 19.39 -66.05 -12.23
CA ALA B 454 19.21 -67.05 -11.18
C ALA B 454 20.17 -68.22 -11.34
N GLU B 455 20.43 -68.64 -12.60
CA GLU B 455 21.34 -69.75 -12.82
C GLU B 455 22.79 -69.38 -12.52
N TRP B 456 23.20 -68.16 -12.88
CA TRP B 456 24.54 -67.70 -12.52
C TRP B 456 24.69 -67.59 -11.01
N THR B 457 23.68 -67.07 -10.33
CA THR B 457 23.75 -66.89 -8.89
C THR B 457 23.77 -68.23 -8.16
N LYS B 458 23.00 -69.20 -8.65
CA LYS B 458 22.96 -70.50 -8.01
C LYS B 458 24.21 -71.30 -8.29
N ALA B 459 24.84 -71.10 -9.46
CA ALA B 459 26.13 -71.73 -9.70
C ALA B 459 27.23 -71.08 -8.88
N ARG B 460 27.16 -69.77 -8.65
CA ARG B 460 28.22 -69.08 -7.94
C ARG B 460 28.16 -69.33 -6.43
N ASP B 461 27.03 -69.01 -5.80
CA ASP B 461 26.87 -69.11 -4.36
C ASP B 461 25.75 -70.11 -4.07
N ALA B 462 26.11 -71.21 -3.43
CA ALA B 462 25.14 -72.24 -3.07
C ALA B 462 24.77 -72.22 -1.60
N SER B 463 25.34 -71.31 -0.82
CA SER B 463 25.06 -71.23 0.60
C SER B 463 23.82 -70.41 0.93
N ARG B 464 23.21 -69.77 -0.06
CA ARG B 464 22.07 -68.90 0.15
C ARG B 464 20.98 -69.22 -0.86
N LEU B 465 19.75 -68.87 -0.50
CA LEU B 465 18.60 -69.15 -1.35
C LEU B 465 18.42 -68.03 -2.38
N VAL B 466 17.75 -68.36 -3.48
CA VAL B 466 17.60 -67.44 -4.60
C VAL B 466 16.11 -67.16 -4.78
N HIS B 467 15.77 -65.87 -4.84
CA HIS B 467 14.40 -65.39 -4.91
C HIS B 467 14.18 -64.71 -6.25
N TYR B 468 13.08 -65.04 -6.92
CA TYR B 468 12.60 -64.24 -8.04
C TYR B 468 11.09 -64.40 -8.16
N GLU B 469 10.42 -63.26 -8.38
CA GLU B 469 8.98 -63.14 -8.15
C GLU B 469 8.14 -63.76 -9.26
N GLY B 470 8.58 -63.63 -10.51
CA GLY B 470 7.80 -64.10 -11.64
C GLY B 470 7.63 -65.60 -11.71
N ALA B 471 8.55 -66.36 -11.10
CA ALA B 471 8.51 -67.82 -10.96
C ALA B 471 8.41 -68.56 -12.30
N CYS B 483 14.03 -75.06 -11.31
CA CYS B 483 14.80 -75.19 -10.08
C CYS B 483 14.58 -73.99 -9.17
N LEU B 484 13.36 -73.86 -8.67
CA LEU B 484 12.99 -72.76 -7.79
C LEU B 484 13.22 -73.14 -6.33
N ASP B 485 13.54 -72.13 -5.52
CA ASP B 485 13.75 -72.35 -4.09
C ASP B 485 12.46 -72.15 -3.30
N LEU B 486 11.87 -70.97 -3.41
CA LEU B 486 10.70 -70.63 -2.61
C LEU B 486 9.65 -69.95 -3.50
N ASP B 487 8.40 -70.00 -3.05
CA ASP B 487 7.29 -69.39 -3.75
C ASP B 487 6.88 -68.09 -3.09
N SER B 488 6.61 -67.07 -3.90
CA SER B 488 6.36 -65.73 -3.41
C SER B 488 5.07 -65.17 -3.97
N ARG B 489 4.37 -64.39 -3.15
CA ARG B 489 3.12 -63.77 -3.55
C ARG B 489 3.09 -62.33 -3.05
N MET B 490 2.77 -61.39 -3.93
CA MET B 490 2.54 -60.00 -3.54
C MET B 490 1.06 -59.78 -3.32
N TYR B 491 0.70 -59.37 -2.10
CA TYR B 491 -0.65 -59.09 -1.63
C TYR B 491 -1.65 -60.21 -1.84
N PRO B 492 -1.58 -61.31 -1.10
CA PRO B 492 -2.69 -62.28 -1.14
C PRO B 492 -3.81 -61.80 -0.24
N SER B 493 -4.91 -62.53 -0.31
CA SER B 493 -5.93 -62.42 0.73
C SER B 493 -5.57 -63.35 1.88
N VAL B 494 -6.26 -63.17 3.01
CA VAL B 494 -6.04 -64.06 4.14
C VAL B 494 -6.66 -65.44 3.86
N LYS B 495 -7.64 -65.50 2.96
CA LYS B 495 -8.20 -66.78 2.54
C LYS B 495 -7.25 -67.50 1.58
N GLU B 496 -6.48 -66.74 0.81
CA GLU B 496 -5.64 -67.35 -0.23
C GLU B 496 -4.46 -68.11 0.35
N ILE B 497 -3.85 -67.57 1.41
CA ILE B 497 -2.69 -68.25 1.97
C ILE B 497 -3.12 -69.47 2.80
N GLU B 498 -4.30 -69.44 3.39
CA GLU B 498 -4.78 -70.65 4.07
C GLU B 498 -5.37 -71.65 3.09
N ARG B 499 -5.70 -71.24 1.87
CA ARG B 499 -5.88 -72.22 0.80
C ARG B 499 -4.56 -72.87 0.42
N TYR B 500 -3.50 -72.06 0.26
CA TYR B 500 -2.20 -72.59 -0.15
C TYR B 500 -1.62 -73.52 0.91
N ALA B 501 -1.87 -73.26 2.19
CA ALA B 501 -1.21 -74.03 3.24
C ALA B 501 -1.81 -75.42 3.38
N LEU B 502 -3.11 -75.57 3.16
CA LEU B 502 -3.76 -76.86 3.35
C LEU B 502 -3.62 -77.79 2.15
N ASP B 503 -3.10 -77.32 1.02
CA ASP B 503 -2.99 -78.14 -0.17
C ASP B 503 -1.82 -79.11 -0.06
N GLU B 504 -1.91 -80.20 -0.82
CA GLU B 504 -0.87 -81.22 -0.85
C GLU B 504 0.07 -81.07 -2.04
N ASN B 505 -0.31 -80.28 -3.05
CA ASN B 505 0.57 -79.97 -4.17
C ASN B 505 1.49 -78.79 -3.87
N SER B 506 1.55 -78.36 -2.62
CA SER B 506 2.42 -77.26 -2.20
C SER B 506 3.68 -77.87 -1.60
N THR B 507 4.75 -77.91 -2.38
CA THR B 507 6.01 -78.47 -1.93
C THR B 507 7.03 -77.42 -1.51
N LYS B 508 6.73 -76.14 -1.72
CA LYS B 508 7.63 -75.05 -1.39
C LYS B 508 6.99 -74.15 -0.34
N PRO B 509 7.79 -73.56 0.55
CA PRO B 509 7.23 -72.63 1.54
C PRO B 509 6.80 -71.33 0.89
N LEU B 510 5.85 -70.66 1.55
CA LEU B 510 5.24 -69.45 1.04
C LEU B 510 5.74 -68.25 1.81
N PHE B 511 6.23 -67.25 1.08
CA PHE B 511 6.77 -66.03 1.66
C PHE B 511 5.94 -64.85 1.17
N LEU B 512 5.33 -64.13 2.10
CA LEU B 512 4.57 -62.93 1.77
C LEU B 512 5.52 -61.83 1.35
N CYS B 513 5.49 -61.47 0.07
CA CYS B 513 6.55 -60.66 -0.51
C CYS B 513 6.44 -59.20 -0.07
N GLU B 514 5.30 -58.57 -0.30
CA GLU B 514 5.09 -57.15 0.00
C GLU B 514 3.70 -56.90 0.59
N TYR B 515 3.31 -57.71 1.56
CA TYR B 515 1.93 -57.72 2.05
C TYR B 515 1.64 -56.49 2.92
N SER B 516 0.34 -56.21 3.08
CA SER B 516 -0.23 -55.21 4.01
C SER B 516 0.31 -53.80 3.75
N HIS B 517 -0.12 -53.24 2.62
CA HIS B 517 0.22 -51.87 2.24
C HIS B 517 -0.22 -50.89 3.32
N ALA B 518 0.71 -50.09 3.81
CA ALA B 518 0.49 -49.21 4.97
C ALA B 518 0.18 -47.79 4.55
N MET B 519 -0.53 -47.62 3.44
CA MET B 519 -0.79 -46.30 2.88
C MET B 519 -1.92 -45.62 3.66
N GLY B 520 -1.55 -44.65 4.50
CA GLY B 520 -2.55 -43.83 5.16
C GLY B 520 -2.67 -44.04 6.66
N ASN B 521 -3.84 -44.45 7.10
CA ASN B 521 -4.15 -44.54 8.53
C ASN B 521 -3.92 -45.97 9.04
N GLY B 522 -2.68 -46.43 8.88
CA GLY B 522 -2.26 -47.70 9.42
C GLY B 522 -2.71 -48.88 8.59
N PRO B 523 -2.03 -50.01 8.75
CA PRO B 523 -2.46 -51.24 8.05
C PRO B 523 -3.65 -51.86 8.74
N GLY B 524 -4.68 -52.18 7.97
CA GLY B 524 -5.76 -53.00 8.47
C GLY B 524 -5.38 -54.47 8.48
N ASP B 525 -6.28 -55.27 9.07
CA ASP B 525 -6.33 -56.74 9.18
C ASP B 525 -4.98 -57.43 9.27
N LEU B 526 -4.12 -56.92 10.16
CA LEU B 526 -2.76 -57.42 10.29
C LEU B 526 -2.68 -58.59 11.25
N GLN B 527 -3.59 -58.66 12.23
CA GLN B 527 -3.69 -59.82 13.10
C GLN B 527 -4.16 -61.05 12.34
N ASP B 528 -4.95 -60.83 11.27
CA ASP B 528 -5.54 -61.93 10.51
C ASP B 528 -4.48 -62.73 9.77
N TYR B 529 -3.45 -62.07 9.24
CA TYR B 529 -2.37 -62.80 8.57
C TYR B 529 -1.58 -63.64 9.56
N TRP B 530 -1.27 -63.09 10.73
CA TRP B 530 -0.38 -63.79 11.63
C TRP B 530 -1.09 -64.87 12.44
N ASN B 531 -2.42 -64.79 12.58
CA ASN B 531 -3.17 -65.88 13.20
C ASN B 531 -3.08 -67.17 12.38
N VAL B 532 -2.91 -67.08 11.06
CA VAL B 532 -2.74 -68.26 10.24
C VAL B 532 -1.28 -68.53 9.86
N ILE B 533 -0.39 -67.53 9.98
CA ILE B 533 1.03 -67.81 9.84
C ILE B 533 1.54 -68.61 11.02
N TYR B 534 1.07 -68.28 12.23
CA TYR B 534 1.54 -68.97 13.44
C TYR B 534 1.07 -70.42 13.49
N ARG B 535 -0.20 -70.69 13.20
CA ARG B 535 -0.72 -72.04 13.38
C ARG B 535 -0.36 -72.99 12.25
N TYR B 536 0.21 -72.50 11.15
CA TYR B 536 0.53 -73.36 10.05
C TYR B 536 2.03 -73.40 9.79
N PRO B 537 2.57 -74.56 9.42
CA PRO B 537 3.86 -74.59 8.71
C PRO B 537 3.65 -74.25 7.24
N LYS B 538 4.69 -74.39 6.41
CA LYS B 538 4.73 -73.99 5.00
C LYS B 538 4.52 -72.49 4.82
N LEU B 539 4.70 -71.70 5.88
CA LEU B 539 4.48 -70.25 5.84
C LEU B 539 5.63 -69.62 6.62
N MET B 540 6.55 -68.98 5.90
CA MET B 540 7.81 -68.51 6.48
C MET B 540 7.80 -67.03 6.82
N GLY B 541 6.63 -66.40 6.86
CA GLY B 541 6.54 -65.00 7.27
C GLY B 541 6.56 -64.05 6.09
N GLY B 542 6.91 -62.80 6.38
CA GLY B 542 6.89 -61.82 5.30
C GLY B 542 7.43 -60.46 5.71
N CYS B 543 7.30 -59.56 4.70
CA CYS B 543 7.75 -58.16 4.80
C CYS B 543 6.67 -57.08 4.55
N VAL B 544 6.23 -56.30 5.56
CA VAL B 544 5.23 -55.17 5.43
C VAL B 544 5.73 -54.11 4.50
N TRP B 545 4.85 -53.46 3.74
CA TRP B 545 5.33 -52.58 2.66
C TRP B 545 6.31 -51.55 3.04
N GLU B 546 5.96 -50.43 3.61
CA GLU B 546 7.11 -49.60 3.82
C GLU B 546 7.53 -49.15 5.17
N TRP B 547 8.82 -48.95 5.38
CA TRP B 547 9.32 -48.40 6.63
C TRP B 547 9.00 -46.95 6.74
N CYS B 548 9.48 -46.08 5.88
CA CYS B 548 9.19 -44.66 5.89
C CYS B 548 8.34 -43.95 4.90
N ASP B 549 7.91 -42.74 5.22
CA ASP B 549 7.20 -41.90 4.30
C ASP B 549 8.26 -41.14 3.53
N HIS B 550 8.07 -40.92 2.25
CA HIS B 550 9.14 -40.34 1.48
C HIS B 550 9.00 -38.87 1.26
N GLY B 551 8.09 -38.24 1.94
CA GLY B 551 7.86 -36.82 1.83
C GLY B 551 9.14 -36.05 2.05
N ILE B 552 9.37 -35.04 1.22
CA ILE B 552 10.61 -34.29 1.28
C ILE B 552 10.32 -32.95 1.97
N ALA B 553 11.30 -32.46 2.73
CA ALA B 553 11.09 -31.30 3.58
C ALA B 553 11.05 -30.05 2.74
N ALA B 554 9.97 -29.27 2.88
CA ALA B 554 9.78 -28.11 2.04
C ALA B 554 9.27 -26.94 2.88
N GLU B 555 9.69 -25.75 2.48
CA GLU B 555 9.22 -24.51 3.07
C GLU B 555 8.02 -23.97 2.30
N THR B 556 7.22 -23.21 3.00
CA THR B 556 6.15 -22.39 2.47
C THR B 556 6.59 -20.93 2.55
N PRO B 557 5.95 -20.01 1.80
CA PRO B 557 6.30 -18.58 1.97
C PRO B 557 5.83 -17.92 3.26
N ASP B 558 5.30 -18.68 4.22
CA ASP B 558 4.89 -18.14 5.50
C ASP B 558 5.76 -18.60 6.67
N GLY B 559 6.53 -19.67 6.51
CA GLY B 559 7.42 -20.13 7.56
C GLY B 559 6.84 -21.18 8.49
N GLN B 560 6.13 -22.16 7.92
CA GLN B 560 5.52 -23.26 8.69
C GLN B 560 5.83 -24.58 7.99
N ARG B 561 7.14 -24.82 7.80
CA ARG B 561 7.77 -25.93 7.08
C ARG B 561 7.07 -27.27 7.24
N TYR B 562 6.84 -27.95 6.11
CA TYR B 562 6.04 -29.16 6.06
C TYR B 562 6.74 -30.22 5.23
N TYR B 563 6.08 -31.34 4.98
CA TYR B 563 6.60 -32.38 4.11
C TYR B 563 5.73 -32.46 2.86
N ALA B 564 6.36 -32.31 1.71
CA ALA B 564 5.66 -32.34 0.43
C ALA B 564 5.79 -33.71 -0.21
N TYR B 565 4.79 -34.06 -1.00
CA TYR B 565 4.74 -35.27 -1.79
C TYR B 565 4.70 -34.89 -3.27
N GLY B 566 4.45 -35.88 -4.12
CA GLY B 566 4.59 -35.69 -5.56
C GLY B 566 3.53 -34.77 -6.13
N GLY B 567 3.92 -34.00 -7.13
CA GLY B 567 3.03 -33.03 -7.75
C GLY B 567 3.08 -31.65 -7.17
N ASP B 568 4.04 -31.36 -6.29
CA ASP B 568 4.17 -30.06 -5.67
C ASP B 568 5.30 -29.23 -6.28
N PHE B 569 5.88 -29.68 -7.39
CA PHE B 569 6.99 -28.98 -8.02
C PHE B 569 6.79 -28.82 -9.52
N GLY B 570 5.58 -29.03 -10.02
CA GLY B 570 5.33 -28.93 -11.45
C GLY B 570 5.84 -30.11 -12.24
N ASP B 571 6.14 -31.23 -11.58
CA ASP B 571 6.70 -32.38 -12.25
C ASP B 571 5.62 -33.25 -12.89
N GLN B 572 5.95 -33.79 -14.06
CA GLN B 572 5.03 -34.64 -14.80
C GLN B 572 5.74 -35.96 -15.09
N PRO B 573 5.12 -37.11 -14.78
CA PRO B 573 3.76 -37.24 -14.23
C PRO B 573 3.71 -37.24 -12.71
N ASN B 574 2.55 -36.91 -12.14
CA ASN B 574 2.36 -36.89 -10.70
C ASN B 574 1.67 -38.17 -10.21
N ASP B 575 2.29 -38.84 -9.24
CA ASP B 575 1.70 -40.04 -8.62
C ASP B 575 1.71 -39.57 -7.23
N ARG B 576 0.90 -38.57 -6.92
CA ARG B 576 0.90 -37.89 -5.64
C ARG B 576 1.07 -38.34 -4.20
N ASN B 577 0.27 -39.28 -3.72
CA ASN B 577 0.27 -39.69 -2.33
C ASN B 577 0.68 -41.16 -2.33
N PHE B 578 1.07 -41.69 -3.49
CA PHE B 578 1.59 -43.05 -3.56
C PHE B 578 2.96 -43.21 -2.92
N CYS B 579 3.65 -42.11 -2.62
CA CYS B 579 4.98 -42.16 -2.04
C CYS B 579 4.98 -42.19 -0.52
N ILE B 580 3.84 -41.95 0.14
CA ILE B 580 3.88 -41.76 1.58
C ILE B 580 3.99 -43.12 2.26
N ASP B 581 2.87 -43.88 2.26
CA ASP B 581 2.72 -45.31 2.52
C ASP B 581 3.73 -45.99 3.46
N GLY B 582 4.01 -45.39 4.61
CA GLY B 582 5.06 -45.86 5.48
C GLY B 582 4.60 -46.06 6.91
N LEU B 583 5.49 -46.65 7.71
CA LEU B 583 5.21 -46.93 9.11
C LEU B 583 5.73 -45.85 10.05
N VAL B 584 6.65 -45.00 9.59
CA VAL B 584 7.16 -43.89 10.38
C VAL B 584 7.01 -42.60 9.60
N PHE B 585 6.98 -41.49 10.34
CA PHE B 585 7.03 -40.17 9.74
C PHE B 585 8.42 -39.91 9.16
N PRO B 586 8.57 -38.93 8.26
CA PRO B 586 9.91 -38.64 7.70
C PRO B 586 10.93 -38.14 8.71
N ASP B 587 10.50 -37.59 9.86
CA ASP B 587 11.41 -37.32 10.96
C ASP B 587 11.47 -38.47 11.96
N ARG B 588 11.09 -39.67 11.53
CA ARG B 588 11.23 -40.93 12.26
C ARG B 588 10.43 -40.95 13.57
N ARG B 589 9.24 -40.35 13.52
CA ARG B 589 8.27 -40.56 14.59
C ARG B 589 7.37 -41.74 14.23
N PRO B 590 7.08 -42.63 15.18
CA PRO B 590 6.26 -43.80 14.85
C PRO B 590 4.79 -43.43 14.65
N HIS B 591 4.20 -44.02 13.61
CA HIS B 591 2.75 -44.03 13.47
C HIS B 591 2.15 -45.02 14.44
N THR B 592 0.81 -45.09 14.44
CA THR B 592 0.15 -46.14 15.19
C THR B 592 0.25 -47.50 14.52
N GLY B 593 0.74 -47.55 13.28
CA GLY B 593 0.94 -48.82 12.60
C GLY B 593 2.17 -49.60 13.03
N LEU B 594 3.16 -48.94 13.63
CA LEU B 594 4.24 -49.69 14.25
C LEU B 594 3.80 -50.39 15.51
N LEU B 595 2.91 -49.78 16.28
CA LEU B 595 2.51 -50.37 17.54
C LEU B 595 1.63 -51.59 17.33
N GLU B 596 0.82 -51.56 16.26
CA GLU B 596 0.06 -52.73 15.83
C GLU B 596 0.98 -53.89 15.48
N LEU B 597 2.00 -53.60 14.67
CA LEU B 597 2.96 -54.63 14.28
C LEU B 597 3.73 -55.14 15.48
N LYS B 598 4.13 -54.25 16.38
CA LYS B 598 4.88 -54.62 17.58
C LYS B 598 4.09 -55.56 18.47
N GLN B 599 2.79 -55.33 18.61
CA GLN B 599 2.01 -56.27 19.39
C GLN B 599 1.76 -57.58 18.63
N VAL B 600 1.59 -57.51 17.32
CA VAL B 600 1.24 -58.71 16.55
C VAL B 600 2.42 -59.70 16.50
N ILE B 601 3.63 -59.22 16.27
CA ILE B 601 4.77 -60.10 16.08
C ILE B 601 5.62 -60.24 17.36
N ALA B 602 5.02 -60.01 18.52
CA ALA B 602 5.75 -60.10 19.78
C ALA B 602 6.12 -61.54 20.08
N PRO B 603 7.32 -61.80 20.62
CA PRO B 603 7.80 -63.18 20.74
C PRO B 603 7.39 -63.90 22.01
N VAL B 604 6.40 -63.37 22.73
CA VAL B 604 5.89 -63.98 23.95
C VAL B 604 4.36 -63.95 23.90
N LEU B 605 3.73 -65.10 24.10
CA LEU B 605 2.28 -65.18 24.17
C LEU B 605 1.85 -65.56 25.57
N ILE B 606 0.76 -64.94 26.07
CA ILE B 606 0.19 -65.29 27.36
C ILE B 606 -1.29 -65.58 27.16
N GLU B 607 -1.75 -66.72 27.66
CA GLU B 607 -3.16 -67.09 27.54
C GLU B 607 -3.63 -67.75 28.83
N ALA B 608 -4.95 -67.96 28.92
CA ALA B 608 -5.59 -68.28 30.18
C ALA B 608 -5.55 -69.77 30.50
N GLU B 609 -5.37 -70.08 31.78
CA GLU B 609 -5.22 -71.43 32.30
C GLU B 609 -6.06 -71.53 33.58
N ASP B 610 -7.37 -71.28 33.45
CA ASP B 610 -8.33 -71.10 34.54
C ASP B 610 -7.95 -69.87 35.40
N VAL B 611 -8.21 -68.72 34.78
CA VAL B 611 -7.89 -67.39 35.30
C VAL B 611 -8.49 -67.08 36.67
N ALA B 612 -9.50 -67.84 37.11
CA ALA B 612 -10.09 -67.62 38.43
C ALA B 612 -9.11 -67.97 39.55
N GLN B 613 -8.30 -69.01 39.36
CA GLN B 613 -7.23 -69.29 40.31
C GLN B 613 -6.07 -68.34 40.13
N GLY B 614 -5.70 -68.03 38.89
CA GLY B 614 -4.63 -67.11 38.61
C GLY B 614 -3.47 -67.77 37.89
N ARG B 615 -3.77 -68.81 37.10
CA ARG B 615 -2.74 -69.58 36.40
C ARG B 615 -2.76 -69.24 34.92
N PHE B 616 -1.59 -69.17 34.31
CA PHE B 616 -1.45 -68.65 32.95
C PHE B 616 -0.41 -69.44 32.16
N ARG B 617 -0.72 -69.69 30.89
CA ARG B 617 0.22 -70.29 29.96
C ARG B 617 1.06 -69.19 29.30
N VAL B 618 2.37 -69.38 29.30
CA VAL B 618 3.31 -68.47 28.66
C VAL B 618 4.05 -69.26 27.58
N LEU B 619 3.83 -68.87 26.33
CA LEU B 619 4.46 -69.50 25.17
C LEU B 619 5.64 -68.67 24.70
N ASN B 620 6.77 -69.35 24.49
CA ASN B 620 7.96 -68.75 23.92
C ASN B 620 7.88 -68.83 22.40
N ARG B 621 7.97 -67.68 21.75
CA ARG B 621 8.00 -67.60 20.30
C ARG B 621 9.35 -67.10 19.77
N TYR B 622 10.37 -67.08 20.61
CA TYR B 622 11.72 -66.93 20.08
C TYR B 622 12.14 -68.21 19.36
N ASP B 623 13.18 -68.08 18.54
CA ASP B 623 13.71 -69.23 17.83
C ASP B 623 14.92 -69.83 18.50
N PHE B 624 15.70 -69.02 19.21
CA PHE B 624 16.94 -69.48 19.82
C PHE B 624 17.13 -69.00 21.24
N SER B 625 16.24 -68.19 21.78
CA SER B 625 16.43 -67.55 23.07
C SER B 625 15.40 -68.03 24.08
N ASN B 626 15.86 -68.32 25.28
CA ASN B 626 14.96 -68.58 26.39
C ASN B 626 14.47 -67.26 26.99
N LEU B 627 13.52 -67.35 27.90
CA LEU B 627 12.83 -66.18 28.43
C LEU B 627 13.42 -65.72 29.76
N SER B 628 14.71 -65.96 30.00
CA SER B 628 15.30 -65.69 31.31
C SER B 628 15.55 -64.21 31.55
N HIS B 629 15.38 -63.36 30.54
CA HIS B 629 15.59 -61.93 30.65
C HIS B 629 14.29 -61.15 30.76
N LEU B 630 13.17 -61.82 31.04
CA LEU B 630 11.87 -61.20 31.02
C LEU B 630 11.13 -61.49 32.31
N ALA B 631 10.15 -60.64 32.61
CA ALA B 631 9.21 -60.94 33.69
C ALA B 631 7.87 -60.32 33.33
N VAL B 632 6.87 -60.63 34.16
CA VAL B 632 5.49 -60.21 33.93
C VAL B 632 5.07 -59.32 35.08
N SER B 633 4.71 -58.08 34.76
CA SER B 633 4.13 -57.16 35.72
C SER B 633 2.62 -57.17 35.54
N TRP B 634 1.90 -57.54 36.59
CA TRP B 634 0.45 -57.67 36.51
C TRP B 634 -0.22 -56.59 37.33
N LYS B 635 -1.52 -56.39 37.06
CA LYS B 635 -2.25 -55.28 37.65
C LYS B 635 -3.75 -55.55 37.56
N LEU B 636 -4.43 -55.56 38.71
CA LEU B 636 -5.89 -55.61 38.75
C LEU B 636 -6.45 -54.21 38.88
N GLU B 637 -7.50 -53.92 38.11
CA GLU B 637 -8.12 -52.61 38.23
C GLU B 637 -9.61 -52.71 37.96
N GLN B 638 -10.31 -51.68 38.42
CA GLN B 638 -11.74 -51.53 38.18
C GLN B 638 -11.99 -50.11 37.70
N GLU B 639 -12.49 -50.00 36.46
CA GLU B 639 -12.83 -48.75 35.79
C GLU B 639 -11.61 -47.81 35.75
N GLY B 640 -10.44 -48.39 35.50
CA GLY B 640 -9.20 -47.64 35.45
C GLY B 640 -8.56 -47.33 36.78
N ASP B 641 -9.12 -47.81 37.89
CA ASP B 641 -8.57 -47.55 39.22
C ASP B 641 -7.95 -48.83 39.77
N VAL B 642 -6.68 -48.76 40.16
CA VAL B 642 -5.90 -49.94 40.49
C VAL B 642 -6.25 -50.43 41.90
N LEU B 643 -6.38 -51.75 42.05
CA LEU B 643 -6.63 -52.38 43.34
C LEU B 643 -5.40 -53.09 43.87
N GLN B 644 -4.81 -53.99 43.08
CA GLN B 644 -3.66 -54.78 43.47
C GLN B 644 -2.65 -54.78 42.33
N GLN B 645 -1.38 -54.98 42.66
CA GLN B 645 -0.35 -55.10 41.65
C GLN B 645 0.83 -55.90 42.18
N GLY B 646 1.65 -56.38 41.26
CA GLY B 646 2.83 -57.14 41.62
C GLY B 646 3.64 -57.47 40.40
N ARG B 647 4.67 -58.29 40.61
CA ARG B 647 5.54 -58.73 39.53
C ARG B 647 5.96 -60.17 39.79
N SER B 648 6.01 -60.98 38.74
CA SER B 648 6.47 -62.35 38.87
C SER B 648 7.99 -62.38 39.04
N GLY B 649 8.52 -63.55 39.35
CA GLY B 649 9.95 -63.67 39.53
C GLY B 649 10.74 -63.56 38.24
N LEU B 650 10.71 -64.61 37.43
CA LEU B 650 11.33 -64.64 36.10
C LEU B 650 10.68 -65.75 35.30
N LEU B 651 10.94 -65.75 34.01
CA LEU B 651 10.43 -66.73 33.07
C LEU B 651 11.58 -67.63 32.63
N THR B 652 11.27 -68.86 32.22
CA THR B 652 12.29 -69.87 31.98
C THR B 652 12.13 -70.68 30.71
N ALA B 653 11.17 -70.37 29.85
CA ALA B 653 10.77 -71.30 28.79
C ALA B 653 11.79 -71.35 27.66
N ALA B 654 12.13 -72.56 27.25
CA ALA B 654 12.97 -72.81 26.09
C ALA B 654 12.19 -72.47 24.81
N PRO B 655 12.88 -72.21 23.69
CA PRO B 655 12.18 -71.84 22.44
C PRO B 655 11.19 -72.88 21.94
N GLY B 656 9.93 -72.47 21.84
CA GLY B 656 8.86 -73.33 21.39
C GLY B 656 8.07 -74.00 22.50
N GLU B 657 8.38 -73.71 23.76
CA GLU B 657 7.82 -74.44 24.88
C GLU B 657 6.94 -73.52 25.72
N THR B 658 6.11 -74.14 26.56
CA THR B 658 5.08 -73.44 27.32
C THR B 658 5.36 -73.60 28.82
N GLU B 659 5.28 -72.50 29.55
CA GLU B 659 5.49 -72.43 30.98
C GLU B 659 4.16 -72.09 31.65
N ILE B 660 4.00 -72.48 32.91
CA ILE B 660 2.82 -72.11 33.69
C ILE B 660 3.27 -71.16 34.79
N ILE B 661 2.65 -69.99 34.86
CA ILE B 661 2.91 -69.04 35.93
C ILE B 661 1.64 -68.87 36.75
N SER B 662 1.82 -68.40 37.98
CA SER B 662 0.73 -68.21 38.92
C SER B 662 0.86 -66.85 39.59
N LEU B 663 -0.20 -66.04 39.51
CA LEU B 663 -0.15 -64.68 40.01
C LEU B 663 -0.92 -64.59 41.32
N PRO B 664 -0.35 -63.96 42.35
CA PRO B 664 -0.89 -64.10 43.71
C PRO B 664 -2.07 -63.19 44.06
N TYR B 665 -2.79 -62.66 43.08
CA TYR B 665 -3.88 -61.75 43.38
C TYR B 665 -5.05 -62.46 44.05
N ASP B 666 -5.87 -61.68 44.76
CA ASP B 666 -6.92 -62.20 45.62
C ASP B 666 -8.26 -61.67 45.14
N LEU B 667 -9.18 -62.58 44.83
CA LEU B 667 -10.52 -62.21 44.37
C LEU B 667 -11.50 -61.98 45.51
N THR B 668 -11.16 -62.37 46.73
CA THR B 668 -12.07 -62.16 47.85
C THR B 668 -12.15 -60.69 48.23
N VAL B 669 -10.99 -60.05 48.35
CA VAL B 669 -10.94 -58.64 48.76
C VAL B 669 -11.40 -57.74 47.63
N ALA B 670 -11.00 -58.06 46.39
CA ALA B 670 -11.21 -57.16 45.26
C ALA B 670 -12.65 -57.11 44.80
N GLN B 671 -13.35 -58.25 44.81
CA GLN B 671 -14.70 -58.31 44.27
C GLN B 671 -15.71 -57.62 45.19
N GLU B 672 -15.42 -57.57 46.49
CA GLU B 672 -16.32 -56.92 47.45
C GLU B 672 -15.96 -55.46 47.67
N GLU B 673 -15.80 -54.72 46.56
CA GLU B 673 -15.53 -53.28 46.63
C GLU B 673 -16.65 -52.46 45.98
N GLY B 674 -16.98 -52.75 44.73
CA GLY B 674 -18.05 -52.03 44.05
C GLY B 674 -18.93 -52.91 43.18
N THR B 675 -18.64 -54.21 43.07
CA THR B 675 -19.37 -55.21 42.28
C THR B 675 -19.45 -54.82 40.80
N GLY B 676 -18.27 -54.72 40.18
CA GLY B 676 -18.18 -54.47 38.76
C GLY B 676 -17.26 -55.48 38.09
N PRO B 677 -17.13 -55.40 36.77
CA PRO B 677 -16.15 -56.25 36.08
C PRO B 677 -14.74 -55.75 36.32
N LEU B 678 -13.83 -56.67 36.61
CA LEU B 678 -12.44 -56.33 36.87
C LEU B 678 -11.59 -56.65 35.66
N THR B 679 -10.48 -55.92 35.52
CA THR B 679 -9.58 -56.11 34.39
C THR B 679 -8.18 -56.38 34.92
N LEU B 680 -7.59 -57.50 34.49
CA LEU B 680 -6.21 -57.82 34.77
C LEU B 680 -5.37 -57.48 33.55
N THR B 681 -4.24 -56.83 33.77
CA THR B 681 -3.28 -56.51 32.72
C THR B 681 -1.96 -57.15 33.06
N CYS B 682 -1.39 -57.90 32.12
CA CYS B 682 -0.10 -58.55 32.26
C CYS B 682 0.83 -58.02 31.19
N SER B 683 1.88 -57.33 31.59
CA SER B 683 2.83 -56.73 30.66
C SER B 683 4.18 -57.40 30.78
N VAL B 684 4.72 -57.85 29.65
CA VAL B 684 6.00 -58.54 29.59
C VAL B 684 7.09 -57.49 29.48
N ARG B 685 7.85 -57.31 30.53
CA ARG B 685 8.88 -56.28 30.58
C ARG B 685 10.24 -56.93 30.77
N GLN B 686 11.25 -56.36 30.13
CA GLN B 686 12.57 -56.94 30.17
C GLN B 686 13.28 -56.53 31.46
N GLN B 687 14.50 -57.02 31.64
CA GLN B 687 15.18 -56.90 32.93
C GLN B 687 16.57 -56.30 32.86
N LEU B 688 17.19 -56.23 31.69
CA LEU B 688 18.54 -55.72 31.55
C LEU B 688 18.55 -54.68 30.45
N ASP B 689 19.56 -53.82 30.47
CA ASP B 689 19.69 -52.79 29.44
C ASP B 689 20.24 -53.42 28.17
N THR B 690 19.43 -53.39 27.11
CA THR B 690 19.90 -53.66 25.76
C THR B 690 20.54 -52.40 25.21
N PRO B 691 21.30 -52.48 24.10
CA PRO B 691 21.79 -51.26 23.48
C PRO B 691 20.71 -50.37 22.88
N TRP B 692 19.49 -50.86 22.73
CA TRP B 692 18.40 -50.09 22.15
C TRP B 692 17.29 -49.75 23.14
N ALA B 693 17.28 -50.34 24.33
CA ALA B 693 16.21 -50.11 25.28
C ALA B 693 16.72 -50.27 26.70
N GLU B 694 16.02 -49.64 27.64
CA GLU B 694 16.42 -49.57 29.03
C GLU B 694 15.87 -50.78 29.80
N GLU B 695 15.88 -50.70 31.13
CA GLU B 695 15.56 -51.87 31.96
C GLU B 695 14.09 -52.23 31.90
N GLY B 696 13.19 -51.33 32.27
CA GLY B 696 11.80 -51.71 32.39
C GLY B 696 10.97 -51.62 31.13
N TYR B 697 11.60 -51.83 29.97
CA TYR B 697 10.91 -51.60 28.70
C TYR B 697 10.00 -52.77 28.36
N GLU B 698 8.85 -52.45 27.81
CA GLU B 698 7.77 -53.41 27.61
C GLU B 698 7.77 -53.97 26.20
N ILE B 699 7.61 -55.28 26.10
CA ILE B 699 7.56 -55.98 24.82
C ILE B 699 6.13 -56.30 24.39
N ALA B 700 5.31 -56.79 25.31
CA ALA B 700 3.94 -57.17 24.96
C ALA B 700 3.03 -56.91 26.15
N PHE B 701 1.73 -56.90 25.89
CA PHE B 701 0.73 -56.78 26.94
C PHE B 701 -0.44 -57.69 26.61
N TYR B 702 -1.10 -58.20 27.64
CA TYR B 702 -2.27 -59.05 27.48
C TYR B 702 -3.26 -58.73 28.58
N GLN B 703 -4.52 -58.52 28.22
CA GLN B 703 -5.56 -58.20 29.20
C GLN B 703 -6.60 -59.29 29.29
N PHE B 704 -7.20 -59.41 30.47
CA PHE B 704 -8.13 -60.47 30.79
C PHE B 704 -9.28 -59.91 31.62
N GLU B 705 -10.50 -60.29 31.29
CA GLU B 705 -11.68 -59.88 32.03
C GLU B 705 -11.97 -60.86 33.16
N LEU B 706 -12.35 -60.33 34.32
CA LEU B 706 -12.67 -61.14 35.49
C LEU B 706 -14.06 -60.75 35.95
N PRO B 707 -15.01 -61.69 35.97
CA PRO B 707 -16.37 -61.36 36.41
C PRO B 707 -16.45 -61.24 37.93
N GLY B 708 -17.18 -60.21 38.37
CA GLY B 708 -17.39 -59.97 39.79
C GLY B 708 -18.68 -59.18 40.01
N GLN B 719 -36.57 -36.54 42.16
CA GLN B 719 -36.06 -37.07 43.41
C GLN B 719 -37.15 -37.06 44.48
N SER B 720 -37.89 -38.18 44.56
CA SER B 720 -38.98 -38.40 45.52
C SER B 720 -40.06 -37.33 45.42
N GLU B 721 -40.35 -36.90 44.19
CA GLU B 721 -41.29 -35.83 43.85
C GLU B 721 -40.91 -34.53 44.58
N GLU B 722 -39.77 -33.99 44.15
CA GLU B 722 -39.32 -32.68 44.57
C GLU B 722 -38.93 -31.77 43.42
N TYR B 723 -38.58 -32.30 42.26
CA TYR B 723 -38.08 -31.49 41.17
C TYR B 723 -38.95 -31.61 39.92
N ALA B 724 -40.10 -32.27 40.02
CA ALA B 724 -41.03 -32.35 38.90
C ALA B 724 -41.96 -31.14 38.83
N GLY B 725 -41.93 -30.26 39.81
CA GLY B 725 -42.76 -29.07 39.80
C GLY B 725 -42.11 -27.85 39.16
N PHE B 726 -40.82 -27.93 38.86
CA PHE B 726 -40.09 -26.85 38.21
C PHE B 726 -40.03 -27.02 36.70
N MET B 727 -40.73 -28.01 36.16
CA MET B 727 -40.67 -28.34 34.74
C MET B 727 -41.68 -27.48 33.99
N THR B 728 -41.19 -26.57 33.15
CA THR B 728 -42.04 -25.73 32.33
C THR B 728 -41.67 -25.89 30.86
N ILE B 729 -42.69 -25.81 30.00
CA ILE B 729 -42.56 -26.08 28.57
C ILE B 729 -43.29 -24.97 27.83
N ASP B 730 -42.66 -24.41 26.79
CA ASP B 730 -43.40 -23.55 25.88
C ASP B 730 -42.87 -23.71 24.46
N GLU B 731 -43.62 -23.17 23.50
CA GLU B 731 -43.31 -23.29 22.09
C GLU B 731 -43.65 -22.00 21.37
N GLN B 732 -42.67 -21.39 20.72
CA GLN B 732 -42.87 -20.23 19.85
C GLN B 732 -42.06 -20.41 18.59
N ASP B 733 -42.74 -20.30 17.44
CA ASP B 733 -42.13 -20.37 16.09
C ASP B 733 -41.44 -21.72 15.85
N GLY B 734 -41.96 -22.79 16.43
CA GLY B 734 -41.36 -24.10 16.31
C GLY B 734 -40.23 -24.38 17.26
N MET B 735 -39.87 -23.44 18.13
CA MET B 735 -38.79 -23.63 19.10
C MET B 735 -39.40 -24.11 20.41
N LEU B 736 -39.16 -25.37 20.75
CA LEU B 736 -39.67 -25.94 21.99
C LEU B 736 -38.63 -25.68 23.09
N THR B 737 -38.98 -24.82 24.05
CA THR B 737 -38.10 -24.52 25.17
C THR B 737 -38.59 -25.26 26.41
N VAL B 738 -37.69 -26.00 27.04
CA VAL B 738 -37.98 -26.81 28.22
C VAL B 738 -37.06 -26.31 29.33
N ARG B 739 -37.64 -25.70 30.35
CA ARG B 739 -36.91 -25.29 31.54
C ARG B 739 -37.21 -26.26 32.68
N GLY B 740 -36.23 -26.45 33.54
CA GLY B 740 -36.34 -27.34 34.68
C GLY B 740 -35.82 -26.67 35.93
N PHE B 741 -35.29 -27.50 36.84
CA PHE B 741 -34.80 -26.99 38.11
C PHE B 741 -33.50 -26.21 37.93
N ASP B 742 -32.55 -26.77 37.19
CA ASP B 742 -31.28 -26.09 36.95
C ASP B 742 -30.79 -26.29 35.52
N PHE B 743 -31.70 -26.31 34.55
CA PHE B 743 -31.30 -26.46 33.16
C PHE B 743 -32.29 -25.72 32.26
N GLU B 744 -31.90 -25.58 31.00
CA GLU B 744 -32.79 -25.03 29.97
C GLU B 744 -32.33 -25.55 28.61
N HIS B 745 -33.26 -26.19 27.90
CA HIS B 745 -32.95 -26.87 26.65
C HIS B 745 -33.90 -26.37 25.58
N VAL B 746 -33.36 -26.04 24.41
CA VAL B 746 -34.15 -25.50 23.31
C VAL B 746 -33.99 -26.45 22.12
N PHE B 747 -35.10 -27.08 21.73
CA PHE B 747 -35.20 -27.94 20.57
C PHE B 747 -35.84 -27.21 19.41
N ASP B 748 -35.41 -27.54 18.20
CA ASP B 748 -36.04 -27.04 16.99
C ASP B 748 -36.96 -28.13 16.48
N LEU B 749 -38.27 -27.90 16.57
CA LEU B 749 -39.22 -28.95 16.21
C LEU B 749 -39.29 -29.16 14.70
N LYS B 750 -38.95 -28.15 13.91
CA LYS B 750 -39.07 -28.30 12.46
C LYS B 750 -37.83 -28.90 11.83
N LYS B 751 -36.78 -29.17 12.60
CA LYS B 751 -35.65 -29.94 12.12
C LYS B 751 -35.34 -31.15 12.98
N GLY B 752 -36.03 -31.33 14.11
CA GLY B 752 -35.89 -32.54 14.91
C GLY B 752 -34.58 -32.65 15.65
N MET B 753 -33.99 -31.53 16.04
CA MET B 753 -32.67 -31.51 16.64
C MET B 753 -32.63 -30.54 17.81
N PRO B 754 -31.83 -30.83 18.84
CA PRO B 754 -31.59 -29.83 19.88
C PRO B 754 -30.72 -28.69 19.37
N GLN B 755 -31.05 -27.49 19.80
CA GLN B 755 -30.31 -26.30 19.44
C GLN B 755 -29.51 -25.72 20.59
N GLN B 756 -30.09 -25.66 21.79
CA GLN B 756 -29.39 -25.14 22.95
C GLN B 756 -29.50 -26.13 24.10
N VAL B 757 -28.39 -26.34 24.80
CA VAL B 757 -28.36 -27.15 26.02
C VAL B 757 -27.65 -26.32 27.08
N SER B 758 -28.32 -26.07 28.21
CA SER B 758 -27.73 -25.29 29.28
C SER B 758 -27.75 -26.06 30.59
N LYS B 759 -26.85 -25.66 31.49
CA LYS B 759 -26.76 -26.24 32.82
C LYS B 759 -26.17 -25.17 33.71
N HIS B 760 -26.96 -24.69 34.69
CA HIS B 760 -26.63 -23.56 35.56
C HIS B 760 -26.31 -22.31 34.75
N GLY B 761 -27.02 -22.14 33.63
CA GLY B 761 -26.82 -20.99 32.77
C GLY B 761 -25.69 -21.11 31.79
N VAL B 762 -24.86 -22.14 31.89
CA VAL B 762 -23.69 -22.30 31.02
C VAL B 762 -24.13 -22.89 29.70
N PRO B 763 -23.86 -22.26 28.57
CA PRO B 763 -24.19 -22.88 27.28
C PRO B 763 -23.23 -24.00 26.93
N LEU B 764 -23.78 -25.09 26.38
CA LEU B 764 -23.00 -26.29 26.12
C LEU B 764 -23.02 -26.73 24.66
N LEU B 765 -23.94 -26.23 23.84
CA LEU B 765 -23.88 -26.41 22.39
C LEU B 765 -23.69 -25.06 21.72
N ALA B 766 -22.91 -25.05 20.65
CA ALA B 766 -22.68 -23.82 19.90
C ALA B 766 -23.66 -23.64 18.75
N SER B 767 -24.11 -24.72 18.14
CA SER B 767 -25.05 -24.62 17.03
C SER B 767 -25.91 -25.88 17.01
N LEU B 768 -26.61 -26.08 15.90
CA LEU B 768 -27.58 -27.17 15.80
C LEU B 768 -26.87 -28.50 15.58
N ALA B 769 -27.39 -29.55 16.21
CA ALA B 769 -26.88 -30.89 16.00
C ALA B 769 -27.29 -31.42 14.64
N ARG B 770 -26.64 -32.50 14.19
CA ARG B 770 -27.13 -33.17 13.00
C ARG B 770 -26.74 -34.65 13.04
N PHE B 771 -27.29 -35.40 12.09
CA PHE B 771 -26.80 -36.74 11.80
C PHE B 771 -25.78 -36.66 10.69
N ASN B 772 -24.77 -37.52 10.75
CA ASN B 772 -23.65 -37.49 9.83
C ASN B 772 -23.38 -38.89 9.32
N ILE B 773 -23.21 -39.02 8.00
CA ILE B 773 -22.91 -40.30 7.36
C ILE B 773 -21.69 -40.19 6.47
N TRP B 774 -20.84 -39.20 6.72
CA TRP B 774 -19.66 -38.97 5.90
C TRP B 774 -18.43 -38.81 6.76
N ARG B 775 -17.34 -39.44 6.34
CA ARG B 775 -16.04 -39.25 6.96
C ARG B 775 -15.06 -38.79 5.89
N ALA B 776 -13.95 -38.21 6.31
CA ALA B 776 -12.91 -37.87 5.38
C ALA B 776 -12.24 -39.16 4.90
N PRO B 777 -12.18 -39.42 3.60
CA PRO B 777 -11.74 -40.73 3.13
C PRO B 777 -10.25 -40.94 3.35
N MET B 778 -9.91 -42.15 3.78
CA MET B 778 -8.54 -42.54 4.05
C MET B 778 -7.82 -42.86 2.75
N ASP B 779 -6.54 -43.18 2.85
CA ASP B 779 -5.79 -43.56 1.67
C ASP B 779 -6.06 -45.00 1.26
N ASN B 780 -6.62 -45.82 2.15
CA ASN B 780 -7.11 -47.14 1.80
C ASN B 780 -8.53 -47.11 1.25
N ASP B 781 -9.07 -45.93 0.99
CA ASP B 781 -10.40 -45.76 0.41
C ASP B 781 -10.31 -45.09 -0.96
N MET B 782 -9.33 -45.47 -1.78
CA MET B 782 -9.21 -44.86 -3.10
C MET B 782 -10.18 -45.45 -4.11
N ASN B 783 -10.65 -46.67 -3.89
CA ASN B 783 -11.56 -47.31 -4.84
C ASN B 783 -13.02 -47.11 -4.45
N ILE B 784 -13.33 -47.13 -3.15
CA ILE B 784 -14.70 -46.99 -2.70
C ILE B 784 -15.16 -45.53 -2.70
N ARG B 785 -14.22 -44.58 -2.81
CA ARG B 785 -14.58 -43.17 -2.77
C ARG B 785 -15.31 -42.75 -4.04
N LYS B 786 -15.02 -43.40 -5.16
CA LYS B 786 -15.73 -43.09 -6.40
C LYS B 786 -17.18 -43.51 -6.34
N GLU B 787 -17.48 -44.62 -5.65
CA GLU B 787 -18.86 -45.05 -5.49
C GLU B 787 -19.60 -44.19 -4.47
N TRP B 788 -18.90 -43.74 -3.42
CA TRP B 788 -19.49 -42.85 -2.43
C TRP B 788 -19.82 -41.49 -3.03
N GLU B 789 -18.89 -40.92 -3.79
CA GLU B 789 -19.14 -39.63 -4.41
C GLU B 789 -20.10 -39.73 -5.58
N ALA B 790 -20.11 -40.88 -6.28
CA ALA B 790 -21.07 -41.05 -7.36
C ALA B 790 -22.49 -41.27 -6.84
N ALA B 791 -22.61 -41.89 -5.67
CA ALA B 791 -23.93 -42.09 -5.08
C ALA B 791 -24.45 -40.87 -4.34
N GLY B 792 -23.64 -39.82 -4.20
CA GLY B 792 -24.09 -38.60 -3.58
C GLY B 792 -24.03 -38.56 -2.08
N LEU B 793 -23.21 -39.39 -1.44
CA LEU B 793 -23.07 -39.36 0.01
C LEU B 793 -22.10 -38.28 0.48
N ASP B 794 -21.63 -37.42 -0.43
CA ASP B 794 -20.65 -36.41 -0.08
C ASP B 794 -21.27 -35.36 0.82
N HIS B 795 -22.52 -34.99 0.56
CA HIS B 795 -23.23 -34.03 1.42
C HIS B 795 -24.72 -34.25 1.29
N ALA B 796 -25.34 -34.71 2.38
CA ALA B 796 -26.75 -35.01 2.46
C ALA B 796 -27.41 -34.08 3.47
N ALA B 797 -28.71 -33.90 3.34
CA ALA B 797 -29.50 -33.06 4.22
C ALA B 797 -30.58 -33.89 4.88
N MET B 798 -31.40 -33.24 5.71
CA MET B 798 -32.38 -33.92 6.53
C MET B 798 -33.77 -33.38 6.24
N LYS B 799 -34.74 -34.27 6.08
CA LYS B 799 -36.12 -33.91 5.78
C LYS B 799 -37.01 -34.45 6.87
N VAL B 800 -37.67 -33.56 7.59
CA VAL B 800 -38.56 -33.94 8.69
C VAL B 800 -39.98 -34.05 8.18
N TYR B 801 -40.55 -35.25 8.25
CA TYR B 801 -41.91 -35.48 7.78
C TYR B 801 -42.93 -35.04 8.81
N ARG B 802 -42.73 -35.43 10.07
CA ARG B 802 -43.69 -35.17 11.12
C ARG B 802 -42.97 -35.05 12.45
N SER B 803 -43.33 -34.03 13.23
CA SER B 803 -42.80 -33.83 14.57
C SER B 803 -43.95 -33.67 15.55
N HIS B 804 -43.79 -34.24 16.75
CA HIS B 804 -44.85 -34.19 17.75
C HIS B 804 -44.27 -34.30 19.15
N TRP B 805 -44.67 -33.41 20.05
CA TRP B 805 -44.18 -33.47 21.42
C TRP B 805 -45.32 -33.65 22.41
N GLU B 806 -44.99 -34.22 23.56
CA GLU B 806 -45.94 -34.53 24.62
C GLU B 806 -45.35 -34.11 25.95
N GLN B 807 -46.00 -34.54 27.02
CA GLN B 807 -45.42 -34.48 28.36
C GLN B 807 -45.98 -35.68 29.11
N LYS B 808 -45.09 -36.60 29.48
CA LYS B 808 -45.49 -37.84 30.14
C LYS B 808 -45.98 -37.53 31.56
N PRO B 809 -46.77 -38.44 32.18
CA PRO B 809 -47.23 -38.16 33.55
C PRO B 809 -46.21 -38.42 34.64
N ASP B 810 -44.99 -37.94 34.44
CA ASP B 810 -43.95 -37.81 35.44
C ASP B 810 -43.10 -36.58 35.17
N ALA B 811 -43.68 -35.59 34.48
CA ALA B 811 -43.02 -34.37 34.00
C ALA B 811 -41.78 -34.69 33.16
N SER B 812 -41.95 -35.62 32.22
CA SER B 812 -40.91 -36.00 31.28
C SER B 812 -41.40 -35.69 29.87
N VAL B 813 -40.51 -35.19 29.03
CA VAL B 813 -40.88 -34.67 27.71
C VAL B 813 -40.39 -35.64 26.65
N GLU B 814 -41.29 -36.03 25.75
CA GLU B 814 -40.94 -36.87 24.61
C GLU B 814 -41.22 -36.13 23.31
N ILE B 815 -40.31 -36.28 22.35
CA ILE B 815 -40.42 -35.65 21.04
C ILE B 815 -40.25 -36.76 20.01
N HIS B 816 -41.23 -36.92 19.13
CA HIS B 816 -41.21 -37.95 18.10
C HIS B 816 -41.00 -37.29 16.76
N VAL B 817 -40.00 -37.76 16.01
CA VAL B 817 -39.62 -37.17 14.73
C VAL B 817 -39.54 -38.29 13.70
N ASP B 818 -40.20 -38.10 12.55
CA ASP B 818 -40.03 -38.96 11.40
C ASP B 818 -39.17 -38.23 10.38
N PHE B 819 -38.03 -38.81 10.02
CA PHE B 819 -37.04 -38.09 9.22
C PHE B 819 -36.59 -38.94 8.04
N SER B 820 -35.71 -38.34 7.23
CA SER B 820 -35.08 -39.00 6.10
C SER B 820 -33.82 -38.25 5.70
N LEU B 821 -32.76 -38.99 5.39
CA LEU B 821 -31.51 -38.42 4.91
C LEU B 821 -31.43 -38.57 3.40
N ALA B 822 -31.17 -37.46 2.70
CA ALA B 822 -31.16 -37.51 1.25
C ALA B 822 -30.27 -36.42 0.69
N SER B 823 -29.68 -36.71 -0.46
CA SER B 823 -28.99 -35.72 -1.26
C SER B 823 -29.85 -35.37 -2.47
N TYR B 824 -29.35 -34.48 -3.31
CA TYR B 824 -30.22 -33.67 -4.15
C TYR B 824 -30.52 -34.25 -5.53
N ILE B 825 -30.15 -35.48 -5.85
CA ILE B 825 -30.58 -36.02 -7.13
C ILE B 825 -31.31 -37.36 -6.98
N PHE B 826 -30.93 -38.14 -5.98
CA PHE B 826 -31.27 -39.55 -5.95
C PHE B 826 -32.35 -39.84 -4.92
N GLU B 827 -32.70 -41.12 -4.83
CA GLU B 827 -33.59 -41.63 -3.80
C GLU B 827 -32.94 -41.43 -2.43
N PRO B 828 -33.73 -41.19 -1.38
CA PRO B 828 -33.16 -40.98 -0.04
C PRO B 828 -32.41 -42.18 0.51
N PHE B 829 -31.37 -41.89 1.28
CA PHE B 829 -30.46 -42.94 1.75
C PHE B 829 -31.04 -43.65 2.98
N VAL B 830 -31.26 -42.90 4.06
CA VAL B 830 -31.69 -43.44 5.34
C VAL B 830 -33.10 -42.93 5.61
N ARG B 831 -34.00 -43.83 5.99
CA ARG B 831 -35.33 -43.48 6.48
C ARG B 831 -35.47 -44.05 7.88
N GLY B 832 -35.88 -43.21 8.82
CA GLY B 832 -36.01 -43.68 10.18
C GLY B 832 -36.87 -42.77 11.01
N ASN B 833 -36.92 -43.08 12.30
CA ASN B 833 -37.64 -42.26 13.27
C ASN B 833 -36.89 -42.21 14.59
N ALA B 834 -36.96 -41.05 15.24
CA ALA B 834 -36.20 -40.79 16.45
C ALA B 834 -37.12 -40.29 17.56
N VAL B 835 -36.77 -40.64 18.79
CA VAL B 835 -37.50 -40.23 19.98
C VAL B 835 -36.50 -39.55 20.91
N TRP B 836 -36.64 -38.25 21.08
CA TRP B 836 -35.86 -37.50 22.05
C TRP B 836 -36.61 -37.46 23.37
N THR B 837 -35.89 -37.55 24.48
CA THR B 837 -36.53 -37.57 25.79
C THR B 837 -35.75 -36.71 26.75
N VAL B 838 -36.43 -35.77 27.40
CA VAL B 838 -35.84 -34.91 28.41
C VAL B 838 -36.47 -35.25 29.75
N GLY B 839 -35.64 -35.59 30.74
CA GLY B 839 -36.10 -35.95 32.06
C GLY B 839 -36.02 -34.80 33.04
N VAL B 840 -36.40 -35.10 34.29
CA VAL B 840 -36.48 -34.06 35.31
C VAL B 840 -35.12 -33.63 35.82
N SER B 841 -34.08 -34.42 35.58
CA SER B 841 -32.73 -34.04 35.96
C SER B 841 -31.97 -33.34 34.84
N GLY B 842 -32.45 -33.43 33.61
CA GLY B 842 -31.82 -32.77 32.49
C GLY B 842 -31.13 -33.68 31.49
N GLU B 843 -31.30 -34.99 31.59
CA GLU B 843 -30.72 -35.91 30.64
C GLU B 843 -31.45 -35.83 29.31
N ILE B 844 -30.73 -36.07 28.23
CA ILE B 844 -31.30 -36.10 26.89
C ILE B 844 -31.04 -37.49 26.34
N GLN B 845 -32.10 -38.26 26.14
CA GLN B 845 -31.99 -39.61 25.62
C GLN B 845 -32.46 -39.65 24.18
N LEU B 846 -31.73 -40.36 23.33
CA LEU B 846 -32.05 -40.51 21.92
C LEU B 846 -32.23 -41.99 21.60
N LYS B 847 -33.32 -42.31 20.91
CA LYS B 847 -33.61 -43.68 20.45
C LYS B 847 -34.05 -43.58 19.00
N VAL B 848 -33.12 -43.73 18.06
CA VAL B 848 -33.43 -43.65 16.63
C VAL B 848 -33.34 -45.03 16.01
N HIS B 849 -34.43 -45.43 15.35
CA HIS B 849 -34.45 -46.64 14.52
C HIS B 849 -34.42 -46.23 13.06
N ALA B 850 -33.49 -46.80 12.30
CA ALA B 850 -33.26 -46.36 10.94
C ALA B 850 -33.07 -47.56 10.02
N GLU B 851 -33.62 -47.46 8.82
CA GLU B 851 -33.33 -48.37 7.72
C GLU B 851 -32.66 -47.60 6.60
N VAL B 852 -31.82 -48.29 5.84
CA VAL B 852 -31.07 -47.65 4.76
C VAL B 852 -31.41 -48.38 3.46
N ARG B 853 -31.18 -47.68 2.35
CA ARG B 853 -31.59 -48.13 1.03
C ARG B 853 -30.83 -49.39 0.62
N GLU B 854 -31.48 -50.21 -0.20
CA GLU B 854 -31.00 -51.56 -0.46
C GLU B 854 -29.90 -51.63 -1.51
N ASN B 855 -29.77 -50.63 -2.38
CA ASN B 855 -28.81 -50.65 -3.47
C ASN B 855 -27.69 -49.65 -3.24
N LEU B 856 -27.23 -49.55 -2.00
CA LEU B 856 -26.23 -48.60 -1.56
C LEU B 856 -25.04 -49.38 -1.00
N PRO B 857 -23.77 -49.01 -1.37
CA PRO B 857 -22.63 -49.92 -1.18
C PRO B 857 -22.33 -50.34 0.26
N PHE B 858 -21.92 -49.38 1.09
CA PHE B 858 -21.88 -49.40 2.55
C PHE B 858 -21.49 -48.02 3.01
N LEU B 859 -22.08 -47.59 4.09
CA LEU B 859 -21.90 -46.22 4.53
C LEU B 859 -20.57 -46.06 5.24
N PRO B 860 -19.98 -44.86 5.17
CA PRO B 860 -18.76 -44.60 5.96
C PRO B 860 -19.01 -44.67 7.46
N ARG B 861 -20.06 -44.02 7.94
CA ARG B 861 -20.42 -44.06 9.35
C ARG B 861 -21.90 -43.78 9.47
N PHE B 862 -22.40 -43.81 10.69
CA PHE B 862 -23.67 -43.18 11.03
C PHE B 862 -23.54 -42.65 12.45
N GLY B 863 -23.75 -41.36 12.63
CA GLY B 863 -23.59 -40.85 13.98
C GLY B 863 -24.28 -39.53 14.19
N LEU B 864 -24.18 -39.06 15.43
CA LEU B 864 -24.69 -37.77 15.85
C LEU B 864 -23.53 -36.80 16.01
N GLU B 865 -23.58 -35.67 15.33
CA GLU B 865 -22.55 -34.65 15.43
C GLU B 865 -23.08 -33.45 16.20
N LEU B 866 -22.36 -33.08 17.26
CA LEU B 866 -22.61 -31.95 18.13
C LEU B 866 -21.46 -30.96 17.96
N THR B 867 -21.69 -29.72 18.35
CA THR B 867 -20.64 -28.71 18.29
C THR B 867 -20.63 -27.93 19.61
N MET B 868 -19.62 -28.12 20.38
CA MET B 868 -19.51 -27.53 21.70
C MET B 868 -18.68 -26.24 21.64
N PRO B 869 -18.92 -25.27 22.54
CA PRO B 869 -18.33 -23.93 22.37
C PRO B 869 -16.83 -23.84 22.56
N LYS B 870 -16.32 -22.61 22.48
CA LYS B 870 -14.91 -22.35 22.66
C LYS B 870 -14.50 -22.56 24.10
N GLY B 871 -13.39 -23.24 24.30
CA GLY B 871 -12.88 -23.53 25.64
C GLY B 871 -12.99 -24.99 26.05
N THR B 872 -13.76 -25.79 25.32
CA THR B 872 -13.84 -27.22 25.60
C THR B 872 -12.54 -27.88 25.18
N GLU B 873 -11.71 -28.24 26.15
CA GLU B 873 -10.36 -28.71 25.84
C GLU B 873 -9.98 -30.03 26.45
N GLU B 874 -10.63 -30.50 27.51
CA GLU B 874 -10.30 -31.79 28.10
C GLU B 874 -11.23 -32.87 27.58
N ILE B 875 -10.65 -34.04 27.32
CA ILE B 875 -11.38 -35.26 27.03
C ILE B 875 -11.00 -36.26 28.11
N GLU B 876 -11.99 -36.94 28.68
CA GLU B 876 -11.73 -38.01 29.62
C GLU B 876 -12.66 -39.16 29.32
N TYR B 877 -12.11 -40.32 28.99
CA TYR B 877 -12.97 -41.42 28.59
C TYR B 877 -12.50 -42.73 29.18
N TYR B 878 -13.44 -43.66 29.33
CA TYR B 878 -13.14 -45.01 29.77
C TYR B 878 -13.31 -45.94 28.59
N GLY B 879 -12.22 -46.52 28.12
CA GLY B 879 -12.28 -47.38 26.94
C GLY B 879 -10.88 -47.77 26.51
N TYR B 880 -10.74 -48.08 25.23
CA TYR B 880 -9.47 -48.51 24.68
C TYR B 880 -8.64 -47.30 24.25
N GLY B 881 -7.38 -47.30 24.64
CA GLY B 881 -6.48 -46.22 24.29
C GLY B 881 -5.02 -46.61 24.47
N PRO B 882 -4.14 -45.61 24.61
CA PRO B 882 -4.38 -44.17 24.64
C PRO B 882 -4.45 -43.49 23.28
N HIS B 883 -4.36 -44.26 22.20
CA HIS B 883 -4.36 -43.72 20.85
C HIS B 883 -5.52 -44.32 20.04
N GLU B 884 -5.49 -44.09 18.74
CA GLU B 884 -6.57 -44.41 17.83
C GLU B 884 -6.79 -45.92 17.71
N SER B 885 -8.04 -46.30 17.44
CA SER B 885 -8.38 -47.70 17.26
C SER B 885 -9.64 -47.80 16.41
N TYR B 886 -9.73 -48.89 15.64
CA TYR B 886 -10.86 -49.12 14.75
C TYR B 886 -11.37 -50.55 14.90
N ILE B 887 -12.28 -50.98 14.04
CA ILE B 887 -12.82 -52.34 14.13
C ILE B 887 -11.76 -53.36 13.70
N ASP B 888 -10.85 -52.98 12.81
CA ASP B 888 -9.81 -53.88 12.35
C ASP B 888 -8.41 -53.50 12.81
N LYS B 889 -8.18 -52.25 13.18
CA LYS B 889 -6.89 -51.80 13.68
C LYS B 889 -7.08 -51.47 15.16
N ARG B 890 -6.99 -52.49 16.01
CA ARG B 890 -7.16 -52.28 17.44
C ARG B 890 -6.27 -53.18 18.29
N ALA B 891 -5.19 -53.72 17.73
CA ALA B 891 -4.38 -54.67 18.48
C ALA B 891 -3.40 -54.02 19.44
N SER B 892 -3.16 -52.71 19.33
CA SER B 892 -2.15 -52.05 20.12
C SER B 892 -2.72 -51.21 21.26
N VAL B 893 -4.03 -51.19 21.44
CA VAL B 893 -4.64 -50.37 22.46
C VAL B 893 -5.09 -51.25 23.61
N ARG B 894 -5.19 -50.66 24.79
CA ARG B 894 -5.59 -51.39 25.97
C ARG B 894 -6.66 -50.61 26.73
N LYS B 895 -7.44 -51.33 27.53
CA LYS B 895 -8.59 -50.75 28.22
C LYS B 895 -8.15 -50.01 29.48
N GLY B 896 -8.66 -48.80 29.66
CA GLY B 896 -8.33 -48.03 30.83
C GLY B 896 -9.11 -46.73 30.85
N LYS B 897 -8.70 -45.85 31.76
CA LYS B 897 -9.35 -44.57 31.98
C LYS B 897 -8.36 -43.48 31.60
N TYR B 898 -8.61 -42.79 30.50
CA TYR B 898 -7.63 -41.89 29.92
C TYR B 898 -8.12 -40.45 29.97
N LEU B 899 -7.15 -39.54 30.04
CA LEU B 899 -7.39 -38.11 30.17
C LEU B 899 -6.39 -37.38 29.30
N LEU B 900 -6.87 -36.59 28.35
CA LEU B 900 -5.98 -35.90 27.43
C LEU B 900 -6.67 -34.65 26.91
N SER B 901 -6.02 -33.99 25.97
CA SER B 901 -6.52 -32.76 25.37
C SER B 901 -6.99 -33.03 23.96
N VAL B 902 -7.74 -32.07 23.41
CA VAL B 902 -8.32 -32.24 22.08
C VAL B 902 -7.23 -32.12 21.01
N ASP B 903 -6.19 -31.35 21.28
CA ASP B 903 -5.06 -31.28 20.36
C ASP B 903 -4.23 -32.55 20.33
N ASP B 904 -4.35 -33.41 21.35
CA ASP B 904 -3.64 -34.69 21.35
C ASP B 904 -4.49 -35.81 20.79
N MET B 905 -5.77 -35.58 20.53
CA MET B 905 -6.60 -36.55 19.85
C MET B 905 -6.21 -36.67 18.39
N PHE B 906 -5.65 -35.60 17.83
CA PHE B 906 -5.38 -35.48 16.41
C PHE B 906 -4.02 -36.07 16.07
N GLU B 907 -3.97 -36.79 14.95
CA GLU B 907 -2.73 -37.38 14.44
C GLU B 907 -2.47 -36.78 13.06
N ASN B 908 -1.48 -35.90 12.98
CA ASN B 908 -1.31 -35.03 11.82
C ASN B 908 -0.60 -35.79 10.71
N TYR B 909 -1.38 -36.41 9.83
CA TYR B 909 -0.82 -37.13 8.70
C TYR B 909 -0.33 -36.14 7.63
N VAL B 910 0.41 -36.67 6.66
CA VAL B 910 0.89 -35.85 5.56
C VAL B 910 -0.26 -35.52 4.62
N MET B 911 -1.04 -36.54 4.25
CA MET B 911 -2.30 -36.33 3.54
C MET B 911 -3.43 -36.29 4.58
N PRO B 912 -4.11 -35.15 4.76
CA PRO B 912 -5.11 -35.04 5.83
C PRO B 912 -6.33 -35.92 5.55
N GLN B 913 -6.73 -36.67 6.57
CA GLN B 913 -7.76 -37.69 6.42
C GLN B 913 -8.37 -37.95 7.80
N GLU B 914 -9.17 -39.00 7.90
CA GLU B 914 -9.90 -39.28 9.12
C GLU B 914 -8.95 -39.80 10.20
N THR B 915 -9.12 -39.30 11.41
CA THR B 915 -8.18 -39.60 12.48
C THR B 915 -8.87 -39.38 13.82
N GLY B 916 -8.28 -39.98 14.86
CA GLY B 916 -8.63 -39.65 16.22
C GLY B 916 -9.81 -40.38 16.82
N SER B 917 -10.35 -41.40 16.14
CA SER B 917 -11.54 -42.07 16.63
C SER B 917 -11.16 -43.23 17.55
N ARG B 918 -11.89 -43.36 18.66
CA ARG B 918 -11.65 -44.40 19.65
C ARG B 918 -12.80 -45.41 19.62
N TYR B 919 -12.49 -46.63 19.20
CA TYR B 919 -13.49 -47.69 19.14
C TYR B 919 -13.75 -48.25 20.53
N GLY B 920 -15.00 -48.71 20.73
CA GLY B 920 -15.46 -49.43 21.93
C GLY B 920 -15.31 -48.59 23.20
N THR B 921 -15.87 -47.39 23.16
CA THR B 921 -15.85 -46.49 24.30
C THR B 921 -17.05 -46.77 25.19
N GLU B 922 -16.82 -46.81 26.50
CA GLU B 922 -17.89 -47.08 27.45
C GLU B 922 -18.58 -45.79 27.89
N TRP B 923 -17.82 -44.79 28.31
CA TRP B 923 -18.34 -43.44 28.49
C TRP B 923 -17.22 -42.45 28.21
N ALA B 924 -17.62 -41.21 27.94
CA ALA B 924 -16.69 -40.15 27.57
C ALA B 924 -17.24 -38.81 28.02
N ILE B 925 -16.35 -37.93 28.45
CA ILE B 925 -16.70 -36.59 28.91
C ILE B 925 -15.84 -35.60 28.14
N ALA B 926 -16.47 -34.65 27.47
CA ALA B 926 -15.78 -33.55 26.82
C ALA B 926 -16.14 -32.26 27.55
N SER B 927 -15.13 -31.58 28.07
CA SER B 927 -15.41 -30.45 28.95
C SER B 927 -14.32 -29.40 28.84
N THR B 928 -14.51 -28.30 29.57
CA THR B 928 -13.50 -27.27 29.71
C THR B 928 -12.49 -27.69 30.76
N VAL B 929 -11.47 -26.86 30.96
CA VAL B 929 -10.40 -27.19 31.89
C VAL B 929 -10.87 -27.11 33.33
N GLN B 930 -11.97 -26.41 33.61
CA GLN B 930 -12.59 -26.45 34.92
C GLN B 930 -13.59 -27.56 35.07
N GLY B 931 -13.91 -28.28 34.00
CA GLY B 931 -14.76 -29.46 34.10
C GLY B 931 -16.23 -29.21 33.97
N MET B 932 -16.62 -28.35 33.02
CA MET B 932 -18.03 -28.05 32.75
C MET B 932 -18.33 -28.53 31.33
N GLY B 933 -19.05 -29.63 31.20
CA GLY B 933 -19.29 -30.20 29.89
C GLY B 933 -20.41 -31.20 29.81
N LEU B 934 -20.24 -32.17 28.92
CA LEU B 934 -21.24 -33.19 28.62
C LEU B 934 -20.64 -34.57 28.79
N LYS B 935 -21.48 -35.52 29.18
CA LYS B 935 -21.09 -36.91 29.35
C LYS B 935 -21.98 -37.77 28.46
N PHE B 936 -21.37 -38.74 27.78
CA PHE B 936 -22.05 -39.53 26.76
C PHE B 936 -21.99 -41.00 27.15
N THR B 937 -23.15 -41.64 27.27
CA THR B 937 -23.21 -43.09 27.47
C THR B 937 -24.11 -43.70 26.41
N ALA B 938 -24.11 -45.02 26.33
CA ALA B 938 -24.95 -45.73 25.39
C ALA B 938 -25.30 -47.10 25.94
N ALA B 939 -26.15 -47.82 25.21
CA ALA B 939 -26.54 -49.17 25.61
C ALA B 939 -25.40 -50.15 25.40
N GLN B 940 -24.85 -50.19 24.21
CA GLN B 940 -23.65 -50.93 23.86
C GLN B 940 -22.54 -49.96 23.51
N PRO B 941 -21.26 -50.34 23.62
CA PRO B 941 -20.18 -49.36 23.43
C PRO B 941 -20.06 -48.84 22.01
N PHE B 942 -19.86 -47.54 21.91
CA PHE B 942 -19.92 -46.76 20.69
C PHE B 942 -18.52 -46.34 20.25
N SER B 943 -18.46 -45.60 19.15
CA SER B 943 -17.22 -44.98 18.70
C SER B 943 -17.29 -43.49 19.00
N PHE B 944 -16.16 -42.90 19.38
CA PHE B 944 -16.11 -41.55 19.90
C PHE B 944 -15.02 -40.76 19.19
N GLN B 945 -15.31 -39.51 18.83
CA GLN B 945 -14.31 -38.68 18.17
C GLN B 945 -14.46 -37.25 18.66
N ALA B 946 -13.34 -36.57 18.84
CA ALA B 946 -13.34 -35.16 19.23
C ALA B 946 -12.19 -34.46 18.54
N LEU B 947 -12.48 -33.42 17.76
CA LEU B 947 -11.45 -32.74 16.98
C LEU B 947 -11.71 -31.24 17.02
N HIS B 948 -10.77 -30.48 16.43
CA HIS B 948 -11.00 -29.08 16.10
C HIS B 948 -11.22 -28.89 14.60
N TYR B 949 -11.60 -29.95 13.89
CA TYR B 949 -11.76 -29.91 12.45
C TYR B 949 -13.01 -30.68 12.09
N THR B 950 -13.85 -30.12 11.23
CA THR B 950 -14.98 -30.90 10.77
C THR B 950 -14.52 -31.82 9.64
N ALA B 951 -15.42 -32.73 9.23
CA ALA B 951 -15.06 -33.74 8.23
C ALA B 951 -14.85 -33.12 6.86
N GLU B 952 -15.58 -32.05 6.54
CA GLU B 952 -15.39 -31.39 5.26
C GLU B 952 -14.09 -30.60 5.21
N ASP B 953 -13.61 -30.13 6.37
CA ASP B 953 -12.30 -29.48 6.40
C ASP B 953 -11.17 -30.46 6.14
N LEU B 954 -11.30 -31.69 6.66
CA LEU B 954 -10.29 -32.70 6.39
C LEU B 954 -10.41 -33.26 4.99
N THR B 955 -11.62 -33.24 4.42
CA THR B 955 -11.79 -33.70 3.04
C THR B 955 -11.21 -32.69 2.06
N ALA B 956 -11.52 -31.41 2.23
CA ALA B 956 -11.12 -30.41 1.27
C ALA B 956 -9.63 -30.10 1.31
N ALA B 957 -8.97 -30.33 2.44
CA ALA B 957 -7.55 -30.01 2.56
C ALA B 957 -6.69 -31.06 1.86
N GLN B 958 -5.55 -30.62 1.34
CA GLN B 958 -4.62 -31.50 0.66
C GLN B 958 -3.23 -31.54 1.27
N HIS B 959 -2.89 -30.58 2.12
CA HIS B 959 -1.60 -30.53 2.79
C HIS B 959 -1.85 -30.18 4.25
N THR B 960 -0.78 -30.21 5.06
CA THR B 960 -0.95 -29.96 6.49
C THR B 960 -1.16 -28.48 6.79
N TYR B 961 -0.55 -27.59 6.01
CA TYR B 961 -0.71 -26.15 6.28
C TYR B 961 -2.06 -25.60 5.85
N GLU B 962 -2.84 -26.36 5.07
CA GLU B 962 -4.15 -25.89 4.64
C GLU B 962 -5.23 -26.05 5.68
N LEU B 963 -4.97 -26.79 6.76
CA LEU B 963 -5.96 -26.98 7.81
C LEU B 963 -5.99 -25.75 8.72
N LYS B 964 -7.14 -25.07 8.75
CA LYS B 964 -7.35 -23.98 9.67
C LYS B 964 -8.06 -24.50 10.92
N ARG B 965 -7.47 -24.25 12.08
CA ARG B 965 -8.00 -24.76 13.33
C ARG B 965 -9.20 -23.95 13.77
N ARG B 966 -10.31 -24.63 14.03
CA ARG B 966 -11.53 -23.97 14.48
C ARG B 966 -11.46 -23.67 15.98
N PRO B 967 -12.13 -22.61 16.43
CA PRO B 967 -12.22 -22.38 17.89
C PRO B 967 -13.07 -23.39 18.61
N GLU B 968 -14.08 -23.96 17.97
CA GLU B 968 -15.00 -24.87 18.63
C GLU B 968 -14.40 -26.27 18.71
N THR B 969 -15.19 -27.21 19.21
CA THR B 969 -14.76 -28.59 19.37
C THR B 969 -15.85 -29.49 18.80
N ILE B 970 -15.53 -30.22 17.74
CA ILE B 970 -16.49 -31.06 17.04
C ILE B 970 -16.46 -32.43 17.69
N VAL B 971 -17.57 -32.84 18.28
CA VAL B 971 -17.71 -34.11 18.97
C VAL B 971 -18.64 -34.99 18.15
N THR B 972 -18.26 -36.23 17.92
CA THR B 972 -19.05 -37.15 17.12
C THR B 972 -19.19 -38.48 17.84
N LEU B 973 -20.43 -38.99 17.86
CA LEU B 973 -20.81 -40.20 18.58
C LEU B 973 -21.32 -41.21 17.56
N ASP B 974 -20.46 -42.12 17.11
CA ASP B 974 -20.80 -43.02 16.02
C ASP B 974 -21.34 -44.36 16.54
N TYR B 975 -22.35 -44.88 15.86
CA TYR B 975 -22.88 -46.21 16.14
C TYR B 975 -21.89 -47.28 15.73
N GLN B 976 -21.64 -47.39 14.43
CA GLN B 976 -20.56 -48.20 13.91
C GLN B 976 -19.76 -47.32 12.96
N MET B 977 -18.63 -47.85 12.51
CA MET B 977 -17.76 -47.10 11.61
C MET B 977 -16.91 -48.09 10.85
N SER B 978 -16.87 -47.93 9.52
CA SER B 978 -16.14 -48.88 8.68
C SER B 978 -14.64 -48.71 8.88
N GLY B 979 -13.93 -49.83 8.88
CA GLY B 979 -12.54 -49.86 9.26
C GLY B 979 -11.61 -49.36 8.18
N THR B 980 -10.32 -49.51 8.44
CA THR B 980 -9.28 -49.01 7.56
C THR B 980 -9.01 -49.99 6.41
N GLY B 981 -8.57 -51.20 6.75
CA GLY B 981 -8.21 -52.15 5.72
C GLY B 981 -6.85 -51.84 5.12
N SER B 982 -6.61 -52.44 3.95
CA SER B 982 -5.39 -52.20 3.20
C SER B 982 -5.69 -52.07 1.71
N GLY B 983 -6.83 -51.44 1.39
CA GLY B 983 -7.32 -51.40 0.02
C GLY B 983 -6.65 -50.40 -0.90
N SER B 984 -5.49 -49.87 -0.50
CA SER B 984 -4.71 -49.04 -1.41
C SER B 984 -4.11 -49.87 -2.53
N CYS B 985 -3.67 -51.09 -2.20
CA CYS B 985 -3.15 -52.03 -3.18
C CYS B 985 -3.35 -53.42 -2.59
N GLY B 986 -4.12 -54.26 -3.26
CA GLY B 986 -4.39 -55.59 -2.78
C GLY B 986 -5.86 -55.83 -2.52
N PRO B 987 -6.17 -56.63 -1.51
CA PRO B 987 -7.57 -56.95 -1.22
C PRO B 987 -8.31 -55.76 -0.65
N GLN B 988 -9.64 -55.84 -0.73
CA GLN B 988 -10.51 -54.77 -0.26
C GLN B 988 -10.80 -54.98 1.22
N LEU B 989 -11.72 -54.19 1.76
CA LEU B 989 -12.08 -54.29 3.16
C LEU B 989 -12.95 -55.52 3.40
N ALA B 990 -12.69 -56.22 4.49
CA ALA B 990 -13.37 -57.47 4.78
C ALA B 990 -14.83 -57.24 5.13
N GLU B 991 -15.63 -58.28 4.95
CA GLU B 991 -17.07 -58.19 5.22
C GLU B 991 -17.46 -57.94 6.68
N PRO B 992 -16.84 -58.54 7.72
CA PRO B 992 -17.19 -58.12 9.08
C PRO B 992 -16.62 -56.78 9.49
N TYR B 993 -15.84 -56.13 8.63
CA TYR B 993 -15.23 -54.84 8.92
C TYR B 993 -15.91 -53.70 8.20
N ARG B 994 -16.82 -53.99 7.29
CA ARG B 994 -17.63 -53.00 6.61
C ARG B 994 -18.86 -52.66 7.44
N PHE B 995 -19.49 -51.55 7.08
CA PHE B 995 -20.76 -51.15 7.68
C PHE B 995 -21.90 -51.55 6.74
N THR B 996 -22.05 -52.87 6.60
CA THR B 996 -23.13 -53.46 5.80
C THR B 996 -24.20 -53.96 6.76
N GLU B 997 -25.06 -53.05 7.19
CA GLU B 997 -26.20 -53.38 8.04
C GLU B 997 -27.29 -52.38 7.75
N LYS B 998 -28.51 -52.85 7.54
CA LYS B 998 -29.56 -52.02 6.98
C LYS B 998 -30.73 -51.82 7.93
N SER B 999 -30.58 -52.16 9.20
CA SER B 999 -31.62 -51.92 10.21
C SER B 999 -30.96 -51.96 11.56
N PHE B 1000 -31.04 -50.87 12.33
CA PHE B 1000 -30.31 -50.79 13.58
C PHE B 1000 -31.02 -49.84 14.54
N ASP B 1001 -30.63 -49.93 15.80
CA ASP B 1001 -31.08 -49.03 16.87
C ASP B 1001 -29.84 -48.43 17.52
N PHE B 1002 -29.98 -47.25 18.12
CA PHE B 1002 -28.78 -46.49 18.47
C PHE B 1002 -28.60 -46.24 19.96
N GLU B 1003 -29.61 -45.71 20.66
CA GLU B 1003 -29.68 -45.66 22.14
C GLU B 1003 -28.53 -44.86 22.76
N LEU B 1004 -28.54 -43.55 22.54
CA LEU B 1004 -27.53 -42.67 23.12
C LEU B 1004 -28.11 -41.91 24.31
N THR B 1005 -27.24 -41.49 25.23
CA THR B 1005 -27.65 -40.71 26.38
C THR B 1005 -26.64 -39.59 26.62
N ILE B 1006 -27.13 -38.36 26.72
CA ILE B 1006 -26.30 -37.17 26.90
C ILE B 1006 -26.67 -36.53 28.24
N GLN B 1007 -25.66 -36.18 29.04
CA GLN B 1007 -25.88 -35.61 30.36
C GLN B 1007 -25.02 -34.38 30.57
N PRO B 1008 -25.60 -33.23 30.90
CA PRO B 1008 -24.77 -32.10 31.31
C PRO B 1008 -24.13 -32.36 32.68
N ILE B 1009 -22.89 -31.95 32.84
CA ILE B 1009 -22.11 -32.33 34.01
C ILE B 1009 -21.17 -31.19 34.37
N PHE B 1010 -21.01 -30.96 35.68
CA PHE B 1010 -19.91 -30.19 36.23
C PHE B 1010 -19.01 -31.20 36.95
N LYS B 1011 -17.86 -31.50 36.34
CA LYS B 1011 -17.14 -32.74 36.61
C LYS B 1011 -16.49 -32.76 38.00
N GLU B 1012 -16.18 -31.61 38.58
CA GLU B 1012 -15.45 -31.61 39.84
C GLU B 1012 -16.33 -31.90 41.05
N GLU B 1013 -17.65 -31.79 40.92
CA GLU B 1013 -18.54 -32.22 41.99
C GLU B 1013 -19.69 -33.10 41.51
N GLU B 1014 -19.80 -33.33 40.20
CA GLU B 1014 -20.81 -34.17 39.55
C GLU B 1014 -22.26 -33.85 39.94
N MET C 1 62.12 7.33 5.33
CA MET C 1 61.43 7.24 6.62
C MET C 1 59.93 7.05 6.40
N GLU C 2 59.58 6.07 5.58
CA GLU C 2 58.19 5.86 5.17
C GLU C 2 57.52 4.87 6.13
N LEU C 3 56.67 5.41 7.01
CA LEU C 3 55.72 4.65 7.85
C LEU C 3 56.45 3.70 8.81
N ASN C 4 57.29 4.28 9.66
CA ASN C 4 57.96 3.55 10.73
C ASN C 4 57.24 3.73 12.06
N ARG C 5 55.95 4.06 12.01
CA ARG C 5 55.10 4.35 13.18
C ARG C 5 55.68 5.45 14.05
N GLU C 6 55.85 6.63 13.45
CA GLU C 6 56.26 7.80 14.22
C GLU C 6 55.14 8.33 15.09
N TRP C 7 53.90 7.97 14.77
CA TRP C 7 52.70 8.36 15.49
C TRP C 7 52.41 7.49 16.71
N GLU C 8 53.37 6.67 17.13
CA GLU C 8 53.32 5.94 18.39
C GLU C 8 54.69 5.92 19.06
N ASN C 9 55.51 6.94 18.86
CA ASN C 9 56.93 6.86 19.15
C ASN C 9 57.36 7.67 20.37
N LEU C 10 56.92 8.93 20.45
CA LEU C 10 57.13 9.92 21.53
C LEU C 10 58.56 10.46 21.57
N SER C 11 59.46 9.86 20.79
CA SER C 11 60.78 10.41 20.57
C SER C 11 60.92 10.98 19.17
N CYS C 12 59.84 11.00 18.41
CA CYS C 12 59.79 11.59 17.07
C CYS C 12 58.53 12.44 17.02
N LEU C 13 58.64 13.71 17.43
CA LEU C 13 57.52 14.64 17.40
C LEU C 13 57.36 15.34 16.06
N HIS C 14 58.43 15.44 15.29
CA HIS C 14 58.38 16.00 13.94
C HIS C 14 59.57 15.47 13.16
N ILE C 15 59.51 15.66 11.84
CA ILE C 15 60.63 15.39 10.95
C ILE C 15 60.75 16.57 10.00
N GLY C 16 61.84 17.31 10.09
CA GLY C 16 62.12 18.35 9.11
C GLY C 16 61.27 19.59 9.22
N ARG C 17 60.60 19.81 10.34
CA ARG C 17 59.78 20.98 10.52
C ARG C 17 60.64 22.15 11.00
N LEU C 18 60.42 23.32 10.41
CA LEU C 18 61.17 24.50 10.77
C LEU C 18 60.80 24.96 12.18
N PRO C 19 61.72 25.63 12.89
CA PRO C 19 61.40 26.11 14.23
C PRO C 19 60.40 27.26 14.21
N ALA C 20 59.79 27.48 15.35
CA ALA C 20 58.63 28.37 15.44
C ALA C 20 59.04 29.84 15.39
N ARG C 21 58.24 30.64 14.71
CA ARG C 21 58.44 32.07 14.58
C ARG C 21 57.14 32.80 14.88
N ALA C 22 57.12 34.11 14.67
CA ALA C 22 55.90 34.90 14.85
C ALA C 22 55.01 34.74 13.61
N SER C 23 53.97 35.55 13.53
CA SER C 23 52.99 35.47 12.45
C SER C 23 53.10 36.73 11.61
N TYR C 24 53.52 36.58 10.35
CA TYR C 24 53.60 37.69 9.41
C TYR C 24 53.50 37.15 7.99
N ILE C 25 53.21 38.06 7.07
CA ILE C 25 53.16 37.78 5.64
C ILE C 25 54.10 38.75 4.93
N PRO C 26 55.02 38.27 4.10
CA PRO C 26 55.86 39.19 3.31
C PRO C 26 55.08 39.81 2.15
N TYR C 27 54.96 41.12 2.16
CA TYR C 27 54.28 41.84 1.09
C TYR C 27 55.32 42.47 0.16
N GLU C 28 54.84 43.25 -0.81
CA GLU C 28 55.69 43.92 -1.77
C GLU C 28 55.76 45.43 -1.57
N SER C 29 54.78 46.02 -0.89
CA SER C 29 54.75 47.45 -0.65
C SER C 29 53.89 47.71 0.57
N ALA C 30 53.97 48.93 1.08
CA ALA C 30 53.17 49.32 2.23
C ALA C 30 51.72 49.54 1.87
N MET C 31 51.42 49.80 0.60
CA MET C 31 50.03 49.99 0.20
C MET C 31 49.28 48.67 0.17
N THR C 32 49.94 47.61 -0.32
CA THR C 32 49.31 46.29 -0.34
C THR C 32 49.23 45.70 1.06
N ALA C 33 50.22 46.00 1.90
CA ALA C 33 50.28 45.42 3.24
C ALA C 33 49.16 45.94 4.14
N ARG C 34 48.68 47.16 3.90
CA ARG C 34 47.60 47.71 4.71
C ARG C 34 46.23 47.14 4.36
N THR C 35 46.14 46.35 3.29
CA THR C 35 44.87 45.74 2.92
C THR C 35 44.57 44.48 3.72
N GLY C 36 45.60 43.74 4.10
CA GLY C 36 45.44 42.52 4.87
C GLY C 36 45.17 41.28 4.04
N LYS C 37 44.81 41.44 2.78
CA LYS C 37 44.54 40.31 1.89
C LYS C 37 45.87 39.76 1.39
N ARG C 38 46.26 38.58 1.87
CA ARG C 38 47.57 38.04 1.54
C ARG C 38 47.63 37.45 0.15
N GLY C 39 46.51 37.24 -0.53
CA GLY C 39 46.55 36.72 -1.87
C GLY C 39 46.98 37.74 -2.90
N ARG C 40 46.96 39.02 -2.55
CA ARG C 40 47.44 40.07 -3.44
C ARG C 40 48.95 40.19 -3.47
N SER C 41 49.64 39.54 -2.57
CA SER C 41 51.08 39.62 -2.53
C SER C 41 51.71 38.68 -3.56
N PRO C 42 52.73 39.13 -4.30
CA PRO C 42 53.36 38.25 -5.28
C PRO C 42 54.26 37.20 -4.67
N HIS C 43 54.54 37.27 -3.38
CA HIS C 43 55.40 36.32 -2.69
C HIS C 43 54.60 35.21 -2.03
N VAL C 44 53.28 35.20 -2.19
CA VAL C 44 52.38 34.27 -1.52
C VAL C 44 51.53 33.60 -2.59
N GLN C 45 51.39 32.28 -2.50
CA GLN C 45 50.47 31.55 -3.37
C GLN C 45 49.60 30.63 -2.52
N THR C 46 48.29 30.76 -2.69
CA THR C 46 47.41 29.94 -1.86
C THR C 46 47.33 28.51 -2.40
N LEU C 47 47.02 27.60 -1.50
CA LEU C 47 46.75 26.21 -1.88
C LEU C 47 45.40 25.75 -1.36
N ASN C 48 44.51 26.67 -1.00
CA ASN C 48 43.15 26.30 -0.70
C ASN C 48 42.43 25.95 -2.00
N GLY C 49 41.27 25.31 -1.85
CA GLY C 49 40.51 24.98 -3.03
C GLY C 49 40.04 23.55 -3.06
N ASN C 50 40.30 22.84 -4.14
CA ASN C 50 39.72 21.53 -4.38
C ASN C 50 40.85 20.52 -4.53
N TRP C 51 40.98 19.60 -3.58
CA TRP C 51 42.01 18.59 -3.66
C TRP C 51 41.35 17.24 -3.93
N LYS C 52 42.16 16.26 -4.29
CA LYS C 52 41.67 14.91 -4.50
C LYS C 52 41.88 14.12 -3.22
N PHE C 53 40.81 13.48 -2.75
CA PHE C 53 40.76 12.91 -1.42
C PHE C 53 40.29 11.46 -1.47
N ARG C 54 40.89 10.64 -0.62
CA ARG C 54 40.47 9.24 -0.45
C ARG C 54 40.52 8.87 1.03
N TYR C 55 39.44 8.28 1.51
CA TYR C 55 39.26 7.95 2.92
C TYR C 55 39.45 6.45 3.14
N TYR C 56 40.14 6.11 4.24
CA TYR C 56 40.40 4.73 4.60
C TYR C 56 39.99 4.51 6.04
N ARG C 57 39.34 3.37 6.32
CA ARG C 57 38.96 3.02 7.68
C ARG C 57 40.15 2.60 8.52
N SER C 58 41.30 2.37 7.93
CA SER C 58 42.49 1.98 8.66
C SER C 58 43.72 2.44 7.90
N VAL C 59 44.81 2.64 8.64
CA VAL C 59 46.10 2.96 8.02
C VAL C 59 46.73 1.73 7.40
N ARG C 60 46.23 0.54 7.75
CA ARG C 60 46.68 -0.71 7.14
C ARG C 60 46.40 -0.77 5.65
N GLU C 61 45.21 -0.34 5.22
CA GLU C 61 44.76 -0.54 3.86
C GLU C 61 45.05 0.64 2.94
N VAL C 62 45.93 1.54 3.34
CA VAL C 62 46.39 2.62 2.47
C VAL C 62 47.40 2.05 1.48
N ASP C 63 47.27 2.45 0.21
CA ASP C 63 48.24 2.04 -0.81
C ASP C 63 49.62 2.61 -0.48
N SER C 64 50.65 1.88 -0.89
CA SER C 64 52.02 2.23 -0.52
C SER C 64 52.69 3.18 -1.51
N HIS C 65 52.05 3.48 -2.64
CA HIS C 65 52.65 4.36 -3.63
C HIS C 65 51.63 5.37 -4.14
N PHE C 66 50.85 5.95 -3.22
CA PHE C 66 49.92 6.99 -3.61
C PHE C 66 50.62 8.33 -3.82
N TYR C 67 51.79 8.50 -3.21
CA TYR C 67 52.51 9.76 -3.22
C TYR C 67 53.37 9.96 -4.47
N GLU C 68 53.42 8.97 -5.35
CA GLU C 68 54.27 9.06 -6.52
C GLU C 68 53.66 10.01 -7.55
N THR C 69 54.53 10.54 -8.42
CA THR C 69 54.16 11.67 -9.26
C THR C 69 53.25 11.22 -10.41
N GLU C 70 53.44 10.01 -10.92
CA GLU C 70 52.70 9.53 -12.09
C GLU C 70 51.60 8.56 -11.72
N THR C 71 50.91 8.79 -10.61
CA THR C 71 49.77 7.96 -10.24
C THR C 71 48.49 8.59 -10.73
N ASP C 72 47.48 7.74 -10.97
CA ASP C 72 46.20 8.20 -11.49
C ASP C 72 45.31 8.54 -10.30
N VAL C 73 45.12 9.84 -10.06
CA VAL C 73 44.09 10.27 -9.13
C VAL C 73 42.96 10.92 -9.93
N SER C 74 42.02 10.10 -10.39
CA SER C 74 40.89 10.61 -11.14
C SER C 74 39.62 9.96 -10.63
N GLY C 75 39.75 8.76 -10.10
CA GLY C 75 38.66 8.06 -9.46
C GLY C 75 38.49 8.40 -8.01
N TRP C 76 39.34 9.26 -7.46
CA TRP C 76 39.20 9.66 -6.07
C TRP C 76 38.10 10.69 -5.93
N ASP C 77 37.73 10.98 -4.69
CA ASP C 77 36.75 12.02 -4.43
C ASP C 77 37.42 13.39 -4.51
N ASP C 78 36.62 14.44 -4.48
CA ASP C 78 37.14 15.80 -4.49
C ASP C 78 36.60 16.55 -3.28
N LEU C 79 37.51 17.06 -2.46
CA LEU C 79 37.16 17.70 -1.19
C LEU C 79 37.72 19.11 -1.18
N ILE C 80 36.92 20.04 -0.67
CA ILE C 80 37.35 21.43 -0.54
C ILE C 80 38.19 21.56 0.72
N VAL C 81 39.43 21.99 0.56
CA VAL C 81 40.32 22.33 1.67
C VAL C 81 40.28 23.85 1.85
N PRO C 82 40.06 24.36 3.07
CA PRO C 82 39.93 23.73 4.38
C PRO C 82 38.53 23.23 4.78
N SER C 83 38.46 22.06 5.40
CA SER C 83 37.22 21.46 5.89
C SER C 83 37.54 20.27 6.77
N CYS C 84 36.69 20.03 7.76
CA CYS C 84 36.71 18.82 8.57
C CYS C 84 35.90 17.75 7.88
N TRP C 85 36.41 16.52 7.85
CA TRP C 85 35.72 15.51 7.06
C TRP C 85 34.58 14.82 7.79
N GLN C 86 34.39 15.08 9.08
CA GLN C 86 33.20 14.54 9.75
C GLN C 86 31.92 15.25 9.35
N THR C 87 32.01 16.45 8.78
CA THR C 87 30.86 17.18 8.27
C THR C 87 30.76 17.08 6.75
N ASN C 88 31.39 16.08 6.13
CA ASN C 88 31.38 15.92 4.69
C ASN C 88 31.01 14.50 4.27
N GLY C 89 30.32 13.75 5.12
CA GLY C 89 29.87 12.43 4.77
C GLY C 89 30.76 11.30 5.18
N TYR C 90 31.92 11.58 5.78
CA TYR C 90 32.84 10.55 6.24
C TYR C 90 32.48 10.23 7.69
N ASP C 91 33.41 9.59 8.44
CA ASP C 91 33.11 8.83 9.67
C ASP C 91 32.32 9.62 10.69
N GLN C 92 31.54 8.88 11.48
CA GLN C 92 30.41 9.44 12.22
C GLN C 92 30.86 10.36 13.35
N LEU C 93 30.01 11.36 13.62
CA LEU C 93 30.29 12.41 14.58
C LEU C 93 30.38 11.85 16.00
N HIS C 94 31.16 12.52 16.85
CA HIS C 94 31.50 11.96 18.14
C HIS C 94 31.80 13.08 19.13
N TYR C 95 31.00 13.19 20.18
CA TYR C 95 31.27 14.08 21.29
C TYR C 95 31.66 13.28 22.52
N THR C 96 32.71 13.72 23.20
CA THR C 96 33.16 13.06 24.43
C THR C 96 33.57 14.13 25.43
N ASN C 97 33.22 13.90 26.70
CA ASN C 97 33.66 14.73 27.80
C ASN C 97 35.07 14.31 28.22
N VAL C 98 35.49 14.64 29.45
CA VAL C 98 36.86 14.51 29.93
C VAL C 98 37.46 13.10 29.91
N ASN C 99 36.66 12.10 29.58
CA ASN C 99 37.17 10.75 29.35
C ASN C 99 37.82 10.65 27.97
N TYR C 100 38.88 9.86 27.90
CA TYR C 100 39.50 9.56 26.60
C TYR C 100 38.58 8.65 25.81
N PRO C 101 38.31 8.93 24.53
CA PRO C 101 37.63 7.92 23.71
C PRO C 101 38.58 6.97 23.00
N ILE C 102 39.63 6.55 23.69
CA ILE C 102 40.59 5.53 23.25
C ILE C 102 41.00 4.79 24.52
N PRO C 103 41.47 3.55 24.44
CA PRO C 103 42.01 2.89 25.63
C PRO C 103 43.24 3.63 26.16
N TYR C 104 43.26 3.89 27.47
CA TYR C 104 44.37 4.60 28.08
C TYR C 104 45.58 3.69 28.14
N ASP C 105 46.38 3.70 27.08
CA ASP C 105 47.58 2.88 26.99
C ASP C 105 48.65 3.71 26.30
N PRO C 106 49.32 4.59 27.03
CA PRO C 106 50.30 5.47 26.40
C PRO C 106 51.56 4.71 26.04
N PRO C 107 52.15 4.97 24.87
CA PRO C 107 51.70 5.94 23.87
C PRO C 107 50.90 5.34 22.71
N PHE C 108 50.17 4.26 22.94
CA PHE C 108 49.62 3.48 21.85
C PHE C 108 48.19 3.89 21.53
N VAL C 109 47.87 3.87 20.25
CA VAL C 109 46.55 4.25 19.74
C VAL C 109 46.01 3.02 19.00
N PRO C 110 44.69 2.90 18.83
CA PRO C 110 44.12 1.67 18.26
C PRO C 110 44.59 1.34 16.85
N ASP C 111 44.49 0.05 16.51
CA ASP C 111 44.96 -0.42 15.21
C ASP C 111 44.04 0.05 14.10
N ASP C 112 42.73 0.09 14.35
CA ASP C 112 41.78 0.69 13.42
C ASP C 112 41.89 2.21 13.58
N ASN C 113 42.88 2.78 12.89
CA ASN C 113 43.18 4.19 12.94
C ASN C 113 42.82 4.78 11.60
N PRO C 114 41.73 5.56 11.49
CA PRO C 114 41.29 6.04 10.16
C PRO C 114 42.26 7.03 9.54
N ALA C 115 42.28 7.05 8.21
CA ALA C 115 43.28 7.81 7.50
C ALA C 115 42.67 8.48 6.29
N GLY C 116 43.36 9.53 5.82
CA GLY C 116 42.95 10.21 4.61
C GLY C 116 44.14 10.61 3.76
N THR C 117 44.00 10.49 2.45
CA THR C 117 45.05 10.86 1.51
C THR C 117 44.57 12.02 0.66
N TYR C 118 45.40 13.07 0.61
CA TYR C 118 45.17 14.28 -0.15
C TYR C 118 46.22 14.40 -1.26
N VAL C 119 45.79 14.74 -2.46
CA VAL C 119 46.67 14.95 -3.60
C VAL C 119 46.27 16.23 -4.32
N ARG C 120 47.25 17.11 -4.56
CA ARG C 120 47.00 18.33 -5.32
C ARG C 120 48.24 18.70 -6.14
N ASP C 121 48.03 19.01 -7.42
CA ASP C 121 49.03 19.60 -8.30
C ASP C 121 49.00 21.13 -8.20
N PHE C 122 50.13 21.74 -8.55
CA PHE C 122 50.21 23.19 -8.65
C PHE C 122 51.34 23.57 -9.60
N ASN C 123 51.32 24.83 -10.04
CA ASN C 123 52.37 25.40 -10.88
C ASN C 123 53.29 26.28 -10.06
N LEU C 124 54.42 26.64 -10.67
CA LEU C 124 55.38 27.47 -9.97
C LEU C 124 56.16 28.25 -11.01
N PRO C 125 56.33 29.56 -10.86
CA PRO C 125 56.97 30.37 -11.90
C PRO C 125 58.47 30.19 -11.93
N GLU C 126 59.10 30.89 -12.88
CA GLU C 126 60.54 30.77 -13.11
C GLU C 126 61.36 31.51 -12.05
N ALA C 127 60.88 32.64 -11.57
CA ALA C 127 61.61 33.45 -10.60
C ALA C 127 61.38 33.00 -9.15
N TRP C 128 60.96 31.76 -8.96
CA TRP C 128 60.70 31.20 -7.64
C TRP C 128 61.71 30.13 -7.25
N THR C 129 62.41 29.54 -8.22
CA THR C 129 63.49 28.61 -7.97
C THR C 129 64.82 29.31 -7.71
N LYS C 130 64.86 30.64 -7.85
CA LYS C 130 66.03 31.41 -7.49
C LYS C 130 66.03 31.82 -6.02
N LYS C 131 64.97 31.50 -5.28
CA LYS C 131 64.84 31.91 -3.89
C LYS C 131 64.45 30.74 -3.00
N GLN C 132 64.15 31.01 -1.75
CA GLN C 132 63.71 29.99 -0.81
C GLN C 132 62.19 29.84 -0.87
N THR C 133 61.71 28.61 -0.82
CA THR C 133 60.29 28.30 -0.90
C THR C 133 59.87 27.51 0.34
N ARG C 134 58.85 28.00 1.03
CA ARG C 134 58.32 27.33 2.22
C ARG C 134 56.85 27.02 2.05
N ILE C 135 56.38 25.98 2.75
CA ILE C 135 54.96 25.67 2.82
C ILE C 135 54.52 25.82 4.27
N VAL C 136 53.31 26.35 4.46
CA VAL C 136 52.76 26.62 5.78
C VAL C 136 51.38 25.98 5.86
N PHE C 137 51.18 25.11 6.86
CA PHE C 137 49.87 24.58 7.19
C PHE C 137 49.44 25.22 8.50
N GLU C 138 48.30 25.93 8.47
CA GLU C 138 47.85 26.64 9.67
C GLU C 138 47.23 25.70 10.71
N GLY C 139 46.73 24.53 10.34
CA GLY C 139 46.17 23.52 11.23
C GLY C 139 45.75 22.21 10.58
N VAL C 140 46.15 21.01 11.05
CA VAL C 140 45.77 19.65 10.55
C VAL C 140 45.49 18.77 11.76
N ASN C 141 44.35 18.03 11.86
CA ASN C 141 43.98 17.27 13.08
C ASN C 141 44.91 16.20 13.11
N ALA C 142 45.31 15.86 14.33
CA ALA C 142 46.33 14.95 14.70
C ALA C 142 47.59 15.18 13.95
N CYS C 143 48.10 14.19 13.38
CA CYS C 143 49.37 14.15 12.66
C CYS C 143 49.26 13.99 11.15
N PHE C 144 50.32 14.34 10.43
CA PHE C 144 50.33 14.26 8.98
C PHE C 144 51.76 14.07 8.47
N TYR C 145 51.85 13.39 7.34
CA TYR C 145 53.05 13.22 6.54
C TYR C 145 52.97 14.14 5.32
N LEU C 146 54.10 14.27 4.62
CA LEU C 146 54.13 15.20 3.50
C LEU C 146 55.10 14.68 2.44
N TRP C 147 54.68 14.73 1.18
CA TRP C 147 55.51 14.34 0.05
C TRP C 147 55.38 15.39 -1.05
N VAL C 148 56.50 15.83 -1.60
CA VAL C 148 56.53 16.76 -2.72
C VAL C 148 57.30 16.08 -3.86
N ASN C 149 56.62 15.93 -5.00
CA ASN C 149 57.14 15.28 -6.22
C ASN C 149 57.61 13.86 -5.94
N GLY C 150 56.88 13.13 -5.11
CA GLY C 150 57.22 11.75 -4.81
C GLY C 150 58.38 11.58 -3.86
N ARG C 151 58.74 12.62 -3.12
CA ARG C 151 59.90 12.60 -2.23
C ARG C 151 59.47 13.02 -0.85
N PHE C 152 59.94 12.29 0.17
CA PHE C 152 59.55 12.56 1.54
C PHE C 152 60.20 13.85 2.04
N VAL C 153 59.39 14.76 2.56
CA VAL C 153 59.87 16.08 2.94
C VAL C 153 59.61 16.35 4.42
N GLY C 154 58.57 15.76 5.00
CA GLY C 154 58.30 16.07 6.39
C GLY C 154 57.23 15.21 7.03
N TYR C 155 57.25 15.22 8.36
CA TYR C 155 56.22 14.71 9.25
C TYR C 155 55.98 15.72 10.35
N SER C 156 54.73 15.91 10.74
CA SER C 156 54.45 16.79 11.86
C SER C 156 53.24 16.31 12.65
N GLN C 157 53.10 16.92 13.82
CA GLN C 157 52.22 16.47 14.89
C GLN C 157 51.91 17.68 15.77
N GLY C 158 50.67 17.78 16.20
CA GLY C 158 50.21 18.97 16.88
C GLY C 158 49.08 19.61 16.13
N SER C 159 47.88 19.63 16.71
CA SER C 159 46.66 19.81 15.94
C SER C 159 46.22 21.26 15.80
N ARG C 160 46.62 22.15 16.71
CA ARG C 160 46.09 23.50 16.73
C ARG C 160 47.17 24.55 16.53
N ILE C 161 48.34 24.14 16.05
CA ILE C 161 49.50 25.01 15.90
C ILE C 161 49.96 24.88 14.45
N PRO C 162 50.42 25.94 13.79
CA PRO C 162 50.92 25.79 12.41
C PRO C 162 52.19 24.96 12.32
N ALA C 163 52.50 24.57 11.08
CA ALA C 163 53.71 23.81 10.77
C ALA C 163 54.25 24.31 9.44
N GLU C 164 55.54 24.61 9.40
CA GLU C 164 56.17 25.16 8.22
C GLU C 164 57.34 24.27 7.79
N PHE C 165 57.44 24.04 6.49
CA PHE C 165 58.46 23.16 5.93
C PHE C 165 59.18 23.87 4.80
N ASP C 166 60.36 23.35 4.48
CA ASP C 166 61.25 23.93 3.47
C ASP C 166 61.20 23.08 2.22
N LEU C 167 60.85 23.71 1.09
CA LEU C 167 60.61 23.00 -0.17
C LEU C 167 61.61 23.36 -1.25
N THR C 168 62.73 23.95 -0.90
CA THR C 168 63.72 24.36 -1.88
C THR C 168 64.45 23.18 -2.56
N PRO C 169 64.83 22.07 -1.91
CA PRO C 169 65.37 20.95 -2.68
C PRO C 169 64.35 20.12 -3.45
N PHE C 170 63.05 20.42 -3.36
CA PHE C 170 62.04 19.48 -3.84
C PHE C 170 61.23 19.97 -5.02
N VAL C 171 61.12 21.28 -5.24
CA VAL C 171 60.23 21.80 -6.25
C VAL C 171 61.04 22.21 -7.48
N ALA C 172 60.34 22.29 -8.61
CA ALA C 172 60.93 22.72 -9.86
C ALA C 172 59.91 23.61 -10.59
N ALA C 173 60.39 24.32 -11.60
CA ALA C 173 59.53 25.19 -12.38
C ALA C 173 58.56 24.37 -13.22
N GLY C 174 57.31 24.82 -13.28
CA GLY C 174 56.29 24.08 -13.98
C GLY C 174 55.38 23.32 -13.03
N ARG C 175 54.86 22.18 -13.47
CA ARG C 175 53.91 21.41 -12.68
C ARG C 175 54.63 20.67 -11.55
N ASN C 176 53.99 20.64 -10.38
CA ASN C 176 54.49 19.91 -9.23
C ASN C 176 53.38 19.02 -8.68
N ARG C 177 53.69 18.32 -7.60
CA ARG C 177 52.77 17.36 -7.00
C ARG C 177 52.93 17.38 -5.48
N LEU C 178 51.82 17.48 -4.77
CA LEU C 178 51.78 17.51 -3.31
C LEU C 178 50.88 16.39 -2.81
N ALA C 179 51.36 15.62 -1.83
CA ALA C 179 50.60 14.51 -1.26
C ALA C 179 50.71 14.55 0.25
N VAL C 180 49.57 14.41 0.92
CA VAL C 180 49.48 14.48 2.38
C VAL C 180 48.76 13.24 2.88
N LEU C 181 49.28 12.62 3.93
CA LEU C 181 48.59 11.55 4.66
C LEU C 181 48.25 12.06 6.05
N VAL C 182 46.97 12.03 6.40
CA VAL C 182 46.46 12.56 7.66
C VAL C 182 45.87 11.41 8.47
N LEU C 183 46.29 11.29 9.73
CA LEU C 183 45.79 10.26 10.63
C LEU C 183 44.91 10.88 11.71
N LYS C 184 43.98 10.08 12.24
CA LYS C 184 43.04 10.58 13.23
C LYS C 184 43.61 10.57 14.63
N TRP C 185 44.47 9.61 14.95
CA TRP C 185 44.96 9.37 16.29
C TRP C 185 46.48 9.28 16.26
N CYS C 186 47.13 10.02 17.14
CA CYS C 186 48.58 9.89 17.33
C CYS C 186 48.84 9.88 18.83
N ASP C 187 50.11 9.91 19.22
CA ASP C 187 50.43 9.93 20.64
C ASP C 187 50.19 11.29 21.28
N GLY C 188 49.95 12.33 20.49
CA GLY C 188 49.48 13.60 20.98
C GLY C 188 48.01 13.67 21.27
N THR C 189 47.27 12.58 21.07
CA THR C 189 45.86 12.56 21.41
C THR C 189 45.67 12.52 22.93
N TYR C 190 46.64 11.95 23.64
CA TYR C 190 46.62 11.94 25.10
C TYR C 190 46.75 13.33 25.70
N LEU C 191 47.30 14.28 24.95
CA LEU C 191 47.44 15.66 25.40
C LEU C 191 46.36 16.58 24.83
N GLU C 192 45.33 16.03 24.20
CA GLU C 192 44.29 16.83 23.56
C GLU C 192 42.92 16.29 23.93
N ASP C 193 42.69 16.05 25.21
CA ASP C 193 41.43 15.48 25.68
C ASP C 193 40.44 16.59 26.03
N GLN C 194 40.11 17.41 25.04
CA GLN C 194 39.19 18.51 25.25
C GLN C 194 37.75 18.04 25.18
N ASP C 195 36.91 18.66 26.01
CA ASP C 195 35.47 18.42 26.02
C ASP C 195 34.82 19.17 24.85
N VAL C 196 34.96 18.58 23.67
CA VAL C 196 34.50 19.20 22.43
C VAL C 196 34.26 18.07 21.44
N TRP C 197 33.53 18.35 20.36
CA TRP C 197 33.40 17.41 19.25
C TRP C 197 34.77 17.16 18.63
N ARG C 198 35.01 15.92 18.21
CA ARG C 198 36.31 15.49 17.73
C ARG C 198 36.29 15.47 16.20
N PHE C 199 36.94 16.46 15.58
CA PHE C 199 37.01 16.55 14.13
C PHE C 199 38.40 16.16 13.65
N SER C 200 38.50 15.98 12.33
CA SER C 200 39.72 15.51 11.70
C SER C 200 39.90 16.17 10.34
N GLY C 201 41.14 16.29 9.92
CA GLY C 201 41.47 16.71 8.57
C GLY C 201 42.33 17.95 8.54
N ILE C 202 42.49 18.49 7.34
CA ILE C 202 43.11 19.80 7.12
C ILE C 202 41.97 20.81 7.23
N TYR C 203 41.88 21.50 8.37
CA TYR C 203 40.76 22.37 8.62
C TYR C 203 41.10 23.85 8.61
N ARG C 204 42.37 24.20 8.47
CA ARG C 204 42.77 25.60 8.38
C ARG C 204 43.50 25.83 7.06
N ASP C 205 44.03 27.04 6.89
CA ASP C 205 44.58 27.48 5.63
C ASP C 205 45.93 26.80 5.35
N VAL C 206 46.26 26.76 4.06
CA VAL C 206 47.49 26.15 3.53
C VAL C 206 48.03 27.07 2.45
N TYR C 207 49.29 27.47 2.55
CA TYR C 207 49.84 28.33 1.50
C TYR C 207 51.34 28.14 1.34
N LEU C 208 51.87 28.78 0.30
CA LEU C 208 53.29 28.74 -0.06
C LEU C 208 53.86 30.15 -0.01
N LEU C 209 55.06 30.26 0.57
CA LEU C 209 55.78 31.53 0.67
C LEU C 209 57.07 31.47 -0.12
N SER C 210 57.46 32.61 -0.68
CA SER C 210 58.70 32.76 -1.45
C SER C 210 59.56 33.81 -0.79
N ARG C 211 60.46 33.39 0.08
CA ARG C 211 61.33 34.32 0.79
C ARG C 211 62.75 34.20 0.25
N ASP C 212 63.39 35.34 0.05
CA ASP C 212 64.71 35.40 -0.58
C ASP C 212 65.79 34.82 0.33
N ASN C 213 67.01 34.78 -0.19
CA ASN C 213 68.05 33.96 0.42
C ASN C 213 68.58 34.56 1.71
N THR C 214 68.52 35.88 1.85
CA THR C 214 68.84 36.55 3.11
C THR C 214 67.59 37.34 3.51
N HIS C 215 66.86 36.84 4.50
CA HIS C 215 65.57 37.40 4.88
C HIS C 215 65.45 37.51 6.40
N ILE C 216 64.57 38.43 6.82
CA ILE C 216 64.23 38.56 8.23
C ILE C 216 63.45 37.33 8.66
N ARG C 217 64.03 36.55 9.58
CA ARG C 217 63.40 35.31 9.96
C ARG C 217 62.40 35.49 11.09
N ASP C 218 62.73 36.28 12.11
CA ASP C 218 61.85 36.41 13.28
C ASP C 218 61.88 37.84 13.78
N VAL C 219 60.72 38.30 14.28
CA VAL C 219 60.56 39.65 14.81
C VAL C 219 59.83 39.56 16.14
N PHE C 220 60.40 40.18 17.18
CA PHE C 220 59.70 40.32 18.45
C PHE C 220 59.70 41.79 18.86
N ASN C 221 58.52 42.39 18.87
CA ASN C 221 58.35 43.79 19.24
C ASN C 221 58.06 43.89 20.72
N GLN C 222 58.66 44.88 21.38
CA GLN C 222 58.51 45.09 22.81
C GLN C 222 58.17 46.54 23.09
N PRO C 223 56.97 46.83 23.57
CA PRO C 223 56.75 48.14 24.21
C PRO C 223 57.46 48.19 25.55
N LEU C 224 58.04 49.35 25.85
CA LEU C 224 58.91 49.54 27.00
C LEU C 224 58.56 50.80 27.75
N LEU C 225 57.28 50.91 28.14
CA LEU C 225 56.77 52.06 28.90
C LEU C 225 57.55 52.27 30.20
N SER C 226 57.61 53.53 30.62
CA SER C 226 58.37 53.92 31.80
C SER C 226 57.56 53.61 33.06
N ASP C 227 58.05 54.08 34.20
CA ASP C 227 57.43 53.73 35.47
C ASP C 227 56.16 54.52 35.74
N ASP C 228 56.03 55.72 35.15
CA ASP C 228 54.84 56.54 35.30
C ASP C 228 54.01 56.63 34.02
N LEU C 229 54.26 55.70 33.09
CA LEU C 229 53.51 55.54 31.83
C LEU C 229 53.60 56.79 30.94
N SER C 230 54.75 57.47 30.97
CA SER C 230 54.90 58.75 30.29
C SER C 230 55.94 58.76 29.19
N GLU C 231 56.79 57.75 29.08
CA GLU C 231 57.77 57.63 28.02
C GLU C 231 57.68 56.25 27.41
N GLY C 232 57.70 56.17 26.09
CA GLY C 232 57.59 54.91 25.40
C GLY C 232 58.83 54.60 24.56
N LYS C 233 59.17 53.33 24.47
CA LYS C 233 60.25 52.87 23.62
C LYS C 233 59.83 51.59 22.94
N LEU C 234 59.86 51.57 21.62
CA LEU C 234 59.63 50.36 20.85
C LEU C 234 60.96 49.68 20.57
N ARG C 235 61.14 48.48 21.12
CA ARG C 235 62.34 47.69 20.90
C ARG C 235 61.97 46.52 19.99
N SER C 236 62.46 46.53 18.77
CA SER C 236 62.12 45.50 17.78
C SER C 236 63.33 44.59 17.61
N GLU C 237 63.30 43.44 18.28
CA GLU C 237 64.36 42.45 18.18
C GLU C 237 64.17 41.66 16.90
N ILE C 238 65.11 41.82 15.97
CA ILE C 238 65.02 41.21 14.64
C ILE C 238 66.10 40.14 14.54
N GLU C 239 65.71 38.95 14.09
CA GLU C 239 66.60 37.81 13.97
C GLU C 239 66.60 37.41 12.50
N THR C 240 67.72 37.61 11.82
CA THR C 240 67.82 37.38 10.38
C THR C 240 68.59 36.09 10.10
N THR C 241 68.80 35.82 8.82
CA THR C 241 69.59 34.67 8.39
C THR C 241 70.92 35.07 7.77
N GLY C 242 71.26 36.35 7.83
CA GLY C 242 72.50 36.84 7.26
C GLY C 242 72.64 38.34 7.46
N SER C 243 73.30 39.02 6.53
CA SER C 243 73.55 40.45 6.65
C SER C 243 72.45 41.21 5.90
N LEU C 244 71.62 41.94 6.64
CA LEU C 244 70.54 42.71 6.03
C LEU C 244 70.59 44.17 6.43
N THR C 245 70.45 45.03 5.43
CA THR C 245 70.15 46.44 5.63
C THR C 245 68.64 46.60 5.75
N ILE C 246 68.17 47.03 6.92
CA ILE C 246 66.76 47.03 7.25
C ILE C 246 66.30 48.45 7.52
N GLN C 247 65.26 48.87 6.81
CA GLN C 247 64.56 50.11 7.08
C GLN C 247 63.42 49.85 8.06
N ALA C 248 63.12 50.84 8.91
CA ALA C 248 62.03 50.72 9.86
C ALA C 248 61.37 52.07 10.06
N GLU C 249 60.04 52.08 10.13
CA GLU C 249 59.32 53.31 10.38
C GLU C 249 58.09 53.04 11.24
N LEU C 250 57.72 54.03 12.06
CA LEU C 250 56.67 53.90 13.06
C LEU C 250 55.68 55.06 12.91
N ARG C 251 54.39 54.76 13.03
CA ARG C 251 53.33 55.74 12.85
C ARG C 251 52.30 55.63 13.98
N ASP C 252 51.67 56.76 14.30
CA ASP C 252 50.64 56.86 15.33
C ASP C 252 49.30 56.37 14.77
N PRO C 253 48.23 56.26 15.59
CA PRO C 253 46.93 55.90 15.01
C PRO C 253 46.35 56.93 14.05
N ALA C 254 46.79 58.18 14.11
CA ALA C 254 46.27 59.18 13.18
C ALA C 254 46.95 59.11 11.82
N GLY C 255 48.09 58.43 11.71
CA GLY C 255 48.78 58.33 10.44
C GLY C 255 49.85 59.39 10.23
N LYS C 256 50.78 59.48 11.17
CA LYS C 256 51.84 60.49 11.12
C LYS C 256 53.14 59.84 11.54
N LEU C 257 54.22 60.13 10.80
CA LEU C 257 55.53 59.59 11.11
C LEU C 257 56.05 60.13 12.43
N ILE C 258 56.44 59.23 13.32
CA ILE C 258 57.07 59.60 14.58
C ILE C 258 58.46 59.00 14.75
N GLY C 259 58.89 58.13 13.85
CA GLY C 259 60.20 57.51 13.95
C GLY C 259 60.59 56.86 12.65
N GLN C 260 61.90 56.74 12.44
CA GLN C 260 62.46 56.17 11.23
C GLN C 260 63.92 55.82 11.50
N LYS C 261 64.36 54.66 11.01
CA LYS C 261 65.67 54.15 11.38
C LYS C 261 66.15 53.19 10.30
N GLU C 262 67.47 53.10 10.16
CA GLU C 262 68.13 52.12 9.31
C GLU C 262 69.15 51.35 10.15
N ALA C 263 69.23 50.04 9.92
CA ALA C 263 70.21 49.23 10.62
C ALA C 263 70.81 48.19 9.68
N GLN C 264 71.84 47.51 10.17
CA GLN C 264 72.55 46.46 9.44
C GLN C 264 72.69 45.30 10.41
N ILE C 265 71.75 44.36 10.34
CA ILE C 265 71.66 43.28 11.30
C ILE C 265 72.23 42.01 10.68
N ASP C 266 73.11 41.34 11.42
CA ASP C 266 73.90 40.22 10.93
C ASP C 266 73.50 38.90 11.60
N GLY C 267 72.25 38.78 12.02
CA GLY C 267 71.75 37.53 12.55
C GLY C 267 70.86 37.66 13.77
N LYS C 268 71.13 38.61 14.65
CA LYS C 268 70.32 38.82 15.86
C LYS C 268 70.64 40.20 16.42
N GLY C 269 69.65 41.08 16.46
CA GLY C 269 69.88 42.42 16.98
C GLY C 269 68.59 43.21 17.00
N ALA C 270 68.59 44.25 17.83
CA ALA C 270 67.41 45.06 18.08
C ALA C 270 67.49 46.38 17.34
N MET C 271 66.34 47.05 17.24
CA MET C 271 66.22 48.40 16.65
C MET C 271 65.29 49.20 17.55
N GLU C 272 65.87 49.91 18.52
CA GLU C 272 65.07 50.69 19.44
C GLU C 272 64.62 52.00 18.80
N LEU C 273 63.51 52.53 19.31
CA LEU C 273 62.92 53.74 18.76
C LEU C 273 62.11 54.39 19.87
N ASP C 274 62.05 55.71 19.87
CA ASP C 274 61.46 56.46 20.98
C ASP C 274 60.10 57.04 20.60
N VAL C 275 59.17 56.99 21.55
CA VAL C 275 57.84 57.58 21.46
C VAL C 275 57.67 58.50 22.65
N PRO C 276 57.59 59.83 22.46
CA PRO C 276 57.61 60.76 23.59
C PRO C 276 56.38 60.74 24.48
N GLN C 277 55.19 60.87 23.90
CA GLN C 277 53.93 60.83 24.65
C GLN C 277 53.06 59.73 24.06
N PRO C 278 53.02 58.55 24.67
CA PRO C 278 52.34 57.42 24.05
C PRO C 278 50.85 57.37 24.33
N GLN C 279 50.12 56.83 23.35
CA GLN C 279 48.70 56.55 23.47
C GLN C 279 48.53 55.07 23.78
N LEU C 280 47.91 54.77 24.91
CA LEU C 280 47.94 53.42 25.45
C LEU C 280 46.78 52.57 24.93
N TRP C 281 46.98 51.26 24.95
CA TRP C 281 45.96 50.32 24.53
C TRP C 281 45.15 49.85 25.74
N ASN C 282 43.84 49.72 25.52
CA ASN C 282 42.93 49.10 26.48
C ASN C 282 41.72 48.62 25.69
N ALA C 283 40.81 47.92 26.37
CA ALA C 283 39.71 47.25 25.69
C ALA C 283 38.67 48.23 25.17
N GLU C 284 38.60 49.43 25.70
CA GLU C 284 37.58 50.39 25.31
C GLU C 284 38.12 51.56 24.51
N GLN C 285 39.45 51.70 24.39
CA GLN C 285 40.07 52.68 23.51
C GLN C 285 41.23 52.00 22.79
N PRO C 286 40.94 51.15 21.80
CA PRO C 286 42.02 50.34 21.20
C PRO C 286 42.89 51.09 20.19
N ARG C 287 43.88 51.80 20.69
CA ARG C 287 44.76 52.62 19.86
C ARG C 287 46.02 51.84 19.51
N LEU C 288 46.35 51.80 18.21
CA LEU C 288 47.43 50.95 17.73
C LEU C 288 48.39 51.74 16.84
N TYR C 289 49.67 51.66 17.15
CA TYR C 289 50.74 52.15 16.29
C TYR C 289 50.99 51.18 15.14
N GLU C 290 51.64 51.67 14.10
CA GLU C 290 51.96 50.88 12.93
C GLU C 290 53.45 50.84 12.70
N LEU C 291 54.01 49.64 12.57
CA LEU C 291 55.43 49.44 12.31
C LEU C 291 55.63 48.83 10.94
N ILE C 292 56.47 49.43 10.11
CA ILE C 292 56.79 48.91 8.79
C ILE C 292 58.28 48.61 8.75
N LEU C 293 58.62 47.36 8.44
CA LEU C 293 59.97 46.91 8.22
C LEU C 293 60.19 46.64 6.75
N THR C 294 61.32 47.07 6.20
CA THR C 294 61.62 46.91 4.79
C THR C 294 63.00 46.28 4.65
N ALA C 295 63.08 45.18 3.91
CA ALA C 295 64.35 44.50 3.71
C ALA C 295 64.33 43.81 2.36
N GLY C 296 65.20 44.24 1.46
CA GLY C 296 65.30 43.66 0.13
C GLY C 296 64.04 43.86 -0.70
N GLN C 297 63.34 42.78 -0.98
CA GLN C 297 62.07 42.83 -1.68
C GLN C 297 60.88 42.68 -0.76
N GLU C 298 61.11 42.56 0.55
CA GLU C 298 60.05 42.20 1.49
C GLU C 298 59.67 43.37 2.37
N VAL C 299 58.38 43.52 2.61
CA VAL C 299 57.82 44.55 3.48
C VAL C 299 56.94 43.86 4.51
N LEU C 300 57.25 44.06 5.79
CA LEU C 300 56.51 43.45 6.89
C LEU C 300 55.78 44.54 7.68
N ARG C 301 54.52 44.28 8.01
CA ARG C 301 53.67 45.22 8.71
C ARG C 301 53.25 44.65 10.05
N PHE C 302 53.44 45.42 11.11
CA PHE C 302 53.06 45.03 12.47
C PHE C 302 52.20 46.12 13.08
N ARG C 303 51.36 45.74 14.03
CA ARG C 303 50.49 46.66 14.74
C ARG C 303 50.78 46.55 16.23
N VAL C 304 51.20 47.67 16.82
CA VAL C 304 51.82 47.68 18.14
C VAL C 304 50.87 48.37 19.11
N GLY C 305 50.69 47.78 20.30
CA GLY C 305 49.92 48.42 21.34
C GLY C 305 50.71 48.57 22.62
N PHE C 306 50.65 49.73 23.24
CA PHE C 306 51.45 50.02 24.43
C PHE C 306 50.60 49.79 25.67
N LYS C 307 50.99 48.82 26.49
CA LYS C 307 50.25 48.52 27.72
C LYS C 307 51.21 47.89 28.73
N LYS C 308 50.76 47.86 29.98
CA LYS C 308 51.53 47.24 31.05
C LYS C 308 50.60 46.53 32.01
N VAL C 309 50.87 45.24 32.25
CA VAL C 309 50.05 44.39 33.09
C VAL C 309 50.88 44.02 34.32
N GLU C 310 50.32 44.18 35.51
CA GLU C 310 51.09 43.95 36.72
C GLU C 310 50.21 43.54 37.89
N ILE C 311 50.86 43.12 38.96
CA ILE C 311 50.24 42.89 40.26
C ILE C 311 51.09 43.61 41.29
N THR C 312 50.47 44.44 42.14
CA THR C 312 51.21 45.30 43.04
C THR C 312 51.10 44.87 44.49
N ASP C 313 49.89 44.82 45.05
CA ASP C 313 49.69 44.46 46.45
C ASP C 313 48.66 43.36 46.55
N GLY C 314 48.71 42.40 45.63
CA GLY C 314 47.60 41.50 45.45
C GLY C 314 46.47 42.08 44.64
N ILE C 315 46.74 43.16 43.90
CA ILE C 315 45.72 43.85 43.10
C ILE C 315 46.18 43.83 41.65
N PHE C 316 45.38 43.18 40.80
CA PHE C 316 45.65 43.13 39.38
C PHE C 316 45.46 44.51 38.76
N ARG C 317 46.42 44.96 37.95
CA ARG C 317 46.35 46.29 37.38
C ARG C 317 46.76 46.27 35.92
N ILE C 318 46.02 47.03 35.11
CA ILE C 318 46.36 47.30 33.70
C ILE C 318 46.47 48.81 33.55
N ASN C 319 47.65 49.27 33.11
CA ASN C 319 47.97 50.68 32.87
C ASN C 319 47.75 51.53 34.11
N GLY C 320 48.15 51.02 35.27
CA GLY C 320 48.02 51.73 36.52
C GLY C 320 46.69 51.59 37.23
N ARG C 321 45.60 51.50 36.49
CA ARG C 321 44.27 51.38 37.10
C ARG C 321 43.98 49.94 37.47
N ALA C 322 43.13 49.76 38.47
CA ALA C 322 42.68 48.43 38.86
C ALA C 322 41.50 48.02 37.99
N VAL C 323 41.62 46.87 37.33
CA VAL C 323 40.68 46.43 36.32
C VAL C 323 40.06 45.11 36.78
N LYS C 324 38.74 45.01 36.67
CA LYS C 324 38.03 43.76 36.90
C LYS C 324 37.62 43.17 35.56
N LEU C 325 38.06 41.94 35.31
CA LEU C 325 37.89 41.29 34.02
C LEU C 325 36.53 40.61 33.97
N LYS C 326 35.73 40.94 32.96
CA LYS C 326 34.35 40.49 32.84
C LYS C 326 34.22 39.74 31.52
N GLY C 327 34.35 38.40 31.55
CA GLY C 327 34.51 37.67 30.30
C GLY C 327 33.76 36.36 30.24
N VAL C 328 33.87 35.73 29.07
CA VAL C 328 33.30 34.42 28.78
C VAL C 328 34.39 33.53 28.19
N ASN C 329 34.14 32.23 28.17
CA ASN C 329 35.00 31.29 27.48
C ASN C 329 34.43 31.00 26.10
N ARG C 330 35.29 30.58 25.18
CA ARG C 330 34.85 30.43 23.79
C ARG C 330 35.58 29.29 23.11
N HIS C 331 34.81 28.33 22.59
CA HIS C 331 35.32 27.35 21.64
C HIS C 331 35.07 27.85 20.22
N ASP C 332 35.96 27.49 19.32
CA ASP C 332 35.69 27.65 17.90
C ASP C 332 34.75 26.53 17.47
N SER C 333 33.49 26.87 17.22
CA SER C 333 32.48 25.87 16.89
C SER C 333 31.43 26.51 15.99
N HIS C 334 31.28 25.98 14.80
CA HIS C 334 30.27 26.35 13.82
C HIS C 334 29.30 25.19 13.66
N PRO C 335 27.99 25.44 13.62
CA PRO C 335 27.03 24.33 13.57
C PRO C 335 26.97 23.60 12.24
N GLU C 336 27.68 24.06 11.21
CA GLU C 336 27.70 23.38 9.92
C GLU C 336 29.09 23.06 9.41
N LEU C 337 30.14 23.68 9.95
CA LEU C 337 31.50 23.48 9.46
C LEU C 337 32.45 22.94 10.50
N GLY C 338 31.99 22.75 11.74
CA GLY C 338 32.86 22.22 12.77
C GLY C 338 33.84 23.24 13.31
N GLN C 339 35.13 23.00 13.12
CA GLN C 339 36.17 23.92 13.56
C GLN C 339 36.71 24.79 12.44
N THR C 340 36.02 24.85 11.31
CA THR C 340 36.35 25.78 10.24
C THR C 340 35.49 27.03 10.43
N ILE C 341 36.13 28.15 10.75
CA ILE C 341 35.43 29.37 11.10
C ILE C 341 35.79 30.44 10.07
N PRO C 342 34.82 30.95 9.30
CA PRO C 342 35.09 32.09 8.42
C PRO C 342 35.17 33.39 9.23
N VAL C 343 35.52 34.47 8.53
CA VAL C 343 35.84 35.74 9.19
C VAL C 343 34.59 36.43 9.70
N ASN C 344 33.53 36.47 8.88
CA ASN C 344 32.30 37.15 9.24
C ASN C 344 31.61 36.49 10.42
N HIS C 345 31.78 35.18 10.57
CA HIS C 345 31.24 34.46 11.72
C HIS C 345 32.00 34.79 13.00
N MET C 346 33.24 35.25 12.89
CA MET C 346 33.97 35.78 14.05
C MET C 346 33.53 37.19 14.38
N ILE C 347 33.35 38.02 13.33
CA ILE C 347 32.97 39.42 13.53
C ILE C 347 31.59 39.53 14.14
N ALA C 348 30.68 38.62 13.77
CA ALA C 348 29.34 38.60 14.37
C ALA C 348 29.39 38.26 15.85
N ASP C 349 30.22 37.29 16.23
CA ASP C 349 30.38 36.95 17.64
C ASP C 349 30.99 38.10 18.42
N LEU C 350 31.97 38.80 17.84
CA LEU C 350 32.60 39.90 18.56
C LEU C 350 31.66 41.09 18.73
N LYS C 351 30.85 41.38 17.70
CA LYS C 351 29.85 42.44 17.84
C LYS C 351 28.80 42.09 18.88
N LEU C 352 28.34 40.83 18.89
CA LEU C 352 27.32 40.43 19.84
C LEU C 352 27.85 40.39 21.28
N MET C 353 29.14 40.04 21.46
CA MET C 353 29.74 40.15 22.79
C MET C 353 29.90 41.60 23.21
N LYS C 354 30.35 42.46 22.30
CA LYS C 354 30.65 43.83 22.67
C LYS C 354 29.39 44.63 22.96
N ARG C 355 28.25 44.26 22.37
CA ARG C 355 27.00 44.91 22.75
C ARG C 355 26.30 44.24 23.94
N HIS C 356 27.03 43.43 24.72
CA HIS C 356 26.53 42.87 25.98
C HIS C 356 27.55 43.05 27.09
N ASN C 357 28.34 44.13 27.03
CA ASN C 357 29.20 44.63 28.11
C ASN C 357 30.36 43.71 28.45
N ILE C 358 30.82 42.89 27.50
CA ILE C 358 31.90 41.93 27.73
C ILE C 358 33.20 42.52 27.22
N ASN C 359 34.27 42.45 28.03
CA ASN C 359 35.56 42.95 27.61
C ASN C 359 36.69 41.93 27.65
N THR C 360 36.43 40.70 28.05
CA THR C 360 37.47 39.67 28.16
C THR C 360 36.99 38.43 27.42
N ILE C 361 37.91 37.72 26.76
CA ILE C 361 37.63 36.43 26.14
C ILE C 361 38.76 35.49 26.53
N ARG C 362 38.41 34.30 26.99
CA ARG C 362 39.37 33.25 27.27
C ARG C 362 39.27 32.17 26.20
N THR C 363 40.35 31.98 25.44
CA THR C 363 40.40 30.99 24.37
C THR C 363 40.46 29.62 25.01
N SER C 364 39.32 28.93 25.07
CA SER C 364 39.17 27.75 25.89
C SER C 364 39.90 26.56 25.28
N HIS C 365 41.02 26.18 25.90
CA HIS C 365 41.75 24.92 25.89
C HIS C 365 42.63 24.72 24.65
N TYR C 366 42.68 25.66 23.73
CA TYR C 366 43.59 25.63 22.58
C TYR C 366 43.68 27.04 22.02
N PRO C 367 44.78 27.39 21.34
CA PRO C 367 44.83 28.68 20.65
C PRO C 367 43.99 28.68 19.38
N ASN C 368 43.45 29.84 19.05
CA ASN C 368 42.55 29.97 17.93
C ASN C 368 43.32 30.34 16.66
N ASP C 369 42.57 30.70 15.61
CA ASP C 369 43.16 31.08 14.34
C ASP C 369 43.86 32.43 14.50
N PRO C 370 44.96 32.67 13.76
CA PRO C 370 45.73 33.91 13.97
C PRO C 370 45.04 35.20 13.59
N LYS C 371 43.91 35.17 12.87
CA LYS C 371 43.20 36.41 12.56
C LYS C 371 42.09 36.73 13.55
N PHE C 372 41.73 35.78 14.40
CA PHE C 372 40.84 36.09 15.52
C PHE C 372 41.51 37.06 16.48
N LEU C 373 42.81 36.90 16.71
CA LEU C 373 43.55 37.84 17.55
C LEU C 373 43.78 39.16 16.84
N ASP C 374 43.90 39.14 15.52
CA ASP C 374 43.96 40.38 14.76
C ASP C 374 42.67 41.17 14.87
N LEU C 375 41.53 40.48 14.91
CA LEU C 375 40.25 41.16 15.14
C LEU C 375 40.13 41.64 16.58
N CYS C 376 40.63 40.86 17.54
CA CYS C 376 40.54 41.25 18.94
C CYS C 376 41.46 42.41 19.29
N ASP C 377 42.51 42.64 18.49
CA ASP C 377 43.31 43.84 18.67
C ASP C 377 42.55 45.10 18.27
N GLU C 378 41.61 44.97 17.34
CA GLU C 378 40.91 46.10 16.73
C GLU C 378 39.61 46.45 17.45
N PHE C 379 38.80 45.45 17.79
CA PHE C 379 37.58 45.68 18.54
C PHE C 379 37.87 46.08 19.98
N GLY C 380 38.83 45.43 20.62
CA GLY C 380 39.18 45.69 22.00
C GLY C 380 38.63 44.65 22.95
N PHE C 381 39.48 43.68 23.29
CA PHE C 381 39.14 42.58 24.18
C PHE C 381 40.41 42.13 24.87
N TYR C 382 40.32 41.74 26.13
CA TYR C 382 41.46 41.15 26.82
C TYR C 382 41.46 39.65 26.57
N ILE C 383 42.61 39.11 26.17
CA ILE C 383 42.71 37.73 25.73
C ILE C 383 43.56 36.95 26.72
N ILE C 384 42.99 35.85 27.23
CA ILE C 384 43.69 34.86 28.03
C ILE C 384 43.91 33.66 27.12
N ASP C 385 45.15 33.46 26.69
CA ASP C 385 45.46 32.56 25.58
C ASP C 385 45.96 31.25 26.15
N GLU C 386 45.16 30.18 26.03
CA GLU C 386 45.51 28.89 26.61
C GLU C 386 46.23 28.02 25.60
N ALA C 387 47.03 27.10 26.13
CA ALA C 387 47.79 26.15 25.32
C ALA C 387 46.96 24.90 25.05
N ASP C 388 47.39 24.15 24.05
CA ASP C 388 46.67 22.96 23.58
C ASP C 388 47.11 21.76 24.40
N LEU C 389 46.63 21.69 25.64
CA LEU C 389 47.09 20.61 26.51
C LEU C 389 46.00 20.23 27.51
N GLU C 390 45.50 19.03 27.52
CA GLU C 390 44.42 18.69 28.40
C GLU C 390 44.57 17.26 28.70
N CYS C 391 45.53 16.92 29.52
CA CYS C 391 45.82 15.58 29.79
C CYS C 391 44.99 15.22 30.92
N HIS C 392 43.69 15.06 30.71
CA HIS C 392 42.79 14.78 31.84
C HIS C 392 43.16 13.46 32.43
N GLY C 393 44.01 12.69 31.77
CA GLY C 393 44.57 11.46 32.31
C GLY C 393 43.73 10.54 33.10
N VAL C 394 44.11 10.37 34.34
CA VAL C 394 43.32 9.54 35.23
C VAL C 394 42.97 8.19 34.57
N HIS C 406 48.69 6.43 35.56
CA HIS C 406 48.20 7.74 35.14
C HIS C 406 49.23 8.83 35.46
N LYS C 407 48.77 10.08 35.41
CA LYS C 407 49.57 11.27 35.69
C LYS C 407 50.79 11.38 34.76
N LEU C 408 50.47 11.66 33.50
CA LEU C 408 51.48 11.98 32.50
C LEU C 408 52.26 13.25 32.85
N SER C 409 51.70 14.13 33.69
CA SER C 409 52.37 15.35 34.10
C SER C 409 53.63 15.08 34.91
N ASN C 410 53.69 13.95 35.61
CA ASN C 410 54.85 13.61 36.43
C ASN C 410 55.76 12.59 35.78
N ASN C 411 55.54 12.30 34.49
CA ASN C 411 56.33 11.30 33.79
C ASN C 411 57.43 12.04 33.03
N PRO C 412 58.70 11.84 33.35
CA PRO C 412 59.75 12.72 32.80
C PRO C 412 60.08 12.49 31.33
N ASP C 413 59.63 11.40 30.72
CA ASP C 413 59.86 11.21 29.30
C ASP C 413 58.73 11.75 28.43
N TRP C 414 57.81 12.51 29.03
CA TRP C 414 56.81 13.28 28.31
C TRP C 414 57.13 14.76 28.32
N LYS C 415 58.32 15.15 28.80
CA LYS C 415 58.56 16.56 29.11
C LYS C 415 58.76 17.40 27.85
N GLU C 416 59.40 16.83 26.82
CA GLU C 416 59.58 17.59 25.58
C GLU C 416 58.28 17.77 24.81
N ALA C 417 57.27 16.93 25.06
CA ALA C 417 55.96 17.11 24.46
C ALA C 417 55.18 18.22 25.17
N PHE C 418 55.27 18.26 26.50
CA PHE C 418 54.64 19.31 27.28
C PHE C 418 55.23 20.69 26.98
N VAL C 419 56.55 20.77 26.83
CA VAL C 419 57.19 22.07 26.71
C VAL C 419 56.95 22.69 25.33
N GLU C 420 57.00 21.88 24.26
CA GLU C 420 56.90 22.45 22.93
C GLU C 420 55.50 22.96 22.61
N ARG C 421 54.47 22.47 23.30
CA ARG C 421 53.13 22.99 23.06
C ARG C 421 52.95 24.37 23.66
N ALA C 422 53.79 24.76 24.61
CA ALA C 422 53.85 26.15 25.05
C ALA C 422 54.81 26.97 24.23
N VAL C 423 55.93 26.38 23.80
CA VAL C 423 56.91 27.12 23.01
C VAL C 423 56.32 27.52 21.67
N ARG C 424 55.58 26.61 21.02
CA ARG C 424 54.98 26.89 19.74
C ARG C 424 53.81 27.86 19.84
N MET C 425 53.15 27.93 21.00
CA MET C 425 52.08 28.91 21.18
C MET C 425 52.63 30.30 21.44
N VAL C 426 53.54 30.42 22.42
CA VAL C 426 54.04 31.72 22.85
C VAL C 426 54.84 32.39 21.75
N GLU C 427 55.56 31.61 20.93
CA GLU C 427 56.32 32.19 19.85
C GLU C 427 55.43 32.68 18.72
N ARG C 428 54.20 32.14 18.60
CA ARG C 428 53.31 32.50 17.51
C ARG C 428 52.54 33.77 17.79
N ASP C 429 52.19 34.01 19.06
CA ASP C 429 51.26 35.06 19.45
C ASP C 429 51.89 36.11 20.34
N LYS C 430 53.18 36.39 20.17
CA LYS C 430 53.87 37.27 21.11
C LYS C 430 53.82 38.74 20.72
N ASN C 431 53.34 39.07 19.53
CA ASN C 431 53.24 40.47 19.10
C ASN C 431 51.79 40.93 19.04
N HIS C 432 50.91 40.35 19.84
CA HIS C 432 49.51 40.74 19.87
C HIS C 432 49.22 41.58 21.10
N ALA C 433 48.65 42.76 20.87
CA ALA C 433 48.43 43.75 21.91
C ALA C 433 47.25 43.44 22.81
N SER C 434 46.52 42.36 22.55
CA SER C 434 45.36 42.03 23.36
C SER C 434 45.61 40.89 24.34
N VAL C 435 46.63 40.08 24.10
CA VAL C 435 46.94 38.98 24.99
C VAL C 435 47.56 39.54 26.26
N ILE C 436 46.95 39.23 27.40
CA ILE C 436 47.43 39.74 28.67
C ILE C 436 47.96 38.65 29.60
N ILE C 437 47.55 37.40 29.43
CA ILE C 437 47.85 36.30 30.35
C ILE C 437 48.13 35.05 29.53
N TRP C 438 49.28 34.42 29.76
CA TRP C 438 49.57 33.13 29.18
C TRP C 438 49.08 32.04 30.12
N SER C 439 48.18 31.19 29.64
CA SER C 439 47.64 30.10 30.45
C SER C 439 48.16 28.77 29.94
N MET C 440 48.57 27.90 30.85
CA MET C 440 49.24 26.66 30.50
C MET C 440 48.28 25.49 30.32
N GLY C 441 47.02 25.77 30.02
CA GLY C 441 46.05 24.74 29.69
C GLY C 441 45.22 24.32 30.89
N ASN C 442 44.21 23.50 30.60
CA ASN C 442 43.31 22.97 31.62
C ASN C 442 44.08 22.01 32.51
N GLU C 443 44.13 22.32 33.80
CA GLU C 443 44.89 21.54 34.77
C GLU C 443 43.94 21.03 35.85
N SER C 444 43.96 19.72 36.05
CA SER C 444 43.38 19.11 37.24
C SER C 444 44.44 18.39 38.06
N GLY C 445 45.69 18.42 37.62
CA GLY C 445 46.77 17.79 38.35
C GLY C 445 48.04 18.61 38.35
N TYR C 446 48.54 18.92 39.55
CA TYR C 446 49.84 19.54 39.69
C TYR C 446 50.93 18.56 39.30
N GLY C 447 51.80 18.96 38.38
CA GLY C 447 52.81 18.06 37.88
C GLY C 447 54.12 18.77 37.62
N ASP C 448 55.16 17.95 37.38
CA ASP C 448 56.49 18.46 37.11
C ASP C 448 56.67 18.95 35.68
N ASN C 449 55.73 18.67 34.80
CA ASN C 449 55.83 19.12 33.41
C ASN C 449 55.13 20.44 33.16
N HIS C 450 54.15 20.80 34.00
CA HIS C 450 53.53 22.12 33.86
C HIS C 450 54.44 23.23 34.37
N ILE C 451 55.24 22.95 35.40
CA ILE C 451 56.12 23.98 35.94
C ILE C 451 57.27 24.25 34.99
N ALA C 452 57.66 23.28 34.16
CA ALA C 452 58.67 23.53 33.15
C ALA C 452 58.14 24.46 32.06
N MET C 453 56.88 24.28 31.69
CA MET C 453 56.21 25.18 30.76
C MET C 453 56.15 26.59 31.33
N ALA C 454 55.78 26.70 32.61
CA ALA C 454 55.67 28.02 33.24
C ALA C 454 57.03 28.70 33.38
N GLU C 455 58.08 27.93 33.66
CA GLU C 455 59.41 28.52 33.80
C GLU C 455 59.97 28.96 32.46
N TRP C 456 59.75 28.18 31.39
CA TRP C 456 60.17 28.63 30.06
C TRP C 456 59.41 29.88 29.64
N THR C 457 58.09 29.93 29.91
CA THR C 457 57.29 31.06 29.50
C THR C 457 57.67 32.32 30.27
N LYS C 458 57.97 32.17 31.57
CA LYS C 458 58.34 33.33 32.37
C LYS C 458 59.74 33.81 32.05
N ALA C 459 60.64 32.90 31.67
CA ALA C 459 61.95 33.34 31.19
C ALA C 459 61.86 34.01 29.82
N ARG C 460 60.96 33.55 28.96
CA ARG C 460 60.88 34.10 27.61
C ARG C 460 60.19 35.46 27.58
N ASP C 461 58.96 35.53 28.07
CA ASP C 461 58.16 36.74 28.04
C ASP C 461 57.84 37.16 29.46
N ALA C 462 58.35 38.32 29.86
CA ALA C 462 58.12 38.87 31.19
C ALA C 462 57.09 39.99 31.20
N SER C 463 56.54 40.35 30.05
CA SER C 463 55.57 41.44 29.97
C SER C 463 54.14 40.98 30.25
N ARG C 464 53.92 39.68 30.42
CA ARG C 464 52.58 39.13 30.62
C ARG C 464 52.60 38.17 31.79
N LEU C 465 51.43 37.96 32.39
CA LEU C 465 51.29 37.07 33.53
C LEU C 465 51.09 35.64 33.07
N VAL C 466 51.43 34.70 33.94
CA VAL C 466 51.40 33.27 33.62
C VAL C 466 50.38 32.59 34.52
N HIS C 467 49.48 31.84 33.91
CA HIS C 467 48.37 31.18 34.59
C HIS C 467 48.54 29.67 34.48
N TYR C 468 48.37 28.98 35.62
CA TYR C 468 48.21 27.54 35.59
C TYR C 468 47.40 27.11 36.81
N GLU C 469 46.45 26.20 36.57
CA GLU C 469 45.33 25.96 37.48
C GLU C 469 45.72 25.11 38.68
N GLY C 470 46.59 24.11 38.48
CA GLY C 470 46.94 23.19 39.55
C GLY C 470 47.72 23.81 40.70
N ALA C 471 48.40 24.92 40.43
CA ALA C 471 49.12 25.73 41.43
C ALA C 471 50.18 24.95 42.21
N CYS C 483 56.89 30.39 42.41
CA CYS C 483 56.82 31.68 41.74
C CYS C 483 55.53 31.80 40.94
N LEU C 484 54.41 31.85 41.65
CA LEU C 484 53.09 31.95 41.03
C LEU C 484 52.68 33.40 40.89
N ASP C 485 51.91 33.69 39.85
CA ASP C 485 51.40 35.04 39.62
C ASP C 485 50.05 35.26 40.28
N LEU C 486 49.06 34.45 39.93
CA LEU C 486 47.70 34.64 40.42
C LEU C 486 47.13 33.29 40.86
N ASP C 487 46.12 33.36 41.71
CA ASP C 487 45.44 32.18 42.22
C ASP C 487 44.09 32.01 41.52
N SER C 488 43.77 30.77 41.17
CA SER C 488 42.61 30.47 40.35
C SER C 488 41.76 29.38 41.00
N ARG C 489 40.45 29.50 40.85
CA ARG C 489 39.50 28.54 41.39
C ARG C 489 38.43 28.27 40.35
N MET C 490 38.15 26.98 40.10
CA MET C 490 37.03 26.59 39.25
C MET C 490 35.83 26.27 40.14
N TYR C 491 34.74 26.99 39.92
CA TYR C 491 33.46 26.90 40.63
C TYR C 491 33.56 26.99 42.15
N PRO C 492 33.83 28.17 42.73
CA PRO C 492 33.68 28.30 44.17
C PRO C 492 32.22 28.52 44.52
N SER C 493 31.95 28.52 45.82
CA SER C 493 30.70 29.06 46.30
C SER C 493 30.85 30.57 46.49
N VAL C 494 29.71 31.25 46.68
CA VAL C 494 29.75 32.68 46.96
C VAL C 494 30.26 32.95 48.37
N LYS C 495 30.15 31.97 49.27
CA LYS C 495 30.73 32.07 50.59
C LYS C 495 32.24 31.86 50.57
N GLU C 496 32.73 31.06 49.61
CA GLU C 496 34.15 30.70 49.58
C GLU C 496 35.01 31.89 49.15
N ILE C 497 34.56 32.66 48.17
CA ILE C 497 35.39 33.78 47.72
C ILE C 497 35.36 34.93 48.71
N GLU C 498 34.27 35.11 49.46
CA GLU C 498 34.29 36.12 50.50
C GLU C 498 34.98 35.64 51.76
N ARG C 499 35.18 34.32 51.91
CA ARG C 499 36.17 33.86 52.88
C ARG C 499 37.58 34.19 52.43
N TYR C 500 37.89 33.96 51.15
CA TYR C 500 39.23 34.22 50.64
C TYR C 500 39.58 35.70 50.67
N ALA C 501 38.59 36.57 50.47
CA ALA C 501 38.89 37.99 50.35
C ALA C 501 39.22 38.63 51.70
N LEU C 502 38.59 38.17 52.77
CA LEU C 502 38.79 38.78 54.08
C LEU C 502 40.03 38.26 54.80
N ASP C 503 40.68 37.22 54.29
CA ASP C 503 41.84 36.66 54.96
C ASP C 503 43.07 37.53 54.75
N GLU C 504 44.02 37.39 55.66
CA GLU C 504 45.28 38.13 55.61
C GLU C 504 46.43 37.32 55.03
N ASN C 505 46.27 35.99 54.93
CA ASN C 505 47.25 35.15 54.26
C ASN C 505 47.04 35.07 52.76
N SER C 506 46.17 35.92 52.22
CA SER C 506 45.89 35.97 50.78
C SER C 506 46.72 37.10 50.20
N THR C 507 47.84 36.75 49.57
CA THR C 507 48.73 37.73 48.97
C THR C 507 48.57 37.84 47.47
N LYS C 508 47.77 36.97 46.86
CA LYS C 508 47.56 36.96 45.42
C LYS C 508 46.11 37.25 45.10
N PRO C 509 45.82 37.92 43.98
CA PRO C 509 44.43 38.15 43.60
C PRO C 509 43.76 36.87 43.13
N LEU C 510 42.43 36.84 43.27
CA LEU C 510 41.63 35.67 42.97
C LEU C 510 40.87 35.87 41.67
N PHE C 511 41.02 34.92 40.76
CA PHE C 511 40.38 34.95 39.45
C PHE C 511 39.44 33.76 39.33
N LEU C 512 38.15 34.03 39.14
CA LEU C 512 37.17 32.97 38.94
C LEU C 512 37.39 32.35 37.56
N CYS C 513 37.83 31.09 37.55
CA CYS C 513 38.37 30.50 36.34
C CYS C 513 37.26 30.15 35.35
N GLU C 514 36.29 29.34 35.78
CA GLU C 514 35.21 28.85 34.92
C GLU C 514 33.87 28.86 35.66
N TYR C 515 33.55 29.96 36.34
CA TYR C 515 32.42 30.00 37.26
C TYR C 515 31.09 30.06 36.50
N SER C 516 30.01 29.71 37.22
CA SER C 516 28.60 29.86 36.81
C SER C 516 28.30 29.11 35.50
N HIS C 517 28.30 27.78 35.62
CA HIS C 517 27.95 26.89 34.50
C HIS C 517 26.55 27.21 33.99
N ALA C 518 26.44 27.48 32.70
CA ALA C 518 25.21 27.96 32.08
C ALA C 518 24.43 26.83 31.41
N MET C 519 24.46 25.64 31.99
CA MET C 519 23.85 24.47 31.37
C MET C 519 22.34 24.50 31.59
N GLY C 520 21.60 24.83 30.55
CA GLY C 520 20.15 24.74 30.61
C GLY C 520 19.40 26.05 30.59
N ASN C 521 18.64 26.31 31.64
CA ASN C 521 17.75 27.46 31.70
C ASN C 521 18.42 28.63 32.41
N GLY C 522 19.55 29.05 31.85
CA GLY C 522 20.25 30.22 32.33
C GLY C 522 21.06 29.98 33.59
N PRO C 523 22.05 30.84 33.84
CA PRO C 523 22.83 30.73 35.07
C PRO C 523 22.04 31.30 36.25
N GLY C 524 21.98 30.53 37.33
CA GLY C 524 21.48 31.06 38.57
C GLY C 524 22.54 31.87 39.29
N ASP C 525 22.09 32.51 40.39
CA ASP C 525 22.83 33.29 41.40
C ASP C 525 24.03 34.07 40.88
N LEU C 526 23.83 34.79 39.78
CA LEU C 526 24.91 35.49 39.11
C LEU C 526 25.12 36.88 39.70
N GLN C 527 24.06 37.49 40.23
CA GLN C 527 24.18 38.76 40.95
C GLN C 527 24.97 38.57 42.25
N ASP C 528 24.90 37.38 42.84
CA ASP C 528 25.54 37.11 44.13
C ASP C 528 27.06 37.15 44.03
N TYR C 529 27.62 36.68 42.92
CA TYR C 529 29.07 36.75 42.75
C TYR C 529 29.53 38.19 42.59
N TRP C 530 28.81 38.98 41.80
CA TRP C 530 29.29 40.31 41.49
C TRP C 530 29.02 41.32 42.60
N ASN C 531 28.04 41.04 43.48
CA ASN C 531 27.85 41.88 44.66
C ASN C 531 29.06 41.84 45.60
N VAL C 532 29.81 40.75 45.62
CA VAL C 532 31.02 40.68 46.43
C VAL C 532 32.30 40.88 45.63
N ILE C 533 32.24 40.72 44.29
CA ILE C 533 33.39 41.12 43.47
C ILE C 533 33.54 42.64 43.47
N TYR C 534 32.43 43.37 43.39
CA TYR C 534 32.48 44.83 43.32
C TYR C 534 32.96 45.44 44.63
N ARG C 535 32.45 44.98 45.77
CA ARG C 535 32.77 45.65 47.02
C ARG C 535 34.13 45.26 47.59
N TYR C 536 34.78 44.26 47.03
CA TYR C 536 36.07 43.82 47.56
C TYR C 536 37.18 44.04 46.54
N PRO C 537 38.37 44.44 46.99
CA PRO C 537 39.58 44.19 46.20
C PRO C 537 40.03 42.75 46.37
N LYS C 538 41.21 42.40 45.84
CA LYS C 538 41.76 41.03 45.77
C LYS C 538 40.88 40.10 44.93
N LEU C 539 40.00 40.65 44.10
CA LEU C 539 39.08 39.87 43.28
C LEU C 539 39.05 40.52 41.91
N MET C 540 39.66 39.86 40.93
CA MET C 540 39.90 40.45 39.61
C MET C 540 38.87 40.02 38.57
N GLY C 541 37.75 39.44 38.97
CA GLY C 541 36.71 39.09 38.03
C GLY C 541 36.80 37.65 37.56
N GLY C 542 36.18 37.37 36.43
CA GLY C 542 36.19 36.00 35.94
C GLY C 542 35.56 35.85 34.57
N CYS C 543 35.49 34.53 34.21
CA CYS C 543 34.95 34.05 32.93
C CYS C 543 33.78 33.04 33.01
N VAL C 544 32.54 33.39 32.64
CA VAL C 544 31.33 32.48 32.62
C VAL C 544 31.55 31.31 31.70
N TRP C 545 31.03 30.13 32.00
CA TRP C 545 31.41 28.94 31.25
C TRP C 545 31.27 29.02 29.78
N GLU C 546 30.11 28.86 29.18
CA GLU C 546 30.27 28.95 27.76
C GLU C 546 29.59 29.98 26.94
N TRP C 547 30.19 30.40 25.84
CA TRP C 547 29.55 31.30 24.92
C TRP C 547 28.48 30.62 24.15
N CYS C 548 28.74 29.61 23.35
CA CYS C 548 27.76 28.86 22.60
C CYS C 548 27.34 27.46 22.89
N ASP C 549 26.22 27.03 22.33
CA ASP C 549 25.77 25.67 22.42
C ASP C 549 26.43 24.94 21.27
N HIS C 550 26.87 23.73 21.46
CA HIS C 550 27.63 23.07 20.43
C HIS C 550 26.84 22.15 19.57
N GLY C 551 25.54 22.17 19.69
CA GLY C 551 24.66 21.34 18.91
C GLY C 551 24.93 21.50 17.43
N ILE C 552 24.95 20.38 16.72
CA ILE C 552 25.29 20.39 15.31
C ILE C 552 24.00 20.25 14.50
N ALA C 553 23.96 20.92 13.35
CA ALA C 553 22.73 21.01 12.58
C ALA C 553 22.44 19.69 11.89
N ALA C 554 21.24 19.15 12.13
CA ALA C 554 20.91 17.83 11.61
C ALA C 554 19.49 17.83 11.06
N GLU C 555 19.30 17.04 10.01
CA GLU C 555 17.99 16.82 9.41
C GLU C 555 17.33 15.60 10.03
N THR C 556 16.02 15.61 10.00
CA THR C 556 15.16 14.48 10.29
C THR C 556 14.58 13.96 8.97
N PRO C 557 14.05 12.72 8.93
CA PRO C 557 13.39 12.26 7.69
C PRO C 557 12.04 12.91 7.37
N ASP C 558 11.62 13.93 8.12
CA ASP C 558 10.38 14.64 7.84
C ASP C 558 10.58 16.06 7.34
N GLY C 559 11.76 16.65 7.54
CA GLY C 559 12.03 17.99 7.03
C GLY C 559 11.77 19.11 8.01
N GLN C 560 12.15 18.92 9.28
CA GLN C 560 11.98 19.93 10.34
C GLN C 560 13.28 20.06 11.12
N ARG C 561 14.35 20.37 10.36
CA ARG C 561 15.76 20.46 10.77
C ARG C 561 15.97 21.07 12.16
N TYR C 562 16.79 20.37 12.96
CA TYR C 562 16.98 20.70 14.37
C TYR C 562 18.46 20.71 14.71
N TYR C 563 18.80 20.87 15.98
CA TYR C 563 20.17 20.77 16.46
C TYR C 563 20.31 19.54 17.33
N ALA C 564 21.23 18.66 16.97
CA ALA C 564 21.48 17.43 17.69
C ALA C 564 22.66 17.59 18.63
N TYR C 565 22.63 16.83 19.71
CA TYR C 565 23.70 16.74 20.70
C TYR C 565 24.23 15.31 20.71
N GLY C 566 25.08 15.01 21.68
CA GLY C 566 25.81 13.75 21.68
C GLY C 566 24.91 12.54 21.92
N GLY C 567 25.26 11.44 21.28
CA GLY C 567 24.48 10.23 21.37
C GLY C 567 23.43 10.06 20.30
N ASP C 568 23.43 10.91 19.27
CA ASP C 568 22.46 10.84 18.20
C ASP C 568 23.04 10.24 16.93
N PHE C 569 24.24 9.67 16.99
CA PHE C 569 24.89 9.11 15.82
C PHE C 569 25.47 7.72 16.09
N GLY C 570 25.06 7.09 17.19
CA GLY C 570 25.60 5.78 17.53
C GLY C 570 27.00 5.81 18.09
N ASP C 571 27.47 6.99 18.52
CA ASP C 571 28.84 7.14 19.00
C ASP C 571 28.96 6.73 20.46
N GLN C 572 30.08 6.10 20.79
CA GLN C 572 30.37 5.65 22.14
C GLN C 572 31.71 6.22 22.57
N PRO C 573 31.79 6.87 23.75
CA PRO C 573 30.70 7.03 24.72
C PRO C 573 29.86 8.30 24.51
N ASN C 574 28.64 8.30 25.03
CA ASN C 574 27.76 9.45 24.92
C ASN C 574 27.77 10.29 26.20
N ASP C 575 28.03 11.58 26.06
CA ASP C 575 28.00 12.51 27.19
C ASP C 575 27.00 13.46 26.64
N ARG C 576 25.77 13.02 26.51
CA ARG C 576 24.70 13.77 25.83
C ARG C 576 24.32 15.22 25.79
N ASN C 577 24.08 15.87 26.93
CA ASN C 577 23.57 17.23 26.97
C ASN C 577 24.65 18.04 27.67
N PHE C 578 25.82 17.44 27.93
CA PHE C 578 26.95 18.16 28.50
C PHE C 578 27.58 19.14 27.51
N CYS C 579 27.25 19.05 26.23
CA CYS C 579 27.83 19.91 25.21
C CYS C 579 27.05 21.19 24.99
N ILE C 580 25.84 21.32 25.54
CA ILE C 580 25.00 22.45 25.15
C ILE C 580 25.47 23.70 25.88
N ASP C 581 25.18 23.77 27.20
CA ASP C 581 25.75 24.64 28.24
C ASP C 581 26.28 26.01 27.82
N GLY C 582 25.52 26.76 27.03
CA GLY C 582 26.00 28.00 26.45
C GLY C 582 25.06 29.16 26.69
N LEU C 583 25.55 30.35 26.32
CA LEU C 583 24.78 31.58 26.48
C LEU C 583 24.02 31.99 25.23
N VAL C 584 24.37 31.43 24.07
CA VAL C 584 23.66 31.70 22.83
C VAL C 584 23.26 30.39 22.18
N PHE C 585 22.23 30.46 21.34
CA PHE C 585 21.84 29.34 20.50
C PHE C 585 22.89 29.10 19.42
N PRO C 586 22.91 27.91 18.80
CA PRO C 586 23.90 27.67 17.72
C PRO C 586 23.74 28.54 16.49
N ASP C 587 22.57 29.12 16.24
CA ASP C 587 22.41 30.15 15.23
C ASP C 587 22.56 31.56 15.80
N ARG C 588 23.22 31.67 16.96
CA ARG C 588 23.63 32.93 17.59
C ARG C 588 22.45 33.81 17.97
N ARG C 589 21.37 33.18 18.43
CA ARG C 589 20.31 33.91 19.10
C ARG C 589 20.58 33.94 20.60
N PRO C 590 20.39 35.08 21.26
CA PRO C 590 20.68 35.15 22.69
C PRO C 590 19.65 34.41 23.53
N HIS C 591 20.14 33.67 24.52
CA HIS C 591 19.29 33.17 25.59
C HIS C 591 18.95 34.30 26.55
N THR C 592 18.13 33.99 27.55
CA THR C 592 17.90 34.94 28.62
C THR C 592 19.09 35.05 29.57
N GLY C 593 20.08 34.18 29.46
CA GLY C 593 21.27 34.27 30.27
C GLY C 593 22.26 35.33 29.85
N LEU C 594 22.21 35.78 28.60
CA LEU C 594 23.00 36.95 28.22
C LEU C 594 22.45 38.22 28.81
N LEU C 595 21.13 38.33 28.91
CA LEU C 595 20.54 39.57 29.40
C LEU C 595 20.77 39.73 30.89
N GLU C 596 20.80 38.62 31.62
CA GLU C 596 21.19 38.62 33.03
C GLU C 596 22.61 39.13 33.20
N LEU C 597 23.53 38.58 32.42
CA LEU C 597 24.92 39.00 32.47
C LEU C 597 25.08 40.46 32.08
N LYS C 598 24.36 40.89 31.04
CA LYS C 598 24.41 42.27 30.56
C LYS C 598 23.98 43.25 31.62
N GLN C 599 22.94 42.92 32.38
CA GLN C 599 22.55 43.81 33.46
C GLN C 599 23.51 43.74 34.63
N VAL C 600 24.06 42.56 34.93
CA VAL C 600 24.92 42.42 36.10
C VAL C 600 26.25 43.16 35.94
N ILE C 601 26.87 43.06 34.77
CA ILE C 601 28.20 43.63 34.58
C ILE C 601 28.14 44.98 33.85
N ALA C 602 27.02 45.69 33.95
CA ALA C 602 26.88 46.98 33.28
C ALA C 602 27.77 48.02 33.94
N PRO C 603 28.40 48.91 33.17
CA PRO C 603 29.42 49.80 33.74
C PRO C 603 28.88 51.10 34.31
N VAL C 604 27.58 51.18 34.55
CA VAL C 604 26.95 52.36 35.14
C VAL C 604 25.99 51.90 36.21
N LEU C 605 26.12 52.45 37.42
CA LEU C 605 25.19 52.16 38.51
C LEU C 605 24.38 53.40 38.84
N ILE C 606 23.09 53.23 39.13
CA ILE C 606 22.23 54.32 39.58
C ILE C 606 21.55 53.90 40.87
N GLU C 607 21.64 54.75 41.90
CA GLU C 607 21.01 54.45 43.17
C GLU C 607 20.39 55.72 43.76
N ALA C 608 19.61 55.55 44.83
CA ALA C 608 18.71 56.59 45.31
C ALA C 608 19.41 57.57 46.23
N GLU C 609 19.02 58.84 46.10
CA GLU C 609 19.60 59.98 46.83
C GLU C 609 18.45 60.88 47.30
N ASP C 610 17.53 60.29 48.09
CA ASP C 610 16.23 60.86 48.48
C ASP C 610 15.35 61.09 47.25
N VAL C 611 14.86 59.94 46.74
CA VAL C 611 14.05 59.82 45.54
C VAL C 611 12.77 60.67 45.54
N ALA C 612 12.32 61.14 46.71
CA ALA C 612 11.13 61.98 46.78
C ALA C 612 11.37 63.34 46.12
N GLN C 613 12.56 63.90 46.28
CA GLN C 613 12.91 65.10 45.55
C GLN C 613 13.21 64.81 44.09
N GLY C 614 13.92 63.72 43.83
CA GLY C 614 14.26 63.32 42.47
C GLY C 614 15.74 63.35 42.20
N ARG C 615 16.55 63.10 43.23
CA ARG C 615 18.00 63.17 43.14
C ARG C 615 18.58 61.76 43.17
N PHE C 616 19.61 61.53 42.37
CA PHE C 616 20.12 60.18 42.13
C PHE C 616 21.64 60.18 42.04
N ARG C 617 22.25 59.15 42.63
CA ARG C 617 23.68 58.92 42.51
C ARG C 617 23.95 58.06 41.29
N VAL C 618 24.91 58.49 40.46
CA VAL C 618 25.34 57.77 39.27
C VAL C 618 26.81 57.44 39.45
N LEU C 619 27.11 56.16 39.54
CA LEU C 619 28.48 55.66 39.70
C LEU C 619 29.03 55.17 38.37
N ASN C 620 30.23 55.63 38.05
CA ASN C 620 30.96 55.18 36.87
C ASN C 620 31.75 53.93 37.22
N ARG C 621 31.51 52.85 36.49
CA ARG C 621 32.25 51.61 36.64
C ARG C 621 33.12 51.29 35.43
N TYR C 622 33.31 52.24 34.54
CA TYR C 622 34.37 52.10 33.55
C TYR C 622 35.73 52.22 34.23
N ASP C 623 36.76 51.75 33.52
CA ASP C 623 38.11 51.84 34.04
C ASP C 623 38.88 53.02 33.46
N PHE C 624 38.55 53.43 32.24
CA PHE C 624 39.29 54.49 31.56
C PHE C 624 38.40 55.50 30.87
N SER C 625 37.08 55.32 30.89
CA SER C 625 36.16 56.13 30.10
C SER C 625 35.25 56.94 31.02
N ASN C 626 35.08 58.22 30.67
CA ASN C 626 34.05 59.02 31.32
C ASN C 626 32.69 58.76 30.68
N LEU C 627 31.65 59.31 31.30
CA LEU C 627 30.28 59.00 30.90
C LEU C 627 29.70 60.05 29.96
N SER C 628 30.54 60.71 29.16
CA SER C 628 30.07 61.83 28.34
C SER C 628 29.27 61.38 27.13
N HIS C 629 29.23 60.09 26.85
CA HIS C 629 28.51 59.55 25.70
C HIS C 629 27.18 58.92 26.09
N LEU C 630 26.69 59.18 27.30
CA LEU C 630 25.52 58.51 27.83
C LEU C 630 24.53 59.54 28.35
N ALA C 631 23.27 59.13 28.44
CA ALA C 631 22.27 59.92 29.14
C ALA C 631 21.24 58.98 29.74
N VAL C 632 20.35 59.54 30.53
CA VAL C 632 19.35 58.78 31.28
C VAL C 632 17.98 59.20 30.79
N SER C 633 17.22 58.24 30.27
CA SER C 633 15.82 58.45 29.91
C SER C 633 14.96 57.91 31.04
N TRP C 634 14.15 58.77 31.64
CA TRP C 634 13.33 58.38 32.78
C TRP C 634 11.86 58.37 32.40
N LYS C 635 11.07 57.69 33.24
CA LYS C 635 9.67 57.46 32.93
C LYS C 635 8.90 57.12 34.20
N LEU C 636 7.88 57.90 34.51
CA LEU C 636 6.94 57.57 35.58
C LEU C 636 5.72 56.87 35.02
N GLU C 637 5.29 55.80 35.71
CA GLU C 637 4.11 55.11 35.25
C GLU C 637 3.35 54.54 36.43
N GLN C 638 2.08 54.24 36.18
CA GLN C 638 1.20 53.59 37.14
C GLN C 638 0.51 52.43 36.44
N GLU C 639 0.77 51.21 36.92
CA GLU C 639 0.21 49.95 36.41
C GLU C 639 0.49 49.80 34.92
N GLY C 640 1.70 50.18 34.51
CA GLY C 640 2.09 50.10 33.12
C GLY C 640 1.63 51.24 32.24
N ASP C 641 0.96 52.25 32.78
CA ASP C 641 0.48 53.37 32.00
C ASP C 641 1.29 54.62 32.33
N VAL C 642 1.86 55.25 31.30
CA VAL C 642 2.86 56.30 31.49
C VAL C 642 2.16 57.62 31.84
N LEU C 643 2.72 58.34 32.81
CA LEU C 643 2.26 59.65 33.21
C LEU C 643 3.16 60.77 32.71
N GLN C 644 4.44 60.70 33.02
CA GLN C 644 5.43 61.72 32.66
C GLN C 644 6.67 61.02 32.12
N GLN C 645 7.43 61.75 31.29
CA GLN C 645 8.68 61.22 30.80
C GLN C 645 9.61 62.36 30.40
N GLY C 646 10.89 62.04 30.28
CA GLY C 646 11.87 63.03 29.89
C GLY C 646 13.23 62.38 29.72
N ARG C 647 14.24 63.22 29.50
CA ARG C 647 15.61 62.77 29.34
C ARG C 647 16.53 63.79 29.98
N SER C 648 17.58 63.31 30.66
CA SER C 648 18.58 64.20 31.23
C SER C 648 19.47 64.76 30.13
N GLY C 649 20.31 65.73 30.49
CA GLY C 649 21.20 66.31 29.51
C GLY C 649 22.32 65.39 29.07
N LEU C 650 23.32 65.21 29.94
CA LEU C 650 24.42 64.28 29.72
C LEU C 650 25.05 63.97 31.07
N LEU C 651 25.90 62.94 31.08
CA LEU C 651 26.61 62.51 32.26
C LEU C 651 28.08 62.88 32.11
N THR C 652 28.78 63.05 33.24
CA THR C 652 30.13 63.61 33.22
C THR C 652 31.15 62.89 34.08
N ALA C 653 30.80 61.77 34.71
CA ALA C 653 31.63 61.22 35.79
C ALA C 653 32.90 60.57 35.27
N ALA C 654 34.03 60.90 35.91
CA ALA C 654 35.31 60.27 35.66
C ALA C 654 35.29 58.83 36.19
N PRO C 655 36.18 57.96 35.71
CA PRO C 655 36.17 56.55 36.16
C PRO C 655 36.39 56.37 37.65
N GLY C 656 35.40 55.76 38.30
CA GLY C 656 35.43 55.51 39.72
C GLY C 656 34.71 56.54 40.57
N GLU C 657 34.09 57.54 39.94
CA GLU C 657 33.54 58.68 40.67
C GLU C 657 32.02 58.70 40.54
N THR C 658 31.40 59.48 41.42
CA THR C 658 29.95 59.52 41.57
C THR C 658 29.43 60.91 41.24
N GLU C 659 28.38 60.97 40.43
CA GLU C 659 27.72 62.19 40.01
C GLU C 659 26.33 62.23 40.63
N ILE C 660 25.78 63.43 40.81
CA ILE C 660 24.41 63.60 41.28
C ILE C 660 23.59 64.18 40.14
N ILE C 661 22.50 63.51 39.78
CA ILE C 661 21.58 64.02 38.77
C ILE C 661 20.24 64.29 39.45
N SER C 662 19.45 65.14 38.80
CA SER C 662 18.14 65.53 39.31
C SER C 662 17.12 65.48 38.20
N LEU C 663 16.02 64.74 38.42
CA LEU C 663 15.02 64.51 37.38
C LEU C 663 13.79 65.36 37.66
N PRO C 664 13.27 66.07 36.67
CA PRO C 664 12.29 67.13 36.94
C PRO C 664 10.84 66.67 37.11
N TYR C 665 10.60 65.41 37.42
CA TYR C 665 9.22 64.92 37.55
C TYR C 665 8.52 65.53 38.77
N ASP C 666 7.19 65.52 38.71
CA ASP C 666 6.36 66.21 39.69
C ASP C 666 5.45 65.19 40.37
N LEU C 667 5.53 65.13 41.70
CA LEU C 667 4.71 64.22 42.48
C LEU C 667 3.35 64.79 42.85
N THR C 668 3.14 66.10 42.66
CA THR C 668 1.86 66.69 43.01
C THR C 668 0.79 66.28 42.01
N VAL C 669 1.10 66.38 40.71
CA VAL C 669 0.14 66.06 39.67
C VAL C 669 -0.06 64.55 39.57
N ALA C 670 1.01 63.78 39.70
CA ALA C 670 0.98 62.35 39.42
C ALA C 670 0.27 61.56 40.50
N GLN C 671 0.46 61.93 41.78
CA GLN C 671 -0.11 61.14 42.87
C GLN C 671 -1.62 61.32 42.98
N GLU C 672 -2.14 62.46 42.53
CA GLU C 672 -3.58 62.71 42.59
C GLU C 672 -4.28 62.28 41.30
N GLU C 673 -4.03 61.05 40.87
CA GLU C 673 -4.69 60.48 39.69
C GLU C 673 -5.52 59.26 40.05
N GLY C 674 -4.92 58.25 40.69
CA GLY C 674 -5.65 57.05 41.08
C GLY C 674 -5.25 56.51 42.44
N THR C 675 -4.28 57.14 43.13
CA THR C 675 -3.79 56.75 44.45
C THR C 675 -3.28 55.31 44.49
N GLY C 676 -2.25 55.06 43.67
CA GLY C 676 -1.59 53.79 43.67
C GLY C 676 -0.08 53.94 43.79
N PRO C 677 0.65 52.84 43.86
CA PRO C 677 2.12 52.93 43.83
C PRO C 677 2.62 53.26 42.44
N LEU C 678 3.57 54.19 42.36
CA LEU C 678 4.13 54.61 41.09
C LEU C 678 5.50 53.99 40.88
N THR C 679 5.87 53.81 39.62
CA THR C 679 7.15 53.19 39.28
C THR C 679 7.92 54.14 38.38
N LEU C 680 9.14 54.47 38.78
CA LEU C 680 10.06 55.22 37.95
C LEU C 680 11.05 54.26 37.32
N THR C 681 11.30 54.44 36.02
CA THR C 681 12.28 53.66 35.28
C THR C 681 13.32 54.61 34.71
N CYS C 682 14.59 54.33 34.97
CA CYS C 682 15.71 55.12 34.45
C CYS C 682 16.56 54.19 33.59
N SER C 683 16.65 54.49 32.30
CA SER C 683 17.40 53.67 31.37
C SER C 683 18.59 54.46 30.82
N VAL C 684 19.77 53.86 30.92
CA VAL C 684 21.01 54.49 30.48
C VAL C 684 21.19 54.17 29.01
N ARG C 685 21.02 55.17 28.15
CA ARG C 685 21.08 54.99 26.71
C ARG C 685 22.22 55.82 26.15
N GLN C 686 22.89 55.28 25.14
CA GLN C 686 24.04 55.95 24.57
C GLN C 686 23.58 57.02 23.59
N GLN C 687 24.54 57.74 23.01
CA GLN C 687 24.24 58.93 22.23
C GLN C 687 24.82 58.95 20.83
N LEU C 688 25.80 58.11 20.53
CA LEU C 688 26.45 58.10 19.24
C LEU C 688 26.47 56.68 18.70
N ASP C 689 26.62 56.55 17.39
CA ASP C 689 26.67 55.24 16.76
C ASP C 689 28.04 54.60 16.99
N THR C 690 28.06 53.51 17.73
CA THR C 690 29.22 52.64 17.79
C THR C 690 29.21 51.74 16.57
N PRO C 691 30.33 51.06 16.26
CA PRO C 691 30.29 50.06 15.16
C PRO C 691 29.42 48.85 15.45
N TRP C 692 28.98 48.63 16.69
CA TRP C 692 28.15 47.50 17.04
C TRP C 692 26.74 47.87 17.45
N ALA C 693 26.44 49.14 17.67
CA ALA C 693 25.11 49.54 18.13
C ALA C 693 24.79 50.94 17.64
N GLU C 694 23.49 51.24 17.57
CA GLU C 694 22.97 52.47 17.01
C GLU C 694 22.90 53.55 18.09
N GLU C 695 22.16 54.64 17.83
CA GLU C 695 22.17 55.80 18.71
C GLU C 695 21.47 55.52 20.03
N GLY C 696 20.19 55.17 20.00
CA GLY C 696 19.45 55.09 21.24
C GLY C 696 19.53 53.76 21.98
N TYR C 697 20.65 53.06 21.85
CA TYR C 697 20.76 51.72 22.40
C TYR C 697 21.00 51.75 23.90
N GLU C 698 20.38 50.83 24.61
CA GLU C 698 20.32 50.83 26.06
C GLU C 698 21.39 49.92 26.65
N ILE C 699 22.06 50.43 27.68
CA ILE C 699 23.09 49.68 28.38
C ILE C 699 22.58 49.09 29.70
N ALA C 700 21.85 49.88 30.49
CA ALA C 700 21.36 49.41 31.77
C ALA C 700 20.01 50.05 32.06
N PHE C 701 19.31 49.47 33.04
CA PHE C 701 18.05 50.03 33.51
C PHE C 701 17.98 49.87 35.03
N TYR C 702 17.30 50.81 35.67
CA TYR C 702 17.11 50.77 37.12
C TYR C 702 15.71 51.27 37.43
N GLN C 703 14.98 50.53 38.25
CA GLN C 703 13.62 50.92 38.62
C GLN C 703 13.51 51.25 40.11
N PHE C 704 12.57 52.13 40.42
CA PHE C 704 12.40 52.67 41.76
C PHE C 704 10.91 52.78 42.07
N GLU C 705 10.53 52.37 43.28
CA GLU C 705 9.14 52.48 43.72
C GLU C 705 8.92 53.81 44.41
N LEU C 706 7.76 54.42 44.14
CA LEU C 706 7.40 55.71 44.72
C LEU C 706 6.04 55.54 45.40
N PRO C 707 5.95 55.75 46.71
CA PRO C 707 4.66 55.60 47.39
C PRO C 707 3.74 56.79 47.13
N GLY C 708 2.47 56.48 46.88
CA GLY C 708 1.45 57.48 46.65
C GLY C 708 0.07 56.94 46.99
N GLN C 719 -25.19 43.11 44.25
CA GLN C 719 -25.22 44.54 44.04
C GLN C 719 -26.49 45.15 44.64
N SER C 720 -26.39 45.55 45.92
CA SER C 720 -27.46 46.17 46.70
C SER C 720 -28.70 45.29 46.78
N GLU C 721 -28.48 43.97 46.89
CA GLU C 721 -29.51 42.93 46.89
C GLU C 721 -30.36 43.01 45.62
N GLU C 722 -29.70 42.70 44.51
CA GLU C 722 -30.37 42.54 43.23
C GLU C 722 -30.04 41.24 42.52
N TYR C 723 -28.91 40.62 42.82
CA TYR C 723 -28.46 39.45 42.08
C TYR C 723 -28.28 38.24 42.99
N ALA C 724 -28.72 38.33 44.25
CA ALA C 724 -28.68 37.18 45.15
C ALA C 724 -29.90 36.29 45.01
N GLY C 725 -30.91 36.70 44.24
CA GLY C 725 -32.09 35.89 44.02
C GLY C 725 -32.03 34.96 42.84
N PHE C 726 -30.99 35.09 42.02
CA PHE C 726 -30.79 34.21 40.87
C PHE C 726 -29.87 33.05 41.18
N MET C 727 -29.48 32.88 42.44
CA MET C 727 -28.50 31.88 42.84
C MET C 727 -29.24 30.56 43.11
N THR C 728 -28.99 29.56 42.28
CA THR C 728 -29.58 28.24 42.45
C THR C 728 -28.47 27.19 42.53
N ILE C 729 -28.72 26.17 43.35
CA ILE C 729 -27.74 25.13 43.67
C ILE C 729 -28.44 23.78 43.57
N ASP C 730 -27.81 22.82 42.89
CA ASP C 730 -28.27 21.44 42.99
C ASP C 730 -27.10 20.48 42.95
N GLU C 731 -27.38 19.21 43.27
CA GLU C 731 -26.37 18.17 43.36
C GLU C 731 -26.95 16.86 42.85
N GLN C 732 -26.30 16.28 41.84
CA GLN C 732 -26.63 14.96 41.35
C GLN C 732 -25.34 14.20 41.08
N ASP C 733 -25.23 13.00 41.67
CA ASP C 733 -24.10 12.08 41.50
C ASP C 733 -22.78 12.70 41.95
N GLY C 734 -22.82 13.57 42.96
CA GLY C 734 -21.64 14.25 43.44
C GLY C 734 -21.25 15.49 42.66
N MET C 735 -22.01 15.85 41.62
CA MET C 735 -21.71 17.03 40.82
C MET C 735 -22.53 18.21 41.37
N LEU C 736 -21.84 19.16 41.99
CA LEU C 736 -22.51 20.34 42.53
C LEU C 736 -22.56 21.40 41.45
N THR C 737 -23.76 21.71 40.96
CA THR C 737 -23.95 22.73 39.95
C THR C 737 -24.52 23.98 40.60
N VAL C 738 -23.85 25.11 40.35
CA VAL C 738 -24.22 26.40 40.92
C VAL C 738 -24.48 27.33 39.75
N ARG C 739 -25.74 27.74 39.58
CA ARG C 739 -26.11 28.74 38.60
C ARG C 739 -26.37 30.08 39.28
N GLY C 740 -26.08 31.15 38.56
CA GLY C 740 -26.25 32.49 39.06
C GLY C 740 -26.96 33.36 38.03
N PHE C 741 -26.63 34.65 38.06
CA PHE C 741 -27.26 35.60 37.17
C PHE C 741 -26.78 35.42 35.73
N ASP C 742 -25.46 35.32 35.55
CA ASP C 742 -24.91 35.13 34.21
C ASP C 742 -23.72 34.17 34.23
N PHE C 743 -23.79 33.13 35.05
CA PHE C 743 -22.72 32.14 35.08
C PHE C 743 -23.29 30.78 35.45
N GLU C 744 -22.46 29.75 35.27
CA GLU C 744 -22.80 28.40 35.70
C GLU C 744 -21.50 27.62 35.94
N HIS C 745 -21.36 27.10 37.15
CA HIS C 745 -20.12 26.47 37.59
C HIS C 745 -20.45 25.07 38.11
N VAL C 746 -19.68 24.08 37.68
CA VAL C 746 -19.90 22.70 38.07
C VAL C 746 -18.64 22.19 38.78
N PHE C 747 -18.80 21.88 40.06
CA PHE C 747 -17.77 21.30 40.91
C PHE C 747 -17.99 19.81 41.05
N ASP C 748 -16.90 19.07 41.16
CA ASP C 748 -16.93 17.65 41.47
C ASP C 748 -16.64 17.50 42.96
N LEU C 749 -17.66 17.12 43.74
CA LEU C 749 -17.49 17.07 45.18
C LEU C 749 -16.63 15.89 45.62
N LYS C 750 -16.57 14.83 44.82
CA LYS C 750 -15.80 13.67 45.22
C LYS C 750 -14.33 13.75 44.84
N LYS C 751 -13.91 14.80 44.15
CA LYS C 751 -12.50 15.08 43.93
C LYS C 751 -12.07 16.47 44.39
N GLY C 752 -13.01 17.30 44.83
CA GLY C 752 -12.67 18.59 45.41
C GLY C 752 -12.15 19.61 44.43
N MET C 753 -12.61 19.57 43.19
CA MET C 753 -12.09 20.40 42.12
C MET C 753 -13.22 20.92 41.25
N PRO C 754 -13.08 22.13 40.71
CA PRO C 754 -14.04 22.58 39.70
C PRO C 754 -13.85 21.84 38.39
N GLN C 755 -14.96 21.53 37.74
CA GLN C 755 -14.96 20.86 36.46
C GLN C 755 -15.38 21.76 35.31
N GLN C 756 -16.41 22.57 35.50
CA GLN C 756 -16.86 23.49 34.45
C GLN C 756 -16.99 24.89 35.02
N VAL C 757 -16.52 25.87 34.25
CA VAL C 757 -16.69 27.29 34.58
C VAL C 757 -17.26 27.96 33.34
N SER C 758 -18.42 28.61 33.48
CA SER C 758 -19.04 29.28 32.35
C SER C 758 -19.31 30.75 32.66
N LYS C 759 -19.42 31.53 31.60
CA LYS C 759 -19.75 32.95 31.72
C LYS C 759 -20.44 33.35 30.43
N HIS C 760 -21.71 33.73 30.52
CA HIS C 760 -22.60 33.99 29.38
C HIS C 760 -22.67 32.79 28.44
N GLY C 761 -22.63 31.59 29.00
CA GLY C 761 -22.69 30.38 28.23
C GLY C 761 -21.39 29.91 27.65
N VAL C 762 -20.33 30.70 27.72
CA VAL C 762 -19.04 30.37 27.13
C VAL C 762 -18.29 29.43 28.08
N PRO C 763 -17.86 28.25 27.63
CA PRO C 763 -17.07 27.39 28.49
C PRO C 763 -15.64 27.89 28.62
N LEU C 764 -15.10 27.82 29.84
CA LEU C 764 -13.79 28.37 30.12
C LEU C 764 -12.79 27.37 30.67
N LEU C 765 -13.22 26.20 31.12
CA LEU C 765 -12.33 25.09 31.44
C LEU C 765 -12.60 23.93 30.49
N ALA C 766 -11.54 23.24 30.09
CA ALA C 766 -11.69 22.08 29.22
C ALA C 766 -11.82 20.78 29.98
N SER C 767 -11.18 20.66 31.14
CA SER C 767 -11.26 19.44 31.93
C SER C 767 -11.10 19.80 33.39
N LEU C 768 -10.85 18.78 34.22
CA LEU C 768 -10.81 18.96 35.66
C LEU C 768 -9.50 19.61 36.09
N ALA C 769 -9.58 20.50 37.07
CA ALA C 769 -8.39 21.12 37.64
C ALA C 769 -7.64 20.11 38.51
N ARG C 770 -6.39 20.44 38.84
CA ARG C 770 -5.69 19.64 39.84
C ARG C 770 -4.64 20.48 40.56
N PHE C 771 -4.07 19.90 41.61
CA PHE C 771 -2.86 20.43 42.21
C PHE C 771 -1.66 19.73 41.60
N ASN C 772 -0.57 20.47 41.44
CA ASN C 772 0.62 19.98 40.75
C ASN C 772 1.84 20.30 41.60
N ILE C 773 2.71 19.30 41.77
CA ILE C 773 3.95 19.47 42.53
C ILE C 773 5.15 18.99 41.71
N TRP C 774 5.01 18.95 40.39
CA TRP C 774 6.07 18.45 39.52
C TRP C 774 6.32 19.44 38.39
N ARG C 775 7.59 19.69 38.10
CA ARG C 775 7.99 20.45 36.93
C ARG C 775 8.93 19.60 36.09
N ALA C 776 9.08 19.97 34.84
CA ALA C 776 10.06 19.30 34.00
C ALA C 776 11.45 19.69 34.48
N PRO C 777 12.32 18.74 34.81
CA PRO C 777 13.59 19.10 35.44
C PRO C 777 14.55 19.79 34.49
N MET C 778 15.22 20.81 34.99
CA MET C 778 16.16 21.59 34.23
C MET C 778 17.49 20.85 34.13
N ASP C 779 18.44 21.43 33.40
CA ASP C 779 19.76 20.82 33.32
C ASP C 779 20.61 21.10 34.55
N ASN C 780 20.23 22.09 35.36
CA ASN C 780 20.84 22.31 36.67
C ASN C 780 20.21 21.45 37.75
N ASP C 781 19.33 20.52 37.38
CA ASP C 781 18.70 19.60 38.32
C ASP C 781 19.09 18.16 38.02
N MET C 782 20.37 17.92 37.70
CA MET C 782 20.80 16.55 37.42
C MET C 782 21.02 15.74 38.68
N ASN C 783 21.29 16.38 39.81
CA ASN C 783 21.56 15.66 41.04
C ASN C 783 20.32 15.49 41.90
N ILE C 784 19.45 16.50 41.92
CA ILE C 784 18.24 16.46 42.74
C ILE C 784 17.14 15.64 42.08
N ARG C 785 17.26 15.33 40.79
CA ARG C 785 16.23 14.59 40.08
C ARG C 785 16.18 13.13 40.53
N LYS C 786 17.33 12.58 40.95
CA LYS C 786 17.35 11.21 41.44
C LYS C 786 16.63 11.08 42.77
N GLU C 787 16.69 12.10 43.62
CA GLU C 787 15.95 12.08 44.87
C GLU C 787 14.47 12.33 44.66
N TRP C 788 14.12 13.18 43.69
CA TRP C 788 12.72 13.42 43.36
C TRP C 788 12.06 12.18 42.76
N GLU C 789 12.74 11.51 41.84
CA GLU C 789 12.18 10.31 41.24
C GLU C 789 12.25 9.12 42.19
N ALA C 790 13.23 9.08 43.08
CA ALA C 790 13.29 8.00 44.06
C ALA C 790 12.24 8.17 45.14
N ALA C 791 11.88 9.41 45.47
CA ALA C 791 10.84 9.66 46.46
C ALA C 791 9.44 9.55 45.89
N GLY C 792 9.30 9.38 44.58
CA GLY C 792 8.01 9.19 43.97
C GLY C 792 7.22 10.44 43.67
N LEU C 793 7.89 11.59 43.53
CA LEU C 793 7.20 12.82 43.17
C LEU C 793 6.98 12.96 41.69
N ASP C 794 7.27 11.91 40.91
CA ASP C 794 7.14 11.97 39.47
C ASP C 794 5.68 12.06 39.04
N HIS C 795 4.81 11.33 39.74
CA HIS C 795 3.37 11.40 39.46
C HIS C 795 2.59 11.00 40.71
N ALA C 796 1.90 11.97 41.29
CA ALA C 796 1.10 11.80 42.49
C ALA C 796 -0.37 12.03 42.18
N ALA C 797 -1.23 11.49 43.02
CA ALA C 797 -2.67 11.61 42.87
C ALA C 797 -3.25 12.28 44.11
N MET C 798 -4.56 12.44 44.13
CA MET C 798 -5.24 13.19 45.17
C MET C 798 -6.28 12.31 45.84
N LYS C 799 -6.32 12.35 47.17
CA LYS C 799 -7.25 11.56 47.96
C LYS C 799 -8.10 12.50 48.80
N VAL C 800 -9.40 12.49 48.56
CA VAL C 800 -10.32 13.36 49.28
C VAL C 800 -10.91 12.60 50.46
N TYR C 801 -10.64 13.09 51.66
CA TYR C 801 -11.14 12.46 52.88
C TYR C 801 -12.58 12.84 53.16
N ARG C 802 -12.89 14.13 53.07
CA ARG C 802 -14.22 14.62 53.41
C ARG C 802 -14.53 15.87 52.60
N SER C 803 -15.73 15.94 52.05
CA SER C 803 -16.21 17.10 51.31
C SER C 803 -17.55 17.54 51.88
N HIS C 804 -17.76 18.85 51.95
CA HIS C 804 -18.99 19.38 52.53
C HIS C 804 -19.29 20.77 51.96
N TRP C 805 -20.52 20.98 51.50
CA TRP C 805 -20.89 22.28 50.97
C TRP C 805 -22.04 22.89 51.75
N GLU C 806 -22.11 24.22 51.72
CA GLU C 806 -23.11 24.99 52.44
C GLU C 806 -23.66 26.07 51.51
N GLN C 807 -24.40 27.00 52.11
CA GLN C 807 -24.77 28.24 51.44
C GLN C 807 -24.85 29.30 52.53
N LYS C 808 -23.96 30.28 52.45
CA LYS C 808 -23.87 31.32 53.46
C LYS C 808 -25.10 32.23 53.39
N PRO C 809 -25.43 32.97 54.46
CA PRO C 809 -26.60 33.86 54.39
C PRO C 809 -26.37 35.17 53.66
N ASP C 810 -25.76 35.09 52.48
CA ASP C 810 -25.69 36.15 51.48
C ASP C 810 -25.68 35.56 50.08
N ALA C 811 -26.24 34.34 49.95
CA ALA C 811 -26.25 33.54 48.73
C ALA C 811 -24.84 33.31 48.19
N SER C 812 -23.94 32.94 49.09
CA SER C 812 -22.56 32.60 48.75
C SER C 812 -22.30 31.15 49.12
N VAL C 813 -21.57 30.44 48.28
CA VAL C 813 -21.41 29.00 48.39
C VAL C 813 -19.99 28.71 48.87
N GLU C 814 -19.87 27.90 49.93
CA GLU C 814 -18.59 27.45 50.42
C GLU C 814 -18.50 25.93 50.33
N ILE C 815 -17.33 25.44 49.93
CA ILE C 815 -17.06 24.02 49.80
C ILE C 815 -15.79 23.73 50.59
N HIS C 816 -15.86 22.82 51.54
CA HIS C 816 -14.75 22.45 52.39
C HIS C 816 -14.27 21.06 52.01
N VAL C 817 -12.97 20.94 51.72
CA VAL C 817 -12.38 19.68 51.25
C VAL C 817 -11.17 19.38 52.13
N ASP C 818 -11.10 18.16 52.65
CA ASP C 818 -9.90 17.65 53.30
C ASP C 818 -9.22 16.68 52.33
N PHE C 819 -7.97 16.97 51.96
CA PHE C 819 -7.32 16.21 50.90
C PHE C 819 -5.94 15.74 51.34
N SER C 820 -5.27 15.03 50.43
CA SER C 820 -3.92 14.55 50.61
C SER C 820 -3.33 14.20 49.25
N LEU C 821 -2.06 14.57 49.04
CA LEU C 821 -1.32 14.23 47.83
C LEU C 821 -0.40 13.07 48.12
N ALA C 822 -0.48 12.02 47.30
CA ALA C 822 0.31 10.83 47.56
C ALA C 822 0.57 10.06 46.27
N SER C 823 1.73 9.41 46.22
CA SER C 823 2.02 8.44 45.18
C SER C 823 1.91 7.04 45.76
N TYR C 824 2.18 6.04 44.94
CA TYR C 824 1.61 4.72 45.15
C TYR C 824 2.47 3.76 45.98
N ILE C 825 3.57 4.19 46.60
CA ILE C 825 4.27 3.26 47.48
C ILE C 825 4.47 3.84 48.87
N PHE C 826 4.62 5.15 48.97
CA PHE C 826 5.17 5.76 50.16
C PHE C 826 4.09 6.47 50.97
N GLU C 827 4.54 7.07 52.08
CA GLU C 827 3.72 7.95 52.89
C GLU C 827 3.29 9.16 52.07
N PRO C 828 2.10 9.73 52.32
CA PRO C 828 1.66 10.88 51.54
C PRO C 828 2.52 12.12 51.74
N PHE C 829 2.62 12.91 50.65
CA PHE C 829 3.53 14.05 50.64
C PHE C 829 2.92 15.25 51.34
N VAL C 830 1.79 15.73 50.82
CA VAL C 830 1.14 16.95 51.29
C VAL C 830 -0.18 16.57 51.91
N ARG C 831 -0.45 17.07 53.11
CA ARG C 831 -1.76 16.96 53.74
C ARG C 831 -2.28 18.36 54.01
N GLY C 832 -3.51 18.64 53.60
CA GLY C 832 -4.03 19.97 53.78
C GLY C 832 -5.53 20.00 53.66
N ASN C 833 -6.07 21.21 53.69
CA ASN C 833 -7.50 21.43 53.49
C ASN C 833 -7.74 22.72 52.71
N ALA C 834 -8.78 22.69 51.89
CA ALA C 834 -9.07 23.76 50.96
C ALA C 834 -10.52 24.21 51.12
N VAL C 835 -10.75 25.50 50.90
CA VAL C 835 -12.07 26.11 50.95
C VAL C 835 -12.30 26.82 49.63
N TRP C 836 -13.20 26.29 48.82
CA TRP C 836 -13.63 26.96 47.60
C TRP C 836 -14.83 27.84 47.90
N THR C 837 -14.90 29.00 47.27
CA THR C 837 -15.99 29.93 47.54
C THR C 837 -16.47 30.54 46.23
N VAL C 838 -17.78 30.44 45.99
CA VAL C 838 -18.41 31.03 44.82
C VAL C 838 -19.33 32.15 45.30
N GLY C 839 -19.13 33.35 44.76
CA GLY C 839 -19.91 34.51 45.13
C GLY C 839 -21.02 34.80 44.14
N VAL C 840 -21.75 35.88 44.41
CA VAL C 840 -22.92 36.22 43.61
C VAL C 840 -22.55 36.80 42.25
N SER C 841 -21.32 37.25 42.07
CA SER C 841 -20.86 37.75 40.78
C SER C 841 -20.18 36.68 39.94
N GLY C 842 -19.79 35.56 40.55
CA GLY C 842 -19.17 34.47 39.84
C GLY C 842 -17.70 34.26 40.10
N GLU C 843 -17.12 34.94 41.10
CA GLU C 843 -15.74 34.72 41.45
C GLU C 843 -15.55 33.39 42.15
N ILE C 844 -14.39 32.79 41.96
CA ILE C 844 -14.03 31.54 42.60
C ILE C 844 -12.80 31.81 43.44
N GLN C 845 -12.94 31.74 44.75
CA GLN C 845 -11.85 31.98 45.67
C GLN C 845 -11.37 30.66 46.27
N LEU C 846 -10.06 30.50 46.35
CA LEU C 846 -9.45 29.31 46.91
C LEU C 846 -8.56 29.70 48.09
N LYS C 847 -8.71 28.99 49.20
CA LYS C 847 -7.89 29.19 50.40
C LYS C 847 -7.47 27.81 50.89
N VAL C 848 -6.29 27.35 50.48
CA VAL C 848 -5.80 26.04 50.87
C VAL C 848 -4.64 26.19 51.84
N HIS C 849 -4.75 25.55 53.00
CA HIS C 849 -3.66 25.43 53.96
C HIS C 849 -3.10 24.03 53.91
N ALA C 850 -1.79 23.91 53.73
CA ALA C 850 -1.17 22.62 53.50
C ALA C 850 0.11 22.47 54.31
N GLU C 851 0.32 21.28 54.83
CA GLU C 851 1.59 20.87 55.42
C GLU C 851 2.19 19.76 54.59
N VAL C 852 3.51 19.67 54.58
CA VAL C 852 4.21 18.67 53.79
C VAL C 852 5.07 17.83 54.73
N ARG C 853 5.41 16.63 54.27
CA ARG C 853 6.09 15.63 55.07
C ARG C 853 7.49 16.10 55.44
N GLU C 854 7.97 15.63 56.60
CA GLU C 854 9.18 16.20 57.20
C GLU C 854 10.47 15.65 56.63
N ASN C 855 10.45 14.47 56.00
CA ASN C 855 11.65 13.82 55.50
C ASN C 855 11.70 13.84 53.97
N LEU C 856 11.26 14.94 53.37
CA LEU C 856 11.16 15.12 51.95
C LEU C 856 12.07 16.28 51.53
N PRO C 857 12.85 16.13 50.42
CA PRO C 857 14.00 17.04 50.18
C PRO C 857 13.67 18.51 50.02
N PHE C 858 12.97 18.85 48.94
CA PHE C 858 12.24 20.10 48.70
C PHE C 858 11.47 19.92 47.41
N LEU C 859 10.28 20.46 47.38
CA LEU C 859 9.40 20.21 46.26
C LEU C 859 9.79 21.08 45.07
N PRO C 860 9.54 20.61 43.84
CA PRO C 860 9.75 21.46 42.67
C PRO C 860 8.86 22.69 42.65
N ARG C 861 7.56 22.50 42.88
CA ARG C 861 6.62 23.60 42.95
C ARG C 861 5.44 23.17 43.80
N PHE C 862 4.49 24.07 43.99
CA PHE C 862 3.15 23.71 44.44
C PHE C 862 2.20 24.68 43.75
N GLY C 863 1.24 24.15 43.00
CA GLY C 863 0.36 25.08 42.33
C GLY C 863 -0.94 24.44 41.89
N LEU C 864 -1.79 25.27 41.31
CA LEU C 864 -3.07 24.86 40.74
C LEU C 864 -2.94 24.85 39.22
N GLU C 865 -3.25 23.72 38.61
CA GLU C 865 -3.21 23.59 37.16
C GLU C 865 -4.63 23.51 36.61
N LEU C 866 -4.92 24.41 35.67
CA LEU C 866 -6.17 24.52 34.95
C LEU C 866 -5.90 24.22 33.48
N THR C 867 -6.95 23.89 32.73
CA THR C 867 -6.81 23.62 31.30
C THR C 867 -7.93 24.36 30.57
N MET C 868 -7.58 25.36 29.84
CA MET C 868 -8.54 26.21 29.15
C MET C 868 -8.69 25.76 27.70
N PRO C 869 -9.86 25.98 27.07
CA PRO C 869 -10.14 25.35 25.77
C PRO C 869 -9.33 25.87 24.60
N LYS C 870 -9.65 25.34 23.42
CA LYS C 870 -8.98 25.74 22.19
C LYS C 870 -9.36 27.16 21.81
N GLY C 871 -8.37 27.95 21.44
CA GLY C 871 -8.59 29.33 21.06
C GLY C 871 -8.06 30.34 22.05
N THR C 872 -7.72 29.92 23.26
CA THR C 872 -7.13 30.83 24.24
C THR C 872 -5.70 31.14 23.82
N GLU C 873 -5.47 32.34 23.31
CA GLU C 873 -4.17 32.66 22.70
C GLU C 873 -3.52 33.92 23.22
N GLU C 874 -4.24 34.85 23.84
CA GLU C 874 -3.62 36.05 24.38
C GLU C 874 -3.33 35.88 25.86
N ILE C 875 -2.16 36.38 26.27
CA ILE C 875 -1.80 36.54 27.67
C ILE C 875 -1.57 38.02 27.90
N GLU C 876 -2.12 38.56 28.99
CA GLU C 876 -1.85 39.94 29.36
C GLU C 876 -1.64 39.99 30.87
N TYR C 877 -0.47 40.42 31.31
CA TYR C 877 -0.20 40.38 32.73
C TYR C 877 0.53 41.63 33.19
N TYR C 878 0.36 41.95 34.46
CA TYR C 878 1.09 43.05 35.08
C TYR C 878 2.11 42.46 36.04
N GLY C 879 3.39 42.64 35.71
CA GLY C 879 4.45 42.05 36.51
C GLY C 879 5.79 42.24 35.85
N TYR C 880 6.72 41.37 36.16
CA TYR C 880 8.07 41.44 35.63
C TYR C 880 8.15 40.73 34.28
N GLY C 881 8.75 41.39 33.30
CA GLY C 881 8.91 40.83 31.99
C GLY C 881 9.97 41.54 31.17
N PRO C 882 9.90 41.42 29.84
CA PRO C 882 8.92 40.69 29.03
C PRO C 882 9.21 39.21 28.85
N HIS C 883 10.27 38.69 29.47
CA HIS C 883 10.68 37.31 29.33
C HIS C 883 10.69 36.62 30.69
N GLU C 884 11.27 35.42 30.72
CA GLU C 884 11.24 34.53 31.87
C GLU C 884 12.00 35.10 33.06
N SER C 885 11.56 34.72 34.26
CA SER C 885 12.21 35.15 35.49
C SER C 885 11.91 34.16 36.59
N TYR C 886 12.86 34.01 37.51
CA TYR C 886 12.73 33.08 38.63
C TYR C 886 13.13 33.76 39.93
N ILE C 887 13.23 33.00 41.02
CA ILE C 887 13.60 33.59 42.31
C ILE C 887 15.07 34.00 42.30
N ASP C 888 15.92 33.31 41.55
CA ASP C 888 17.33 33.65 41.48
C ASP C 888 17.77 34.22 40.14
N LYS C 889 17.03 33.98 39.06
CA LYS C 889 17.35 34.54 37.75
C LYS C 889 16.26 35.56 37.42
N ARG C 890 16.44 36.79 37.91
CA ARG C 890 15.46 37.83 37.67
C ARG C 890 16.09 39.21 37.49
N ALA C 891 17.38 39.29 37.17
CA ALA C 891 18.03 40.58 37.11
C ALA C 891 17.80 41.34 35.82
N SER C 892 17.28 40.67 34.79
CA SER C 892 17.13 41.30 33.48
C SER C 892 15.71 41.68 33.14
N VAL C 893 14.76 41.49 34.03
CA VAL C 893 13.37 41.77 33.76
C VAL C 893 12.97 43.04 34.49
N ARG C 894 11.95 43.72 33.98
CA ARG C 894 11.48 44.95 34.57
C ARG C 894 9.96 44.91 34.69
N LYS C 895 9.45 45.73 35.60
CA LYS C 895 8.03 45.73 35.93
C LYS C 895 7.24 46.54 34.91
N GLY C 896 6.14 45.97 34.45
CA GLY C 896 5.29 46.67 33.50
C GLY C 896 4.06 45.85 33.18
N LYS C 897 3.35 46.30 32.15
CA LYS C 897 2.10 45.69 31.70
C LYS C 897 2.34 45.12 30.31
N TYR C 898 2.36 43.80 30.21
CA TYR C 898 2.81 43.13 28.99
C TYR C 898 1.66 42.35 28.35
N LEU C 899 1.73 42.23 27.04
CA LEU C 899 0.70 41.60 26.22
C LEU C 899 1.39 40.78 25.15
N LEU C 900 1.14 39.48 25.12
CA LEU C 900 1.81 38.62 24.16
C LEU C 900 0.94 37.40 23.89
N SER C 901 1.48 36.46 23.11
CA SER C 901 0.79 35.24 22.75
C SER C 901 1.39 34.06 23.50
N VAL C 902 0.66 32.95 23.48
CA VAL C 902 1.07 31.76 24.21
C VAL C 902 2.26 31.10 23.53
N ASP C 903 2.36 31.23 22.21
CA ASP C 903 3.53 30.72 21.50
C ASP C 903 4.79 31.53 21.78
N ASP C 904 4.67 32.76 22.27
CA ASP C 904 5.83 33.56 22.63
C ASP C 904 6.21 33.42 24.08
N MET C 905 5.39 32.76 24.89
CA MET C 905 5.76 32.43 26.26
C MET C 905 6.85 31.36 26.29
N PHE C 906 6.90 30.54 25.25
CA PHE C 906 7.75 29.36 25.20
C PHE C 906 9.13 29.71 24.67
N GLU C 907 10.16 29.15 25.30
CA GLU C 907 11.56 29.33 24.90
C GLU C 907 12.10 27.96 24.52
N ASN C 908 12.29 27.74 23.22
CA ASN C 908 12.52 26.39 22.70
C ASN C 908 13.98 26.02 22.88
N TYR C 909 14.30 25.37 24.00
CA TYR C 909 15.65 24.92 24.27
C TYR C 909 15.98 23.69 23.42
N VAL C 910 17.26 23.33 23.40
CA VAL C 910 17.69 22.14 22.68
C VAL C 910 17.26 20.89 23.43
N MET C 911 17.51 20.86 24.74
CA MET C 911 16.95 19.84 25.61
C MET C 911 15.68 20.38 26.23
N PRO C 912 14.51 19.80 25.94
CA PRO C 912 13.25 20.38 26.41
C PRO C 912 13.09 20.25 27.92
N GLN C 913 12.72 21.36 28.55
CA GLN C 913 12.71 21.45 30.01
C GLN C 913 11.74 22.56 30.40
N GLU C 914 11.76 22.94 31.67
CA GLU C 914 10.80 23.90 32.19
C GLU C 914 11.14 25.30 31.69
N THR C 915 10.12 26.03 31.27
CA THR C 915 10.32 27.32 30.63
C THR C 915 9.06 28.15 30.76
N GLY C 916 9.23 29.46 30.58
CA GLY C 916 8.10 30.35 30.39
C GLY C 916 7.44 30.88 31.63
N SER C 917 8.01 30.67 32.81
CA SER C 917 7.38 31.08 34.06
C SER C 917 7.78 32.50 34.41
N ARG C 918 6.80 33.30 34.85
CA ARG C 918 7.02 34.70 35.23
C ARG C 918 6.85 34.85 36.72
N TYR C 919 7.95 35.16 37.41
CA TYR C 919 7.94 35.37 38.85
C TYR C 919 7.35 36.72 39.19
N GLY C 920 6.70 36.78 40.37
CA GLY C 920 6.18 38.00 40.99
C GLY C 920 5.15 38.70 40.12
N THR C 921 4.14 37.95 39.71
CA THR C 921 3.05 38.47 38.92
C THR C 921 1.97 39.03 39.83
N GLU C 922 1.44 40.19 39.48
CA GLU C 922 0.41 40.84 40.28
C GLU C 922 -0.98 40.40 39.84
N TRP C 923 -1.28 40.48 38.55
CA TRP C 923 -2.46 39.85 37.97
C TRP C 923 -2.15 39.43 36.54
N ALA C 924 -2.95 38.50 36.04
CA ALA C 924 -2.74 37.93 34.71
C ALA C 924 -4.09 37.51 34.13
N ILE C 925 -4.24 37.69 32.82
CA ILE C 925 -5.45 37.33 32.10
C ILE C 925 -5.04 36.44 30.94
N ALA C 926 -5.64 35.26 30.85
CA ALA C 926 -5.47 34.36 29.72
C ALA C 926 -6.79 34.27 28.99
N SER C 927 -6.81 34.64 27.71
CA SER C 927 -8.08 34.76 27.01
C SER C 927 -7.91 34.45 25.54
N THR C 928 -9.02 34.48 24.82
CA THR C 928 -9.03 34.36 23.38
C THR C 928 -8.70 35.73 22.76
N VAL C 929 -8.61 35.75 21.43
CA VAL C 929 -8.23 36.98 20.73
C VAL C 929 -9.34 38.02 20.80
N GLN C 930 -10.57 37.62 21.07
CA GLN C 930 -11.64 38.58 21.32
C GLN C 930 -11.75 38.97 22.78
N GLY C 931 -10.98 38.34 23.66
CA GLY C 931 -10.92 38.77 25.04
C GLY C 931 -11.94 38.13 25.97
N MET C 932 -12.17 36.83 25.82
CA MET C 932 -13.09 36.08 26.68
C MET C 932 -12.27 35.05 27.44
N GLY C 933 -12.06 35.27 28.72
CA GLY C 933 -11.20 34.39 29.49
C GLY C 933 -11.32 34.52 30.99
N LEU C 934 -10.20 34.28 31.66
CA LEU C 934 -10.12 34.26 33.11
C LEU C 934 -9.05 35.22 33.58
N LYS C 935 -9.26 35.78 34.77
CA LYS C 935 -8.32 36.69 35.41
C LYS C 935 -7.94 36.12 36.77
N PHE C 936 -6.65 36.19 37.10
CA PHE C 936 -6.11 35.53 38.29
C PHE C 936 -5.46 36.58 39.17
N THR C 937 -5.91 36.69 40.41
CA THR C 937 -5.25 37.53 41.40
C THR C 937 -4.92 36.69 42.63
N ALA C 938 -4.14 37.27 43.54
CA ALA C 938 -3.79 36.60 44.78
C ALA C 938 -3.54 37.63 45.87
N ALA C 939 -3.30 37.13 47.08
CA ALA C 939 -3.00 38.02 48.21
C ALA C 939 -1.61 38.62 48.08
N GLN C 940 -0.61 37.78 47.90
CA GLN C 940 0.76 38.17 47.60
C GLN C 940 1.11 37.69 46.19
N PRO C 941 2.09 38.32 45.51
CA PRO C 941 2.33 37.98 44.11
C PRO C 941 2.86 36.57 43.90
N PHE C 942 2.32 35.91 42.89
CA PHE C 942 2.48 34.50 42.60
C PHE C 942 3.38 34.31 41.38
N SER C 943 3.59 33.05 41.02
CA SER C 943 4.26 32.70 39.77
C SER C 943 3.23 32.21 38.76
N PHE C 944 3.43 32.55 37.50
CA PHE C 944 2.43 32.34 36.46
C PHE C 944 3.06 31.67 35.26
N GLN C 945 2.37 30.69 34.69
CA GLN C 945 2.89 30.01 33.51
C GLN C 945 1.74 29.70 32.57
N ALA C 946 1.98 29.80 31.28
CA ALA C 946 0.99 29.44 30.27
C ALA C 946 1.70 28.84 29.07
N LEU C 947 1.34 27.61 28.71
CA LEU C 947 2.03 26.91 27.63
C LEU C 947 1.00 26.15 26.79
N HIS C 948 1.49 25.55 25.70
CA HIS C 948 0.73 24.53 24.97
C HIS C 948 1.27 23.13 25.24
N TYR C 949 1.99 22.94 26.33
CA TYR C 949 2.63 21.68 26.66
C TYR C 949 2.44 21.43 28.14
N THR C 950 2.05 20.22 28.51
CA THR C 950 2.00 19.90 29.92
C THR C 950 3.40 19.52 30.40
N ALA C 951 3.55 19.38 31.72
CA ALA C 951 4.87 19.12 32.30
C ALA C 951 5.39 17.74 31.95
N GLU C 952 4.48 16.76 31.80
CA GLU C 952 4.89 15.42 31.43
C GLU C 952 5.31 15.35 29.97
N ASP C 953 4.76 16.21 29.11
CA ASP C 953 5.22 16.28 27.73
C ASP C 953 6.62 16.83 27.63
N LEU C 954 6.96 17.82 28.46
CA LEU C 954 8.32 18.35 28.46
C LEU C 954 9.29 17.41 29.16
N THR C 955 8.80 16.61 30.09
CA THR C 955 9.68 15.64 30.75
C THR C 955 10.00 14.48 29.81
N ALA C 956 8.99 13.93 29.14
CA ALA C 956 9.20 12.74 28.33
C ALA C 956 9.95 13.03 27.04
N ALA C 957 9.92 14.26 26.54
CA ALA C 957 10.58 14.58 25.29
C ALA C 957 12.08 14.73 25.49
N GLN C 958 12.85 14.39 24.46
CA GLN C 958 14.30 14.48 24.49
C GLN C 958 14.88 15.39 23.42
N HIS C 959 14.12 15.73 22.38
CA HIS C 959 14.57 16.60 21.32
C HIS C 959 13.45 17.60 21.03
N THR C 960 13.72 18.56 20.14
CA THR C 960 12.72 19.58 19.87
C THR C 960 11.61 19.07 18.98
N TYR C 961 11.89 18.16 18.06
CA TYR C 961 10.86 17.65 17.16
C TYR C 961 9.91 16.68 17.83
N GLU C 962 10.23 16.18 19.03
CA GLU C 962 9.37 15.24 19.72
C GLU C 962 8.22 15.91 20.45
N LEU C 963 8.23 17.23 20.58
CA LEU C 963 7.14 17.94 21.26
C LEU C 963 5.96 18.09 20.30
N LYS C 964 4.83 17.50 20.66
CA LYS C 964 3.60 17.67 19.93
C LYS C 964 2.78 18.78 20.59
N ARG C 965 2.40 19.79 19.81
CA ARG C 965 1.70 20.95 20.34
C ARG C 965 0.24 20.60 20.59
N ARG C 966 -0.22 20.86 21.80
CA ARG C 966 -1.61 20.58 22.16
C ARG C 966 -2.52 21.71 21.68
N PRO C 967 -3.78 21.40 21.37
CA PRO C 967 -4.72 22.48 21.04
C PRO C 967 -5.09 23.35 22.22
N GLU C 968 -5.09 22.81 23.43
CA GLU C 968 -5.51 23.56 24.61
C GLU C 968 -4.39 24.47 25.10
N THR C 969 -4.63 25.12 26.23
CA THR C 969 -3.67 26.03 26.84
C THR C 969 -3.57 25.71 28.31
N ILE C 970 -2.40 25.25 28.73
CA ILE C 970 -2.17 24.82 30.11
C ILE C 970 -1.73 26.02 30.91
N VAL C 971 -2.53 26.42 31.90
CA VAL C 971 -2.26 27.57 32.74
C VAL C 971 -1.95 27.06 34.14
N THR C 972 -0.88 27.57 34.74
CA THR C 972 -0.45 27.13 36.06
C THR C 972 -0.18 28.33 36.94
N LEU C 973 -0.70 28.26 38.18
CA LEU C 973 -0.65 29.36 39.15
C LEU C 973 0.12 28.85 40.36
N ASP C 974 1.42 29.13 40.43
CA ASP C 974 2.28 28.57 41.46
C ASP C 974 2.40 29.50 42.66
N TYR C 975 2.42 28.91 43.86
CA TYR C 975 2.67 29.65 45.09
C TYR C 975 4.12 30.08 45.17
N GLN C 976 5.01 29.12 45.26
CA GLN C 976 6.44 29.36 45.11
C GLN C 976 6.96 28.35 44.10
N MET C 977 8.22 28.54 43.71
CA MET C 977 8.83 27.65 42.73
C MET C 977 10.33 27.71 42.91
N SER C 978 10.97 26.55 42.98
CA SER C 978 12.40 26.49 43.23
C SER C 978 13.17 26.97 42.01
N GLY C 979 14.25 27.71 42.26
CA GLY C 979 14.97 28.40 41.22
C GLY C 979 15.84 27.50 40.38
N THR C 980 16.62 28.14 39.51
CA THR C 980 17.47 27.44 38.57
C THR C 980 18.79 27.02 39.22
N GLY C 981 19.57 27.99 39.66
CA GLY C 981 20.88 27.70 40.22
C GLY C 981 21.88 27.40 39.13
N SER C 982 22.99 26.78 39.54
CA SER C 982 24.04 26.36 38.62
C SER C 982 24.55 24.98 38.99
N GLY C 983 23.64 24.11 39.43
CA GLY C 983 24.02 22.82 39.97
C GLY C 983 24.37 21.74 38.96
N SER C 984 24.61 22.12 37.71
CA SER C 984 25.12 21.16 36.73
C SER C 984 26.57 20.80 37.04
N CYS C 985 27.34 21.77 37.50
CA CYS C 985 28.73 21.55 37.90
C CYS C 985 29.07 22.65 38.89
N GLY C 986 29.39 22.29 40.12
CA GLY C 986 29.72 23.27 41.14
C GLY C 986 28.77 23.20 42.33
N PRO C 987 28.50 24.35 42.93
CA PRO C 987 27.62 24.37 44.11
C PRO C 987 26.17 24.08 43.74
N GLN C 988 25.41 23.69 44.76
CA GLN C 988 24.00 23.35 44.59
C GLN C 988 23.15 24.61 44.72
N LEU C 989 21.84 24.43 44.75
CA LEU C 989 20.92 25.56 44.86
C LEU C 989 20.94 26.11 46.27
N ALA C 990 20.92 27.44 46.39
CA ALA C 990 21.04 28.09 47.67
C ALA C 990 19.78 27.90 48.51
N GLU C 991 19.94 28.04 49.82
CA GLU C 991 18.82 27.83 50.75
C GLU C 991 17.67 28.83 50.63
N PRO C 992 17.86 30.14 50.42
CA PRO C 992 16.68 30.99 50.18
C PRO C 992 16.08 30.84 48.79
N TYR C 993 16.67 30.01 47.93
CA TYR C 993 16.20 29.80 46.57
C TYR C 993 15.50 28.47 46.40
N ARG C 994 15.56 27.61 47.41
CA ARG C 994 14.83 26.35 47.42
C ARG C 994 13.42 26.54 47.94
N PHE C 995 12.58 25.54 47.71
CA PHE C 995 11.23 25.52 48.26
C PHE C 995 11.21 24.62 49.49
N THR C 996 11.93 25.10 50.51
CA THR C 996 11.99 24.43 51.82
C THR C 996 11.08 25.20 52.78
N GLU C 997 9.80 24.88 52.72
CA GLU C 997 8.81 25.45 53.62
C GLU C 997 7.70 24.43 53.77
N LYS C 998 7.28 24.17 55.01
CA LYS C 998 6.44 23.02 55.29
C LYS C 998 5.07 23.39 55.85
N SER C 999 4.70 24.67 55.77
CA SER C 999 3.37 25.12 56.19
C SER C 999 3.10 26.45 55.53
N PHE C 1000 2.05 26.54 54.72
CA PHE C 1000 1.80 27.74 53.95
C PHE C 1000 0.32 27.89 53.66
N ASP C 1001 -0.05 29.10 53.23
CA ASP C 1001 -1.39 29.44 52.78
C ASP C 1001 -1.28 30.02 51.37
N PHE C 1002 -2.34 29.92 50.59
CA PHE C 1002 -2.19 30.17 49.16
C PHE C 1002 -3.00 31.34 48.62
N GLU C 1003 -4.30 31.40 48.88
CA GLU C 1003 -5.16 32.59 48.65
C GLU C 1003 -5.19 33.04 47.19
N LEU C 1004 -5.81 32.22 46.34
CA LEU C 1004 -5.95 32.55 44.93
C LEU C 1004 -7.38 33.01 44.64
N THR C 1005 -7.54 33.82 43.59
CA THR C 1005 -8.85 34.30 43.16
C THR C 1005 -8.95 34.24 41.64
N ILE C 1006 -10.01 33.59 41.15
CA ILE C 1006 -10.24 33.38 39.71
C ILE C 1006 -11.53 34.10 39.34
N GLN C 1007 -11.50 34.87 38.25
CA GLN C 1007 -12.65 35.65 37.81
C GLN C 1007 -12.90 35.46 36.33
N PRO C 1008 -14.08 35.02 35.91
CA PRO C 1008 -14.41 35.04 34.48
C PRO C 1008 -14.57 36.48 33.99
N ILE C 1009 -14.08 36.75 32.79
CA ILE C 1009 -13.99 38.11 32.30
C ILE C 1009 -14.22 38.12 30.79
N PHE C 1010 -14.92 39.14 30.32
CA PHE C 1010 -14.93 39.53 28.91
C PHE C 1010 -14.17 40.85 28.84
N LYS C 1011 -12.96 40.79 28.31
CA LYS C 1011 -11.94 41.80 28.58
C LYS C 1011 -12.24 43.14 27.92
N GLU C 1012 -12.98 43.16 26.82
CA GLU C 1012 -13.17 44.41 26.09
C GLU C 1012 -14.21 45.33 26.73
N GLU C 1013 -15.07 44.81 27.61
CA GLU C 1013 -15.96 45.67 28.38
C GLU C 1013 -15.94 45.39 29.87
N GLU C 1014 -15.19 44.38 30.32
CA GLU C 1014 -15.04 43.97 31.72
C GLU C 1014 -16.34 43.76 32.48
N MET D 1 32.92 17.42 -50.53
CA MET D 1 31.87 18.35 -50.17
C MET D 1 31.12 17.87 -48.94
N GLU D 2 31.87 17.57 -47.89
CA GLU D 2 31.32 16.95 -46.68
C GLU D 2 30.93 18.04 -45.69
N LEU D 3 29.63 18.30 -45.57
CA LEU D 3 29.02 19.11 -44.52
C LEU D 3 29.50 20.56 -44.56
N ASN D 4 29.26 21.22 -45.69
CA ASN D 4 29.55 22.64 -45.85
C ASN D 4 28.29 23.49 -45.67
N ARG D 5 27.29 22.94 -44.95
CA ARG D 5 25.97 23.55 -44.71
C ARG D 5 25.27 23.91 -46.02
N GLU D 6 25.04 22.87 -46.84
CA GLU D 6 24.25 23.06 -48.05
C GLU D 6 22.77 23.23 -47.74
N TRP D 7 22.34 22.83 -46.55
CA TRP D 7 20.98 22.92 -46.06
C TRP D 7 20.64 24.27 -45.47
N GLU D 8 21.50 25.27 -45.67
CA GLU D 8 21.21 26.67 -45.35
C GLU D 8 21.74 27.61 -46.42
N ASN D 9 21.79 27.16 -47.68
CA ASN D 9 22.61 27.82 -48.69
C ASN D 9 21.79 28.56 -49.73
N LEU D 10 20.76 27.90 -50.29
CA LEU D 10 19.77 28.38 -51.27
C LEU D 10 20.37 28.53 -52.67
N SER D 11 21.68 28.41 -52.80
CA SER D 11 22.35 28.32 -54.08
C SER D 11 22.85 26.91 -54.34
N CYS D 12 22.55 25.97 -53.45
CA CYS D 12 22.89 24.56 -53.61
C CYS D 12 21.62 23.77 -53.26
N LEU D 13 20.78 23.53 -54.27
CA LEU D 13 19.55 22.78 -54.09
C LEU D 13 19.76 21.28 -54.23
N HIS D 14 20.81 20.85 -54.95
CA HIS D 14 21.16 19.45 -55.07
C HIS D 14 22.63 19.36 -55.44
N ILE D 15 23.18 18.16 -55.32
CA ILE D 15 24.52 17.85 -55.79
C ILE D 15 24.44 16.51 -56.52
N GLY D 16 24.68 16.52 -57.82
CA GLY D 16 24.79 15.28 -58.57
C GLY D 16 23.49 14.55 -58.82
N ARG D 17 22.36 15.20 -58.66
CA ARG D 17 21.07 14.57 -58.89
C ARG D 17 20.72 14.63 -60.37
N LEU D 18 20.23 13.51 -60.91
CA LEU D 18 19.86 13.45 -62.31
C LEU D 18 18.63 14.31 -62.58
N PRO D 19 18.48 14.82 -63.80
CA PRO D 19 17.30 15.63 -64.12
C PRO D 19 16.03 14.79 -64.17
N ALA D 20 14.90 15.48 -64.07
CA ALA D 20 13.62 14.81 -63.84
C ALA D 20 13.10 14.18 -65.12
N ARG D 21 12.49 13.01 -64.97
CA ARG D 21 11.88 12.27 -66.07
C ARG D 21 10.48 11.82 -65.67
N ALA D 22 9.85 11.01 -66.51
CA ALA D 22 8.54 10.46 -66.18
C ALA D 22 8.69 9.26 -65.26
N SER D 23 7.62 8.53 -65.04
CA SER D 23 7.61 7.41 -64.10
C SER D 23 7.41 6.12 -64.89
N TYR D 24 8.43 5.27 -64.89
CA TYR D 24 8.36 3.97 -65.55
C TYR D 24 9.34 3.02 -64.90
N ILE D 25 9.13 1.72 -65.15
CA ILE D 25 10.00 0.65 -64.70
C ILE D 25 10.44 -0.16 -65.91
N PRO D 26 11.73 -0.39 -66.12
CA PRO D 26 12.17 -1.26 -67.22
C PRO D 26 11.94 -2.72 -66.88
N TYR D 27 11.12 -3.38 -67.69
CA TYR D 27 10.85 -4.81 -67.51
C TYR D 27 11.64 -5.61 -68.54
N GLU D 28 11.42 -6.93 -68.56
CA GLU D 28 12.09 -7.83 -69.48
C GLU D 28 11.19 -8.36 -70.58
N SER D 29 9.88 -8.34 -70.38
CA SER D 29 8.93 -8.84 -71.36
C SER D 29 7.59 -8.17 -71.11
N ALA D 30 6.69 -8.32 -72.08
CA ALA D 30 5.36 -7.74 -71.94
C ALA D 30 4.48 -8.54 -71.00
N MET D 31 4.82 -9.81 -70.74
CA MET D 31 4.02 -10.60 -69.81
C MET D 31 4.31 -10.19 -68.38
N THR D 32 5.58 -9.92 -68.05
CA THR D 32 5.92 -9.46 -66.71
C THR D 32 5.46 -8.03 -66.48
N ALA D 33 5.48 -7.20 -67.53
CA ALA D 33 5.14 -5.80 -67.40
C ALA D 33 3.66 -5.59 -67.09
N ARG D 34 2.81 -6.50 -67.51
CA ARG D 34 1.38 -6.38 -67.24
C ARG D 34 1.01 -6.75 -65.82
N THR D 35 1.95 -7.29 -65.05
CA THR D 35 1.67 -7.65 -63.67
C THR D 35 1.76 -6.45 -62.73
N GLY D 36 2.64 -5.50 -63.03
CA GLY D 36 2.81 -4.32 -62.21
C GLY D 36 3.76 -4.48 -61.05
N LYS D 37 4.11 -5.72 -60.69
CA LYS D 37 5.03 -5.98 -59.59
C LYS D 37 6.46 -5.79 -60.10
N ARG D 38 7.11 -4.71 -59.66
CA ARG D 38 8.43 -4.37 -60.18
C ARG D 38 9.54 -5.23 -59.61
N GLY D 39 9.28 -6.00 -58.55
CA GLY D 39 10.31 -6.88 -58.02
C GLY D 39 10.56 -8.10 -58.85
N ARG D 40 9.64 -8.43 -59.76
CA ARG D 40 9.82 -9.56 -60.66
C ARG D 40 10.74 -9.24 -61.83
N SER D 41 11.08 -7.99 -62.03
CA SER D 41 11.94 -7.61 -63.14
C SER D 41 13.41 -7.86 -62.78
N PRO D 42 14.20 -8.42 -63.70
CA PRO D 42 15.62 -8.65 -63.40
C PRO D 42 16.45 -7.39 -63.44
N HIS D 43 15.91 -6.27 -63.90
CA HIS D 43 16.63 -5.01 -63.99
C HIS D 43 16.39 -4.14 -62.77
N VAL D 44 15.64 -4.62 -61.78
CA VAL D 44 15.23 -3.86 -60.62
C VAL D 44 15.62 -4.65 -59.37
N GLN D 45 16.23 -3.98 -58.40
CA GLN D 45 16.50 -4.59 -57.11
C GLN D 45 16.01 -3.68 -55.99
N THR D 46 15.18 -4.22 -55.10
CA THR D 46 14.64 -3.38 -54.05
C THR D 46 15.67 -3.15 -52.95
N LEU D 47 15.51 -2.05 -52.24
CA LEU D 47 16.31 -1.77 -51.06
C LEU D 47 15.43 -1.47 -49.86
N ASN D 48 14.16 -1.84 -49.90
CA ASN D 48 13.34 -1.79 -48.71
C ASN D 48 13.75 -2.88 -47.75
N GLY D 49 13.29 -2.77 -46.52
CA GLY D 49 13.61 -3.80 -45.55
C GLY D 49 14.12 -3.25 -44.24
N ASN D 50 15.25 -3.75 -43.78
CA ASN D 50 15.74 -3.48 -42.44
C ASN D 50 17.10 -2.82 -42.55
N TRP D 51 17.20 -1.55 -42.17
CA TRP D 51 18.47 -0.85 -42.22
C TRP D 51 18.94 -0.59 -40.79
N LYS D 52 20.20 -0.21 -40.65
CA LYS D 52 20.76 0.13 -39.36
C LYS D 52 20.66 1.64 -39.17
N PHE D 53 20.09 2.06 -38.04
CA PHE D 53 19.66 3.43 -37.84
C PHE D 53 20.20 3.95 -36.52
N ARG D 54 20.61 5.22 -36.53
CA ARG D 54 21.02 5.92 -35.31
C ARG D 54 20.49 7.34 -35.34
N TYR D 55 19.87 7.75 -34.23
CA TYR D 55 19.20 9.04 -34.10
C TYR D 55 20.04 10.00 -33.27
N TYR D 56 20.10 11.26 -33.70
CA TYR D 56 20.85 12.29 -33.02
C TYR D 56 19.94 13.49 -32.80
N ARG D 57 20.03 14.09 -31.62
CA ARG D 57 19.26 15.30 -31.33
C ARG D 57 19.81 16.53 -32.03
N SER D 58 21.00 16.44 -32.61
CA SER D 58 21.59 17.57 -33.32
C SER D 58 22.51 17.03 -34.39
N VAL D 59 22.72 17.84 -35.43
CA VAL D 59 23.69 17.51 -36.47
C VAL D 59 25.12 17.76 -35.99
N ARG D 60 25.28 18.49 -34.89
CA ARG D 60 26.58 18.71 -34.28
C ARG D 60 27.21 17.41 -33.79
N GLU D 61 26.44 16.53 -33.16
CA GLU D 61 26.99 15.37 -32.48
C GLU D 61 26.99 14.11 -33.34
N VAL D 62 26.84 14.25 -34.65
CA VAL D 62 26.99 13.12 -35.56
C VAL D 62 28.47 12.84 -35.75
N ASP D 63 28.84 11.55 -35.72
CA ASP D 63 30.22 11.15 -35.99
C ASP D 63 30.61 11.51 -37.41
N SER D 64 31.90 11.80 -37.60
CA SER D 64 32.39 12.30 -38.88
C SER D 64 32.80 11.19 -39.83
N HIS D 65 32.82 9.94 -39.41
CA HIS D 65 33.23 8.85 -40.28
C HIS D 65 32.28 7.68 -40.14
N PHE D 66 30.97 7.94 -40.11
CA PHE D 66 30.00 6.86 -40.09
C PHE D 66 29.82 6.24 -41.45
N TYR D 67 30.14 6.98 -42.52
CA TYR D 67 29.90 6.55 -43.89
C TYR D 67 31.00 5.65 -44.43
N GLU D 68 32.05 5.40 -43.67
CA GLU D 68 33.16 4.60 -44.15
C GLU D 68 32.78 3.13 -44.19
N THR D 69 33.50 2.38 -45.04
CA THR D 69 33.08 1.03 -45.38
C THR D 69 33.35 0.04 -44.25
N GLU D 70 34.41 0.25 -43.49
CA GLU D 70 34.82 -0.69 -42.45
C GLU D 70 34.47 -0.20 -41.06
N THR D 71 33.31 0.43 -40.89
CA THR D 71 32.85 0.83 -39.57
C THR D 71 31.94 -0.22 -38.99
N ASP D 72 31.89 -0.28 -37.66
CA ASP D 72 31.08 -1.28 -36.96
C ASP D 72 29.70 -0.69 -36.73
N VAL D 73 28.73 -1.16 -37.52
CA VAL D 73 27.34 -0.87 -37.21
C VAL D 73 26.66 -2.14 -36.72
N SER D 74 26.76 -2.38 -35.42
CA SER D 74 26.14 -3.56 -34.82
C SER D 74 25.43 -3.15 -33.55
N GLY D 75 25.91 -2.10 -32.92
CA GLY D 75 25.25 -1.51 -31.77
C GLY D 75 24.19 -0.51 -32.10
N TRP D 76 23.97 -0.24 -33.39
CA TRP D 76 22.94 0.70 -33.78
C TRP D 76 21.57 0.01 -33.71
N ASP D 77 20.52 0.82 -33.84
CA ASP D 77 19.17 0.27 -33.87
C ASP D 77 18.88 -0.27 -35.26
N ASP D 78 17.77 -0.97 -35.40
CA ASP D 78 17.34 -1.49 -36.69
C ASP D 78 15.94 -0.98 -37.01
N LEU D 79 15.81 -0.30 -38.14
CA LEU D 79 14.58 0.35 -38.52
C LEU D 79 14.12 -0.18 -39.87
N ILE D 80 12.82 -0.41 -40.01
CA ILE D 80 12.25 -0.84 -41.28
C ILE D 80 12.06 0.38 -42.17
N VAL D 81 12.69 0.35 -43.33
CA VAL D 81 12.49 1.35 -44.38
C VAL D 81 11.54 0.77 -45.40
N PRO D 82 10.46 1.49 -45.78
CA PRO D 82 10.03 2.85 -45.47
C PRO D 82 9.21 3.04 -44.20
N SER D 83 9.50 4.12 -43.45
CA SER D 83 8.78 4.48 -42.24
C SER D 83 9.19 5.88 -41.81
N CYS D 84 8.24 6.59 -41.19
CA CYS D 84 8.51 7.85 -40.52
C CYS D 84 8.96 7.58 -39.09
N TRP D 85 9.99 8.28 -38.63
CA TRP D 85 10.52 7.92 -37.33
C TRP D 85 9.79 8.55 -36.15
N GLN D 86 8.84 9.46 -36.40
CA GLN D 86 8.04 9.97 -35.28
C GLN D 86 7.03 8.94 -34.77
N THR D 87 6.72 7.93 -35.56
CA THR D 87 5.85 6.84 -35.14
C THR D 87 6.62 5.59 -34.77
N ASN D 88 7.92 5.73 -34.44
CA ASN D 88 8.75 4.59 -34.09
C ASN D 88 9.54 4.83 -32.81
N GLY D 89 9.06 5.72 -31.94
CA GLY D 89 9.70 5.93 -30.66
C GLY D 89 10.70 7.06 -30.61
N TYR D 90 10.95 7.72 -31.72
CA TYR D 90 11.87 8.85 -31.77
C TYR D 90 11.07 10.13 -31.53
N ASP D 91 11.62 11.30 -31.89
CA ASP D 91 11.22 12.62 -31.35
C ASP D 91 9.72 12.89 -31.48
N GLN D 92 9.22 13.69 -30.54
CA GLN D 92 7.81 13.74 -30.23
C GLN D 92 6.98 14.36 -31.35
N LEU D 93 5.74 13.88 -31.46
CA LEU D 93 4.82 14.26 -32.53
C LEU D 93 4.44 15.73 -32.43
N HIS D 94 4.13 16.32 -33.58
CA HIS D 94 3.98 17.77 -33.67
C HIS D 94 3.04 18.13 -34.80
N TYR D 95 1.90 18.75 -34.45
CA TYR D 95 0.98 19.31 -35.43
C TYR D 95 1.05 20.83 -35.36
N THR D 96 1.11 21.47 -36.53
CA THR D 96 1.13 22.92 -36.61
C THR D 96 0.26 23.36 -37.77
N ASN D 97 -0.49 24.44 -37.58
CA ASN D 97 -1.27 25.08 -38.63
C ASN D 97 -0.34 26.00 -39.44
N VAL D 98 -0.90 26.98 -40.15
CA VAL D 98 -0.21 27.81 -41.14
C VAL D 98 0.98 28.63 -40.60
N ASN D 99 1.20 28.62 -39.29
CA ASN D 99 2.39 29.22 -38.71
C ASN D 99 3.59 28.29 -38.90
N TYR D 100 4.76 28.89 -39.13
CA TYR D 100 5.99 28.11 -39.16
C TYR D 100 6.34 27.64 -37.75
N PRO D 101 6.68 26.38 -37.54
CA PRO D 101 7.24 25.99 -36.24
C PRO D 101 8.75 26.12 -36.17
N ILE D 102 9.31 27.17 -36.76
CA ILE D 102 10.72 27.54 -36.67
C ILE D 102 10.72 29.07 -36.67
N PRO D 103 11.76 29.73 -36.16
CA PRO D 103 11.84 31.18 -36.31
C PRO D 103 11.95 31.59 -37.77
N TYR D 104 11.14 32.56 -38.16
CA TYR D 104 11.13 33.02 -39.54
C TYR D 104 12.37 33.83 -39.81
N ASP D 105 13.44 33.16 -40.22
CA ASP D 105 14.72 33.80 -40.52
C ASP D 105 15.30 33.10 -41.74
N PRO D 106 14.85 33.47 -42.94
CA PRO D 106 15.32 32.78 -44.14
C PRO D 106 16.75 33.18 -44.47
N PRO D 107 17.59 32.23 -44.89
CA PRO D 107 17.28 30.81 -45.06
C PRO D 107 17.73 29.92 -43.89
N PHE D 108 17.73 30.44 -42.66
CA PHE D 108 18.39 29.75 -41.58
C PHE D 108 17.41 28.92 -40.76
N VAL D 109 17.89 27.77 -40.32
CA VAL D 109 17.11 26.81 -39.54
C VAL D 109 17.83 26.64 -38.22
N PRO D 110 17.13 26.20 -37.15
CA PRO D 110 17.77 26.17 -35.81
C PRO D 110 18.98 25.27 -35.70
N ASP D 111 19.82 25.58 -34.71
CA ASP D 111 21.07 24.84 -34.52
C ASP D 111 20.80 23.44 -34.00
N ASP D 112 19.82 23.29 -33.12
CA ASP D 112 19.35 21.97 -32.70
C ASP D 112 18.49 21.40 -33.82
N ASN D 113 19.16 20.83 -34.81
CA ASN D 113 18.54 20.26 -35.99
C ASN D 113 18.69 18.75 -35.92
N PRO D 114 17.62 18.01 -35.64
CA PRO D 114 17.76 16.56 -35.43
C PRO D 114 18.15 15.81 -36.70
N ALA D 115 18.86 14.70 -36.51
CA ALA D 115 19.45 14.00 -37.64
C ALA D 115 19.33 12.49 -37.46
N GLY D 116 19.42 11.79 -38.58
CA GLY D 116 19.42 10.35 -38.56
C GLY D 116 20.39 9.76 -39.54
N THR D 117 21.07 8.69 -39.16
CA THR D 117 22.02 8.00 -40.01
C THR D 117 21.51 6.60 -40.32
N TYR D 118 21.49 6.27 -41.61
CA TYR D 118 21.06 4.99 -42.14
C TYR D 118 22.25 4.30 -42.80
N VAL D 119 22.41 3.01 -42.53
CA VAL D 119 23.47 2.19 -43.13
C VAL D 119 22.87 0.87 -43.59
N ARG D 120 23.14 0.51 -44.84
CA ARG D 120 22.70 -0.78 -45.36
C ARG D 120 23.70 -1.32 -46.38
N ASP D 121 24.06 -2.60 -46.23
CA ASP D 121 24.85 -3.35 -47.21
C ASP D 121 23.92 -4.01 -48.24
N PHE D 122 24.49 -4.29 -49.41
CA PHE D 122 23.78 -5.06 -50.44
C PHE D 122 24.79 -5.73 -51.35
N ASN D 123 24.31 -6.71 -52.11
CA ASN D 123 25.11 -7.41 -53.11
C ASN D 123 24.77 -6.90 -54.51
N LEU D 124 25.61 -7.28 -55.47
CA LEU D 124 25.40 -6.84 -56.83
C LEU D 124 26.01 -7.88 -57.75
N PRO D 125 25.30 -8.33 -58.79
CA PRO D 125 25.81 -9.43 -59.62
C PRO D 125 26.90 -8.97 -60.58
N GLU D 126 27.40 -9.93 -61.36
CA GLU D 126 28.52 -9.68 -62.27
C GLU D 126 28.08 -8.93 -63.52
N ALA D 127 26.87 -9.21 -64.03
CA ALA D 127 26.37 -8.59 -65.25
C ALA D 127 25.73 -7.23 -65.02
N TRP D 128 26.05 -6.57 -63.91
CA TRP D 128 25.50 -5.27 -63.55
C TRP D 128 26.54 -4.16 -63.62
N THR D 129 27.83 -4.51 -63.56
CA THR D 129 28.91 -3.57 -63.76
C THR D 129 29.23 -3.34 -65.23
N LYS D 130 28.60 -4.08 -66.13
CA LYS D 130 28.72 -3.83 -67.56
C LYS D 130 27.72 -2.80 -68.06
N LYS D 131 26.83 -2.32 -67.20
CA LYS D 131 25.78 -1.38 -67.61
C LYS D 131 25.73 -0.19 -66.68
N GLN D 132 24.72 0.66 -66.85
CA GLN D 132 24.51 1.82 -65.99
C GLN D 132 23.66 1.42 -64.79
N THR D 133 24.01 1.94 -63.61
CA THR D 133 23.31 1.65 -62.37
C THR D 133 22.83 2.94 -61.74
N ARG D 134 21.54 3.01 -61.44
CA ARG D 134 20.96 4.19 -60.82
C ARG D 134 20.27 3.81 -59.50
N ILE D 135 20.19 4.77 -58.58
CA ILE D 135 19.42 4.60 -57.36
C ILE D 135 18.29 5.62 -57.37
N VAL D 136 17.11 5.20 -56.89
CA VAL D 136 15.92 6.04 -56.88
C VAL D 136 15.34 6.04 -55.48
N PHE D 137 15.17 7.23 -54.91
CA PHE D 137 14.46 7.42 -53.65
C PHE D 137 13.13 8.08 -53.99
N GLU D 138 12.02 7.43 -53.64
CA GLU D 138 10.71 7.97 -53.98
C GLU D 138 10.29 9.12 -53.09
N GLY D 139 10.82 9.24 -51.87
CA GLY D 139 10.55 10.33 -50.93
C GLY D 139 11.36 10.30 -49.63
N VAL D 140 12.04 11.38 -49.18
CA VAL D 140 12.82 11.52 -47.91
C VAL D 140 12.50 12.87 -47.30
N ASN D 141 12.12 13.01 -46.01
CA ASN D 141 11.67 14.30 -45.42
C ASN D 141 12.85 15.09 -45.38
N ALA D 142 12.65 16.38 -45.63
CA ALA D 142 13.62 17.39 -45.81
C ALA D 142 14.70 16.99 -46.75
N CYS D 143 15.88 17.11 -46.35
CA CYS D 143 17.10 16.88 -47.13
C CYS D 143 17.90 15.66 -46.70
N PHE D 144 18.77 15.18 -47.58
CA PHE D 144 19.59 14.01 -47.31
C PHE D 144 20.87 14.05 -48.12
N TYR D 145 21.91 13.46 -47.54
CA TYR D 145 23.19 13.19 -48.17
C TYR D 145 23.27 11.72 -48.54
N LEU D 146 24.29 11.36 -49.33
CA LEU D 146 24.38 9.99 -49.80
C LEU D 146 25.84 9.61 -49.99
N TRP D 147 26.20 8.41 -49.51
CA TRP D 147 27.55 7.88 -49.66
C TRP D 147 27.46 6.42 -50.09
N VAL D 148 28.23 6.06 -51.11
CA VAL D 148 28.32 4.68 -51.60
C VAL D 148 29.78 4.25 -51.50
N ASN D 149 30.03 3.19 -50.72
CA ASN D 149 31.37 2.64 -50.47
C ASN D 149 32.33 3.66 -49.89
N GLY D 150 31.82 4.52 -49.00
CA GLY D 150 32.64 5.52 -48.37
C GLY D 150 32.99 6.70 -49.22
N ARG D 151 32.27 6.92 -50.31
CA ARG D 151 32.55 7.97 -51.27
C ARG D 151 31.30 8.82 -51.48
N PHE D 152 31.48 10.14 -51.49
CA PHE D 152 30.36 11.05 -51.61
C PHE D 152 29.79 11.03 -53.02
N VAL D 153 28.48 10.80 -53.14
CA VAL D 153 27.85 10.61 -54.44
C VAL D 153 26.76 11.66 -54.67
N GLY D 154 26.12 12.14 -53.61
CA GLY D 154 25.04 13.09 -53.85
C GLY D 154 24.51 13.76 -52.61
N TYR D 155 23.81 14.86 -52.85
CA TYR D 155 22.97 15.58 -51.89
C TYR D 155 21.67 15.94 -52.59
N SER D 156 20.55 15.85 -51.86
CA SER D 156 19.30 16.28 -52.44
C SER D 156 18.38 16.85 -51.37
N GLN D 157 17.32 17.50 -51.87
CA GLN D 157 16.45 18.39 -51.11
C GLN D 157 15.13 18.46 -51.84
N GLY D 158 14.03 18.43 -51.08
CA GLY D 158 12.71 18.31 -51.67
C GLY D 158 12.03 17.07 -51.15
N SER D 159 10.94 17.24 -50.41
CA SER D 159 10.47 16.18 -49.52
C SER D 159 9.45 15.24 -50.17
N ARG D 160 8.74 15.68 -51.20
CA ARG D 160 7.62 14.91 -51.73
C ARG D 160 7.84 14.52 -53.19
N ILE D 161 9.07 14.63 -53.68
CA ILE D 161 9.39 14.39 -55.08
C ILE D 161 10.53 13.37 -55.08
N PRO D 162 10.60 12.44 -56.03
CA PRO D 162 11.72 11.48 -56.06
C PRO D 162 13.04 12.15 -56.40
N ALA D 163 14.10 11.38 -56.16
CA ALA D 163 15.47 11.80 -56.47
C ALA D 163 16.23 10.60 -56.99
N GLU D 164 16.91 10.77 -58.12
CA GLU D 164 17.64 9.68 -58.75
C GLU D 164 19.10 10.06 -58.92
N PHE D 165 19.98 9.11 -58.63
CA PHE D 165 21.42 9.34 -58.68
C PHE D 165 22.08 8.24 -59.50
N ASP D 166 23.29 8.53 -59.95
CA ASP D 166 24.07 7.66 -60.82
C ASP D 166 25.18 7.00 -60.01
N LEU D 167 25.20 5.66 -59.99
CA LEU D 167 26.10 4.89 -59.14
C LEU D 167 27.11 4.07 -59.94
N THR D 168 27.31 4.39 -61.20
CA THR D 168 28.24 3.63 -62.04
C THR D 168 29.72 3.81 -61.64
N PRO D 169 30.24 5.00 -61.27
CA PRO D 169 31.62 5.05 -60.78
C PRO D 169 31.83 4.52 -59.37
N PHE D 170 30.79 4.12 -58.64
CA PHE D 170 30.91 3.90 -57.21
C PHE D 170 30.74 2.45 -56.77
N VAL D 171 30.05 1.62 -57.53
CA VAL D 171 29.72 0.28 -57.09
C VAL D 171 30.66 -0.72 -57.75
N ALA D 172 30.75 -1.90 -57.12
CA ALA D 172 31.55 -3.00 -57.64
C ALA D 172 30.78 -4.29 -57.39
N ALA D 173 31.23 -5.35 -58.06
CA ALA D 173 30.59 -6.66 -57.89
C ALA D 173 30.88 -7.22 -56.50
N GLY D 174 29.86 -7.81 -55.90
CA GLY D 174 29.98 -8.31 -54.54
C GLY D 174 29.32 -7.40 -53.53
N ARG D 175 29.86 -7.36 -52.32
CA ARG D 175 29.27 -6.58 -51.24
C ARG D 175 29.54 -5.10 -51.44
N ASN D 176 28.55 -4.27 -51.15
CA ASN D 176 28.65 -2.82 -51.21
C ASN D 176 28.16 -2.23 -49.89
N ARG D 177 28.19 -0.91 -49.81
CA ARG D 177 27.81 -0.18 -48.60
C ARG D 177 27.11 1.11 -48.97
N LEU D 178 25.97 1.37 -48.34
CA LEU D 178 25.16 2.56 -48.57
C LEU D 178 24.94 3.27 -47.25
N ALA D 179 25.16 4.58 -47.24
CA ALA D 179 24.99 5.40 -46.03
C ALA D 179 24.25 6.67 -46.38
N VAL D 180 23.24 7.00 -45.57
CA VAL D 180 22.38 8.16 -45.79
C VAL D 180 22.36 8.99 -44.50
N LEU D 181 22.48 10.30 -44.64
CA LEU D 181 22.26 11.24 -43.54
C LEU D 181 21.02 12.07 -43.86
N VAL D 182 20.03 12.03 -42.96
CA VAL D 182 18.75 12.70 -43.17
C VAL D 182 18.58 13.77 -42.09
N LEU D 183 18.26 14.99 -42.51
CA LEU D 183 18.05 16.11 -41.60
C LEU D 183 16.57 16.48 -41.56
N LYS D 184 16.14 17.05 -40.43
CA LYS D 184 14.73 17.39 -40.24
C LYS D 184 14.36 18.72 -40.88
N TRP D 185 15.29 19.67 -40.90
CA TRP D 185 15.03 21.04 -41.31
C TRP D 185 16.06 21.46 -42.34
N CYS D 186 15.61 22.01 -43.45
CA CYS D 186 16.50 22.62 -44.43
C CYS D 186 15.89 23.95 -44.85
N ASP D 187 16.49 24.59 -45.85
CA ASP D 187 15.94 25.86 -46.32
C ASP D 187 14.69 25.67 -47.17
N GLY D 188 14.37 24.44 -47.57
CA GLY D 188 13.10 24.13 -48.17
C GLY D 188 11.96 23.94 -47.20
N THR D 189 12.21 24.11 -45.90
CA THR D 189 11.13 24.03 -44.92
C THR D 189 10.25 25.26 -45.01
N TYR D 190 10.81 26.39 -45.44
CA TYR D 190 10.03 27.60 -45.64
C TYR D 190 9.02 27.47 -46.77
N LEU D 191 9.23 26.53 -47.69
CA LEU D 191 8.31 26.29 -48.79
C LEU D 191 7.41 25.09 -48.55
N GLU D 192 7.39 24.54 -47.35
CA GLU D 192 6.61 23.34 -47.02
C GLU D 192 5.84 23.55 -45.73
N ASP D 193 5.15 24.68 -45.61
CA ASP D 193 4.41 25.01 -44.40
C ASP D 193 2.98 24.50 -44.49
N GLN D 194 2.83 23.19 -44.64
CA GLN D 194 1.52 22.60 -44.76
C GLN D 194 0.89 22.38 -43.39
N ASP D 195 -0.43 22.56 -43.34
CA ASP D 195 -1.23 22.30 -42.14
C ASP D 195 -1.45 20.79 -41.99
N VAL D 196 -0.41 20.11 -41.50
CA VAL D 196 -0.40 18.66 -41.39
C VAL D 196 0.60 18.32 -40.29
N TRP D 197 0.54 17.09 -39.79
CA TRP D 197 1.57 16.58 -38.90
C TRP D 197 2.91 16.55 -39.61
N ARG D 198 3.98 16.85 -38.88
CA ARG D 198 5.32 16.99 -39.45
C ARG D 198 6.11 15.73 -39.18
N PHE D 199 6.30 14.92 -40.21
CA PHE D 199 7.05 13.68 -40.09
C PHE D 199 8.42 13.82 -40.74
N SER D 200 9.28 12.84 -40.49
CA SER D 200 10.65 12.86 -40.95
C SER D 200 11.11 11.46 -41.30
N GLY D 201 12.07 11.37 -42.22
CA GLY D 201 12.75 10.13 -42.51
C GLY D 201 12.62 9.75 -43.97
N ILE D 202 13.07 8.52 -44.26
CA ILE D 202 12.83 7.86 -45.54
C ILE D 202 11.48 7.17 -45.42
N TYR D 203 10.44 7.77 -46.01
CA TYR D 203 9.10 7.26 -45.83
C TYR D 203 8.50 6.63 -47.08
N ARG D 204 9.19 6.69 -48.21
CA ARG D 204 8.71 6.04 -49.43
C ARG D 204 9.75 5.02 -49.90
N ASP D 205 9.49 4.44 -51.07
CA ASP D 205 10.27 3.32 -51.56
C ASP D 205 11.65 3.76 -52.02
N VAL D 206 12.57 2.80 -52.03
CA VAL D 206 13.97 2.98 -52.43
C VAL D 206 14.38 1.78 -53.25
N TYR D 207 14.91 2.00 -54.45
CA TYR D 207 15.33 0.85 -55.26
C TYR D 207 16.49 1.22 -56.18
N LEU D 208 17.02 0.18 -56.84
CA LEU D 208 18.14 0.27 -57.77
C LEU D 208 17.70 -0.21 -59.13
N LEU D 209 18.09 0.53 -60.17
CA LEU D 209 17.79 0.21 -61.56
C LEU D 209 19.07 -0.08 -62.32
N SER D 210 18.98 -1.00 -63.28
CA SER D 210 20.10 -1.38 -64.15
C SER D 210 19.71 -1.11 -65.59
N ARG D 211 20.06 0.05 -66.10
CA ARG D 211 19.73 0.43 -67.46
C ARG D 211 20.99 0.42 -68.31
N ASP D 212 20.87 -0.13 -69.52
CA ASP D 212 22.01 -0.34 -70.41
C ASP D 212 22.54 1.00 -70.94
N ASN D 213 23.63 0.90 -71.70
CA ASN D 213 24.44 2.08 -72.00
C ASN D 213 23.76 3.02 -72.99
N THR D 214 22.90 2.48 -73.86
CA THR D 214 22.08 3.29 -74.75
C THR D 214 20.62 2.93 -74.45
N HIS D 215 19.92 3.80 -73.73
CA HIS D 215 18.58 3.50 -73.25
C HIS D 215 17.64 4.67 -73.48
N ILE D 216 16.34 4.36 -73.53
CA ILE D 216 15.31 5.38 -73.61
C ILE D 216 15.27 6.13 -72.28
N ARG D 217 15.59 7.41 -72.32
CA ARG D 217 15.68 8.18 -71.08
C ARG D 217 14.34 8.77 -70.67
N ASP D 218 13.57 9.32 -71.60
CA ASP D 218 12.34 10.00 -71.25
C ASP D 218 11.28 9.74 -72.31
N VAL D 219 10.02 9.63 -71.87
CA VAL D 219 8.89 9.38 -72.75
C VAL D 219 7.77 10.35 -72.38
N PHE D 220 7.24 11.06 -73.37
CA PHE D 220 6.04 11.87 -73.17
C PHE D 220 5.00 11.51 -74.23
N ASN D 221 3.91 10.91 -73.78
CA ASN D 221 2.82 10.50 -74.67
C ASN D 221 1.80 11.61 -74.76
N GLN D 222 1.29 11.84 -75.97
CA GLN D 222 0.32 12.91 -76.22
C GLN D 222 -0.85 12.35 -77.00
N PRO D 223 -2.04 12.29 -76.41
CA PRO D 223 -3.24 12.14 -77.24
C PRO D 223 -3.53 13.42 -78.00
N LEU D 224 -3.95 13.27 -79.25
CA LEU D 224 -4.11 14.37 -80.19
C LEU D 224 -5.45 14.29 -80.91
N LEU D 225 -6.52 14.23 -80.13
CA LEU D 225 -7.88 14.18 -80.65
C LEU D 225 -8.19 15.36 -81.56
N SER D 226 -9.08 15.12 -82.53
CA SER D 226 -9.42 16.13 -83.52
C SER D 226 -10.43 17.12 -82.93
N ASP D 227 -10.99 17.97 -83.80
CA ASP D 227 -11.86 19.04 -83.31
C ASP D 227 -13.25 18.54 -82.97
N ASP D 228 -13.70 17.44 -83.60
CA ASP D 228 -15.00 16.85 -83.32
C ASP D 228 -14.90 15.53 -82.57
N LEU D 229 -13.74 15.25 -81.97
CA LEU D 229 -13.46 14.08 -81.13
C LEU D 229 -13.64 12.78 -81.90
N SER D 230 -13.30 12.77 -83.19
CA SER D 230 -13.56 11.63 -84.05
C SER D 230 -12.32 10.97 -84.63
N GLU D 231 -11.16 11.60 -84.54
CA GLU D 231 -9.90 11.02 -85.00
C GLU D 231 -8.86 11.16 -83.90
N GLY D 232 -8.11 10.10 -83.64
CA GLY D 232 -7.11 10.10 -82.61
C GLY D 232 -5.71 9.88 -83.16
N LYS D 233 -4.74 10.50 -82.53
CA LYS D 233 -3.34 10.30 -82.86
C LYS D 233 -2.53 10.25 -81.59
N LEU D 234 -1.81 9.14 -81.38
CA LEU D 234 -0.88 9.03 -80.27
C LEU D 234 0.51 9.48 -80.73
N ARG D 235 1.00 10.55 -80.15
CA ARG D 235 2.33 11.08 -80.43
C ARG D 235 3.23 10.77 -79.23
N SER D 236 4.18 9.88 -79.40
CA SER D 236 5.05 9.46 -78.30
C SER D 236 6.43 10.08 -78.53
N GLU D 237 6.70 11.19 -77.84
CA GLU D 237 7.99 11.86 -77.92
C GLU D 237 8.98 11.12 -77.04
N ILE D 238 9.98 10.50 -77.67
CA ILE D 238 10.96 9.67 -76.99
C ILE D 238 12.31 10.39 -77.03
N GLU D 239 12.95 10.48 -75.87
CA GLU D 239 14.23 11.16 -75.73
C GLU D 239 15.23 10.13 -75.21
N THR D 240 16.19 9.76 -76.05
CA THR D 240 17.13 8.70 -75.73
C THR D 240 18.50 9.29 -75.37
N THR D 241 19.46 8.41 -75.14
CA THR D 241 20.84 8.81 -74.85
C THR D 241 21.79 8.45 -75.99
N GLY D 242 21.26 7.97 -77.11
CA GLY D 242 22.08 7.60 -78.24
C GLY D 242 21.23 7.08 -79.38
N SER D 243 21.76 6.15 -80.17
CA SER D 243 21.06 5.63 -81.33
C SER D 243 20.32 4.34 -80.94
N LEU D 244 18.99 4.39 -80.95
CA LEU D 244 18.19 3.23 -80.59
C LEU D 244 17.20 2.87 -81.68
N THR D 245 17.15 1.58 -82.01
CA THR D 245 16.06 1.00 -82.77
C THR D 245 14.95 0.61 -81.81
N ILE D 246 13.79 1.26 -81.95
CA ILE D 246 12.71 1.16 -80.98
C ILE D 246 11.48 0.58 -81.66
N GLN D 247 10.94 -0.49 -81.08
CA GLN D 247 9.65 -1.05 -81.45
C GLN D 247 8.56 -0.41 -80.62
N ALA D 248 7.38 -0.25 -81.20
CA ALA D 248 6.24 0.31 -80.50
C ALA D 248 4.95 -0.35 -80.96
N GLU D 249 4.07 -0.64 -80.02
CA GLU D 249 2.78 -1.22 -80.37
C GLU D 249 1.69 -0.69 -79.44
N LEU D 250 0.47 -0.59 -79.98
CA LEU D 250 -0.66 0.02 -79.29
C LEU D 250 -1.86 -0.92 -79.34
N ARG D 251 -2.58 -1.01 -78.23
CA ARG D 251 -3.72 -1.91 -78.09
C ARG D 251 -4.90 -1.19 -77.46
N ASP D 252 -6.11 -1.64 -77.82
CA ASP D 252 -7.37 -1.10 -77.32
C ASP D 252 -7.66 -1.68 -75.92
N PRO D 253 -8.72 -1.24 -75.21
CA PRO D 253 -9.04 -1.89 -73.94
C PRO D 253 -9.48 -3.33 -74.07
N ALA D 254 -9.94 -3.78 -75.24
CA ALA D 254 -10.34 -5.18 -75.39
C ALA D 254 -9.15 -6.10 -75.62
N GLY D 255 -7.98 -5.56 -75.95
CA GLY D 255 -6.81 -6.39 -76.18
C GLY D 255 -6.62 -6.80 -77.63
N LYS D 256 -6.56 -5.80 -78.52
CA LYS D 256 -6.41 -6.04 -79.95
C LYS D 256 -5.44 -5.03 -80.52
N LEU D 257 -4.52 -5.51 -81.37
CA LEU D 257 -3.54 -4.64 -82.01
C LEU D 257 -4.21 -3.66 -82.96
N ILE D 258 -3.92 -2.38 -82.77
CA ILE D 258 -4.39 -1.33 -83.67
C ILE D 258 -3.24 -0.54 -84.30
N GLY D 259 -2.01 -0.76 -83.87
CA GLY D 259 -0.89 -0.02 -84.41
C GLY D 259 0.42 -0.69 -84.05
N GLN D 260 1.44 -0.46 -84.88
CA GLN D 260 2.75 -1.06 -84.70
C GLN D 260 3.74 -0.28 -85.55
N LYS D 261 4.93 -0.02 -85.02
CA LYS D 261 5.86 0.89 -85.67
C LYS D 261 7.27 0.58 -85.20
N GLU D 262 8.24 0.86 -86.06
CA GLU D 262 9.66 0.79 -85.74
C GLU D 262 10.30 2.14 -86.08
N ALA D 263 11.21 2.59 -85.23
CA ALA D 263 11.92 3.83 -85.49
C ALA D 263 13.37 3.71 -85.07
N GLN D 264 14.16 4.71 -85.44
CA GLN D 264 15.59 4.80 -85.13
C GLN D 264 15.82 6.21 -84.59
N ILE D 265 15.78 6.35 -83.27
CA ILE D 265 15.82 7.66 -82.62
C ILE D 265 17.22 7.89 -82.08
N ASP D 266 17.77 9.07 -82.38
CA ASP D 266 19.17 9.41 -82.11
C ASP D 266 19.29 10.49 -81.05
N GLY D 267 18.33 10.56 -80.13
CA GLY D 267 18.43 11.49 -79.02
C GLY D 267 17.15 12.20 -78.65
N LYS D 268 16.33 12.56 -79.63
CA LYS D 268 15.06 13.24 -79.38
C LYS D 268 14.19 13.13 -80.63
N GLY D 269 13.05 12.49 -80.52
CA GLY D 269 12.17 12.33 -81.67
C GLY D 269 10.88 11.63 -81.28
N ALA D 270 9.88 11.83 -82.12
CA ALA D 270 8.53 11.33 -81.86
C ALA D 270 8.24 10.09 -82.70
N MET D 271 7.17 9.38 -82.29
CA MET D 271 6.66 8.22 -83.03
C MET D 271 5.14 8.33 -83.05
N GLU D 272 4.60 8.96 -84.09
CA GLU D 272 3.17 9.14 -84.20
C GLU D 272 2.49 7.85 -84.65
N LEU D 273 1.21 7.72 -84.29
CA LEU D 273 0.44 6.52 -84.60
C LEU D 273 -1.02 6.92 -84.62
N ASP D 274 -1.80 6.27 -85.48
CA ASP D 274 -3.18 6.68 -85.73
C ASP D 274 -4.18 5.73 -85.09
N VAL D 275 -5.24 6.30 -84.53
CA VAL D 275 -6.38 5.58 -83.97
C VAL D 275 -7.63 6.10 -84.65
N PRO D 276 -8.31 5.27 -85.46
CA PRO D 276 -9.42 5.78 -86.29
C PRO D 276 -10.67 6.20 -85.53
N GLN D 277 -11.19 5.34 -84.66
CA GLN D 277 -12.38 5.65 -83.86
C GLN D 277 -12.01 5.46 -82.39
N PRO D 278 -11.70 6.53 -81.66
CA PRO D 278 -11.18 6.38 -80.30
C PRO D 278 -12.25 6.22 -79.24
N GLN D 279 -11.90 5.48 -78.20
CA GLN D 279 -12.71 5.33 -77.01
C GLN D 279 -12.16 6.26 -75.94
N LEU D 280 -12.99 7.18 -75.46
CA LEU D 280 -12.51 8.29 -74.66
C LEU D 280 -12.50 7.96 -73.18
N TRP D 281 -11.65 8.67 -72.43
CA TRP D 281 -11.55 8.49 -70.99
C TRP D 281 -12.45 9.51 -70.29
N ASN D 282 -13.10 9.05 -69.23
CA ASN D 282 -13.83 9.90 -68.30
C ASN D 282 -13.93 9.15 -66.98
N ALA D 283 -14.48 9.82 -65.97
CA ALA D 283 -14.46 9.26 -64.62
C ALA D 283 -15.39 8.08 -64.44
N GLU D 284 -16.39 7.94 -65.29
CA GLU D 284 -17.37 6.88 -65.13
C GLU D 284 -17.26 5.80 -66.19
N GLN D 285 -16.42 5.99 -67.22
CA GLN D 285 -16.11 4.94 -68.19
C GLN D 285 -14.62 4.97 -68.46
N PRO D 286 -13.80 4.48 -67.51
CA PRO D 286 -12.34 4.66 -67.65
C PRO D 286 -11.67 3.68 -68.61
N ARG D 287 -11.69 4.02 -69.89
CA ARG D 287 -11.15 3.17 -70.95
C ARG D 287 -9.72 3.57 -71.26
N LEU D 288 -8.81 2.61 -71.26
CA LEU D 288 -7.38 2.89 -71.39
C LEU D 288 -6.74 2.03 -72.48
N TYR D 289 -6.04 2.67 -73.40
CA TYR D 289 -5.18 2.00 -74.35
C TYR D 289 -3.87 1.57 -73.70
N GLU D 290 -3.18 0.63 -74.34
CA GLU D 290 -1.92 0.12 -73.83
C GLU D 290 -0.82 0.35 -74.86
N LEU D 291 0.28 0.97 -74.42
CA LEU D 291 1.44 1.22 -75.28
C LEU D 291 2.63 0.41 -74.77
N ILE D 292 3.26 -0.33 -75.66
CA ILE D 292 4.45 -1.11 -75.33
C ILE D 292 5.60 -0.60 -76.19
N LEU D 293 6.67 -0.17 -75.54
CA LEU D 293 7.91 0.23 -76.18
C LEU D 293 8.98 -0.82 -75.90
N THR D 294 9.74 -1.18 -76.93
CA THR D 294 10.77 -2.20 -76.82
C THR D 294 12.08 -1.65 -77.36
N ALA D 295 13.14 -1.73 -76.56
CA ALA D 295 14.44 -1.22 -76.98
C ALA D 295 15.53 -2.02 -76.27
N GLY D 296 16.31 -2.76 -77.05
CA GLY D 296 17.40 -3.55 -76.52
C GLY D 296 16.92 -4.68 -75.62
N GLN D 297 17.22 -4.58 -74.34
CA GLN D 297 16.74 -5.53 -73.35
C GLN D 297 15.58 -5.00 -72.53
N GLU D 298 15.11 -3.79 -72.82
CA GLU D 298 14.14 -3.12 -71.97
C GLU D 298 12.77 -3.04 -72.64
N VAL D 299 11.74 -3.26 -71.84
CA VAL D 299 10.34 -3.17 -72.27
C VAL D 299 9.62 -2.22 -71.34
N LEU D 300 9.04 -1.16 -71.90
CA LEU D 300 8.32 -0.14 -71.14
C LEU D 300 6.84 -0.20 -71.47
N ARG D 301 6.00 -0.13 -70.44
CA ARG D 301 4.56 -0.23 -70.58
C ARG D 301 3.90 1.06 -70.10
N PHE D 302 3.03 1.63 -70.93
CA PHE D 302 2.30 2.83 -70.60
C PHE D 302 0.82 2.60 -70.83
N ARG D 303 -0.01 3.36 -70.11
CA ARG D 303 -1.46 3.28 -70.22
C ARG D 303 -1.99 4.65 -70.60
N VAL D 304 -2.65 4.72 -71.74
CA VAL D 304 -2.96 5.98 -72.42
C VAL D 304 -4.47 6.21 -72.35
N GLY D 305 -4.87 7.42 -72.01
CA GLY D 305 -6.27 7.78 -72.06
C GLY D 305 -6.52 9.00 -72.92
N PHE D 306 -7.54 8.94 -73.78
CA PHE D 306 -7.81 10.01 -74.74
C PHE D 306 -8.88 10.94 -74.16
N LYS D 307 -8.52 12.19 -73.92
CA LYS D 307 -9.46 13.16 -73.38
C LYS D 307 -9.03 14.56 -73.80
N LYS D 308 -9.96 15.51 -73.66
CA LYS D 308 -9.69 16.90 -73.97
C LYS D 308 -10.39 17.80 -72.97
N VAL D 309 -9.62 18.69 -72.35
CA VAL D 309 -10.11 19.59 -71.31
C VAL D 309 -10.02 21.01 -71.86
N GLU D 310 -11.11 21.78 -71.74
CA GLU D 310 -11.10 23.10 -72.34
C GLU D 310 -12.06 24.04 -71.61
N ILE D 311 -11.97 25.31 -71.97
CA ILE D 311 -12.92 26.35 -71.58
C ILE D 311 -13.32 27.09 -72.84
N THR D 312 -14.63 27.22 -73.09
CA THR D 312 -15.11 27.76 -74.35
C THR D 312 -15.71 29.16 -74.21
N ASP D 313 -16.74 29.32 -73.40
CA ASP D 313 -17.40 30.62 -73.23
C ASP D 313 -17.50 30.96 -71.76
N GLY D 314 -16.45 30.66 -71.00
CA GLY D 314 -16.56 30.65 -69.56
C GLY D 314 -17.18 29.39 -69.02
N ILE D 315 -17.23 28.33 -69.82
CA ILE D 315 -17.84 27.06 -69.43
C ILE D 315 -16.78 25.98 -69.51
N PHE D 316 -16.48 25.38 -68.36
CA PHE D 316 -15.53 24.27 -68.30
C PHE D 316 -16.10 23.04 -68.98
N ARG D 317 -15.32 22.41 -69.86
CA ARG D 317 -15.80 21.26 -70.61
C ARG D 317 -14.76 20.16 -70.66
N ILE D 318 -15.23 18.93 -70.51
CA ILE D 318 -14.43 17.72 -70.72
C ILE D 318 -15.12 16.89 -71.78
N ASN D 319 -14.39 16.61 -72.88
CA ASN D 319 -14.85 15.82 -74.02
C ASN D 319 -16.12 16.38 -74.65
N GLY D 320 -16.18 17.71 -74.76
CA GLY D 320 -17.32 18.37 -75.35
C GLY D 320 -18.47 18.69 -74.42
N ARG D 321 -18.73 17.82 -73.45
CA ARG D 321 -19.83 18.03 -72.51
C ARG D 321 -19.40 18.96 -71.38
N ALA D 322 -20.38 19.66 -70.81
CA ALA D 322 -20.14 20.51 -69.65
C ALA D 322 -20.21 19.66 -68.40
N VAL D 323 -19.14 19.69 -67.60
CA VAL D 323 -18.96 18.81 -66.46
C VAL D 323 -18.86 19.66 -65.20
N LYS D 324 -19.59 19.28 -64.16
CA LYS D 324 -19.47 19.88 -62.84
C LYS D 324 -18.69 18.93 -61.93
N LEU D 325 -17.60 19.42 -61.37
CA LEU D 325 -16.66 18.62 -60.61
C LEU D 325 -17.13 18.55 -59.16
N LYS D 326 -17.29 17.33 -58.64
CA LYS D 326 -17.87 17.08 -57.33
C LYS D 326 -16.84 16.30 -56.53
N GLY D 327 -16.03 17.00 -55.72
CA GLY D 327 -14.87 16.35 -55.14
C GLY D 327 -14.57 16.74 -53.70
N VAL D 328 -13.54 16.09 -53.17
CA VAL D 328 -13.01 16.32 -51.83
C VAL D 328 -11.51 16.56 -51.92
N ASN D 329 -10.93 17.10 -50.86
CA ASN D 329 -9.49 17.21 -50.73
C ASN D 329 -8.97 16.04 -49.90
N ARG D 330 -7.70 15.70 -50.09
CA ARG D 330 -7.17 14.50 -49.46
C ARG D 330 -5.70 14.67 -49.09
N HIS D 331 -5.39 14.48 -47.82
CA HIS D 331 -4.02 14.30 -47.36
C HIS D 331 -3.71 12.81 -47.28
N ASP D 332 -2.46 12.46 -47.55
CA ASP D 332 -1.98 11.13 -47.23
C ASP D 332 -1.73 11.06 -45.73
N SER D 333 -2.60 10.35 -45.01
CA SER D 333 -2.50 10.28 -43.56
C SER D 333 -3.07 8.96 -43.09
N HIS D 334 -2.23 8.16 -42.44
CA HIS D 334 -2.59 6.91 -41.80
C HIS D 334 -2.48 7.07 -40.30
N PRO D 335 -3.43 6.57 -39.51
CA PRO D 335 -3.40 6.81 -38.06
C PRO D 335 -2.33 6.03 -37.31
N GLU D 336 -1.59 5.13 -37.97
CA GLU D 336 -0.52 4.39 -37.32
C GLU D 336 0.82 4.49 -38.03
N LEU D 337 0.86 4.93 -39.28
CA LEU D 337 2.10 4.97 -40.05
C LEU D 337 2.46 6.36 -40.54
N GLY D 338 1.63 7.36 -40.28
CA GLY D 338 1.94 8.70 -40.71
C GLY D 338 1.72 8.92 -42.19
N GLN D 339 2.77 9.22 -42.92
CA GLN D 339 2.69 9.42 -44.37
C GLN D 339 3.14 8.22 -45.16
N THR D 340 3.26 7.06 -44.53
CA THR D 340 3.51 5.80 -45.22
C THR D 340 2.17 5.14 -45.48
N ILE D 341 1.78 5.04 -46.74
CA ILE D 341 0.47 4.55 -47.12
C ILE D 341 0.64 3.26 -47.94
N PRO D 342 0.15 2.12 -47.47
CA PRO D 342 0.13 0.91 -48.29
C PRO D 342 -0.96 0.99 -49.35
N VAL D 343 -0.98 -0.03 -50.23
CA VAL D 343 -1.82 0.01 -51.41
C VAL D 343 -3.29 -0.24 -51.07
N ASN D 344 -3.55 -1.22 -50.19
CA ASN D 344 -4.92 -1.57 -49.84
C ASN D 344 -5.60 -0.45 -49.07
N HIS D 345 -4.84 0.34 -48.33
CA HIS D 345 -5.39 1.51 -47.64
C HIS D 345 -5.76 2.63 -48.62
N MET D 346 -5.16 2.65 -49.81
CA MET D 346 -5.60 3.55 -50.86
C MET D 346 -6.85 3.02 -51.56
N ILE D 347 -6.88 1.70 -51.82
CA ILE D 347 -8.00 1.10 -52.53
C ILE D 347 -9.27 1.18 -51.70
N ALA D 348 -9.15 1.08 -50.37
CA ALA D 348 -10.31 1.22 -49.49
C ALA D 348 -10.87 2.63 -49.54
N ASP D 349 -10.00 3.65 -49.54
CA ASP D 349 -10.45 5.03 -49.66
C ASP D 349 -11.11 5.30 -50.99
N LEU D 350 -10.56 4.74 -52.07
CA LEU D 350 -11.15 4.97 -53.39
C LEU D 350 -12.50 4.29 -53.54
N LYS D 351 -12.65 3.08 -52.98
CA LYS D 351 -13.96 2.42 -53.01
C LYS D 351 -14.98 3.17 -52.18
N LEU D 352 -14.58 3.67 -51.00
CA LEU D 352 -15.51 4.38 -50.14
C LEU D 352 -15.90 5.74 -50.73
N MET D 353 -14.98 6.40 -51.46
CA MET D 353 -15.35 7.62 -52.17
C MET D 353 -16.28 7.32 -53.33
N LYS D 354 -15.99 6.26 -54.09
CA LYS D 354 -16.76 5.99 -55.30
C LYS D 354 -18.17 5.52 -54.97
N ARG D 355 -18.39 4.90 -53.82
CA ARG D 355 -19.75 4.58 -53.41
C ARG D 355 -20.44 5.70 -52.64
N HIS D 356 -19.94 6.94 -52.74
CA HIS D 356 -20.61 8.12 -52.21
C HIS D 356 -20.64 9.24 -53.25
N ASN D 357 -20.70 8.88 -54.53
CA ASN D 357 -21.00 9.77 -55.67
C ASN D 357 -19.92 10.81 -55.93
N ILE D 358 -18.67 10.53 -55.55
CA ILE D 358 -17.56 11.47 -55.72
C ILE D 358 -16.79 11.10 -56.97
N ASN D 359 -16.49 12.09 -57.82
CA ASN D 359 -15.72 11.85 -59.03
C ASN D 359 -14.44 12.67 -59.16
N THR D 360 -14.13 13.53 -58.20
CA THR D 360 -12.95 14.38 -58.27
C THR D 360 -12.18 14.24 -56.97
N ILE D 361 -10.84 14.28 -57.05
CA ILE D 361 -9.97 14.30 -55.89
C ILE D 361 -8.93 15.39 -56.12
N ARG D 362 -8.73 16.25 -55.13
CA ARG D 362 -7.67 17.25 -55.15
C ARG D 362 -6.57 16.84 -54.19
N THR D 363 -5.38 16.58 -54.73
CA THR D 363 -4.23 16.18 -53.92
C THR D 363 -3.77 17.39 -53.14
N SER D 364 -4.14 17.46 -51.86
CA SER D 364 -4.00 18.68 -51.08
C SER D 364 -2.55 18.94 -50.70
N HIS D 365 -1.96 19.93 -51.36
CA HIS D 365 -0.76 20.72 -51.04
C HIS D 365 0.56 20.03 -51.33
N TYR D 366 0.55 18.81 -51.86
CA TYR D 366 1.75 18.11 -52.31
C TYR D 366 1.32 16.98 -53.24
N PRO D 367 2.19 16.55 -54.15
CA PRO D 367 1.86 15.36 -54.95
C PRO D 367 2.00 14.08 -54.15
N ASN D 368 1.17 13.10 -54.49
CA ASN D 368 1.12 11.86 -53.74
C ASN D 368 2.07 10.83 -54.35
N ASP D 369 1.94 9.59 -53.89
CA ASP D 369 2.76 8.49 -54.35
C ASP D 369 2.37 8.15 -55.80
N PRO D 370 3.33 7.71 -56.63
CA PRO D 370 3.03 7.51 -58.06
C PRO D 370 2.06 6.38 -58.37
N LYS D 371 1.73 5.50 -57.43
CA LYS D 371 0.75 4.46 -57.71
C LYS D 371 -0.66 4.83 -57.28
N PHE D 372 -0.81 5.90 -56.51
CA PHE D 372 -2.15 6.45 -56.27
C PHE D 372 -2.76 6.96 -57.56
N LEU D 373 -1.96 7.59 -58.42
CA LEU D 373 -2.45 8.03 -59.71
C LEU D 373 -2.67 6.86 -60.66
N ASP D 374 -1.88 5.79 -60.52
CA ASP D 374 -2.14 4.57 -61.28
C ASP D 374 -3.47 3.94 -60.91
N LEU D 375 -3.83 4.02 -59.62
CA LEU D 375 -5.15 3.54 -59.20
C LEU D 375 -6.26 4.48 -59.66
N CYS D 376 -6.00 5.79 -59.65
CA CYS D 376 -7.02 6.74 -60.08
C CYS D 376 -7.26 6.72 -61.58
N ASP D 377 -6.29 6.23 -62.37
CA ASP D 377 -6.55 6.01 -63.79
C ASP D 377 -7.53 4.86 -64.02
N GLU D 378 -7.57 3.90 -63.10
CA GLU D 378 -8.33 2.66 -63.26
C GLU D 378 -9.74 2.75 -62.69
N PHE D 379 -9.87 3.31 -61.47
CA PHE D 379 -11.18 3.50 -60.87
C PHE D 379 -11.99 4.58 -61.58
N GLY D 380 -11.33 5.68 -61.93
CA GLY D 380 -11.98 6.80 -62.58
C GLY D 380 -12.24 7.95 -61.64
N PHE D 381 -11.34 8.93 -61.64
CA PHE D 381 -11.42 10.12 -60.80
C PHE D 381 -10.71 11.24 -61.53
N TYR D 382 -11.21 12.46 -61.39
CA TYR D 382 -10.52 13.62 -61.93
C TYR D 382 -9.54 14.13 -60.88
N ILE D 383 -8.29 14.36 -61.28
CA ILE D 383 -7.23 14.69 -60.35
C ILE D 383 -6.77 16.12 -60.60
N ILE D 384 -6.79 16.92 -59.53
CA ILE D 384 -6.21 18.24 -59.49
C ILE D 384 -4.91 18.12 -58.69
N ASP D 385 -3.78 18.18 -59.37
CA ASP D 385 -2.50 17.78 -58.81
C ASP D 385 -1.73 19.02 -58.38
N GLU D 386 -1.60 19.22 -57.07
CA GLU D 386 -0.96 20.41 -56.54
C GLU D 386 0.53 20.18 -56.31
N ALA D 387 1.28 21.28 -56.34
CA ALA D 387 2.72 21.25 -56.12
C ALA D 387 3.03 21.43 -54.64
N ASP D 388 4.25 21.06 -54.27
CA ASP D 388 4.70 21.04 -52.88
C ASP D 388 5.22 22.42 -52.52
N LEU D 389 4.30 23.37 -52.33
CA LEU D 389 4.74 24.73 -52.07
C LEU D 389 3.73 25.47 -51.19
N GLU D 390 4.07 25.92 -50.02
CA GLU D 390 3.11 26.53 -49.15
C GLU D 390 3.86 27.51 -48.34
N CYS D 391 4.21 28.61 -48.94
CA CYS D 391 5.01 29.56 -48.28
C CYS D 391 4.09 30.46 -47.61
N HIS D 392 3.45 30.02 -46.54
CA HIS D 392 2.44 30.86 -45.88
C HIS D 392 3.11 32.08 -45.35
N GLY D 393 4.43 32.12 -45.34
CA GLY D 393 5.20 33.32 -45.00
C GLY D 393 4.76 34.19 -43.90
N VAL D 394 4.44 35.42 -44.26
CA VAL D 394 3.93 36.35 -43.27
C VAL D 394 4.81 36.36 -42.00
N HIS D 406 8.93 39.55 -45.09
CA HIS D 406 8.11 38.43 -45.55
C HIS D 406 7.99 38.45 -47.07
N LYS D 407 7.03 37.68 -47.58
CA LYS D 407 6.73 37.56 -49.02
C LYS D 407 7.94 37.06 -49.80
N LEU D 408 8.25 35.78 -49.57
CA LEU D 408 9.23 35.06 -50.37
C LEU D 408 8.83 34.94 -51.83
N SER D 409 7.54 35.08 -52.15
CA SER D 409 7.08 35.01 -53.53
C SER D 409 7.61 36.16 -54.38
N ASN D 410 7.91 37.30 -53.78
CA ASN D 410 8.41 38.45 -54.51
C ASN D 410 9.91 38.64 -54.36
N ASN D 411 10.61 37.65 -53.81
CA ASN D 411 12.05 37.75 -53.60
C ASN D 411 12.74 37.06 -54.76
N PRO D 412 13.49 37.76 -55.60
CA PRO D 412 13.96 37.16 -56.86
C PRO D 412 15.07 36.13 -56.70
N ASP D 413 15.72 36.01 -55.55
CA ASP D 413 16.73 34.99 -55.36
C ASP D 413 16.15 33.70 -54.77
N TRP D 414 14.83 33.59 -54.72
CA TRP D 414 14.13 32.35 -54.41
C TRP D 414 13.51 31.72 -55.64
N LYS D 415 13.78 32.26 -56.83
CA LYS D 415 13.00 31.90 -58.00
C LYS D 415 13.32 30.51 -58.51
N GLU D 416 14.58 30.07 -58.43
CA GLU D 416 14.92 28.73 -58.87
C GLU D 416 14.39 27.65 -57.93
N ALA D 417 14.09 28.00 -56.68
CA ALA D 417 13.46 27.06 -55.77
C ALA D 417 11.97 26.91 -56.06
N PHE D 418 11.31 28.03 -56.36
CA PHE D 418 9.90 28.01 -56.75
C PHE D 418 9.67 27.26 -58.05
N VAL D 419 10.54 27.44 -59.04
CA VAL D 419 10.30 26.88 -60.37
C VAL D 419 10.53 25.37 -60.38
N GLU D 420 11.57 24.88 -59.70
CA GLU D 420 11.89 23.46 -59.79
C GLU D 420 10.86 22.59 -59.09
N ARG D 421 10.12 23.12 -58.12
CA ARG D 421 9.10 22.32 -57.47
C ARG D 421 7.89 22.10 -58.36
N ALA D 422 7.72 22.93 -59.39
CA ALA D 422 6.74 22.65 -60.43
C ALA D 422 7.33 21.83 -61.56
N VAL D 423 8.60 22.05 -61.90
CA VAL D 423 9.24 21.29 -62.97
C VAL D 423 9.35 19.82 -62.60
N ARG D 424 9.72 19.52 -61.35
CA ARG D 424 9.85 18.15 -60.91
C ARG D 424 8.50 17.46 -60.74
N MET D 425 7.43 18.22 -60.49
CA MET D 425 6.11 17.61 -60.41
C MET D 425 5.54 17.32 -61.78
N VAL D 426 5.55 18.31 -62.67
CA VAL D 426 4.91 18.19 -63.98
C VAL D 426 5.63 17.15 -64.83
N GLU D 427 6.95 17.04 -64.69
CA GLU D 427 7.69 16.04 -65.46
C GLU D 427 7.43 14.63 -64.97
N ARG D 428 7.01 14.48 -63.71
CA ARG D 428 6.83 13.15 -63.13
C ARG D 428 5.46 12.57 -63.48
N ASP D 429 4.44 13.42 -63.60
CA ASP D 429 3.05 13.00 -63.70
C ASP D 429 2.39 13.41 -65.01
N LYS D 430 3.15 13.47 -66.09
CA LYS D 430 2.61 14.02 -67.34
C LYS D 430 1.96 12.98 -68.24
N ASN D 431 2.09 11.68 -67.92
CA ASN D 431 1.48 10.63 -68.71
C ASN D 431 0.32 9.96 -67.98
N HIS D 432 -0.34 10.69 -67.09
CA HIS D 432 -1.47 10.14 -66.34
C HIS D 432 -2.77 10.69 -66.90
N ALA D 433 -3.67 9.79 -67.25
CA ALA D 433 -4.92 10.12 -67.92
C ALA D 433 -5.97 10.71 -67.01
N SER D 434 -5.71 10.82 -65.71
CA SER D 434 -6.68 11.34 -64.77
C SER D 434 -6.41 12.78 -64.35
N VAL D 435 -5.17 13.24 -64.50
CA VAL D 435 -4.82 14.59 -64.12
C VAL D 435 -5.41 15.55 -65.14
N ILE D 436 -6.23 16.49 -64.69
CA ILE D 436 -6.87 17.43 -65.58
C ILE D 436 -6.41 18.87 -65.37
N ILE D 437 -5.89 19.22 -64.20
CA ILE D 437 -5.57 20.59 -63.83
C ILE D 437 -4.26 20.58 -63.05
N TRP D 438 -3.29 21.39 -63.49
CA TRP D 438 -2.06 21.60 -62.73
C TRP D 438 -2.27 22.78 -61.79
N SER D 439 -2.12 22.56 -60.49
CA SER D 439 -2.29 23.61 -59.51
C SER D 439 -0.94 23.95 -58.89
N MET D 440 -0.67 25.25 -58.75
CA MET D 440 0.64 25.74 -58.33
C MET D 440 0.77 25.89 -56.83
N GLY D 441 -0.04 25.16 -56.06
CA GLY D 441 0.09 25.14 -54.62
C GLY D 441 -0.84 26.12 -53.93
N ASN D 442 -0.87 25.99 -52.60
CA ASN D 442 -1.69 26.87 -51.76
C ASN D 442 -1.12 28.28 -51.80
N GLU D 443 -1.95 29.22 -52.26
CA GLU D 443 -1.53 30.60 -52.43
C GLU D 443 -2.41 31.51 -51.58
N SER D 444 -1.79 32.31 -50.74
CA SER D 444 -2.44 33.44 -50.10
C SER D 444 -1.79 34.75 -50.50
N GLY D 445 -0.77 34.70 -51.35
CA GLY D 445 -0.11 35.90 -51.83
C GLY D 445 0.24 35.84 -53.30
N TYR D 446 -0.24 36.83 -54.06
CA TYR D 446 0.17 36.99 -55.44
C TYR D 446 1.63 37.43 -55.49
N GLY D 447 2.44 36.70 -56.24
CA GLY D 447 3.87 36.97 -56.27
C GLY D 447 4.44 36.77 -57.66
N ASP D 448 5.69 37.24 -57.82
CA ASP D 448 6.39 37.12 -59.08
C ASP D 448 6.98 35.74 -59.31
N ASN D 449 7.02 34.88 -58.30
CA ASN D 449 7.55 33.55 -58.45
C ASN D 449 6.49 32.51 -58.80
N HIS D 450 5.22 32.78 -58.48
CA HIS D 450 4.17 31.86 -58.89
C HIS D 450 3.86 31.99 -60.39
N ILE D 451 3.99 33.20 -60.93
CA ILE D 451 3.68 33.39 -62.35
C ILE D 451 4.77 32.78 -63.21
N ALA D 452 6.00 32.65 -62.69
CA ALA D 452 7.05 31.96 -63.44
C ALA D 452 6.76 30.46 -63.52
N MET D 453 6.25 29.89 -62.42
CA MET D 453 5.80 28.51 -62.39
C MET D 453 4.67 28.29 -63.39
N ALA D 454 3.70 29.20 -63.41
CA ALA D 454 2.56 29.08 -64.32
C ALA D 454 2.98 29.22 -65.78
N GLU D 455 3.94 30.12 -66.06
CA GLU D 455 4.39 30.29 -67.44
C GLU D 455 5.20 29.11 -67.93
N TRP D 456 6.05 28.53 -67.07
CA TRP D 456 6.77 27.32 -67.47
C TRP D 456 5.81 26.16 -67.69
N THR D 457 4.80 26.02 -66.83
CA THR D 457 3.87 24.91 -66.94
C THR D 457 3.00 25.06 -68.20
N LYS D 458 2.60 26.28 -68.52
CA LYS D 458 1.76 26.50 -69.69
C LYS D 458 2.56 26.38 -70.97
N ALA D 459 3.86 26.73 -70.94
CA ALA D 459 4.69 26.47 -72.10
C ALA D 459 4.98 24.99 -72.28
N ARG D 460 5.12 24.24 -71.18
CA ARG D 460 5.46 22.83 -71.28
C ARG D 460 4.28 21.97 -71.70
N ASP D 461 3.19 22.02 -70.93
CA ASP D 461 2.01 21.18 -71.17
C ASP D 461 0.83 22.10 -71.45
N ALA D 462 0.30 22.00 -72.68
CA ALA D 462 -0.85 22.79 -73.08
C ALA D 462 -2.15 22.00 -73.10
N SER D 463 -2.10 20.70 -72.77
CA SER D 463 -3.28 19.87 -72.79
C SER D 463 -4.09 19.94 -71.49
N ARG D 464 -3.59 20.65 -70.48
CA ARG D 464 -4.26 20.71 -69.19
C ARG D 464 -4.31 22.17 -68.73
N LEU D 465 -5.26 22.45 -67.85
CA LEU D 465 -5.46 23.79 -67.34
C LEU D 465 -4.54 24.04 -66.15
N VAL D 466 -4.26 25.32 -65.89
CA VAL D 466 -3.31 25.73 -64.86
C VAL D 466 -4.06 26.54 -63.81
N HIS D 467 -3.89 26.15 -62.55
CA HIS D 467 -4.59 26.74 -61.41
C HIS D 467 -3.59 27.43 -60.51
N TYR D 468 -3.90 28.66 -60.10
CA TYR D 468 -3.19 29.29 -59.01
C TYR D 468 -4.11 30.30 -58.32
N GLU D 469 -4.08 30.29 -56.99
CA GLU D 469 -5.14 30.86 -56.16
C GLU D 469 -5.06 32.38 -56.07
N GLY D 470 -3.83 32.92 -55.99
CA GLY D 470 -3.65 34.35 -55.78
C GLY D 470 -4.10 35.21 -56.94
N ALA D 471 -4.15 34.65 -58.15
CA ALA D 471 -4.66 35.27 -59.37
C ALA D 471 -3.95 36.59 -59.73
N CYS D 483 -2.79 35.93 -68.28
CA CYS D 483 -3.22 34.72 -68.99
C CYS D 483 -3.69 33.65 -68.01
N LEU D 484 -4.81 33.93 -67.34
CA LEU D 484 -5.38 33.01 -66.37
C LEU D 484 -6.38 32.09 -67.04
N ASP D 485 -6.49 30.87 -66.49
CA ASP D 485 -7.45 29.90 -67.01
C ASP D 485 -8.79 29.99 -66.30
N LEU D 486 -8.79 29.81 -64.97
CA LEU D 486 -10.02 29.77 -64.21
C LEU D 486 -9.87 30.62 -62.96
N ASP D 487 -11.00 31.04 -62.41
CA ASP D 487 -11.04 31.86 -61.20
C ASP D 487 -11.44 31.00 -60.01
N SER D 488 -10.78 31.21 -58.88
CA SER D 488 -10.92 30.37 -57.71
C SER D 488 -11.19 31.20 -56.47
N ARG D 489 -12.03 30.67 -55.59
CA ARG D 489 -12.39 31.34 -54.34
C ARG D 489 -12.37 30.32 -53.21
N MET D 490 -11.70 30.64 -52.11
CA MET D 490 -11.76 29.84 -50.90
C MET D 490 -12.81 30.42 -49.97
N TYR D 491 -13.80 29.60 -49.62
CA TYR D 491 -14.94 29.89 -48.76
C TYR D 491 -15.73 31.14 -49.14
N PRO D 492 -16.51 31.13 -50.21
CA PRO D 492 -17.44 32.23 -50.43
C PRO D 492 -18.69 32.03 -49.58
N SER D 493 -19.54 33.04 -49.60
CA SER D 493 -20.90 32.85 -49.14
C SER D 493 -21.75 32.33 -50.30
N VAL D 494 -22.95 31.86 -49.96
CA VAL D 494 -23.87 31.41 -51.00
C VAL D 494 -24.43 32.60 -51.79
N LYS D 495 -24.44 33.79 -51.18
CA LYS D 495 -24.81 35.00 -51.88
C LYS D 495 -23.72 35.47 -52.83
N GLU D 496 -22.46 35.20 -52.48
CA GLU D 496 -21.33 35.72 -53.26
C GLU D 496 -21.20 35.03 -54.61
N ILE D 497 -21.42 33.71 -54.65
CA ILE D 497 -21.27 33.01 -55.93
C ILE D 497 -22.45 33.28 -56.84
N GLU D 498 -23.65 33.53 -56.30
CA GLU D 498 -24.75 33.93 -57.17
C GLU D 498 -24.69 35.40 -57.53
N ARG D 499 -23.91 36.20 -56.82
CA ARG D 499 -23.53 37.50 -57.37
C ARG D 499 -22.58 37.34 -58.54
N TYR D 500 -21.58 36.45 -58.40
CA TYR D 500 -20.59 36.26 -59.46
C TYR D 500 -21.21 35.67 -60.71
N ALA D 501 -22.23 34.81 -60.56
CA ALA D 501 -22.77 34.11 -61.72
C ALA D 501 -23.62 35.02 -62.60
N LEU D 502 -24.33 35.98 -62.00
CA LEU D 502 -25.23 36.83 -62.77
C LEU D 502 -24.52 38.01 -63.43
N ASP D 503 -23.26 38.25 -63.12
CA ASP D 503 -22.55 39.39 -63.67
C ASP D 503 -22.14 39.12 -65.12
N GLU D 504 -21.93 40.21 -65.86
CA GLU D 504 -21.51 40.14 -67.25
C GLU D 504 -20.01 40.36 -67.44
N ASN D 505 -19.32 40.86 -66.42
CA ASN D 505 -17.88 40.98 -66.44
C ASN D 505 -17.18 39.70 -65.99
N SER D 506 -17.92 38.61 -65.86
CA SER D 506 -17.38 37.31 -65.46
C SER D 506 -17.17 36.50 -66.73
N THR D 507 -15.93 36.44 -67.19
CA THR D 507 -15.59 35.71 -68.41
C THR D 507 -14.96 34.35 -68.12
N LYS D 508 -14.66 34.05 -66.87
CA LYS D 508 -14.04 32.80 -66.47
C LYS D 508 -14.96 32.01 -65.56
N PRO D 509 -14.93 30.67 -65.64
CA PRO D 509 -15.75 29.87 -64.72
C PRO D 509 -15.23 29.92 -63.30
N LEU D 510 -16.13 29.69 -62.36
CA LEU D 510 -15.83 29.80 -60.94
C LEU D 510 -15.75 28.41 -60.32
N PHE D 511 -14.64 28.14 -59.63
CA PHE D 511 -14.39 26.86 -58.99
C PHE D 511 -14.25 27.08 -57.49
N LEU D 512 -15.13 26.46 -56.71
CA LEU D 512 -15.06 26.54 -55.25
C LEU D 512 -13.85 25.75 -54.78
N CYS D 513 -12.86 26.47 -54.25
CA CYS D 513 -11.55 25.87 -54.04
C CYS D 513 -11.54 24.93 -52.84
N GLU D 514 -11.94 25.42 -51.67
CA GLU D 514 -11.91 24.64 -50.42
C GLU D 514 -13.16 24.91 -49.58
N TYR D 515 -14.33 24.87 -50.21
CA TYR D 515 -15.57 25.30 -49.56
C TYR D 515 -16.06 24.30 -48.53
N SER D 516 -16.93 24.78 -47.63
CA SER D 516 -17.70 23.98 -46.65
C SER D 516 -16.79 23.18 -45.71
N HIS D 517 -16.10 23.91 -44.84
CA HIS D 517 -15.25 23.32 -43.81
C HIS D 517 -16.05 22.37 -42.93
N ALA D 518 -15.60 21.12 -42.84
CA ALA D 518 -16.33 20.05 -42.16
C ALA D 518 -15.85 19.82 -40.74
N MET D 519 -15.46 20.88 -40.05
CA MET D 519 -14.88 20.77 -38.73
C MET D 519 -15.98 20.55 -37.69
N GLY D 520 -16.09 19.32 -37.21
CA GLY D 520 -16.99 19.03 -36.11
C GLY D 520 -18.20 18.18 -36.46
N ASN D 521 -19.38 18.73 -36.25
CA ASN D 521 -20.64 17.98 -36.40
C ASN D 521 -21.23 18.20 -37.79
N GLY D 522 -20.44 17.83 -38.80
CA GLY D 522 -20.90 17.85 -40.17
C GLY D 522 -20.90 19.22 -40.79
N PRO D 523 -20.89 19.29 -42.12
CA PRO D 523 -20.98 20.58 -42.81
C PRO D 523 -22.41 21.09 -42.81
N GLY D 524 -22.59 22.34 -42.41
CA GLY D 524 -23.87 22.99 -42.61
C GLY D 524 -24.02 23.48 -44.04
N ASP D 525 -25.24 23.97 -44.32
CA ASP D 525 -25.73 24.64 -45.54
C ASP D 525 -25.12 24.14 -46.84
N LEU D 526 -25.07 22.83 -47.01
CA LEU D 526 -24.43 22.21 -48.17
C LEU D 526 -25.38 22.09 -49.35
N GLN D 527 -26.68 21.97 -49.08
CA GLN D 527 -27.68 22.00 -50.13
C GLN D 527 -27.76 23.37 -50.79
N ASP D 528 -27.44 24.42 -50.03
CA ASP D 528 -27.57 25.79 -50.51
C ASP D 528 -26.56 26.09 -51.62
N TYR D 529 -25.35 25.55 -51.52
CA TYR D 529 -24.37 25.76 -52.59
C TYR D 529 -24.80 25.05 -53.87
N TRP D 530 -25.29 23.83 -53.76
CA TRP D 530 -25.56 23.05 -54.96
C TRP D 530 -26.88 23.42 -55.61
N ASN D 531 -27.81 24.03 -54.87
CA ASN D 531 -29.03 24.57 -55.49
C ASN D 531 -28.73 25.68 -56.48
N VAL D 532 -27.64 26.43 -56.28
CA VAL D 532 -27.26 27.46 -57.23
C VAL D 532 -26.12 27.03 -58.16
N ILE D 533 -25.38 25.97 -57.81
CA ILE D 533 -24.42 25.41 -58.76
C ILE D 533 -25.18 24.71 -59.90
N TYR D 534 -26.25 24.00 -59.58
CA TYR D 534 -27.00 23.26 -60.58
C TYR D 534 -27.73 24.18 -61.56
N ARG D 535 -28.40 25.22 -61.06
CA ARG D 535 -29.22 26.03 -61.95
C ARG D 535 -28.43 27.04 -62.75
N TYR D 536 -27.16 27.24 -62.46
CA TYR D 536 -26.37 28.23 -63.18
C TYR D 536 -25.24 27.57 -63.96
N PRO D 537 -24.93 28.08 -65.15
CA PRO D 537 -23.60 27.85 -65.73
C PRO D 537 -22.60 28.81 -65.11
N LYS D 538 -21.37 28.84 -65.64
CA LYS D 538 -20.22 29.59 -65.10
C LYS D 538 -19.82 29.10 -63.71
N LEU D 539 -20.26 27.91 -63.31
CA LEU D 539 -19.98 27.36 -61.99
C LEU D 539 -19.64 25.89 -62.18
N MET D 540 -18.37 25.55 -62.03
CA MET D 540 -17.85 24.23 -62.38
C MET D 540 -17.72 23.29 -61.18
N GLY D 541 -18.32 23.61 -60.06
CA GLY D 541 -18.30 22.72 -58.91
C GLY D 541 -17.19 23.04 -57.93
N GLY D 542 -16.84 22.06 -57.12
CA GLY D 542 -15.81 22.31 -56.12
C GLY D 542 -15.41 21.09 -55.34
N CYS D 543 -14.53 21.40 -54.35
CA CYS D 543 -13.94 20.41 -53.43
C CYS D 543 -14.16 20.66 -51.92
N VAL D 544 -14.96 19.85 -51.20
CA VAL D 544 -15.21 19.95 -49.71
C VAL D 544 -13.93 19.80 -48.93
N TRP D 545 -13.77 20.48 -47.81
CA TRP D 545 -12.46 20.52 -47.15
C TRP D 545 -11.83 19.23 -46.88
N GLU D 546 -12.17 18.49 -45.85
CA GLU D 546 -11.36 17.31 -45.80
C GLU D 546 -11.95 15.94 -45.86
N TRP D 547 -11.22 14.98 -46.40
CA TRP D 547 -11.65 13.61 -46.40
C TRP D 547 -11.55 13.01 -45.04
N CYS D 548 -10.39 12.90 -44.43
CA CYS D 548 -10.21 12.37 -43.09
C CYS D 548 -9.86 13.17 -41.90
N ASP D 549 -10.03 12.62 -40.70
CA ASP D 549 -9.61 13.23 -39.48
C ASP D 549 -8.17 12.79 -39.29
N HIS D 550 -7.31 13.65 -38.80
CA HIS D 550 -5.92 13.31 -38.74
C HIS D 550 -5.46 12.82 -37.42
N GLY D 551 -6.37 12.57 -36.52
CA GLY D 551 -6.06 12.08 -35.19
C GLY D 551 -5.19 10.84 -35.26
N ILE D 552 -4.18 10.80 -34.40
CA ILE D 552 -3.23 9.69 -34.43
C ILE D 552 -3.55 8.75 -33.28
N ALA D 553 -3.34 7.46 -33.51
CA ALA D 553 -3.79 6.43 -32.57
C ALA D 553 -2.87 6.42 -31.36
N ALA D 554 -3.45 6.56 -30.16
CA ALA D 554 -2.67 6.68 -28.96
C ALA D 554 -3.28 5.83 -27.85
N GLU D 555 -2.41 5.29 -27.01
CA GLU D 555 -2.81 4.55 -25.82
C GLU D 555 -2.88 5.48 -24.62
N THR D 556 -3.70 5.10 -23.67
CA THR D 556 -3.78 5.65 -22.34
C THR D 556 -3.17 4.65 -21.36
N PRO D 557 -2.79 5.07 -20.13
CA PRO D 557 -2.32 4.09 -19.16
C PRO D 557 -3.37 3.14 -18.57
N ASP D 558 -4.60 3.16 -19.07
CA ASP D 558 -5.65 2.26 -18.62
C ASP D 558 -6.06 1.21 -19.64
N GLY D 559 -5.73 1.41 -20.91
CA GLY D 559 -6.04 0.43 -21.94
C GLY D 559 -7.35 0.63 -22.67
N GLN D 560 -7.66 1.87 -23.01
CA GLN D 560 -8.89 2.23 -23.73
C GLN D 560 -8.54 3.17 -24.89
N ARG D 561 -7.63 2.68 -25.75
CA ARG D 561 -6.99 3.34 -26.89
C ARG D 561 -7.92 4.27 -27.67
N TYR D 562 -7.44 5.49 -27.92
CA TYR D 562 -8.24 6.55 -28.51
C TYR D 562 -7.47 7.23 -29.64
N TYR D 563 -8.01 8.31 -30.18
CA TYR D 563 -7.33 9.11 -31.18
C TYR D 563 -7.01 10.47 -30.59
N ALA D 564 -5.73 10.83 -30.61
CA ALA D 564 -5.27 12.10 -30.07
C ALA D 564 -5.09 13.12 -31.18
N TYR D 565 -5.26 14.38 -30.82
CA TYR D 565 -5.04 15.53 -31.67
C TYR D 565 -3.89 16.37 -31.09
N GLY D 566 -3.71 17.55 -31.66
CA GLY D 566 -2.54 18.34 -31.34
C GLY D 566 -2.56 18.89 -29.92
N GLY D 567 -1.38 18.98 -29.33
CA GLY D 567 -1.25 19.43 -27.96
C GLY D 567 -1.27 18.33 -26.91
N ASP D 568 -1.21 17.07 -27.33
CA ASP D 568 -1.23 15.95 -26.40
C ASP D 568 0.15 15.33 -26.21
N PHE D 569 1.21 15.98 -26.71
CA PHE D 569 2.56 15.44 -26.61
C PHE D 569 3.55 16.49 -26.13
N GLY D 570 3.08 17.60 -25.58
CA GLY D 570 3.97 18.66 -25.14
C GLY D 570 4.56 19.48 -26.27
N ASP D 571 3.98 19.41 -27.46
CA ASP D 571 4.51 20.10 -28.62
C ASP D 571 4.06 21.55 -28.67
N GLN D 572 4.96 22.42 -29.10
CA GLN D 572 4.68 23.85 -29.22
C GLN D 572 4.99 24.29 -30.64
N PRO D 573 4.07 24.97 -31.33
CA PRO D 573 2.76 25.42 -30.81
C PRO D 573 1.64 24.42 -31.03
N ASN D 574 0.57 24.52 -30.23
CA ASN D 574 -0.58 23.65 -30.35
C ASN D 574 -1.71 24.31 -31.13
N ASP D 575 -2.20 23.64 -32.18
CA ASP D 575 -3.33 24.13 -32.96
C ASP D 575 -4.21 22.95 -32.79
N ARG D 576 -4.69 22.72 -31.58
CA ARG D 576 -5.43 21.52 -31.23
C ARG D 576 -6.47 20.68 -31.92
N ASN D 577 -7.58 21.25 -32.37
CA ASN D 577 -8.70 20.51 -32.93
C ASN D 577 -8.81 20.98 -34.37
N PHE D 578 -7.87 21.81 -34.84
CA PHE D 578 -7.85 22.23 -36.23
C PHE D 578 -7.47 21.10 -37.19
N CYS D 579 -6.96 19.98 -36.68
CA CYS D 579 -6.54 18.87 -37.51
C CYS D 579 -7.64 17.86 -37.78
N ILE D 580 -8.78 17.94 -37.09
CA ILE D 580 -9.73 16.85 -37.18
C ILE D 580 -10.52 17.00 -38.48
N ASP D 581 -11.44 17.97 -38.53
CA ASP D 581 -12.11 18.58 -39.69
C ASP D 581 -12.31 17.71 -40.94
N GLY D 582 -12.80 16.48 -40.77
CA GLY D 582 -12.88 15.54 -41.86
C GLY D 582 -14.25 14.92 -42.01
N LEU D 583 -14.42 14.18 -43.10
CA LEU D 583 -15.68 13.52 -43.40
C LEU D 583 -15.74 12.07 -42.94
N VAL D 584 -14.59 11.46 -42.63
CA VAL D 584 -14.55 10.10 -42.10
C VAL D 584 -13.73 10.09 -40.82
N PHE D 585 -13.99 9.08 -39.99
CA PHE D 585 -13.17 8.82 -38.82
C PHE D 585 -11.80 8.30 -39.24
N PRO D 586 -10.79 8.36 -38.36
CA PRO D 586 -9.46 7.84 -38.73
C PRO D 586 -9.40 6.35 -39.01
N ASP D 587 -10.34 5.56 -38.51
CA ASP D 587 -10.49 4.17 -38.94
C ASP D 587 -11.48 4.01 -40.09
N ARG D 588 -11.73 5.10 -40.82
CA ARG D 588 -12.50 5.13 -42.07
C ARG D 588 -13.95 4.71 -41.88
N ARG D 589 -14.53 5.11 -40.75
CA ARG D 589 -15.97 5.04 -40.58
C ARG D 589 -16.61 6.35 -41.04
N PRO D 590 -17.71 6.30 -41.78
CA PRO D 590 -18.31 7.54 -42.26
C PRO D 590 -19.01 8.33 -41.16
N HIS D 591 -18.79 9.63 -41.16
CA HIS D 591 -19.62 10.55 -40.39
C HIS D 591 -20.98 10.71 -41.06
N THR D 592 -21.86 11.48 -40.42
CA THR D 592 -23.10 11.85 -41.07
C THR D 592 -22.90 12.91 -42.15
N GLY D 593 -21.71 13.50 -42.25
CA GLY D 593 -21.43 14.45 -43.30
C GLY D 593 -21.16 13.85 -44.66
N LEU D 594 -20.79 12.58 -44.73
CA LEU D 594 -20.73 11.91 -46.03
C LEU D 594 -22.12 11.64 -46.58
N LEU D 595 -23.07 11.33 -45.72
CA LEU D 595 -24.40 10.97 -46.22
C LEU D 595 -25.13 12.21 -46.73
N GLU D 596 -24.86 13.36 -46.12
CA GLU D 596 -25.36 14.64 -46.62
C GLU D 596 -24.82 14.92 -48.01
N LEU D 597 -23.52 14.77 -48.19
CA LEU D 597 -22.89 14.98 -49.48
C LEU D 597 -23.40 13.99 -50.52
N LYS D 598 -23.55 12.73 -50.13
CA LYS D 598 -24.03 11.67 -51.01
C LYS D 598 -25.43 11.98 -51.54
N GLN D 599 -26.30 12.50 -50.68
CA GLN D 599 -27.62 12.87 -51.18
C GLN D 599 -27.58 14.14 -52.02
N VAL D 600 -26.72 15.10 -51.66
CA VAL D 600 -26.70 16.37 -52.36
C VAL D 600 -26.18 16.23 -53.79
N ILE D 601 -25.11 15.47 -53.99
CA ILE D 601 -24.48 15.39 -55.31
C ILE D 601 -24.89 14.13 -56.06
N ALA D 602 -26.05 13.56 -55.74
CA ALA D 602 -26.51 12.34 -56.40
C ALA D 602 -26.88 12.63 -57.86
N PRO D 603 -26.56 11.73 -58.78
CA PRO D 603 -26.70 12.04 -60.21
C PRO D 603 -28.08 11.76 -60.79
N VAL D 604 -29.09 11.57 -59.95
CA VAL D 604 -30.46 11.32 -60.39
C VAL D 604 -31.38 12.19 -59.55
N LEU D 605 -32.24 12.97 -60.20
CA LEU D 605 -33.25 13.77 -59.52
C LEU D 605 -34.63 13.24 -59.83
N ILE D 606 -35.52 13.22 -58.85
CA ILE D 606 -36.92 12.84 -59.03
C ILE D 606 -37.79 13.94 -58.46
N GLU D 607 -38.75 14.40 -59.25
CA GLU D 607 -39.67 15.45 -58.81
C GLU D 607 -41.07 15.16 -59.31
N ALA D 608 -42.04 15.94 -58.81
CA ALA D 608 -43.45 15.60 -58.94
C ALA D 608 -44.04 16.09 -60.26
N GLU D 609 -44.94 15.26 -60.81
CA GLU D 609 -45.57 15.47 -62.11
C GLU D 609 -47.06 15.13 -61.96
N ASP D 610 -47.74 15.83 -61.03
CA ASP D 610 -49.09 15.54 -60.55
C ASP D 610 -49.14 14.16 -59.87
N VAL D 611 -48.55 14.17 -58.67
CA VAL D 611 -48.37 12.99 -57.80
C VAL D 611 -49.66 12.26 -57.46
N ALA D 612 -50.83 12.89 -57.62
CA ALA D 612 -52.10 12.22 -57.36
C ALA D 612 -52.37 11.09 -58.34
N GLN D 613 -51.99 11.27 -59.60
CA GLN D 613 -52.06 10.17 -60.56
C GLN D 613 -50.93 9.17 -60.33
N GLY D 614 -49.73 9.67 -60.07
CA GLY D 614 -48.59 8.80 -59.83
C GLY D 614 -47.50 8.97 -60.87
N ARG D 615 -47.39 10.16 -61.45
CA ARG D 615 -46.44 10.43 -62.52
C ARG D 615 -45.30 11.29 -62.00
N PHE D 616 -44.09 11.00 -62.46
CA PHE D 616 -42.89 11.59 -61.88
C PHE D 616 -41.86 11.92 -62.95
N ARG D 617 -41.21 13.07 -62.80
CA ARG D 617 -40.09 13.47 -63.65
C ARG D 617 -38.80 12.92 -63.06
N VAL D 618 -37.99 12.29 -63.92
CA VAL D 618 -36.70 11.75 -63.54
C VAL D 618 -35.65 12.44 -64.41
N LEU D 619 -34.79 13.22 -63.77
CA LEU D 619 -33.72 13.96 -64.45
C LEU D 619 -32.39 13.22 -64.30
N ASN D 620 -31.70 13.05 -65.41
CA ASN D 620 -30.37 12.47 -65.46
C ASN D 620 -29.35 13.59 -65.24
N ARG D 621 -28.52 13.44 -64.22
CA ARG D 621 -27.43 14.35 -63.94
C ARG D 621 -26.06 13.72 -64.15
N TYR D 622 -26.00 12.57 -64.80
CA TYR D 622 -24.72 12.10 -65.30
C TYR D 622 -24.27 12.96 -66.47
N ASP D 623 -22.98 12.88 -66.78
CA ASP D 623 -22.43 13.62 -67.90
C ASP D 623 -22.30 12.77 -69.16
N PHE D 624 -22.10 11.47 -69.00
CA PHE D 624 -21.85 10.59 -70.14
C PHE D 624 -22.63 9.29 -70.06
N SER D 625 -23.37 9.04 -68.99
CA SER D 625 -24.01 7.74 -68.77
C SER D 625 -25.53 7.88 -68.80
N ASN D 626 -26.18 6.94 -69.48
CA ASN D 626 -27.61 6.82 -69.39
C ASN D 626 -28.01 6.05 -68.12
N LEU D 627 -29.31 6.02 -67.85
CA LEU D 627 -29.81 5.47 -66.60
C LEU D 627 -30.27 4.03 -66.73
N SER D 628 -29.68 3.27 -67.66
CA SER D 628 -30.17 1.92 -67.94
C SER D 628 -29.80 0.91 -66.87
N HIS D 629 -28.96 1.28 -65.92
CA HIS D 629 -28.51 0.39 -64.86
C HIS D 629 -29.22 0.67 -63.54
N LEU D 630 -30.32 1.42 -63.56
CA LEU D 630 -30.97 1.87 -62.34
C LEU D 630 -32.46 1.56 -62.40
N ALA D 631 -33.08 1.49 -61.23
CA ALA D 631 -34.53 1.43 -61.16
C ALA D 631 -34.98 2.11 -59.88
N VAL D 632 -36.28 2.27 -59.75
CA VAL D 632 -36.89 2.99 -58.64
C VAL D 632 -37.75 2.02 -57.86
N SER D 633 -37.42 1.85 -56.57
CA SER D 633 -38.25 1.07 -55.66
C SER D 633 -39.09 2.05 -54.84
N TRP D 634 -40.41 1.92 -54.94
CA TRP D 634 -41.31 2.85 -54.27
C TRP D 634 -42.05 2.14 -53.15
N LYS D 635 -42.62 2.95 -52.26
CA LYS D 635 -43.22 2.43 -51.04
C LYS D 635 -44.20 3.46 -50.46
N LEU D 636 -45.46 3.07 -50.29
CA LEU D 636 -46.44 3.88 -49.58
C LEU D 636 -46.53 3.43 -48.12
N GLU D 637 -46.58 4.40 -47.22
CA GLU D 637 -46.70 4.03 -45.82
C GLU D 637 -47.49 5.09 -45.07
N GLN D 638 -48.00 4.69 -43.92
CA GLN D 638 -48.71 5.57 -43.00
C GLN D 638 -48.14 5.35 -41.61
N GLU D 639 -47.55 6.42 -41.05
CA GLU D 639 -46.93 6.45 -39.72
C GLU D 639 -45.88 5.35 -39.58
N GLY D 640 -45.10 5.14 -40.63
CA GLY D 640 -44.08 4.13 -40.65
C GLY D 640 -44.55 2.72 -40.94
N ASP D 641 -45.83 2.51 -41.23
CA ASP D 641 -46.35 1.19 -41.51
C ASP D 641 -46.70 1.08 -42.99
N VAL D 642 -46.14 0.07 -43.66
CA VAL D 642 -46.20 -0.02 -45.11
C VAL D 642 -47.55 -0.54 -45.56
N LEU D 643 -48.11 0.08 -46.62
CA LEU D 643 -49.36 -0.36 -47.23
C LEU D 643 -49.14 -1.07 -48.56
N GLN D 644 -48.44 -0.42 -49.48
CA GLN D 644 -48.19 -0.95 -50.81
C GLN D 644 -46.71 -0.75 -51.16
N GLN D 645 -46.20 -1.60 -52.05
CA GLN D 645 -44.84 -1.41 -52.53
C GLN D 645 -44.68 -2.05 -53.89
N GLY D 646 -43.61 -1.66 -54.59
CA GLY D 646 -43.33 -2.19 -55.90
C GLY D 646 -42.01 -1.67 -56.41
N ARG D 647 -41.72 -1.99 -57.67
CA ARG D 647 -40.50 -1.53 -58.32
C ARG D 647 -40.81 -1.25 -59.79
N SER D 648 -40.23 -0.17 -60.31
CA SER D 648 -40.39 0.13 -61.73
C SER D 648 -39.55 -0.81 -62.57
N GLY D 649 -39.75 -0.75 -63.89
CA GLY D 649 -38.98 -1.62 -64.76
C GLY D 649 -37.52 -1.24 -64.88
N LEU D 650 -37.24 -0.16 -65.61
CA LEU D 650 -35.89 0.40 -65.76
C LEU D 650 -36.03 1.84 -66.22
N LEU D 651 -34.91 2.56 -66.13
CA LEU D 651 -34.84 3.95 -66.54
C LEU D 651 -34.02 4.03 -67.82
N THR D 652 -34.26 5.08 -68.62
CA THR D 652 -33.69 5.15 -69.96
C THR D 652 -33.10 6.50 -70.36
N ALA D 653 -33.02 7.47 -69.45
CA ALA D 653 -32.75 8.84 -69.84
C ALA D 653 -31.30 9.06 -70.25
N ALA D 654 -31.11 9.74 -71.37
CA ALA D 654 -29.79 10.18 -71.83
C ALA D 654 -29.28 11.30 -70.93
N PRO D 655 -27.97 11.55 -70.90
CA PRO D 655 -27.42 12.61 -70.02
C PRO D 655 -27.97 14.00 -70.30
N GLY D 656 -28.59 14.57 -69.27
CA GLY D 656 -29.19 15.89 -69.35
C GLY D 656 -30.67 15.90 -69.67
N GLU D 657 -31.31 14.74 -69.79
CA GLU D 657 -32.67 14.66 -70.28
C GLU D 657 -33.59 14.13 -69.19
N THR D 658 -34.89 14.33 -69.41
CA THR D 658 -35.92 14.05 -68.41
C THR D 658 -36.85 12.97 -68.92
N GLU D 659 -37.14 11.99 -68.08
CA GLU D 659 -38.02 10.86 -68.36
C GLU D 659 -39.27 11.00 -67.48
N ILE D 660 -40.38 10.43 -67.94
CA ILE D 660 -41.60 10.37 -67.13
C ILE D 660 -41.85 8.92 -66.75
N ILE D 661 -41.98 8.66 -65.45
CA ILE D 661 -42.33 7.34 -64.97
C ILE D 661 -43.69 7.40 -64.30
N SER D 662 -44.33 6.24 -64.20
CA SER D 662 -45.67 6.13 -63.61
C SER D 662 -45.70 4.95 -62.66
N LEU D 663 -46.10 5.22 -61.40
CA LEU D 663 -46.09 4.19 -60.37
C LEU D 663 -47.49 3.68 -60.10
N PRO D 664 -47.70 2.38 -60.04
CA PRO D 664 -49.06 1.82 -60.10
C PRO D 664 -49.82 1.81 -58.77
N TYR D 665 -49.44 2.62 -57.79
CA TYR D 665 -50.12 2.59 -56.49
C TYR D 665 -51.54 3.13 -56.59
N ASP D 666 -52.36 2.74 -55.63
CA ASP D 666 -53.80 2.99 -55.64
C ASP D 666 -54.16 3.82 -54.41
N LEU D 667 -54.78 4.97 -54.64
CA LEU D 667 -55.20 5.85 -53.56
C LEU D 667 -56.59 5.52 -53.02
N THR D 668 -57.36 4.69 -53.73
CA THR D 668 -58.70 4.35 -53.25
C THR D 668 -58.63 3.42 -52.05
N VAL D 669 -57.80 2.37 -52.14
CA VAL D 669 -57.69 1.40 -51.06
C VAL D 669 -56.92 1.99 -49.88
N ALA D 670 -55.88 2.75 -50.16
CA ALA D 670 -54.95 3.20 -49.13
C ALA D 670 -55.53 4.29 -48.25
N GLN D 671 -56.29 5.23 -48.84
CA GLN D 671 -56.78 6.37 -48.07
C GLN D 671 -57.91 5.98 -47.13
N GLU D 672 -58.65 4.92 -47.45
CA GLU D 672 -59.74 4.46 -46.59
C GLU D 672 -59.27 3.41 -45.59
N GLU D 673 -58.19 3.71 -44.87
CA GLU D 673 -57.69 2.82 -43.83
C GLU D 673 -57.71 3.49 -42.46
N GLY D 674 -57.10 4.67 -42.31
CA GLY D 674 -57.11 5.37 -41.04
C GLY D 674 -57.26 6.88 -41.17
N THR D 675 -57.35 7.41 -42.40
CA THR D 675 -57.52 8.83 -42.72
C THR D 675 -56.41 9.69 -42.11
N GLY D 676 -55.18 9.40 -42.55
CA GLY D 676 -54.03 10.19 -42.17
C GLY D 676 -53.23 10.61 -43.39
N PRO D 677 -52.17 11.39 -43.17
CA PRO D 677 -51.28 11.72 -44.29
C PRO D 677 -50.40 10.53 -44.64
N LEU D 678 -50.27 10.28 -45.94
CA LEU D 678 -49.48 9.15 -46.43
C LEU D 678 -48.14 9.64 -46.96
N THR D 679 -47.14 8.78 -46.91
CA THR D 679 -45.80 9.13 -47.36
C THR D 679 -45.36 8.11 -48.40
N LEU D 680 -44.96 8.62 -49.57
CA LEU D 680 -44.37 7.80 -50.61
C LEU D 680 -42.86 8.00 -50.57
N THR D 681 -42.12 6.91 -50.66
CA THR D 681 -40.66 6.93 -50.72
C THR D 681 -40.23 6.26 -52.03
N CYS D 682 -39.39 6.95 -52.79
CA CYS D 682 -38.85 6.44 -54.04
C CYS D 682 -37.33 6.39 -53.90
N SER D 683 -36.76 5.20 -53.96
CA SER D 683 -35.33 5.01 -53.80
C SER D 683 -34.73 4.50 -55.09
N VAL D 684 -33.68 5.18 -55.57
CA VAL D 684 -33.01 4.84 -56.81
C VAL D 684 -31.94 3.80 -56.48
N ARG D 685 -32.16 2.56 -56.91
CA ARG D 685 -31.26 1.47 -56.60
C ARG D 685 -30.71 0.89 -57.88
N GLN D 686 -29.44 0.49 -57.84
CA GLN D 686 -28.78 0.00 -59.03
C GLN D 686 -29.15 -1.46 -59.26
N GLN D 687 -28.63 -2.03 -60.34
CA GLN D 687 -29.09 -3.34 -60.81
C GLN D 687 -27.99 -4.36 -61.01
N LEU D 688 -26.73 -3.95 -61.11
CA LEU D 688 -25.63 -4.85 -61.36
C LEU D 688 -24.54 -4.62 -60.32
N ASP D 689 -23.68 -5.61 -60.14
CA ASP D 689 -22.59 -5.48 -59.19
C ASP D 689 -21.48 -4.63 -59.78
N THR D 690 -21.24 -3.48 -59.18
CA THR D 690 -20.04 -2.70 -59.44
C THR D 690 -18.90 -3.29 -58.62
N PRO D 691 -17.64 -2.93 -58.91
CA PRO D 691 -16.53 -3.38 -58.05
C PRO D 691 -16.56 -2.78 -56.64
N TRP D 692 -17.38 -1.76 -56.38
CA TRP D 692 -17.45 -1.14 -55.07
C TRP D 692 -18.78 -1.35 -54.36
N ALA D 693 -19.80 -1.87 -55.05
CA ALA D 693 -21.12 -2.02 -54.43
C ALA D 693 -21.85 -3.19 -55.07
N GLU D 694 -22.81 -3.72 -54.33
CA GLU D 694 -23.54 -4.93 -54.70
C GLU D 694 -24.76 -4.56 -55.55
N GLU D 695 -25.70 -5.50 -55.70
CA GLU D 695 -26.80 -5.32 -56.64
C GLU D 695 -27.79 -4.28 -56.16
N GLY D 696 -28.40 -4.47 -55.00
CA GLY D 696 -29.48 -3.59 -54.61
C GLY D 696 -29.08 -2.32 -53.89
N TYR D 697 -27.91 -1.79 -54.20
CA TYR D 697 -27.37 -0.65 -53.46
C TYR D 697 -28.02 0.65 -53.90
N GLU D 698 -28.28 1.52 -52.93
CA GLU D 698 -29.08 2.71 -53.12
C GLU D 698 -28.22 3.93 -53.38
N ILE D 699 -28.60 4.72 -54.37
CA ILE D 699 -27.89 5.95 -54.72
C ILE D 699 -28.57 7.18 -54.17
N ALA D 700 -29.90 7.27 -54.29
CA ALA D 700 -30.62 8.45 -53.84
C ALA D 700 -32.00 8.02 -53.34
N PHE D 701 -32.64 8.93 -52.61
CA PHE D 701 -34.01 8.72 -52.15
C PHE D 701 -34.76 10.04 -52.23
N TYR D 702 -36.06 9.95 -52.47
CA TYR D 702 -36.92 11.13 -52.54
C TYR D 702 -38.26 10.78 -51.93
N GLN D 703 -38.75 11.62 -51.04
CA GLN D 703 -40.03 11.39 -50.38
C GLN D 703 -41.06 12.44 -50.76
N PHE D 704 -42.33 12.03 -50.73
CA PHE D 704 -43.44 12.85 -51.18
C PHE D 704 -44.63 12.66 -50.24
N GLU D 705 -45.27 13.76 -49.87
CA GLU D 705 -46.45 13.71 -49.02
C GLU D 705 -47.71 13.58 -49.87
N LEU D 706 -48.64 12.75 -49.41
CA LEU D 706 -49.90 12.54 -50.10
C LEU D 706 -51.04 12.81 -49.12
N PRO D 707 -51.91 13.78 -49.42
CA PRO D 707 -53.01 14.08 -48.49
C PRO D 707 -54.12 13.05 -48.59
N GLY D 708 -54.63 12.66 -47.42
CA GLY D 708 -55.73 11.70 -47.33
C GLY D 708 -56.49 11.89 -46.03
N GLN D 719 -63.51 9.54 -18.05
CA GLN D 719 -64.22 8.67 -18.97
C GLN D 719 -65.69 8.54 -18.56
N SER D 720 -66.52 9.44 -19.11
CA SER D 720 -67.97 9.51 -18.89
C SER D 720 -68.31 9.68 -17.41
N GLU D 721 -67.49 10.46 -16.70
CA GLU D 721 -67.56 10.69 -15.25
C GLU D 721 -67.49 9.36 -14.49
N GLU D 722 -66.31 8.76 -14.58
CA GLU D 722 -65.98 7.59 -13.78
C GLU D 722 -64.67 7.71 -13.03
N TYR D 723 -63.75 8.55 -13.47
CA TYR D 723 -62.42 8.63 -12.88
C TYR D 723 -62.11 10.01 -12.34
N ALA D 724 -63.09 10.91 -12.29
CA ALA D 724 -62.91 12.21 -11.69
C ALA D 724 -63.13 12.20 -10.19
N GLY D 725 -63.59 11.09 -9.61
CA GLY D 725 -63.79 10.99 -8.19
C GLY D 725 -62.60 10.47 -7.41
N PHE D 726 -61.57 10.00 -8.10
CA PHE D 726 -60.35 9.51 -7.47
C PHE D 726 -59.27 10.58 -7.41
N MET D 727 -59.59 11.81 -7.78
CA MET D 727 -58.62 12.89 -7.87
C MET D 727 -58.49 13.55 -6.49
N THR D 728 -57.34 13.40 -5.85
CA THR D 728 -57.06 14.03 -4.57
C THR D 728 -55.81 14.89 -4.67
N ILE D 729 -55.83 16.00 -3.94
CA ILE D 729 -54.79 17.03 -3.99
C ILE D 729 -54.43 17.41 -2.57
N ASP D 730 -53.13 17.48 -2.25
CA ASP D 730 -52.71 18.10 -1.00
C ASP D 730 -51.39 18.84 -1.20
N GLU D 731 -51.05 19.63 -0.19
CA GLU D 731 -49.86 20.48 -0.22
C GLU D 731 -49.22 20.53 1.15
N GLN D 732 -47.96 20.13 1.24
CA GLN D 732 -47.16 20.28 2.45
C GLN D 732 -45.78 20.76 2.08
N ASP D 733 -45.35 21.86 2.72
CA ASP D 733 -44.02 22.46 2.54
C ASP D 733 -43.76 22.88 1.11
N GLY D 734 -44.79 23.30 0.39
CA GLY D 734 -44.67 23.69 -1.00
C GLY D 734 -44.70 22.54 -1.99
N MET D 735 -44.85 21.31 -1.53
CA MET D 735 -44.91 20.14 -2.41
C MET D 735 -46.36 19.82 -2.70
N LEU D 736 -46.79 20.07 -3.93
CA LEU D 736 -48.16 19.77 -4.34
C LEU D 736 -48.22 18.34 -4.84
N THR D 737 -48.89 17.47 -4.11
CA THR D 737 -49.06 16.09 -4.50
C THR D 737 -50.47 15.88 -5.04
N VAL D 738 -50.54 15.31 -6.25
CA VAL D 738 -51.78 15.06 -6.95
C VAL D 738 -51.87 13.55 -7.19
N ARG D 739 -52.81 12.89 -6.54
CA ARG D 739 -53.09 11.48 -6.78
C ARG D 739 -54.36 11.35 -7.62
N GLY D 740 -54.40 10.30 -8.42
CA GLY D 740 -55.52 10.03 -9.29
C GLY D 740 -55.93 8.57 -9.21
N PHE D 741 -56.45 8.06 -10.32
CA PHE D 741 -56.92 6.69 -10.37
C PHE D 741 -55.76 5.71 -10.37
N ASP D 742 -54.76 5.95 -11.21
CA ASP D 742 -53.60 5.07 -11.28
C ASP D 742 -52.30 5.86 -11.47
N PHE D 743 -52.20 7.03 -10.85
CA PHE D 743 -50.98 7.82 -10.97
C PHE D 743 -50.76 8.61 -9.69
N GLU D 744 -49.56 9.19 -9.57
CA GLU D 744 -49.25 10.11 -8.49
C GLU D 744 -48.12 11.03 -8.93
N HIS D 745 -48.37 12.33 -8.87
CA HIS D 745 -47.45 13.34 -9.40
C HIS D 745 -47.16 14.35 -8.32
N VAL D 746 -45.89 14.66 -8.13
CA VAL D 746 -45.45 15.60 -7.10
C VAL D 746 -44.75 16.77 -7.78
N PHE D 747 -45.34 17.96 -7.65
CA PHE D 747 -44.81 19.21 -8.14
C PHE D 747 -44.19 19.99 -7.00
N ASP D 748 -43.12 20.73 -7.31
CA ASP D 748 -42.53 21.66 -6.37
C ASP D 748 -43.04 23.05 -6.71
N LEU D 749 -43.88 23.61 -5.85
CA LEU D 749 -44.51 24.90 -6.16
C LEU D 749 -43.52 26.05 -6.06
N LYS D 750 -42.47 25.91 -5.26
CA LYS D 750 -41.54 27.01 -5.09
C LYS D 750 -40.45 27.05 -6.15
N LYS D 751 -40.41 26.06 -7.05
CA LYS D 751 -39.54 26.13 -8.21
C LYS D 751 -40.28 25.96 -9.53
N GLY D 752 -41.58 25.68 -9.49
CA GLY D 752 -42.39 25.63 -10.70
C GLY D 752 -42.11 24.47 -11.61
N MET D 753 -41.72 23.32 -11.05
CA MET D 753 -41.30 22.17 -11.82
C MET D 753 -41.86 20.89 -11.22
N PRO D 754 -42.16 19.89 -12.04
CA PRO D 754 -42.49 18.58 -11.50
C PRO D 754 -41.27 17.88 -10.93
N GLN D 755 -41.47 17.21 -9.81
CA GLN D 755 -40.41 16.46 -9.15
C GLN D 755 -40.58 14.95 -9.29
N GLN D 756 -41.79 14.44 -9.12
CA GLN D 756 -42.05 13.01 -9.23
C GLN D 756 -43.21 12.77 -10.18
N VAL D 757 -43.07 11.78 -11.06
CA VAL D 757 -44.13 11.33 -11.94
C VAL D 757 -44.23 9.82 -11.80
N SER D 758 -45.39 9.31 -11.43
CA SER D 758 -45.57 7.88 -11.25
C SER D 758 -46.74 7.37 -12.08
N LYS D 759 -46.69 6.07 -12.37
CA LYS D 759 -47.76 5.40 -13.12
C LYS D 759 -47.74 3.95 -12.68
N HIS D 760 -48.82 3.51 -12.03
CA HIS D 760 -48.94 2.19 -11.39
C HIS D 760 -47.82 1.96 -10.37
N GLY D 761 -47.42 3.03 -9.68
CA GLY D 761 -46.37 2.95 -8.69
C GLY D 761 -44.97 3.03 -9.22
N VAL D 762 -44.77 3.00 -10.54
CA VAL D 762 -43.45 3.01 -11.14
C VAL D 762 -42.94 4.44 -11.20
N PRO D 763 -41.77 4.74 -10.64
CA PRO D 763 -41.23 6.10 -10.77
C PRO D 763 -40.66 6.33 -12.16
N LEU D 764 -40.91 7.53 -12.69
CA LEU D 764 -40.53 7.85 -14.06
C LEU D 764 -39.62 9.06 -14.19
N LEU D 765 -39.48 9.88 -13.16
CA LEU D 765 -38.45 10.92 -13.10
C LEU D 765 -37.48 10.63 -11.97
N ALA D 766 -36.21 10.90 -12.20
CA ALA D 766 -35.20 10.68 -11.17
C ALA D 766 -34.95 11.91 -10.32
N SER D 767 -35.08 13.11 -10.89
CA SER D 767 -34.86 14.33 -10.14
C SER D 767 -35.74 15.44 -10.73
N LEU D 768 -35.45 16.67 -10.35
CA LEU D 768 -36.28 17.80 -10.73
C LEU D 768 -36.02 18.19 -12.18
N ALA D 769 -37.08 18.57 -12.89
CA ALA D 769 -36.97 19.06 -14.24
C ALA D 769 -36.39 20.47 -14.25
N ARG D 770 -35.94 20.93 -15.42
CA ARG D 770 -35.57 22.34 -15.54
C ARG D 770 -35.74 22.80 -16.98
N PHE D 771 -35.61 24.11 -17.17
CA PHE D 771 -35.45 24.68 -18.50
C PHE D 771 -33.96 24.82 -18.79
N ASN D 772 -33.59 24.63 -20.05
CA ASN D 772 -32.20 24.60 -20.46
C ASN D 772 -32.03 25.48 -21.69
N ILE D 773 -31.01 26.33 -21.68
CA ILE D 773 -30.70 27.22 -22.79
C ILE D 773 -29.24 27.08 -23.21
N TRP D 774 -28.61 25.96 -22.86
CA TRP D 774 -27.20 25.75 -23.16
C TRP D 774 -26.99 24.40 -23.81
N ARG D 775 -26.16 24.37 -24.85
CA ARG D 775 -25.72 23.13 -25.47
C ARG D 775 -24.20 23.10 -25.43
N ALA D 776 -23.64 21.91 -25.60
CA ALA D 776 -22.20 21.79 -25.72
C ALA D 776 -21.78 22.37 -27.07
N PRO D 777 -20.87 23.33 -27.10
CA PRO D 777 -20.59 24.04 -28.35
C PRO D 777 -19.86 23.16 -29.36
N MET D 778 -20.27 23.27 -30.61
CA MET D 778 -19.70 22.49 -31.70
C MET D 778 -18.38 23.13 -32.13
N ASP D 779 -17.71 22.49 -33.08
CA ASP D 779 -16.48 23.07 -33.61
C ASP D 779 -16.75 24.18 -34.62
N ASN D 780 -17.96 24.28 -35.14
CA ASN D 780 -18.37 25.43 -35.93
C ASN D 780 -18.88 26.58 -35.07
N ASP D 781 -18.72 26.50 -33.76
CA ASP D 781 -19.11 27.55 -32.83
C ASP D 781 -17.90 28.10 -32.10
N MET D 782 -16.78 28.29 -32.81
CA MET D 782 -15.59 28.82 -32.14
C MET D 782 -15.65 30.33 -31.96
N ASN D 783 -16.43 31.03 -32.77
CA ASN D 783 -16.50 32.48 -32.67
C ASN D 783 -17.66 32.95 -31.80
N ILE D 784 -18.79 32.24 -31.86
CA ILE D 784 -19.97 32.64 -31.09
C ILE D 784 -19.87 32.20 -29.64
N ARG D 785 -18.94 31.28 -29.32
CA ARG D 785 -18.82 30.78 -27.95
C ARG D 785 -18.27 31.85 -27.01
N LYS D 786 -17.44 32.75 -27.53
CA LYS D 786 -16.92 33.83 -26.70
C LYS D 786 -18.02 34.82 -26.30
N GLU D 787 -18.98 35.05 -27.18
CA GLU D 787 -20.11 35.91 -26.83
C GLU D 787 -21.09 35.22 -25.89
N TRP D 788 -21.27 33.91 -26.06
CA TRP D 788 -22.14 33.15 -25.16
C TRP D 788 -21.56 33.07 -23.76
N GLU D 789 -20.25 32.80 -23.65
CA GLU D 789 -19.62 32.73 -22.34
C GLU D 789 -19.42 34.11 -21.73
N ALA D 790 -19.24 35.14 -22.56
CA ALA D 790 -19.11 36.49 -22.04
C ALA D 790 -20.45 37.03 -21.56
N ALA D 791 -21.55 36.62 -22.19
CA ALA D 791 -22.87 37.05 -21.77
C ALA D 791 -23.41 36.25 -20.59
N GLY D 792 -22.71 35.20 -20.17
CA GLY D 792 -23.12 34.44 -19.00
C GLY D 792 -24.16 33.38 -19.24
N LEU D 793 -24.30 32.88 -20.47
CA LEU D 793 -25.25 31.81 -20.75
C LEU D 793 -24.68 30.45 -20.44
N ASP D 794 -23.50 30.38 -19.82
CA ASP D 794 -22.85 29.11 -19.55
C ASP D 794 -23.62 28.34 -18.49
N HIS D 795 -24.14 29.02 -17.48
CA HIS D 795 -24.96 28.38 -16.45
C HIS D 795 -25.88 29.42 -15.82
N ALA D 796 -27.18 29.24 -16.06
CA ALA D 796 -28.23 30.12 -15.57
C ALA D 796 -29.13 29.36 -14.62
N ALA D 797 -29.82 30.10 -13.76
CA ALA D 797 -30.73 29.53 -12.78
C ALA D 797 -32.13 30.09 -13.02
N MET D 798 -33.08 29.68 -12.18
CA MET D 798 -34.48 30.01 -12.36
C MET D 798 -35.01 30.71 -11.13
N LYS D 799 -35.75 31.79 -11.33
CA LYS D 799 -36.32 32.60 -10.27
C LYS D 799 -37.83 32.62 -10.43
N VAL D 800 -38.54 32.07 -9.45
CA VAL D 800 -39.99 32.00 -9.48
C VAL D 800 -40.57 33.20 -8.73
N TYR D 801 -41.30 34.04 -9.45
CA TYR D 801 -41.90 35.23 -8.86
C TYR D 801 -43.18 34.88 -8.12
N ARG D 802 -44.06 34.12 -8.76
CA ARG D 802 -45.37 33.81 -8.18
C ARG D 802 -45.83 32.46 -8.69
N SER D 803 -46.35 31.64 -7.77
CA SER D 803 -46.92 30.35 -8.09
C SER D 803 -48.32 30.25 -7.52
N HIS D 804 -49.23 29.62 -8.26
CA HIS D 804 -50.62 29.53 -7.83
C HIS D 804 -51.28 28.31 -8.45
N TRP D 805 -51.95 27.50 -7.65
CA TRP D 805 -52.64 26.32 -8.17
C TRP D 805 -54.14 26.37 -7.88
N GLU D 806 -54.90 25.68 -8.71
CA GLU D 806 -56.35 25.66 -8.64
C GLU D 806 -56.82 24.22 -8.82
N GLN D 807 -58.13 24.07 -9.01
CA GLN D 807 -58.70 22.81 -9.47
C GLN D 807 -59.92 23.19 -10.30
N LYS D 808 -59.86 22.89 -11.60
CA LYS D 808 -60.92 23.26 -12.52
C LYS D 808 -62.17 22.43 -12.24
N PRO D 809 -63.36 22.89 -12.68
CA PRO D 809 -64.57 22.09 -12.42
C PRO D 809 -64.78 20.90 -13.35
N ASP D 810 -63.72 20.12 -13.55
CA ASP D 810 -63.75 18.81 -14.16
C ASP D 810 -62.67 17.92 -13.54
N ALA D 811 -62.29 18.24 -12.30
CA ALA D 811 -61.19 17.61 -11.55
C ALA D 811 -59.88 17.64 -12.32
N SER D 812 -59.57 18.82 -12.88
CA SER D 812 -58.32 19.06 -13.58
C SER D 812 -57.53 20.13 -12.83
N VAL D 813 -56.22 19.95 -12.75
CA VAL D 813 -55.38 20.80 -11.92
C VAL D 813 -54.55 21.71 -12.81
N GLU D 814 -54.59 23.01 -12.53
CA GLU D 814 -53.76 23.99 -13.22
C GLU D 814 -52.82 24.66 -12.26
N ILE D 815 -51.58 24.87 -12.70
CA ILE D 815 -50.55 25.53 -11.91
C ILE D 815 -49.98 26.65 -12.76
N HIS D 816 -50.02 27.88 -12.24
CA HIS D 816 -49.54 29.06 -12.94
C HIS D 816 -48.26 29.53 -12.27
N VAL D 817 -47.21 29.70 -13.08
CA VAL D 817 -45.88 30.06 -12.59
C VAL D 817 -45.39 31.26 -13.39
N ASP D 818 -44.94 32.30 -12.70
CA ASP D 818 -44.22 33.41 -13.32
C ASP D 818 -42.74 33.25 -13.00
N PHE D 819 -41.91 33.14 -14.03
CA PHE D 819 -40.51 32.78 -13.82
C PHE D 819 -39.59 33.74 -14.57
N SER D 820 -38.29 33.50 -14.42
CA SER D 820 -37.24 34.24 -15.12
C SER D 820 -35.95 33.44 -15.08
N LEU D 821 -35.25 33.42 -16.20
CA LEU D 821 -33.94 32.76 -16.32
C LEU D 821 -32.85 33.81 -16.24
N ALA D 822 -31.88 33.61 -15.34
CA ALA D 822 -30.85 34.62 -15.15
C ALA D 822 -29.58 33.96 -14.62
N SER D 823 -28.45 34.55 -14.99
CA SER D 823 -27.17 34.22 -14.39
C SER D 823 -26.76 35.36 -13.46
N TYR D 824 -25.60 35.22 -12.83
CA TYR D 824 -25.33 35.88 -11.57
C TYR D 824 -24.69 37.27 -11.68
N ILE D 825 -24.55 37.86 -12.86
CA ILE D 825 -24.04 39.23 -12.87
C ILE D 825 -24.98 40.17 -13.63
N PHE D 826 -25.66 39.66 -14.64
CA PHE D 826 -26.27 40.51 -15.64
C PHE D 826 -27.79 40.56 -15.48
N GLU D 827 -28.41 41.32 -16.39
CA GLU D 827 -29.86 41.36 -16.52
C GLU D 827 -30.38 39.97 -16.89
N PRO D 828 -31.59 39.59 -16.45
CA PRO D 828 -32.12 38.26 -16.79
C PRO D 828 -32.35 38.07 -18.28
N PHE D 829 -32.16 36.82 -18.72
CA PHE D 829 -32.20 36.49 -20.14
C PHE D 829 -33.64 36.33 -20.62
N VAL D 830 -34.36 35.37 -20.05
CA VAL D 830 -35.70 35.00 -20.49
C VAL D 830 -36.66 35.35 -19.36
N ARG D 831 -37.76 36.03 -19.71
CA ARG D 831 -38.86 36.27 -18.79
C ARG D 831 -40.12 35.69 -19.41
N GLY D 832 -40.84 34.88 -18.64
CA GLY D 832 -42.02 34.26 -19.18
C GLY D 832 -42.93 33.74 -18.11
N ASN D 833 -43.97 33.04 -18.55
CA ASN D 833 -44.91 32.40 -17.64
C ASN D 833 -45.37 31.06 -18.20
N ALA D 834 -45.58 30.10 -17.31
CA ALA D 834 -45.89 28.74 -17.68
C ALA D 834 -47.15 28.27 -16.96
N VAL D 835 -47.90 27.41 -17.63
CA VAL D 835 -49.12 26.81 -17.09
C VAL D 835 -48.97 25.30 -17.20
N TRP D 836 -48.82 24.63 -16.06
CA TRP D 836 -48.83 23.19 -16.01
C TRP D 836 -50.25 22.69 -15.79
N THR D 837 -50.61 21.58 -16.42
CA THR D 837 -51.98 21.07 -16.32
C THR D 837 -51.94 19.56 -16.16
N VAL D 838 -52.59 19.06 -15.12
CA VAL D 838 -52.71 17.63 -14.88
C VAL D 838 -54.17 17.25 -15.05
N GLY D 839 -54.44 16.28 -15.91
CA GLY D 839 -55.78 15.82 -16.19
C GLY D 839 -56.14 14.55 -15.43
N VAL D 840 -57.35 14.07 -15.67
CA VAL D 840 -57.86 12.92 -14.94
C VAL D 840 -57.23 11.60 -15.38
N SER D 841 -56.61 11.57 -16.54
CA SER D 841 -55.91 10.37 -17.00
C SER D 841 -54.44 10.37 -16.63
N GLY D 842 -53.88 11.51 -16.26
CA GLY D 842 -52.50 11.60 -15.85
C GLY D 842 -51.58 12.33 -16.81
N GLU D 843 -52.11 12.98 -17.84
CA GLU D 843 -51.28 13.74 -18.76
C GLU D 843 -50.79 15.01 -18.10
N ILE D 844 -49.61 15.45 -18.50
CA ILE D 844 -49.02 16.69 -18.02
C ILE D 844 -48.83 17.59 -19.22
N GLN D 845 -49.56 18.68 -19.28
CA GLN D 845 -49.48 19.62 -20.38
C GLN D 845 -48.75 20.88 -19.93
N LEU D 846 -47.87 21.38 -20.77
CA LEU D 846 -47.09 22.59 -20.50
C LEU D 846 -47.37 23.62 -21.59
N LYS D 847 -47.66 24.85 -21.18
CA LYS D 847 -47.87 25.97 -22.10
C LYS D 847 -47.09 27.15 -21.54
N VAL D 848 -45.86 27.35 -22.02
CA VAL D 848 -45.00 28.44 -21.55
C VAL D 848 -44.86 29.48 -22.66
N HIS D 849 -45.19 30.73 -22.32
CA HIS D 849 -44.93 31.87 -23.17
C HIS D 849 -43.75 32.66 -22.62
N ALA D 850 -42.76 32.92 -23.46
CA ALA D 850 -41.51 33.50 -23.00
C ALA D 850 -41.05 34.59 -23.95
N GLU D 851 -40.51 35.66 -23.38
CA GLU D 851 -39.78 36.68 -24.12
C GLU D 851 -38.33 36.68 -23.65
N VAL D 852 -37.43 37.07 -24.55
CA VAL D 852 -36.01 37.07 -24.24
C VAL D 852 -35.49 38.49 -24.45
N ARG D 853 -34.35 38.78 -23.80
CA ARG D 853 -33.78 40.12 -23.75
C ARG D 853 -33.34 40.57 -25.14
N GLU D 854 -33.37 41.88 -25.36
CA GLU D 854 -33.24 42.44 -26.70
C GLU D 854 -31.79 42.56 -27.17
N ASN D 855 -30.83 42.60 -26.26
CA ASN D 855 -29.43 42.81 -26.61
C ASN D 855 -28.61 41.54 -26.40
N LEU D 856 -29.18 40.40 -26.75
CA LEU D 856 -28.60 39.09 -26.55
C LEU D 856 -28.45 38.42 -27.92
N PRO D 857 -27.27 37.78 -28.22
CA PRO D 857 -26.92 37.45 -29.62
C PRO D 857 -27.88 36.52 -30.36
N PHE D 858 -27.95 35.26 -29.90
CA PHE D 858 -28.99 34.28 -30.18
C PHE D 858 -28.70 33.08 -29.31
N LEU D 859 -29.74 32.47 -28.80
CA LEU D 859 -29.58 31.42 -27.82
C LEU D 859 -29.20 30.11 -28.50
N PRO D 860 -28.45 29.25 -27.80
CA PRO D 860 -28.18 27.91 -28.35
C PRO D 860 -29.43 27.07 -28.53
N ARG D 861 -30.27 27.02 -27.51
CA ARG D 861 -31.53 26.28 -27.58
C ARG D 861 -32.49 26.90 -26.58
N PHE D 862 -33.70 26.37 -26.53
CA PHE D 862 -34.59 26.55 -25.40
C PHE D 862 -35.39 25.27 -25.25
N GLY D 863 -35.31 24.63 -24.09
CA GLY D 863 -36.04 23.40 -23.97
C GLY D 863 -36.29 22.99 -22.54
N LEU D 864 -36.99 21.88 -22.39
CA LEU D 864 -37.28 21.25 -21.11
C LEU D 864 -36.39 20.03 -20.94
N GLU D 865 -35.63 19.98 -19.86
CA GLU D 865 -34.77 18.85 -19.56
C GLU D 865 -35.35 18.04 -18.42
N LEU D 866 -35.55 16.75 -18.66
CA LEU D 866 -36.04 15.76 -17.71
C LEU D 866 -34.92 14.75 -17.46
N THR D 867 -35.01 14.01 -16.37
CA THR D 867 -34.03 12.98 -16.06
C THR D 867 -34.77 11.73 -15.63
N MET D 868 -34.72 10.71 -16.45
CA MET D 868 -35.44 9.48 -16.23
C MET D 868 -34.53 8.44 -15.58
N PRO D 869 -35.08 7.49 -14.78
CA PRO D 869 -34.21 6.65 -13.94
C PRO D 869 -33.36 5.62 -14.69
N LYS D 870 -32.66 4.81 -13.91
CA LYS D 870 -31.81 3.77 -14.47
C LYS D 870 -32.65 2.67 -15.09
N GLY D 871 -32.26 2.24 -16.29
CA GLY D 871 -32.97 1.20 -17.00
C GLY D 871 -33.72 1.68 -18.21
N THR D 872 -33.90 2.99 -18.38
CA THR D 872 -34.54 3.53 -19.56
C THR D 872 -33.58 3.41 -20.73
N GLU D 873 -33.82 2.46 -21.64
CA GLU D 873 -32.87 2.15 -22.68
C GLU D 873 -33.42 2.15 -24.10
N GLU D 874 -34.73 2.02 -24.30
CA GLU D 874 -35.28 2.06 -25.64
C GLU D 874 -35.79 3.46 -25.98
N ILE D 875 -35.53 3.87 -27.21
CA ILE D 875 -36.13 5.06 -27.81
C ILE D 875 -36.92 4.61 -29.02
N GLU D 876 -38.15 5.10 -29.15
CA GLU D 876 -38.95 4.83 -30.34
C GLU D 876 -39.63 6.12 -30.76
N TYR D 877 -39.35 6.59 -31.97
CA TYR D 877 -39.90 7.87 -32.37
C TYR D 877 -40.37 7.84 -33.81
N TYR D 878 -41.33 8.70 -34.11
CA TYR D 878 -41.81 8.89 -35.47
C TYR D 878 -41.32 10.24 -35.97
N GLY D 879 -40.43 10.22 -36.95
CA GLY D 879 -39.84 11.45 -37.45
C GLY D 879 -38.75 11.16 -38.44
N TYR D 880 -37.82 12.09 -38.56
CA TYR D 880 -36.72 11.96 -39.50
C TYR D 880 -35.57 11.21 -38.87
N GLY D 881 -35.03 10.23 -39.59
CA GLY D 881 -33.92 9.45 -39.10
C GLY D 881 -33.21 8.71 -40.22
N PRO D 882 -32.49 7.63 -39.88
CA PRO D 882 -32.29 7.05 -38.55
C PRO D 882 -31.17 7.69 -37.73
N HIS D 883 -30.54 8.73 -38.25
CA HIS D 883 -29.43 9.39 -37.58
C HIS D 883 -29.74 10.87 -37.33
N GLU D 884 -28.71 11.62 -36.95
CA GLU D 884 -28.85 13.01 -36.51
C GLU D 884 -29.31 13.93 -37.64
N SER D 885 -30.00 14.99 -37.25
CA SER D 885 -30.47 15.98 -38.21
C SER D 885 -30.69 17.30 -37.49
N TYR D 886 -30.48 18.40 -38.23
CA TYR D 886 -30.63 19.74 -37.69
C TYR D 886 -31.44 20.60 -38.65
N ILE D 887 -31.52 21.91 -38.38
CA ILE D 887 -32.29 22.81 -39.25
C ILE D 887 -31.58 22.99 -40.59
N ASP D 888 -30.25 22.91 -40.61
CA ASP D 888 -29.50 23.07 -41.83
C ASP D 888 -28.83 21.79 -42.33
N LYS D 889 -28.61 20.81 -41.46
CA LYS D 889 -28.03 19.52 -41.85
C LYS D 889 -29.13 18.47 -41.71
N ARG D 890 -29.95 18.35 -42.75
CA ARG D 890 -31.04 17.38 -42.71
C ARG D 890 -31.31 16.74 -44.07
N ALA D 891 -30.35 16.77 -44.99
CA ALA D 891 -30.64 16.28 -46.33
C ALA D 891 -30.52 14.77 -46.46
N SER D 892 -29.95 14.08 -45.48
CA SER D 892 -29.69 12.65 -45.58
C SER D 892 -30.65 11.80 -44.78
N VAL D 893 -31.62 12.40 -44.09
CA VAL D 893 -32.52 11.66 -43.24
C VAL D 893 -33.87 11.56 -43.92
N ARG D 894 -34.63 10.53 -43.56
CA ARG D 894 -35.94 10.31 -44.16
C ARG D 894 -36.95 10.03 -43.06
N LYS D 895 -38.21 10.26 -43.39
CA LYS D 895 -39.30 10.15 -42.41
C LYS D 895 -39.72 8.71 -42.23
N GLY D 896 -39.87 8.30 -40.98
CA GLY D 896 -40.30 6.94 -40.69
C GLY D 896 -40.46 6.74 -39.20
N LYS D 897 -40.63 5.48 -38.82
CA LYS D 897 -40.86 5.07 -37.44
C LYS D 897 -39.66 4.24 -37.00
N TYR D 898 -38.84 4.80 -36.11
CA TYR D 898 -37.55 4.22 -35.78
C TYR D 898 -37.52 3.75 -34.34
N LEU D 899 -36.71 2.73 -34.09
CA LEU D 899 -36.58 2.08 -32.79
C LEU D 899 -35.12 1.77 -32.57
N LEU D 900 -34.54 2.29 -31.50
CA LEU D 900 -33.13 2.08 -31.26
C LEU D 900 -32.86 2.22 -29.76
N SER D 901 -31.58 2.17 -29.39
CA SER D 901 -31.15 2.26 -28.01
C SER D 901 -30.50 3.61 -27.76
N VAL D 902 -30.34 3.94 -26.48
CA VAL D 902 -29.79 5.24 -26.10
C VAL D 902 -28.30 5.30 -26.40
N ASP D 903 -27.62 4.16 -26.35
CA ASP D 903 -26.20 4.12 -26.74
C ASP D 903 -26.00 4.30 -28.23
N ASP D 904 -27.02 4.08 -29.05
CA ASP D 904 -26.92 4.30 -30.49
C ASP D 904 -27.35 5.70 -30.90
N MET D 905 -27.94 6.47 -29.98
CA MET D 905 -28.24 7.87 -30.26
C MET D 905 -26.96 8.69 -30.32
N PHE D 906 -25.92 8.24 -29.64
CA PHE D 906 -24.69 8.99 -29.44
C PHE D 906 -23.72 8.74 -30.59
N GLU D 907 -23.08 9.81 -31.05
CA GLU D 907 -22.07 9.76 -32.11
C GLU D 907 -20.76 10.25 -31.52
N ASN D 908 -19.83 9.33 -31.30
CA ASN D 908 -18.66 9.59 -30.48
C ASN D 908 -17.60 10.32 -31.30
N TYR D 909 -17.63 11.65 -31.27
CA TYR D 909 -16.65 12.44 -31.98
C TYR D 909 -15.31 12.41 -31.25
N VAL D 910 -14.28 12.91 -31.93
CA VAL D 910 -12.95 12.99 -31.31
C VAL D 910 -12.92 14.12 -30.28
N MET D 911 -13.42 15.28 -30.65
CA MET D 911 -13.67 16.36 -29.71
C MET D 911 -15.13 16.28 -29.25
N PRO D 912 -15.40 15.99 -27.97
CA PRO D 912 -16.78 15.78 -27.52
C PRO D 912 -17.60 17.05 -27.57
N GLN D 913 -18.79 16.95 -28.14
CA GLN D 913 -19.62 18.12 -28.45
C GLN D 913 -21.06 17.66 -28.55
N GLU D 914 -21.92 18.55 -29.04
CA GLU D 914 -23.35 18.26 -29.07
C GLU D 914 -23.65 17.26 -30.18
N THR D 915 -24.50 16.29 -29.86
CA THR D 915 -24.75 15.20 -30.79
C THR D 915 -26.10 14.56 -30.45
N GLY D 916 -26.62 13.82 -31.43
CA GLY D 916 -27.74 12.94 -31.19
C GLY D 916 -29.12 13.55 -31.28
N SER D 917 -29.25 14.79 -31.74
CA SER D 917 -30.54 15.46 -31.75
C SER D 917 -31.27 15.18 -33.07
N ARG D 918 -32.57 14.90 -32.96
CA ARG D 918 -33.41 14.60 -34.12
C ARG D 918 -34.39 15.74 -34.35
N TYR D 919 -34.22 16.45 -35.46
CA TYR D 919 -35.10 17.55 -35.82
C TYR D 919 -36.41 17.03 -36.37
N GLY D 920 -37.48 17.82 -36.13
CA GLY D 920 -38.83 17.62 -36.68
C GLY D 920 -39.42 16.27 -36.26
N THR D 921 -39.43 16.03 -34.96
CA THR D 921 -40.01 14.82 -34.40
C THR D 921 -41.49 15.03 -34.14
N GLU D 922 -42.30 14.03 -34.51
CA GLU D 922 -43.74 14.11 -34.32
C GLU D 922 -44.16 13.59 -32.96
N TRP D 923 -43.71 12.39 -32.59
CA TRP D 923 -43.82 11.90 -31.22
C TRP D 923 -42.63 11.00 -30.93
N ALA D 924 -42.36 10.81 -29.64
CA ALA D 924 -41.21 10.03 -29.19
C ALA D 924 -41.54 9.38 -27.86
N ILE D 925 -41.04 8.16 -27.66
CA ILE D 925 -41.24 7.42 -26.43
C ILE D 925 -39.87 6.98 -25.93
N ALA D 926 -39.55 7.31 -24.69
CA ALA D 926 -38.34 6.85 -24.03
C ALA D 926 -38.75 5.93 -22.90
N SER D 927 -38.30 4.68 -22.94
CA SER D 927 -38.81 3.70 -21.99
C SER D 927 -37.76 2.66 -21.66
N THR D 928 -38.10 1.75 -20.76
CA THR D 928 -37.29 0.60 -20.45
C THR D 928 -37.51 -0.48 -21.50
N VAL D 929 -36.77 -1.58 -21.37
CA VAL D 929 -36.84 -2.65 -22.37
C VAL D 929 -38.17 -3.40 -22.29
N GLN D 930 -38.89 -3.30 -21.17
CA GLN D 930 -40.24 -3.83 -21.08
C GLN D 930 -41.29 -2.83 -21.51
N GLY D 931 -40.91 -1.58 -21.78
CA GLY D 931 -41.84 -0.62 -22.33
C GLY D 931 -42.62 0.18 -21.32
N MET D 932 -41.97 0.62 -20.24
CA MET D 932 -42.58 1.45 -19.21
C MET D 932 -41.89 2.81 -19.23
N GLY D 933 -42.55 3.82 -19.74
CA GLY D 933 -41.90 5.12 -19.88
C GLY D 933 -42.84 6.28 -20.12
N LEU D 934 -42.35 7.25 -20.88
CA LEU D 934 -43.04 8.49 -21.15
C LEU D 934 -43.15 8.71 -22.65
N LYS D 935 -44.22 9.38 -23.06
CA LYS D 935 -44.46 9.72 -24.45
C LYS D 935 -44.61 11.23 -24.56
N PHE D 936 -44.00 11.82 -25.59
CA PHE D 936 -43.91 13.27 -25.72
C PHE D 936 -44.54 13.68 -27.04
N THR D 937 -45.54 14.55 -27.00
CA THR D 937 -46.10 15.15 -28.19
C THR D 937 -46.08 16.66 -28.07
N ALA D 938 -46.38 17.35 -29.16
CA ALA D 938 -46.42 18.80 -29.16
C ALA D 938 -47.42 19.28 -30.21
N ALA D 939 -47.62 20.60 -30.25
CA ALA D 939 -48.52 21.19 -31.23
C ALA D 939 -47.90 21.16 -32.62
N GLN D 940 -46.69 21.69 -32.75
CA GLN D 940 -45.87 21.61 -33.94
C GLN D 940 -44.64 20.75 -33.65
N PRO D 941 -44.01 20.15 -34.67
CA PRO D 941 -42.92 19.20 -34.39
C PRO D 941 -41.68 19.85 -33.78
N PHE D 942 -41.13 19.16 -32.78
CA PHE D 942 -40.08 19.66 -31.91
C PHE D 942 -38.77 18.96 -32.22
N SER D 943 -37.73 19.32 -31.46
CA SER D 943 -36.45 18.63 -31.52
C SER D 943 -36.32 17.75 -30.29
N PHE D 944 -35.71 16.57 -30.46
CA PHE D 944 -35.68 15.55 -29.43
C PHE D 944 -34.27 15.04 -29.24
N GLN D 945 -33.88 14.84 -27.98
CA GLN D 945 -32.54 14.33 -27.71
C GLN D 945 -32.60 13.39 -26.51
N ALA D 946 -31.82 12.31 -26.56
CA ALA D 946 -31.74 11.38 -25.44
C ALA D 946 -30.32 10.86 -25.36
N LEU D 947 -29.66 11.06 -24.21
CA LEU D 947 -28.26 10.67 -24.05
C LEU D 947 -28.05 10.07 -22.68
N HIS D 948 -26.83 9.59 -22.44
CA HIS D 948 -26.36 9.27 -21.09
C HIS D 948 -25.37 10.30 -20.58
N TYR D 949 -25.39 11.49 -21.15
CA TYR D 949 -24.44 12.54 -20.80
C TYR D 949 -25.20 13.85 -20.73
N THR D 950 -24.97 14.63 -19.69
CA THR D 950 -25.57 15.96 -19.67
C THR D 950 -24.71 16.91 -20.50
N ALA D 951 -25.23 18.12 -20.73
CA ALA D 951 -24.55 19.07 -21.59
C ALA D 951 -23.25 19.58 -20.96
N GLU D 952 -23.22 19.69 -19.64
CA GLU D 952 -22.00 20.14 -18.98
C GLU D 952 -20.92 19.07 -18.99
N ASP D 953 -21.31 17.79 -19.04
CA ASP D 953 -20.33 16.72 -19.19
C ASP D 953 -19.67 16.75 -20.56
N LEU D 954 -20.45 17.05 -21.60
CA LEU D 954 -19.89 17.15 -22.94
C LEU D 954 -19.11 18.45 -23.12
N THR D 955 -19.46 19.49 -22.37
CA THR D 955 -18.70 20.74 -22.44
C THR D 955 -17.36 20.60 -21.76
N ALA D 956 -17.34 20.03 -20.55
CA ALA D 956 -16.12 19.98 -19.76
C ALA D 956 -15.11 18.97 -20.29
N ALA D 957 -15.56 17.95 -21.01
CA ALA D 957 -14.64 16.92 -21.51
C ALA D 957 -13.88 17.42 -22.73
N GLN D 958 -12.66 16.92 -22.88
CA GLN D 958 -11.80 17.29 -23.99
C GLN D 958 -11.37 16.11 -24.86
N HIS D 959 -11.50 14.88 -24.37
CA HIS D 959 -11.15 13.69 -25.12
C HIS D 959 -12.26 12.68 -24.93
N THR D 960 -12.17 11.54 -25.64
CA THR D 960 -13.24 10.56 -25.57
C THR D 960 -13.20 9.76 -24.27
N TYR D 961 -12.01 9.51 -23.72
CA TYR D 961 -11.92 8.73 -22.49
C TYR D 961 -12.34 9.50 -21.25
N GLU D 962 -12.49 10.83 -21.35
CA GLU D 962 -12.87 11.63 -20.19
C GLU D 962 -14.37 11.62 -19.93
N LEU D 963 -15.17 11.09 -20.85
CA LEU D 963 -16.61 11.02 -20.66
C LEU D 963 -16.96 9.84 -19.76
N LYS D 964 -17.54 10.14 -18.60
CA LYS D 964 -18.05 9.10 -17.72
C LYS D 964 -19.54 8.91 -17.98
N ARG D 965 -19.93 7.67 -18.27
CA ARG D 965 -21.30 7.37 -18.63
C ARG D 965 -22.18 7.36 -17.38
N ARG D 966 -23.26 8.12 -17.41
CA ARG D 966 -24.18 8.17 -16.29
C ARG D 966 -25.13 7.00 -16.32
N PRO D 967 -25.62 6.55 -15.15
CA PRO D 967 -26.65 5.51 -15.15
C PRO D 967 -28.00 5.98 -15.66
N GLU D 968 -28.33 7.26 -15.49
CA GLU D 968 -29.63 7.77 -15.88
C GLU D 968 -29.68 8.04 -17.38
N THR D 969 -30.80 8.60 -17.83
CA THR D 969 -31.01 8.92 -19.23
C THR D 969 -31.53 10.34 -19.33
N ILE D 970 -30.74 11.23 -19.93
CA ILE D 970 -31.09 12.64 -20.01
C ILE D 970 -31.91 12.85 -21.28
N VAL D 971 -33.16 13.26 -21.13
CA VAL D 971 -34.07 13.49 -22.23
C VAL D 971 -34.31 14.99 -22.33
N THR D 972 -34.23 15.53 -23.55
CA THR D 972 -34.41 16.96 -23.76
C THR D 972 -35.37 17.19 -24.92
N LEU D 973 -36.31 18.11 -24.70
CA LEU D 973 -37.40 18.41 -25.62
C LEU D 973 -37.26 19.88 -26.03
N ASP D 974 -36.63 20.14 -27.18
CA ASP D 974 -36.31 21.50 -27.58
C ASP D 974 -37.37 22.09 -28.49
N TYR D 975 -37.67 23.37 -28.28
CA TYR D 975 -38.56 24.12 -29.16
C TYR D 975 -37.92 24.36 -30.52
N GLN D 976 -36.86 25.14 -30.52
CA GLN D 976 -36.00 25.28 -31.68
C GLN D 976 -34.57 25.06 -31.22
N MET D 977 -33.66 24.98 -32.18
CA MET D 977 -32.26 24.74 -31.87
C MET D 977 -31.42 25.26 -33.02
N SER D 978 -30.40 26.06 -32.70
CA SER D 978 -29.58 26.67 -33.74
C SER D 978 -28.71 25.62 -34.42
N GLY D 979 -28.56 25.76 -35.74
CA GLY D 979 -27.95 24.75 -36.55
C GLY D 979 -26.44 24.71 -36.44
N THR D 980 -25.85 23.88 -37.29
CA THR D 980 -24.41 23.66 -37.27
C THR D 980 -23.67 24.76 -38.05
N GLY D 981 -23.95 24.87 -39.35
CA GLY D 981 -23.24 25.82 -40.17
C GLY D 981 -21.85 25.31 -40.53
N SER D 982 -21.01 26.25 -40.97
CA SER D 982 -19.62 25.96 -41.29
C SER D 982 -18.72 27.07 -40.78
N GLY D 983 -19.04 27.62 -39.61
CA GLY D 983 -18.36 28.79 -39.10
C GLY D 983 -17.00 28.56 -38.47
N SER D 984 -16.40 27.40 -38.70
CA SER D 984 -15.03 27.18 -38.26
C SER D 984 -14.06 28.00 -39.09
N CYS D 985 -14.34 28.11 -40.39
CA CYS D 985 -13.55 28.93 -41.31
C CYS D 985 -14.47 29.31 -42.45
N GLY D 986 -14.70 30.61 -42.63
CA GLY D 986 -15.57 31.07 -43.69
C GLY D 986 -16.77 31.85 -43.16
N PRO D 987 -17.91 31.72 -43.83
CA PRO D 987 -19.10 32.46 -43.41
C PRO D 987 -19.67 31.92 -42.11
N GLN D 988 -20.48 32.75 -41.46
CA GLN D 988 -21.10 32.40 -40.20
C GLN D 988 -22.42 31.66 -40.44
N LEU D 989 -23.18 31.43 -39.39
CA LEU D 989 -24.45 30.74 -39.50
C LEU D 989 -25.49 31.66 -40.11
N ALA D 990 -26.30 31.11 -41.02
CA ALA D 990 -27.27 31.90 -41.75
C ALA D 990 -28.41 32.36 -40.84
N GLU D 991 -29.07 33.44 -41.27
CA GLU D 991 -30.16 34.01 -40.48
C GLU D 991 -31.39 33.12 -40.30
N PRO D 992 -31.90 32.37 -41.28
CA PRO D 992 -33.00 31.45 -40.97
C PRO D 992 -32.58 30.20 -40.21
N TYR D 993 -31.28 30.02 -39.95
CA TYR D 993 -30.75 28.87 -39.24
C TYR D 993 -30.37 29.18 -37.81
N ARG D 994 -30.37 30.46 -37.43
CA ARG D 994 -30.13 30.89 -36.06
C ARG D 994 -31.43 30.85 -35.26
N PHE D 995 -31.29 30.91 -33.95
CA PHE D 995 -32.43 31.02 -33.05
C PHE D 995 -32.58 32.48 -32.62
N THR D 996 -32.93 33.31 -33.63
CA THR D 996 -33.20 34.72 -33.43
C THR D 996 -34.72 34.93 -33.44
N GLU D 997 -35.33 34.67 -32.30
CA GLU D 997 -36.76 34.90 -32.11
C GLU D 997 -36.98 35.22 -30.65
N LYS D 998 -37.75 36.27 -30.38
CA LYS D 998 -37.80 36.83 -29.03
C LYS D 998 -39.17 36.76 -28.40
N SER D 999 -40.09 35.98 -28.96
CA SER D 999 -41.41 35.76 -28.38
C SER D 999 -41.98 34.49 -28.98
N PHE D 1000 -42.29 33.50 -28.15
CA PHE D 1000 -42.70 32.20 -28.67
C PHE D 1000 -43.59 31.50 -27.65
N ASP D 1001 -44.28 30.46 -28.14
CA ASP D 1001 -45.09 29.57 -27.33
C ASP D 1001 -44.61 28.14 -27.58
N PHE D 1002 -44.82 27.24 -26.61
CA PHE D 1002 -44.10 25.97 -26.67
C PHE D 1002 -44.99 24.75 -26.80
N GLU D 1003 -46.00 24.58 -25.92
CA GLU D 1003 -47.09 23.61 -26.08
C GLU D 1003 -46.60 22.15 -26.13
N LEU D 1004 -46.10 21.68 -25.00
CA LEU D 1004 -45.63 20.30 -24.89
C LEU D 1004 -46.66 19.45 -24.13
N THR D 1005 -46.66 18.15 -24.39
CA THR D 1005 -47.53 17.21 -23.70
C THR D 1005 -46.77 15.95 -23.34
N ILE D 1006 -46.82 15.56 -22.06
CA ILE D 1006 -46.10 14.40 -21.53
C ILE D 1006 -47.14 13.40 -21.03
N GLN D 1007 -46.96 12.13 -21.39
CA GLN D 1007 -47.92 11.09 -21.02
C GLN D 1007 -47.18 9.87 -20.47
N PRO D 1008 -47.48 9.42 -19.26
CA PRO D 1008 -46.96 8.13 -18.82
C PRO D 1008 -47.60 6.99 -19.59
N ILE D 1009 -46.80 5.97 -19.92
CA ILE D 1009 -47.25 4.93 -20.84
C ILE D 1009 -46.61 3.61 -20.44
N PHE D 1010 -47.39 2.53 -20.54
CA PHE D 1010 -46.87 1.17 -20.58
C PHE D 1010 -47.08 0.68 -22.00
N LYS D 1011 -45.99 0.58 -22.75
CA LYS D 1011 -46.05 0.60 -24.20
C LYS D 1011 -46.64 -0.68 -24.79
N GLU D 1012 -46.55 -1.81 -24.09
CA GLU D 1012 -46.98 -3.07 -24.68
C GLU D 1012 -48.49 -3.25 -24.65
N GLU D 1013 -49.23 -2.49 -23.84
CA GLU D 1013 -50.68 -2.50 -23.90
C GLU D 1013 -51.29 -1.11 -23.96
N GLU D 1014 -50.48 -0.05 -23.88
CA GLU D 1014 -50.90 1.36 -23.95
C GLU D 1014 -52.01 1.74 -22.99
N MET E 1 -46.84 40.20 11.48
CA MET E 1 -46.08 40.52 10.28
C MET E 1 -44.96 39.50 10.07
N GLU E 2 -45.33 38.22 10.09
CA GLU E 2 -44.37 37.13 10.03
C GLU E 2 -44.15 36.71 8.58
N LEU E 3 -43.00 37.10 8.03
CA LEU E 3 -42.46 36.63 6.76
C LEU E 3 -43.38 36.95 5.58
N ASN E 4 -43.61 38.25 5.39
CA ASN E 4 -44.36 38.76 4.25
C ASN E 4 -43.43 39.27 3.15
N ARG E 5 -42.18 38.77 3.14
CA ARG E 5 -41.10 39.17 2.22
C ARG E 5 -40.85 40.67 2.26
N GLU E 6 -40.48 41.15 3.46
CA GLU E 6 -40.08 42.54 3.60
C GLU E 6 -38.71 42.79 3.01
N TRP E 7 -37.92 41.73 2.80
CA TRP E 7 -36.59 41.76 2.24
C TRP E 7 -36.58 41.77 0.72
N GLU E 8 -37.73 42.00 0.09
CA GLU E 8 -37.84 42.24 -1.34
C GLU E 8 -38.86 43.33 -1.64
N ASN E 9 -39.04 44.29 -0.74
CA ASN E 9 -40.21 45.15 -0.75
C ASN E 9 -39.91 46.58 -1.17
N LEU E 10 -38.87 47.19 -0.59
CA LEU E 10 -38.33 48.53 -0.85
C LEU E 10 -39.23 49.65 -0.30
N SER E 11 -40.43 49.30 0.14
CA SER E 11 -41.29 50.20 0.87
C SER E 11 -41.36 49.83 2.34
N CYS E 12 -40.59 48.83 2.77
CA CYS E 12 -40.50 48.42 4.16
C CYS E 12 -39.00 48.26 4.46
N LEU E 13 -38.38 49.35 4.88
CA LEU E 13 -36.95 49.33 5.23
C LEU E 13 -36.70 48.92 6.66
N HIS E 14 -37.69 49.09 7.54
CA HIS E 14 -37.59 48.65 8.93
C HIS E 14 -39.00 48.48 9.46
N ILE E 15 -39.10 47.82 10.61
CA ILE E 15 -40.35 47.72 11.37
C ILE E 15 -40.00 47.96 12.83
N GLY E 16 -40.50 49.06 13.39
CA GLY E 16 -40.37 49.30 14.82
C GLY E 16 -38.99 49.69 15.30
N ARG E 17 -38.12 50.12 14.40
CA ARG E 17 -36.77 50.54 14.78
C ARG E 17 -36.79 51.99 15.23
N LEU E 18 -36.11 52.27 16.33
CA LEU E 18 -36.05 53.62 16.87
C LEU E 18 -35.24 54.53 15.95
N PRO E 19 -35.53 55.82 15.93
CA PRO E 19 -34.76 56.74 15.08
C PRO E 19 -33.33 56.92 15.58
N ALA E 20 -32.49 57.40 14.68
CA ALA E 20 -31.05 57.40 14.91
C ALA E 20 -30.63 58.51 15.86
N ARG E 21 -29.66 58.19 16.72
CA ARG E 21 -29.11 59.13 17.68
C ARG E 21 -27.59 59.08 17.62
N ALA E 22 -26.93 59.77 18.55
CA ALA E 22 -25.47 59.73 18.63
C ALA E 22 -25.04 58.46 19.36
N SER E 23 -23.77 58.38 19.70
CA SER E 23 -23.19 57.20 20.33
C SER E 23 -22.78 57.56 21.75
N TYR E 24 -23.44 56.95 22.73
CA TYR E 24 -23.10 57.15 24.14
C TYR E 24 -23.56 55.95 24.94
N ILE E 25 -23.01 55.84 26.14
CA ILE E 25 -23.39 54.81 27.11
C ILE E 25 -23.79 55.50 28.41
N PRO E 26 -24.96 55.20 28.98
CA PRO E 26 -25.33 55.77 30.28
C PRO E 26 -24.57 55.07 31.41
N TYR E 27 -23.78 55.84 32.14
CA TYR E 27 -23.04 55.33 33.28
C TYR E 27 -23.73 55.72 34.58
N GLU E 28 -23.10 55.40 35.70
CA GLU E 28 -23.64 55.72 37.02
C GLU E 28 -22.88 56.82 37.74
N SER E 29 -21.63 57.07 37.36
CA SER E 29 -20.81 58.09 37.99
C SER E 29 -19.74 58.50 37.00
N ALA E 30 -19.06 59.61 37.33
CA ALA E 30 -17.99 60.10 36.47
C ALA E 30 -16.72 59.27 36.62
N MET E 31 -16.58 58.54 37.73
CA MET E 31 -15.39 57.69 37.90
C MET E 31 -15.48 56.46 37.02
N THR E 32 -16.65 55.85 36.92
CA THR E 32 -16.83 54.69 36.07
C THR E 32 -16.81 55.09 34.60
N ALA E 33 -17.33 56.28 34.28
CA ALA E 33 -17.43 56.71 32.89
C ALA E 33 -16.07 56.98 32.26
N ARG E 34 -15.08 57.34 33.07
CA ARG E 34 -13.74 57.60 32.54
C ARG E 34 -12.97 56.31 32.24
N THR E 35 -13.50 55.15 32.61
CA THR E 35 -12.83 53.90 32.32
C THR E 35 -13.09 53.41 30.91
N GLY E 36 -14.27 53.70 30.36
CA GLY E 36 -14.63 53.29 29.02
C GLY E 36 -15.21 51.90 28.92
N LYS E 37 -15.06 51.08 29.95
CA LYS E 37 -15.59 49.72 29.95
C LYS E 37 -17.08 49.78 30.28
N ARG E 38 -17.92 49.53 29.29
CA ARG E 38 -19.36 49.68 29.48
C ARG E 38 -19.98 48.54 30.27
N GLY E 39 -19.28 47.44 30.48
CA GLY E 39 -19.83 46.35 31.27
C GLY E 39 -19.85 46.63 32.75
N ARG E 40 -19.10 47.63 33.20
CA ARG E 40 -19.10 48.02 34.61
C ARG E 40 -20.31 48.87 34.97
N SER E 41 -21.06 49.33 34.01
CA SER E 41 -22.22 50.18 34.30
C SER E 41 -23.41 49.31 34.68
N PRO E 42 -24.16 49.70 35.72
CA PRO E 42 -25.33 48.91 36.12
C PRO E 42 -26.51 49.07 35.19
N HIS E 43 -26.47 50.02 34.26
CA HIS E 43 -27.55 50.26 33.33
C HIS E 43 -27.35 49.53 32.00
N VAL E 44 -26.30 48.74 31.89
CA VAL E 44 -25.89 48.07 30.66
C VAL E 44 -25.74 46.59 30.95
N GLN E 45 -26.30 45.74 30.10
CA GLN E 45 -26.08 44.30 30.20
C GLN E 45 -25.67 43.75 28.85
N THR E 46 -24.55 43.05 28.79
CA THR E 46 -24.09 42.54 27.51
C THR E 46 -24.88 41.31 27.10
N LEU E 47 -24.93 41.08 25.79
CA LEU E 47 -25.50 39.86 25.25
C LEU E 47 -24.53 39.16 24.31
N ASN E 48 -23.24 39.49 24.40
CA ASN E 48 -22.25 38.70 23.70
C ASN E 48 -22.07 37.36 24.39
N GLY E 49 -21.42 36.44 23.70
CA GLY E 49 -21.18 35.15 24.30
C GLY E 49 -21.54 33.99 23.41
N ASN E 50 -22.33 33.06 23.92
CA ASN E 50 -22.58 31.79 23.24
C ASN E 50 -24.07 31.67 23.00
N TRP E 51 -24.48 31.69 21.74
CA TRP E 51 -25.88 31.56 21.40
C TRP E 51 -26.08 30.22 20.71
N LYS E 52 -27.34 29.82 20.59
CA LYS E 52 -27.69 28.59 19.89
C LYS E 52 -28.04 28.94 18.45
N PHE E 53 -27.41 28.25 17.51
CA PHE E 53 -27.40 28.63 16.11
C PHE E 53 -27.78 27.45 15.24
N ARG E 54 -28.56 27.73 14.20
CA ARG E 54 -28.91 26.75 13.18
C ARG E 54 -28.87 27.38 11.80
N TYR E 55 -28.19 26.72 10.87
CA TYR E 55 -27.96 27.23 9.52
C TYR E 55 -28.86 26.52 8.52
N TYR E 56 -29.41 27.29 7.58
CA TYR E 56 -30.28 26.78 6.54
C TYR E 56 -29.79 27.25 5.19
N ARG E 57 -29.79 26.35 4.21
CA ARG E 57 -29.40 26.73 2.85
C ARG E 57 -30.45 27.56 2.14
N SER E 58 -31.65 27.68 2.71
CA SER E 58 -32.70 28.48 2.11
C SER E 58 -33.63 28.98 3.22
N VAL E 59 -34.29 30.10 2.95
CA VAL E 59 -35.30 30.62 3.86
C VAL E 59 -36.59 29.81 3.76
N ARG E 60 -36.75 29.01 2.70
CA ARG E 60 -37.88 28.12 2.55
C ARG E 60 -37.96 27.07 3.65
N GLU E 61 -36.82 26.48 4.03
CA GLU E 61 -36.81 25.32 4.91
C GLU E 61 -36.59 25.69 6.37
N VAL E 62 -36.78 26.95 6.74
CA VAL E 62 -36.76 27.36 8.13
C VAL E 62 -38.07 26.95 8.78
N ASP E 63 -38.01 26.41 10.00
CA ASP E 63 -39.20 26.08 10.76
C ASP E 63 -39.99 27.35 11.08
N SER E 64 -41.31 27.20 11.18
CA SER E 64 -42.20 28.34 11.34
C SER E 64 -42.44 28.71 12.80
N HIS E 65 -41.96 27.92 13.75
CA HIS E 65 -42.18 28.22 15.16
C HIS E 65 -40.90 28.03 15.95
N PHE E 66 -39.78 28.50 15.41
CA PHE E 66 -38.52 28.44 16.16
C PHE E 66 -38.46 29.53 17.22
N TYR E 67 -39.21 30.61 17.04
CA TYR E 67 -39.15 31.77 17.91
C TYR E 67 -40.00 31.62 19.18
N GLU E 68 -40.72 30.53 19.32
CA GLU E 68 -41.60 30.36 20.46
C GLU E 68 -40.79 30.04 21.72
N THR E 69 -41.39 30.33 22.87
CA THR E 69 -40.65 30.34 24.12
C THR E 69 -40.34 28.94 24.62
N GLU E 70 -41.23 27.98 24.36
CA GLU E 70 -41.08 26.62 24.88
C GLU E 70 -40.61 25.64 23.81
N THR E 71 -39.71 26.06 22.94
CA THR E 71 -39.13 25.16 21.95
C THR E 71 -37.81 24.59 22.48
N ASP E 72 -37.47 23.41 21.99
CA ASP E 72 -36.26 22.72 22.42
C ASP E 72 -35.12 23.15 21.52
N VAL E 73 -34.24 24.00 22.04
CA VAL E 73 -32.99 24.27 21.35
C VAL E 73 -31.85 23.64 22.15
N SER E 74 -31.59 22.37 21.88
CA SER E 74 -30.52 21.66 22.56
C SER E 74 -29.71 20.88 21.54
N GLY E 75 -30.36 20.50 20.45
CA GLY E 75 -29.69 19.87 19.34
C GLY E 75 -29.09 20.82 18.35
N TRP E 76 -29.25 22.12 18.56
CA TRP E 76 -28.68 23.10 17.66
C TRP E 76 -27.19 23.26 17.94
N ASP E 77 -26.50 23.95 17.04
CA ASP E 77 -25.10 24.25 17.26
C ASP E 77 -24.95 25.41 18.23
N ASP E 78 -23.73 25.66 18.67
CA ASP E 78 -23.44 26.78 19.55
C ASP E 78 -22.38 27.66 18.92
N LEU E 79 -22.72 28.94 18.73
CA LEU E 79 -21.87 29.88 18.04
C LEU E 79 -21.58 31.07 18.94
N ILE E 80 -20.33 31.54 18.92
CA ILE E 80 -19.94 32.71 19.69
C ILE E 80 -20.34 33.95 18.91
N VAL E 81 -21.17 34.78 19.53
CA VAL E 81 -21.53 36.10 19.00
C VAL E 81 -20.68 37.13 19.72
N PRO E 82 -19.99 38.04 19.00
CA PRO E 82 -19.97 38.33 17.57
C PRO E 82 -18.99 37.51 16.72
N SER E 83 -19.44 37.10 15.53
CA SER E 83 -18.63 36.35 14.56
C SER E 83 -19.37 36.29 13.23
N CYS E 84 -18.58 36.26 12.15
CA CYS E 84 -19.10 35.98 10.82
C CYS E 84 -19.11 34.48 10.60
N TRP E 85 -20.19 33.96 10.01
CA TRP E 85 -20.28 32.52 9.93
C TRP E 85 -19.55 31.90 8.74
N GLN E 86 -19.02 32.70 7.82
CA GLN E 86 -18.20 32.13 6.75
C GLN E 86 -16.83 31.67 7.24
N THR E 87 -16.39 32.15 8.41
CA THR E 87 -15.15 31.71 9.03
C THR E 87 -15.39 30.72 10.17
N ASN E 88 -16.56 30.06 10.19
CA ASN E 88 -16.89 29.12 11.25
C ASN E 88 -17.42 27.80 10.70
N GLY E 89 -17.07 27.46 9.45
CA GLY E 89 -17.45 26.19 8.89
C GLY E 89 -18.72 26.18 8.08
N TYR E 90 -19.41 27.31 7.97
CA TYR E 90 -20.63 27.42 7.19
C TYR E 90 -20.24 27.86 5.78
N ASP E 91 -21.20 28.37 4.99
CA ASP E 91 -21.13 28.45 3.53
C ASP E 91 -19.86 29.12 3.01
N GLN E 92 -19.46 28.71 1.81
CA GLN E 92 -18.09 28.89 1.35
C GLN E 92 -17.77 30.35 1.05
N LEU E 93 -16.49 30.69 1.25
CA LEU E 93 -16.00 32.05 1.14
C LEU E 93 -16.10 32.56 -0.30
N HIS E 94 -16.25 33.88 -0.43
CA HIS E 94 -16.59 34.45 -1.72
C HIS E 94 -16.07 35.88 -1.81
N TYR E 95 -15.15 36.13 -2.73
CA TYR E 95 -14.69 37.48 -3.05
C TYR E 95 -15.22 37.88 -4.42
N THR E 96 -15.73 39.10 -4.52
CA THR E 96 -16.22 39.63 -5.78
C THR E 96 -15.81 41.09 -5.90
N ASN E 97 -15.42 41.50 -7.10
CA ASN E 97 -15.13 42.88 -7.42
C ASN E 97 -16.45 43.60 -7.73
N VAL E 98 -16.40 44.73 -8.44
CA VAL E 98 -17.52 45.66 -8.64
C VAL E 98 -18.75 45.07 -9.33
N ASN E 99 -18.68 43.83 -9.80
CA ASN E 99 -19.85 43.11 -10.30
C ASN E 99 -20.70 42.60 -9.14
N TYR E 100 -22.02 42.61 -9.33
CA TYR E 100 -22.91 42.01 -8.35
C TYR E 100 -22.78 40.49 -8.43
N PRO E 101 -22.65 39.79 -7.30
CA PRO E 101 -22.76 38.33 -7.35
C PRO E 101 -24.18 37.82 -7.16
N ILE E 102 -25.16 38.51 -7.76
CA ILE E 102 -26.56 38.11 -7.81
C ILE E 102 -27.05 38.59 -9.18
N PRO E 103 -28.12 38.01 -9.74
CA PRO E 103 -28.68 38.58 -10.96
C PRO E 103 -29.22 39.99 -10.73
N TYR E 104 -28.86 40.90 -11.62
CA TYR E 104 -29.30 42.28 -11.48
C TYR E 104 -30.78 42.38 -11.84
N ASP E 105 -31.62 42.20 -10.84
CA ASP E 105 -33.07 42.26 -11.02
C ASP E 105 -33.65 42.94 -9.80
N PRO E 106 -33.62 44.28 -9.74
CA PRO E 106 -34.08 44.98 -8.55
C PRO E 106 -35.60 44.95 -8.47
N PRO E 107 -36.16 44.75 -7.27
CA PRO E 107 -35.46 44.54 -6.00
C PRO E 107 -35.34 43.09 -5.58
N PHE E 108 -35.24 42.15 -6.53
CA PHE E 108 -35.41 40.75 -6.20
C PHE E 108 -34.06 40.07 -5.98
N VAL E 109 -34.03 39.15 -5.03
CA VAL E 109 -32.84 38.41 -4.64
C VAL E 109 -33.17 36.94 -4.86
N PRO E 110 -32.16 36.06 -5.05
CA PRO E 110 -32.44 34.66 -5.41
C PRO E 110 -33.26 33.89 -4.39
N ASP E 111 -33.92 32.83 -4.87
CA ASP E 111 -34.80 32.03 -4.02
C ASP E 111 -33.99 31.20 -3.03
N ASP E 112 -32.84 30.69 -3.45
CA ASP E 112 -31.91 30.05 -2.54
C ASP E 112 -31.17 31.14 -1.78
N ASN E 113 -31.82 31.62 -0.73
CA ASN E 113 -31.32 32.69 0.10
C ASN E 113 -30.96 32.10 1.46
N PRO E 114 -29.67 31.95 1.79
CA PRO E 114 -29.30 31.26 3.03
C PRO E 114 -29.71 32.04 4.28
N ALA E 115 -29.95 31.29 5.35
CA ALA E 115 -30.53 31.89 6.55
C ALA E 115 -29.89 31.29 7.79
N GLY E 116 -30.00 32.03 8.89
CA GLY E 116 -29.53 31.56 10.16
C GLY E 116 -30.46 31.94 11.29
N THR E 117 -30.65 31.03 12.24
CA THR E 117 -31.50 31.28 13.39
C THR E 117 -30.65 31.28 14.66
N TYR E 118 -30.81 32.33 15.45
CA TYR E 118 -30.12 32.53 16.72
C TYR E 118 -31.13 32.52 17.85
N VAL E 119 -30.82 31.81 18.94
CA VAL E 119 -31.67 31.75 20.12
C VAL E 119 -30.79 31.94 21.36
N ARG E 120 -31.19 32.86 22.23
CA ARG E 120 -30.48 33.05 23.50
C ARG E 120 -31.45 33.47 24.60
N ASP E 121 -31.37 32.81 25.75
CA ASP E 121 -32.05 33.21 26.98
C ASP E 121 -31.21 34.20 27.77
N PHE E 122 -31.89 34.99 28.61
CA PHE E 122 -31.22 35.88 29.55
C PHE E 122 -32.13 36.15 30.73
N ASN E 123 -31.54 36.68 31.79
CA ASN E 123 -32.27 37.09 32.99
C ASN E 123 -32.43 38.61 33.02
N LEU E 124 -33.29 39.09 33.92
CA LEU E 124 -33.52 40.50 34.01
C LEU E 124 -33.96 40.80 35.44
N PRO E 125 -33.38 41.80 36.10
CA PRO E 125 -33.68 42.05 37.52
C PRO E 125 -35.03 42.71 37.72
N GLU E 126 -35.37 42.93 38.99
CA GLU E 126 -36.67 43.47 39.37
C GLU E 126 -36.77 44.97 39.10
N ALA E 127 -35.68 45.72 39.29
CA ALA E 127 -35.68 47.16 39.12
C ALA E 127 -35.47 47.60 37.66
N TRP E 128 -35.73 46.71 36.72
CA TRP E 128 -35.57 46.97 35.30
C TRP E 128 -36.89 47.06 34.56
N THR E 129 -37.96 46.48 35.12
CA THR E 129 -39.30 46.63 34.58
C THR E 129 -39.98 47.91 35.03
N LYS E 130 -39.36 48.67 35.91
CA LYS E 130 -39.85 49.98 36.29
C LYS E 130 -39.37 51.08 35.34
N LYS E 131 -38.51 50.76 34.38
CA LYS E 131 -37.94 51.74 33.48
C LYS E 131 -38.06 51.31 32.04
N GLN E 132 -37.43 52.05 31.12
CA GLN E 132 -37.43 51.72 29.71
C GLN E 132 -36.26 50.81 29.40
N THR E 133 -36.49 49.79 28.56
CA THR E 133 -35.49 48.82 28.18
C THR E 133 -35.33 48.83 26.67
N ARG E 134 -34.09 48.98 26.20
CA ARG E 134 -33.79 48.98 24.79
C ARG E 134 -32.75 47.91 24.45
N ILE E 135 -32.78 47.42 23.22
CA ILE E 135 -31.76 46.52 22.72
C ILE E 135 -31.04 47.21 21.56
N VAL E 136 -29.71 47.02 21.49
CA VAL E 136 -28.88 47.67 20.50
C VAL E 136 -28.04 46.59 19.81
N PHE E 137 -28.14 46.51 18.49
CA PHE E 137 -27.27 45.69 17.66
C PHE E 137 -26.33 46.62 16.93
N GLU E 138 -25.03 46.45 17.13
CA GLU E 138 -24.06 47.35 16.50
C GLU E 138 -23.84 47.05 15.02
N GLY E 139 -24.11 45.82 14.55
CA GLY E 139 -24.00 45.42 13.15
C GLY E 139 -24.46 43.99 12.84
N VAL E 140 -25.34 43.72 11.84
CA VAL E 140 -25.84 42.37 11.40
C VAL E 140 -25.83 42.37 9.87
N ASN E 141 -25.25 41.38 9.16
CA ASN E 141 -25.11 41.41 7.68
C ASN E 141 -26.44 41.25 7.21
N ALA E 142 -26.72 41.94 6.11
CA ALA E 142 -27.98 42.12 5.49
C ALA E 142 -29.05 42.49 6.45
N CYS E 143 -30.10 41.80 6.43
CA CYS E 143 -31.32 42.03 7.21
C CYS E 143 -31.58 40.99 8.30
N PHE E 144 -32.41 41.36 9.27
CA PHE E 144 -32.74 40.48 10.38
C PHE E 144 -34.11 40.82 10.94
N TYR E 145 -34.76 39.78 11.47
CA TYR E 145 -35.99 39.86 12.23
C TYR E 145 -35.67 39.68 13.71
N LEU E 146 -36.66 39.95 14.56
CA LEU E 146 -36.42 39.90 15.99
C LEU E 146 -37.69 39.48 16.72
N TRP E 147 -37.55 38.57 17.68
CA TRP E 147 -38.65 38.11 18.50
C TRP E 147 -38.20 38.05 19.95
N VAL E 148 -39.00 38.60 20.85
CA VAL E 148 -38.76 38.56 22.29
C VAL E 148 -39.95 37.87 22.94
N ASN E 149 -39.67 36.76 23.65
CA ASN E 149 -40.67 35.94 24.33
C ASN E 149 -41.77 35.45 23.39
N GLY E 150 -41.38 35.09 22.17
CA GLY E 150 -42.32 34.58 21.20
C GLY E 150 -43.21 35.61 20.56
N ARG E 151 -42.84 36.88 20.63
CA ARG E 151 -43.64 37.98 20.13
C ARG E 151 -42.80 38.83 19.19
N PHE E 152 -43.38 39.20 18.05
CA PHE E 152 -42.67 39.96 17.05
C PHE E 152 -42.44 41.39 17.50
N VAL E 153 -41.19 41.84 17.46
CA VAL E 153 -40.83 43.14 18.01
C VAL E 153 -40.20 44.02 16.94
N GLY E 154 -39.53 43.45 15.95
CA GLY E 154 -38.90 44.29 14.96
C GLY E 154 -38.34 43.56 13.76
N TYR E 155 -38.10 44.36 12.72
CA TYR E 155 -37.35 44.00 11.51
C TYR E 155 -36.41 45.14 11.19
N SER E 156 -35.20 44.83 10.75
CA SER E 156 -34.30 45.89 10.32
C SER E 156 -33.40 45.40 9.20
N GLN E 157 -32.74 46.38 8.57
CA GLN E 157 -32.05 46.26 7.30
C GLN E 157 -31.01 47.36 7.24
N GLY E 158 -29.83 47.02 6.73
CA GLY E 158 -28.69 47.93 6.78
C GLY E 158 -27.56 47.29 7.55
N SER E 159 -26.45 47.02 6.87
CA SER E 159 -25.48 46.05 7.36
C SER E 159 -24.39 46.65 8.22
N ARG E 160 -24.09 47.94 8.09
CA ARG E 160 -22.93 48.53 8.74
C ARG E 160 -23.32 49.63 9.71
N ILE E 161 -24.59 49.71 10.07
CA ILE E 161 -25.12 50.79 10.91
C ILE E 161 -25.85 50.10 12.07
N PRO E 162 -25.81 50.63 13.30
CA PRO E 162 -26.55 50.00 14.40
C PRO E 162 -28.06 50.09 14.23
N ALA E 163 -28.75 49.30 15.05
CA ALA E 163 -30.20 49.28 15.09
C ALA E 163 -30.64 49.11 16.53
N GLU E 164 -31.56 49.95 16.97
CA GLU E 164 -32.02 49.95 18.35
C GLU E 164 -33.53 49.75 18.39
N PHE E 165 -33.98 48.91 19.32
CA PHE E 165 -35.39 48.57 19.44
C PHE E 165 -35.83 48.74 20.89
N ASP E 166 -37.14 48.85 21.06
CA ASP E 166 -37.76 49.10 22.36
C ASP E 166 -38.40 47.82 22.86
N LEU E 167 -37.99 47.37 24.05
CA LEU E 167 -38.40 46.09 24.60
C LEU E 167 -39.24 46.21 25.86
N THR E 168 -39.80 47.37 26.12
CA THR E 168 -40.60 47.58 27.33
C THR E 168 -41.94 46.82 27.33
N PRO E 169 -42.71 46.70 26.23
CA PRO E 169 -43.90 45.84 26.30
C PRO E 169 -43.62 44.35 26.25
N PHE E 170 -42.37 43.90 26.11
CA PHE E 170 -42.12 42.52 25.77
C PHE E 170 -41.40 41.70 26.84
N VAL E 171 -40.66 42.35 27.74
CA VAL E 171 -39.83 41.63 28.69
C VAL E 171 -40.52 41.60 30.05
N ALA E 172 -40.10 40.64 30.87
CA ALA E 172 -40.59 40.49 32.23
C ALA E 172 -39.42 40.10 33.12
N ALA E 173 -39.64 40.22 34.43
CA ALA E 173 -38.61 39.86 35.39
C ALA E 173 -38.39 38.35 35.41
N GLY E 174 -37.13 37.94 35.48
CA GLY E 174 -36.80 36.54 35.42
C GLY E 174 -36.26 36.13 34.06
N ARG E 175 -36.51 34.89 33.66
CA ARG E 175 -35.97 34.37 32.42
C ARG E 175 -36.74 34.93 31.23
N ASN E 176 -36.02 35.26 30.16
CA ASN E 176 -36.60 35.73 28.91
C ASN E 176 -36.05 34.90 27.76
N ARG E 177 -36.47 35.24 26.55
CA ARG E 177 -36.09 34.51 25.34
C ARG E 177 -35.95 35.47 24.18
N LEU E 178 -34.83 35.36 23.46
CA LEU E 178 -34.52 36.20 22.31
C LEU E 178 -34.26 35.31 21.10
N ALA E 179 -34.87 35.64 19.97
CA ALA E 179 -34.72 34.88 18.73
C ALA E 179 -34.51 35.83 17.57
N VAL E 180 -33.51 35.54 16.74
CA VAL E 180 -33.13 36.37 15.60
C VAL E 180 -33.09 35.50 14.36
N LEU E 181 -33.65 35.99 13.26
CA LEU E 181 -33.51 35.39 11.95
C LEU E 181 -32.69 36.33 11.07
N VAL E 182 -31.58 35.83 10.54
CA VAL E 182 -30.65 36.63 9.74
C VAL E 182 -30.61 36.06 8.33
N LEU E 183 -30.79 36.94 7.33
CA LEU E 183 -30.75 36.55 5.93
C LEU E 183 -29.50 37.09 5.26
N LYS E 184 -29.05 36.41 4.21
CA LYS E 184 -27.81 36.79 3.53
C LYS E 184 -28.03 37.90 2.51
N TRP E 185 -29.19 37.93 1.86
CA TRP E 185 -29.48 38.81 0.75
C TRP E 185 -30.79 39.54 1.01
N CYS E 186 -30.77 40.85 0.85
CA CYS E 186 -32.01 41.64 0.89
C CYS E 186 -31.95 42.62 -0.25
N ASP E 187 -32.94 43.52 -0.31
CA ASP E 187 -32.92 44.53 -1.38
C ASP E 187 -31.89 45.62 -1.14
N GLY E 188 -31.29 45.69 0.04
CA GLY E 188 -30.15 46.54 0.29
C GLY E 188 -28.83 45.98 -0.17
N THR E 189 -28.83 44.79 -0.78
CA THR E 189 -27.60 44.23 -1.32
C THR E 189 -27.19 44.98 -2.59
N TYR E 190 -28.16 45.54 -3.30
CA TYR E 190 -27.87 46.36 -4.48
C TYR E 190 -27.14 47.64 -4.12
N LEU E 191 -27.24 48.11 -2.88
CA LEU E 191 -26.55 49.30 -2.42
C LEU E 191 -25.28 48.99 -1.64
N GLU E 192 -24.83 47.74 -1.64
CA GLU E 192 -23.66 47.32 -0.87
C GLU E 192 -22.74 46.47 -1.73
N ASP E 193 -22.43 46.95 -2.92
CA ASP E 193 -21.60 46.20 -3.86
C ASP E 193 -20.13 46.58 -3.68
N GLN E 194 -19.61 46.34 -2.48
CA GLN E 194 -18.23 46.68 -2.18
C GLN E 194 -17.29 45.59 -2.67
N ASP E 195 -16.11 46.02 -3.12
CA ASP E 195 -15.04 45.12 -3.55
C ASP E 195 -14.32 44.58 -2.30
N VAL E 196 -14.96 43.60 -1.67
CA VAL E 196 -14.48 43.03 -0.41
C VAL E 196 -15.06 41.63 -0.32
N TRP E 197 -14.51 40.80 0.57
CA TRP E 197 -15.11 39.52 0.89
C TRP E 197 -16.49 39.70 1.48
N ARG E 198 -17.42 38.81 1.15
CA ARG E 198 -18.82 38.95 1.54
C ARG E 198 -19.09 38.05 2.74
N PHE E 199 -19.22 38.65 3.91
CA PHE E 199 -19.50 37.91 5.13
C PHE E 199 -20.95 38.12 5.55
N SER E 200 -21.38 37.30 6.52
CA SER E 200 -22.76 37.28 6.97
C SER E 200 -22.80 37.00 8.47
N GLY E 201 -23.86 37.48 9.11
CA GLY E 201 -24.15 37.14 10.48
C GLY E 201 -24.23 38.35 11.38
N ILE E 202 -24.31 38.08 12.68
CA ILE E 202 -24.17 39.10 13.71
C ILE E 202 -22.67 39.21 14.00
N TYR E 203 -22.03 40.25 13.48
CA TYR E 203 -20.59 40.35 13.57
C TYR E 203 -20.11 41.46 14.49
N ARG E 204 -20.99 42.27 15.04
CA ARG E 204 -20.62 43.29 15.99
C ARG E 204 -21.35 43.06 17.31
N ASP E 205 -21.18 44.01 18.24
CA ASP E 205 -21.65 43.85 19.60
C ASP E 205 -23.17 43.95 19.68
N VAL E 206 -23.71 43.36 20.75
CA VAL E 206 -25.15 43.32 21.04
C VAL E 206 -25.31 43.55 22.53
N TYR E 207 -26.15 44.53 22.93
CA TYR E 207 -26.34 44.75 24.35
C TYR E 207 -27.72 45.32 24.65
N LEU E 208 -28.02 45.41 25.95
CA LEU E 208 -29.28 45.91 26.47
C LEU E 208 -29.02 47.12 27.35
N LEU E 209 -29.84 48.17 27.17
CA LEU E 209 -29.76 49.40 27.95
C LEU E 209 -31.01 49.57 28.78
N SER E 210 -30.85 50.16 29.97
CA SER E 210 -31.94 50.47 30.89
C SER E 210 -31.98 51.97 31.13
N ARG E 211 -32.79 52.67 30.37
CA ARG E 211 -32.89 54.12 30.49
C ARG E 211 -34.24 54.47 31.11
N ASP E 212 -34.21 55.42 32.05
CA ASP E 212 -35.39 55.79 32.83
C ASP E 212 -36.42 56.51 31.97
N ASN E 213 -37.55 56.82 32.59
CA ASN E 213 -38.74 57.20 31.83
C ASN E 213 -38.62 58.60 31.24
N THR E 214 -37.85 59.48 31.88
CA THR E 214 -37.54 60.79 31.32
C THR E 214 -36.01 60.87 31.22
N HIS E 215 -35.49 60.73 30.01
CA HIS E 215 -34.05 60.63 29.79
C HIS E 215 -33.61 61.51 28.64
N ILE E 216 -32.32 61.87 28.65
CA ILE E 216 -31.71 62.58 27.55
C ILE E 216 -31.62 61.65 26.35
N ARG E 217 -32.33 62.00 25.28
CA ARG E 217 -32.40 61.10 24.14
C ARG E 217 -31.26 61.35 23.16
N ASP E 218 -30.92 62.61 22.88
CA ASP E 218 -29.92 62.89 21.85
C ASP E 218 -29.10 64.09 22.28
N VAL E 219 -27.80 64.07 21.93
CA VAL E 219 -26.86 65.13 22.26
C VAL E 219 -26.06 65.46 21.01
N PHE E 220 -26.01 66.75 20.65
CA PHE E 220 -25.12 67.21 19.59
C PHE E 220 -24.27 68.36 20.11
N ASN E 221 -22.97 68.13 20.22
CA ASN E 221 -22.04 69.13 20.71
C ASN E 221 -21.47 69.89 19.53
N GLN E 222 -21.33 71.21 19.69
CA GLN E 222 -20.83 72.08 18.63
C GLN E 222 -19.74 72.97 19.19
N PRO E 223 -18.49 72.81 18.75
CA PRO E 223 -17.50 73.88 18.95
C PRO E 223 -17.82 75.06 18.05
N LEU E 224 -17.65 76.26 18.58
CA LEU E 224 -18.06 77.50 17.93
C LEU E 224 -16.96 78.54 17.99
N LEU E 225 -15.77 78.17 17.52
CA LEU E 225 -14.61 79.05 17.48
C LEU E 225 -14.90 80.35 16.72
N SER E 226 -14.21 81.40 17.12
CA SER E 226 -14.42 82.73 16.54
C SER E 226 -13.68 82.84 15.20
N ASP E 227 -13.63 84.06 14.66
CA ASP E 227 -13.06 84.23 13.33
C ASP E 227 -11.54 84.22 13.35
N ASP E 228 -10.92 84.56 14.47
CA ASP E 228 -9.47 84.55 14.61
C ASP E 228 -8.97 83.43 15.52
N LEU E 229 -9.83 82.43 15.78
CA LEU E 229 -9.53 81.23 16.56
C LEU E 229 -9.12 81.54 17.99
N SER E 230 -9.71 82.59 18.57
CA SER E 230 -9.29 83.08 19.88
C SER E 230 -10.35 82.99 20.95
N GLU E 231 -11.60 82.74 20.61
CA GLU E 231 -12.68 82.57 21.58
C GLU E 231 -13.45 81.31 21.24
N GLY E 232 -13.75 80.50 22.26
CA GLY E 232 -14.45 79.26 22.06
C GLY E 232 -15.78 79.24 22.78
N LYS E 233 -16.75 78.56 22.17
CA LYS E 233 -18.05 78.35 22.79
C LYS E 233 -18.50 76.93 22.52
N LEU E 234 -18.78 76.18 23.57
CA LEU E 234 -19.36 74.85 23.43
C LEU E 234 -20.87 74.96 23.51
N ARG E 235 -21.55 74.63 22.42
CA ARG E 235 -23.01 74.62 22.36
C ARG E 235 -23.48 73.17 22.35
N SER E 236 -24.11 72.73 23.42
CA SER E 236 -24.55 71.35 23.55
C SER E 236 -26.06 71.29 23.39
N GLU E 237 -26.51 70.95 22.18
CA GLU E 237 -27.93 70.83 21.88
C GLU E 237 -28.43 69.49 22.42
N ILE E 238 -29.29 69.53 23.43
CA ILE E 238 -29.78 68.35 24.12
C ILE E 238 -31.27 68.19 23.78
N GLU E 239 -31.64 66.98 23.38
CA GLU E 239 -33.01 66.66 22.99
C GLU E 239 -33.49 65.55 23.93
N THR E 240 -34.44 65.88 24.79
CA THR E 240 -34.91 64.96 25.82
C THR E 240 -36.27 64.39 25.44
N THR E 241 -36.84 63.59 26.34
CA THR E 241 -38.17 63.03 26.17
C THR E 241 -39.18 63.63 27.14
N GLY E 242 -38.79 64.64 27.90
CA GLY E 242 -39.66 65.28 28.86
C GLY E 242 -38.95 66.39 29.59
N SER E 243 -39.32 66.64 30.84
CA SER E 243 -38.76 67.74 31.62
C SER E 243 -37.59 67.22 32.45
N LEU E 244 -36.37 67.67 32.13
CA LEU E 244 -35.19 67.22 32.85
C LEU E 244 -34.39 68.39 33.39
N THR E 245 -34.01 68.30 34.66
CA THR E 245 -32.98 69.14 35.25
C THR E 245 -31.63 68.51 34.96
N ILE E 246 -30.79 69.21 34.20
CA ILE E 246 -29.56 68.66 33.67
C ILE E 246 -28.38 69.47 34.19
N GLN E 247 -27.42 68.78 34.80
CA GLN E 247 -26.13 69.35 35.17
C GLN E 247 -25.15 69.15 34.04
N ALA E 248 -24.23 70.10 33.87
CA ALA E 248 -23.20 70.01 32.84
C ALA E 248 -21.91 70.62 33.35
N GLU E 249 -20.79 69.97 33.04
CA GLU E 249 -19.49 70.51 33.41
C GLU E 249 -18.46 70.19 32.35
N LEU E 250 -17.49 71.09 32.20
CA LEU E 250 -16.49 71.03 31.15
C LEU E 250 -15.09 71.16 31.74
N ARG E 251 -14.15 70.36 31.23
CA ARG E 251 -12.78 70.33 31.74
C ARG E 251 -11.79 70.36 30.59
N ASP E 252 -10.61 70.92 30.87
CA ASP E 252 -9.51 71.05 29.92
C ASP E 252 -8.76 69.71 29.82
N PRO E 253 -7.77 69.56 28.92
CA PRO E 253 -6.98 68.31 28.93
C PRO E 253 -6.14 68.10 30.18
N ALA E 254 -5.84 69.16 30.93
CA ALA E 254 -5.06 68.97 32.15
C ALA E 254 -5.91 68.50 33.32
N GLY E 255 -7.23 68.61 33.23
CA GLY E 255 -8.10 68.18 34.32
C GLY E 255 -8.46 69.28 35.28
N LYS E 256 -9.02 70.36 34.77
CA LYS E 256 -9.38 71.52 35.57
C LYS E 256 -10.73 72.05 35.11
N LEU E 257 -11.60 72.35 36.07
CA LEU E 257 -12.92 72.89 35.75
C LEU E 257 -12.83 74.27 35.11
N ILE E 258 -13.46 74.42 33.95
CA ILE E 258 -13.56 75.70 33.27
C ILE E 258 -15.00 76.15 33.07
N GLY E 259 -15.98 75.30 33.37
CA GLY E 259 -17.36 75.66 33.15
C GLY E 259 -18.28 74.71 33.89
N GLN E 260 -19.47 75.20 34.23
CA GLN E 260 -20.46 74.43 34.98
C GLN E 260 -21.80 75.14 34.83
N LYS E 261 -22.86 74.36 34.64
CA LYS E 261 -24.15 74.94 34.29
C LYS E 261 -25.26 73.97 34.68
N GLU E 262 -26.43 74.52 34.99
CA GLU E 262 -27.64 73.77 35.22
C GLU E 262 -28.74 74.29 34.29
N ALA E 263 -29.54 73.38 33.74
CA ALA E 263 -30.64 73.79 32.89
C ALA E 263 -31.86 72.91 33.15
N GLN E 264 -32.98 73.31 32.57
CA GLN E 264 -34.26 72.60 32.68
C GLN E 264 -34.80 72.50 31.26
N ILE E 265 -34.53 71.37 30.60
CA ILE E 265 -34.84 71.20 29.19
C ILE E 265 -36.10 70.35 29.07
N ASP E 266 -37.04 70.82 28.26
CA ASP E 266 -38.37 70.23 28.14
C ASP E 266 -38.61 69.59 26.78
N GLY E 267 -37.55 69.10 26.15
CA GLY E 267 -37.69 68.36 24.91
C GLY E 267 -36.65 68.67 23.84
N LYS E 268 -36.22 69.93 23.74
CA LYS E 268 -35.22 70.34 22.76
C LYS E 268 -34.66 71.69 23.16
N GLY E 269 -33.37 71.75 23.45
CA GLY E 269 -32.76 73.00 23.84
C GLY E 269 -31.26 72.83 24.04
N ALA E 270 -30.58 73.96 23.98
CA ALA E 270 -29.12 74.00 24.03
C ALA E 270 -28.64 74.45 25.41
N MET E 271 -27.34 74.21 25.65
CA MET E 271 -26.65 74.65 26.87
C MET E 271 -25.29 75.19 26.45
N GLU E 272 -25.22 76.49 26.19
CA GLU E 272 -23.98 77.10 25.76
C GLU E 272 -23.04 77.32 26.95
N LEU E 273 -21.74 77.35 26.64
CA LEU E 273 -20.72 77.49 27.67
C LEU E 273 -19.50 78.11 27.00
N ASP E 274 -18.75 78.91 27.76
CA ASP E 274 -17.67 79.71 27.19
C ASP E 274 -16.31 79.14 27.57
N VAL E 275 -15.38 79.17 26.61
CA VAL E 275 -13.98 78.79 26.79
C VAL E 275 -13.14 79.97 26.33
N PRO E 276 -12.42 80.65 27.24
CA PRO E 276 -11.73 81.91 26.87
C PRO E 276 -10.55 81.75 25.93
N GLN E 277 -9.61 80.87 26.24
CA GLN E 277 -8.44 80.63 25.39
C GLN E 277 -8.40 79.15 25.07
N PRO E 278 -8.87 78.73 23.90
CA PRO E 278 -9.01 77.30 23.60
C PRO E 278 -7.73 76.65 23.09
N GLN E 279 -7.61 75.37 23.41
CA GLN E 279 -6.54 74.52 22.90
C GLN E 279 -7.12 73.69 21.77
N LEU E 280 -6.56 73.82 20.58
CA LEU E 280 -7.18 73.30 19.37
C LEU E 280 -6.76 71.86 19.09
N TRP E 281 -7.61 71.15 18.35
CA TRP E 281 -7.34 69.79 17.95
C TRP E 281 -6.68 69.76 16.59
N ASN E 282 -5.71 68.88 16.43
CA ASN E 282 -5.10 68.55 15.14
C ASN E 282 -4.49 67.17 15.27
N ALA E 283 -3.97 66.64 14.15
CA ALA E 283 -3.53 65.25 14.11
C ALA E 283 -2.24 65.02 14.90
N GLU E 284 -1.46 66.05 15.15
CA GLU E 284 -0.19 65.89 15.82
C GLU E 284 -0.17 66.45 17.23
N GLN E 285 -1.22 67.16 17.65
CA GLN E 285 -1.39 67.60 19.04
C GLN E 285 -2.83 67.37 19.44
N PRO E 286 -3.24 66.11 19.68
CA PRO E 286 -4.67 65.82 19.89
C PRO E 286 -5.18 66.16 21.29
N ARG E 287 -5.54 67.43 21.48
CA ARG E 287 -6.00 67.91 22.78
C ARG E 287 -7.52 67.88 22.84
N LEU E 288 -8.06 67.28 23.91
CA LEU E 288 -9.49 67.03 24.01
C LEU E 288 -10.04 67.52 25.35
N TYR E 289 -11.09 68.33 25.29
CA TYR E 289 -11.87 68.69 26.45
C TYR E 289 -12.80 67.55 26.85
N GLU E 290 -13.28 67.61 28.10
CA GLU E 290 -14.18 66.59 28.62
C GLU E 290 -15.48 67.23 29.06
N LEU E 291 -16.60 66.69 28.58
CA LEU E 291 -17.93 67.17 28.94
C LEU E 291 -18.66 66.08 29.71
N ILE E 292 -19.21 66.43 30.87
CA ILE E 292 -19.99 65.52 31.69
C ILE E 292 -21.40 66.07 31.83
N LEU E 293 -22.39 65.29 31.41
CA LEU E 293 -23.79 65.60 31.58
C LEU E 293 -24.39 64.68 32.64
N THR E 294 -25.20 65.23 33.52
CA THR E 294 -25.80 64.49 34.61
C THR E 294 -27.30 64.74 34.62
N ALA E 295 -28.08 63.65 34.60
CA ALA E 295 -29.53 63.78 34.59
C ALA E 295 -30.13 62.55 35.26
N GLY E 296 -30.79 62.76 36.40
CA GLY E 296 -31.41 61.68 37.13
C GLY E 296 -30.43 60.68 37.68
N GLN E 297 -30.46 59.46 37.15
CA GLN E 297 -29.51 58.43 37.50
C GLN E 297 -28.43 58.24 36.46
N GLU E 298 -28.44 59.03 35.39
CA GLU E 298 -27.57 58.80 34.23
C GLU E 298 -26.48 59.85 34.14
N VAL E 299 -25.28 59.40 33.79
CA VAL E 299 -24.12 60.25 33.59
C VAL E 299 -23.55 59.96 32.22
N LEU E 300 -23.47 60.97 31.37
CA LEU E 300 -22.97 60.85 30.00
C LEU E 300 -21.65 61.60 29.87
N ARG E 301 -20.68 60.96 29.21
CA ARG E 301 -19.34 61.52 29.05
C ARG E 301 -19.04 61.70 27.57
N PHE E 302 -18.61 62.90 27.20
CA PHE E 302 -18.24 63.24 25.83
C PHE E 302 -16.85 63.83 25.82
N ARG E 303 -16.17 63.69 24.67
CA ARG E 303 -14.83 64.22 24.48
C ARG E 303 -14.85 65.17 23.29
N VAL E 304 -14.51 66.43 23.54
CA VAL E 304 -14.78 67.52 22.61
C VAL E 304 -13.44 68.00 22.06
N GLY E 305 -13.39 68.23 20.74
CA GLY E 305 -12.22 68.83 20.14
C GLY E 305 -12.56 70.07 19.35
N PHE E 306 -11.78 71.14 19.52
CA PHE E 306 -12.06 72.42 18.88
C PHE E 306 -11.26 72.54 17.60
N LYS E 307 -11.94 72.60 16.46
CA LYS E 307 -11.26 72.74 15.18
C LYS E 307 -12.19 73.42 14.19
N LYS E 308 -11.61 73.89 13.09
CA LYS E 308 -12.37 74.52 12.02
C LYS E 308 -11.79 74.14 10.68
N VAL E 309 -12.65 73.61 9.80
CA VAL E 309 -12.26 73.14 8.48
C VAL E 309 -12.91 74.04 7.45
N GLU E 310 -12.13 74.53 6.48
CA GLU E 310 -12.68 75.49 5.53
C GLU E 310 -11.94 75.44 4.20
N ILE E 311 -12.51 76.14 3.23
CA ILE E 311 -11.87 76.42 1.94
C ILE E 311 -12.01 77.92 1.70
N THR E 312 -10.90 78.59 1.38
CA THR E 312 -10.90 80.04 1.30
C THR E 312 -10.76 80.55 -0.13
N ASP E 313 -9.69 80.21 -0.82
CA ASP E 313 -9.44 80.68 -2.19
C ASP E 313 -9.14 79.51 -3.10
N GLY E 314 -9.85 78.40 -2.89
CA GLY E 314 -9.44 77.15 -3.48
C GLY E 314 -8.35 76.46 -2.71
N ILE E 315 -8.13 76.85 -1.45
CA ILE E 315 -7.09 76.29 -0.60
C ILE E 315 -7.75 75.68 0.62
N PHE E 316 -7.58 74.37 0.78
CA PHE E 316 -8.09 73.65 1.94
C PHE E 316 -7.33 74.06 3.19
N ARG E 317 -8.04 74.39 4.26
CA ARG E 317 -7.39 74.86 5.48
C ARG E 317 -8.01 74.22 6.70
N ILE E 318 -7.15 73.85 7.65
CA ILE E 318 -7.55 73.38 8.99
C ILE E 318 -6.88 74.29 10.00
N ASN E 319 -7.70 74.95 10.83
CA ASN E 319 -7.27 75.86 11.90
C ASN E 319 -6.42 77.01 11.36
N GLY E 320 -6.80 77.55 10.21
CA GLY E 320 -6.09 78.66 9.60
C GLY E 320 -4.93 78.28 8.70
N ARG E 321 -4.19 77.22 9.05
CA ARG E 321 -3.05 76.81 8.25
C ARG E 321 -3.50 75.96 7.07
N ALA E 322 -2.70 75.98 6.01
CA ALA E 322 -2.94 75.14 4.84
C ALA E 322 -2.34 73.76 5.09
N VAL E 323 -3.16 72.72 4.97
CA VAL E 323 -2.80 71.37 5.35
C VAL E 323 -2.89 70.48 4.11
N LYS E 324 -1.87 69.66 3.89
CA LYS E 324 -1.89 68.64 2.86
C LYS E 324 -2.10 67.28 3.51
N LEU E 325 -3.16 66.60 3.09
CA LEU E 325 -3.60 65.36 3.70
C LEU E 325 -2.83 64.19 3.11
N LYS E 326 -2.18 63.39 3.95
CA LYS E 326 -1.29 62.32 3.53
C LYS E 326 -1.82 61.02 4.12
N GLY E 327 -2.62 60.26 3.36
CA GLY E 327 -3.36 59.17 3.95
C GLY E 327 -3.45 57.92 3.11
N VAL E 328 -4.09 56.91 3.71
CA VAL E 328 -4.35 55.62 3.07
C VAL E 328 -5.83 55.30 3.23
N ASN E 329 -6.31 54.33 2.45
CA ASN E 329 -7.64 53.80 2.61
C ASN E 329 -7.57 52.52 3.44
N ARG E 330 -8.68 52.18 4.10
CA ARG E 330 -8.64 51.06 5.04
C ARG E 330 -9.98 50.33 5.05
N HIS E 331 -9.94 49.03 4.77
CA HIS E 331 -11.04 48.13 5.07
C HIS E 331 -10.84 47.49 6.43
N ASP E 332 -11.94 47.22 7.11
CA ASP E 332 -11.89 46.35 8.28
C ASP E 332 -11.78 44.91 7.80
N SER E 333 -10.60 44.32 7.96
CA SER E 333 -10.35 42.97 7.47
C SER E 333 -9.30 42.31 8.35
N HIS E 334 -9.68 41.22 8.98
CA HIS E 334 -8.82 40.36 9.77
C HIS E 334 -8.65 39.03 9.05
N PRO E 335 -7.44 38.47 8.99
CA PRO E 335 -7.23 37.24 8.21
C PRO E 335 -7.81 35.99 8.84
N GLU E 336 -8.35 36.05 10.06
CA GLU E 336 -8.96 34.90 10.69
C GLU E 336 -10.38 35.13 11.17
N LEU E 337 -10.83 36.38 11.29
CA LEU E 337 -12.15 36.68 11.82
C LEU E 337 -13.03 37.44 10.85
N GLY E 338 -12.53 37.79 9.68
CA GLY E 338 -13.34 38.52 8.71
C GLY E 338 -13.52 39.97 9.05
N GLN E 339 -14.75 40.39 9.31
CA GLN E 339 -15.05 41.76 9.67
C GLN E 339 -15.25 41.94 11.17
N THR E 340 -14.85 40.97 11.98
CA THR E 340 -14.84 41.11 13.43
C THR E 340 -13.44 41.56 13.84
N ILE E 341 -13.32 42.78 14.34
CA ILE E 341 -12.04 43.38 14.64
C ILE E 341 -11.96 43.65 16.14
N PRO E 342 -11.05 43.02 16.87
CA PRO E 342 -10.83 43.38 18.28
C PRO E 342 -10.07 44.70 18.40
N VAL E 343 -9.92 45.16 19.64
CA VAL E 343 -9.39 46.50 19.90
C VAL E 343 -7.89 46.58 19.67
N ASN E 344 -7.15 45.57 20.14
CA ASN E 344 -5.70 45.56 20.01
C ASN E 344 -5.26 45.47 18.57
N HIS E 345 -6.06 44.81 17.73
CA HIS E 345 -5.77 44.74 16.30
C HIS E 345 -6.00 46.09 15.61
N MET E 346 -6.81 46.96 16.19
CA MET E 346 -6.92 48.35 15.70
C MET E 346 -5.76 49.19 16.18
N ILE E 347 -5.36 49.01 17.45
CA ILE E 347 -4.28 49.81 18.03
C ILE E 347 -2.96 49.50 17.35
N ALA E 348 -2.75 48.25 16.96
CA ALA E 348 -1.53 47.87 16.23
C ALA E 348 -1.48 48.54 14.86
N ASP E 349 -2.60 48.59 14.14
CA ASP E 349 -2.66 49.27 12.86
C ASP E 349 -2.42 50.76 13.01
N LEU E 350 -2.97 51.37 14.05
CA LEU E 350 -2.79 52.81 14.23
C LEU E 350 -1.36 53.16 14.61
N LYS E 351 -0.71 52.33 15.44
CA LYS E 351 0.68 52.55 15.76
C LYS E 351 1.57 52.38 14.54
N LEU E 352 1.31 51.36 13.72
CA LEU E 352 2.12 51.11 12.54
C LEU E 352 1.92 52.20 11.47
N MET E 353 0.71 52.76 11.37
CA MET E 353 0.51 53.90 10.48
C MET E 353 1.21 55.14 11.01
N LYS E 354 1.12 55.40 12.32
CA LYS E 354 1.65 56.62 12.86
C LYS E 354 3.18 56.64 12.86
N ARG E 355 3.82 55.47 12.91
CA ARG E 355 5.27 55.44 12.75
C ARG E 355 5.71 55.33 11.28
N HIS E 356 4.83 55.66 10.33
CA HIS E 356 5.19 55.78 8.92
C HIS E 356 4.64 57.06 8.32
N ASN E 357 4.53 58.11 9.14
CA ASN E 357 4.29 59.50 8.73
C ASN E 357 2.90 59.71 8.14
N ILE E 358 1.92 58.90 8.50
CA ILE E 358 0.56 59.00 7.97
C ILE E 358 -0.31 59.76 8.95
N ASN E 359 -1.09 60.73 8.47
CA ASN E 359 -1.98 61.49 9.33
C ASN E 359 -3.44 61.46 8.92
N THR E 360 -3.80 60.78 7.85
CA THR E 360 -5.18 60.74 7.37
C THR E 360 -5.56 59.28 7.15
N ILE E 361 -6.83 58.95 7.43
CA ILE E 361 -7.38 57.63 7.14
C ILE E 361 -8.74 57.86 6.49
N ARG E 362 -8.98 57.19 5.37
CA ARG E 362 -10.28 57.19 4.72
C ARG E 362 -10.97 55.85 4.94
N THR E 363 -12.10 55.86 5.63
CA THR E 363 -12.86 54.65 5.92
C THR E 363 -13.51 54.18 4.63
N SER E 364 -12.91 53.19 3.98
CA SER E 364 -13.25 52.84 2.62
C SER E 364 -14.60 52.12 2.55
N HIS E 365 -15.60 52.83 2.06
CA HIS E 365 -16.88 52.42 1.47
C HIS E 365 -17.95 52.04 2.50
N TYR E 366 -17.67 52.13 3.79
CA TYR E 366 -18.65 51.92 4.85
C TYR E 366 -18.09 52.53 6.13
N PRO E 367 -18.95 52.93 7.07
CA PRO E 367 -18.45 53.37 8.37
C PRO E 367 -17.99 52.20 9.23
N ASN E 368 -16.99 52.46 10.06
CA ASN E 368 -16.39 51.42 10.87
C ASN E 368 -17.06 51.33 12.23
N ASP E 369 -16.45 50.56 13.13
CA ASP E 369 -16.96 50.37 14.47
C ASP E 369 -16.81 51.68 15.26
N PRO E 370 -17.74 51.98 16.18
CA PRO E 370 -17.70 53.28 16.87
C PRO E 370 -16.50 53.52 17.79
N LYS E 371 -15.72 52.50 18.14
CA LYS E 371 -14.54 52.71 18.96
C LYS E 371 -13.27 52.91 18.16
N PHE E 372 -13.30 52.60 16.86
CA PHE E 372 -12.20 52.99 15.99
C PHE E 372 -12.07 54.50 15.91
N LEU E 373 -13.19 55.20 15.87
CA LEU E 373 -13.16 56.66 15.88
C LEU E 373 -12.79 57.21 17.25
N ASP E 374 -13.14 56.49 18.32
CA ASP E 374 -12.69 56.87 19.65
C ASP E 374 -11.18 56.76 19.77
N LEU E 375 -10.58 55.75 19.12
CA LEU E 375 -9.13 55.63 19.10
C LEU E 375 -8.50 56.70 18.21
N CYS E 376 -9.15 57.03 17.09
CA CYS E 376 -8.61 58.04 16.18
C CYS E 376 -8.72 59.45 16.74
N ASP E 377 -9.61 59.68 17.70
CA ASP E 377 -9.61 60.96 18.40
C ASP E 377 -8.39 61.11 19.30
N GLU E 378 -7.84 60.01 19.79
CA GLU E 378 -6.79 60.00 20.81
C GLU E 378 -5.40 59.96 20.19
N PHE E 379 -5.18 59.10 19.19
CA PHE E 379 -3.90 59.04 18.51
C PHE E 379 -3.66 60.27 17.63
N GLY E 380 -4.69 60.73 16.93
CA GLY E 380 -4.58 61.87 16.05
C GLY E 380 -4.51 61.47 14.59
N PHE E 381 -5.65 61.51 13.91
CA PHE E 381 -5.78 61.16 12.51
C PHE E 381 -6.95 61.93 11.95
N TYR E 382 -6.84 62.36 10.70
CA TYR E 382 -7.97 62.99 10.02
C TYR E 382 -8.80 61.90 9.36
N ILE E 383 -10.12 61.94 9.58
CA ILE E 383 -11.02 60.87 9.15
C ILE E 383 -11.93 61.40 8.07
N ILE E 384 -11.94 60.70 6.93
CA ILE E 384 -12.90 60.90 5.85
C ILE E 384 -13.88 59.74 5.92
N ASP E 385 -15.09 60.01 6.38
CA ASP E 385 -16.02 58.98 6.80
C ASP E 385 -17.03 58.74 5.69
N GLU E 386 -16.94 57.59 5.02
CA GLU E 386 -17.79 57.29 3.88
C GLU E 386 -19.05 56.55 4.32
N ALA E 387 -20.09 56.68 3.51
CA ALA E 387 -21.36 56.02 3.76
C ALA E 387 -21.38 54.66 3.09
N ASP E 388 -22.32 53.82 3.53
CA ASP E 388 -22.43 52.43 3.09
C ASP E 388 -23.27 52.38 1.83
N LEU E 389 -22.68 52.80 0.71
CA LEU E 389 -23.47 52.87 -0.52
C LEU E 389 -22.58 52.64 -1.73
N GLU E 390 -22.79 51.62 -2.53
CA GLU E 390 -21.90 51.35 -3.63
C GLU E 390 -22.73 50.70 -4.66
N CYS E 391 -23.53 51.46 -5.32
CA CYS E 391 -24.43 50.93 -6.26
C CYS E 391 -23.72 50.92 -7.52
N HIS E 392 -22.77 50.02 -7.70
CA HIS E 392 -21.95 50.02 -8.92
C HIS E 392 -22.84 49.73 -10.08
N GLY E 393 -24.08 49.31 -9.84
CA GLY E 393 -25.09 49.14 -10.87
C GLY E 393 -24.73 48.58 -12.18
N VAL E 394 -24.90 49.38 -13.21
CA VAL E 394 -24.51 48.96 -14.53
C VAL E 394 -25.05 47.55 -14.86
N HIS E 406 -30.55 50.01 -15.59
CA HIS E 406 -29.53 50.33 -14.60
C HIS E 406 -29.76 51.73 -14.03
N LYS E 407 -28.73 52.25 -13.36
CA LYS E 407 -28.71 53.59 -12.74
C LYS E 407 -29.85 53.75 -11.72
N LEU E 408 -29.67 53.03 -10.61
CA LEU E 408 -30.53 53.20 -9.44
C LEU E 408 -30.44 54.61 -8.84
N SER E 409 -29.36 55.34 -9.12
CA SER E 409 -29.20 56.70 -8.61
C SER E 409 -30.24 57.65 -9.18
N ASN E 410 -30.76 57.38 -10.38
CA ASN E 410 -31.74 58.24 -11.02
C ASN E 410 -33.15 57.69 -10.91
N ASN E 411 -33.37 56.67 -10.10
CA ASN E 411 -34.68 56.05 -9.96
C ASN E 411 -35.34 56.64 -8.73
N PRO E 412 -36.45 57.38 -8.86
CA PRO E 412 -36.96 58.16 -7.73
C PRO E 412 -37.62 57.34 -6.63
N ASP E 413 -37.93 56.08 -6.85
CA ASP E 413 -38.50 55.25 -5.79
C ASP E 413 -37.43 54.51 -5.00
N TRP E 414 -36.17 54.84 -5.20
CA TRP E 414 -35.06 54.40 -4.37
C TRP E 414 -34.55 55.50 -3.46
N LYS E 415 -35.23 56.64 -3.41
CA LYS E 415 -34.64 57.82 -2.80
C LYS E 415 -34.61 57.73 -1.28
N GLU E 416 -35.61 57.12 -0.65
CA GLU E 416 -35.60 56.97 0.80
C GLU E 416 -34.56 55.97 1.28
N ALA E 417 -34.13 55.05 0.40
CA ALA E 417 -33.05 54.13 0.75
C ALA E 417 -31.69 54.82 0.67
N PHE E 418 -31.49 55.66 -0.34
CA PHE E 418 -30.28 56.45 -0.49
C PHE E 418 -30.10 57.45 0.65
N VAL E 419 -31.18 58.11 1.07
CA VAL E 419 -31.07 59.19 2.04
C VAL E 419 -30.80 58.65 3.45
N GLU E 420 -31.46 57.56 3.84
CA GLU E 420 -31.32 57.09 5.22
C GLU E 420 -29.95 56.50 5.49
N ARG E 421 -29.22 56.04 4.47
CA ARG E 421 -27.88 55.54 4.72
C ARG E 421 -26.89 56.65 5.00
N ALA E 422 -27.22 57.88 4.63
CA ALA E 422 -26.45 59.04 5.08
C ALA E 422 -26.97 59.60 6.39
N VAL E 423 -28.30 59.56 6.60
CA VAL E 423 -28.87 60.07 7.84
C VAL E 423 -28.43 59.24 9.04
N ARG E 424 -28.40 57.92 8.88
CA ARG E 424 -27.99 57.05 9.95
C ARG E 424 -26.49 57.10 10.21
N MET E 425 -25.69 57.46 9.20
CA MET E 425 -24.26 57.62 9.43
C MET E 425 -23.93 58.93 10.12
N VAL E 426 -24.45 60.04 9.58
CA VAL E 426 -24.10 61.37 10.08
C VAL E 426 -24.62 61.57 11.49
N GLU E 427 -25.78 60.99 11.82
CA GLU E 427 -26.31 61.13 13.17
C GLU E 427 -25.52 60.32 14.18
N ARG E 428 -24.81 59.27 13.73
CA ARG E 428 -24.08 58.40 14.64
C ARG E 428 -22.71 58.97 15.01
N ASP E 429 -22.07 59.66 14.08
CA ASP E 429 -20.67 60.05 14.19
C ASP E 429 -20.48 61.57 14.21
N LYS E 430 -21.43 62.32 14.74
CA LYS E 430 -21.38 63.76 14.62
C LYS E 430 -20.64 64.44 15.77
N ASN E 431 -20.29 63.72 16.83
CA ASN E 431 -19.56 64.28 17.95
C ASN E 431 -18.11 63.78 18.00
N HIS E 432 -17.54 63.42 16.86
CA HIS E 432 -16.17 62.95 16.81
C HIS E 432 -15.26 64.04 16.26
N ALA E 433 -14.21 64.35 17.02
CA ALA E 433 -13.31 65.45 16.72
C ALA E 433 -12.33 65.15 15.61
N SER E 434 -12.33 63.94 15.05
CA SER E 434 -11.39 63.59 14.00
C SER E 434 -12.01 63.58 12.62
N VAL E 435 -13.34 63.46 12.52
CA VAL E 435 -14.01 63.44 11.24
C VAL E 435 -13.99 64.85 10.66
N ILE E 436 -13.43 64.99 9.47
CA ILE E 436 -13.33 66.30 8.84
C ILE E 436 -14.17 66.43 7.57
N ILE E 437 -14.51 65.33 6.91
CA ILE E 437 -15.16 65.33 5.61
C ILE E 437 -16.20 64.21 5.58
N TRP E 438 -17.45 64.55 5.25
CA TRP E 438 -18.48 63.56 5.02
C TRP E 438 -18.46 63.16 3.56
N SER E 439 -18.25 61.88 3.28
CA SER E 439 -18.23 61.38 1.91
C SER E 439 -19.44 60.51 1.65
N MET E 440 -20.07 60.71 0.50
CA MET E 440 -21.34 60.09 0.18
C MET E 440 -21.19 58.75 -0.52
N GLY E 441 -20.05 58.09 -0.36
CA GLY E 441 -19.85 56.75 -0.87
C GLY E 441 -19.15 56.74 -2.22
N ASN E 442 -18.79 55.53 -2.64
CA ASN E 442 -18.14 55.31 -3.93
C ASN E 442 -19.12 55.62 -5.05
N GLU E 443 -18.76 56.59 -5.89
CA GLU E 443 -19.62 57.05 -6.97
C GLU E 443 -18.91 56.86 -8.29
N SER E 444 -19.56 56.16 -9.21
CA SER E 444 -19.18 56.16 -10.62
C SER E 444 -20.28 56.73 -11.48
N GLY E 445 -21.39 57.15 -10.89
CA GLY E 445 -22.48 57.74 -11.63
C GLY E 445 -23.10 58.93 -10.92
N TYR E 446 -23.14 60.07 -11.61
CA TYR E 446 -23.86 61.23 -11.11
C TYR E 446 -25.37 60.95 -11.18
N GLY E 447 -26.05 61.13 -10.05
CA GLY E 447 -27.46 60.80 -9.97
C GLY E 447 -28.22 61.79 -9.12
N ASP E 448 -29.55 61.67 -9.20
CA ASP E 448 -30.44 62.54 -8.46
C ASP E 448 -30.60 62.12 -7.01
N ASN E 449 -30.13 60.94 -6.63
CA ASN E 449 -30.24 60.48 -5.26
C ASN E 449 -29.01 60.80 -4.43
N HIS E 450 -27.85 61.00 -5.06
CA HIS E 450 -26.67 61.41 -4.31
C HIS E 450 -26.75 62.88 -3.91
N ILE E 451 -27.37 63.72 -4.74
CA ILE E 451 -27.45 65.14 -4.41
C ILE E 451 -28.45 65.37 -3.29
N ALA E 452 -29.43 64.47 -3.11
CA ALA E 452 -30.34 64.58 -1.98
C ALA E 452 -29.61 64.27 -0.68
N MET E 453 -28.73 63.27 -0.72
CA MET E 453 -27.86 62.96 0.42
C MET E 453 -26.97 64.13 0.77
N ALA E 454 -26.37 64.76 -0.25
CA ALA E 454 -25.47 65.88 -0.03
C ALA E 454 -26.22 67.10 0.51
N GLU E 455 -27.45 67.33 0.04
CA GLU E 455 -28.22 68.47 0.51
C GLU E 455 -28.70 68.28 1.94
N TRP E 456 -29.12 67.06 2.30
CA TRP E 456 -29.48 66.79 3.69
C TRP E 456 -28.27 66.93 4.61
N THR E 457 -27.11 66.43 4.17
CA THR E 457 -25.92 66.49 5.01
C THR E 457 -25.44 67.92 5.19
N LYS E 458 -25.52 68.73 4.13
CA LYS E 458 -25.07 70.11 4.22
C LYS E 458 -26.05 70.96 5.01
N ALA E 459 -27.34 70.64 4.97
CA ALA E 459 -28.29 71.32 5.84
C ALA E 459 -28.12 70.92 7.29
N ARG E 460 -27.77 69.66 7.55
CA ARG E 460 -27.67 69.19 8.93
C ARG E 460 -26.39 69.67 9.61
N ASP E 461 -25.23 69.35 9.02
CA ASP E 461 -23.93 69.66 9.61
C ASP E 461 -23.19 70.58 8.66
N ALA E 462 -22.93 71.81 9.10
CA ALA E 462 -22.21 72.79 8.31
C ALA E 462 -20.76 72.97 8.76
N SER E 463 -20.33 72.25 9.78
CA SER E 463 -18.97 72.37 10.29
C SER E 463 -17.97 71.50 9.53
N ARG E 464 -18.42 70.66 8.61
CA ARG E 464 -17.57 69.73 7.89
C ARG E 464 -17.88 69.81 6.41
N LEU E 465 -16.90 69.41 5.60
CA LEU E 465 -17.04 69.44 4.15
C LEU E 465 -17.71 68.17 3.65
N VAL E 466 -18.32 68.26 2.48
CA VAL E 466 -19.10 67.17 1.91
C VAL E 466 -18.44 66.72 0.61
N HIS E 467 -18.21 65.42 0.49
CA HIS E 467 -17.50 64.82 -0.63
C HIS E 467 -18.45 63.91 -1.38
N TYR E 468 -18.46 64.04 -2.71
CA TYR E 468 -19.09 63.03 -3.56
C TYR E 468 -18.41 63.04 -4.92
N GLU E 469 -18.14 61.82 -5.43
CA GLU E 469 -17.17 61.62 -6.50
C GLU E 469 -17.71 61.98 -7.88
N GLY E 470 -19.00 61.69 -8.12
CA GLY E 470 -19.58 61.91 -9.44
C GLY E 470 -19.68 63.36 -9.85
N ALA E 471 -19.72 64.27 -8.88
CA ALA E 471 -19.71 65.73 -9.07
C ALA E 471 -20.86 66.25 -9.96
N CYS E 483 -23.56 73.29 -5.72
CA CYS E 483 -22.94 73.68 -4.47
C CYS E 483 -21.95 72.62 -4.01
N LEU E 484 -20.85 72.47 -4.76
CA LEU E 484 -19.83 71.49 -4.44
C LEU E 484 -18.75 72.10 -3.57
N ASP E 485 -18.15 71.28 -2.72
CA ASP E 485 -17.07 71.73 -1.85
C ASP E 485 -15.71 71.54 -2.50
N LEU E 486 -15.37 70.31 -2.87
CA LEU E 486 -14.06 70.00 -3.40
C LEU E 486 -14.20 69.12 -4.63
N ASP E 487 -13.16 69.11 -5.46
CA ASP E 487 -13.12 68.31 -6.67
C ASP E 487 -12.23 67.09 -6.46
N SER E 488 -12.67 65.95 -6.95
CA SER E 488 -12.01 64.68 -6.69
C SER E 488 -11.76 63.93 -7.99
N ARG E 489 -10.63 63.23 -8.05
CA ARG E 489 -10.24 62.44 -9.21
C ARG E 489 -9.68 61.11 -8.74
N MET E 490 -10.17 60.01 -9.33
CA MET E 490 -9.61 58.69 -9.10
C MET E 490 -8.61 58.37 -10.20
N TYR E 491 -7.37 58.13 -9.81
CA TYR E 491 -6.22 57.81 -10.67
C TYR E 491 -5.97 58.79 -11.80
N PRO E 492 -5.48 60.00 -11.54
CA PRO E 492 -5.02 60.84 -12.64
C PRO E 492 -3.62 60.42 -13.06
N SER E 493 -3.16 61.02 -14.15
CA SER E 493 -1.74 60.98 -14.44
C SER E 493 -1.04 62.12 -13.70
N VAL E 494 0.29 62.06 -13.68
CA VAL E 494 1.06 63.14 -13.06
C VAL E 494 1.03 64.39 -13.93
N LYS E 495 0.79 64.23 -15.24
CA LYS E 495 0.60 65.37 -16.12
C LYS E 495 -0.77 66.01 -15.94
N GLU E 496 -1.77 65.21 -15.55
CA GLU E 496 -3.14 65.71 -15.48
C GLU E 496 -3.33 66.66 -14.30
N ILE E 497 -2.72 66.35 -13.15
CA ILE E 497 -2.91 67.22 -12.00
C ILE E 497 -2.10 68.50 -12.12
N GLU E 498 -0.96 68.47 -12.82
CA GLU E 498 -0.26 69.71 -13.06
C GLU E 498 -0.85 70.50 -14.22
N ARG E 499 -1.68 69.87 -15.06
CA ARG E 499 -2.56 70.64 -15.91
C ARG E 499 -3.65 71.34 -15.10
N TYR E 500 -4.26 70.61 -14.16
CA TYR E 500 -5.34 71.18 -13.35
C TYR E 500 -4.84 72.32 -12.46
N ALA E 501 -3.60 72.24 -11.98
CA ALA E 501 -3.12 73.21 -11.02
C ALA E 501 -2.82 74.56 -11.66
N LEU E 502 -2.34 74.56 -12.90
CA LEU E 502 -1.94 75.80 -13.55
C LEU E 502 -3.11 76.54 -14.19
N ASP E 503 -4.29 75.93 -14.26
CA ASP E 503 -5.42 76.57 -14.91
C ASP E 503 -6.03 77.65 -14.01
N GLU E 504 -6.73 78.58 -14.64
CA GLU E 504 -7.40 79.68 -13.94
C GLU E 504 -8.88 79.43 -13.73
N ASN E 505 -9.47 78.46 -14.44
CA ASN E 505 -10.84 78.06 -14.22
C ASN E 505 -10.98 77.03 -13.11
N SER E 506 -9.92 76.80 -12.34
CA SER E 506 -9.93 75.85 -11.23
C SER E 506 -10.13 76.67 -9.96
N THR E 507 -11.36 76.67 -9.45
CA THR E 507 -11.70 77.41 -8.24
C THR E 507 -11.79 76.53 -7.01
N LYS E 508 -11.70 75.21 -7.18
CA LYS E 508 -11.79 74.27 -6.07
C LYS E 508 -10.49 73.51 -5.93
N PRO E 509 -10.10 73.13 -4.71
CA PRO E 509 -8.89 72.32 -4.53
C PRO E 509 -9.10 70.90 -5.01
N LEU E 510 -7.99 70.27 -5.38
CA LEU E 510 -7.99 68.94 -5.97
C LEU E 510 -7.49 67.92 -4.96
N PHE E 511 -8.28 66.87 -4.75
CA PHE E 511 -7.97 65.80 -3.80
C PHE E 511 -7.85 64.50 -4.57
N LEU E 512 -6.66 63.88 -4.50
CA LEU E 512 -6.44 62.58 -5.14
C LEU E 512 -7.21 61.52 -4.36
N CYS E 513 -8.23 60.96 -4.99
CA CYS E 513 -9.21 60.16 -4.27
C CYS E 513 -8.66 58.79 -3.89
N GLU E 514 -8.19 58.03 -4.88
CA GLU E 514 -7.71 56.66 -4.67
C GLU E 514 -6.46 56.39 -5.51
N TYR E 515 -5.49 57.31 -5.48
CA TYR E 515 -4.36 57.27 -6.39
C TYR E 515 -3.36 56.17 -6.00
N SER E 516 -2.51 55.80 -6.97
CA SER E 516 -1.34 54.92 -6.82
C SER E 516 -1.72 53.54 -6.27
N HIS E 517 -2.40 52.77 -7.12
CA HIS E 517 -2.78 51.39 -6.81
C HIS E 517 -1.55 50.56 -6.49
N ALA E 518 -1.55 49.93 -5.31
CA ALA E 518 -0.38 49.23 -4.78
C ALA E 518 -0.45 47.73 -5.03
N MET E 519 -1.00 47.33 -6.18
CA MET E 519 -1.22 45.92 -6.47
C MET E 519 0.09 45.28 -6.91
N GLY E 520 0.69 44.49 -6.03
CA GLY E 520 1.85 43.70 -6.39
C GLY E 520 3.17 44.13 -5.77
N ASN E 521 4.13 44.50 -6.59
CA ASN E 521 5.49 44.79 -6.15
C ASN E 521 5.67 46.29 -5.91
N GLY E 522 4.84 46.83 -5.02
CA GLY E 522 4.97 48.20 -4.59
C GLY E 522 4.40 49.20 -5.58
N PRO E 523 4.06 50.40 -5.10
CA PRO E 523 3.60 51.45 -6.01
C PRO E 523 4.76 52.06 -6.76
N GLY E 524 4.61 52.16 -8.08
CA GLY E 524 5.54 52.96 -8.85
C GLY E 524 5.22 54.44 -8.76
N ASP E 525 6.12 55.23 -9.36
CA ASP E 525 6.11 56.69 -9.57
C ASP E 525 5.42 57.51 -8.48
N LEU E 526 5.76 57.22 -7.23
CA LEU E 526 5.11 57.85 -6.10
C LEU E 526 5.77 59.17 -5.72
N GLN E 527 7.07 59.30 -6.00
CA GLN E 527 7.76 60.58 -5.82
C GLN E 527 7.26 61.63 -6.81
N ASP E 528 6.80 61.18 -7.98
CA ASP E 528 6.36 62.08 -9.04
C ASP E 528 5.10 62.85 -8.65
N TYR E 529 4.18 62.21 -7.94
CA TYR E 529 2.98 62.91 -7.49
C TYR E 529 3.32 63.96 -6.45
N TRP E 530 4.19 63.63 -5.50
CA TRP E 530 4.43 64.54 -4.40
C TRP E 530 5.39 65.67 -4.76
N ASN E 531 6.22 65.49 -5.80
CA ASN E 531 7.03 66.60 -6.29
C ASN E 531 6.18 67.74 -6.83
N VAL E 532 4.98 67.46 -7.34
CA VAL E 532 4.10 68.52 -7.80
C VAL E 532 2.99 68.85 -6.81
N ILE E 533 2.71 67.96 -5.85
CA ILE E 533 1.81 68.34 -4.75
C ILE E 533 2.48 69.37 -3.85
N TYR E 534 3.77 69.19 -3.57
CA TYR E 534 4.48 70.10 -2.67
C TYR E 534 4.64 71.49 -3.26
N ARG E 535 5.04 71.59 -4.54
CA ARG E 535 5.36 72.90 -5.09
C ARG E 535 4.13 73.69 -5.51
N TYR E 536 2.95 73.08 -5.52
CA TYR E 536 1.75 73.79 -5.95
C TYR E 536 0.75 73.92 -4.82
N PRO E 537 0.05 75.05 -4.72
CA PRO E 537 -1.23 75.08 -4.01
C PRO E 537 -2.32 74.50 -4.89
N LYS E 538 -3.58 74.60 -4.45
CA LYS E 538 -4.78 73.99 -5.08
C LYS E 538 -4.69 72.46 -5.11
N LEU E 539 -3.82 71.87 -4.30
CA LEU E 539 -3.61 70.42 -4.27
C LEU E 539 -3.50 70.02 -2.80
N MET E 540 -4.53 69.36 -2.29
CA MET E 540 -4.67 69.10 -0.86
C MET E 540 -4.23 67.69 -0.47
N GLY E 541 -3.53 66.97 -1.33
CA GLY E 541 -3.02 65.66 -0.98
C GLY E 541 -3.94 64.54 -1.41
N GLY E 542 -3.78 63.39 -0.78
CA GLY E 542 -4.59 62.25 -1.18
C GLY E 542 -4.40 61.03 -0.30
N CYS E 543 -5.10 59.97 -0.79
CA CYS E 543 -5.14 58.64 -0.14
C CYS E 543 -4.69 57.44 -1.00
N VAL E 544 -3.53 56.80 -0.74
CA VAL E 544 -3.01 55.58 -1.47
C VAL E 544 -3.98 54.44 -1.37
N TRP E 545 -4.10 53.59 -2.39
CA TRP E 545 -5.19 52.61 -2.40
C TRP E 545 -5.29 51.75 -1.21
N GLU E 546 -4.53 50.70 -1.04
CA GLU E 546 -4.88 50.01 0.17
C GLU E 546 -3.92 49.83 1.29
N TRP E 547 -4.40 49.77 2.52
CA TRP E 547 -3.57 49.47 3.65
C TRP E 547 -3.18 48.04 3.67
N CYS E 548 -4.08 47.09 3.78
CA CYS E 548 -3.79 45.67 3.76
C CYS E 548 -4.12 44.74 2.65
N ASP E 549 -3.52 43.56 2.64
CA ASP E 549 -3.84 42.52 1.70
C ASP E 549 -4.99 41.75 2.32
N HIS E 550 -5.95 41.32 1.55
CA HIS E 550 -7.12 40.72 2.14
C HIS E 550 -7.10 39.24 2.14
N GLY E 551 -5.99 38.64 1.82
CA GLY E 551 -5.83 37.20 1.80
C GLY E 551 -6.25 36.59 3.11
N ILE E 552 -6.99 35.49 3.04
CA ILE E 552 -7.53 34.86 4.24
C ILE E 552 -6.68 33.63 4.56
N ALA E 553 -6.50 33.36 5.85
CA ALA E 553 -5.57 32.34 6.29
C ALA E 553 -6.15 30.96 6.02
N ALA E 554 -5.40 30.13 5.30
CA ALA E 554 -5.90 28.83 4.89
C ALA E 554 -4.83 27.77 5.07
N GLU E 555 -5.28 26.57 5.41
CA GLU E 555 -4.42 25.41 5.52
C GLU E 555 -4.39 24.65 4.20
N THR E 556 -3.31 23.95 4.00
CA THR E 556 -3.13 22.95 2.95
C THR E 556 -3.17 21.56 3.59
N PRO E 557 -3.37 20.48 2.82
CA PRO E 557 -3.29 19.14 3.41
C PRO E 557 -1.90 18.66 3.79
N ASP E 558 -0.88 19.51 3.71
CA ASP E 558 0.48 19.14 4.12
C ASP E 558 0.97 19.85 5.36
N GLY E 559 0.34 20.95 5.76
CA GLY E 559 0.70 21.64 6.99
C GLY E 559 1.70 22.77 6.80
N GLN E 560 1.51 23.59 5.76
CA GLN E 560 2.37 24.73 5.46
C GLN E 560 1.51 25.96 5.16
N ARG E 561 0.65 26.28 6.13
CA ARG E 561 -0.40 27.30 6.13
C ARG E 561 -0.01 28.60 5.40
N TYR E 562 -0.90 29.05 4.52
CA TYR E 562 -0.62 30.17 3.62
C TYR E 562 -1.80 31.14 3.63
N TYR E 563 -1.75 32.14 2.77
CA TYR E 563 -2.86 33.08 2.59
C TYR E 563 -3.46 32.88 1.21
N ALA E 564 -4.75 32.61 1.17
CA ALA E 564 -5.46 32.37 -0.07
C ALA E 564 -6.19 33.64 -0.51
N TYR E 565 -6.36 33.77 -1.81
CA TYR E 565 -7.11 34.83 -2.45
C TYR E 565 -8.31 34.22 -3.18
N GLY E 566 -8.98 35.04 -3.98
CA GLY E 566 -10.25 34.63 -4.57
C GLY E 566 -10.09 33.55 -5.62
N GLY E 567 -11.08 32.66 -5.67
CA GLY E 567 -11.05 31.55 -6.59
C GLY E 567 -10.46 30.27 -6.03
N ASP E 568 -10.21 30.22 -4.72
CA ASP E 568 -9.64 29.04 -4.09
C ASP E 568 -10.67 28.23 -3.32
N PHE E 569 -11.96 28.55 -3.47
CA PHE E 569 -13.01 27.87 -2.74
C PHE E 569 -14.16 27.45 -3.65
N GLY E 570 -13.96 27.47 -4.96
CA GLY E 570 -15.02 27.13 -5.89
C GLY E 570 -16.07 28.20 -6.05
N ASP E 571 -15.77 29.43 -5.63
CA ASP E 571 -16.73 30.52 -5.68
C ASP E 571 -16.78 31.17 -7.06
N GLN E 572 -17.99 31.55 -7.47
CA GLN E 572 -18.20 32.20 -8.76
C GLN E 572 -18.94 33.50 -8.52
N PRO E 573 -18.45 34.63 -9.06
CA PRO E 573 -17.28 34.73 -9.95
C PRO E 573 -15.96 34.96 -9.21
N ASN E 574 -14.84 34.63 -9.84
CA ASN E 574 -13.53 34.82 -9.27
C ASN E 574 -12.86 36.09 -9.80
N ASP E 575 -12.43 36.96 -8.89
CA ASP E 575 -11.70 38.17 -9.26
C ASP E 575 -10.48 37.93 -8.47
N ARG E 576 -9.71 36.93 -8.84
CA ARG E 576 -8.56 36.45 -8.06
C ARG E 576 -7.48 37.14 -7.26
N ASN E 577 -6.73 38.07 -7.84
CA ASN E 577 -5.59 38.69 -7.19
C ASN E 577 -5.94 40.17 -7.08
N PHE E 578 -7.17 40.56 -7.42
CA PHE E 578 -7.63 41.93 -7.24
C PHE E 578 -7.83 42.30 -5.77
N CYS E 579 -7.84 41.33 -4.87
CA CYS E 579 -8.05 41.59 -3.45
C CYS E 579 -6.77 41.86 -2.69
N ILE E 580 -5.60 41.62 -3.27
CA ILE E 580 -4.38 41.67 -2.47
C ILE E 580 -3.98 43.12 -2.25
N ASP E 581 -3.46 43.77 -3.31
CA ASP E 581 -3.28 45.21 -3.54
C ASP E 581 -3.09 46.11 -2.30
N GLY E 582 -2.21 45.73 -1.39
CA GLY E 582 -2.07 46.42 -0.12
C GLY E 582 -0.64 46.80 0.19
N LEU E 583 -0.48 47.59 1.24
CA LEU E 583 0.82 48.06 1.68
C LEU E 583 1.44 47.19 2.78
N VAL E 584 0.64 46.36 3.45
CA VAL E 584 1.14 45.44 4.46
C VAL E 584 0.67 44.03 4.14
N PHE E 585 1.41 43.06 4.66
CA PHE E 585 0.99 41.67 4.61
C PHE E 585 -0.20 41.44 5.54
N PRO E 586 -0.96 40.35 5.35
CA PRO E 586 -2.11 40.09 6.25
C PRO E 586 -1.75 39.85 7.70
N ASP E 587 -0.52 39.45 8.01
CA ASP E 587 -0.03 39.43 9.39
C ASP E 587 0.68 40.73 9.77
N ARG E 588 0.41 41.81 9.03
CA ARG E 588 0.84 43.18 9.34
C ARG E 588 2.35 43.34 9.31
N ARG E 589 3.01 42.63 8.39
CA ARG E 589 4.40 42.93 8.07
C ARG E 589 4.47 43.95 6.95
N PRO E 590 5.34 44.95 7.05
CA PRO E 590 5.40 45.97 6.00
C PRO E 590 6.03 45.45 4.72
N HIS E 591 5.42 45.80 3.59
CA HIS E 591 6.06 45.67 2.30
C HIS E 591 7.11 46.75 2.13
N THR E 592 7.82 46.70 0.99
CA THR E 592 8.71 47.79 0.64
C THR E 592 7.96 49.03 0.17
N GLY E 593 6.65 48.93 -0.05
CA GLY E 593 5.86 50.09 -0.43
C GLY E 593 5.51 51.03 0.70
N LEU E 594 5.56 50.56 1.95
CA LEU E 594 5.44 51.49 3.07
C LEU E 594 6.68 52.35 3.22
N LEU E 595 7.85 51.78 2.96
CA LEU E 595 9.07 52.53 3.18
C LEU E 595 9.25 53.61 2.13
N GLU E 596 8.76 53.35 0.91
CA GLU E 596 8.71 54.36 -0.13
C GLU E 596 7.83 55.52 0.28
N LEU E 597 6.63 55.21 0.76
CA LEU E 597 5.70 56.24 1.22
C LEU E 597 6.27 57.01 2.40
N LYS E 598 6.89 56.30 3.34
CA LYS E 598 7.48 56.91 4.53
C LYS E 598 8.56 57.92 4.17
N GLN E 599 9.39 57.60 3.18
CA GLN E 599 10.38 58.59 2.76
C GLN E 599 9.76 59.71 1.96
N VAL E 600 8.73 59.44 1.16
CA VAL E 600 8.16 60.46 0.29
C VAL E 600 7.42 61.53 1.09
N ILE E 601 6.63 61.12 2.08
CA ILE E 601 5.79 62.08 2.81
C ILE E 601 6.41 62.48 4.16
N ALA E 602 7.73 62.38 4.28
CA ALA E 602 8.40 62.74 5.53
C ALA E 602 8.33 64.24 5.76
N PRO E 603 8.13 64.68 7.01
CA PRO E 603 7.85 66.09 7.26
C PRO E 603 9.08 66.97 7.45
N VAL E 604 10.26 66.47 7.06
CA VAL E 604 11.51 67.22 7.17
C VAL E 604 12.27 67.04 5.86
N LEU E 605 12.67 68.15 5.24
CA LEU E 605 13.49 68.11 4.03
C LEU E 605 14.87 68.67 4.34
N ILE E 606 15.91 68.05 3.77
CA ILE E 606 17.28 68.54 3.88
C ILE E 606 17.86 68.66 2.48
N GLU E 607 18.43 69.83 2.17
CA GLU E 607 19.04 70.05 0.87
C GLU E 607 20.31 70.86 1.02
N ALA E 608 21.07 70.96 -0.07
CA ALA E 608 22.45 71.41 -0.03
C ALA E 608 22.56 72.94 -0.06
N GLU E 609 23.53 73.46 0.69
CA GLU E 609 23.77 74.89 0.88
C GLU E 609 25.28 75.11 0.81
N ASP E 610 25.88 74.73 -0.34
CA ASP E 610 27.34 74.63 -0.55
C ASP E 610 27.96 73.60 0.40
N VAL E 611 27.68 72.34 0.05
CA VAL E 611 28.07 71.13 0.79
C VAL E 611 29.57 71.00 1.04
N ALA E 612 30.41 71.73 0.28
CA ALA E 612 31.85 71.68 0.50
C ALA E 612 32.25 72.27 1.85
N GLN E 613 31.57 73.34 2.26
CA GLN E 613 31.79 73.87 3.60
C GLN E 613 31.11 73.00 4.66
N GLY E 614 29.89 72.53 4.37
CA GLY E 614 29.17 71.68 5.29
C GLY E 614 27.88 72.32 5.79
N ARG E 615 27.29 73.18 4.97
CA ARG E 615 26.09 73.93 5.36
C ARG E 615 24.87 73.36 4.63
N PHE E 616 23.75 73.30 5.33
CA PHE E 616 22.57 72.59 4.84
C PHE E 616 21.29 73.32 5.18
N ARG E 617 20.36 73.35 4.24
CA ARG E 617 19.03 73.87 4.46
C ARG E 617 18.12 72.77 4.99
N VAL E 618 17.41 73.07 6.08
CA VAL E 618 16.45 72.15 6.68
C VAL E 618 15.09 72.82 6.63
N LEU E 619 14.17 72.23 5.87
CA LEU E 619 12.81 72.71 5.71
C LEU E 619 11.86 71.93 6.59
N ASN E 620 11.03 72.66 7.33
CA ASN E 620 9.97 72.09 8.15
C ASN E 620 8.72 71.93 7.29
N ARG E 621 8.22 70.70 7.21
CA ARG E 621 6.98 70.39 6.51
C ARG E 621 5.87 69.95 7.46
N TYR E 622 6.04 70.14 8.75
CA TYR E 622 4.90 70.03 9.65
C TYR E 622 3.96 71.21 9.43
N ASP E 623 2.73 71.04 9.91
CA ASP E 623 1.74 72.11 9.81
C ASP E 623 1.62 72.92 11.08
N PHE E 624 1.88 72.30 12.24
CA PHE E 624 1.70 72.96 13.52
C PHE E 624 2.84 72.73 14.49
N SER E 625 3.84 71.92 14.13
CA SER E 625 4.89 71.51 15.06
C SER E 625 6.24 72.07 14.62
N ASN E 626 6.99 72.58 15.59
CA ASN E 626 8.38 72.92 15.36
C ASN E 626 9.25 71.68 15.45
N LEU E 627 10.52 71.83 15.10
CA LEU E 627 11.44 70.70 14.98
C LEU E 627 12.29 70.50 16.23
N SER E 628 11.79 70.90 17.40
CA SER E 628 12.61 70.89 18.61
C SER E 628 12.81 69.49 19.17
N HIS E 629 12.12 68.49 18.65
CA HIS E 629 12.22 67.12 19.11
C HIS E 629 13.08 66.25 18.19
N LEU E 630 13.84 66.86 17.29
CA LEU E 630 14.56 66.12 16.26
C LEU E 630 16.03 66.55 16.25
N ALA E 631 16.87 65.68 15.72
CA ALA E 631 18.25 66.06 15.42
C ALA E 631 18.71 65.27 14.21
N VAL E 632 19.91 65.62 13.74
CA VAL E 632 20.47 65.06 12.53
C VAL E 632 21.75 64.31 12.90
N SER E 633 21.78 63.02 12.62
CA SER E 633 22.98 62.21 12.77
C SER E 633 23.62 62.06 11.40
N TRP E 634 24.86 62.53 11.27
CA TRP E 634 25.54 62.51 9.98
C TRP E 634 26.69 61.52 10.01
N LYS E 635 27.15 61.17 8.81
CA LYS E 635 28.13 60.10 8.66
C LYS E 635 28.83 60.22 7.31
N LEU E 636 30.16 60.35 7.31
CA LEU E 636 30.96 60.27 6.11
C LEU E 636 31.50 58.86 5.91
N GLU E 637 31.43 58.38 4.68
CA GLU E 637 31.96 57.05 4.42
C GLU E 637 32.51 56.97 3.01
N GLN E 638 33.36 55.98 2.81
CA GLN E 638 33.93 55.66 1.50
C GLN E 638 33.78 54.17 1.28
N GLU E 639 33.01 53.82 0.23
CA GLU E 639 32.72 52.45 -0.19
C GLU E 639 32.13 51.63 0.96
N GLY E 640 31.24 52.27 1.73
CA GLY E 640 30.62 51.62 2.86
C GLY E 640 31.44 51.59 4.13
N ASP E 641 32.63 52.19 4.16
CA ASP E 641 33.47 52.19 5.34
C ASP E 641 33.51 53.58 5.95
N VAL E 642 33.17 53.69 7.24
CA VAL E 642 32.94 54.98 7.87
C VAL E 642 34.26 55.64 8.22
N LEU E 643 34.35 56.95 7.98
CA LEU E 643 35.51 57.76 8.33
C LEU E 643 35.24 58.65 9.53
N GLN E 644 34.20 59.46 9.48
CA GLN E 644 33.85 60.40 10.53
C GLN E 644 32.35 60.31 10.80
N GLN E 645 31.94 60.67 12.01
CA GLN E 645 30.53 60.72 12.34
C GLN E 645 30.29 61.69 13.48
N GLY E 646 29.04 62.09 13.63
CA GLY E 646 28.66 63.00 14.69
C GLY E 646 27.16 63.21 14.71
N ARG E 647 26.73 64.14 15.55
CA ARG E 647 25.31 64.48 15.67
C ARG E 647 25.19 65.98 15.91
N SER E 648 24.20 66.61 15.30
CA SER E 648 23.95 68.01 15.54
C SER E 648 23.29 68.20 16.90
N GLY E 649 23.17 69.46 17.33
CA GLY E 649 22.55 69.73 18.61
C GLY E 649 21.06 69.48 18.63
N LEU E 650 20.30 70.38 18.03
CA LEU E 650 18.85 70.26 17.87
C LEU E 650 18.42 71.18 16.73
N LEU E 651 17.17 70.98 16.30
CA LEU E 651 16.57 71.76 15.23
C LEU E 651 15.51 72.67 15.84
N THR E 652 15.23 73.80 15.17
CA THR E 652 14.40 74.84 15.76
C THR E 652 13.33 75.42 14.84
N ALA E 653 13.15 74.90 13.63
CA ALA E 653 12.37 75.61 12.62
C ALA E 653 10.88 75.57 12.89
N ALA E 654 10.24 76.74 12.77
CA ALA E 654 8.80 76.87 12.85
C ALA E 654 8.16 76.26 11.59
N PRO E 655 6.87 75.89 11.65
CA PRO E 655 6.23 75.27 10.47
C PRO E 655 6.23 76.13 9.22
N GLY E 656 6.84 75.59 8.16
CA GLY E 656 6.95 76.28 6.90
C GLY E 656 8.24 77.04 6.69
N GLU E 657 9.18 76.98 7.64
CA GLU E 657 10.36 77.83 7.62
C GLU E 657 11.61 76.97 7.45
N THR E 658 12.71 77.64 7.08
CA THR E 658 13.95 76.99 6.72
C THR E 658 15.05 77.40 7.69
N GLU E 659 15.81 76.42 8.17
CA GLU E 659 16.91 76.61 9.09
C GLU E 659 18.21 76.26 8.36
N ILE E 660 19.33 76.83 8.80
CA ILE E 660 20.64 76.49 8.28
C ILE E 660 21.42 75.77 9.36
N ILE E 661 21.90 74.56 9.06
CA ILE E 661 22.75 73.82 9.98
C ILE E 661 24.13 73.67 9.35
N SER E 662 25.12 73.41 10.21
CA SER E 662 26.50 73.28 9.79
C SER E 662 27.11 72.07 10.46
N LEU E 663 27.69 71.16 9.65
CA LEU E 663 28.21 69.90 10.16
C LEU E 663 29.72 69.94 10.20
N PRO E 664 30.34 69.55 11.30
CA PRO E 664 31.77 69.85 11.51
C PRO E 664 32.76 68.91 10.85
N TYR E 665 32.36 68.16 9.82
CA TYR E 665 33.27 67.22 9.20
C TYR E 665 34.40 67.93 8.44
N ASP E 666 35.49 67.20 8.23
CA ASP E 666 36.73 67.75 7.70
C ASP E 666 37.08 67.04 6.40
N LEU E 667 37.22 67.80 5.33
CA LEU E 667 37.57 67.25 4.03
C LEU E 667 39.07 67.11 3.81
N THR E 668 39.89 67.71 4.67
CA THR E 668 41.34 67.61 4.49
C THR E 668 41.83 66.21 4.86
N VAL E 669 41.37 65.70 6.00
CA VAL E 669 41.81 64.39 6.48
C VAL E 669 41.18 63.28 5.64
N ALA E 670 39.90 63.44 5.30
CA ALA E 670 39.13 62.36 4.69
C ALA E 670 39.51 62.12 3.24
N GLN E 671 39.78 63.18 2.48
CA GLN E 671 40.04 63.02 1.05
C GLN E 671 41.41 62.41 0.78
N GLU E 672 42.36 62.58 1.69
CA GLU E 672 43.70 62.02 1.53
C GLU E 672 43.81 60.64 2.18
N GLU E 673 42.87 59.75 1.86
CA GLU E 673 42.92 58.38 2.35
C GLU E 673 43.02 57.38 1.21
N GLY E 674 42.12 57.43 0.23
CA GLY E 674 42.17 56.52 -0.91
C GLY E 674 41.82 57.17 -2.24
N THR E 675 41.46 58.46 -2.24
CA THR E 675 41.10 59.25 -3.42
C THR E 675 39.92 58.63 -4.18
N GLY E 676 38.79 58.54 -3.49
CA GLY E 676 37.56 58.09 -4.10
C GLY E 676 36.42 59.05 -3.83
N PRO E 677 35.24 58.77 -4.38
CA PRO E 677 34.06 59.58 -4.03
C PRO E 677 33.56 59.25 -2.64
N LEU E 678 33.25 60.29 -1.87
CA LEU E 678 32.77 60.11 -0.51
C LEU E 678 31.26 60.31 -0.45
N THR E 679 30.63 59.67 0.52
CA THR E 679 29.18 59.77 0.68
C THR E 679 28.86 60.24 2.08
N LEU E 680 28.09 61.31 2.18
CA LEU E 680 27.57 61.80 3.45
C LEU E 680 26.13 61.35 3.58
N THR E 681 25.78 60.83 4.76
CA THR E 681 24.41 60.44 5.08
C THR E 681 23.94 61.25 6.28
N CYS E 682 22.78 61.88 6.14
CA CYS E 682 22.17 62.67 7.21
C CYS E 682 20.82 62.05 7.52
N SER E 683 20.67 61.53 8.73
CA SER E 683 19.43 60.88 9.15
C SER E 683 18.76 61.68 10.25
N VAL E 684 17.48 61.98 10.06
CA VAL E 684 16.69 62.77 10.99
C VAL E 684 16.11 61.81 12.02
N ARG E 685 16.61 61.86 13.25
CA ARG E 685 16.21 60.95 14.29
C ARG E 685 15.59 61.74 15.43
N GLN E 686 14.56 61.17 16.05
CA GLN E 686 13.85 61.87 17.10
C GLN E 686 14.60 61.73 18.42
N GLN E 687 14.08 62.35 19.47
CA GLN E 687 14.82 62.49 20.71
C GLN E 687 14.08 62.00 21.95
N LEU E 688 12.76 61.82 21.89
CA LEU E 688 11.98 61.41 23.04
C LEU E 688 11.12 60.22 22.65
N ASP E 689 10.69 59.46 23.64
CA ASP E 689 9.84 58.30 23.40
C ASP E 689 8.42 58.75 23.10
N THR E 690 7.96 58.51 21.90
CA THR E 690 6.56 58.60 21.56
C THR E 690 5.86 57.31 22.01
N PRO E 691 4.52 57.30 22.07
CA PRO E 691 3.83 56.02 22.36
C PRO E 691 3.97 54.96 21.28
N TRP E 692 4.45 55.32 20.08
CA TRP E 692 4.61 54.37 19.00
C TRP E 692 6.05 54.10 18.62
N ALA E 693 7.01 54.87 19.12
CA ALA E 693 8.41 54.69 18.74
C ALA E 693 9.31 55.13 19.88
N GLU E 694 10.54 54.59 19.86
CA GLU E 694 11.51 54.77 20.93
C GLU E 694 12.34 56.03 20.67
N GLU E 695 13.47 56.17 21.37
CA GLU E 695 14.23 57.42 21.34
C GLU E 695 14.92 57.64 20.00
N GLY E 696 15.79 56.73 19.59
CA GLY E 696 16.60 57.01 18.41
C GLY E 696 15.97 56.63 17.08
N TYR E 697 14.65 56.71 16.98
CA TYR E 697 13.95 56.23 15.79
C TYR E 697 14.05 57.26 14.66
N GLU E 698 14.22 56.75 13.44
CA GLU E 698 14.54 57.56 12.29
C GLU E 698 13.29 57.89 11.48
N ILE E 699 13.18 59.16 11.08
CA ILE E 699 12.06 59.63 10.28
C ILE E 699 12.43 59.75 8.80
N ALA E 700 13.60 60.31 8.50
CA ALA E 700 13.99 60.51 7.11
C ALA E 700 15.49 60.36 6.99
N PHE E 701 15.96 60.20 5.76
CA PHE E 701 17.39 60.17 5.47
C PHE E 701 17.64 60.90 4.16
N TYR E 702 18.82 61.50 4.06
CA TYR E 702 19.22 62.21 2.84
C TYR E 702 20.71 61.97 2.63
N GLN E 703 21.09 61.60 1.41
CA GLN E 703 22.49 61.34 1.09
C GLN E 703 23.02 62.35 0.08
N PHE E 704 24.32 62.59 0.16
CA PHE E 704 24.99 63.61 -0.63
C PHE E 704 26.35 63.08 -1.09
N GLU E 705 26.67 63.31 -2.36
CA GLU E 705 27.97 62.92 -2.90
C GLU E 705 28.99 64.03 -2.72
N LEU E 706 30.21 63.65 -2.37
CA LEU E 706 31.30 64.60 -2.17
C LEU E 706 32.46 64.17 -3.05
N PRO E 707 32.89 65.02 -3.99
CA PRO E 707 34.01 64.64 -4.85
C PRO E 707 35.35 64.75 -4.14
N GLY E 708 36.20 63.75 -4.35
CA GLY E 708 37.53 63.72 -3.78
C GLY E 708 38.46 62.86 -4.63
N GLN E 719 51.71 39.35 -15.08
CA GLN E 719 52.45 40.12 -14.10
C GLN E 719 53.93 40.18 -14.46
N SER E 720 54.29 41.22 -15.22
CA SER E 720 55.66 41.51 -15.69
C SER E 720 56.24 40.34 -16.49
N GLU E 721 55.38 39.69 -17.29
CA GLU E 721 55.69 38.50 -18.09
C GLU E 721 56.21 37.37 -17.19
N GLU E 722 55.29 36.89 -16.36
CA GLU E 722 55.53 35.69 -15.55
C GLU E 722 54.45 34.65 -15.68
N TYR E 723 53.23 35.03 -16.06
CA TYR E 723 52.11 34.09 -16.07
C TYR E 723 51.50 33.95 -17.45
N ALA E 724 52.13 34.51 -18.48
CA ALA E 724 51.68 34.32 -19.86
C ALA E 724 52.20 33.05 -20.49
N GLY E 725 53.10 32.33 -19.82
CA GLY E 725 53.63 31.09 -20.33
C GLY E 725 52.86 29.85 -19.93
N PHE E 726 51.92 29.99 -19.00
CA PHE E 726 51.08 28.89 -18.55
C PHE E 726 49.76 28.82 -19.30
N MET E 727 49.58 29.65 -20.32
CA MET E 727 48.32 29.76 -21.04
C MET E 727 48.29 28.70 -22.15
N THR E 728 47.41 27.72 -22.01
CA THR E 728 47.24 26.68 -23.02
C THR E 728 45.79 26.65 -23.49
N ILE E 729 45.61 26.35 -24.77
CA ILE E 729 44.31 26.40 -25.44
C ILE E 729 44.16 25.13 -26.27
N ASP E 730 43.01 24.47 -26.17
CA ASP E 730 42.70 23.41 -27.13
C ASP E 730 41.20 23.40 -27.43
N GLU E 731 40.84 22.64 -28.47
CA GLU E 731 39.46 22.57 -28.94
C GLU E 731 39.16 21.15 -29.40
N GLN E 732 38.13 20.55 -28.80
CA GLN E 732 37.62 19.25 -29.24
C GLN E 732 36.11 19.30 -29.24
N ASP E 733 35.49 18.95 -30.36
CA ASP E 733 34.04 18.87 -30.55
C ASP E 733 33.36 20.20 -30.31
N GLY E 734 34.03 21.31 -30.62
CA GLY E 734 33.49 22.63 -30.39
C GLY E 734 33.67 23.16 -28.98
N MET E 735 34.30 22.39 -28.09
CA MET E 735 34.53 22.83 -26.72
C MET E 735 35.91 23.45 -26.63
N LEU E 736 35.97 24.77 -26.45
CA LEU E 736 37.24 25.47 -26.33
C LEU E 736 37.64 25.49 -24.86
N THR E 737 38.70 24.77 -24.52
CA THR E 737 39.21 24.73 -23.16
C THR E 737 40.46 25.60 -23.07
N VAL E 738 40.45 26.51 -22.10
CA VAL E 738 41.53 27.46 -21.86
C VAL E 738 42.03 27.23 -20.45
N ARG E 739 43.25 26.73 -20.31
CA ARG E 739 43.90 26.60 -19.02
C ARG E 739 44.93 27.70 -18.85
N GLY E 740 45.13 28.10 -17.60
CA GLY E 740 46.07 29.14 -17.25
C GLY E 740 46.92 28.73 -16.07
N PHE E 741 47.33 29.73 -15.29
CA PHE E 741 48.19 29.48 -14.15
C PHE E 741 47.43 28.79 -13.02
N ASP E 742 46.24 29.31 -12.69
CA ASP E 742 45.44 28.73 -11.62
C ASP E 742 43.96 28.74 -11.98
N PHE E 743 43.62 28.52 -13.24
CA PHE E 743 42.21 28.48 -13.64
C PHE E 743 42.03 27.54 -14.82
N GLU E 744 40.78 27.23 -15.11
CA GLU E 744 40.42 26.45 -16.30
C GLU E 744 39.00 26.78 -16.69
N HIS E 745 38.82 27.23 -17.94
CA HIS E 745 37.55 27.73 -18.42
C HIS E 745 37.18 26.99 -19.69
N VAL E 746 35.95 26.51 -19.78
CA VAL E 746 35.47 25.75 -20.93
C VAL E 746 34.30 26.50 -21.56
N PHE E 747 34.50 26.96 -22.79
CA PHE E 747 33.50 27.63 -23.60
C PHE E 747 32.93 26.65 -24.62
N ASP E 748 31.65 26.83 -24.93
CA ASP E 748 31.00 26.10 -26.00
C ASP E 748 30.95 27.01 -27.22
N LEU E 749 31.74 26.69 -28.24
CA LEU E 749 31.83 27.57 -29.40
C LEU E 749 30.59 27.54 -30.26
N LYS E 750 29.83 26.45 -30.22
CA LYS E 750 28.66 26.35 -31.07
C LYS E 750 27.42 26.96 -30.45
N LYS E 751 27.49 27.44 -29.21
CA LYS E 751 26.43 28.22 -28.62
C LYS E 751 26.88 29.58 -28.11
N GLY E 752 28.17 29.87 -28.14
CA GLY E 752 28.67 31.19 -27.81
C GLY E 752 28.59 31.54 -26.34
N MET E 753 28.72 30.55 -25.46
CA MET E 753 28.53 30.74 -24.03
C MET E 753 29.58 29.97 -23.25
N PRO E 754 30.00 30.48 -22.10
CA PRO E 754 30.84 29.68 -21.21
C PRO E 754 30.06 28.57 -20.56
N GLN E 755 30.70 27.41 -20.43
CA GLN E 755 30.11 26.25 -19.79
C GLN E 755 30.71 25.94 -18.43
N GLN E 756 32.03 26.03 -18.30
CA GLN E 756 32.69 25.75 -17.03
C GLN E 756 33.64 26.89 -16.70
N VAL E 757 33.63 27.31 -15.44
CA VAL E 757 34.57 28.30 -14.92
C VAL E 757 35.17 27.72 -13.64
N SER E 758 36.48 27.59 -13.60
CA SER E 758 37.14 27.04 -12.42
C SER E 758 38.20 28.00 -11.88
N LYS E 759 38.51 27.83 -10.60
CA LYS E 759 39.55 28.62 -9.94
C LYS E 759 40.09 27.76 -8.81
N HIS E 760 41.36 27.38 -8.91
CA HIS E 760 42.03 26.43 -8.01
C HIS E 760 41.29 25.09 -7.96
N GLY E 761 40.73 24.68 -9.10
CA GLY E 761 40.00 23.44 -9.20
C GLY E 761 38.55 23.50 -8.75
N VAL E 762 38.11 24.60 -8.16
CA VAL E 762 36.75 24.73 -7.65
C VAL E 762 35.82 25.07 -8.80
N PRO E 763 34.76 24.29 -9.04
CA PRO E 763 33.80 24.66 -10.07
C PRO E 763 32.91 25.81 -9.62
N LEU E 764 32.63 26.74 -10.53
CA LEU E 764 31.89 27.95 -10.20
C LEU E 764 30.64 28.15 -11.03
N LEU E 765 30.47 27.44 -12.15
CA LEU E 765 29.20 27.40 -12.87
C LEU E 765 28.65 25.98 -12.84
N ALA E 766 27.34 25.87 -12.72
CA ALA E 766 26.69 24.57 -12.72
C ALA E 766 26.25 24.13 -14.10
N SER E 767 25.88 25.05 -14.97
CA SER E 767 25.44 24.69 -16.32
C SER E 767 25.78 25.85 -17.26
N LEU E 768 25.19 25.82 -18.44
CA LEU E 768 25.51 26.78 -19.47
C LEU E 768 24.84 28.12 -19.20
N ALA E 769 25.55 29.20 -19.49
CA ALA E 769 24.99 30.54 -19.36
C ALA E 769 24.01 30.81 -20.50
N ARG E 770 23.20 31.85 -20.34
CA ARG E 770 22.38 32.29 -21.48
C ARG E 770 22.09 33.78 -21.37
N PHE E 771 21.51 34.32 -22.43
CA PHE E 771 20.88 35.64 -22.38
C PHE E 771 19.40 35.48 -22.07
N ASN E 772 18.87 36.42 -21.32
CA ASN E 772 17.49 36.34 -20.83
C ASN E 772 16.80 37.66 -21.09
N ILE E 773 15.57 37.60 -21.64
CA ILE E 773 14.77 38.78 -21.92
C ILE E 773 13.38 38.64 -21.33
N TRP E 774 13.23 37.77 -20.33
CA TRP E 774 11.93 37.52 -19.72
C TRP E 774 12.03 37.61 -18.21
N ARG E 775 11.04 38.27 -17.60
CA ARG E 775 10.90 38.29 -16.15
C ARG E 775 9.52 37.76 -15.80
N ALA E 776 9.34 37.35 -14.56
CA ALA E 776 8.02 36.96 -14.10
C ALA E 776 7.16 38.22 -13.99
N PRO E 777 6.01 38.26 -14.64
CA PRO E 777 5.26 39.51 -14.71
C PRO E 777 4.64 39.90 -13.38
N MET E 778 4.72 41.19 -13.06
CA MET E 778 4.19 41.73 -11.83
C MET E 778 2.69 41.90 -11.93
N ASP E 779 2.07 42.34 -10.85
CA ASP E 779 0.64 42.60 -10.88
C ASP E 779 0.31 43.94 -11.55
N ASN E 780 1.29 44.82 -11.69
CA ASN E 780 1.13 46.02 -12.49
C ASN E 780 1.41 45.79 -13.97
N ASP E 781 1.58 44.53 -14.37
CA ASP E 781 1.81 44.17 -15.76
C ASP E 781 0.67 43.30 -16.28
N MET E 782 -0.57 43.63 -15.93
CA MET E 782 -1.70 42.83 -16.42
C MET E 782 -2.08 43.16 -17.85
N ASN E 783 -1.76 44.36 -18.32
CA ASN E 783 -2.14 44.76 -19.67
C ASN E 783 -1.03 44.49 -20.68
N ILE E 784 0.23 44.69 -20.28
CA ILE E 784 1.36 44.50 -21.18
C ILE E 784 1.72 43.03 -21.34
N ARG E 785 1.22 42.16 -20.45
CA ARG E 785 1.56 40.74 -20.51
C ARG E 785 0.91 40.07 -21.71
N LYS E 786 -0.25 40.55 -22.15
CA LYS E 786 -0.90 39.99 -23.33
C LYS E 786 -0.11 40.29 -24.59
N GLU E 787 0.52 41.46 -24.67
CA GLU E 787 1.36 41.78 -25.81
C GLU E 787 2.68 41.03 -25.78
N TRP E 788 3.24 40.83 -24.58
CA TRP E 788 4.47 40.05 -24.44
C TRP E 788 4.25 38.59 -24.80
N GLU E 789 3.16 37.99 -24.32
CA GLU E 789 2.89 36.60 -24.65
C GLU E 789 2.40 36.43 -26.08
N ALA E 790 1.72 37.44 -26.63
CA ALA E 790 1.29 37.36 -28.01
C ALA E 790 2.46 37.54 -28.98
N ALA E 791 3.47 38.32 -28.59
CA ALA E 791 4.64 38.50 -29.43
C ALA E 791 5.64 37.36 -29.30
N GLY E 792 5.42 36.44 -28.37
CA GLY E 792 6.29 35.28 -28.24
C GLY E 792 7.53 35.49 -27.43
N LEU E 793 7.57 36.47 -26.53
CA LEU E 793 8.72 36.68 -25.66
C LEU E 793 8.70 35.79 -24.44
N ASP E 794 7.77 34.85 -24.38
CA ASP E 794 7.63 33.99 -23.21
C ASP E 794 8.81 33.03 -23.10
N HIS E 795 9.29 32.52 -24.23
CA HIS E 795 10.47 31.65 -24.23
C HIS E 795 11.13 31.70 -25.60
N ALA E 796 12.33 32.29 -25.65
CA ALA E 796 13.13 32.46 -26.84
C ALA E 796 14.41 31.65 -26.73
N ALA E 797 14.99 31.34 -27.87
CA ALA E 797 16.23 30.58 -27.95
C ALA E 797 17.29 31.41 -28.66
N MET E 798 18.47 30.83 -28.83
CA MET E 798 19.62 31.55 -29.34
C MET E 798 20.15 30.83 -30.58
N LYS E 799 20.45 31.60 -31.62
CA LYS E 799 20.96 31.08 -32.88
C LYS E 799 22.31 31.71 -33.16
N VAL E 800 23.35 30.89 -33.21
CA VAL E 800 24.70 31.36 -33.46
C VAL E 800 25.01 31.26 -34.95
N TYR E 801 25.27 32.40 -35.57
CA TYR E 801 25.57 32.44 -37.00
C TYR E 801 27.02 32.08 -37.26
N ARG E 802 27.94 32.67 -36.51
CA ARG E 802 29.36 32.50 -36.74
C ARG E 802 30.12 32.66 -35.44
N SER E 803 31.06 31.74 -35.18
CA SER E 803 31.92 31.80 -34.02
C SER E 803 33.37 31.70 -34.46
N HIS E 804 34.25 32.46 -33.80
CA HIS E 804 35.65 32.47 -34.18
C HIS E 804 36.52 32.86 -32.99
N TRP E 805 37.58 32.08 -32.73
CA TRP E 805 38.47 32.40 -31.63
C TRP E 805 39.89 32.64 -32.11
N GLU E 806 40.64 33.41 -31.33
CA GLU E 806 42.01 33.80 -31.65
C GLU E 806 42.85 33.64 -30.40
N GLN E 807 44.07 34.18 -30.46
CA GLN E 807 44.90 34.38 -29.28
C GLN E 807 45.73 35.63 -29.56
N LYS E 808 45.49 36.67 -28.77
CA LYS E 808 46.14 37.95 -28.96
C LYS E 808 47.63 37.83 -28.61
N PRO E 809 48.49 38.75 -29.09
CA PRO E 809 49.91 38.66 -28.75
C PRO E 809 50.28 39.18 -27.36
N ASP E 810 49.50 38.76 -26.36
CA ASP E 810 49.82 38.89 -24.94
C ASP E 810 49.24 37.72 -24.17
N ALA E 811 49.05 36.59 -24.86
CA ALA E 811 48.41 35.37 -24.35
C ALA E 811 47.01 35.67 -23.80
N SER E 812 46.24 36.42 -24.56
CA SER E 812 44.85 36.72 -24.23
C SER E 812 43.95 36.16 -25.31
N VAL E 813 42.81 35.61 -24.91
CA VAL E 813 41.94 34.86 -25.80
C VAL E 813 40.70 35.70 -26.09
N GLU E 814 40.38 35.86 -27.37
CA GLU E 814 39.15 36.53 -27.78
C GLU E 814 38.28 35.59 -28.58
N ILE E 815 36.97 35.65 -28.32
CA ILE E 815 35.98 34.82 -28.99
C ILE E 815 34.91 35.76 -29.55
N HIS E 816 34.68 35.70 -30.85
CA HIS E 816 33.71 36.55 -31.52
C HIS E 816 32.52 35.70 -31.93
N VAL E 817 31.32 36.13 -31.54
CA VAL E 817 30.09 35.39 -31.77
C VAL E 817 29.08 36.33 -32.42
N ASP E 818 28.48 35.91 -33.53
CA ASP E 818 27.33 36.59 -34.11
C ASP E 818 26.09 35.78 -33.78
N PHE E 819 25.13 36.40 -33.10
CA PHE E 819 24.00 35.66 -32.55
C PHE E 819 22.68 36.34 -32.92
N SER E 820 21.59 35.71 -32.48
CA SER E 820 20.24 36.23 -32.64
C SER E 820 19.31 35.54 -31.66
N LEU E 821 18.42 36.31 -31.05
CA LEU E 821 17.40 35.79 -30.13
C LEU E 821 16.07 35.70 -30.87
N ALA E 822 15.44 34.53 -30.83
CA ALA E 822 14.21 34.35 -31.58
C ALA E 822 13.36 33.26 -30.94
N SER E 823 12.04 33.42 -31.07
CA SER E 823 11.09 32.38 -30.74
C SER E 823 10.56 31.77 -32.04
N TYR E 824 9.66 30.80 -31.90
CA TYR E 824 9.48 29.80 -32.94
C TYR E 824 8.43 30.13 -34.00
N ILE E 825 7.85 31.33 -34.04
CA ILE E 825 6.94 31.61 -35.14
C ILE E 825 7.34 32.89 -35.88
N PHE E 826 7.92 33.85 -35.17
CA PHE E 826 8.00 35.21 -35.67
C PHE E 826 9.42 35.56 -36.11
N GLU E 827 9.56 36.80 -36.55
CA GLU E 827 10.85 37.40 -36.86
C GLU E 827 11.69 37.47 -35.57
N PRO E 828 13.03 37.33 -35.67
CA PRO E 828 13.86 37.39 -34.47
C PRO E 828 13.82 38.72 -33.75
N PHE E 829 13.95 38.65 -32.43
CA PHE E 829 13.79 39.84 -31.58
C PHE E 829 15.06 40.67 -31.56
N VAL E 830 16.15 40.08 -31.08
CA VAL E 830 17.41 40.78 -30.86
C VAL E 830 18.44 40.19 -31.84
N ARG E 831 19.15 41.07 -32.54
CA ARG E 831 20.29 40.68 -33.36
C ARG E 831 21.51 41.44 -32.86
N GLY E 832 22.59 40.72 -32.60
CA GLY E 832 23.77 41.39 -32.08
C GLY E 832 25.00 40.55 -32.24
N ASN E 833 26.09 41.05 -31.66
CA ASN E 833 27.36 40.34 -31.65
C ASN E 833 28.09 40.56 -30.33
N ALA E 834 28.77 39.53 -29.88
CA ALA E 834 29.42 39.51 -28.57
C ALA E 834 30.88 39.12 -28.72
N VAL E 835 31.70 39.70 -27.83
CA VAL E 835 33.12 39.41 -27.78
C VAL E 835 33.46 38.98 -26.36
N TRP E 836 33.78 37.70 -26.18
CA TRP E 836 34.26 37.20 -24.91
C TRP E 836 35.77 37.30 -24.87
N THR E 837 36.33 37.63 -23.70
CA THR E 837 37.76 37.80 -23.58
C THR E 837 38.24 37.17 -22.29
N VAL E 838 39.24 36.29 -22.38
CA VAL E 838 39.85 35.65 -21.23
C VAL E 838 41.28 36.14 -21.14
N GLY E 839 41.65 36.70 -19.98
CA GLY E 839 42.98 37.23 -19.76
C GLY E 839 43.87 36.25 -19.00
N VAL E 840 45.10 36.71 -18.74
CA VAL E 840 46.09 35.85 -18.12
C VAL E 840 45.83 35.63 -16.63
N SER E 841 45.01 36.45 -16.00
CA SER E 841 44.66 36.26 -14.60
C SER E 841 43.38 35.46 -14.43
N GLY E 842 42.58 35.32 -15.48
CA GLY E 842 41.36 34.55 -15.42
C GLY E 842 40.08 35.34 -15.49
N GLU E 843 40.14 36.64 -15.78
CA GLU E 843 38.93 37.43 -15.92
C GLU E 843 38.21 37.09 -17.22
N ILE E 844 36.89 37.21 -17.19
CA ILE E 844 36.05 36.99 -18.35
C ILE E 844 35.34 38.28 -18.65
N GLN E 845 35.66 38.92 -19.76
CA GLN E 845 35.05 40.18 -20.14
C GLN E 845 34.08 39.95 -21.29
N LEU E 846 32.92 40.57 -21.21
CA LEU E 846 31.88 40.47 -22.23
C LEU E 846 31.57 41.86 -22.78
N LYS E 847 31.53 41.97 -24.10
CA LYS E 847 31.18 43.21 -24.79
C LYS E 847 30.20 42.86 -25.89
N VAL E 848 28.89 42.94 -25.61
CA VAL E 848 27.86 42.60 -26.59
C VAL E 848 27.16 43.88 -27.05
N HIS E 849 27.14 44.07 -28.37
CA HIS E 849 26.35 45.13 -29.00
C HIS E 849 25.14 44.50 -29.67
N ALA E 850 23.96 45.02 -29.35
CA ALA E 850 22.72 44.40 -29.79
C ALA E 850 21.73 45.45 -30.29
N GLU E 851 21.02 45.11 -31.36
CA GLU E 851 19.86 45.86 -31.82
C GLU E 851 18.63 44.98 -31.69
N VAL E 852 17.48 45.62 -31.49
CA VAL E 852 16.23 44.89 -31.31
C VAL E 852 15.25 45.37 -32.38
N ARG E 853 14.26 44.53 -32.64
CA ARG E 853 13.31 44.72 -33.72
C ARG E 853 12.46 45.96 -33.49
N GLU E 854 12.03 46.59 -34.59
CA GLU E 854 11.44 47.92 -34.52
C GLU E 854 9.96 47.91 -34.14
N ASN E 855 9.26 46.81 -34.33
CA ASN E 855 7.82 46.74 -34.07
C ASN E 855 7.51 45.88 -32.85
N LEU E 856 8.33 46.02 -31.82
CA LEU E 856 8.25 45.25 -30.60
C LEU E 856 8.03 46.20 -29.43
N PRO E 857 7.08 45.89 -28.48
CA PRO E 857 6.57 46.92 -27.56
C PRO E 857 7.58 47.59 -26.64
N PHE E 858 8.15 46.81 -25.71
CA PHE E 858 9.36 47.07 -24.94
C PHE E 858 9.66 45.82 -24.15
N LEU E 859 10.93 45.51 -24.04
CA LEU E 859 11.33 44.25 -23.46
C LEU E 859 11.24 44.32 -21.94
N PRO E 860 10.97 43.17 -21.28
CA PRO E 860 11.02 43.16 -19.81
C PRO E 860 12.41 43.45 -19.26
N ARG E 861 13.43 42.79 -19.79
CA ARG E 861 14.80 43.01 -19.39
C ARG E 861 15.71 42.62 -20.54
N PHE E 862 17.01 42.81 -20.34
CA PHE E 862 18.02 42.13 -21.14
C PHE E 862 19.18 41.84 -20.23
N GLY E 863 19.57 40.58 -20.10
CA GLY E 863 20.67 40.30 -19.20
C GLY E 863 21.33 38.97 -19.46
N LEU E 864 22.37 38.72 -18.67
CA LEU E 864 23.10 37.46 -18.69
C LEU E 864 22.71 36.65 -17.47
N GLU E 865 22.27 35.42 -17.69
CA GLU E 865 21.90 34.52 -16.60
C GLU E 865 22.93 33.42 -16.47
N LEU E 866 23.48 33.30 -15.26
CA LEU E 866 24.43 32.29 -14.85
C LEU E 866 23.77 31.39 -13.81
N THR E 867 24.34 30.20 -13.60
CA THR E 867 23.83 29.29 -12.58
C THR E 867 25.00 28.74 -11.79
N MET E 868 25.10 29.14 -10.57
CA MET E 868 26.21 28.78 -9.69
C MET E 868 25.84 27.58 -8.83
N PRO E 869 26.81 26.73 -8.42
CA PRO E 869 26.47 25.44 -7.80
C PRO E 869 25.85 25.52 -6.42
N LYS E 870 25.62 24.34 -5.84
CA LYS E 870 25.05 24.23 -4.51
C LYS E 870 26.04 24.71 -3.47
N GLY E 871 25.56 25.52 -2.52
CA GLY E 871 26.38 26.05 -1.46
C GLY E 871 26.67 27.53 -1.58
N THR E 872 26.39 28.14 -2.72
CA THR E 872 26.55 29.58 -2.87
C THR E 872 25.45 30.28 -2.10
N GLU E 873 25.78 30.86 -0.95
CA GLU E 873 24.77 31.39 -0.05
C GLU E 873 24.98 32.83 0.39
N GLU E 874 26.18 33.38 0.30
CA GLU E 874 26.39 34.78 0.68
C GLU E 874 26.34 35.68 -0.54
N ILE E 875 25.70 36.84 -0.38
CA ILE E 875 25.75 37.93 -1.33
C ILE E 875 26.37 39.12 -0.61
N GLU E 876 27.32 39.79 -1.27
CA GLU E 876 27.88 41.02 -0.74
C GLU E 876 28.02 42.02 -1.85
N TYR E 877 27.34 43.16 -1.75
CA TYR E 877 27.36 44.10 -2.85
C TYR E 877 27.49 45.53 -2.36
N TYR E 878 28.03 46.38 -3.21
CA TYR E 878 28.13 47.80 -2.95
C TYR E 878 27.14 48.52 -3.85
N GLY E 879 26.11 49.11 -3.26
CA GLY E 879 25.08 49.76 -4.04
C GLY E 879 23.94 50.20 -3.15
N TYR E 880 22.76 50.31 -3.73
CA TYR E 880 21.59 50.76 -3.01
C TYR E 880 20.90 49.58 -2.34
N GLY E 881 20.56 49.75 -1.06
CA GLY E 881 19.89 48.71 -0.31
C GLY E 881 19.23 49.26 0.95
N PRO E 882 18.97 48.37 1.92
CA PRO E 882 19.26 46.94 1.96
C PRO E 882 18.20 46.06 1.31
N HIS E 883 17.17 46.64 0.71
CA HIS E 883 16.08 45.90 0.11
C HIS E 883 15.96 46.26 -1.37
N GLU E 884 14.85 45.83 -1.98
CA GLU E 884 14.63 45.92 -3.41
C GLU E 884 14.52 47.35 -3.90
N SER E 885 14.90 47.58 -5.15
CA SER E 885 14.81 48.89 -5.76
C SER E 885 14.75 48.75 -7.27
N TYR E 886 14.05 49.69 -7.91
CA TYR E 886 13.87 49.69 -9.35
C TYR E 886 14.15 51.07 -9.92
N ILE E 887 13.86 51.26 -11.21
CA ILE E 887 14.09 52.57 -11.83
C ILE E 887 13.10 53.61 -11.31
N ASP E 888 11.89 53.18 -10.95
CA ASP E 888 10.88 54.08 -10.45
C ASP E 888 10.56 53.90 -8.97
N LYS E 889 10.86 52.74 -8.38
CA LYS E 889 10.64 52.51 -6.96
C LYS E 889 12.02 52.39 -6.31
N ARG E 890 12.60 53.53 -5.96
CA ARG E 890 13.93 53.54 -5.35
C ARG E 890 14.09 54.64 -4.30
N ALA E 891 13.00 55.18 -3.76
CA ALA E 891 13.12 56.30 -2.84
C ALA E 891 13.47 55.89 -1.42
N SER E 892 13.37 54.62 -1.08
CA SER E 892 13.57 54.17 0.29
C SER E 892 14.90 53.48 0.52
N VAL E 893 15.75 53.37 -0.48
CA VAL E 893 17.00 52.66 -0.35
C VAL E 893 18.13 53.68 -0.28
N ARG E 894 19.24 53.27 0.33
CA ARG E 894 20.38 54.15 0.48
C ARG E 894 21.65 53.40 0.08
N LYS E 895 22.67 54.17 -0.27
CA LYS E 895 23.92 53.60 -0.80
C LYS E 895 24.80 53.11 0.34
N GLY E 896 25.34 51.91 0.17
CA GLY E 896 26.23 51.36 1.18
C GLY E 896 26.77 50.02 0.74
N LYS E 897 27.40 49.34 1.68
CA LYS E 897 28.03 48.05 1.44
C LYS E 897 27.29 47.01 2.27
N TYR E 898 26.55 46.13 1.60
CA TYR E 898 25.61 45.24 2.27
C TYR E 898 26.04 43.79 2.12
N LEU E 899 25.68 42.99 3.11
CA LEU E 899 26.04 41.58 3.20
C LEU E 899 24.85 40.82 3.71
N LEU E 900 24.37 39.85 2.94
CA LEU E 900 23.18 39.11 3.33
C LEU E 900 23.21 37.73 2.69
N SER E 901 22.13 36.98 2.87
CA SER E 901 22.00 35.64 2.32
C SER E 901 21.02 35.65 1.16
N VAL E 902 21.05 34.55 0.39
CA VAL E 902 20.22 34.45 -0.80
C VAL E 902 18.75 34.26 -0.41
N ASP E 903 18.49 33.64 0.73
CA ASP E 903 17.12 33.52 1.23
C ASP E 903 16.55 34.84 1.70
N ASP E 904 17.39 35.84 2.00
CA ASP E 904 16.91 37.16 2.39
C ASP E 904 16.78 38.11 1.21
N MET E 905 17.27 37.72 0.04
CA MET E 905 17.05 38.50 -1.17
C MET E 905 15.59 38.42 -1.61
N PHE E 906 14.92 37.33 -1.25
CA PHE E 906 13.60 37.01 -1.72
C PHE E 906 12.53 37.65 -0.85
N GLU E 907 11.49 38.18 -1.48
CA GLU E 907 10.35 38.81 -0.80
C GLU E 907 9.11 38.01 -1.18
N ASN E 908 8.60 37.23 -0.24
CA ASN E 908 7.60 36.19 -0.56
C ASN E 908 6.23 36.83 -0.65
N TYR E 909 5.84 37.24 -1.85
CA TYR E 909 4.52 37.81 -2.08
C TYR E 909 3.45 36.73 -2.05
N VAL E 910 2.19 37.16 -2.00
CA VAL E 910 1.08 36.22 -2.04
C VAL E 910 0.92 35.65 -3.44
N MET E 911 0.93 36.51 -4.44
CA MET E 911 1.02 36.08 -5.83
C MET E 911 2.48 36.11 -6.25
N PRO E 912 3.09 34.97 -6.56
CA PRO E 912 4.54 34.94 -6.84
C PRO E 912 4.88 35.64 -8.15
N GLN E 913 5.89 36.50 -8.08
CA GLN E 913 6.22 37.41 -9.19
C GLN E 913 7.67 37.81 -9.05
N GLU E 914 8.08 38.80 -9.84
CA GLU E 914 9.48 39.20 -9.87
C GLU E 914 9.84 39.97 -8.60
N THR E 915 11.00 39.64 -8.04
CA THR E 915 11.39 40.19 -6.75
C THR E 915 12.90 40.13 -6.61
N GLY E 916 13.41 40.94 -5.68
CA GLY E 916 14.77 40.79 -5.22
C GLY E 916 15.84 41.50 -6.03
N SER E 917 15.46 42.35 -6.98
CA SER E 917 16.44 42.99 -7.86
C SER E 917 16.92 44.30 -7.25
N ARG E 918 18.23 44.53 -7.32
CA ARG E 918 18.85 45.74 -6.78
C ARG E 918 19.34 46.63 -7.91
N TYR E 919 18.72 47.79 -8.06
CA TYR E 919 19.10 48.73 -9.10
C TYR E 919 20.37 49.48 -8.70
N GLY E 920 21.15 49.85 -9.72
CA GLY E 920 22.34 50.71 -9.61
C GLY E 920 23.41 50.10 -8.71
N THR E 921 23.78 48.86 -9.01
CA THR E 921 24.81 48.15 -8.28
C THR E 921 26.17 48.47 -8.88
N GLU E 922 27.15 48.73 -8.02
CA GLU E 922 28.49 49.05 -8.48
C GLU E 922 29.34 47.79 -8.65
N TRP E 923 29.39 46.94 -7.63
CA TRP E 923 29.94 45.60 -7.75
C TRP E 923 29.19 44.68 -6.79
N ALA E 924 29.28 43.38 -7.08
CA ALA E 924 28.57 42.37 -6.31
C ALA E 924 29.36 41.07 -6.34
N ILE E 925 29.34 40.35 -5.22
CA ILE E 925 30.02 39.07 -5.07
C ILE E 925 29.00 38.05 -4.59
N ALA E 926 28.87 36.95 -5.30
CA ALA E 926 28.03 35.83 -4.89
C ALA E 926 28.95 34.65 -4.61
N SER E 927 28.93 34.15 -3.38
CA SER E 927 29.92 33.16 -2.99
C SER E 927 29.33 32.20 -1.96
N THR E 928 30.15 31.21 -1.58
CA THR E 928 29.82 30.31 -0.50
C THR E 928 30.14 30.98 0.84
N VAL E 929 29.84 30.28 1.93
CA VAL E 929 30.04 30.84 3.26
C VAL E 929 31.52 30.96 3.61
N GLN E 930 32.39 30.22 2.92
CA GLN E 930 33.82 30.40 3.07
C GLN E 930 34.39 31.44 2.12
N GLY E 931 33.58 31.95 1.20
CA GLY E 931 34.01 33.04 0.36
C GLY E 931 34.70 32.64 -0.93
N MET E 932 34.18 31.62 -1.61
CA MET E 932 34.71 31.16 -2.89
C MET E 932 33.64 31.38 -3.95
N GLY E 933 33.82 32.38 -4.80
CA GLY E 933 32.78 32.72 -5.75
C GLY E 933 33.22 33.59 -6.89
N LEU E 934 32.29 34.42 -7.36
CA LEU E 934 32.48 35.27 -8.51
C LEU E 934 32.18 36.72 -8.15
N LYS E 935 32.87 37.65 -8.80
CA LYS E 935 32.69 39.08 -8.61
C LYS E 935 32.32 39.70 -9.95
N PHE E 936 31.35 40.60 -9.94
CA PHE E 936 30.77 41.16 -11.16
C PHE E 936 30.94 42.66 -11.13
N THR E 937 31.60 43.22 -12.15
CA THR E 937 31.67 44.67 -12.33
C THR E 937 31.19 45.02 -13.73
N ALA E 938 31.02 46.31 -13.98
CA ALA E 938 30.60 46.78 -15.28
C ALA E 938 31.14 48.19 -15.51
N ALA E 939 30.90 48.71 -16.72
CA ALA E 939 31.33 50.06 -17.05
C ALA E 939 30.46 51.09 -16.34
N GLN E 940 29.15 50.99 -16.51
CA GLN E 940 28.17 51.77 -15.79
C GLN E 940 27.37 50.85 -14.87
N PRO E 941 26.75 51.36 -13.79
CA PRO E 941 26.11 50.47 -12.83
C PRO E 941 24.89 49.74 -13.37
N PHE E 942 24.81 48.45 -13.04
CA PHE E 942 23.87 47.50 -13.59
C PHE E 942 22.81 47.13 -12.57
N SER E 943 21.91 46.25 -12.97
CA SER E 943 20.94 45.67 -12.05
C SER E 943 21.36 44.24 -11.72
N PHE E 944 21.14 43.83 -10.48
CA PHE E 944 21.66 42.58 -9.96
C PHE E 944 20.56 41.79 -9.27
N GLN E 945 20.52 40.48 -9.52
CA GLN E 945 19.51 39.65 -8.87
C GLN E 945 20.13 38.31 -8.52
N ALA E 946 19.74 37.76 -7.38
CA ALA E 946 20.20 36.44 -6.96
C ALA E 946 19.07 35.74 -6.23
N LEU E 947 18.65 34.57 -6.72
CA LEU E 947 17.52 33.87 -6.13
C LEU E 947 17.81 32.37 -6.09
N HIS E 948 16.89 31.61 -5.48
CA HIS E 948 16.84 30.17 -5.63
C HIS E 948 15.72 29.73 -6.54
N TYR E 949 15.23 30.62 -7.39
CA TYR E 949 14.09 30.33 -8.25
C TYR E 949 14.39 30.93 -9.62
N THR E 950 14.15 30.18 -10.68
CA THR E 950 14.29 30.77 -11.99
C THR E 950 13.02 31.55 -12.33
N ALA E 951 13.06 32.29 -13.44
CA ALA E 951 11.94 33.16 -13.81
C ALA E 951 10.72 32.35 -14.24
N GLU E 952 10.94 31.18 -14.84
CA GLU E 952 9.81 30.35 -15.24
C GLU E 952 9.15 29.68 -14.04
N ASP E 953 9.90 29.45 -12.97
CA ASP E 953 9.31 28.92 -11.74
C ASP E 953 8.41 29.95 -11.08
N LEU E 954 8.80 31.22 -11.11
CA LEU E 954 7.96 32.27 -10.55
C LEU E 954 6.79 32.59 -11.47
N THR E 955 6.95 32.37 -12.77
CA THR E 955 5.83 32.60 -13.69
C THR E 955 4.78 31.50 -13.55
N ALA E 956 5.21 30.24 -13.52
CA ALA E 956 4.26 29.13 -13.52
C ALA E 956 3.55 28.96 -12.19
N ALA E 957 4.13 29.43 -11.09
CA ALA E 957 3.50 29.26 -9.78
C ALA E 957 2.37 30.26 -9.58
N GLN E 958 1.37 29.85 -8.81
CA GLN E 958 0.22 30.69 -8.52
C GLN E 958 0.02 30.95 -7.03
N HIS E 959 0.63 30.15 -6.15
CA HIS E 959 0.52 30.33 -4.72
C HIS E 959 1.92 30.19 -4.12
N THR E 960 2.03 30.44 -2.81
CA THR E 960 3.35 30.40 -2.19
C THR E 960 3.85 28.98 -1.98
N TYR E 961 2.95 28.03 -1.72
CA TYR E 961 3.38 26.65 -1.49
C TYR E 961 3.79 25.93 -2.76
N GLU E 962 3.48 26.48 -3.93
CA GLU E 962 3.83 25.84 -5.20
C GLU E 962 5.28 26.07 -5.60
N LEU E 963 5.99 26.98 -4.94
CA LEU E 963 7.38 27.24 -5.27
C LEU E 963 8.27 26.17 -4.64
N LYS E 964 8.96 25.41 -5.49
CA LYS E 964 9.95 24.46 -5.03
C LYS E 964 11.33 25.11 -5.07
N ARG E 965 12.01 25.10 -3.94
CA ARG E 965 13.31 25.75 -3.82
C ARG E 965 14.39 24.92 -4.49
N ARG E 966 15.14 25.53 -5.39
CA ARG E 966 16.21 24.84 -6.09
C ARG E 966 17.46 24.80 -5.22
N PRO E 967 18.31 23.77 -5.39
CA PRO E 967 19.59 23.76 -4.68
C PRO E 967 20.56 24.79 -5.19
N GLU E 968 20.50 25.16 -6.46
CA GLU E 968 21.47 26.08 -7.06
C GLU E 968 21.10 27.51 -6.71
N THR E 969 21.86 28.46 -7.28
CA THR E 969 21.64 29.88 -7.06
C THR E 969 21.65 30.57 -8.40
N ILE E 970 20.52 31.15 -8.78
CA ILE E 970 20.37 31.78 -10.09
C ILE E 970 20.78 33.24 -9.94
N VAL E 971 21.84 33.63 -10.66
CA VAL E 971 22.38 34.98 -10.62
C VAL E 971 22.10 35.62 -11.97
N THR E 972 21.59 36.85 -11.95
CA THR E 972 21.25 37.55 -13.18
C THR E 972 21.82 38.97 -13.14
N LEU E 973 22.44 39.37 -14.25
CA LEU E 973 23.15 40.64 -14.39
C LEU E 973 22.47 41.42 -15.51
N ASP E 974 21.55 42.32 -15.15
CA ASP E 974 20.74 43.01 -16.14
C ASP E 974 21.34 44.35 -16.53
N TYR E 975 21.25 44.68 -17.83
CA TYR E 975 21.65 45.98 -18.34
C TYR E 975 20.69 47.06 -17.88
N GLN E 976 19.46 46.98 -18.35
CA GLN E 976 18.37 47.79 -17.83
C GLN E 976 17.22 46.84 -17.50
N MET E 977 16.20 47.39 -16.86
CA MET E 977 15.04 46.59 -16.47
C MET E 977 13.86 47.51 -16.30
N SER E 978 12.73 47.16 -16.92
CA SER E 978 11.56 48.02 -16.88
C SER E 978 10.94 48.02 -15.48
N GLY E 979 10.48 49.19 -15.06
CA GLY E 979 10.05 49.40 -13.70
C GLY E 979 8.69 48.81 -13.38
N THR E 980 8.23 49.13 -12.18
CA THR E 980 6.98 48.58 -11.68
C THR E 980 5.78 49.38 -12.19
N GLY E 981 5.72 50.66 -11.84
CA GLY E 981 4.59 51.48 -12.21
C GLY E 981 3.38 51.20 -11.32
N SER E 982 2.22 51.62 -11.81
CA SER E 982 0.96 51.38 -11.12
C SER E 982 -0.12 50.99 -12.12
N GLY E 983 0.26 50.22 -13.14
CA GLY E 983 -0.63 49.92 -14.24
C GLY E 983 -1.67 48.84 -14.00
N SER E 984 -1.91 48.49 -12.73
CA SER E 984 -3.02 47.59 -12.41
C SER E 984 -4.35 48.29 -12.60
N CYS E 985 -4.41 49.58 -12.26
CA CYS E 985 -5.59 50.40 -12.46
C CYS E 985 -5.11 51.84 -12.54
N GLY E 986 -5.35 52.49 -13.67
CA GLY E 986 -4.92 53.85 -13.86
C GLY E 986 -3.95 54.01 -15.01
N PRO E 987 -3.00 54.94 -14.89
CA PRO E 987 -2.04 55.17 -15.97
C PRO E 987 -1.06 54.02 -16.12
N GLN E 988 -0.44 53.96 -17.30
CA GLN E 988 0.51 52.91 -17.62
C GLN E 988 1.90 53.33 -17.14
N LEU E 989 2.92 52.55 -17.52
CA LEU E 989 4.29 52.83 -17.13
C LEU E 989 4.82 54.01 -17.93
N ALA E 990 5.55 54.89 -17.26
CA ALA E 990 6.04 56.11 -17.89
C ALA E 990 7.14 55.80 -18.90
N GLU E 991 7.32 56.74 -19.84
CA GLU E 991 8.30 56.55 -20.90
C GLU E 991 9.76 56.51 -20.44
N PRO E 992 10.26 57.32 -19.49
CA PRO E 992 11.64 57.09 -19.02
C PRO E 992 11.81 55.87 -18.12
N TYR E 993 10.72 55.18 -17.79
CA TYR E 993 10.75 54.02 -16.92
C TYR E 993 10.60 52.70 -17.69
N ARG E 994 10.29 52.77 -18.98
CA ARG E 994 10.23 51.61 -19.84
C ARG E 994 11.61 51.30 -20.41
N PHE E 995 11.74 50.10 -20.95
CA PHE E 995 12.95 49.69 -21.65
C PHE E 995 12.72 49.83 -23.15
N THR E 996 12.57 51.09 -23.56
CA THR E 996 12.41 51.46 -24.97
C THR E 996 13.74 52.02 -25.47
N GLU E 997 14.63 51.11 -25.84
CA GLU E 997 15.92 51.47 -26.41
C GLU E 997 16.34 50.33 -27.32
N LYS E 998 16.77 50.67 -28.53
CA LYS E 998 16.93 49.67 -29.58
C LYS E 998 18.36 49.51 -30.05
N SER E 999 19.34 50.06 -29.34
CA SER E 999 20.75 49.89 -29.65
C SER E 999 21.55 50.21 -28.41
N PHE E 1000 22.32 49.24 -27.92
CA PHE E 1000 23.01 49.42 -26.64
C PHE E 1000 24.27 48.58 -26.61
N ASP E 1001 25.13 48.90 -25.64
CA ASP E 1001 26.34 48.14 -25.33
C ASP E 1001 26.30 47.77 -23.86
N PHE E 1002 26.98 46.69 -23.49
CA PHE E 1002 26.70 46.10 -22.18
C PHE E 1002 27.89 46.11 -21.22
N GLU E 1003 29.07 45.60 -21.64
CA GLU E 1003 30.35 45.77 -20.94
C GLU E 1003 30.34 45.20 -19.52
N LEU E 1004 30.28 43.88 -19.42
CA LEU E 1004 30.31 43.19 -18.14
C LEU E 1004 31.69 42.58 -17.91
N THR E 1005 32.05 42.39 -16.64
CA THR E 1005 33.31 41.75 -16.26
C THR E 1005 33.08 40.78 -15.10
N ILE E 1006 33.51 39.54 -15.27
CA ILE E 1006 33.35 38.47 -14.30
C ILE E 1006 34.73 38.03 -13.83
N GLN E 1007 34.89 37.90 -12.51
CA GLN E 1007 36.18 37.53 -11.93
C GLN E 1007 36.00 36.43 -10.90
N PRO E 1008 36.69 35.29 -11.04
CA PRO E 1008 36.71 34.32 -9.95
C PRO E 1008 37.51 34.85 -8.76
N ILE E 1009 37.02 34.58 -7.56
CA ILE E 1009 37.57 35.21 -6.37
C ILE E 1009 37.48 34.22 -5.20
N PHE E 1010 38.52 34.22 -4.37
CA PHE E 1010 38.47 33.65 -3.03
C PHE E 1010 38.51 34.83 -2.07
N LYS E 1011 37.36 35.13 -1.45
CA LYS E 1011 37.11 36.45 -0.90
C LYS E 1011 37.92 36.75 0.35
N GLU E 1012 38.36 35.74 1.09
CA GLU E 1012 39.03 36.01 2.35
C GLU E 1012 40.49 36.41 2.18
N GLU E 1013 41.10 36.15 1.03
CA GLU E 1013 42.43 36.66 0.74
C GLU E 1013 42.55 37.35 -0.60
N GLU E 1014 41.48 37.37 -1.40
CA GLU E 1014 41.40 38.00 -2.73
C GLU E 1014 42.51 37.63 -3.69
N MET F 1 -58.53 -22.19 4.74
CA MET F 1 -57.59 -23.14 4.16
C MET F 1 -56.20 -22.53 4.09
N GLU F 2 -55.74 -22.00 5.21
CA GLU F 2 -54.48 -21.26 5.27
C GLU F 2 -53.34 -22.22 5.62
N LEU F 3 -52.53 -22.56 4.62
CA LEU F 3 -51.25 -23.25 4.76
C LEU F 3 -51.41 -24.64 5.39
N ASN F 4 -52.17 -25.48 4.70
CA ASN F 4 -52.33 -26.88 5.08
C ASN F 4 -51.44 -27.79 4.24
N ARG F 5 -50.36 -27.24 3.69
CA ARG F 5 -49.41 -27.90 2.79
C ARG F 5 -50.12 -28.52 1.58
N GLU F 6 -50.78 -27.66 0.80
CA GLU F 6 -51.37 -28.10 -0.45
C GLU F 6 -50.31 -28.35 -1.52
N TRP F 7 -49.11 -27.80 -1.33
CA TRP F 7 -47.98 -27.93 -2.22
C TRP F 7 -47.17 -29.21 -2.00
N GLU F 8 -47.70 -30.15 -1.21
CA GLU F 8 -47.15 -31.50 -1.07
C GLU F 8 -48.27 -32.54 -1.02
N ASN F 9 -49.39 -32.30 -1.68
CA ASN F 9 -50.61 -33.03 -1.42
C ASN F 9 -51.01 -33.98 -2.53
N LEU F 10 -50.98 -33.53 -3.79
CA LEU F 10 -51.26 -34.24 -5.04
C LEU F 10 -52.74 -34.55 -5.23
N SER F 11 -53.55 -34.34 -4.20
CA SER F 11 -54.99 -34.39 -4.31
C SER F 11 -55.61 -33.01 -4.24
N CYS F 12 -54.78 -31.96 -4.20
CA CYS F 12 -55.22 -30.58 -4.21
C CYS F 12 -54.32 -29.85 -5.22
N LEU F 13 -54.75 -29.85 -6.48
CA LEU F 13 -54.01 -29.18 -7.54
C LEU F 13 -54.38 -27.71 -7.67
N HIS F 14 -55.56 -27.32 -7.23
CA HIS F 14 -55.98 -25.93 -7.21
C HIS F 14 -57.08 -25.77 -6.18
N ILE F 15 -57.38 -24.52 -5.84
CA ILE F 15 -58.52 -24.18 -5.00
C ILE F 15 -59.20 -22.99 -5.65
N GLY F 16 -60.43 -23.17 -6.12
CA GLY F 16 -61.22 -22.06 -6.60
C GLY F 16 -60.81 -21.48 -7.93
N ARG F 17 -60.01 -22.21 -8.71
CA ARG F 17 -59.60 -21.73 -10.02
C ARG F 17 -60.66 -22.07 -11.06
N LEU F 18 -60.96 -21.09 -11.92
CA LEU F 18 -61.95 -21.28 -12.96
C LEU F 18 -61.45 -22.27 -14.00
N PRO F 19 -62.36 -22.99 -14.67
CA PRO F 19 -61.93 -23.94 -15.71
C PRO F 19 -61.37 -23.23 -16.93
N ALA F 20 -60.63 -23.99 -17.72
CA ALA F 20 -59.82 -23.41 -18.79
C ALA F 20 -60.68 -23.03 -19.99
N ARG F 21 -60.34 -21.91 -20.61
CA ARG F 21 -61.01 -21.41 -21.80
C ARG F 21 -59.98 -21.04 -22.86
N ALA F 22 -60.43 -20.41 -23.95
CA ALA F 22 -59.51 -19.94 -24.98
C ALA F 22 -58.91 -18.60 -24.55
N SER F 23 -58.22 -17.94 -25.47
CA SER F 23 -57.53 -16.69 -25.18
C SER F 23 -58.20 -15.57 -25.95
N TYR F 24 -58.81 -14.64 -25.22
CA TYR F 24 -59.45 -13.48 -25.82
C TYR F 24 -59.50 -12.35 -24.81
N ILE F 25 -59.71 -11.13 -25.32
CA ILE F 25 -59.88 -9.93 -24.52
C ILE F 25 -61.21 -9.28 -24.89
N PRO F 26 -62.09 -8.99 -23.95
CA PRO F 26 -63.33 -8.26 -24.27
C PRO F 26 -63.05 -6.78 -24.53
N TYR F 27 -63.35 -6.33 -25.73
CA TYR F 27 -63.19 -4.93 -26.10
C TYR F 27 -64.54 -4.22 -26.08
N GLU F 28 -64.55 -2.96 -26.50
CA GLU F 28 -65.76 -2.16 -26.53
C GLU F 28 -66.27 -1.89 -27.94
N SER F 29 -65.41 -2.00 -28.95
CA SER F 29 -65.78 -1.74 -30.32
C SER F 29 -64.81 -2.47 -31.22
N ALA F 30 -65.16 -2.56 -32.50
CA ALA F 30 -64.30 -3.22 -33.47
C ALA F 30 -63.10 -2.36 -33.84
N MET F 31 -63.18 -1.04 -33.64
CA MET F 31 -62.04 -0.19 -33.96
C MET F 31 -60.94 -0.35 -32.91
N THR F 32 -61.30 -0.46 -31.64
CA THR F 32 -60.32 -0.66 -30.59
C THR F 32 -59.76 -2.07 -30.63
N ALA F 33 -60.59 -3.05 -31.02
CA ALA F 33 -60.17 -4.44 -31.01
C ALA F 33 -59.11 -4.73 -32.07
N ARG F 34 -59.09 -3.97 -33.17
CA ARG F 34 -58.10 -4.17 -34.21
C ARG F 34 -56.74 -3.61 -33.86
N THR F 35 -56.63 -2.88 -32.75
CA THR F 35 -55.34 -2.34 -32.33
C THR F 35 -54.49 -3.35 -31.59
N GLY F 36 -55.13 -4.26 -30.85
CA GLY F 36 -54.43 -5.27 -30.11
C GLY F 36 -53.96 -4.85 -28.73
N LYS F 37 -53.95 -3.55 -28.45
CA LYS F 37 -53.54 -3.05 -27.16
C LYS F 37 -54.69 -3.19 -26.17
N ARG F 38 -54.57 -4.12 -25.23
CA ARG F 38 -55.68 -4.41 -24.33
C ARG F 38 -55.85 -3.38 -23.23
N GLY F 39 -54.90 -2.48 -23.03
CA GLY F 39 -55.06 -1.45 -22.03
C GLY F 39 -56.01 -0.35 -22.44
N ARG F 40 -56.32 -0.25 -23.73
CA ARG F 40 -57.28 0.73 -24.21
C ARG F 40 -58.72 0.31 -23.98
N SER F 41 -58.96 -0.92 -23.60
CA SER F 41 -60.32 -1.39 -23.38
C SER F 41 -60.81 -0.96 -21.99
N PRO F 42 -62.05 -0.49 -21.89
CA PRO F 42 -62.57 -0.08 -20.58
C PRO F 42 -62.93 -1.26 -19.68
N HIS F 43 -62.93 -2.47 -20.20
CA HIS F 43 -63.28 -3.66 -19.44
C HIS F 43 -62.04 -4.36 -18.88
N VAL F 44 -60.86 -3.79 -19.09
CA VAL F 44 -59.59 -4.39 -18.72
C VAL F 44 -58.82 -3.39 -17.88
N GLN F 45 -58.26 -3.85 -16.77
CA GLN F 45 -57.36 -3.01 -15.98
C GLN F 45 -56.08 -3.77 -15.68
N THR F 46 -54.94 -3.18 -16.00
CA THR F 46 -53.69 -3.89 -15.79
C THR F 46 -53.29 -3.84 -14.32
N LEU F 47 -52.50 -4.84 -13.92
CA LEU F 47 -51.90 -4.85 -12.59
C LEU F 47 -50.40 -5.04 -12.68
N ASN F 48 -49.79 -4.78 -13.84
CA ASN F 48 -48.35 -4.73 -13.91
C ASN F 48 -47.85 -3.46 -13.23
N GLY F 49 -46.56 -3.42 -12.98
CA GLY F 49 -46.00 -2.23 -12.38
C GLY F 49 -45.12 -2.51 -11.20
N ASN F 50 -45.37 -1.85 -10.08
CA ASN F 50 -44.46 -1.87 -8.94
C ASN F 50 -45.22 -2.41 -7.74
N TRP F 51 -44.84 -3.59 -7.27
CA TRP F 51 -45.49 -4.18 -6.11
C TRP F 51 -44.51 -4.16 -4.95
N LYS F 52 -45.02 -4.41 -3.75
CA LYS F 52 -44.20 -4.49 -2.55
C LYS F 52 -43.85 -5.95 -2.31
N PHE F 53 -42.56 -6.23 -2.15
CA PHE F 53 -42.04 -7.59 -2.18
C PHE F 53 -41.17 -7.85 -0.98
N ARG F 54 -41.27 -9.07 -0.44
CA ARG F 54 -40.41 -9.53 0.65
C ARG F 54 -40.02 -10.98 0.40
N TYR F 55 -38.73 -11.26 0.51
CA TYR F 55 -38.15 -12.57 0.21
C TYR F 55 -37.81 -13.30 1.50
N TYR F 56 -38.09 -14.60 1.53
CA TYR F 56 -37.82 -15.45 2.68
C TYR F 56 -37.05 -16.68 2.21
N ARG F 57 -36.04 -17.07 2.98
CA ARG F 57 -35.29 -18.28 2.67
C ARG F 57 -36.06 -19.56 2.96
N SER F 58 -37.18 -19.46 3.66
CA SER F 58 -38.00 -20.62 3.97
C SER F 58 -39.44 -20.18 4.13
N VAL F 59 -40.35 -21.12 3.89
CA VAL F 59 -41.77 -20.88 4.12
C VAL F 59 -42.10 -20.92 5.61
N ARG F 60 -41.19 -21.46 6.43
CA ARG F 60 -41.35 -21.46 7.88
C ARG F 60 -41.37 -20.05 8.47
N GLU F 61 -40.52 -19.15 7.99
CA GLU F 61 -40.33 -17.85 8.62
C GLU F 61 -41.17 -16.75 7.98
N VAL F 62 -42.19 -17.10 7.21
CA VAL F 62 -43.13 -16.13 6.69
C VAL F 62 -44.09 -15.75 7.81
N ASP F 63 -44.39 -14.45 7.93
CA ASP F 63 -45.37 -13.97 8.89
C ASP F 63 -46.75 -14.51 8.55
N SER F 64 -47.56 -14.72 9.58
CA SER F 64 -48.86 -15.36 9.43
C SER F 64 -49.98 -14.39 9.12
N HIS F 65 -49.74 -13.09 9.15
CA HIS F 65 -50.79 -12.11 8.88
C HIS F 65 -50.27 -11.02 7.96
N PHE F 66 -49.53 -11.40 6.92
CA PHE F 66 -49.09 -10.42 5.94
C PHE F 66 -50.21 -10.04 4.98
N TYR F 67 -51.21 -10.90 4.83
CA TYR F 67 -52.28 -10.72 3.86
C TYR F 67 -53.40 -9.82 4.37
N GLU F 68 -53.33 -9.36 5.61
CA GLU F 68 -54.40 -8.55 6.18
C GLU F 68 -54.36 -7.14 5.60
N THR F 69 -55.51 -6.47 5.66
CA THR F 69 -55.70 -5.24 4.91
C THR F 69 -54.98 -4.06 5.57
N GLU F 70 -54.88 -4.06 6.89
CA GLU F 70 -54.30 -2.93 7.62
C GLU F 70 -52.89 -3.22 8.10
N THR F 71 -52.08 -3.92 7.31
CA THR F 71 -50.70 -4.15 7.66
C THR F 71 -49.81 -3.10 7.01
N ASP F 72 -48.67 -2.85 7.64
CA ASP F 72 -47.74 -1.83 7.18
C ASP F 72 -46.77 -2.48 6.21
N VAL F 73 -46.96 -2.23 4.91
CA VAL F 73 -45.94 -2.60 3.94
C VAL F 73 -45.28 -1.32 3.42
N SER F 74 -44.25 -0.87 4.13
CA SER F 74 -43.54 0.32 3.74
C SER F 74 -42.05 0.06 3.84
N GLY F 75 -41.67 -0.84 4.74
CA GLY F 75 -40.30 -1.28 4.86
C GLY F 75 -39.93 -2.42 3.95
N TRP F 76 -40.88 -2.91 3.15
CA TRP F 76 -40.58 -3.97 2.22
C TRP F 76 -39.86 -3.42 1.00
N ASP F 77 -39.34 -4.32 0.18
CA ASP F 77 -38.72 -3.90 -1.06
C ASP F 77 -39.78 -3.61 -2.12
N ASP F 78 -39.37 -3.04 -3.23
CA ASP F 78 -40.28 -2.78 -4.33
C ASP F 78 -39.76 -3.45 -5.60
N LEU F 79 -40.59 -4.31 -6.18
CA LEU F 79 -40.21 -5.11 -7.33
C LEU F 79 -41.16 -4.85 -8.48
N ILE F 80 -40.61 -4.76 -9.68
CA ILE F 80 -41.42 -4.59 -10.88
C ILE F 80 -41.96 -5.94 -11.31
N VAL F 81 -43.28 -6.04 -11.37
CA VAL F 81 -43.97 -7.20 -11.91
C VAL F 81 -44.37 -6.88 -13.35
N PRO F 82 -44.07 -7.73 -14.33
CA PRO F 82 -43.46 -9.07 -14.31
C PRO F 82 -41.93 -9.13 -14.33
N SER F 83 -41.36 -10.04 -13.53
CA SER F 83 -39.92 -10.27 -13.46
C SER F 83 -39.66 -11.55 -12.68
N CYS F 84 -38.57 -12.23 -13.05
CA CYS F 84 -38.03 -13.35 -12.29
C CYS F 84 -37.09 -12.81 -11.22
N TRP F 85 -37.18 -13.34 -10.01
CA TRP F 85 -36.39 -12.73 -8.94
C TRP F 85 -34.96 -13.23 -8.87
N GLN F 86 -34.58 -14.24 -9.64
CA GLN F 86 -33.18 -14.65 -9.68
C GLN F 86 -32.30 -13.66 -10.42
N THR F 87 -32.89 -12.79 -11.25
CA THR F 87 -32.18 -11.74 -11.95
C THR F 87 -32.39 -10.37 -11.29
N ASN F 88 -32.78 -10.35 -10.02
CA ASN F 88 -33.02 -9.11 -9.31
C ASN F 88 -32.33 -9.07 -7.95
N GLY F 89 -31.26 -9.84 -7.76
CA GLY F 89 -30.50 -9.80 -6.55
C GLY F 89 -30.89 -10.82 -5.50
N TYR F 90 -31.91 -11.62 -5.75
CA TYR F 90 -32.33 -12.66 -4.81
C TYR F 90 -31.59 -13.95 -5.17
N ASP F 91 -32.08 -15.11 -4.69
CA ASP F 91 -31.30 -16.35 -4.56
C ASP F 91 -30.59 -16.78 -5.85
N GLN F 92 -29.47 -17.46 -5.66
CA GLN F 92 -28.45 -17.57 -6.70
C GLN F 92 -28.91 -18.43 -7.87
N LEU F 93 -28.38 -18.10 -9.05
CA LEU F 93 -28.77 -18.71 -10.31
C LEU F 93 -28.37 -20.18 -10.36
N HIS F 94 -29.12 -20.98 -11.11
CA HIS F 94 -28.99 -22.42 -11.05
C HIS F 94 -29.41 -23.04 -12.37
N TYR F 95 -28.47 -23.69 -13.06
CA TYR F 95 -28.76 -24.48 -14.25
C TYR F 95 -28.60 -25.96 -13.92
N THR F 96 -29.56 -26.76 -14.36
CA THR F 96 -29.50 -28.20 -14.16
C THR F 96 -30.00 -28.89 -15.42
N ASN F 97 -29.34 -29.99 -15.79
CA ASN F 97 -29.77 -30.85 -16.88
C ASN F 97 -30.84 -31.81 -16.36
N VAL F 98 -31.08 -32.93 -17.05
CA VAL F 98 -32.20 -33.84 -16.84
C VAL F 98 -32.31 -34.46 -15.44
N ASN F 99 -31.32 -34.23 -14.58
CA ASN F 99 -31.40 -34.62 -13.17
C ASN F 99 -32.28 -33.63 -12.40
N TYR F 100 -33.03 -34.15 -11.43
CA TYR F 100 -33.78 -33.28 -10.53
C TYR F 100 -32.81 -32.57 -9.59
N PRO F 101 -32.93 -31.26 -9.40
CA PRO F 101 -32.15 -30.63 -8.32
C PRO F 101 -32.88 -30.60 -6.99
N ILE F 102 -33.57 -31.68 -6.66
CA ILE F 102 -34.22 -31.91 -5.37
C ILE F 102 -34.09 -33.41 -5.12
N PRO F 103 -34.15 -33.89 -3.87
CA PRO F 103 -34.19 -35.34 -3.65
C PRO F 103 -35.44 -35.95 -4.25
N TYR F 104 -35.25 -37.05 -4.99
CA TYR F 104 -36.38 -37.72 -5.62
C TYR F 104 -37.19 -38.46 -4.58
N ASP F 105 -38.16 -37.76 -4.00
CA ASP F 105 -39.02 -38.32 -2.96
C ASP F 105 -40.42 -37.78 -3.20
N PRO F 106 -41.17 -38.36 -4.14
CA PRO F 106 -42.50 -37.83 -4.47
C PRO F 106 -43.49 -38.16 -3.37
N PRO F 107 -44.37 -37.21 -3.02
CA PRO F 107 -44.48 -35.87 -3.59
C PRO F 107 -43.80 -34.78 -2.76
N PHE F 108 -42.73 -35.09 -2.05
CA PHE F 108 -42.21 -34.18 -1.04
C PHE F 108 -41.09 -33.32 -1.58
N VAL F 109 -41.06 -32.07 -1.13
CA VAL F 109 -40.07 -31.09 -1.55
C VAL F 109 -39.35 -30.64 -0.28
N PRO F 110 -38.12 -30.11 -0.39
CA PRO F 110 -37.33 -29.81 0.82
C PRO F 110 -37.96 -28.80 1.76
N ASP F 111 -37.53 -28.88 3.02
CA ASP F 111 -38.09 -28.01 4.06
C ASP F 111 -37.64 -26.58 3.89
N ASP F 112 -36.40 -26.37 3.47
CA ASP F 112 -35.91 -25.06 3.09
C ASP F 112 -36.45 -24.74 1.70
N ASN F 113 -37.69 -24.27 1.68
CA ASN F 113 -38.41 -23.96 0.45
C ASN F 113 -38.56 -22.45 0.38
N PRO F 114 -37.83 -21.76 -0.50
CA PRO F 114 -37.85 -20.29 -0.50
C PRO F 114 -39.19 -19.73 -0.94
N ALA F 115 -39.51 -18.54 -0.43
CA ALA F 115 -40.83 -17.98 -0.60
C ALA F 115 -40.75 -16.48 -0.86
N GLY F 116 -41.81 -15.95 -1.46
CA GLY F 116 -41.91 -14.53 -1.68
C GLY F 116 -43.32 -14.02 -1.45
N THR F 117 -43.43 -12.84 -0.85
CA THR F 117 -44.72 -12.23 -0.58
C THR F 117 -44.84 -10.94 -1.40
N TYR F 118 -45.95 -10.83 -2.13
CA TYR F 118 -46.28 -9.68 -2.96
C TYR F 118 -47.53 -9.00 -2.40
N VAL F 119 -47.50 -7.67 -2.33
CA VAL F 119 -48.63 -6.87 -1.87
C VAL F 119 -48.82 -5.70 -2.83
N ARG F 120 -50.05 -5.51 -3.30
CA ARG F 120 -50.37 -4.36 -4.13
C ARG F 120 -51.81 -3.91 -3.89
N ASP F 121 -52.00 -2.60 -3.70
CA ASP F 121 -53.29 -1.95 -3.66
C ASP F 121 -53.73 -1.54 -5.07
N PHE F 122 -55.05 -1.39 -5.25
CA PHE F 122 -55.61 -0.87 -6.48
C PHE F 122 -56.97 -0.26 -6.20
N ASN F 123 -57.44 0.53 -7.16
CA ASN F 123 -58.77 1.14 -7.10
C ASN F 123 -59.73 0.40 -8.02
N LEU F 124 -61.02 0.69 -7.86
CA LEU F 124 -62.02 0.03 -8.67
C LEU F 124 -63.22 0.96 -8.78
N PRO F 125 -63.75 1.18 -9.97
CA PRO F 125 -64.82 2.17 -10.15
C PRO F 125 -66.16 1.66 -9.66
N GLU F 126 -67.17 2.53 -9.78
CA GLU F 126 -68.51 2.23 -9.26
C GLU F 126 -69.27 1.27 -10.16
N ALA F 127 -69.09 1.35 -11.47
CA ALA F 127 -69.80 0.51 -12.42
C ALA F 127 -69.14 -0.85 -12.63
N TRP F 128 -68.32 -1.29 -11.69
CA TRP F 128 -67.61 -2.56 -11.76
C TRP F 128 -68.12 -3.57 -10.75
N THR F 129 -68.79 -3.11 -9.69
CA THR F 129 -69.44 -3.98 -8.72
C THR F 129 -70.83 -4.40 -9.18
N LYS F 130 -71.32 -3.87 -10.28
CA LYS F 130 -72.57 -4.32 -10.87
C LYS F 130 -72.38 -5.51 -11.81
N LYS F 131 -71.14 -5.92 -12.05
CA LYS F 131 -70.85 -7.00 -12.99
C LYS F 131 -69.92 -8.04 -12.37
N GLN F 132 -69.46 -8.98 -13.19
CA GLN F 132 -68.53 -10.01 -12.73
C GLN F 132 -67.11 -9.51 -12.91
N THR F 133 -66.25 -9.80 -11.92
CA THR F 133 -64.86 -9.37 -11.93
C THR F 133 -63.96 -10.59 -11.80
N ARG F 134 -63.01 -10.73 -12.73
CA ARG F 134 -62.07 -11.84 -12.72
C ARG F 134 -60.64 -11.32 -12.69
N ILE F 135 -59.73 -12.13 -12.14
CA ILE F 135 -58.31 -11.84 -12.19
C ILE F 135 -57.63 -12.94 -12.99
N VAL F 136 -56.63 -12.56 -13.80
CA VAL F 136 -55.94 -13.48 -14.68
C VAL F 136 -54.44 -13.31 -14.45
N PHE F 137 -53.76 -14.41 -14.11
CA PHE F 137 -52.31 -14.46 -14.05
C PHE F 137 -51.84 -15.28 -15.23
N GLU F 138 -51.01 -14.69 -16.09
CA GLU F 138 -50.57 -15.38 -17.29
C GLU F 138 -49.48 -16.41 -17.01
N GLY F 139 -48.72 -16.29 -15.92
CA GLY F 139 -47.69 -17.24 -15.49
C GLY F 139 -47.02 -16.94 -14.15
N VAL F 140 -46.91 -17.87 -13.18
CA VAL F 140 -46.23 -17.74 -11.85
C VAL F 140 -45.43 -18.99 -11.60
N ASN F 141 -44.13 -18.96 -11.23
CA ASN F 141 -43.28 -20.18 -11.11
C ASN F 141 -43.80 -20.85 -9.97
N ALA F 142 -43.79 -22.17 -10.06
CA ALA F 142 -44.37 -23.11 -9.18
C ALA F 142 -45.76 -22.77 -8.81
N CYS F 143 -46.04 -22.73 -7.59
CA CYS F 143 -47.36 -22.51 -6.99
C CYS F 143 -47.52 -21.17 -6.27
N PHE F 144 -48.77 -20.76 -6.08
CA PHE F 144 -49.08 -19.49 -5.43
C PHE F 144 -50.44 -19.55 -4.75
N TYR F 145 -50.54 -18.79 -3.67
CA TYR F 145 -51.78 -18.51 -2.96
C TYR F 145 -52.26 -17.10 -3.31
N LEU F 146 -53.49 -16.79 -2.91
CA LEU F 146 -54.06 -15.51 -3.29
C LEU F 146 -55.02 -15.04 -2.21
N TRP F 147 -54.92 -13.76 -1.85
CA TRP F 147 -55.81 -13.13 -0.87
C TRP F 147 -56.25 -11.78 -1.39
N VAL F 148 -57.55 -11.51 -1.33
CA VAL F 148 -58.12 -10.22 -1.70
C VAL F 148 -58.85 -9.66 -0.50
N ASN F 149 -58.42 -8.47 -0.05
CA ASN F 149 -58.96 -7.77 1.12
C ASN F 149 -58.89 -8.61 2.39
N GLY F 150 -57.79 -9.36 2.54
CA GLY F 150 -57.61 -10.17 3.72
C GLY F 150 -58.41 -11.43 3.76
N ARG F 151 -58.93 -11.88 2.63
CA ARG F 151 -59.79 -13.05 2.54
C ARG F 151 -59.23 -14.02 1.52
N PHE F 152 -59.22 -15.30 1.88
CA PHE F 152 -58.65 -16.32 1.00
C PHE F 152 -59.55 -16.57 -0.19
N VAL F 153 -58.98 -16.47 -1.40
CA VAL F 153 -59.76 -16.55 -2.62
C VAL F 153 -59.29 -17.71 -3.51
N GLY F 154 -58.01 -18.08 -3.43
CA GLY F 154 -57.56 -19.14 -4.31
C GLY F 154 -56.16 -19.65 -4.02
N TYR F 155 -55.90 -20.83 -4.56
CA TYR F 155 -54.59 -21.47 -4.66
C TYR F 155 -54.46 -22.04 -6.06
N SER F 156 -53.27 -21.93 -6.66
CA SER F 156 -53.06 -22.56 -7.94
C SER F 156 -51.62 -23.03 -8.08
N GLN F 157 -51.42 -23.84 -9.12
CA GLN F 157 -50.25 -24.67 -9.33
C GLN F 157 -50.16 -24.97 -10.82
N GLY F 158 -48.94 -24.92 -11.35
CA GLY F 158 -48.75 -25.02 -12.79
C GLY F 158 -48.07 -23.77 -13.30
N SER F 159 -46.85 -23.92 -13.81
CA SER F 159 -45.95 -22.78 -13.94
C SER F 159 -46.03 -22.05 -15.26
N ARG F 160 -46.49 -22.70 -16.32
CA ARG F 160 -46.42 -22.13 -17.66
C ARG F 160 -47.79 -21.96 -18.29
N ILE F 161 -48.85 -22.03 -17.48
CA ILE F 161 -50.23 -21.98 -17.96
C ILE F 161 -50.92 -20.88 -17.15
N PRO F 162 -51.84 -20.10 -17.74
CA PRO F 162 -52.54 -19.08 -16.95
C PRO F 162 -53.47 -19.66 -15.90
N ALA F 163 -53.89 -18.78 -15.00
CA ALA F 163 -54.84 -19.13 -13.95
C ALA F 163 -55.78 -17.95 -13.75
N GLU F 164 -57.08 -18.24 -13.72
CA GLU F 164 -58.10 -17.21 -13.61
C GLU F 164 -58.98 -17.48 -12.40
N PHE F 165 -59.28 -16.41 -11.65
CA PHE F 165 -60.06 -16.52 -10.43
C PHE F 165 -61.20 -15.52 -10.46
N ASP F 166 -62.20 -15.77 -9.62
CA ASP F 166 -63.41 -14.98 -9.55
C ASP F 166 -63.37 -14.10 -8.31
N LEU F 167 -63.48 -12.79 -8.49
CA LEU F 167 -63.31 -11.82 -7.42
C LEU F 167 -64.59 -11.04 -7.10
N THR F 168 -65.73 -11.54 -7.52
CA THR F 168 -66.99 -10.84 -7.28
C THR F 168 -67.43 -10.83 -5.80
N PRO F 169 -67.28 -11.90 -4.99
CA PRO F 169 -67.60 -11.74 -3.56
C PRO F 169 -66.56 -10.99 -2.74
N PHE F 170 -65.43 -10.56 -3.32
CA PHE F 170 -64.31 -10.12 -2.51
C PHE F 170 -63.96 -8.64 -2.66
N VAL F 171 -64.33 -7.99 -3.77
CA VAL F 171 -63.89 -6.63 -4.03
C VAL F 171 -65.03 -5.67 -3.74
N ALA F 172 -64.66 -4.41 -3.52
CA ALA F 172 -65.60 -3.34 -3.27
C ALA F 172 -65.11 -2.09 -4.00
N ALA F 173 -66.00 -1.11 -4.13
CA ALA F 173 -65.64 0.14 -4.79
C ALA F 173 -64.67 0.93 -3.93
N GLY F 174 -63.67 1.53 -4.58
CA GLY F 174 -62.64 2.24 -3.86
C GLY F 174 -61.35 1.44 -3.75
N ARG F 175 -60.61 1.64 -2.67
CA ARG F 175 -59.32 0.99 -2.50
C ARG F 175 -59.50 -0.48 -2.13
N ASN F 176 -58.66 -1.33 -2.70
CA ASN F 176 -58.63 -2.76 -2.40
C ASN F 176 -57.21 -3.18 -2.07
N ARG F 177 -57.04 -4.46 -1.79
CA ARG F 177 -55.75 -5.01 -1.38
C ARG F 177 -55.58 -6.42 -1.96
N LEU F 178 -54.43 -6.66 -2.56
CA LEU F 178 -54.10 -7.94 -3.16
C LEU F 178 -52.79 -8.46 -2.56
N ALA F 179 -52.78 -9.72 -2.16
CA ALA F 179 -51.60 -10.35 -1.56
C ALA F 179 -51.39 -11.72 -2.17
N VAL F 180 -50.15 -12.00 -2.56
CA VAL F 180 -49.78 -13.26 -3.22
C VAL F 180 -48.61 -13.87 -2.45
N LEU F 181 -48.67 -15.18 -2.20
CA LEU F 181 -47.55 -15.94 -1.69
C LEU F 181 -47.08 -16.91 -2.76
N VAL F 182 -45.81 -16.83 -3.15
CA VAL F 182 -45.25 -17.63 -4.22
C VAL F 182 -44.16 -18.52 -3.65
N LEU F 183 -44.23 -19.82 -3.95
CA LEU F 183 -43.26 -20.80 -3.48
C LEU F 183 -42.41 -21.28 -4.65
N LYS F 184 -41.17 -21.71 -4.35
CA LYS F 184 -40.25 -22.14 -5.39
C LYS F 184 -40.48 -23.58 -5.82
N TRP F 185 -40.89 -24.44 -4.90
CA TRP F 185 -40.99 -25.88 -5.10
C TRP F 185 -42.36 -26.35 -4.70
N CYS F 186 -43.01 -27.11 -5.56
CA CYS F 186 -44.26 -27.78 -5.21
C CYS F 186 -44.18 -29.21 -5.73
N ASP F 187 -45.28 -29.95 -5.64
CA ASP F 187 -45.27 -31.31 -6.15
C ASP F 187 -45.34 -31.37 -7.67
N GLY F 188 -45.62 -30.26 -8.33
CA GLY F 188 -45.49 -30.15 -9.76
C GLY F 188 -44.09 -29.92 -10.26
N THR F 189 -43.11 -29.85 -9.36
CA THR F 189 -41.72 -29.71 -9.79
C THR F 189 -41.21 -31.02 -10.38
N TYR F 190 -41.77 -32.15 -9.95
CA TYR F 190 -41.43 -33.44 -10.52
C TYR F 190 -41.86 -33.57 -11.98
N LEU F 191 -42.84 -32.78 -12.41
CA LEU F 191 -43.30 -32.79 -13.78
C LEU F 191 -42.72 -31.65 -14.61
N GLU F 192 -41.73 -30.93 -14.10
CA GLU F 192 -41.17 -29.78 -14.79
C GLU F 192 -39.64 -29.84 -14.75
N ASP F 193 -39.09 -30.99 -15.08
CA ASP F 193 -37.64 -31.19 -15.04
C ASP F 193 -37.00 -30.83 -16.38
N GLN F 194 -37.17 -29.58 -16.78
CA GLN F 194 -36.63 -29.13 -18.05
C GLN F 194 -35.16 -28.75 -17.92
N ASP F 195 -34.41 -29.03 -18.98
CA ASP F 195 -33.00 -28.66 -19.07
C ASP F 195 -32.88 -27.18 -19.42
N VAL F 196 -33.08 -26.34 -18.40
CA VAL F 196 -33.12 -24.90 -18.56
C VAL F 196 -32.75 -24.30 -17.21
N TRP F 197 -32.40 -23.01 -17.21
CA TRP F 197 -32.23 -22.28 -15.95
C TRP F 197 -33.54 -22.24 -15.18
N ARG F 198 -33.46 -22.34 -13.87
CA ARG F 198 -34.63 -22.45 -13.01
C ARG F 198 -34.94 -21.09 -12.38
N PHE F 199 -35.98 -20.44 -12.88
CA PHE F 199 -36.39 -19.13 -12.38
C PHE F 199 -37.66 -19.26 -11.54
N SER F 200 -37.97 -18.18 -10.85
CA SER F 200 -39.09 -18.15 -9.91
C SER F 200 -39.75 -16.78 -9.92
N GLY F 201 -41.03 -16.76 -9.60
CA GLY F 201 -41.75 -15.52 -9.37
C GLY F 201 -42.96 -15.38 -10.28
N ILE F 202 -43.54 -14.18 -10.25
CA ILE F 202 -44.56 -13.77 -11.21
C ILE F 202 -43.81 -13.19 -12.40
N TYR F 203 -43.70 -13.95 -13.48
CA TYR F 203 -42.89 -13.54 -14.60
C TYR F 203 -43.68 -13.18 -15.84
N ARG F 204 -44.99 -13.35 -15.84
CA ARG F 204 -45.82 -12.94 -16.95
C ARG F 204 -46.86 -11.93 -16.49
N ASP F 205 -47.76 -11.56 -17.40
CA ASP F 205 -48.69 -10.47 -17.16
C ASP F 205 -49.77 -10.85 -16.15
N VAL F 206 -50.35 -9.82 -15.54
CA VAL F 206 -51.39 -9.94 -14.52
C VAL F 206 -52.42 -8.85 -14.79
N TYR F 207 -53.69 -9.22 -14.92
CA TYR F 207 -54.70 -8.18 -15.16
C TYR F 207 -56.06 -8.57 -14.60
N LEU F 208 -56.98 -7.62 -14.64
CA LEU F 208 -58.35 -7.75 -14.16
C LEU F 208 -59.32 -7.53 -15.31
N LEU F 209 -60.34 -8.39 -15.39
CA LEU F 209 -61.38 -8.32 -16.40
C LEU F 209 -62.73 -8.04 -15.76
N SER F 210 -63.57 -7.30 -16.47
CA SER F 210 -64.93 -6.95 -16.03
C SER F 210 -65.92 -7.48 -17.06
N ARG F 211 -66.43 -8.68 -16.82
CA ARG F 211 -67.37 -9.30 -17.75
C ARG F 211 -68.76 -9.31 -17.12
N ASP F 212 -69.76 -8.97 -17.93
CA ASP F 212 -71.12 -8.81 -17.45
C ASP F 212 -71.74 -10.15 -17.06
N ASN F 213 -72.97 -10.08 -16.55
CA ASN F 213 -73.54 -11.22 -15.83
C ASN F 213 -73.93 -12.35 -16.77
N THR F 214 -74.27 -12.04 -18.02
CA THR F 214 -74.51 -13.05 -19.04
C THR F 214 -73.53 -12.76 -20.17
N HIS F 215 -72.48 -13.58 -20.27
CA HIS F 215 -71.38 -13.33 -21.20
C HIS F 215 -70.98 -14.60 -21.93
N ILE F 216 -70.37 -14.41 -23.09
CA ILE F 216 -69.79 -15.52 -23.85
C ILE F 216 -68.59 -16.05 -23.08
N ARG F 217 -68.68 -17.29 -22.63
CA ARG F 217 -67.62 -17.83 -21.81
C ARG F 217 -66.51 -18.48 -22.63
N ASP F 218 -66.85 -19.23 -23.68
CA ASP F 218 -65.83 -19.95 -24.43
C ASP F 218 -66.18 -19.95 -25.90
N VAL F 219 -65.16 -19.89 -26.76
CA VAL F 219 -65.33 -19.87 -28.21
C VAL F 219 -64.34 -20.87 -28.80
N PHE F 220 -64.84 -21.77 -29.66
CA PHE F 220 -63.97 -22.65 -30.44
C PHE F 220 -64.35 -22.54 -31.91
N ASN F 221 -63.44 -22.00 -32.70
CA ASN F 221 -63.66 -21.82 -34.13
C ASN F 221 -63.10 -23.02 -34.87
N GLN F 222 -63.83 -23.47 -35.88
CA GLN F 222 -63.44 -24.65 -36.66
C GLN F 222 -63.53 -24.32 -38.15
N PRO F 223 -62.41 -24.28 -38.86
CA PRO F 223 -62.48 -24.36 -40.32
C PRO F 223 -62.87 -25.77 -40.75
N LEU F 224 -63.71 -25.85 -41.77
CA LEU F 224 -64.33 -27.11 -42.21
C LEU F 224 -64.23 -27.25 -43.72
N LEU F 225 -63.00 -27.17 -44.24
CA LEU F 225 -62.73 -27.31 -45.66
C LEU F 225 -63.24 -28.65 -46.21
N SER F 226 -63.60 -28.65 -47.49
CA SER F 226 -64.18 -29.82 -48.14
C SER F 226 -63.07 -30.79 -48.53
N ASP F 227 -63.42 -31.82 -49.30
CA ASP F 227 -62.46 -32.86 -49.62
C ASP F 227 -61.48 -32.44 -50.70
N ASP F 228 -61.87 -31.50 -51.56
CA ASP F 228 -61.00 -31.00 -52.62
C ASP F 228 -60.54 -29.56 -52.36
N LEU F 229 -60.67 -29.10 -51.11
CA LEU F 229 -60.21 -27.78 -50.64
C LEU F 229 -60.88 -26.63 -51.38
N SER F 230 -62.15 -26.80 -51.75
CA SER F 230 -62.83 -25.84 -52.60
C SER F 230 -64.04 -25.17 -51.95
N GLU F 231 -64.52 -25.68 -50.82
CA GLU F 231 -65.63 -25.06 -50.09
C GLU F 231 -65.24 -24.95 -48.63
N GLY F 232 -65.51 -23.79 -48.03
CA GLY F 232 -65.16 -23.54 -46.64
C GLY F 232 -66.38 -23.29 -45.80
N LYS F 233 -66.30 -23.73 -44.54
CA LYS F 233 -67.35 -23.45 -43.57
C LYS F 233 -66.70 -23.12 -42.24
N LEU F 234 -67.01 -21.95 -41.69
CA LEU F 234 -66.56 -21.57 -40.36
C LEU F 234 -67.64 -21.97 -39.36
N ARG F 235 -67.32 -22.89 -38.47
CA ARG F 235 -68.22 -23.33 -37.41
C ARG F 235 -67.70 -22.77 -36.09
N SER F 236 -68.42 -21.83 -35.51
CA SER F 236 -68.00 -21.17 -34.28
C SER F 236 -68.85 -21.69 -33.13
N GLU F 237 -68.32 -22.65 -32.37
CA GLU F 237 -69.00 -23.21 -31.22
C GLU F 237 -68.86 -22.26 -30.05
N ILE F 238 -69.97 -21.66 -29.62
CA ILE F 238 -69.98 -20.66 -28.57
C ILE F 238 -70.66 -21.25 -27.35
N GLU F 239 -70.02 -21.10 -26.19
CA GLU F 239 -70.51 -21.63 -24.93
C GLU F 239 -70.69 -20.45 -23.99
N THR F 240 -71.94 -20.13 -23.67
CA THR F 240 -72.27 -18.95 -22.88
C THR F 240 -72.63 -19.36 -21.44
N THR F 241 -73.02 -18.37 -20.65
CA THR F 241 -73.46 -18.59 -19.27
C THR F 241 -74.95 -18.34 -19.10
N GLY F 242 -75.67 -18.10 -20.20
CA GLY F 242 -77.09 -17.84 -20.15
C GLY F 242 -77.64 -17.58 -21.53
N SER F 243 -78.67 -16.73 -21.63
CA SER F 243 -79.33 -16.47 -22.90
C SER F 243 -78.73 -15.22 -23.52
N LEU F 244 -78.04 -15.37 -24.65
CA LEU F 244 -77.41 -14.24 -25.32
C LEU F 244 -77.83 -14.14 -26.77
N THR F 245 -78.20 -12.94 -27.18
CA THR F 245 -78.32 -12.58 -28.59
C THR F 245 -76.95 -12.16 -29.09
N ILE F 246 -76.41 -12.90 -30.05
CA ILE F 246 -75.03 -12.76 -30.48
C ILE F 246 -75.00 -12.40 -31.96
N GLN F 247 -74.32 -11.30 -32.27
CA GLN F 247 -74.01 -10.92 -33.65
C GLN F 247 -72.66 -11.52 -34.05
N ALA F 248 -72.53 -11.86 -35.32
CA ALA F 248 -71.27 -12.41 -35.83
C ALA F 248 -71.05 -11.94 -37.26
N GLU F 249 -69.81 -11.58 -37.57
CA GLU F 249 -69.48 -11.19 -38.94
C GLU F 249 -68.06 -11.65 -39.29
N LEU F 250 -67.88 -11.95 -40.57
CA LEU F 250 -66.65 -12.54 -41.08
C LEU F 250 -66.14 -11.73 -42.27
N ARG F 251 -64.82 -11.52 -42.33
CA ARG F 251 -64.19 -10.72 -43.37
C ARG F 251 -62.97 -11.43 -43.93
N ASP F 252 -62.67 -11.15 -45.20
CA ASP F 252 -61.54 -11.71 -45.92
C ASP F 252 -60.26 -10.95 -45.55
N PRO F 253 -59.06 -11.37 -46.01
CA PRO F 253 -57.87 -10.55 -45.74
C PRO F 253 -57.87 -9.19 -46.40
N ALA F 254 -58.66 -8.98 -47.46
CA ALA F 254 -58.70 -7.67 -48.09
C ALA F 254 -59.60 -6.69 -47.34
N GLY F 255 -60.45 -7.17 -46.44
CA GLY F 255 -61.33 -6.28 -45.70
C GLY F 255 -62.70 -6.10 -46.35
N LYS F 256 -63.40 -7.21 -46.60
CA LYS F 256 -64.69 -7.18 -47.24
C LYS F 256 -65.61 -8.18 -46.55
N LEU F 257 -66.84 -7.76 -46.28
CA LEU F 257 -67.82 -8.64 -45.65
C LEU F 257 -68.20 -9.81 -46.54
N ILE F 258 -68.08 -11.02 -45.99
CA ILE F 258 -68.50 -12.23 -46.69
C ILE F 258 -69.56 -13.00 -45.92
N GLY F 259 -69.87 -12.60 -44.69
CA GLY F 259 -70.85 -13.32 -43.90
C GLY F 259 -71.29 -12.49 -42.72
N GLN F 260 -72.52 -12.75 -42.25
CA GLN F 260 -73.11 -12.03 -41.14
C GLN F 260 -74.29 -12.85 -40.62
N LYS F 261 -74.43 -12.91 -39.30
CA LYS F 261 -75.40 -13.83 -38.71
C LYS F 261 -75.77 -13.33 -37.32
N GLU F 262 -76.99 -13.65 -36.90
CA GLU F 262 -77.47 -13.41 -35.54
C GLU F 262 -77.98 -14.72 -34.97
N ALA F 263 -77.70 -14.97 -33.69
CA ALA F 263 -78.18 -16.16 -33.03
C ALA F 263 -78.60 -15.85 -31.60
N GLN F 264 -79.24 -16.82 -30.97
CA GLN F 264 -79.73 -16.74 -29.60
C GLN F 264 -79.27 -18.02 -28.91
N ILE F 265 -78.13 -17.95 -28.24
CA ILE F 265 -77.48 -19.13 -27.67
C ILE F 265 -77.75 -19.15 -26.17
N ASP F 266 -78.19 -20.31 -25.67
CA ASP F 266 -78.66 -20.47 -24.31
C ASP F 266 -77.74 -21.37 -23.49
N GLY F 267 -76.45 -21.38 -23.82
CA GLY F 267 -75.48 -22.10 -23.02
C GLY F 267 -74.42 -22.85 -23.81
N LYS F 268 -74.79 -23.43 -24.94
CA LYS F 268 -73.86 -24.19 -25.78
C LYS F 268 -74.46 -24.35 -27.16
N GLY F 269 -73.82 -23.79 -28.18
CA GLY F 269 -74.34 -23.90 -29.53
C GLY F 269 -73.40 -23.27 -30.53
N ALA F 270 -73.55 -23.67 -31.77
CA ALA F 270 -72.67 -23.26 -32.85
C ALA F 270 -73.32 -22.20 -33.73
N MET F 271 -72.50 -21.54 -34.54
CA MET F 271 -72.94 -20.55 -35.53
C MET F 271 -72.15 -20.79 -36.80
N GLU F 272 -72.69 -21.62 -37.69
CA GLU F 272 -72.01 -21.95 -38.93
C GLU F 272 -72.15 -20.81 -39.94
N LEU F 273 -71.18 -20.74 -40.85
CA LEU F 273 -71.14 -19.68 -41.84
C LEU F 273 -70.36 -20.20 -43.03
N ASP F 274 -70.72 -19.76 -44.24
CA ASP F 274 -70.17 -20.33 -45.46
C ASP F 274 -69.19 -19.38 -46.12
N VAL F 275 -68.11 -19.95 -46.66
CA VAL F 275 -67.09 -19.24 -47.44
C VAL F 275 -66.97 -19.97 -48.77
N PRO F 276 -67.36 -19.34 -49.89
CA PRO F 276 -67.43 -20.08 -51.16
C PRO F 276 -66.09 -20.47 -51.77
N GLN F 277 -65.16 -19.54 -51.90
CA GLN F 277 -63.83 -19.82 -52.44
C GLN F 277 -62.79 -19.37 -51.42
N PRO F 278 -62.25 -20.28 -50.61
CA PRO F 278 -61.39 -19.87 -49.49
C PRO F 278 -59.94 -19.66 -49.89
N GLN F 279 -59.32 -18.72 -49.18
CA GLN F 279 -57.88 -18.46 -49.28
C GLN F 279 -57.20 -19.16 -48.11
N LEU F 280 -56.28 -20.06 -48.42
CA LEU F 280 -55.76 -20.98 -47.43
C LEU F 280 -54.53 -20.43 -46.71
N TRP F 281 -54.30 -20.93 -45.51
CA TRP F 281 -53.15 -20.52 -44.72
C TRP F 281 -51.99 -21.49 -44.96
N ASN F 282 -50.79 -20.93 -45.03
CA ASN F 282 -49.54 -21.69 -45.04
C ASN F 282 -48.44 -20.75 -44.57
N ALA F 283 -47.23 -21.29 -44.41
CA ALA F 283 -46.16 -20.54 -43.79
C ALA F 283 -45.61 -19.43 -44.67
N GLU F 284 -45.82 -19.52 -45.97
CA GLU F 284 -45.26 -18.53 -46.90
C GLU F 284 -46.31 -17.62 -47.52
N GLN F 285 -47.60 -17.89 -47.31
CA GLN F 285 -48.68 -16.99 -47.70
C GLN F 285 -49.69 -16.92 -46.56
N PRO F 286 -49.37 -16.22 -45.46
CA PRO F 286 -50.24 -16.30 -44.27
C PRO F 286 -51.49 -15.42 -44.35
N ARG F 287 -52.53 -15.97 -44.98
CA ARG F 287 -53.78 -15.24 -45.19
C ARG F 287 -54.77 -15.57 -44.08
N LEU F 288 -55.34 -14.53 -43.46
CA LEU F 288 -56.17 -14.71 -42.28
C LEU F 288 -57.50 -13.97 -42.42
N TYR F 289 -58.59 -14.70 -42.20
CA TYR F 289 -59.91 -14.11 -42.07
C TYR F 289 -60.08 -13.47 -40.71
N GLU F 290 -61.06 -12.59 -40.59
CA GLU F 290 -61.36 -11.89 -39.35
C GLU F 290 -62.79 -12.18 -38.91
N LEU F 291 -62.95 -12.62 -37.67
CA LEU F 291 -64.25 -12.91 -37.07
C LEU F 291 -64.52 -11.94 -35.94
N ILE F 292 -65.68 -11.27 -35.97
CA ILE F 292 -66.10 -10.36 -34.92
C ILE F 292 -67.38 -10.89 -34.31
N LEU F 293 -67.36 -11.12 -33.00
CA LEU F 293 -68.52 -11.51 -32.22
C LEU F 293 -68.95 -10.33 -31.34
N THR F 294 -70.25 -10.08 -31.28
CA THR F 294 -70.78 -8.96 -30.52
C THR F 294 -71.89 -9.47 -29.60
N ALA F 295 -71.77 -9.18 -28.30
CA ALA F 295 -72.77 -9.63 -27.35
C ALA F 295 -72.82 -8.65 -26.19
N GLY F 296 -73.96 -7.97 -26.04
CA GLY F 296 -74.14 -7.00 -24.98
C GLY F 296 -73.24 -5.79 -25.10
N GLN F 297 -72.30 -5.66 -24.17
CA GLN F 297 -71.29 -4.62 -24.21
C GLN F 297 -69.95 -5.11 -24.70
N GLU F 298 -69.84 -6.40 -25.05
CA GLU F 298 -68.55 -7.01 -25.34
C GLU F 298 -68.38 -7.30 -26.81
N VAL F 299 -67.18 -7.06 -27.32
CA VAL F 299 -66.80 -7.32 -28.71
C VAL F 299 -65.54 -8.19 -28.69
N LEU F 300 -65.62 -9.36 -29.30
CA LEU F 300 -64.51 -10.31 -29.36
C LEU F 300 -64.01 -10.43 -30.78
N ARG F 301 -62.69 -10.42 -30.96
CA ARG F 301 -62.06 -10.47 -32.26
C ARG F 301 -61.19 -11.72 -32.38
N PHE F 302 -61.38 -12.48 -33.44
CA PHE F 302 -60.62 -13.68 -33.70
C PHE F 302 -60.04 -13.62 -35.12
N ARG F 303 -58.94 -14.33 -35.32
CA ARG F 303 -58.27 -14.38 -36.61
C ARG F 303 -58.20 -15.84 -37.05
N VAL F 304 -58.81 -16.15 -38.18
CA VAL F 304 -59.10 -17.52 -38.58
C VAL F 304 -58.23 -17.87 -39.78
N GLY F 305 -57.62 -19.05 -39.76
CA GLY F 305 -56.89 -19.53 -40.91
C GLY F 305 -57.39 -20.88 -41.38
N PHE F 306 -57.57 -21.05 -42.68
CA PHE F 306 -58.14 -22.28 -43.24
C PHE F 306 -57.01 -23.19 -43.69
N LYS F 307 -56.88 -24.35 -43.07
CA LYS F 307 -55.86 -25.31 -43.45
C LYS F 307 -56.31 -26.72 -43.08
N LYS F 308 -55.62 -27.70 -43.64
CA LYS F 308 -55.91 -29.10 -43.35
C LYS F 308 -54.61 -29.88 -43.28
N VAL F 309 -54.41 -30.59 -42.18
CA VAL F 309 -53.20 -31.36 -41.92
C VAL F 309 -53.58 -32.84 -41.90
N GLU F 310 -52.84 -33.67 -42.64
CA GLU F 310 -53.24 -35.07 -42.74
C GLU F 310 -52.03 -35.96 -43.02
N ILE F 311 -52.27 -37.27 -42.93
CA ILE F 311 -51.34 -38.31 -43.37
C ILE F 311 -52.14 -39.26 -44.23
N THR F 312 -51.64 -39.55 -45.44
CA THR F 312 -52.40 -40.32 -46.42
C THR F 312 -51.85 -41.72 -46.63
N ASP F 313 -50.60 -41.85 -47.06
CA ASP F 313 -50.00 -43.15 -47.33
C ASP F 313 -48.67 -43.27 -46.62
N GLY F 314 -48.61 -42.76 -45.39
CA GLY F 314 -47.34 -42.53 -44.75
C GLY F 314 -46.67 -41.26 -45.18
N ILE F 315 -47.40 -40.35 -45.80
CA ILE F 315 -46.87 -39.10 -46.32
C ILE F 315 -47.59 -37.95 -45.63
N PHE F 316 -46.84 -37.15 -44.89
CA PHE F 316 -47.38 -35.97 -44.22
C PHE F 316 -47.76 -34.91 -45.25
N ARG F 317 -48.97 -34.37 -45.14
CA ARG F 317 -49.46 -33.40 -46.10
C ARG F 317 -50.14 -32.23 -45.43
N ILE F 318 -49.88 -31.04 -45.94
CA ILE F 318 -50.57 -29.81 -45.56
C ILE F 318 -51.19 -29.22 -46.82
N ASN F 319 -52.52 -29.06 -46.79
CA ASN F 319 -53.32 -28.50 -47.90
C ASN F 319 -53.13 -29.26 -49.20
N GLY F 320 -53.07 -30.59 -49.11
CA GLY F 320 -52.91 -31.44 -50.27
C GLY F 320 -51.49 -31.70 -50.71
N ARG F 321 -50.61 -30.72 -50.58
CA ARG F 321 -49.22 -30.87 -50.99
C ARG F 321 -48.41 -31.57 -49.90
N ALA F 322 -47.35 -32.25 -50.33
CA ALA F 322 -46.42 -32.89 -49.40
C ALA F 322 -45.40 -31.86 -48.94
N VAL F 323 -45.28 -31.67 -47.64
CA VAL F 323 -44.49 -30.61 -47.04
C VAL F 323 -43.41 -31.24 -46.17
N LYS F 324 -42.17 -30.77 -46.33
CA LYS F 324 -41.07 -31.14 -45.46
C LYS F 324 -40.80 -30.00 -44.48
N LEU F 325 -40.87 -30.30 -43.19
CA LEU F 325 -40.77 -29.30 -42.14
C LEU F 325 -39.31 -29.04 -41.81
N LYS F 326 -38.91 -27.78 -41.87
CA LYS F 326 -37.51 -27.37 -41.73
C LYS F 326 -37.44 -26.40 -40.56
N GLY F 327 -37.13 -26.88 -39.35
CA GLY F 327 -37.31 -26.06 -38.18
C GLY F 327 -36.22 -26.18 -37.13
N VAL F 328 -36.37 -25.37 -36.09
CA VAL F 328 -35.49 -25.35 -34.92
C VAL F 328 -36.34 -25.46 -33.67
N ASN F 329 -35.69 -25.77 -32.55
CA ASN F 329 -36.34 -25.73 -31.24
C ASN F 329 -36.02 -24.40 -30.56
N ARG F 330 -36.87 -23.98 -29.65
CA ARG F 330 -36.73 -22.65 -29.06
C ARG F 330 -37.18 -22.64 -27.61
N HIS F 331 -36.28 -22.24 -26.73
CA HIS F 331 -36.64 -21.86 -25.36
C HIS F 331 -36.86 -20.36 -25.30
N ASP F 332 -37.78 -19.94 -24.42
CA ASP F 332 -37.88 -18.54 -24.06
C ASP F 332 -36.75 -18.21 -23.10
N SER F 333 -35.75 -17.49 -23.58
CA SER F 333 -34.58 -17.18 -22.76
C SER F 333 -34.00 -15.86 -23.21
N HIS F 334 -33.96 -14.89 -22.30
CA HIS F 334 -33.35 -13.59 -22.47
C HIS F 334 -32.12 -13.51 -21.58
N PRO F 335 -31.00 -12.97 -22.06
CA PRO F 335 -29.77 -12.98 -21.26
C PRO F 335 -29.76 -12.00 -20.09
N GLU F 336 -30.79 -11.16 -19.95
CA GLU F 336 -30.87 -10.23 -18.83
C GLU F 336 -32.16 -10.32 -18.04
N LEU F 337 -33.21 -10.94 -18.58
CA LEU F 337 -34.51 -10.99 -17.92
C LEU F 337 -34.99 -12.41 -17.64
N GLY F 338 -34.24 -13.43 -18.05
CA GLY F 338 -34.66 -14.79 -17.80
C GLY F 338 -35.77 -15.26 -18.71
N GLN F 339 -36.92 -15.57 -18.15
CA GLN F 339 -38.08 -16.01 -18.92
C GLN F 339 -39.09 -14.90 -19.13
N THR F 340 -38.72 -13.65 -18.89
CA THR F 340 -39.55 -12.51 -19.23
C THR F 340 -39.11 -12.01 -20.61
N ILE F 341 -39.99 -12.14 -21.59
CA ILE F 341 -39.66 -11.84 -22.98
C ILE F 341 -40.55 -10.69 -23.44
N PRO F 342 -40.00 -9.54 -23.80
CA PRO F 342 -40.79 -8.48 -24.42
C PRO F 342 -41.11 -8.81 -25.88
N VAL F 343 -41.92 -7.95 -26.51
CA VAL F 343 -42.47 -8.25 -27.82
C VAL F 343 -41.43 -8.08 -28.91
N ASN F 344 -40.64 -7.00 -28.84
CA ASN F 344 -39.65 -6.72 -29.87
C ASN F 344 -38.54 -7.77 -29.89
N HIS F 345 -38.25 -8.36 -28.74
CA HIS F 345 -37.28 -9.44 -28.67
C HIS F 345 -37.81 -10.72 -29.30
N MET F 346 -39.13 -10.87 -29.41
CA MET F 346 -39.71 -11.97 -30.18
C MET F 346 -39.68 -11.67 -31.67
N ILE F 347 -40.01 -10.43 -32.04
CA ILE F 347 -40.06 -10.03 -33.44
C ILE F 347 -38.69 -10.10 -34.08
N ALA F 348 -37.64 -9.77 -33.31
CA ALA F 348 -36.27 -9.89 -33.82
C ALA F 348 -35.89 -11.33 -34.10
N ASP F 349 -36.26 -12.25 -33.20
CA ASP F 349 -36.00 -13.67 -33.41
C ASP F 349 -36.76 -14.19 -34.62
N LEU F 350 -38.01 -13.77 -34.81
CA LEU F 350 -38.79 -14.26 -35.94
C LEU F 350 -38.26 -13.73 -37.26
N LYS F 351 -37.82 -12.46 -37.29
CA LYS F 351 -37.22 -11.94 -38.51
C LYS F 351 -35.91 -12.63 -38.83
N LEU F 352 -35.08 -12.90 -37.81
CA LEU F 352 -33.80 -13.55 -38.05
C LEU F 352 -33.97 -15.01 -38.46
N MET F 353 -35.01 -15.69 -37.96
CA MET F 353 -35.31 -17.04 -38.44
C MET F 353 -35.83 -17.01 -39.87
N LYS F 354 -36.71 -16.06 -40.18
CA LYS F 354 -37.36 -16.06 -41.49
C LYS F 354 -36.38 -15.66 -42.59
N ARG F 355 -35.34 -14.89 -42.27
CA ARG F 355 -34.30 -14.63 -43.27
C ARG F 355 -33.19 -15.68 -43.29
N HIS F 356 -33.44 -16.86 -42.71
CA HIS F 356 -32.53 -18.00 -42.82
C HIS F 356 -33.29 -19.26 -43.21
N ASN F 357 -34.38 -19.12 -43.97
CA ASN F 357 -35.09 -20.19 -44.67
C ASN F 357 -35.79 -21.16 -43.71
N ILE F 358 -36.16 -20.72 -42.52
CA ILE F 358 -36.80 -21.58 -41.52
C ILE F 358 -38.30 -21.35 -41.57
N ASN F 359 -39.09 -22.44 -41.59
CA ASN F 359 -40.54 -22.31 -41.59
C ASN F 359 -41.25 -23.03 -40.46
N THR F 360 -40.53 -23.70 -39.57
CA THR F 360 -41.14 -24.44 -38.47
C THR F 360 -40.46 -24.03 -37.17
N ILE F 361 -41.22 -23.96 -36.09
CA ILE F 361 -40.70 -23.73 -34.75
C ILE F 361 -41.35 -24.74 -33.81
N ARG F 362 -40.54 -25.42 -33.01
CA ARG F 362 -41.04 -26.30 -31.97
C ARG F 362 -40.84 -25.66 -30.60
N THR F 363 -41.94 -25.39 -29.91
CA THR F 363 -41.90 -24.76 -28.59
C THR F 363 -41.37 -25.79 -27.61
N SER F 364 -40.10 -25.68 -27.26
CA SER F 364 -39.40 -26.76 -26.56
C SER F 364 -39.83 -26.82 -25.09
N HIS F 365 -40.61 -27.84 -24.77
CA HIS F 365 -40.89 -28.47 -23.48
C HIS F 365 -41.91 -27.72 -22.62
N TYR F 366 -42.46 -26.60 -23.09
CA TYR F 366 -43.53 -25.89 -22.41
C TYR F 366 -44.19 -24.96 -23.43
N PRO F 367 -45.45 -24.59 -23.23
CA PRO F 367 -46.05 -23.58 -24.10
C PRO F 367 -45.56 -22.18 -23.78
N ASN F 368 -45.50 -21.35 -24.81
CA ASN F 368 -44.95 -20.01 -24.67
C ASN F 368 -46.06 -19.01 -24.34
N ASP F 369 -45.71 -17.73 -24.41
CA ASP F 369 -46.64 -16.64 -24.13
C ASP F 369 -47.69 -16.58 -25.24
N PRO F 370 -48.93 -16.20 -24.92
CA PRO F 370 -50.00 -16.24 -25.95
C PRO F 370 -49.84 -15.27 -27.10
N LYS F 371 -48.96 -14.28 -27.04
CA LYS F 371 -48.76 -13.38 -28.16
C LYS F 371 -47.63 -13.81 -29.08
N PHE F 372 -46.79 -14.76 -28.65
CA PHE F 372 -45.84 -15.38 -29.56
C PHE F 372 -46.56 -16.13 -30.66
N LEU F 373 -47.66 -16.81 -30.32
CA LEU F 373 -48.45 -17.49 -31.33
C LEU F 373 -49.25 -16.51 -32.19
N ASP F 374 -49.64 -15.37 -31.62
CA ASP F 374 -50.25 -14.31 -32.42
C ASP F 374 -49.28 -13.76 -33.45
N LEU F 375 -48.00 -13.65 -33.10
CA LEU F 375 -46.99 -13.24 -34.06
C LEU F 375 -46.72 -14.33 -35.09
N CYS F 376 -46.73 -15.60 -34.66
CA CYS F 376 -46.47 -16.69 -35.58
C CYS F 376 -47.61 -16.92 -36.56
N ASP F 377 -48.83 -16.47 -36.22
CA ASP F 377 -49.91 -16.50 -37.19
C ASP F 377 -49.69 -15.51 -38.32
N GLU F 378 -48.97 -14.42 -38.04
CA GLU F 378 -48.82 -13.29 -38.96
C GLU F 378 -47.59 -13.42 -39.84
N PHE F 379 -46.44 -13.78 -39.25
CA PHE F 379 -45.22 -13.98 -40.02
C PHE F 379 -45.30 -15.24 -40.89
N GLY F 380 -45.85 -16.32 -40.34
CA GLY F 380 -45.95 -17.58 -41.05
C GLY F 380 -44.92 -18.58 -40.61
N PHE F 381 -45.32 -19.47 -39.69
CA PHE F 381 -44.46 -20.50 -39.14
C PHE F 381 -45.35 -21.67 -38.73
N TYR F 382 -44.86 -22.89 -38.89
CA TYR F 382 -45.58 -24.05 -38.41
C TYR F 382 -45.16 -24.30 -36.97
N ILE F 383 -46.13 -24.48 -36.08
CA ILE F 383 -45.89 -24.57 -34.65
C ILE F 383 -46.21 -25.98 -34.17
N ILE F 384 -45.22 -26.59 -33.51
CA ILE F 384 -45.38 -27.84 -32.78
C ILE F 384 -45.40 -27.48 -31.30
N ASP F 385 -46.56 -27.55 -30.68
CA ASP F 385 -46.81 -26.95 -29.38
C ASP F 385 -46.73 -28.03 -28.32
N GLU F 386 -45.68 -28.02 -27.50
CA GLU F 386 -45.47 -29.05 -26.50
C GLU F 386 -46.08 -28.66 -25.17
N ALA F 387 -46.41 -29.68 -24.37
CA ALA F 387 -46.97 -29.49 -23.05
C ALA F 387 -45.87 -29.40 -22.01
N ASP F 388 -46.25 -28.87 -20.84
CA ASP F 388 -45.31 -28.60 -19.76
C ASP F 388 -45.16 -29.86 -18.91
N LEU F 389 -44.43 -30.84 -19.44
CA LEU F 389 -44.31 -32.09 -18.72
C LEU F 389 -42.98 -32.76 -19.02
N GLU F 390 -42.14 -33.00 -18.06
CA GLU F 390 -40.83 -33.55 -18.32
C GLU F 390 -40.46 -34.32 -17.14
N CYS F 391 -41.05 -35.46 -16.96
CA CYS F 391 -40.84 -36.22 -15.80
C CYS F 391 -39.71 -37.08 -16.10
N HIS F 392 -38.51 -36.54 -16.16
CA HIS F 392 -37.35 -37.34 -16.55
C HIS F 392 -37.14 -38.41 -15.52
N GLY F 393 -37.82 -38.33 -14.39
CA GLY F 393 -37.83 -39.38 -13.39
C GLY F 393 -36.60 -40.11 -13.05
N VAL F 394 -36.62 -41.41 -13.30
CA VAL F 394 -35.44 -42.20 -13.09
C VAL F 394 -34.83 -41.94 -11.69
N HIS F 406 -39.33 -45.19 -9.29
CA HIS F 406 -39.39 -44.25 -10.39
C HIS F 406 -40.61 -44.51 -11.27
N LYS F 407 -40.60 -43.93 -12.46
CA LYS F 407 -41.66 -44.05 -13.47
C LYS F 407 -43.02 -43.58 -12.93
N LEU F 408 -43.08 -42.26 -12.75
CA LEU F 408 -44.34 -41.59 -12.44
C LEU F 408 -45.39 -41.74 -13.54
N SER F 409 -44.96 -42.04 -14.78
CA SER F 409 -45.88 -42.24 -15.89
C SER F 409 -46.78 -43.45 -15.69
N ASN F 410 -46.33 -44.44 -14.95
CA ASN F 410 -47.11 -45.66 -14.72
C ASN F 410 -47.76 -45.68 -13.34
N ASN F 411 -47.76 -44.56 -12.63
CA ASN F 411 -48.32 -44.50 -11.29
C ASN F 411 -49.72 -43.93 -11.40
N PRO F 412 -50.78 -44.70 -11.09
CA PRO F 412 -52.15 -44.26 -11.43
C PRO F 412 -52.69 -43.12 -10.58
N ASP F 413 -52.06 -42.78 -9.46
CA ASP F 413 -52.53 -41.64 -8.67
C ASP F 413 -51.84 -40.34 -9.06
N TRP F 414 -51.10 -40.33 -10.17
CA TRP F 414 -50.58 -39.13 -10.79
C TRP F 414 -51.34 -38.77 -12.05
N LYS F 415 -52.46 -39.45 -12.34
CA LYS F 415 -53.06 -39.35 -13.66
C LYS F 415 -53.78 -38.03 -13.86
N GLU F 416 -54.42 -37.48 -12.82
CA GLU F 416 -55.09 -36.19 -12.97
C GLU F 416 -54.11 -35.04 -13.11
N ALA F 417 -52.86 -35.21 -12.67
CA ALA F 417 -51.83 -34.20 -12.89
C ALA F 417 -51.32 -34.23 -14.31
N PHE F 418 -51.13 -35.44 -14.86
CA PHE F 418 -50.71 -35.60 -16.25
C PHE F 418 -51.75 -35.09 -17.22
N VAL F 419 -53.03 -35.35 -16.96
CA VAL F 419 -54.07 -35.02 -17.93
C VAL F 419 -54.33 -33.52 -17.99
N GLU F 420 -54.36 -32.84 -16.84
CA GLU F 420 -54.73 -31.43 -16.84
C GLU F 420 -53.67 -30.54 -17.48
N ARG F 421 -52.41 -30.99 -17.53
CA ARG F 421 -51.40 -30.19 -18.18
C ARG F 421 -51.54 -30.22 -19.69
N ALA F 422 -52.24 -31.21 -20.24
CA ALA F 422 -52.63 -31.18 -21.64
C ALA F 422 -53.96 -30.49 -21.84
N VAL F 423 -54.89 -30.66 -20.90
CA VAL F 423 -56.20 -30.02 -21.04
C VAL F 423 -56.08 -28.51 -20.99
N ARG F 424 -55.25 -28.00 -20.09
CA ARG F 424 -55.06 -26.56 -19.96
C ARG F 424 -54.26 -25.97 -21.12
N MET F 425 -53.43 -26.77 -21.78
CA MET F 425 -52.72 -26.29 -22.95
C MET F 425 -53.61 -26.25 -24.19
N VAL F 426 -54.27 -27.38 -24.48
CA VAL F 426 -55.05 -27.52 -25.70
C VAL F 426 -56.24 -26.57 -25.69
N GLU F 427 -56.84 -26.31 -24.52
CA GLU F 427 -57.96 -25.40 -24.45
C GLU F 427 -57.52 -23.95 -24.64
N ARG F 428 -56.26 -23.64 -24.37
CA ARG F 428 -55.77 -22.26 -24.44
C ARG F 428 -55.41 -21.87 -25.86
N ASP F 429 -54.89 -22.81 -26.65
CA ASP F 429 -54.28 -22.52 -27.95
C ASP F 429 -55.02 -23.19 -29.11
N LYS F 430 -56.33 -23.36 -29.01
CA LYS F 430 -57.04 -24.14 -30.01
C LYS F 430 -57.55 -23.31 -31.18
N ASN F 431 -57.47 -21.99 -31.11
CA ASN F 431 -57.91 -21.12 -32.21
C ASN F 431 -56.73 -20.45 -32.92
N HIS F 432 -55.56 -21.09 -32.90
CA HIS F 432 -54.38 -20.54 -33.57
C HIS F 432 -54.12 -21.28 -34.86
N ALA F 433 -54.01 -20.51 -35.95
CA ALA F 433 -53.90 -21.06 -37.28
C ALA F 433 -52.53 -21.59 -37.61
N SER F 434 -51.56 -21.47 -36.71
CA SER F 434 -50.20 -21.93 -36.97
C SER F 434 -49.87 -23.25 -36.30
N VAL F 435 -50.61 -23.61 -35.26
CA VAL F 435 -50.35 -24.86 -34.56
C VAL F 435 -50.83 -26.01 -35.43
N ILE F 436 -49.92 -26.93 -35.74
CA ILE F 436 -50.26 -28.06 -36.59
C ILE F 436 -50.20 -29.40 -35.87
N ILE F 437 -49.45 -29.51 -34.77
CA ILE F 437 -49.18 -30.78 -34.09
C ILE F 437 -49.22 -30.53 -32.60
N TRP F 438 -50.03 -31.30 -31.87
CA TRP F 438 -50.02 -31.29 -30.41
C TRP F 438 -49.01 -32.32 -29.93
N SER F 439 -48.02 -31.88 -29.17
CA SER F 439 -47.00 -32.78 -28.64
C SER F 439 -47.16 -32.90 -27.13
N MET F 440 -47.07 -34.13 -26.63
CA MET F 440 -47.37 -34.43 -25.24
C MET F 440 -46.14 -34.33 -24.34
N GLY F 441 -45.13 -33.56 -24.73
CA GLY F 441 -43.98 -33.30 -23.89
C GLY F 441 -42.82 -34.24 -24.17
N ASN F 442 -41.69 -33.92 -23.55
CA ASN F 442 -40.48 -34.71 -23.66
C ASN F 442 -40.68 -36.05 -22.99
N GLU F 443 -40.56 -37.13 -23.77
CA GLU F 443 -40.80 -38.48 -23.29
C GLU F 443 -39.54 -39.30 -23.46
N SER F 444 -39.09 -39.91 -22.37
CA SER F 444 -38.10 -40.98 -22.41
C SER F 444 -38.66 -42.27 -21.88
N GLY F 445 -39.93 -42.28 -21.46
CA GLY F 445 -40.57 -43.47 -20.95
C GLY F 445 -42.01 -43.61 -21.41
N TYR F 446 -42.31 -44.74 -22.05
CA TYR F 446 -43.68 -45.08 -22.38
C TYR F 446 -44.45 -45.39 -21.11
N GLY F 447 -45.58 -44.72 -20.92
CA GLY F 447 -46.34 -44.88 -19.70
C GLY F 447 -47.83 -44.85 -19.94
N ASP F 448 -48.57 -45.21 -18.90
CA ASP F 448 -50.03 -45.25 -18.96
C ASP F 448 -50.66 -43.87 -18.80
N ASN F 449 -49.89 -42.87 -18.40
CA ASN F 449 -50.42 -41.52 -18.23
C ASN F 449 -50.24 -40.65 -19.47
N HIS F 450 -49.29 -40.98 -20.33
CA HIS F 450 -49.16 -40.23 -21.58
C HIS F 450 -50.24 -40.62 -22.58
N ILE F 451 -50.67 -41.89 -22.56
CA ILE F 451 -51.69 -42.32 -23.51
C ILE F 451 -53.05 -41.75 -23.13
N ALA F 452 -53.27 -41.44 -21.84
CA ALA F 452 -54.51 -40.79 -21.45
C ALA F 452 -54.55 -39.36 -21.97
N MET F 453 -53.40 -38.68 -21.94
CA MET F 453 -53.27 -37.34 -22.52
C MET F 453 -53.53 -37.38 -24.02
N ALA F 454 -52.96 -38.37 -24.70
CA ALA F 454 -53.14 -38.49 -26.15
C ALA F 454 -54.59 -38.82 -26.52
N GLU F 455 -55.25 -39.66 -25.71
CA GLU F 455 -56.64 -40.01 -26.00
C GLU F 455 -57.58 -38.85 -25.75
N TRP F 456 -57.36 -38.07 -24.68
CA TRP F 456 -58.17 -36.88 -24.47
C TRP F 456 -57.96 -35.86 -25.58
N THR F 457 -56.71 -35.67 -26.01
CA THR F 457 -56.41 -34.69 -27.05
C THR F 457 -57.00 -35.10 -28.39
N LYS F 458 -56.95 -36.39 -28.70
CA LYS F 458 -57.47 -36.86 -29.97
C LYS F 458 -59.00 -36.88 -29.98
N ALA F 459 -59.62 -37.10 -28.81
CA ALA F 459 -61.08 -36.96 -28.74
C ALA F 459 -61.50 -35.50 -28.82
N ARG F 460 -60.71 -34.58 -28.25
CA ARG F 460 -61.10 -33.17 -28.23
C ARG F 460 -60.90 -32.51 -29.59
N ASP F 461 -59.68 -32.52 -30.11
CA ASP F 461 -59.33 -31.85 -31.35
C ASP F 461 -58.87 -32.89 -32.35
N ALA F 462 -59.62 -33.04 -33.44
CA ALA F 462 -59.30 -33.98 -34.50
C ALA F 462 -58.70 -33.31 -35.73
N SER F 463 -58.56 -31.99 -35.72
CA SER F 463 -58.01 -31.27 -36.86
C SER F 463 -56.50 -31.21 -36.87
N ARG F 464 -55.84 -31.70 -35.83
CA ARG F 464 -54.39 -31.62 -35.71
C ARG F 464 -53.84 -32.98 -35.31
N LEU F 465 -52.58 -33.21 -35.60
CA LEU F 465 -51.92 -34.47 -35.30
C LEU F 465 -51.38 -34.45 -33.87
N VAL F 466 -51.20 -35.64 -33.30
CA VAL F 466 -50.79 -35.79 -31.91
C VAL F 466 -49.44 -36.49 -31.88
N HIS F 467 -48.49 -35.90 -31.16
CA HIS F 467 -47.12 -36.36 -31.07
C HIS F 467 -46.82 -36.81 -29.65
N TYR F 468 -46.20 -37.98 -29.52
CA TYR F 468 -45.60 -38.37 -28.25
C TYR F 468 -44.44 -39.33 -28.53
N GLU F 469 -43.33 -39.10 -27.82
CA GLU F 469 -42.03 -39.64 -28.21
C GLU F 469 -41.86 -41.10 -27.84
N GLY F 470 -42.38 -41.52 -26.68
CA GLY F 470 -42.19 -42.88 -26.20
C GLY F 470 -42.85 -43.95 -27.04
N ALA F 471 -43.90 -43.58 -27.79
CA ALA F 471 -44.61 -44.44 -28.75
C ALA F 471 -45.16 -45.73 -28.13
N CYS F 483 -53.05 -46.30 -31.62
CA CYS F 483 -53.54 -45.28 -32.53
C CYS F 483 -52.55 -44.12 -32.61
N LEU F 484 -51.37 -44.38 -33.16
CA LEU F 484 -50.34 -43.38 -33.28
C LEU F 484 -50.45 -42.65 -34.63
N ASP F 485 -50.05 -41.38 -34.63
CA ASP F 485 -50.06 -40.59 -35.85
C ASP F 485 -48.73 -40.68 -36.61
N LEU F 486 -47.64 -40.31 -35.96
CA LEU F 486 -46.34 -40.25 -36.61
C LEU F 486 -45.30 -40.89 -35.70
N ASP F 487 -44.20 -41.31 -36.32
CA ASP F 487 -43.08 -41.92 -35.61
C ASP F 487 -41.95 -40.93 -35.48
N SER F 488 -41.32 -40.90 -34.30
CA SER F 488 -40.33 -39.90 -33.96
C SER F 488 -39.06 -40.55 -33.43
N ARG F 489 -37.92 -39.96 -33.76
CA ARG F 489 -36.62 -40.46 -33.32
C ARG F 489 -35.77 -39.28 -32.89
N MET F 490 -35.16 -39.37 -31.71
CA MET F 490 -34.18 -38.38 -31.26
C MET F 490 -32.79 -38.90 -31.59
N TYR F 491 -32.05 -38.12 -32.37
CA TYR F 491 -30.69 -38.37 -32.85
C TYR F 491 -30.49 -39.73 -33.52
N PRO F 492 -30.98 -39.96 -34.73
CA PRO F 492 -30.57 -41.16 -35.45
C PRO F 492 -29.22 -40.94 -36.10
N SER F 493 -28.69 -42.01 -36.67
CA SER F 493 -27.60 -41.87 -37.62
C SER F 493 -28.18 -41.61 -39.00
N VAL F 494 -27.31 -41.21 -39.93
CA VAL F 494 -27.74 -41.01 -41.31
C VAL F 494 -27.99 -42.35 -41.99
N LYS F 495 -27.38 -43.43 -41.50
CA LYS F 495 -27.66 -44.76 -41.99
C LYS F 495 -29.00 -45.28 -41.47
N GLU F 496 -29.40 -44.84 -40.27
CA GLU F 496 -30.60 -45.38 -39.64
C GLU F 496 -31.87 -44.89 -40.32
N ILE F 497 -31.91 -43.63 -40.73
CA ILE F 497 -33.12 -43.13 -41.37
C ILE F 497 -33.26 -43.64 -42.80
N GLU F 498 -32.14 -43.90 -43.50
CA GLU F 498 -32.26 -44.52 -44.80
C GLU F 498 -32.48 -46.02 -44.72
N ARG F 499 -32.20 -46.64 -43.57
CA ARG F 499 -32.76 -47.97 -43.31
C ARG F 499 -34.27 -47.90 -43.14
N TYR F 500 -34.75 -46.93 -42.35
CA TYR F 500 -36.19 -46.81 -42.09
C TYR F 500 -36.97 -46.49 -43.36
N ALA F 501 -36.38 -45.71 -44.27
CA ALA F 501 -37.14 -45.26 -45.43
C ALA F 501 -37.34 -46.36 -46.46
N LEU F 502 -36.39 -47.27 -46.61
CA LEU F 502 -36.49 -48.31 -47.62
C LEU F 502 -37.32 -49.51 -47.18
N ASP F 503 -37.69 -49.58 -45.90
CA ASP F 503 -38.44 -50.73 -45.42
C ASP F 503 -39.90 -50.66 -45.85
N GLU F 504 -40.54 -51.82 -45.88
CA GLU F 504 -41.94 -51.95 -46.25
C GLU F 504 -42.86 -52.05 -45.05
N ASN F 505 -42.33 -52.33 -43.86
CA ASN F 505 -43.10 -52.31 -42.63
C ASN F 505 -43.20 -50.93 -42.01
N SER F 506 -42.80 -49.90 -42.74
CA SER F 506 -42.86 -48.51 -42.29
C SER F 506 -44.11 -47.90 -42.89
N THR F 507 -45.17 -47.81 -42.09
CA THR F 507 -46.44 -47.24 -42.53
C THR F 507 -46.64 -45.81 -42.07
N LYS F 508 -45.76 -45.28 -41.22
CA LYS F 508 -45.88 -43.94 -40.69
C LYS F 508 -44.68 -43.10 -41.14
N PRO F 509 -44.88 -41.80 -41.36
CA PRO F 509 -43.74 -40.94 -41.71
C PRO F 509 -42.82 -40.72 -40.53
N LEU F 510 -41.56 -40.42 -40.84
CA LEU F 510 -40.51 -40.27 -39.85
C LEU F 510 -40.16 -38.81 -39.68
N PHE F 511 -40.19 -38.34 -38.43
CA PHE F 511 -39.89 -36.95 -38.08
C PHE F 511 -38.68 -36.94 -37.17
N LEU F 512 -37.61 -36.27 -37.61
CA LEU F 512 -36.41 -36.11 -36.80
C LEU F 512 -36.72 -35.15 -35.66
N CYS F 513 -36.73 -35.68 -34.44
CA CYS F 513 -37.29 -34.96 -33.31
C CYS F 513 -36.37 -33.83 -32.85
N GLU F 514 -35.12 -34.17 -32.50
CA GLU F 514 -34.16 -33.21 -31.97
C GLU F 514 -32.76 -33.45 -32.55
N TYR F 515 -32.67 -33.61 -33.87
CA TYR F 515 -31.44 -34.04 -34.51
C TYR F 515 -30.40 -32.93 -34.56
N SER F 516 -29.12 -33.34 -34.76
CA SER F 516 -27.97 -32.47 -35.03
C SER F 516 -27.73 -31.45 -33.92
N HIS F 517 -27.29 -31.98 -32.76
CA HIS F 517 -26.92 -31.16 -31.61
C HIS F 517 -25.83 -30.16 -32.00
N ALA F 518 -26.11 -28.87 -31.75
CA ALA F 518 -25.25 -27.78 -32.20
C ALA F 518 -24.32 -27.30 -31.10
N MET F 519 -23.84 -28.19 -30.25
CA MET F 519 -23.04 -27.82 -29.10
C MET F 519 -21.61 -27.54 -29.54
N GLY F 520 -21.25 -26.25 -29.58
CA GLY F 520 -19.87 -25.87 -29.83
C GLY F 520 -19.60 -25.20 -31.16
N ASN F 521 -18.75 -25.82 -31.97
CA ASN F 521 -18.28 -25.22 -33.21
C ASN F 521 -19.13 -25.70 -34.40
N GLY F 522 -20.42 -25.43 -34.31
CA GLY F 522 -21.34 -25.70 -35.40
C GLY F 522 -21.74 -27.16 -35.49
N PRO F 523 -22.87 -27.43 -36.15
CA PRO F 523 -23.29 -28.81 -36.37
C PRO F 523 -22.49 -29.43 -37.51
N GLY F 524 -21.95 -30.62 -37.26
CA GLY F 524 -21.39 -31.41 -38.33
C GLY F 524 -22.47 -32.13 -39.12
N ASP F 525 -22.03 -32.77 -40.21
CA ASP F 525 -22.73 -33.65 -41.15
C ASP F 525 -24.21 -33.32 -41.38
N LEU F 526 -24.49 -32.04 -41.63
CA LEU F 526 -25.86 -31.56 -41.77
C LEU F 526 -26.37 -31.71 -43.20
N GLN F 527 -25.47 -31.67 -44.18
CA GLN F 527 -25.82 -31.95 -45.57
C GLN F 527 -26.20 -33.41 -45.75
N ASP F 528 -25.64 -34.30 -44.92
CA ASP F 528 -25.87 -35.73 -45.05
C ASP F 528 -27.30 -36.11 -44.73
N TYR F 529 -27.92 -35.45 -43.75
CA TYR F 529 -29.31 -35.74 -43.43
C TYR F 529 -30.22 -35.28 -44.55
N TRP F 530 -29.98 -34.10 -45.10
CA TRP F 530 -30.91 -33.56 -46.07
C TRP F 530 -30.75 -34.14 -47.46
N ASN F 531 -29.57 -34.71 -47.77
CA ASN F 531 -29.41 -35.42 -49.03
C ASN F 531 -30.31 -36.66 -49.10
N VAL F 532 -30.65 -37.26 -47.97
CA VAL F 532 -31.55 -38.40 -47.97
C VAL F 532 -32.98 -38.02 -47.56
N ILE F 533 -33.17 -36.87 -46.92
CA ILE F 533 -34.53 -36.37 -46.68
C ILE F 533 -35.15 -35.93 -48.01
N TYR F 534 -34.38 -35.27 -48.87
CA TYR F 534 -34.90 -34.76 -50.13
C TYR F 534 -35.26 -35.89 -51.10
N ARG F 535 -34.40 -36.89 -51.25
CA ARG F 535 -34.64 -37.90 -52.27
C ARG F 535 -35.64 -38.97 -51.86
N TYR F 536 -36.05 -39.00 -50.59
CA TYR F 536 -36.98 -40.01 -50.15
C TYR F 536 -38.29 -39.39 -49.69
N PRO F 537 -39.42 -40.05 -49.96
CA PRO F 537 -40.64 -39.80 -49.18
C PRO F 537 -40.56 -40.55 -47.85
N LYS F 538 -41.65 -40.57 -47.08
CA LYS F 538 -41.73 -41.11 -45.72
C LYS F 538 -40.82 -40.38 -44.74
N LEU F 539 -40.35 -39.18 -45.10
CA LEU F 539 -39.43 -38.40 -44.28
C LEU F 539 -39.90 -36.96 -44.32
N MET F 540 -40.47 -36.49 -43.21
CA MET F 540 -41.15 -35.20 -43.17
C MET F 540 -40.30 -34.09 -42.59
N GLY F 541 -38.99 -34.27 -42.47
CA GLY F 541 -38.12 -33.21 -42.01
C GLY F 541 -37.85 -33.28 -40.51
N GLY F 542 -37.44 -32.15 -39.96
CA GLY F 542 -37.12 -32.15 -38.55
C GLY F 542 -36.78 -30.78 -37.99
N CYS F 543 -36.38 -30.86 -36.70
CA CYS F 543 -36.00 -29.70 -35.88
C CYS F 543 -34.58 -29.72 -35.26
N VAL F 544 -33.61 -28.88 -35.69
CA VAL F 544 -32.22 -28.76 -35.13
C VAL F 544 -32.25 -28.39 -33.68
N TRP F 545 -31.33 -28.86 -32.86
CA TRP F 545 -31.47 -28.69 -31.40
C TRP F 545 -31.68 -27.31 -30.94
N GLU F 546 -30.69 -26.46 -30.80
CA GLU F 546 -31.17 -25.21 -30.29
C GLU F 546 -31.04 -23.93 -31.03
N TRP F 547 -31.97 -23.02 -30.84
CA TRP F 547 -31.86 -21.70 -31.43
C TRP F 547 -30.81 -20.89 -30.74
N CYS F 548 -30.92 -20.59 -29.46
CA CYS F 548 -29.94 -19.84 -28.71
C CYS F 548 -29.04 -20.41 -27.67
N ASP F 549 -27.99 -19.68 -27.30
CA ASP F 549 -27.12 -20.07 -26.21
C ASP F 549 -27.76 -19.47 -24.97
N HIS F 550 -27.72 -20.17 -23.87
CA HIS F 550 -28.45 -19.69 -22.72
C HIS F 550 -27.61 -18.97 -21.73
N GLY F 551 -26.39 -18.66 -22.08
CA GLY F 551 -25.47 -17.95 -21.21
C GLY F 551 -26.10 -16.66 -20.70
N ILE F 552 -25.92 -16.39 -19.42
CA ILE F 552 -26.54 -15.23 -18.80
C ILE F 552 -25.48 -14.15 -18.63
N ALA F 553 -25.90 -12.89 -18.79
CA ALA F 553 -24.95 -11.78 -18.83
C ALA F 553 -24.41 -11.50 -17.44
N ALA F 554 -23.09 -11.50 -17.31
CA ALA F 554 -22.47 -11.35 -16.00
C ALA F 554 -21.29 -10.41 -16.09
N GLU F 555 -21.08 -9.65 -15.01
CA GLU F 555 -19.93 -8.78 -14.85
C GLU F 555 -18.80 -9.51 -14.16
N THR F 556 -17.60 -9.06 -14.43
CA THR F 556 -16.39 -9.40 -13.72
C THR F 556 -15.96 -8.22 -12.86
N PRO F 557 -15.09 -8.40 -11.86
CA PRO F 557 -14.60 -7.23 -11.10
C PRO F 557 -13.64 -6.31 -11.84
N ASP F 558 -13.42 -6.51 -13.13
CA ASP F 558 -12.55 -5.64 -13.92
C ASP F 558 -13.29 -4.81 -14.96
N GLY F 559 -14.52 -5.17 -15.31
CA GLY F 559 -15.31 -4.39 -16.24
C GLY F 559 -15.22 -4.82 -17.69
N GLN F 560 -15.24 -6.13 -17.95
CA GLN F 560 -15.17 -6.70 -19.29
C GLN F 560 -16.25 -7.78 -19.43
N ARG F 561 -17.49 -7.35 -19.19
CA ARG F 561 -18.74 -8.13 -19.13
C ARG F 561 -18.83 -9.24 -20.17
N TYR F 562 -19.19 -10.44 -19.69
CA TYR F 562 -19.16 -11.65 -20.50
C TYR F 562 -20.47 -12.42 -20.32
N TYR F 563 -20.55 -13.62 -20.89
CA TYR F 563 -21.68 -14.51 -20.71
C TYR F 563 -21.23 -15.72 -19.91
N ALA F 564 -21.89 -15.97 -18.79
CA ALA F 564 -21.56 -17.08 -17.92
C ALA F 564 -22.50 -18.25 -18.18
N TYR F 565 -22.00 -19.45 -17.93
CA TYR F 565 -22.74 -20.70 -18.01
C TYR F 565 -22.78 -21.32 -16.61
N GLY F 566 -23.25 -22.57 -16.56
CA GLY F 566 -23.53 -23.19 -15.28
C GLY F 566 -22.27 -23.51 -14.49
N GLY F 567 -22.38 -23.39 -13.17
CA GLY F 567 -21.25 -23.61 -12.29
C GLY F 567 -20.46 -22.38 -11.94
N ASP F 568 -20.95 -21.19 -12.30
CA ASP F 568 -20.26 -19.94 -12.02
C ASP F 568 -20.87 -19.18 -10.85
N PHE F 569 -21.80 -19.81 -10.12
CA PHE F 569 -22.48 -19.14 -9.01
C PHE F 569 -22.50 -20.02 -7.76
N GLY F 570 -21.69 -21.07 -7.71
CA GLY F 570 -21.70 -21.95 -6.57
C GLY F 570 -22.89 -22.89 -6.51
N ASP F 571 -23.60 -23.05 -7.62
CA ASP F 571 -24.80 -23.87 -7.65
C ASP F 571 -24.47 -25.35 -7.84
N GLN F 572 -25.24 -26.19 -7.16
CA GLN F 572 -25.06 -27.63 -7.23
C GLN F 572 -26.39 -28.26 -7.63
N PRO F 573 -26.41 -29.13 -8.66
CA PRO F 573 -25.26 -29.60 -9.42
C PRO F 573 -24.93 -28.75 -10.64
N ASN F 574 -23.69 -28.83 -11.12
CA ASN F 574 -23.26 -28.07 -12.29
C ASN F 574 -23.26 -28.96 -13.54
N ASP F 575 -23.95 -28.51 -14.59
CA ASP F 575 -23.97 -29.20 -15.87
C ASP F 575 -23.47 -28.10 -16.72
N ARG F 576 -22.22 -27.73 -16.53
CA ARG F 576 -21.62 -26.55 -17.17
C ARG F 576 -21.74 -25.92 -18.54
N ASN F 577 -21.48 -26.66 -19.61
CA ASN F 577 -21.43 -26.11 -20.95
C ASN F 577 -22.54 -26.82 -21.72
N PHE F 578 -23.36 -27.62 -21.03
CA PHE F 578 -24.52 -28.24 -21.66
C PHE F 578 -25.63 -27.26 -22.01
N CYS F 579 -25.56 -26.03 -21.49
CA CYS F 579 -26.59 -25.03 -21.73
C CYS F 579 -26.32 -24.18 -22.96
N ILE F 580 -25.13 -24.24 -23.56
CA ILE F 580 -24.80 -23.27 -24.59
C ILE F 580 -25.47 -23.68 -25.89
N ASP F 581 -24.94 -24.74 -26.54
CA ASP F 581 -25.52 -25.58 -27.60
C ASP F 581 -26.55 -24.93 -28.55
N GLY F 582 -26.24 -23.74 -29.07
CA GLY F 582 -27.21 -22.99 -29.84
C GLY F 582 -26.66 -22.54 -31.18
N LEU F 583 -27.56 -21.98 -31.99
CA LEU F 583 -27.21 -21.49 -33.31
C LEU F 583 -26.92 -20.00 -33.35
N VAL F 584 -27.31 -19.25 -32.32
CA VAL F 584 -27.01 -17.83 -32.22
C VAL F 584 -26.35 -17.54 -30.88
N PHE F 585 -25.61 -16.44 -30.83
CA PHE F 585 -25.08 -15.92 -29.59
C PHE F 585 -26.20 -15.37 -28.72
N PRO F 586 -25.98 -15.19 -27.41
CA PRO F 586 -27.04 -14.63 -26.55
C PRO F 586 -27.44 -13.20 -26.88
N ASP F 587 -26.59 -12.42 -27.55
CA ASP F 587 -27.00 -11.14 -28.11
C ASP F 587 -27.46 -11.25 -29.55
N ARG F 588 -27.85 -12.46 -29.98
CA ARG F 588 -28.50 -12.75 -31.26
C ARG F 588 -27.61 -12.44 -32.45
N ARG F 589 -26.31 -12.70 -32.30
CA ARG F 589 -25.42 -12.73 -33.45
C ARG F 589 -25.35 -14.15 -34.00
N PRO F 590 -25.39 -14.32 -35.32
CA PRO F 590 -25.39 -15.67 -35.89
C PRO F 590 -24.01 -16.33 -35.79
N HIS F 591 -24.02 -17.60 -35.41
CA HIS F 591 -22.85 -18.44 -35.57
C HIS F 591 -22.69 -18.83 -37.03
N THR F 592 -21.61 -19.56 -37.33
CA THR F 592 -21.47 -20.15 -38.65
C THR F 592 -22.39 -21.33 -38.87
N GLY F 593 -23.06 -21.82 -37.83
CA GLY F 593 -24.01 -22.91 -37.96
C GLY F 593 -25.35 -22.51 -38.53
N LEU F 594 -25.72 -21.22 -38.46
CA LEU F 594 -26.90 -20.77 -39.17
C LEU F 594 -26.67 -20.72 -40.67
N LEU F 595 -25.47 -20.36 -41.09
CA LEU F 595 -25.21 -20.20 -42.51
C LEU F 595 -25.16 -21.56 -43.21
N GLU F 596 -24.67 -22.58 -42.48
CA GLU F 596 -24.73 -23.96 -42.96
C GLU F 596 -26.16 -24.39 -43.18
N LEU F 597 -27.01 -24.16 -42.19
CA LEU F 597 -28.42 -24.53 -42.28
C LEU F 597 -29.11 -23.76 -43.39
N LYS F 598 -28.80 -22.47 -43.52
CA LYS F 598 -29.39 -21.62 -44.54
C LYS F 598 -29.08 -22.11 -45.95
N GLN F 599 -27.84 -22.56 -46.16
CA GLN F 599 -27.54 -23.12 -47.48
C GLN F 599 -28.15 -24.50 -47.67
N VAL F 600 -28.22 -25.31 -46.62
CA VAL F 600 -28.71 -26.68 -46.76
C VAL F 600 -30.21 -26.71 -47.07
N ILE F 601 -31.01 -25.90 -46.39
CA ILE F 601 -32.46 -25.98 -46.53
C ILE F 601 -32.99 -24.89 -47.47
N ALA F 602 -32.16 -24.38 -48.38
CA ALA F 602 -32.58 -23.34 -49.29
C ALA F 602 -33.60 -23.88 -50.30
N PRO F 603 -34.62 -23.10 -50.64
CA PRO F 603 -35.73 -23.66 -51.45
C PRO F 603 -35.52 -23.59 -52.95
N VAL F 604 -34.28 -23.36 -53.41
CA VAL F 604 -33.96 -23.30 -54.82
C VAL F 604 -32.68 -24.11 -55.04
N LEU F 605 -32.72 -25.05 -55.99
CA LEU F 605 -31.54 -25.82 -56.35
C LEU F 605 -31.12 -25.47 -57.78
N ILE F 606 -29.81 -25.37 -58.01
CA ILE F 606 -29.27 -25.15 -59.35
C ILE F 606 -28.23 -26.21 -59.62
N GLU F 607 -28.35 -26.89 -60.77
CA GLU F 607 -27.40 -27.92 -61.15
C GLU F 607 -27.11 -27.84 -62.64
N ALA F 608 -26.11 -28.61 -63.08
CA ALA F 608 -25.50 -28.43 -64.39
C ALA F 608 -26.26 -29.16 -65.49
N GLU F 609 -26.33 -28.51 -66.65
CA GLU F 609 -27.08 -28.98 -67.83
C GLU F 609 -26.19 -28.75 -69.06
N ASP F 610 -24.99 -29.36 -69.05
CA ASP F 610 -23.90 -29.11 -70.00
C ASP F 610 -23.42 -27.65 -69.90
N VAL F 611 -22.71 -27.42 -68.79
CA VAL F 611 -22.18 -26.12 -68.37
C VAL F 611 -21.27 -25.44 -69.41
N ALA F 612 -20.74 -26.20 -70.38
CA ALA F 612 -19.90 -25.61 -71.42
C ALA F 612 -20.68 -24.67 -72.32
N GLN F 613 -21.94 -25.01 -72.62
CA GLN F 613 -22.80 -24.09 -73.35
C GLN F 613 -23.30 -22.98 -72.43
N GLY F 614 -23.67 -23.30 -71.20
CA GLY F 614 -24.14 -22.33 -70.25
C GLY F 614 -25.57 -22.55 -69.85
N ARG F 615 -26.02 -23.81 -69.87
CA ARG F 615 -27.41 -24.17 -69.57
C ARG F 615 -27.48 -24.83 -68.20
N PHE F 616 -28.54 -24.51 -67.45
CA PHE F 616 -28.64 -24.89 -66.05
C PHE F 616 -30.05 -25.29 -65.67
N ARG F 617 -30.17 -26.35 -64.87
CA ARG F 617 -31.43 -26.77 -64.29
C ARG F 617 -31.68 -26.03 -62.99
N VAL F 618 -32.87 -25.46 -62.85
CA VAL F 618 -33.29 -24.76 -61.64
C VAL F 618 -34.51 -25.49 -61.10
N LEU F 619 -34.37 -26.08 -59.92
CA LEU F 619 -35.43 -26.81 -59.25
C LEU F 619 -36.07 -25.96 -58.17
N ASN F 620 -37.40 -25.90 -58.18
CA ASN F 620 -38.19 -25.22 -57.16
C ASN F 620 -38.45 -26.20 -56.02
N ARG F 621 -38.03 -25.80 -54.81
CA ARG F 621 -38.29 -26.57 -53.60
C ARG F 621 -39.24 -25.86 -52.66
N TYR F 622 -39.93 -24.83 -53.11
CA TYR F 622 -41.07 -24.33 -52.36
C TYR F 622 -42.22 -25.33 -52.45
N ASP F 623 -43.17 -25.18 -51.54
CA ASP F 623 -44.34 -26.04 -51.52
C ASP F 623 -45.54 -25.39 -52.18
N PHE F 624 -45.64 -24.07 -52.14
CA PHE F 624 -46.79 -23.36 -52.66
C PHE F 624 -46.44 -22.13 -53.48
N SER F 625 -45.17 -21.78 -53.60
CA SER F 625 -44.75 -20.54 -54.23
C SER F 625 -43.97 -20.80 -55.50
N ASN F 626 -44.28 -20.04 -56.54
CA ASN F 626 -43.46 -20.03 -57.74
C ASN F 626 -42.25 -19.12 -57.54
N LEU F 627 -41.34 -19.16 -58.50
CA LEU F 627 -40.05 -18.46 -58.37
C LEU F 627 -40.06 -17.10 -59.06
N SER F 628 -41.22 -16.45 -59.15
CA SER F 628 -41.32 -15.21 -59.92
C SER F 628 -40.70 -14.02 -59.22
N HIS F 629 -40.31 -14.16 -57.96
CA HIS F 629 -39.72 -13.08 -57.18
C HIS F 629 -38.21 -13.21 -57.06
N LEU F 630 -37.58 -14.05 -57.88
CA LEU F 630 -36.17 -14.36 -57.75
C LEU F 630 -35.47 -14.19 -59.08
N ALA F 631 -34.16 -13.99 -59.02
CA ALA F 631 -33.32 -14.05 -60.21
C ALA F 631 -31.95 -14.56 -59.83
N VAL F 632 -31.13 -14.80 -60.85
CA VAL F 632 -29.82 -15.40 -60.68
C VAL F 632 -28.78 -14.39 -61.15
N SER F 633 -27.90 -13.99 -60.25
CA SER F 633 -26.75 -13.16 -60.60
C SER F 633 -25.53 -14.06 -60.74
N TRP F 634 -24.93 -14.07 -61.92
CA TRP F 634 -23.81 -14.95 -62.20
C TRP F 634 -22.53 -14.15 -62.36
N LYS F 635 -21.41 -14.86 -62.26
CA LYS F 635 -20.10 -14.20 -62.23
C LYS F 635 -19.01 -15.21 -62.60
N LEU F 636 -18.24 -14.91 -63.64
CA LEU F 636 -17.05 -15.68 -63.97
C LEU F 636 -15.81 -15.02 -63.37
N GLU F 637 -14.94 -15.83 -62.80
CA GLU F 637 -13.72 -15.27 -62.25
C GLU F 637 -12.58 -16.27 -62.36
N GLN F 638 -11.37 -15.73 -62.27
CA GLN F 638 -10.15 -16.51 -62.26
C GLN F 638 -9.29 -16.03 -61.10
N GLU F 639 -9.04 -16.94 -60.15
CA GLU F 639 -8.23 -16.70 -58.94
C GLU F 639 -8.76 -15.51 -58.15
N GLY F 640 -10.08 -15.41 -58.07
CA GLY F 640 -10.72 -14.32 -57.37
C GLY F 640 -10.85 -13.02 -58.14
N ASP F 641 -10.43 -12.97 -59.40
CA ASP F 641 -10.52 -11.76 -60.19
C ASP F 641 -11.59 -11.91 -61.26
N VAL F 642 -12.54 -10.98 -61.29
CA VAL F 642 -13.75 -11.13 -62.11
C VAL F 642 -13.45 -10.80 -63.56
N LEU F 643 -14.00 -11.62 -64.47
CA LEU F 643 -13.89 -11.40 -65.90
C LEU F 643 -15.19 -10.89 -66.50
N GLN F 644 -16.29 -11.61 -66.29
CA GLN F 644 -17.59 -11.28 -66.84
C GLN F 644 -18.64 -11.40 -65.74
N GLN F 645 -19.75 -10.67 -65.90
CA GLN F 645 -20.85 -10.80 -64.96
C GLN F 645 -22.14 -10.37 -65.63
N GLY F 646 -23.26 -10.78 -65.01
CA GLY F 646 -24.56 -10.43 -65.53
C GLY F 646 -25.65 -10.91 -64.59
N ARG F 647 -26.89 -10.77 -65.05
CA ARG F 647 -28.05 -11.21 -64.27
C ARG F 647 -29.09 -11.75 -65.24
N SER F 648 -29.75 -12.84 -64.85
CA SER F 648 -30.83 -13.39 -65.66
C SER F 648 -32.08 -12.51 -65.53
N GLY F 649 -33.08 -12.79 -66.36
CA GLY F 649 -34.30 -12.00 -66.30
C GLY F 649 -35.13 -12.27 -65.07
N LEU F 650 -35.81 -13.42 -65.03
CA LEU F 650 -36.58 -13.87 -63.88
C LEU F 650 -36.77 -15.38 -64.00
N LEU F 651 -37.23 -15.97 -62.90
CA LEU F 651 -37.49 -17.40 -62.83
C LEU F 651 -38.99 -17.61 -62.79
N THR F 652 -39.46 -18.79 -63.23
CA THR F 652 -40.88 -19.02 -63.43
C THR F 652 -41.41 -20.35 -62.91
N ALA F 653 -40.60 -21.16 -62.22
CA ALA F 653 -40.95 -22.56 -62.00
C ALA F 653 -42.04 -22.70 -60.94
N ALA F 654 -43.04 -23.53 -61.23
CA ALA F 654 -44.07 -23.92 -60.30
C ALA F 654 -43.48 -24.84 -59.23
N PRO F 655 -44.13 -24.97 -58.06
CA PRO F 655 -43.58 -25.81 -56.98
C PRO F 655 -43.40 -27.27 -57.37
N GLY F 656 -42.16 -27.74 -57.29
CA GLY F 656 -41.80 -29.09 -57.62
C GLY F 656 -41.29 -29.28 -59.03
N GLU F 657 -41.15 -28.22 -59.81
CA GLU F 657 -40.85 -28.32 -61.23
C GLU F 657 -39.50 -27.72 -61.54
N THR F 658 -38.97 -28.06 -62.71
CA THR F 658 -37.62 -27.72 -63.11
C THR F 658 -37.65 -26.82 -64.33
N GLU F 659 -36.87 -25.75 -64.30
CA GLU F 659 -36.75 -24.77 -65.36
C GLU F 659 -35.33 -24.87 -65.94
N ILE F 660 -35.17 -24.48 -67.20
CA ILE F 660 -33.86 -24.41 -67.85
C ILE F 660 -33.54 -22.94 -68.08
N ILE F 661 -32.40 -22.49 -67.57
CA ILE F 661 -31.91 -21.14 -67.83
C ILE F 661 -30.62 -21.22 -68.62
N SER F 662 -30.29 -20.12 -69.30
CA SER F 662 -29.11 -20.04 -70.14
C SER F 662 -28.40 -18.73 -69.87
N LEU F 663 -27.09 -18.83 -69.53
CA LEU F 663 -26.33 -17.65 -69.14
C LEU F 663 -25.40 -17.24 -70.27
N PRO F 664 -25.36 -15.96 -70.63
CA PRO F 664 -24.73 -15.55 -71.89
C PRO F 664 -23.21 -15.39 -71.85
N TYR F 665 -22.51 -15.99 -70.90
CA TYR F 665 -21.07 -15.82 -70.82
C TYR F 665 -20.35 -16.49 -71.99
N ASP F 666 -19.13 -16.03 -72.25
CA ASP F 666 -18.36 -16.41 -73.43
C ASP F 666 -17.05 -17.05 -72.99
N LEU F 667 -16.83 -18.29 -73.44
CA LEU F 667 -15.62 -19.02 -73.10
C LEU F 667 -14.46 -18.73 -74.06
N THR F 668 -14.72 -18.09 -75.19
CA THR F 668 -13.64 -17.79 -76.14
C THR F 668 -12.74 -16.69 -75.61
N VAL F 669 -13.35 -15.61 -75.12
CA VAL F 669 -12.58 -14.47 -74.62
C VAL F 669 -11.93 -14.79 -73.29
N ALA F 670 -12.66 -15.50 -72.42
CA ALA F 670 -12.23 -15.68 -71.03
C ALA F 670 -11.09 -16.68 -70.90
N GLN F 671 -11.10 -17.76 -71.70
CA GLN F 671 -10.10 -18.81 -71.56
C GLN F 671 -8.74 -18.37 -72.09
N GLU F 672 -8.71 -17.45 -73.04
CA GLU F 672 -7.44 -16.96 -73.59
C GLU F 672 -6.95 -15.72 -72.85
N GLU F 673 -6.88 -15.80 -71.51
CA GLU F 673 -6.35 -14.72 -70.70
C GLU F 673 -5.12 -15.17 -69.92
N GLY F 674 -5.21 -16.25 -69.14
CA GLY F 674 -4.07 -16.75 -68.39
C GLY F 674 -3.97 -18.27 -68.36
N THR F 675 -4.92 -18.98 -68.97
CA THR F 675 -4.97 -20.45 -69.05
C THR F 675 -4.97 -21.09 -67.67
N GLY F 676 -6.01 -20.78 -66.89
CA GLY F 676 -6.22 -21.40 -65.61
C GLY F 676 -7.64 -21.93 -65.49
N PRO F 677 -7.95 -22.57 -64.36
CA PRO F 677 -9.33 -23.00 -64.12
C PRO F 677 -10.21 -21.80 -63.75
N LEU F 678 -11.39 -21.74 -64.35
CA LEU F 678 -12.31 -20.65 -64.11
C LEU F 678 -13.43 -21.10 -63.16
N THR F 679 -13.98 -20.15 -62.43
CA THR F 679 -15.05 -20.44 -61.48
C THR F 679 -16.26 -19.58 -61.79
N LEU F 680 -17.40 -20.22 -61.98
CA LEU F 680 -18.67 -19.52 -62.13
C LEU F 680 -19.41 -19.58 -60.81
N THR F 681 -19.98 -18.45 -60.41
CA THR F 681 -20.79 -18.36 -59.20
C THR F 681 -22.18 -17.87 -59.60
N CYS F 682 -23.21 -18.59 -59.18
CA CYS F 682 -24.60 -18.24 -59.43
C CYS F 682 -25.29 -18.03 -58.09
N SER F 683 -25.73 -16.81 -57.82
CA SER F 683 -26.37 -16.49 -56.57
C SER F 683 -27.83 -16.13 -56.80
N VAL F 684 -28.72 -16.78 -56.05
CA VAL F 684 -30.16 -16.58 -56.17
C VAL F 684 -30.54 -15.42 -55.27
N ARG F 685 -30.88 -14.29 -55.86
CA ARG F 685 -31.19 -13.08 -55.12
C ARG F 685 -32.63 -12.67 -55.39
N GLN F 686 -33.29 -12.16 -54.36
CA GLN F 686 -34.69 -11.81 -54.49
C GLN F 686 -34.82 -10.43 -55.15
N GLN F 687 -36.05 -9.99 -55.35
CA GLN F 687 -36.31 -8.82 -56.18
C GLN F 687 -37.17 -7.75 -55.52
N LEU F 688 -37.88 -8.06 -54.44
CA LEU F 688 -38.75 -7.12 -53.78
C LEU F 688 -38.43 -7.09 -52.30
N ASP F 689 -38.81 -6.01 -51.64
CA ASP F 689 -38.58 -5.89 -50.20
C ASP F 689 -39.59 -6.72 -49.44
N THR F 690 -39.11 -7.74 -48.74
CA THR F 690 -39.88 -8.45 -47.74
C THR F 690 -39.85 -7.64 -46.45
N PRO F 691 -40.73 -7.93 -45.48
CA PRO F 691 -40.61 -7.25 -44.18
C PRO F 691 -39.37 -7.61 -43.39
N TRP F 692 -38.63 -8.65 -43.78
CA TRP F 692 -37.43 -9.07 -43.08
C TRP F 692 -36.15 -8.87 -43.87
N ALA F 693 -36.23 -8.56 -45.17
CA ALA F 693 -35.03 -8.43 -45.99
C ALA F 693 -35.29 -7.43 -47.11
N GLU F 694 -34.19 -6.88 -47.63
CA GLU F 694 -34.23 -5.82 -48.63
C GLU F 694 -34.27 -6.41 -50.03
N GLU F 695 -33.99 -5.60 -51.06
CA GLU F 695 -34.18 -6.01 -52.44
C GLU F 695 -33.17 -7.06 -52.87
N GLY F 696 -31.88 -6.74 -52.81
CA GLY F 696 -30.90 -7.64 -53.39
C GLY F 696 -30.39 -8.74 -52.48
N TYR F 697 -31.23 -9.21 -51.56
CA TYR F 697 -30.78 -10.16 -50.55
C TYR F 697 -30.70 -11.56 -51.13
N GLU F 698 -29.67 -12.30 -50.72
CA GLU F 698 -29.31 -13.57 -51.31
C GLU F 698 -29.87 -14.73 -50.51
N ILE F 699 -30.44 -15.71 -51.22
CA ILE F 699 -31.00 -16.90 -50.60
C ILE F 699 -30.06 -18.09 -50.71
N ALA F 700 -29.46 -18.31 -51.87
CA ALA F 700 -28.59 -19.46 -52.07
C ALA F 700 -27.48 -19.09 -53.04
N PHE F 701 -26.44 -19.91 -53.06
CA PHE F 701 -25.35 -19.76 -54.02
C PHE F 701 -24.91 -21.14 -54.49
N TYR F 702 -24.44 -21.20 -55.73
CA TYR F 702 -23.94 -22.45 -56.31
C TYR F 702 -22.75 -22.12 -57.18
N GLN F 703 -21.64 -22.85 -57.01
CA GLN F 703 -20.44 -22.63 -57.79
C GLN F 703 -20.13 -23.82 -58.68
N PHE F 704 -19.48 -23.52 -59.81
CA PHE F 704 -19.19 -24.49 -60.86
C PHE F 704 -17.79 -24.26 -61.39
N GLU F 705 -17.04 -25.34 -61.57
CA GLU F 705 -15.71 -25.27 -62.15
C GLU F 705 -15.77 -25.39 -63.67
N LEU F 706 -14.96 -24.58 -64.36
CA LEU F 706 -14.90 -24.59 -65.81
C LEU F 706 -13.45 -24.81 -66.22
N PRO F 707 -13.15 -25.88 -66.95
CA PRO F 707 -11.77 -26.12 -67.36
C PRO F 707 -11.35 -25.22 -68.52
N GLY F 708 -10.13 -24.70 -68.41
CA GLY F 708 -9.56 -23.84 -69.44
C GLY F 708 -8.04 -23.89 -69.39
N GLN F 719 19.09 -17.80 -61.38
CA GLN F 719 18.62 -17.14 -62.60
C GLN F 719 19.73 -17.09 -63.65
N SER F 720 19.78 -18.13 -64.49
CA SER F 720 20.74 -18.29 -65.58
C SER F 720 22.18 -18.24 -65.09
N GLU F 721 22.42 -18.84 -63.91
CA GLU F 721 23.70 -18.85 -63.20
C GLU F 721 24.19 -17.41 -62.95
N GLU F 722 23.44 -16.73 -62.10
CA GLU F 722 23.84 -15.41 -61.59
C GLU F 722 23.79 -15.30 -60.09
N TYR F 723 23.00 -16.12 -59.41
CA TYR F 723 22.80 -15.99 -57.97
C TYR F 723 23.22 -17.23 -57.21
N ALA F 724 23.86 -18.19 -57.88
CA ALA F 724 24.39 -19.37 -57.21
C ALA F 724 25.77 -19.15 -56.62
N GLY F 725 26.40 -18.00 -56.89
CA GLY F 725 27.70 -17.69 -56.35
C GLY F 725 27.69 -16.96 -55.03
N PHE F 726 26.52 -16.50 -54.59
CA PHE F 726 26.36 -15.82 -53.31
C PHE F 726 25.94 -16.77 -52.20
N MET F 727 25.91 -18.07 -52.47
CA MET F 727 25.42 -19.06 -51.51
C MET F 727 26.57 -19.48 -50.61
N THR F 728 26.49 -19.13 -49.33
CA THR F 728 27.48 -19.52 -48.35
C THR F 728 26.81 -20.28 -47.20
N ILE F 729 27.54 -21.26 -46.66
CA ILE F 729 27.03 -22.18 -45.65
C ILE F 729 28.09 -22.30 -44.56
N ASP F 730 27.66 -22.21 -43.30
CA ASP F 730 28.55 -22.58 -42.21
C ASP F 730 27.76 -23.23 -41.07
N GLU F 731 28.50 -23.82 -40.14
CA GLU F 731 27.92 -24.56 -39.02
C GLU F 731 28.74 -24.33 -37.77
N GLN F 732 28.12 -23.82 -36.72
CA GLN F 732 28.74 -23.69 -35.41
C GLN F 732 27.74 -24.11 -34.35
N ASP F 733 28.15 -25.05 -33.49
CA ASP F 733 27.35 -25.56 -32.35
C ASP F 733 26.03 -26.18 -32.81
N GLY F 734 26.02 -26.79 -33.99
CA GLY F 734 24.81 -27.38 -34.52
C GLY F 734 23.89 -26.41 -35.23
N MET F 735 24.25 -25.13 -35.32
CA MET F 735 23.43 -24.13 -36.00
C MET F 735 23.92 -23.99 -37.44
N LEU F 736 23.13 -24.46 -38.38
CA LEU F 736 23.49 -24.35 -39.79
C LEU F 736 22.96 -23.03 -40.33
N THR F 737 23.86 -22.12 -40.66
CA THR F 737 23.50 -20.83 -41.22
C THR F 737 23.76 -20.83 -42.73
N VAL F 738 22.74 -20.47 -43.49
CA VAL F 738 22.78 -20.44 -44.95
C VAL F 738 22.48 -19.01 -45.37
N ARG F 739 23.47 -18.34 -45.94
CA ARG F 739 23.29 -17.02 -46.52
C ARG F 739 23.24 -17.13 -48.04
N GLY F 740 22.49 -16.24 -48.65
CA GLY F 740 22.32 -16.19 -50.09
C GLY F 740 22.48 -14.78 -50.62
N PHE F 741 21.77 -14.50 -51.71
CA PHE F 741 21.86 -13.20 -52.33
C PHE F 741 21.16 -12.14 -51.51
N ASP F 742 19.94 -12.41 -51.06
CA ASP F 742 19.20 -11.46 -50.25
C ASP F 742 18.42 -12.15 -49.13
N PHE F 743 18.99 -13.20 -48.54
CA PHE F 743 18.32 -13.89 -47.44
C PHE F 743 19.35 -14.45 -46.48
N GLU F 744 18.87 -14.89 -45.33
CA GLU F 744 19.71 -15.60 -44.36
C GLU F 744 18.81 -16.47 -43.49
N HIS F 745 19.11 -17.77 -43.46
CA HIS F 745 18.26 -18.76 -42.80
C HIS F 745 19.11 -19.56 -41.84
N VAL F 746 18.63 -19.73 -40.62
CA VAL F 746 19.35 -20.45 -39.57
C VAL F 746 18.52 -21.65 -39.14
N PHE F 747 19.04 -22.84 -39.39
CA PHE F 747 18.45 -24.10 -38.99
C PHE F 747 19.16 -24.64 -37.76
N ASP F 748 18.40 -25.32 -36.92
CA ASP F 748 18.96 -26.04 -35.78
C ASP F 748 19.07 -27.51 -36.16
N LEU F 749 20.29 -27.99 -36.35
CA LEU F 749 20.47 -29.36 -36.84
C LEU F 749 20.13 -30.39 -35.78
N LYS F 750 20.24 -30.04 -34.50
CA LYS F 750 19.99 -31.01 -33.46
C LYS F 750 18.53 -31.12 -33.07
N LYS F 751 17.65 -30.30 -33.64
CA LYS F 751 16.22 -30.47 -33.49
C LYS F 751 15.48 -30.57 -34.82
N GLY F 752 16.18 -30.39 -35.95
CA GLY F 752 15.58 -30.61 -37.25
C GLY F 752 14.56 -29.59 -37.67
N MET F 753 14.73 -28.34 -37.24
CA MET F 753 13.75 -27.28 -37.45
C MET F 753 14.44 -25.98 -37.81
N PRO F 754 13.82 -25.15 -38.64
CA PRO F 754 14.34 -23.81 -38.85
C PRO F 754 14.11 -22.93 -37.64
N GLN F 755 15.10 -22.10 -37.35
CA GLN F 755 15.04 -21.17 -36.24
C GLN F 755 14.88 -19.72 -36.67
N GLN F 756 15.61 -19.29 -37.70
CA GLN F 756 15.52 -17.93 -38.20
C GLN F 756 15.32 -17.95 -39.71
N VAL F 757 14.41 -17.11 -40.19
CA VAL F 757 14.19 -16.89 -41.61
C VAL F 757 14.23 -15.40 -41.85
N SER F 758 15.12 -14.94 -42.73
CA SER F 758 15.23 -13.52 -43.02
C SER F 758 15.10 -13.25 -44.51
N LYS F 759 14.72 -12.02 -44.82
CA LYS F 759 14.59 -11.57 -46.20
C LYS F 759 14.83 -10.06 -46.19
N HIS F 760 15.91 -9.63 -46.84
CA HIS F 760 16.39 -8.24 -46.82
C HIS F 760 16.64 -7.76 -45.40
N GLY F 761 17.11 -8.66 -44.53
CA GLY F 761 17.38 -8.33 -43.16
C GLY F 761 16.20 -8.38 -42.23
N VAL F 762 14.98 -8.53 -42.75
CA VAL F 762 13.77 -8.52 -41.93
C VAL F 762 13.58 -9.89 -41.31
N PRO F 763 13.46 -10.00 -39.99
CA PRO F 763 13.18 -11.30 -39.38
C PRO F 763 11.74 -11.71 -39.57
N LEU F 764 11.53 -12.99 -39.87
CA LEU F 764 10.19 -13.49 -40.20
C LEU F 764 9.71 -14.62 -39.30
N LEU F 765 10.58 -15.25 -38.53
CA LEU F 765 10.18 -16.17 -37.47
C LEU F 765 10.60 -15.61 -36.12
N ALA F 766 9.76 -15.81 -35.11
CA ALA F 766 10.07 -15.36 -33.77
C ALA F 766 10.77 -16.41 -32.93
N SER F 767 10.46 -17.68 -33.15
CA SER F 767 11.09 -18.75 -32.38
C SER F 767 11.15 -20.00 -33.25
N LEU F 768 11.42 -21.13 -32.62
CA LEU F 768 11.64 -22.39 -33.33
C LEU F 768 10.31 -22.97 -33.80
N ALA F 769 10.31 -23.54 -35.00
CA ALA F 769 9.14 -24.24 -35.52
C ALA F 769 8.96 -25.57 -34.81
N ARG F 770 7.77 -26.16 -34.95
CA ARG F 770 7.60 -27.53 -34.48
C ARG F 770 6.52 -28.23 -35.29
N PHE F 771 6.40 -29.54 -35.07
CA PHE F 771 5.24 -30.28 -35.52
C PHE F 771 4.23 -30.35 -34.39
N ASN F 772 2.95 -30.32 -34.76
CA ASN F 772 1.86 -30.24 -33.80
C ASN F 772 0.81 -31.28 -34.15
N ILE F 773 0.36 -32.03 -33.14
CA ILE F 773 -0.67 -33.04 -33.31
C ILE F 773 -1.81 -32.84 -32.31
N TRP F 774 -1.94 -31.64 -31.78
CA TRP F 774 -2.95 -31.35 -30.77
C TRP F 774 -3.74 -30.11 -31.14
N ARG F 775 -5.05 -30.18 -30.97
CA ARG F 775 -5.92 -29.02 -31.11
C ARG F 775 -6.69 -28.84 -29.82
N ALA F 776 -7.22 -27.65 -29.62
CA ALA F 776 -8.10 -27.43 -28.48
C ALA F 776 -9.40 -28.17 -28.73
N PRO F 777 -9.83 -29.04 -27.82
CA PRO F 777 -10.98 -29.90 -28.12
C PRO F 777 -12.29 -29.13 -28.15
N MET F 778 -13.12 -29.47 -29.12
CA MET F 778 -14.41 -28.84 -29.31
C MET F 778 -15.42 -29.41 -28.32
N ASP F 779 -16.63 -28.88 -28.34
CA ASP F 779 -17.68 -29.42 -27.49
C ASP F 779 -18.29 -30.70 -28.04
N ASN F 780 -18.08 -30.98 -29.32
CA ASN F 780 -18.43 -32.28 -29.90
C ASN F 780 -17.34 -33.32 -29.70
N ASP F 781 -16.32 -33.00 -28.91
CA ASP F 781 -15.23 -33.93 -28.60
C ASP F 781 -15.21 -34.25 -27.11
N MET F 782 -16.38 -34.45 -26.50
CA MET F 782 -16.40 -34.77 -25.07
C MET F 782 -16.07 -36.23 -24.79
N ASN F 783 -16.28 -37.12 -25.75
CA ASN F 783 -16.04 -38.53 -25.54
C ASN F 783 -14.65 -38.95 -25.99
N ILE F 784 -14.17 -38.37 -27.10
CA ILE F 784 -12.86 -38.74 -27.63
C ILE F 784 -11.73 -38.06 -26.88
N ARG F 785 -12.02 -37.04 -26.07
CA ARG F 785 -10.98 -36.33 -25.34
C ARG F 785 -10.38 -37.16 -24.24
N LYS F 786 -11.17 -38.08 -23.67
CA LYS F 786 -10.65 -38.96 -22.63
C LYS F 786 -9.65 -39.96 -23.19
N GLU F 787 -9.86 -40.42 -24.42
CA GLU F 787 -8.90 -41.31 -25.06
C GLU F 787 -7.65 -40.56 -25.51
N TRP F 788 -7.82 -39.32 -25.97
CA TRP F 788 -6.66 -38.50 -26.35
C TRP F 788 -5.79 -38.15 -25.15
N GLU F 789 -6.41 -37.76 -24.05
CA GLU F 789 -5.64 -37.43 -22.86
C GLU F 789 -5.12 -38.68 -22.16
N ALA F 790 -5.82 -39.80 -22.26
CA ALA F 790 -5.32 -41.04 -21.68
C ALA F 790 -4.17 -41.60 -22.48
N ALA F 791 -4.16 -41.40 -23.79
CA ALA F 791 -3.07 -41.86 -24.63
C ALA F 791 -1.86 -40.95 -24.60
N GLY F 792 -1.97 -39.79 -23.98
CA GLY F 792 -0.83 -38.89 -23.84
C GLY F 792 -0.58 -37.97 -25.01
N LEU F 793 -1.58 -37.69 -25.83
CA LEU F 793 -1.42 -36.77 -26.94
C LEU F 793 -1.58 -35.32 -26.52
N ASP F 794 -1.68 -35.06 -25.22
CA ASP F 794 -1.90 -33.71 -24.73
C ASP F 794 -0.67 -32.84 -24.95
N HIS F 795 0.52 -33.41 -24.76
CA HIS F 795 1.76 -32.69 -25.03
C HIS F 795 2.87 -33.68 -25.32
N ALA F 796 3.34 -33.68 -26.57
CA ALA F 796 4.39 -34.55 -27.08
C ALA F 796 5.60 -33.72 -27.47
N ALA F 797 6.76 -34.39 -27.50
CA ALA F 797 8.01 -33.75 -27.86
C ALA F 797 8.60 -34.47 -29.07
N MET F 798 9.77 -34.00 -29.51
CA MET F 798 10.38 -34.47 -30.73
C MET F 798 11.77 -35.02 -30.44
N LYS F 799 12.08 -36.19 -31.00
CA LYS F 799 13.36 -36.85 -30.81
C LYS F 799 14.02 -37.03 -32.16
N VAL F 800 15.18 -36.41 -32.35
CA VAL F 800 15.91 -36.48 -33.60
C VAL F 800 16.95 -37.58 -33.52
N TYR F 801 16.79 -38.60 -34.37
CA TYR F 801 17.72 -39.72 -34.39
C TYR F 801 18.99 -39.38 -35.16
N ARG F 802 18.85 -38.79 -36.34
CA ARG F 802 19.99 -38.52 -37.20
C ARG F 802 19.70 -37.31 -38.05
N SER F 803 20.67 -36.41 -38.16
CA SER F 803 20.59 -35.23 -39.01
C SER F 803 21.81 -35.16 -39.92
N HIS F 804 21.60 -34.76 -41.16
CA HIS F 804 22.69 -34.71 -42.14
C HIS F 804 22.41 -33.66 -43.21
N TRP F 805 23.37 -32.80 -43.48
CA TRP F 805 23.19 -31.79 -44.52
C TRP F 805 24.23 -31.93 -45.62
N GLU F 806 23.86 -31.45 -46.80
CA GLU F 806 24.69 -31.54 -48.00
C GLU F 806 24.66 -30.20 -48.70
N GLN F 807 25.17 -30.19 -49.93
CA GLN F 807 24.97 -29.08 -50.85
C GLN F 807 24.94 -29.69 -52.25
N LYS F 808 23.80 -29.59 -52.91
CA LYS F 808 23.60 -30.20 -54.21
C LYS F 808 24.44 -29.44 -55.26
N PRO F 809 24.73 -30.07 -56.42
CA PRO F 809 25.52 -29.35 -57.44
C PRO F 809 24.73 -28.35 -58.27
N ASP F 810 23.93 -27.52 -57.59
CA ASP F 810 23.32 -26.31 -58.14
C ASP F 810 23.20 -25.25 -57.05
N ALA F 811 24.08 -25.35 -56.04
CA ALA F 811 24.07 -24.51 -54.84
C ALA F 811 22.73 -24.55 -54.12
N SER F 812 22.20 -25.76 -53.95
CA SER F 812 20.97 -25.99 -53.21
C SER F 812 21.29 -26.87 -52.01
N VAL F 813 20.65 -26.57 -50.88
CA VAL F 813 20.97 -27.19 -49.61
C VAL F 813 19.86 -28.15 -49.23
N GLU F 814 20.24 -29.40 -48.90
CA GLU F 814 19.30 -30.39 -48.42
C GLU F 814 19.68 -30.82 -47.01
N ILE F 815 18.68 -30.98 -46.16
CA ILE F 815 18.85 -31.41 -44.78
C ILE F 815 17.93 -32.61 -44.56
N HIS F 816 18.50 -33.73 -44.13
CA HIS F 816 17.77 -34.96 -43.90
C HIS F 816 17.69 -35.21 -42.40
N VAL F 817 16.47 -35.41 -41.90
CA VAL F 817 16.22 -35.58 -40.47
C VAL F 817 15.39 -36.84 -40.29
N ASP F 818 15.82 -37.72 -39.39
CA ASP F 818 15.01 -38.84 -38.93
C ASP F 818 14.48 -38.51 -37.54
N PHE F 819 13.17 -38.49 -37.37
CA PHE F 819 12.58 -37.98 -36.13
C PHE F 819 11.54 -38.96 -35.60
N SER F 820 10.96 -38.58 -34.45
CA SER F 820 9.90 -39.33 -33.81
C SER F 820 9.17 -38.42 -32.83
N LEU F 821 7.84 -38.51 -32.81
CA LEU F 821 7.01 -37.77 -31.88
C LEU F 821 6.59 -38.69 -30.74
N ALA F 822 6.82 -38.27 -29.50
CA ALA F 822 6.52 -39.13 -28.37
C ALA F 822 6.25 -38.30 -27.13
N SER F 823 5.38 -38.83 -26.27
CA SER F 823 5.19 -38.31 -24.93
C SER F 823 5.87 -39.24 -23.93
N TYR F 824 5.76 -38.91 -22.65
CA TYR F 824 6.75 -39.34 -21.68
C TYR F 824 6.44 -40.66 -20.98
N ILE F 825 5.42 -41.41 -21.36
CA ILE F 825 5.26 -42.72 -20.72
C ILE F 825 5.19 -43.84 -21.75
N PHE F 826 4.66 -43.56 -22.93
CA PHE F 826 4.20 -44.61 -23.83
C PHE F 826 5.15 -44.77 -25.01
N GLU F 827 4.78 -45.70 -25.89
CA GLU F 827 5.43 -45.90 -27.17
C GLU F 827 5.27 -44.64 -28.03
N PRO F 828 6.25 -44.30 -28.87
CA PRO F 828 6.12 -43.10 -29.70
C PRO F 828 4.97 -43.15 -30.70
N PHE F 829 4.39 -41.98 -30.95
CA PHE F 829 3.19 -41.88 -31.77
C PHE F 829 3.52 -41.93 -33.25
N VAL F 830 4.29 -40.95 -33.72
CA VAL F 830 4.61 -40.78 -35.14
C VAL F 830 6.09 -41.04 -35.32
N ARG F 831 6.44 -41.85 -36.30
CA ARG F 831 7.82 -42.05 -36.73
C ARG F 831 7.91 -41.67 -38.21
N GLY F 832 8.86 -40.82 -38.55
CA GLY F 832 8.97 -40.40 -39.93
C GLY F 832 10.32 -39.81 -40.22
N ASN F 833 10.43 -39.27 -41.44
CA ASN F 833 11.64 -38.58 -41.87
C ASN F 833 11.28 -37.39 -42.76
N ALA F 834 12.08 -36.33 -42.62
CA ALA F 834 11.80 -35.07 -43.29
C ALA F 834 13.03 -34.60 -44.06
N VAL F 835 12.78 -33.93 -45.18
CA VAL F 835 13.83 -33.37 -46.02
C VAL F 835 13.53 -31.88 -46.18
N TRP F 836 14.35 -31.04 -45.59
CA TRP F 836 14.27 -29.60 -45.80
C TRP F 836 15.17 -29.22 -46.96
N THR F 837 14.72 -28.25 -47.77
CA THR F 837 15.49 -27.86 -48.94
C THR F 837 15.46 -26.34 -49.07
N VAL F 838 16.65 -25.73 -49.17
CA VAL F 838 16.79 -24.30 -49.37
C VAL F 838 17.39 -24.08 -50.75
N GLY F 839 16.70 -23.28 -51.57
CA GLY F 839 17.14 -23.00 -52.92
C GLY F 839 17.86 -21.66 -53.03
N VAL F 840 18.25 -21.33 -54.26
CA VAL F 840 19.05 -20.13 -54.49
C VAL F 840 18.23 -18.85 -54.40
N SER F 841 16.90 -18.94 -54.47
CA SER F 841 16.05 -17.78 -54.30
C SER F 841 15.58 -17.59 -52.87
N GLY F 842 15.70 -18.61 -52.03
CA GLY F 842 15.33 -18.51 -50.64
C GLY F 842 14.09 -19.29 -50.23
N GLU F 843 13.57 -20.14 -51.11
CA GLU F 843 12.42 -20.96 -50.75
C GLU F 843 12.82 -22.07 -49.80
N ILE F 844 11.90 -22.47 -48.94
CA ILE F 844 12.11 -23.54 -48.00
C ILE F 844 11.06 -24.60 -48.32
N GLN F 845 11.50 -25.75 -48.79
CA GLN F 845 10.61 -26.85 -49.14
C GLN F 845 10.72 -27.95 -48.10
N LEU F 846 9.59 -28.50 -47.69
CA LEU F 846 9.52 -29.58 -46.72
C LEU F 846 8.83 -30.78 -47.34
N LYS F 847 9.43 -31.96 -47.18
CA LYS F 847 8.87 -33.22 -47.66
C LYS F 847 9.03 -34.22 -46.53
N VAL F 848 8.00 -34.39 -45.70
CA VAL F 848 8.04 -35.31 -44.57
C VAL F 848 7.12 -36.50 -44.86
N HIS F 849 7.69 -37.70 -44.76
CA HIS F 849 6.93 -38.94 -44.79
C HIS F 849 6.84 -39.52 -43.40
N ALA F 850 5.63 -39.81 -42.94
CA ALA F 850 5.42 -40.22 -41.57
C ALA F 850 4.46 -41.39 -41.49
N GLU F 851 4.75 -42.30 -40.58
CA GLU F 851 3.83 -43.36 -40.17
C GLU F 851 3.47 -43.16 -38.71
N VAL F 852 2.27 -43.61 -38.35
CA VAL F 852 1.78 -43.44 -36.99
C VAL F 852 1.45 -44.81 -36.43
N ARG F 853 1.42 -44.90 -35.10
CA ARG F 853 1.28 -46.15 -34.37
C ARG F 853 -0.09 -46.78 -34.65
N GLU F 854 -0.13 -48.11 -34.58
CA GLU F 854 -1.30 -48.85 -35.07
C GLU F 854 -2.43 -48.92 -34.07
N ASN F 855 -2.17 -48.74 -32.77
CA ASN F 855 -3.19 -48.87 -31.74
C ASN F 855 -3.56 -47.53 -31.13
N LEU F 856 -3.64 -46.50 -31.98
CA LEU F 856 -3.91 -45.13 -31.60
C LEU F 856 -5.20 -44.68 -32.27
N PRO F 857 -6.13 -43.99 -31.53
CA PRO F 857 -7.52 -43.85 -32.00
C PRO F 857 -7.73 -43.14 -33.33
N PHE F 858 -7.42 -41.84 -33.36
CA PHE F 858 -7.19 -41.00 -34.53
C PHE F 858 -6.70 -39.66 -34.03
N LEU F 859 -5.78 -39.07 -34.75
CA LEU F 859 -5.13 -37.87 -34.28
C LEU F 859 -6.02 -36.65 -34.50
N PRO F 860 -5.91 -35.64 -33.64
CA PRO F 860 -6.64 -34.38 -33.91
C PRO F 860 -6.20 -33.70 -35.19
N ARG F 861 -4.90 -33.55 -35.40
CA ARG F 861 -4.35 -32.96 -36.60
C ARG F 861 -2.95 -33.48 -36.80
N PHE F 862 -2.32 -33.07 -37.89
CA PHE F 862 -0.88 -33.15 -38.04
C PHE F 862 -0.44 -31.93 -38.84
N GLY F 863 0.44 -31.11 -38.27
CA GLY F 863 0.82 -29.94 -39.03
C GLY F 863 2.13 -29.34 -38.56
N LEU F 864 2.52 -28.28 -39.26
CA LEU F 864 3.71 -27.50 -38.95
C LEU F 864 3.26 -26.19 -38.31
N GLU F 865 3.78 -25.90 -37.12
CA GLU F 865 3.47 -24.67 -36.42
C GLU F 865 4.68 -23.74 -36.44
N LEU F 866 4.47 -22.53 -36.94
CA LEU F 866 5.44 -21.45 -37.02
C LEU F 866 4.97 -20.32 -36.11
N THR F 867 5.88 -19.43 -35.74
CA THR F 867 5.53 -18.28 -34.91
C THR F 867 6.17 -17.04 -35.52
N MET F 868 5.37 -16.17 -36.06
CA MET F 868 5.82 -14.98 -36.75
C MET F 868 5.80 -13.78 -35.81
N PRO F 869 6.68 -12.77 -36.01
CA PRO F 869 6.86 -11.73 -34.98
C PRO F 869 5.70 -10.77 -34.82
N LYS F 870 5.90 -9.78 -33.95
CA LYS F 870 4.89 -8.78 -33.68
C LYS F 870 4.71 -7.86 -34.88
N GLY F 871 3.45 -7.59 -35.22
CA GLY F 871 3.13 -6.74 -36.35
C GLY F 871 2.55 -7.48 -37.54
N THR F 872 2.62 -8.80 -37.57
CA THR F 872 2.00 -9.58 -38.63
C THR F 872 0.49 -9.56 -38.44
N GLU F 873 -0.22 -8.79 -39.25
CA GLU F 873 -1.64 -8.56 -39.03
C GLU F 873 -2.54 -8.84 -40.21
N GLU F 874 -2.03 -8.86 -41.44
CA GLU F 874 -2.87 -9.16 -42.59
C GLU F 874 -2.77 -10.62 -42.97
N ILE F 875 -3.91 -11.20 -43.32
CA ILE F 875 -3.99 -12.52 -43.94
C ILE F 875 -4.63 -12.33 -45.30
N GLU F 876 -4.05 -12.94 -46.33
CA GLU F 876 -4.66 -12.94 -47.66
C GLU F 876 -4.55 -14.33 -48.25
N TYR F 877 -5.68 -14.96 -48.55
CA TYR F 877 -5.61 -16.33 -49.03
C TYR F 877 -6.58 -16.57 -50.16
N TYR F 878 -6.26 -17.55 -50.98
CA TYR F 878 -7.13 -17.98 -52.06
C TYR F 878 -7.69 -19.35 -51.70
N GLY F 879 -8.99 -19.41 -51.44
CA GLY F 879 -9.60 -20.65 -51.01
C GLY F 879 -11.06 -20.42 -50.63
N TYR F 880 -11.56 -21.27 -49.76
CA TYR F 880 -12.95 -21.20 -49.34
C TYR F 880 -13.08 -20.26 -48.15
N GLY F 881 -14.06 -19.36 -48.22
CA GLY F 881 -14.31 -18.42 -47.16
C GLY F 881 -15.70 -17.80 -47.26
N PRO F 882 -15.88 -16.62 -46.63
CA PRO F 882 -14.92 -15.83 -45.87
C PRO F 882 -14.76 -16.23 -44.41
N HIS F 883 -15.43 -17.27 -43.98
CA HIS F 883 -15.40 -17.72 -42.59
C HIS F 883 -14.90 -19.16 -42.51
N GLU F 884 -15.05 -19.75 -41.32
CA GLU F 884 -14.49 -21.06 -40.99
C GLU F 884 -15.11 -22.18 -41.81
N SER F 885 -14.32 -23.23 -42.04
CA SER F 885 -14.80 -24.39 -42.76
C SER F 885 -13.97 -25.61 -42.38
N TYR F 886 -14.61 -26.77 -42.41
CA TYR F 886 -13.95 -28.03 -42.05
C TYR F 886 -14.25 -29.10 -43.08
N ILE F 887 -13.86 -30.35 -42.80
CA ILE F 887 -14.12 -31.43 -43.76
C ILE F 887 -15.60 -31.76 -43.82
N ASP F 888 -16.33 -31.57 -42.72
CA ASP F 888 -17.76 -31.85 -42.68
C ASP F 888 -18.64 -30.62 -42.57
N LYS F 889 -18.11 -29.49 -42.10
CA LYS F 889 -18.85 -28.24 -42.01
C LYS F 889 -18.25 -27.28 -43.03
N ARG F 890 -18.70 -27.39 -44.27
CA ARG F 890 -18.18 -26.53 -45.33
C ARG F 890 -19.24 -26.14 -46.35
N ALA F 891 -20.52 -26.22 -46.01
CA ALA F 891 -21.56 -25.98 -47.01
C ALA F 891 -21.85 -24.51 -47.22
N SER F 892 -21.38 -23.63 -46.34
CA SER F 892 -21.73 -22.22 -46.40
C SER F 892 -20.61 -21.34 -46.92
N VAL F 893 -19.48 -21.90 -47.30
CA VAL F 893 -18.35 -21.11 -47.75
C VAL F 893 -18.23 -21.25 -49.26
N ARG F 894 -17.61 -20.25 -49.88
CA ARG F 894 -17.44 -20.23 -51.31
C ARG F 894 -16.01 -19.87 -51.66
N LYS F 895 -15.59 -20.27 -52.86
CA LYS F 895 -14.21 -20.10 -53.29
C LYS F 895 -13.95 -18.68 -53.78
N GLY F 896 -12.86 -18.10 -53.33
CA GLY F 896 -12.51 -16.76 -53.75
C GLY F 896 -11.18 -16.35 -53.17
N LYS F 897 -10.89 -15.06 -53.31
CA LYS F 897 -9.64 -14.46 -52.86
C LYS F 897 -9.97 -13.46 -51.76
N TYR F 898 -9.59 -13.80 -50.52
CA TYR F 898 -10.05 -13.07 -49.36
C TYR F 898 -8.89 -12.38 -48.66
N LEU F 899 -9.19 -11.27 -48.01
CA LEU F 899 -8.23 -10.41 -47.35
C LEU F 899 -8.83 -9.93 -46.04
N LEU F 900 -8.19 -10.24 -44.92
CA LEU F 900 -8.75 -9.87 -43.64
C LEU F 900 -7.62 -9.74 -42.62
N SER F 901 -7.99 -9.52 -41.37
CA SER F 901 -7.03 -9.36 -40.28
C SER F 901 -7.05 -10.60 -39.39
N VAL F 902 -6.02 -10.70 -38.55
CA VAL F 902 -5.87 -11.87 -37.69
C VAL F 902 -6.91 -11.84 -36.57
N ASP F 903 -7.33 -10.66 -36.15
CA ASP F 903 -8.40 -10.55 -35.16
C ASP F 903 -9.76 -10.94 -35.73
N ASP F 904 -9.93 -10.95 -37.04
CA ASP F 904 -11.18 -11.38 -37.65
C ASP F 904 -11.18 -12.86 -38.02
N MET F 905 -10.02 -13.52 -37.91
CA MET F 905 -9.97 -14.97 -38.09
C MET F 905 -10.63 -15.68 -36.91
N PHE F 906 -10.64 -15.04 -35.75
CA PHE F 906 -11.06 -15.63 -34.50
C PHE F 906 -12.56 -15.49 -34.31
N GLU F 907 -13.19 -16.55 -33.83
CA GLU F 907 -14.63 -16.58 -33.53
C GLU F 907 -14.78 -16.85 -32.04
N ASN F 908 -15.17 -15.83 -31.29
CA ASN F 908 -15.06 -15.86 -29.83
C ASN F 908 -16.25 -16.61 -29.25
N TYR F 909 -16.10 -17.92 -29.05
CA TYR F 909 -17.15 -18.72 -28.46
C TYR F 909 -17.23 -18.46 -26.95
N VAL F 910 -18.31 -18.96 -26.35
CA VAL F 910 -18.48 -18.84 -24.91
C VAL F 910 -17.53 -19.77 -24.18
N MET F 911 -17.47 -21.03 -24.62
CA MET F 911 -16.45 -21.96 -24.17
C MET F 911 -15.30 -21.93 -25.18
N PRO F 912 -14.10 -21.48 -24.79
CA PRO F 912 -13.02 -21.31 -25.76
C PRO F 912 -12.51 -22.66 -26.28
N GLN F 913 -12.38 -22.75 -27.60
CA GLN F 913 -12.09 -24.02 -28.27
C GLN F 913 -11.46 -23.71 -29.61
N GLU F 914 -11.33 -24.73 -30.45
CA GLU F 914 -10.63 -24.58 -31.72
C GLU F 914 -11.50 -23.79 -32.70
N THR F 915 -10.88 -22.87 -33.41
CA THR F 915 -11.61 -21.95 -34.26
C THR F 915 -10.68 -21.40 -35.33
N GLY F 916 -11.29 -20.87 -36.39
CA GLY F 916 -10.58 -20.06 -37.35
C GLY F 916 -9.87 -20.79 -38.46
N SER F 917 -10.08 -22.10 -38.61
CA SER F 917 -9.35 -22.87 -39.61
C SER F 917 -10.10 -22.87 -40.93
N ARG F 918 -9.36 -22.70 -42.03
CA ARG F 918 -9.91 -22.65 -43.37
C ARG F 918 -9.50 -23.90 -44.15
N TYR F 919 -10.47 -24.75 -44.46
CA TYR F 919 -10.20 -25.97 -45.20
C TYR F 919 -10.02 -25.66 -46.68
N GLY F 920 -9.19 -26.49 -47.33
CA GLY F 920 -8.96 -26.49 -48.79
C GLY F 920 -8.41 -25.16 -49.29
N THR F 921 -7.33 -24.72 -48.67
CA THR F 921 -6.66 -23.49 -49.06
C THR F 921 -5.64 -23.78 -50.15
N GLU F 922 -5.61 -22.93 -51.17
CA GLU F 922 -4.69 -23.11 -52.28
C GLU F 922 -3.35 -22.42 -52.02
N TRP F 923 -3.38 -21.14 -51.64
CA TRP F 923 -2.21 -20.46 -51.11
C TRP F 923 -2.68 -19.41 -50.10
N ALA F 924 -1.74 -19.01 -49.24
CA ALA F 924 -2.05 -18.07 -48.17
C ALA F 924 -0.80 -17.25 -47.85
N ILE F 925 -1.00 -15.97 -47.53
CA ILE F 925 0.08 -15.06 -47.18
C ILE F 925 -0.27 -14.43 -45.84
N ALA F 926 0.64 -14.54 -44.89
CA ALA F 926 0.52 -13.87 -43.59
C ALA F 926 1.62 -12.83 -43.51
N SER F 927 1.24 -11.57 -43.34
CA SER F 927 2.22 -10.51 -43.45
C SER F 927 1.84 -9.34 -42.55
N THR F 928 2.72 -8.33 -42.53
CA THR F 928 2.44 -7.08 -41.86
C THR F 928 1.58 -6.20 -42.75
N VAL F 929 1.20 -5.03 -42.24
CA VAL F 929 0.31 -4.14 -42.97
C VAL F 929 1.01 -3.51 -44.17
N GLN F 930 2.34 -3.49 -44.20
CA GLN F 930 3.08 -3.07 -45.37
C GLN F 930 3.36 -4.22 -46.33
N GLY F 931 3.05 -5.45 -45.95
CA GLY F 931 3.15 -6.57 -46.86
C GLY F 931 4.50 -7.27 -46.87
N MET F 932 5.10 -7.48 -45.70
CA MET F 932 6.36 -8.18 -45.57
C MET F 932 6.10 -9.45 -44.78
N GLY F 933 6.11 -10.59 -45.44
CA GLY F 933 5.76 -11.84 -44.77
C GLY F 933 6.15 -13.10 -45.49
N LEU F 934 5.34 -14.13 -45.31
CA LEU F 934 5.59 -15.46 -45.85
C LEU F 934 4.39 -15.92 -46.66
N LYS F 935 4.67 -16.73 -47.67
CA LYS F 935 3.65 -17.31 -48.54
C LYS F 935 3.77 -18.82 -48.49
N PHE F 936 2.63 -19.51 -48.39
CA PHE F 936 2.60 -20.94 -48.16
C PHE F 936 1.85 -21.61 -49.30
N THR F 937 2.50 -22.54 -49.99
CA THR F 937 1.83 -23.37 -50.99
C THR F 937 2.07 -24.84 -50.66
N ALA F 938 1.36 -25.71 -51.37
CA ALA F 938 1.51 -27.15 -51.17
C ALA F 938 1.19 -27.87 -52.47
N ALA F 939 1.38 -29.19 -52.45
CA ALA F 939 1.08 -30.01 -53.63
C ALA F 939 -0.43 -30.15 -53.81
N GLN F 940 -1.13 -30.58 -52.78
CA GLN F 940 -2.57 -30.61 -52.71
C GLN F 940 -3.05 -29.62 -51.66
N PRO F 941 -4.30 -29.13 -51.74
CA PRO F 941 -4.72 -28.05 -50.82
C PRO F 941 -4.81 -28.49 -49.37
N PHE F 942 -4.32 -27.62 -48.50
CA PHE F 942 -4.08 -27.86 -47.09
C PHE F 942 -5.11 -27.12 -46.24
N SER F 943 -4.98 -27.26 -44.93
CA SER F 943 -5.76 -26.48 -43.98
C SER F 943 -4.87 -25.41 -43.38
N PHE F 944 -5.43 -24.23 -43.13
CA PHE F 944 -4.66 -23.05 -42.76
C PHE F 944 -5.30 -22.39 -41.54
N GLN F 945 -4.47 -21.98 -40.59
CA GLN F 945 -4.98 -21.30 -39.40
C GLN F 945 -4.02 -20.20 -39.00
N ALA F 946 -4.56 -19.08 -38.53
CA ALA F 946 -3.75 -17.98 -38.03
C ALA F 946 -4.47 -17.33 -36.86
N LEU F 947 -3.83 -17.28 -35.70
CA LEU F 947 -4.47 -16.76 -34.50
C LEU F 947 -3.47 -15.93 -33.71
N HIS F 948 -3.95 -15.30 -32.63
CA HIS F 948 -3.10 -14.74 -31.59
C HIS F 948 -3.10 -15.59 -30.34
N TYR F 949 -3.46 -16.85 -30.46
CA TYR F 949 -3.58 -17.75 -29.31
C TYR F 949 -3.01 -19.09 -29.71
N THR F 950 -2.17 -19.68 -28.86
CA THR F 950 -1.72 -21.03 -29.15
C THR F 950 -2.80 -22.02 -28.70
N ALA F 951 -2.61 -23.29 -29.06
CA ALA F 951 -3.61 -24.30 -28.78
C ALA F 951 -3.73 -24.60 -27.29
N GLU F 952 -2.61 -24.49 -26.56
CA GLU F 952 -2.66 -24.72 -25.12
C GLU F 952 -3.33 -23.58 -24.38
N ASP F 953 -3.28 -22.36 -24.95
CA ASP F 953 -4.02 -21.25 -24.36
C ASP F 953 -5.52 -21.43 -24.51
N LEU F 954 -5.96 -21.95 -25.64
CA LEU F 954 -7.38 -22.22 -25.82
C LEU F 954 -7.83 -23.45 -25.06
N THR F 955 -6.92 -24.40 -24.81
CA THR F 955 -7.28 -25.56 -24.02
C THR F 955 -7.42 -25.20 -22.55
N ALA F 956 -6.45 -24.45 -22.01
CA ALA F 956 -6.44 -24.17 -20.58
C ALA F 956 -7.50 -23.17 -20.16
N ALA F 957 -7.97 -22.32 -21.07
CA ALA F 957 -8.96 -21.31 -20.71
C ALA F 957 -10.34 -21.92 -20.61
N GLN F 958 -11.17 -21.35 -19.74
CA GLN F 958 -12.53 -21.81 -19.52
C GLN F 958 -13.59 -20.75 -19.78
N HIS F 959 -13.21 -19.48 -19.83
CA HIS F 959 -14.14 -18.39 -20.10
C HIS F 959 -13.48 -17.45 -21.12
N THR F 960 -14.23 -16.46 -21.57
CA THR F 960 -13.69 -15.57 -22.59
C THR F 960 -12.69 -14.57 -22.02
N TYR F 961 -12.87 -14.13 -20.78
CA TYR F 961 -11.95 -13.16 -20.20
C TYR F 961 -10.61 -13.77 -19.79
N GLU F 962 -10.50 -15.10 -19.76
CA GLU F 962 -9.25 -15.75 -19.37
C GLU F 962 -8.24 -15.81 -20.51
N LEU F 963 -8.64 -15.52 -21.74
CA LEU F 963 -7.72 -15.54 -22.86
C LEU F 963 -6.88 -14.27 -22.89
N LYS F 964 -5.57 -14.43 -22.73
CA LYS F 964 -4.65 -13.32 -22.88
C LYS F 964 -4.11 -13.30 -24.30
N ARG F 965 -4.25 -12.17 -24.96
CA ARG F 965 -3.85 -12.04 -26.36
C ARG F 965 -2.33 -11.91 -26.47
N ARG F 966 -1.73 -12.77 -27.28
CA ARG F 966 -0.29 -12.72 -27.47
C ARG F 966 0.09 -11.64 -28.48
N PRO F 967 1.29 -11.07 -28.36
CA PRO F 967 1.74 -10.13 -29.40
C PRO F 967 2.07 -10.80 -30.72
N GLU F 968 2.49 -12.06 -30.72
CA GLU F 968 2.90 -12.73 -31.94
C GLU F 968 1.68 -13.24 -32.70
N THR F 969 1.94 -13.97 -33.78
CA THR F 969 0.89 -14.51 -34.63
C THR F 969 1.21 -15.98 -34.89
N ILE F 970 0.37 -16.87 -34.39
CA ILE F 970 0.61 -18.30 -34.51
C ILE F 970 -0.02 -18.78 -35.81
N VAL F 971 0.81 -19.28 -36.73
CA VAL F 971 0.38 -19.75 -38.03
C VAL F 971 0.55 -21.26 -38.05
N THR F 972 -0.47 -21.98 -38.51
CA THR F 972 -0.43 -23.43 -38.55
C THR F 972 -0.88 -23.92 -39.92
N LEU F 973 -0.12 -24.88 -40.46
CA LEU F 973 -0.30 -25.42 -41.81
C LEU F 973 -0.59 -26.91 -41.67
N ASP F 974 -1.86 -27.30 -41.67
CA ASP F 974 -2.25 -28.67 -41.39
C ASP F 974 -2.41 -29.48 -42.68
N TYR F 975 -1.97 -30.74 -42.61
CA TYR F 975 -2.18 -31.69 -43.70
C TYR F 975 -3.64 -32.08 -43.81
N GLN F 976 -4.13 -32.76 -42.80
CA GLN F 976 -5.55 -33.00 -42.63
C GLN F 976 -5.94 -32.58 -41.23
N MET F 977 -7.24 -32.58 -40.97
CA MET F 977 -7.72 -32.18 -39.65
C MET F 977 -9.10 -32.79 -39.46
N SER F 978 -9.30 -33.43 -38.31
CA SER F 978 -10.56 -34.13 -38.05
C SER F 978 -11.69 -33.13 -37.83
N GLY F 979 -12.86 -33.46 -38.35
CA GLY F 979 -13.96 -32.53 -38.41
C GLY F 979 -14.66 -32.35 -37.08
N THR F 980 -15.77 -31.62 -37.15
CA THR F 980 -16.54 -31.27 -35.96
C THR F 980 -17.49 -32.40 -35.56
N GLY F 981 -18.42 -32.75 -36.44
CA GLY F 981 -19.42 -33.75 -36.11
C GLY F 981 -20.49 -33.19 -35.21
N SER F 982 -21.22 -34.10 -34.57
CA SER F 982 -22.25 -33.75 -33.60
C SER F 982 -22.20 -34.69 -32.41
N GLY F 983 -21.00 -35.06 -32.00
CA GLY F 983 -20.82 -36.08 -30.97
C GLY F 983 -21.01 -35.64 -29.54
N SER F 984 -21.63 -34.47 -29.33
CA SER F 984 -22.00 -34.06 -27.99
C SER F 984 -23.16 -34.91 -27.46
N CYS F 985 -24.08 -35.26 -28.34
CA CYS F 985 -25.21 -36.14 -28.02
C CYS F 985 -25.66 -36.77 -29.32
N GLY F 986 -25.58 -38.10 -29.41
CA GLY F 986 -25.96 -38.79 -30.61
C GLY F 986 -24.82 -39.57 -31.22
N PRO F 987 -24.79 -39.66 -32.56
CA PRO F 987 -23.74 -40.43 -33.23
C PRO F 987 -22.39 -39.74 -33.13
N GLN F 988 -21.35 -40.53 -33.35
CA GLN F 988 -19.97 -40.04 -33.28
C GLN F 988 -19.56 -39.47 -34.63
N LEU F 989 -18.28 -39.14 -34.78
CA LEU F 989 -17.77 -38.59 -36.02
C LEU F 989 -17.66 -39.68 -37.07
N ALA F 990 -18.04 -39.35 -38.30
CA ALA F 990 -18.07 -40.33 -39.37
C ALA F 990 -16.68 -40.74 -39.80
N GLU F 991 -16.58 -41.92 -40.41
CA GLU F 991 -15.29 -42.46 -40.83
C GLU F 991 -14.57 -41.67 -41.92
N PRO F 992 -15.21 -41.12 -42.97
CA PRO F 992 -14.44 -40.26 -43.88
C PRO F 992 -14.13 -38.88 -43.33
N TYR F 993 -14.61 -38.57 -42.13
CA TYR F 993 -14.40 -37.27 -41.51
C TYR F 993 -13.36 -37.32 -40.40
N ARG F 994 -12.92 -38.51 -40.00
CA ARG F 994 -11.85 -38.69 -39.05
C ARG F 994 -10.50 -38.65 -39.74
N PHE F 995 -9.46 -38.48 -38.93
CA PHE F 995 -8.08 -38.55 -39.42
C PHE F 995 -7.52 -39.94 -39.10
N THR F 996 -8.11 -40.93 -39.78
CA THR F 996 -7.67 -42.32 -39.69
C THR F 996 -6.87 -42.65 -40.94
N GLU F 997 -5.59 -42.28 -40.92
CA GLU F 997 -4.67 -42.60 -41.99
C GLU F 997 -3.29 -42.69 -41.38
N LYS F 998 -2.56 -43.76 -41.72
CA LYS F 998 -1.35 -44.11 -40.99
C LYS F 998 -0.09 -44.05 -41.84
N SER F 999 -0.16 -43.46 -43.03
CA SER F 999 1.02 -43.27 -43.89
C SER F 999 0.69 -42.16 -44.87
N PHE F 1000 1.47 -41.09 -44.86
CA PHE F 1000 1.15 -39.93 -45.68
C PHE F 1000 2.40 -39.15 -46.02
N ASP F 1001 2.27 -38.27 -47.01
CA ASP F 1001 3.30 -37.33 -47.42
C ASP F 1001 2.71 -35.93 -47.36
N PHE F 1002 3.55 -34.91 -47.19
CA PHE F 1002 3.02 -33.61 -46.81
C PHE F 1002 3.27 -32.50 -47.82
N GLU F 1003 4.53 -32.29 -48.25
CA GLU F 1003 4.88 -31.45 -49.41
C GLU F 1003 4.46 -29.99 -49.25
N LEU F 1004 5.11 -29.30 -48.32
CA LEU F 1004 4.83 -27.88 -48.09
C LEU F 1004 5.94 -27.02 -48.70
N THR F 1005 5.60 -25.78 -49.04
CA THR F 1005 6.57 -24.82 -49.57
C THR F 1005 6.36 -23.46 -48.94
N ILE F 1006 7.43 -22.88 -48.39
CA ILE F 1006 7.40 -21.59 -47.70
C ILE F 1006 8.29 -20.62 -48.46
N GLN F 1007 7.78 -19.42 -48.71
CA GLN F 1007 8.49 -18.41 -49.49
C GLN F 1007 8.46 -17.07 -48.77
N PRO F 1008 9.61 -16.45 -48.48
CA PRO F 1008 9.59 -15.06 -48.01
C PRO F 1008 9.18 -14.12 -49.14
N ILE F 1009 8.38 -13.11 -48.79
CA ILE F 1009 7.76 -12.28 -49.80
C ILE F 1009 7.64 -10.86 -49.25
N PHE F 1010 7.87 -9.88 -50.14
CA PHE F 1010 7.45 -8.49 -49.94
C PHE F 1010 6.32 -8.25 -50.91
N LYS F 1011 5.09 -8.18 -50.39
CA LYS F 1011 3.89 -8.44 -51.19
C LYS F 1011 3.59 -7.31 -52.18
N GLU F 1012 4.05 -6.09 -51.92
CA GLU F 1012 3.67 -4.98 -52.79
C GLU F 1012 4.47 -4.93 -54.09
N GLU F 1013 5.61 -5.62 -54.17
CA GLU F 1013 6.33 -5.74 -55.43
C GLU F 1013 6.72 -7.17 -55.76
N GLU F 1014 6.45 -8.13 -54.87
CA GLU F 1014 6.74 -9.57 -55.03
C GLU F 1014 8.17 -9.89 -55.42
#